data_5IM5
#
_entry.id   5IM5
#
_cell.length_a   265.620
_cell.length_b   279.810
_cell.length_c   301.330
_cell.angle_alpha   90.000
_cell.angle_beta   90.000
_cell.angle_gamma   90.000
#
_symmetry.space_group_name_H-M   'I 2 2 2'
#
loop_
_entity.id
_entity.type
_entity.pdbx_description
1 polymer 'Designed Riboflavin synthase'
2 polymer 'Designed Keto-hydroxyglutarate-aldolase/keto-deoxy-phosphogluconate aldolase'
#
loop_
_entity_poly.entity_id
_entity_poly.type
_entity_poly.pdbx_seq_one_letter_code
_entity_poly.pdbx_strand_id
1 'polypeptide(L)'
;MTKKVGIVDTTFARVDMASAAILTLKMESPNIKIIRKTVPGIKDLPVACKKLLEEEGCDIVMALGMPGKAEKDKVCAHEA
SLGLMLAQLMTNKHIIEVFVHEDEAKDDAELKILAARRAIEHALNVYYLLFKPEYLTRMAGKGLRQGFEDAGPARE
;
K,M,O,Q,S,A,B,C,D,E,F,G,H,I,J
2 'polypeptide(L)'
;MSTINNQLKALKVIPVIAIDNAEDIIPLGKVLAENGLPAAEITFRSSAAVKAIMLLRSAQPEMLIGAGTILNGVQALAAK
EAGATFVVSPGFNPNTVRACQIIGIDIVPGVNNPSTVEAALEMGLTTLKFFPAEASGGISMVKSLVGPYGDIRLMPTGGI
TPSNIDNYLAIPQVLACGGTWMVDKKLVTNGEWDEIARLTREIVEQVNPGSLEHHHHHH
;
P,T,N,V,W,U,Y,Z,X,2,4,1,L,R,3
#
# COMPACT_ATOMS: atom_id res chain seq x y z
N THR A 2 -11.18 21.99 39.02
CA THR A 2 -11.04 20.74 38.27
C THR A 2 -9.63 20.19 38.40
N LYS A 3 -8.73 20.98 39.00
CA LYS A 3 -7.35 20.57 39.18
C LYS A 3 -7.00 20.46 40.66
N LYS A 4 -6.37 19.35 41.02
CA LYS A 4 -6.02 19.09 42.41
C LYS A 4 -4.52 19.16 42.73
N VAL A 5 -4.20 19.96 43.74
CA VAL A 5 -2.86 20.16 44.27
C VAL A 5 -2.69 19.51 45.64
N GLY A 6 -1.58 18.81 45.83
CA GLY A 6 -1.22 18.25 47.12
C GLY A 6 -0.15 19.11 47.75
N ILE A 7 -0.26 19.32 49.06
CA ILE A 7 0.77 20.05 49.80
C ILE A 7 1.26 19.22 50.97
N VAL A 8 2.55 18.90 50.95
CA VAL A 8 3.19 18.09 51.98
C VAL A 8 4.23 18.90 52.74
N ASP A 9 4.04 18.97 54.05
CA ASP A 9 4.95 19.74 54.89
C ASP A 9 5.34 18.87 56.07
N THR A 10 6.06 19.47 57.03
CA THR A 10 6.60 18.71 58.15
C THR A 10 6.33 19.39 59.49
N THR A 11 6.54 18.63 60.57
CA THR A 11 6.53 19.15 61.94
C THR A 11 7.93 19.67 62.32
N PHE A 12 8.95 19.12 61.67
CA PHE A 12 10.35 19.53 61.85
C PHE A 12 10.56 21.02 61.54
N ALA A 13 10.03 21.47 60.41
CA ALA A 13 10.16 22.85 59.98
C ALA A 13 9.76 23.83 61.09
N ARG A 14 10.40 24.99 61.09
CA ARG A 14 10.21 25.96 62.15
C ARG A 14 9.32 27.12 61.71
N VAL A 15 8.91 27.10 60.44
CA VAL A 15 7.93 28.07 59.94
C VAL A 15 6.83 27.32 59.19
N ASP A 16 5.57 27.67 59.46
CA ASP A 16 4.44 27.11 58.74
C ASP A 16 4.45 27.71 57.33
N MET A 17 4.80 26.88 56.35
CA MET A 17 4.90 27.30 54.95
C MET A 17 3.62 27.04 54.17
N ALA A 18 2.81 26.08 54.65
CA ALA A 18 1.61 25.62 53.93
C ALA A 18 0.47 26.63 53.84
N SER A 19 0.22 27.39 54.90
CA SER A 19 -0.91 28.30 54.95
C SER A 19 -0.86 29.37 53.86
N ALA A 20 0.32 29.95 53.68
CA ALA A 20 0.57 31.00 52.69
C ALA A 20 0.50 30.50 51.25
N ALA A 21 0.91 29.26 51.04
CA ALA A 21 0.86 28.63 49.73
C ALA A 21 -0.58 28.33 49.37
N ILE A 22 -1.32 27.80 50.35
CA ILE A 22 -2.76 27.52 50.25
C ILE A 22 -3.54 28.80 49.92
N LEU A 23 -3.25 29.88 50.65
CA LEU A 23 -3.90 31.17 50.46
C LEU A 23 -3.63 31.74 49.07
N THR A 24 -2.37 31.65 48.63
CA THR A 24 -1.99 32.06 47.29
C THR A 24 -2.76 31.43 46.15
N LEU A 25 -2.86 30.10 46.19
CA LEU A 25 -3.53 29.33 45.14
C LEU A 25 -5.06 29.50 45.05
N LYS A 26 -5.68 29.62 46.23
CA LYS A 26 -7.12 29.85 46.37
C LYS A 26 -7.37 31.28 45.83
N MET A 27 -6.46 32.19 46.11
CA MET A 27 -6.45 33.56 45.60
C MET A 27 -6.40 33.59 44.05
N GLU A 28 -5.48 32.83 43.46
CA GLU A 28 -5.36 32.77 41.99
C GLU A 28 -6.45 31.92 41.30
N SER A 29 -6.89 30.84 41.94
CA SER A 29 -7.91 29.99 41.37
C SER A 29 -9.18 30.03 42.21
N PRO A 30 -10.35 30.35 41.53
CA PRO A 30 -11.55 30.38 42.39
C PRO A 30 -11.92 29.03 42.98
N ASN A 31 -11.81 27.97 42.19
CA ASN A 31 -12.15 26.63 42.67
C ASN A 31 -11.09 25.57 42.37
N ILE A 32 -10.04 25.55 43.19
CA ILE A 32 -9.00 24.61 43.01
C ILE A 32 -9.05 23.79 44.28
N LYS A 33 -8.93 22.49 44.12
CA LYS A 33 -8.97 21.51 45.19
C LYS A 33 -7.60 21.42 45.87
N ILE A 34 -7.59 21.34 47.20
CA ILE A 34 -6.35 21.24 47.96
C ILE A 34 -6.39 20.06 48.95
N ILE A 35 -5.28 19.33 49.03
CA ILE A 35 -5.14 18.23 49.97
C ILE A 35 -3.78 18.40 50.65
N ARG A 36 -3.77 18.21 51.97
CA ARG A 36 -2.62 18.40 52.83
C ARG A 36 -2.28 17.11 53.56
N LYS A 37 -0.99 16.82 53.63
CA LYS A 37 -0.45 15.79 54.52
C LYS A 37 0.79 16.39 55.14
N THR A 38 0.94 16.14 56.44
CA THR A 38 2.11 16.54 57.20
C THR A 38 2.84 15.29 57.64
N VAL A 39 4.14 15.30 57.45
CA VAL A 39 4.99 14.20 57.88
C VAL A 39 5.96 14.77 58.92
N PRO A 40 6.64 13.92 59.68
CA PRO A 40 7.60 14.39 60.69
C PRO A 40 8.79 15.16 60.12
N GLY A 41 9.49 14.56 59.15
CA GLY A 41 10.71 15.10 58.64
C GLY A 41 10.77 15.22 57.14
N ILE A 42 11.92 15.72 56.68
CA ILE A 42 12.14 15.99 55.28
C ILE A 42 12.36 14.69 54.46
N LYS A 43 12.90 13.67 55.11
CA LYS A 43 13.11 12.36 54.51
C LYS A 43 11.80 11.58 54.37
N ASP A 44 10.74 12.05 55.02
CA ASP A 44 9.43 11.41 54.90
C ASP A 44 8.60 12.04 53.78
N LEU A 45 9.13 13.11 53.19
CA LEU A 45 8.44 13.84 52.12
C LEU A 45 8.20 13.05 50.81
N PRO A 46 9.25 12.41 50.27
CA PRO A 46 9.11 11.70 48.98
C PRO A 46 7.91 10.73 48.84
N VAL A 47 7.68 9.84 49.79
CA VAL A 47 6.59 8.85 49.66
C VAL A 47 5.23 9.48 49.85
N ALA A 48 5.14 10.42 50.80
CA ALA A 48 3.87 11.13 51.04
C ALA A 48 3.49 11.88 49.78
N CYS A 49 4.46 12.55 49.16
CA CYS A 49 4.28 13.23 47.88
C CYS A 49 3.79 12.25 46.79
N LYS A 50 4.45 11.09 46.69
CA LYS A 50 4.08 10.09 45.68
C LYS A 50 2.68 9.51 45.87
N LYS A 51 2.32 9.19 47.12
CA LYS A 51 0.97 8.72 47.41
C LYS A 51 -0.11 9.76 47.05
N LEU A 52 0.17 11.04 47.28
CA LEU A 52 -0.77 12.10 46.95
C LEU A 52 -0.97 12.18 45.42
N LEU A 53 0.11 11.99 44.68
CA LEU A 53 0.05 11.99 43.22
C LEU A 53 -0.67 10.74 42.69
N GLU A 54 -0.43 9.60 43.33
CA GLU A 54 -0.93 8.34 42.81
C GLU A 54 -2.25 7.86 43.40
N GLU A 55 -2.50 8.18 44.67
CA GLU A 55 -3.65 7.60 45.39
C GLU A 55 -4.70 8.64 45.77
N GLU A 56 -4.36 9.91 45.65
CA GLU A 56 -5.30 10.97 45.97
C GLU A 56 -5.60 11.84 44.75
N GLY A 57 -5.07 11.41 43.60
CA GLY A 57 -5.29 12.05 42.32
C GLY A 57 -4.90 13.50 42.19
N CYS A 58 -3.81 13.90 42.82
CA CYS A 58 -3.28 15.25 42.67
C CYS A 58 -2.58 15.41 41.33
N ASP A 59 -2.82 16.53 40.68
CA ASP A 59 -2.12 16.84 39.42
C ASP A 59 -0.68 17.27 39.68
N ILE A 60 -0.44 17.86 40.84
CA ILE A 60 0.87 18.39 41.20
C ILE A 60 0.99 18.42 42.72
N VAL A 61 2.22 18.44 43.21
CA VAL A 61 2.47 18.55 44.65
C VAL A 61 3.51 19.63 44.97
N MET A 62 3.30 20.31 46.10
CA MET A 62 4.32 21.17 46.69
C MET A 62 4.91 20.43 47.87
N ALA A 63 6.22 20.25 47.85
CA ALA A 63 6.92 19.60 48.97
C ALA A 63 7.65 20.65 49.77
N LEU A 64 7.17 20.89 51.00
CA LEU A 64 7.71 21.96 51.83
C LEU A 64 8.54 21.45 52.98
N GLY A 65 9.79 21.92 53.08
CA GLY A 65 10.69 21.52 54.14
C GLY A 65 11.73 22.57 54.49
N MET A 66 12.35 22.40 55.65
CA MET A 66 13.37 23.32 56.11
C MET A 66 14.54 22.54 56.68
N PRO A 67 15.57 22.33 55.86
CA PRO A 67 16.80 21.71 56.35
C PRO A 67 17.44 22.55 57.48
N GLY A 68 18.01 21.86 58.47
CA GLY A 68 18.73 22.50 59.56
C GLY A 68 20.06 23.04 59.07
N LYS A 69 20.95 23.33 60.02
CA LYS A 69 22.20 24.05 59.75
C LYS A 69 23.44 23.15 59.58
N ALA A 70 23.46 22.04 60.30
CA ALA A 70 24.59 21.11 60.30
C ALA A 70 24.81 20.44 58.93
N GLU A 71 26.06 20.03 58.68
CA GLU A 71 26.44 19.34 57.45
C GLU A 71 25.79 17.96 57.33
N LYS A 72 24.97 17.61 58.32
CA LYS A 72 24.23 16.35 58.34
C LYS A 72 22.78 16.54 57.90
N ASP A 73 22.23 17.71 58.18
CA ASP A 73 20.92 18.13 57.66
C ASP A 73 21.05 18.43 56.17
N LYS A 74 22.23 18.90 55.77
CA LYS A 74 22.59 19.11 54.38
C LYS A 74 22.51 17.81 53.57
N VAL A 75 22.96 16.71 54.18
CA VAL A 75 22.94 15.39 53.55
C VAL A 75 21.50 14.85 53.49
N CYS A 76 20.77 15.00 54.61
CA CYS A 76 19.33 14.68 54.68
C CYS A 76 18.52 15.36 53.55
N ALA A 77 18.74 16.66 53.32
CA ALA A 77 18.03 17.39 52.25
C ALA A 77 18.39 16.92 50.84
N HIS A 78 19.67 16.63 50.61
CA HIS A 78 20.14 16.08 49.35
C HIS A 78 19.46 14.74 49.10
N GLU A 79 19.41 13.88 50.11
CA GLU A 79 18.70 12.61 50.00
C GLU A 79 17.23 12.85 49.77
N ALA A 80 16.66 13.79 50.50
CA ALA A 80 15.24 14.11 50.29
C ALA A 80 14.95 14.68 48.91
N SER A 81 15.92 15.42 48.33
CA SER A 81 15.73 16.02 47.00
C SER A 81 15.74 15.02 45.85
N LEU A 82 16.66 14.07 45.91
CA LEU A 82 16.69 12.96 44.95
C LEU A 82 15.40 12.14 45.01
N GLY A 83 14.98 11.79 46.22
CA GLY A 83 13.70 11.15 46.48
C GLY A 83 12.57 11.88 45.77
N LEU A 84 12.51 13.21 45.95
CA LEU A 84 11.51 14.01 45.27
C LEU A 84 11.61 13.86 43.76
N MET A 85 12.82 13.90 43.22
CA MET A 85 13.01 13.75 41.77
C MET A 85 12.57 12.38 41.27
N LEU A 86 12.87 11.35 42.06
CA LEU A 86 12.53 9.98 41.70
C LEU A 86 11.03 9.74 41.73
N ALA A 87 10.36 10.34 42.72
CA ALA A 87 8.91 10.29 42.83
C ALA A 87 8.24 10.95 41.62
N GLN A 88 8.80 12.08 41.18
CA GLN A 88 8.35 12.75 39.96
C GLN A 88 8.54 11.87 38.72
N LEU A 89 9.69 11.22 38.58
CA LEU A 89 9.93 10.41 37.38
C LEU A 89 9.10 9.13 37.31
N MET A 90 8.72 8.60 38.48
CA MET A 90 7.91 7.38 38.55
C MET A 90 6.45 7.68 38.16
N THR A 91 5.96 8.85 38.59
CA THR A 91 4.59 9.28 38.30
C THR A 91 4.31 10.28 37.15
N ASN A 92 5.33 10.77 36.44
CA ASN A 92 5.08 11.72 35.35
C ASN A 92 4.25 12.94 35.78
N LYS A 93 4.66 13.53 36.90
CA LYS A 93 4.02 14.64 37.58
C LYS A 93 5.01 15.46 38.38
N HIS A 94 4.83 16.78 38.33
CA HIS A 94 5.74 17.71 39.01
C HIS A 94 5.54 17.64 40.51
N ILE A 95 6.65 17.70 41.22
CA ILE A 95 6.65 18.04 42.62
C ILE A 95 7.52 19.29 42.70
N ILE A 96 6.93 20.40 43.12
CA ILE A 96 7.70 21.63 43.32
C ILE A 96 8.36 21.59 44.71
N GLU A 97 9.68 21.45 44.74
CA GLU A 97 10.41 21.41 46.01
C GLU A 97 10.56 22.79 46.63
N VAL A 98 9.95 22.99 47.81
CA VAL A 98 10.13 24.23 48.55
C VAL A 98 10.93 24.03 49.85
N PHE A 99 12.25 24.01 49.72
CA PHE A 99 13.17 23.85 50.83
C PHE A 99 13.76 25.19 51.23
N VAL A 100 13.58 25.57 52.48
CA VAL A 100 14.24 26.77 53.00
C VAL A 100 15.26 26.36 54.07
N HIS A 101 16.53 26.29 53.71
CA HIS A 101 17.59 26.00 54.70
C HIS A 101 17.63 27.07 55.77
N GLU A 102 17.93 26.69 57.00
CA GLU A 102 18.00 27.64 58.10
C GLU A 102 19.20 28.58 57.95
N ASP A 103 20.23 28.16 57.18
CA ASP A 103 21.45 28.96 56.97
C ASP A 103 21.24 30.20 56.11
N GLU A 104 20.10 30.29 55.44
CA GLU A 104 19.83 31.35 54.49
C GLU A 104 19.34 32.65 55.12
N ALA A 105 18.81 32.56 56.33
CA ALA A 105 18.35 33.72 57.09
C ALA A 105 19.32 34.05 58.24
N LYS A 106 19.33 35.32 58.66
CA LYS A 106 20.29 35.84 59.64
C LYS A 106 19.74 35.90 61.06
N ASP A 107 18.42 35.67 61.18
CA ASP A 107 17.69 35.58 62.44
C ASP A 107 16.36 34.89 62.15
N ASP A 108 15.49 34.78 63.15
CA ASP A 108 14.22 34.06 62.95
C ASP A 108 13.18 34.88 62.19
N ALA A 109 13.21 36.20 62.37
CA ALA A 109 12.30 37.11 61.69
C ALA A 109 12.51 37.03 60.18
N GLU A 110 13.76 36.98 59.75
CA GLU A 110 14.11 36.81 58.35
C GLU A 110 13.66 35.46 57.80
N LEU A 111 13.84 34.42 58.60
CA LEU A 111 13.50 33.04 58.21
C LEU A 111 12.00 32.81 58.05
N LYS A 112 11.22 33.43 58.92
CA LYS A 112 9.77 33.43 58.79
C LYS A 112 9.39 34.14 57.48
N ILE A 113 10.00 35.31 57.25
CA ILE A 113 9.80 36.10 56.05
C ILE A 113 10.21 35.32 54.78
N LEU A 114 11.43 34.81 54.76
CA LEU A 114 11.98 34.08 53.61
C LEU A 114 11.18 32.86 53.25
N ALA A 115 10.83 32.05 54.24
CA ALA A 115 10.08 30.81 54.01
C ALA A 115 8.69 31.06 53.45
N ALA A 116 8.02 32.07 54.00
CA ALA A 116 6.67 32.47 53.56
C ALA A 116 6.68 33.00 52.13
N ARG A 117 7.71 33.78 51.80
CA ARG A 117 7.82 34.38 50.48
C ARG A 117 8.14 33.34 49.39
N ARG A 118 9.16 32.51 49.64
CA ARG A 118 9.51 31.39 48.78
C ARG A 118 8.29 30.47 48.50
N ALA A 119 7.52 30.20 49.55
CA ALA A 119 6.30 29.37 49.46
C ALA A 119 5.27 29.98 48.53
N ILE A 120 5.01 31.28 48.73
CA ILE A 120 4.06 32.03 47.94
C ILE A 120 4.42 32.07 46.47
N GLU A 121 5.69 32.37 46.21
CA GLU A 121 6.21 32.48 44.86
C GLU A 121 6.09 31.18 44.12
N HIS A 122 6.42 30.10 44.79
CA HIS A 122 6.35 28.77 44.25
C HIS A 122 4.90 28.36 44.03
N ALA A 123 4.02 28.85 44.91
CA ALA A 123 2.59 28.66 44.77
C ALA A 123 2.09 29.32 43.48
N LEU A 124 2.64 30.48 43.17
CA LEU A 124 2.37 31.16 41.91
C LEU A 124 2.92 30.35 40.73
N ASN A 125 4.09 29.75 40.90
CA ASN A 125 4.65 28.88 39.87
C ASN A 125 3.78 27.67 39.55
N VAL A 126 3.17 27.10 40.58
CA VAL A 126 2.21 26.01 40.41
C VAL A 126 1.02 26.45 39.57
N TYR A 127 0.47 27.62 39.86
CA TYR A 127 -0.69 28.07 39.11
C TYR A 127 -0.36 28.15 37.63
N TYR A 128 0.79 28.74 37.31
CA TYR A 128 1.21 28.83 35.92
C TYR A 128 1.39 27.47 35.28
N LEU A 129 2.01 26.56 35.99
CA LEU A 129 2.25 25.20 35.48
C LEU A 129 0.93 24.47 35.19
N LEU A 130 -0.06 24.73 36.05
CA LEU A 130 -1.39 24.14 35.94
C LEU A 130 -2.26 24.80 34.87
N PHE A 131 -2.14 26.12 34.73
CA PHE A 131 -3.14 26.89 33.99
C PHE A 131 -2.59 27.75 32.86
N LYS A 132 -1.36 28.22 33.03
CA LYS A 132 -0.77 29.21 32.13
C LYS A 132 0.72 28.92 31.85
N PRO A 133 1.00 27.78 31.21
CA PRO A 133 2.37 27.43 30.85
C PRO A 133 3.02 28.44 29.89
N GLU A 134 2.24 29.13 29.05
CA GLU A 134 2.80 30.09 28.11
C GLU A 134 3.47 31.26 28.81
N TYR A 135 2.89 31.67 29.92
CA TYR A 135 3.47 32.76 30.66
C TYR A 135 4.83 32.29 31.10
N LEU A 136 4.93 31.02 31.47
CA LEU A 136 6.20 30.49 31.93
C LEU A 136 7.22 30.52 30.83
N THR A 137 6.78 30.17 29.64
CA THR A 137 7.67 30.16 28.51
C THR A 137 8.22 31.55 28.31
N ARG A 138 7.42 32.58 28.48
CA ARG A 138 7.95 33.94 28.25
C ARG A 138 9.13 34.34 29.15
N MET A 139 9.06 34.04 30.44
CA MET A 139 10.18 34.38 31.30
C MET A 139 11.38 33.70 30.64
N ALA A 140 12.35 34.51 30.24
CA ALA A 140 13.59 34.04 29.66
C ALA A 140 14.68 34.51 30.61
N GLY A 141 14.46 35.68 31.20
CA GLY A 141 15.36 36.30 32.15
C GLY A 141 15.28 35.62 33.50
N LYS A 142 16.28 35.85 34.35
CA LYS A 142 16.33 35.23 35.67
C LYS A 142 15.12 35.60 36.53
N GLY A 143 14.71 36.85 36.46
CA GLY A 143 13.57 37.31 37.23
C GLY A 143 12.40 36.36 37.14
N THR B 2 -6.42 -3.18 62.87
CA THR B 2 -5.24 -4.02 62.91
C THR B 2 -4.15 -3.48 62.01
N LYS B 3 -3.17 -2.81 62.61
CA LYS B 3 -2.05 -2.23 61.87
C LYS B 3 -0.82 -3.02 62.31
N LYS B 4 0.03 -3.38 61.35
CA LYS B 4 1.23 -4.15 61.65
C LYS B 4 2.45 -3.30 61.32
N VAL B 5 3.25 -2.97 62.32
CA VAL B 5 4.45 -2.16 62.08
C VAL B 5 5.70 -3.03 62.11
N GLY B 6 6.39 -3.15 60.98
CA GLY B 6 7.58 -3.97 60.96
C GLY B 6 8.72 -3.21 61.62
N ILE B 7 9.56 -3.92 62.38
CA ILE B 7 10.74 -3.31 63.00
C ILE B 7 11.97 -4.10 62.60
N VAL B 8 12.89 -3.41 61.92
CA VAL B 8 14.14 -4.02 61.45
C VAL B 8 15.34 -3.37 62.14
N ASP B 9 16.13 -4.21 62.80
CA ASP B 9 17.30 -3.72 63.52
C ASP B 9 18.47 -4.59 63.14
N THR B 10 19.60 -4.38 63.82
CA THR B 10 20.84 -5.06 63.47
C THR B 10 21.56 -5.67 64.68
N THR B 11 22.53 -6.54 64.41
CA THR B 11 23.44 -7.06 65.43
C THR B 11 24.64 -6.13 65.60
N PHE B 12 24.95 -5.37 64.53
CA PHE B 12 26.03 -4.37 64.53
C PHE B 12 25.83 -3.29 65.60
N ALA B 13 24.61 -2.76 65.70
CA ALA B 13 24.28 -1.72 66.67
C ALA B 13 24.71 -2.11 68.07
N ARG B 14 25.05 -1.12 68.87
CA ARG B 14 25.59 -1.35 70.20
C ARG B 14 24.56 -1.09 71.28
N VAL B 15 23.38 -0.63 70.89
CA VAL B 15 22.24 -0.47 71.81
C VAL B 15 21.00 -1.13 71.19
N ASP B 16 20.30 -1.91 72.01
CA ASP B 16 19.03 -2.51 71.58
C ASP B 16 17.99 -1.39 71.51
N MET B 17 17.61 -1.03 70.28
CA MET B 17 16.66 0.06 70.03
C MET B 17 15.23 -0.45 69.89
N ALA B 18 15.08 -1.73 69.51
CA ALA B 18 13.78 -2.32 69.20
C ALA B 18 12.82 -2.48 70.38
N SER B 19 13.34 -2.86 71.54
CA SER B 19 12.49 -3.17 72.70
C SER B 19 11.66 -1.95 73.15
N ALA B 20 12.33 -0.79 73.20
CA ALA B 20 11.71 0.47 73.62
C ALA B 20 10.68 1.00 72.62
N ALA B 21 10.93 0.75 71.33
CA ALA B 21 10.02 1.16 70.28
C ALA B 21 8.78 0.28 70.33
N ILE B 22 8.99 -1.03 70.50
CA ILE B 22 7.94 -2.04 70.68
C ILE B 22 7.05 -1.69 71.87
N LEU B 23 7.68 -1.38 73.01
CA LEU B 23 6.98 -1.03 74.24
C LEU B 23 6.13 0.24 74.07
N THR B 24 6.71 1.25 73.42
CA THR B 24 6.00 2.48 73.10
C THR B 24 4.71 2.29 72.32
N LEU B 25 4.80 1.53 71.22
CA LEU B 25 3.66 1.30 70.34
C LEU B 25 2.51 0.47 70.94
N LYS B 26 2.88 -0.54 71.73
CA LYS B 26 1.93 -1.40 72.43
C LYS B 26 1.23 -0.56 73.49
N MET B 27 1.97 0.34 74.13
CA MET B 27 1.46 1.32 75.09
C MET B 27 0.44 2.28 74.45
N GLU B 28 0.74 2.81 73.28
CA GLU B 28 -0.18 3.71 72.57
C GLU B 28 -1.36 2.99 71.90
N SER B 29 -1.12 1.82 71.32
CA SER B 29 -2.20 1.08 70.66
C SER B 29 -2.27 -0.40 71.03
N PRO B 30 -3.44 -0.81 71.66
CA PRO B 30 -3.49 -2.25 71.96
C PRO B 30 -3.55 -3.11 70.71
N ASN B 31 -4.31 -2.62 69.73
CA ASN B 31 -4.55 -3.30 68.45
C ASN B 31 -3.36 -3.58 67.52
N ILE B 32 -2.41 -2.65 67.46
CA ILE B 32 -1.27 -2.82 66.55
C ILE B 32 -0.46 -4.10 66.80
N LYS B 33 -0.10 -4.76 65.70
CA LYS B 33 0.68 -6.00 65.71
C LYS B 33 2.10 -5.71 65.26
N ILE B 34 3.06 -6.39 65.88
CA ILE B 34 4.47 -6.16 65.55
C ILE B 34 5.25 -7.36 65.02
N ILE B 35 6.00 -7.12 63.95
CA ILE B 35 6.86 -8.12 63.35
C ILE B 35 8.29 -7.57 63.33
N ARG B 36 9.24 -8.43 63.72
CA ARG B 36 10.64 -8.07 63.88
C ARG B 36 11.50 -8.93 62.97
N LYS B 37 12.48 -8.29 62.35
CA LYS B 37 13.57 -8.97 61.66
C LYS B 37 14.84 -8.24 62.04
N THR B 38 15.88 -9.01 62.33
CA THR B 38 17.21 -8.50 62.62
C THR B 38 18.14 -8.92 61.51
N VAL B 39 18.92 -7.97 61.02
CA VAL B 39 19.90 -8.22 59.99
C VAL B 39 21.28 -7.92 60.61
N PRO B 40 22.36 -8.36 59.98
CA PRO B 40 23.72 -8.09 60.51
C PRO B 40 24.08 -6.59 60.56
N GLY B 41 23.92 -5.91 59.42
CA GLY B 41 24.39 -4.55 59.29
C GLY B 41 23.36 -3.58 58.77
N ILE B 42 23.79 -2.33 58.65
CA ILE B 42 22.93 -1.25 58.22
C ILE B 42 22.61 -1.29 56.72
N LYS B 43 23.55 -1.84 55.94
CA LYS B 43 23.38 -2.03 54.50
C LYS B 43 22.43 -3.19 54.18
N ASP B 44 22.10 -4.00 55.19
CA ASP B 44 21.16 -5.10 55.00
C ASP B 44 19.73 -4.67 55.33
N LEU B 45 19.58 -3.44 55.84
CA LEU B 45 18.29 -2.90 56.23
C LEU B 45 17.28 -2.70 55.10
N PRO B 46 17.66 -2.05 54.00
CA PRO B 46 16.71 -1.75 52.91
C PRO B 46 15.86 -2.93 52.38
N VAL B 47 16.44 -4.08 52.08
CA VAL B 47 15.67 -5.20 51.53
C VAL B 47 14.80 -5.87 52.58
N ALA B 48 15.32 -6.00 53.79
CA ALA B 48 14.55 -6.58 54.89
C ALA B 48 13.31 -5.72 55.13
N CYS B 49 13.51 -4.41 55.16
CA CYS B 49 12.43 -3.44 55.26
C CYS B 49 11.40 -3.62 54.14
N LYS B 50 11.87 -3.74 52.89
CA LYS B 50 11.00 -3.90 51.73
C LYS B 50 10.21 -5.20 51.74
N LYS B 51 10.86 -6.30 52.10
CA LYS B 51 10.16 -7.58 52.24
C LYS B 51 9.05 -7.54 53.32
N LEU B 52 9.30 -6.85 54.43
CA LEU B 52 8.32 -6.71 55.48
C LEU B 52 7.09 -5.93 54.99
N LEU B 53 7.33 -4.89 54.18
CA LEU B 53 6.25 -4.11 53.59
C LEU B 53 5.48 -4.89 52.53
N GLU B 54 6.20 -5.69 51.75
CA GLU B 54 5.59 -6.35 50.61
C GLU B 54 5.13 -7.78 50.86
N GLU B 55 5.82 -8.51 51.73
CA GLU B 55 5.57 -9.95 51.88
C GLU B 55 5.02 -10.33 53.26
N GLU B 56 5.06 -9.39 54.19
CA GLU B 56 4.54 -9.62 55.53
C GLU B 56 3.40 -8.68 55.85
N GLY B 57 2.99 -7.90 54.85
CA GLY B 57 1.87 -6.98 54.95
C GLY B 57 1.93 -5.90 56.01
N CYS B 58 3.11 -5.37 56.28
CA CYS B 58 3.26 -4.25 57.20
C CYS B 58 2.79 -2.96 56.56
N ASP B 59 2.06 -2.16 57.34
CA ASP B 59 1.64 -0.84 56.86
C ASP B 59 2.81 0.16 56.89
N ILE B 60 3.74 -0.06 57.81
CA ILE B 60 4.87 0.85 57.99
C ILE B 60 6.02 0.06 58.61
N VAL B 61 7.23 0.57 58.45
CA VAL B 61 8.41 -0.03 59.06
C VAL B 61 9.29 1.00 59.79
N MET B 62 9.88 0.57 60.90
CA MET B 62 10.94 1.31 61.56
C MET B 62 12.24 0.63 61.23
N ALA B 63 13.17 1.39 60.66
CA ALA B 63 14.49 0.87 60.34
C ALA B 63 15.50 1.41 61.35
N LEU B 64 16.00 0.52 62.21
CA LEU B 64 16.88 0.94 63.30
C LEU B 64 18.32 0.54 63.07
N GLY B 65 19.21 1.53 63.12
CA GLY B 65 20.64 1.29 62.95
C GLY B 65 21.52 2.30 63.67
N MET B 66 22.79 1.94 63.80
CA MET B 66 23.76 2.80 64.47
C MET B 66 25.05 2.82 63.68
N PRO B 67 25.21 3.85 62.84
CA PRO B 67 26.48 4.04 62.12
C PRO B 67 27.65 4.23 63.10
N GLY B 68 28.81 3.66 62.75
CA GLY B 68 30.03 3.84 63.52
C GLY B 68 30.57 5.24 63.36
N LYS B 69 31.85 5.41 63.72
CA LYS B 69 32.46 6.74 63.84
C LYS B 69 33.29 7.17 62.62
N ALA B 70 33.91 6.20 61.96
CA ALA B 70 34.79 6.45 60.81
C ALA B 70 34.03 7.04 59.60
N GLU B 71 34.76 7.77 58.76
CA GLU B 71 34.22 8.38 57.54
C GLU B 71 33.79 7.32 56.52
N LYS B 72 33.94 6.05 56.88
CA LYS B 72 33.56 4.93 56.04
C LYS B 72 32.21 4.35 56.47
N ASP B 73 31.92 4.42 57.76
CA ASP B 73 30.60 4.10 58.30
C ASP B 73 29.61 5.20 57.91
N LYS B 74 30.13 6.41 57.78
CA LYS B 74 29.38 7.55 57.27
C LYS B 74 28.85 7.31 55.86
N VAL B 75 29.68 6.68 55.03
CA VAL B 75 29.34 6.36 53.64
C VAL B 75 28.34 5.19 53.61
N CYS B 76 28.60 4.17 54.42
CA CYS B 76 27.67 3.04 54.63
C CYS B 76 26.25 3.51 54.99
N ALA B 77 26.13 4.45 55.95
CA ALA B 77 24.81 4.97 56.35
C ALA B 77 24.09 5.78 55.26
N HIS B 78 24.87 6.58 54.52
CA HIS B 78 24.35 7.33 53.38
C HIS B 78 23.80 6.36 52.33
N GLU B 79 24.59 5.34 52.03
CA GLU B 79 24.20 4.25 51.14
C GLU B 79 22.93 3.61 51.68
N ALA B 80 22.92 3.27 52.97
CA ALA B 80 21.74 2.65 53.60
C ALA B 80 20.51 3.55 53.61
N SER B 81 20.72 4.87 53.70
CA SER B 81 19.59 5.83 53.74
C SER B 81 18.87 5.97 52.40
N LEU B 82 19.65 6.05 51.31
CA LEU B 82 19.08 6.06 49.95
C LEU B 82 18.28 4.78 49.69
N GLY B 83 18.89 3.63 50.02
CA GLY B 83 18.21 2.34 49.98
C GLY B 83 16.86 2.40 50.66
N LEU B 84 16.84 2.93 51.89
CA LEU B 84 15.59 3.09 52.60
C LEU B 84 14.60 3.95 51.83
N MET B 85 15.07 5.05 51.26
CA MET B 85 14.19 5.94 50.48
C MET B 85 13.64 5.24 49.23
N LEU B 86 14.49 4.46 48.59
CA LEU B 86 14.12 3.75 47.37
C LEU B 86 13.11 2.64 47.64
N ALA B 87 13.29 1.95 48.76
CA ALA B 87 12.35 0.93 49.22
C ALA B 87 10.97 1.54 49.51
N GLN B 88 10.95 2.72 50.12
CA GLN B 88 9.72 3.48 50.32
C GLN B 88 9.05 3.87 48.99
N LEU B 89 9.81 4.35 48.03
CA LEU B 89 9.20 4.79 46.77
C LEU B 89 8.68 3.63 45.89
N MET B 90 9.29 2.45 46.04
CA MET B 90 8.87 1.27 45.29
C MET B 90 7.54 0.71 45.84
N THR B 91 7.40 0.75 47.16
CA THR B 91 6.19 0.26 47.84
C THR B 91 5.10 1.26 48.30
N ASN B 92 5.29 2.56 48.13
CA ASN B 92 4.26 3.52 48.56
C ASN B 92 3.88 3.36 50.04
N LYS B 93 4.90 3.26 50.87
CA LYS B 93 4.83 3.03 52.31
C LYS B 93 6.02 3.61 53.03
N HIS B 94 5.75 4.21 54.21
CA HIS B 94 6.79 4.86 54.99
C HIS B 94 7.72 3.85 55.61
N ILE B 95 9.00 4.18 55.62
CA ILE B 95 9.96 3.56 56.48
C ILE B 95 10.52 4.70 57.31
N ILE B 96 10.30 4.65 58.62
CA ILE B 96 10.89 5.65 59.51
C ILE B 96 12.32 5.26 59.85
N GLU B 97 13.29 6.01 59.33
CA GLU B 97 14.70 5.73 59.60
C GLU B 97 15.13 6.17 60.99
N VAL B 98 15.52 5.21 61.83
CA VAL B 98 16.07 5.54 63.15
C VAL B 98 17.56 5.19 63.26
N PHE B 99 18.39 6.11 62.77
CA PHE B 99 19.84 5.97 62.82
C PHE B 99 20.43 6.81 63.93
N VAL B 100 21.15 6.16 64.83
CA VAL B 100 21.88 6.90 65.87
C VAL B 100 23.38 6.72 65.64
N HIS B 101 24.03 7.71 65.04
CA HIS B 101 25.49 7.68 64.85
C HIS B 101 26.19 7.63 66.22
N GLU B 102 27.30 6.91 66.30
CA GLU B 102 28.05 6.82 67.54
C GLU B 102 28.71 8.16 67.91
N ASP B 103 28.92 9.04 66.93
CA ASP B 103 29.56 10.35 67.15
C ASP B 103 28.69 11.34 67.91
N GLU B 104 27.42 11.03 68.07
CA GLU B 104 26.46 11.95 68.67
C GLU B 104 26.46 11.94 70.19
N ALA B 105 26.95 10.85 70.78
CA ALA B 105 27.07 10.71 72.22
C ALA B 105 28.55 10.84 72.68
N LYS B 106 28.73 11.26 73.94
CA LYS B 106 30.05 11.58 74.49
C LYS B 106 30.66 10.44 75.30
N ASP B 107 29.85 9.41 75.56
CA ASP B 107 30.24 8.16 76.23
C ASP B 107 29.15 7.13 75.94
N ASP B 108 29.25 5.94 76.53
CA ASP B 108 28.28 4.88 76.22
C ASP B 108 26.94 5.07 76.93
N ALA B 109 26.99 5.64 78.13
CA ALA B 109 25.79 5.93 78.91
C ALA B 109 24.88 6.88 78.15
N GLU B 110 25.46 7.91 77.55
CA GLU B 110 24.72 8.86 76.71
C GLU B 110 24.12 8.19 75.47
N LEU B 111 24.90 7.31 74.84
CA LEU B 111 24.50 6.61 73.62
C LEU B 111 23.36 5.63 73.82
N LYS B 112 23.38 4.94 74.95
CA LYS B 112 22.27 4.10 75.35
C LYS B 112 21.02 4.97 75.53
N ILE B 113 21.19 6.08 76.26
CA ILE B 113 20.12 7.06 76.50
C ILE B 113 19.57 7.65 75.19
N LEU B 114 20.47 8.18 74.36
CA LEU B 114 20.10 8.82 73.10
C LEU B 114 19.38 7.89 72.14
N ALA B 115 19.91 6.68 71.96
CA ALA B 115 19.33 5.71 71.04
C ALA B 115 17.93 5.27 71.46
N ALA B 116 17.76 5.04 72.76
CA ALA B 116 16.48 4.62 73.34
C ALA B 116 15.43 5.73 73.19
N ARG B 117 15.84 6.97 73.42
CA ARG B 117 14.93 8.11 73.35
C ARG B 117 14.49 8.40 71.91
N ARG B 118 15.45 8.49 70.99
CA ARG B 118 15.18 8.65 69.55
C ARG B 118 14.20 7.56 69.04
N ALA B 119 14.43 6.32 69.47
CA ALA B 119 13.58 5.16 69.11
C ALA B 119 12.14 5.35 69.58
N ILE B 120 12.00 5.73 70.85
CA ILE B 120 10.71 5.96 71.47
C ILE B 120 9.92 7.07 70.77
N GLU B 121 10.57 8.19 70.52
CA GLU B 121 9.86 9.29 69.89
C GLU B 121 9.40 8.90 68.52
N HIS B 122 10.30 8.30 67.78
CA HIS B 122 9.98 7.89 66.43
C HIS B 122 8.85 6.88 66.44
N ALA B 123 8.81 6.06 67.50
CA ALA B 123 7.72 5.12 67.72
C ALA B 123 6.40 5.87 67.92
N LEU B 124 6.48 7.00 68.61
CA LEU B 124 5.33 7.90 68.76
C LEU B 124 4.95 8.51 67.41
N ASN B 125 5.95 8.86 66.60
CA ASN B 125 5.68 9.38 65.26
C ASN B 125 4.95 8.38 64.35
N VAL B 126 5.29 7.11 64.48
CA VAL B 126 4.60 6.04 63.79
C VAL B 126 3.12 5.97 64.18
N TYR B 127 2.88 6.03 65.49
CA TYR B 127 1.52 6.03 66.03
C TYR B 127 0.65 7.07 65.33
N TYR B 128 1.16 8.30 65.29
CA TYR B 128 0.46 9.40 64.65
C TYR B 128 0.25 9.18 63.17
N LEU B 129 1.29 8.72 62.49
CA LEU B 129 1.20 8.49 61.04
C LEU B 129 0.13 7.43 60.73
N LEU B 130 0.03 6.43 61.59
CA LEU B 130 -0.93 5.34 61.46
C LEU B 130 -2.35 5.74 61.84
N PHE B 131 -2.49 6.56 62.89
CA PHE B 131 -3.78 6.75 63.55
C PHE B 131 -4.25 8.19 63.66
N LYS B 132 -3.32 9.13 63.74
CA LYS B 132 -3.63 10.52 64.04
C LYS B 132 -2.76 11.49 63.20
N PRO B 133 -2.96 11.49 61.91
CA PRO B 133 -2.25 12.39 61.02
C PRO B 133 -2.52 13.85 61.36
N GLU B 134 -3.74 14.16 61.74
CA GLU B 134 -4.07 15.56 62.02
C GLU B 134 -3.22 16.16 63.12
N TYR B 135 -2.91 15.35 64.11
CA TYR B 135 -2.09 15.82 65.18
C TYR B 135 -0.78 16.22 64.58
N LEU B 136 -0.29 15.41 63.66
CA LEU B 136 0.99 15.70 63.05
C LEU B 136 0.95 16.98 62.29
N THR B 137 -0.13 17.18 61.58
CA THR B 137 -0.28 18.36 60.77
C THR B 137 -0.18 19.58 61.67
N ARG B 138 -0.73 19.51 62.87
CA ARG B 138 -0.65 20.68 63.75
C ARG B 138 0.76 21.17 64.15
N MET B 139 1.64 20.21 64.41
CA MET B 139 3.00 20.49 64.76
C MET B 139 3.91 20.81 63.59
N ALA B 140 3.38 21.61 62.66
CA ALA B 140 4.12 22.04 61.48
C ALA B 140 5.29 22.91 61.91
N GLY B 141 5.14 23.55 63.07
CA GLY B 141 6.18 24.40 63.61
C GLY B 141 6.69 23.82 64.91
N LYS B 142 8.00 23.67 65.03
CA LYS B 142 8.60 23.12 66.23
C LYS B 142 9.88 23.86 66.60
N THR C 2 25.51 -17.06 16.89
CA THR C 2 26.74 -16.55 17.47
C THR C 2 26.44 -15.56 18.60
N LYS C 3 27.48 -14.88 19.05
CA LYS C 3 27.34 -13.90 20.13
C LYS C 3 27.67 -12.49 19.65
N LYS C 4 26.78 -11.55 19.98
CA LYS C 4 26.94 -10.17 19.58
C LYS C 4 27.32 -9.19 20.68
N VAL C 5 28.30 -8.36 20.35
CA VAL C 5 28.87 -7.31 21.19
C VAL C 5 28.56 -5.92 20.62
N GLY C 6 28.16 -5.01 21.50
CA GLY C 6 27.95 -3.62 21.13
C GLY C 6 29.12 -2.80 21.64
N ILE C 7 29.57 -1.85 20.83
CA ILE C 7 30.63 -0.92 21.25
C ILE C 7 30.16 0.51 21.08
N VAL C 8 30.12 1.24 22.20
CA VAL C 8 29.68 2.62 22.23
C VAL C 8 30.82 3.54 22.64
N ASP C 9 31.12 4.50 21.77
CA ASP C 9 32.21 5.43 22.02
C ASP C 9 31.70 6.83 21.76
N THR C 10 32.61 7.80 21.82
CA THR C 10 32.22 9.21 21.71
C THR C 10 33.09 9.98 20.71
N THR C 11 32.62 11.18 20.35
CA THR C 11 33.40 12.14 19.57
C THR C 11 34.26 13.02 20.50
N PHE C 12 33.82 13.15 21.75
CA PHE C 12 34.53 13.89 22.79
C PHE C 12 35.93 13.33 23.06
N ALA C 13 36.03 12.01 23.18
CA ALA C 13 37.29 11.34 23.45
C ALA C 13 38.37 11.77 22.45
N ARG C 14 39.61 11.76 22.92
CA ARG C 14 40.72 12.27 22.12
C ARG C 14 41.55 11.13 21.53
N VAL C 15 41.19 9.89 21.88
CA VAL C 15 41.82 8.71 21.28
C VAL C 15 40.73 7.76 20.80
N ASP C 16 40.88 7.25 19.58
CA ASP C 16 39.96 6.25 19.05
C ASP C 16 40.24 4.93 19.78
N MET C 17 39.32 4.51 20.64
CA MET C 17 39.52 3.24 21.36
C MET C 17 38.75 2.09 20.72
N ALA C 18 37.78 2.42 19.86
CA ALA C 18 36.96 1.42 19.22
C ALA C 18 37.74 0.49 18.30
N SER C 19 38.67 1.05 17.54
CA SER C 19 39.47 0.28 16.62
C SER C 19 40.32 -0.75 17.36
N ALA C 20 40.83 -0.34 18.51
CA ALA C 20 41.68 -1.21 19.31
C ALA C 20 40.97 -2.48 19.80
N ALA C 21 39.72 -2.38 20.22
CA ALA C 21 39.03 -3.57 20.70
C ALA C 21 38.48 -4.37 19.57
N ILE C 22 37.73 -3.71 18.71
CA ILE C 22 37.16 -4.44 17.57
C ILE C 22 38.15 -5.46 17.01
N LEU C 23 39.40 -5.01 16.79
CA LEU C 23 40.47 -5.87 16.27
C LEU C 23 40.78 -7.03 17.23
N THR C 24 40.86 -6.73 18.52
CA THR C 24 41.06 -7.75 19.54
C THR C 24 40.05 -8.88 19.54
N LEU C 25 38.78 -8.53 19.53
CA LEU C 25 37.69 -9.51 19.58
C LEU C 25 37.53 -10.40 18.32
N LYS C 26 37.76 -9.78 17.17
CA LYS C 26 37.72 -10.47 15.87
C LYS C 26 38.90 -11.45 15.84
N MET C 27 40.03 -11.04 16.39
CA MET C 27 41.23 -11.87 16.56
C MET C 27 40.97 -13.09 17.47
N GLU C 28 40.30 -12.86 18.61
CA GLU C 28 39.97 -13.96 19.52
C GLU C 28 38.80 -14.85 19.05
N SER C 29 37.80 -14.24 18.42
CA SER C 29 36.66 -14.98 17.93
C SER C 29 36.62 -14.84 16.43
N PRO C 30 36.51 -16.02 15.73
CA PRO C 30 36.48 -15.86 14.27
C PRO C 30 35.27 -15.11 13.74
N ASN C 31 34.09 -15.44 14.24
CA ASN C 31 32.88 -14.80 13.74
C ASN C 31 31.97 -14.00 14.67
N ILE C 32 32.46 -13.60 15.84
CA ILE C 32 31.62 -12.85 16.75
C ILE C 32 31.18 -11.56 16.06
N LYS C 33 29.89 -11.24 16.15
CA LYS C 33 29.33 -10.05 15.52
C LYS C 33 29.67 -8.76 16.26
N ILE C 34 29.63 -7.63 15.56
CA ILE C 34 29.94 -6.35 16.20
C ILE C 34 29.01 -5.24 15.69
N ILE C 35 28.56 -4.41 16.62
CA ILE C 35 27.72 -3.26 16.32
C ILE C 35 28.29 -2.06 17.07
N ARG C 36 28.38 -0.94 16.37
CA ARG C 36 28.98 0.30 16.87
C ARG C 36 27.96 1.42 16.83
N LYS C 37 27.95 2.22 17.90
CA LYS C 37 27.26 3.51 17.95
C LYS C 37 28.20 4.47 18.61
N THR C 38 28.27 5.67 18.05
CA THR C 38 29.05 6.78 18.59
C THR C 38 28.10 7.86 19.03
N VAL C 39 28.32 8.36 20.25
CA VAL C 39 27.53 9.43 20.79
C VAL C 39 28.48 10.62 21.00
N PRO C 40 27.95 11.82 21.20
CA PRO C 40 28.81 13.00 21.44
C PRO C 40 29.67 12.91 22.70
N GLY C 41 29.03 12.64 23.84
CA GLY C 41 29.71 12.70 25.12
C GLY C 41 29.53 11.46 25.97
N ILE C 42 30.15 11.53 27.15
CA ILE C 42 30.15 10.41 28.08
C ILE C 42 28.80 10.23 28.78
N LYS C 43 28.05 11.33 28.95
CA LYS C 43 26.72 11.31 29.54
C LYS C 43 25.68 10.74 28.56
N ASP C 44 26.05 10.61 27.29
CA ASP C 44 25.14 10.03 26.29
C ASP C 44 25.35 8.52 26.16
N LEU C 45 26.36 8.01 26.86
CA LEU C 45 26.71 6.59 26.81
C LEU C 45 25.64 5.62 27.38
N PRO C 46 25.12 5.88 28.58
CA PRO C 46 24.15 4.96 29.20
C PRO C 46 22.95 4.51 28.35
N VAL C 47 22.24 5.42 27.70
CA VAL C 47 21.05 5.04 26.91
C VAL C 47 21.42 4.33 25.61
N ALA C 48 22.49 4.80 24.97
CA ALA C 48 22.96 4.16 23.74
C ALA C 48 23.34 2.71 24.05
N CYS C 49 24.06 2.52 25.15
CA CYS C 49 24.41 1.19 25.65
C CYS C 49 23.15 0.34 25.90
N LYS C 50 22.16 0.90 26.58
CA LYS C 50 20.91 0.19 26.88
C LYS C 50 20.11 -0.20 25.63
N LYS C 51 19.99 0.72 24.68
CA LYS C 51 19.33 0.40 23.41
C LYS C 51 20.03 -0.73 22.64
N LEU C 52 21.36 -0.75 22.66
CA LEU C 52 22.12 -1.80 21.99
C LEU C 52 21.84 -3.17 22.64
N LEU C 53 21.72 -3.18 23.96
CA LEU C 53 21.40 -4.40 24.70
C LEU C 53 19.97 -4.84 24.46
N GLU C 54 19.06 -3.89 24.38
CA GLU C 54 17.64 -4.21 24.32
C GLU C 54 17.04 -4.25 22.93
N GLU C 55 17.54 -3.44 22.01
CA GLU C 55 16.91 -3.27 20.70
C GLU C 55 17.76 -3.78 19.55
N GLU C 56 19.03 -4.06 19.82
CA GLU C 56 19.93 -4.57 18.79
C GLU C 56 20.44 -5.96 19.15
N GLY C 57 19.91 -6.50 20.24
CA GLY C 57 20.21 -7.85 20.70
C GLY C 57 21.65 -8.17 21.01
N CYS C 58 22.39 -7.20 21.55
CA CYS C 58 23.75 -7.44 22.00
C CYS C 58 23.77 -8.22 23.30
N ASP C 59 24.67 -9.20 23.40
CA ASP C 59 24.85 -9.96 24.62
C ASP C 59 25.60 -9.13 25.67
N ILE C 60 26.46 -8.24 25.20
CA ILE C 60 27.30 -7.44 26.08
C ILE C 60 27.66 -6.14 25.36
N VAL C 61 28.04 -5.12 26.12
CA VAL C 61 28.49 -3.85 25.54
C VAL C 61 29.80 -3.36 26.19
N MET C 62 30.63 -2.74 25.36
CA MET C 62 31.78 -1.98 25.84
C MET C 62 31.44 -0.52 25.73
N ALA C 63 31.51 0.18 26.86
CA ALA C 63 31.26 1.62 26.89
C ALA C 63 32.59 2.36 26.99
N LEU C 64 32.97 3.04 25.92
CA LEU C 64 34.28 3.69 25.86
C LEU C 64 34.18 5.21 25.96
N GLY C 65 34.90 5.77 26.92
CA GLY C 65 34.92 7.21 27.12
C GLY C 65 36.21 7.73 27.75
N MET C 66 36.41 9.03 27.66
CA MET C 66 37.59 9.68 28.20
C MET C 66 37.21 10.94 28.92
N PRO C 67 37.05 10.86 30.24
CA PRO C 67 36.80 12.05 31.05
C PRO C 67 37.95 13.06 30.93
N GLY C 68 37.61 14.34 30.91
CA GLY C 68 38.60 15.42 30.89
C GLY C 68 39.28 15.55 32.23
N LYS C 69 39.93 16.69 32.45
CA LYS C 69 40.83 16.89 33.60
C LYS C 69 40.19 17.63 34.78
N ALA C 70 39.27 18.55 34.48
CA ALA C 70 38.61 19.37 35.48
C ALA C 70 37.73 18.56 36.46
N GLU C 71 37.53 19.11 37.66
CA GLU C 71 36.71 18.48 38.70
C GLU C 71 35.23 18.44 38.29
N LYS C 72 34.93 18.92 37.10
CA LYS C 72 33.58 18.94 36.55
C LYS C 72 33.38 17.78 35.56
N ASP C 73 34.45 17.40 34.86
CA ASP C 73 34.46 16.21 34.03
C ASP C 73 34.48 14.97 34.93
N LYS C 74 35.09 15.11 36.10
CA LYS C 74 35.08 14.10 37.14
C LYS C 74 33.65 13.76 37.59
N VAL C 75 32.81 14.79 37.71
CA VAL C 75 31.42 14.63 38.11
C VAL C 75 30.61 14.02 36.96
N CYS C 76 30.83 14.51 35.74
CA CYS C 76 30.24 13.93 34.52
C CYS C 76 30.49 12.42 34.41
N ALA C 77 31.74 11.97 34.63
CA ALA C 77 32.07 10.55 34.56
C ALA C 77 31.41 9.70 35.66
N HIS C 78 31.35 10.24 36.87
CA HIS C 78 30.66 9.61 37.99
C HIS C 78 29.18 9.43 37.64
N GLU C 79 28.57 10.50 37.14
CA GLU C 79 27.20 10.48 36.63
C GLU C 79 27.08 9.41 35.56
N ALA C 80 27.98 9.43 34.59
CA ALA C 80 27.97 8.45 33.50
C ALA C 80 28.18 7.01 33.97
N SER C 81 28.97 6.82 35.03
CA SER C 81 29.22 5.47 35.56
C SER C 81 28.03 4.82 36.25
N LEU C 82 27.32 5.61 37.06
CA LEU C 82 26.06 5.14 37.67
C LEU C 82 25.04 4.77 36.60
N GLY C 83 24.86 5.65 35.61
CA GLY C 83 24.05 5.39 34.44
C GLY C 83 24.36 4.04 33.84
N LEU C 84 25.66 3.78 33.60
CA LEU C 84 26.09 2.50 33.08
C LEU C 84 25.66 1.36 33.99
N MET C 85 25.83 1.52 35.30
CA MET C 85 25.44 0.47 36.25
C MET C 85 23.93 0.22 36.24
N LEU C 86 23.16 1.31 36.12
CA LEU C 86 21.71 1.23 36.12
C LEU C 86 21.18 0.56 34.86
N ALA C 87 21.82 0.87 33.73
CA ALA C 87 21.50 0.24 32.45
C ALA C 87 21.76 -1.28 32.50
N GLN C 88 22.86 -1.67 33.14
CA GLN C 88 23.16 -3.08 33.38
C GLN C 88 22.10 -3.76 34.28
N LEU C 89 21.69 -3.10 35.35
CA LEU C 89 20.72 -3.73 36.25
C LEU C 89 19.30 -3.84 35.66
N MET C 90 18.96 -2.93 34.75
CA MET C 90 17.65 -2.94 34.10
C MET C 90 17.55 -4.08 33.07
N THR C 91 18.66 -4.31 32.36
CA THR C 91 18.74 -5.36 31.34
C THR C 91 19.41 -6.72 31.66
N ASN C 92 19.93 -6.92 32.87
CA ASN C 92 20.57 -8.22 33.19
C ASN C 92 21.65 -8.61 32.18
N LYS C 93 22.53 -7.66 31.89
CA LYS C 93 23.61 -7.76 30.91
C LYS C 93 24.75 -6.82 31.25
N HIS C 94 25.98 -7.31 31.05
CA HIS C 94 27.18 -6.57 31.38
C HIS C 94 27.39 -5.42 30.41
N ILE C 95 27.81 -4.29 30.96
CA ILE C 95 28.44 -3.25 30.19
C ILE C 95 29.81 -3.10 30.80
N ILE C 96 30.84 -3.37 30.00
CA ILE C 96 32.22 -3.15 30.46
C ILE C 96 32.60 -1.68 30.27
N GLU C 97 32.74 -0.94 31.36
CA GLU C 97 33.10 0.46 31.29
C GLU C 97 34.60 0.66 30.99
N VAL C 98 34.89 1.27 29.84
CA VAL C 98 36.28 1.60 29.52
C VAL C 98 36.50 3.13 29.50
N PHE C 99 36.72 3.69 30.68
CA PHE C 99 36.99 5.12 30.85
C PHE C 99 38.47 5.36 31.06
N VAL C 100 39.06 6.19 30.20
CA VAL C 100 40.45 6.61 30.39
C VAL C 100 40.48 8.10 30.69
N HIS C 101 40.60 8.48 31.97
CA HIS C 101 40.72 9.90 32.35
C HIS C 101 41.99 10.48 31.73
N GLU C 102 41.92 11.76 31.32
CA GLU C 102 43.08 12.42 30.75
C GLU C 102 44.19 12.65 31.77
N ASP C 103 43.84 12.66 33.07
CA ASP C 103 44.81 12.87 34.16
C ASP C 103 45.78 11.71 34.37
N GLU C 104 45.50 10.57 33.76
CA GLU C 104 46.27 9.35 34.00
C GLU C 104 47.54 9.25 33.16
N ALA C 105 47.59 10.00 32.06
CA ALA C 105 48.77 10.07 31.20
C ALA C 105 49.52 11.41 31.37
N LYS C 106 50.82 11.39 31.08
CA LYS C 106 51.71 12.53 31.33
C LYS C 106 51.95 13.39 30.08
N ASP C 107 51.47 12.89 28.93
CA ASP C 107 51.50 13.59 27.64
C ASP C 107 50.52 12.87 26.72
N ASP C 108 50.43 13.27 25.45
CA ASP C 108 49.46 12.68 24.54
C ASP C 108 49.87 11.29 24.04
N ALA C 109 51.17 11.09 23.88
CA ALA C 109 51.73 9.82 23.44
C ALA C 109 51.38 8.72 24.42
N GLU C 110 51.51 9.02 25.71
CA GLU C 110 51.13 8.08 26.78
C GLU C 110 49.62 7.78 26.77
N LEU C 111 48.83 8.83 26.56
CA LEU C 111 47.36 8.73 26.56
C LEU C 111 46.79 7.90 25.41
N LYS C 112 47.41 8.04 24.24
CA LYS C 112 47.10 7.20 23.11
C LYS C 112 47.43 5.74 23.45
N ILE C 113 48.63 5.54 24.00
CA ILE C 113 49.10 4.22 24.45
C ILE C 113 48.18 3.61 25.52
N LEU C 114 47.94 4.37 26.58
CA LEU C 114 47.12 3.91 27.72
C LEU C 114 45.71 3.55 27.31
N ALA C 115 45.06 4.41 26.53
CA ALA C 115 43.67 4.19 26.11
C ALA C 115 43.52 2.96 25.23
N ALA C 116 44.47 2.79 24.31
CA ALA C 116 44.49 1.64 23.39
C ALA C 116 44.70 0.33 24.14
N ARG C 117 45.59 0.35 25.12
CA ARG C 117 45.93 -0.84 25.91
C ARG C 117 44.76 -1.26 26.81
N ARG C 118 44.23 -0.31 27.59
CA ARG C 118 43.05 -0.53 28.43
C ARG C 118 41.86 -1.11 27.61
N ALA C 119 41.65 -0.57 26.41
CA ALA C 119 40.60 -1.03 25.49
C ALA C 119 40.80 -2.48 25.09
N ILE C 120 42.02 -2.81 24.68
CA ILE C 120 42.39 -4.14 24.27
C ILE C 120 42.20 -5.18 25.36
N GLU C 121 42.69 -4.85 26.56
CA GLU C 121 42.62 -5.75 27.70
C GLU C 121 41.18 -6.03 28.06
N HIS C 122 40.39 -4.98 28.07
CA HIS C 122 38.97 -5.08 28.39
C HIS C 122 38.25 -5.88 27.32
N ALA C 123 38.72 -5.74 26.07
CA ALA C 123 38.22 -6.53 24.95
C ALA C 123 38.48 -8.01 25.19
N LEU C 124 39.65 -8.32 25.75
CA LEU C 124 39.98 -9.67 26.16
C LEU C 124 39.08 -10.14 27.31
N ASN C 125 38.77 -9.23 28.24
CA ASN C 125 37.85 -9.56 29.32
C ASN C 125 36.44 -9.91 28.84
N VAL C 126 35.99 -9.22 27.81
CA VAL C 126 34.72 -9.53 27.16
C VAL C 126 34.71 -10.95 26.58
N TYR C 127 35.79 -11.28 25.86
CA TYR C 127 35.96 -12.61 25.29
C TYR C 127 35.73 -13.70 26.33
N TYR C 128 36.43 -13.58 27.47
CA TYR C 128 36.31 -14.52 28.58
C TYR C 128 34.90 -14.56 29.16
N LEU C 129 34.30 -13.39 29.34
CA LEU C 129 32.94 -13.32 29.91
C LEU C 129 31.93 -14.01 29.00
N LEU C 130 32.14 -13.88 27.69
CA LEU C 130 31.28 -14.48 26.67
C LEU C 130 31.52 -15.98 26.48
N PHE C 131 32.78 -16.40 26.57
CA PHE C 131 33.16 -17.73 26.09
C PHE C 131 33.87 -18.61 27.10
N LYS C 132 34.61 -17.99 28.02
CA LYS C 132 35.48 -18.70 28.94
C LYS C 132 35.44 -18.10 30.36
N PRO C 133 34.33 -18.19 31.02
CA PRO C 133 34.19 -17.71 32.38
C PRO C 133 35.13 -18.40 33.35
N GLU C 134 35.34 -19.69 33.18
CA GLU C 134 36.18 -20.45 34.10
C GLU C 134 37.57 -19.88 34.19
N TYR C 135 38.07 -19.40 33.07
CA TYR C 135 39.38 -18.81 33.08
C TYR C 135 39.28 -17.62 33.98
N LEU C 136 38.18 -16.90 34.08
CA LEU C 136 38.22 -15.80 35.07
C LEU C 136 38.40 -16.27 36.55
N THR C 137 37.64 -17.31 36.88
CA THR C 137 37.63 -17.88 38.22
C THR C 137 38.99 -18.40 38.64
N ARG C 138 39.69 -19.01 37.71
CA ARG C 138 41.02 -19.54 37.98
C ARG C 138 41.92 -18.37 38.36
N MET C 139 41.68 -17.23 37.73
CA MET C 139 42.45 -16.04 38.02
C MET C 139 41.80 -15.27 39.17
N ALA C 140 41.49 -16.00 40.25
CA ALA C 140 40.87 -15.40 41.42
C ALA C 140 41.78 -14.37 42.06
N GLY C 141 43.07 -14.67 42.09
CA GLY C 141 44.05 -13.76 42.68
C GLY C 141 44.99 -13.21 41.63
N LYS C 142 45.13 -11.89 41.60
CA LYS C 142 45.99 -11.23 40.63
C LYS C 142 46.76 -10.08 41.27
N THR D 2 15.62 -27.30 50.34
CA THR D 2 17.02 -26.92 50.42
C THR D 2 17.20 -25.43 50.22
N LYS D 3 18.46 -25.00 50.16
CA LYS D 3 18.80 -23.59 49.97
C LYS D 3 19.83 -23.44 48.86
N LYS D 4 20.05 -22.23 48.40
CA LYS D 4 20.99 -22.02 47.32
C LYS D 4 21.62 -20.66 47.45
N VAL D 5 22.95 -20.62 47.37
CA VAL D 5 23.77 -19.43 47.54
C VAL D 5 24.64 -19.18 46.30
N GLY D 6 24.69 -17.92 45.88
CA GLY D 6 25.56 -17.51 44.80
C GLY D 6 26.76 -16.78 45.38
N ILE D 7 27.95 -17.02 44.83
CA ILE D 7 29.15 -16.30 45.26
C ILE D 7 29.81 -15.67 44.05
N VAL D 8 29.91 -14.35 44.09
CA VAL D 8 30.51 -13.58 43.00
C VAL D 8 31.78 -12.87 43.48
N ASP D 9 32.88 -13.15 42.79
CA ASP D 9 34.16 -12.57 43.16
C ASP D 9 34.81 -12.03 41.91
N THR D 10 36.05 -11.57 42.03
CA THR D 10 36.74 -10.92 40.93
C THR D 10 38.15 -11.46 40.69
N THR D 11 38.72 -11.12 39.54
CA THR D 11 40.13 -11.37 39.24
C THR D 11 41.01 -10.21 39.75
N PHE D 12 40.40 -9.03 39.88
CA PHE D 12 41.06 -7.84 40.41
C PHE D 12 41.58 -8.03 41.84
N ALA D 13 40.74 -8.62 42.70
CA ALA D 13 41.10 -8.85 44.09
C ALA D 13 42.43 -9.59 44.21
N ARG D 14 43.14 -9.33 45.29
CA ARG D 14 44.47 -9.87 45.47
C ARG D 14 44.50 -11.04 46.46
N VAL D 15 43.33 -11.33 47.04
CA VAL D 15 43.17 -12.51 47.89
C VAL D 15 41.95 -13.30 47.45
N ASP D 16 42.09 -14.61 47.32
CA ASP D 16 40.96 -15.48 47.00
C ASP D 16 40.07 -15.55 48.25
N MET D 17 38.90 -14.91 48.17
CA MET D 17 37.96 -14.84 49.29
C MET D 17 36.90 -15.94 49.22
N ALA D 18 36.65 -16.45 48.01
CA ALA D 18 35.57 -17.42 47.76
C ALA D 18 35.75 -18.80 48.40
N SER D 19 36.98 -19.32 48.40
CA SER D 19 37.22 -20.69 48.86
C SER D 19 36.85 -20.88 50.34
N ALA D 20 37.24 -19.90 51.16
CA ALA D 20 36.98 -19.91 52.60
C ALA D 20 35.50 -19.74 52.96
N ALA D 21 34.79 -18.96 52.14
CA ALA D 21 33.37 -18.73 52.32
C ALA D 21 32.60 -19.99 51.95
N ILE D 22 33.01 -20.62 50.83
CA ILE D 22 32.49 -21.90 50.36
C ILE D 22 32.68 -23.00 51.41
N LEU D 23 33.90 -23.09 51.96
CA LEU D 23 34.24 -24.07 52.98
C LEU D 23 33.40 -23.89 54.25
N THR D 24 33.26 -22.63 54.68
CA THR D 24 32.42 -22.30 55.82
C THR D 24 30.97 -22.78 55.72
N LEU D 25 30.34 -22.47 54.59
CA LEU D 25 28.94 -22.80 54.38
C LEU D 25 28.64 -24.31 54.26
N LYS D 26 29.54 -25.03 53.58
CA LYS D 26 29.46 -26.48 53.41
C LYS D 26 29.63 -27.13 54.80
N MET D 27 30.52 -26.56 55.60
CA MET D 27 30.75 -26.96 57.00
C MET D 27 29.49 -26.78 57.88
N GLU D 28 28.82 -25.63 57.75
CA GLU D 28 27.59 -25.37 58.51
C GLU D 28 26.36 -26.10 57.96
N SER D 29 26.22 -26.22 56.67
CA SER D 29 25.04 -26.88 56.16
C SER D 29 25.38 -28.21 55.60
N PRO D 30 24.43 -29.14 55.64
CA PRO D 30 24.68 -30.48 55.13
C PRO D 30 24.94 -30.58 53.63
N ASN D 31 24.14 -29.91 52.82
CA ASN D 31 24.32 -29.96 51.37
C ASN D 31 23.73 -28.77 50.61
N ILE D 32 23.98 -27.56 51.08
CA ILE D 32 23.45 -26.38 50.41
C ILE D 32 24.10 -26.24 49.05
N LYS D 33 23.34 -25.87 48.02
CA LYS D 33 23.91 -25.73 46.69
C LYS D 33 24.66 -24.42 46.54
N ILE D 34 25.82 -24.49 45.92
CA ILE D 34 26.67 -23.31 45.68
C ILE D 34 26.92 -23.10 44.19
N ILE D 35 26.86 -21.82 43.78
CA ILE D 35 27.12 -21.42 42.42
C ILE D 35 28.07 -20.22 42.47
N ARG D 36 29.09 -20.25 41.61
CA ARG D 36 30.15 -19.26 41.55
C ARG D 36 30.20 -18.61 40.18
N LYS D 37 30.38 -17.30 40.18
CA LYS D 37 30.74 -16.54 38.99
C LYS D 37 31.81 -15.57 39.40
N THR D 38 32.82 -15.45 38.54
CA THR D 38 33.91 -14.50 38.71
C THR D 38 33.82 -13.46 37.61
N VAL D 39 33.93 -12.20 37.99
CA VAL D 39 33.92 -11.10 37.05
C VAL D 39 35.30 -10.42 37.15
N PRO D 40 35.65 -9.58 36.19
CA PRO D 40 36.94 -8.87 36.25
C PRO D 40 37.09 -7.92 37.45
N GLY D 41 36.12 -7.02 37.62
CA GLY D 41 36.23 -5.96 38.59
C GLY D 41 35.05 -5.84 39.52
N ILE D 42 35.14 -4.88 40.41
CA ILE D 42 34.13 -4.64 41.43
C ILE D 42 32.86 -4.00 40.86
N LYS D 43 33.01 -3.22 39.79
CA LYS D 43 31.90 -2.60 39.09
C LYS D 43 31.11 -3.61 38.24
N ASP D 44 31.67 -4.80 38.06
CA ASP D 44 30.98 -5.86 37.32
C ASP D 44 30.17 -6.76 38.25
N LEU D 45 30.31 -6.53 39.55
CA LEU D 45 29.64 -7.33 40.58
C LEU D 45 28.10 -7.23 40.58
N PRO D 46 27.53 -6.01 40.57
CA PRO D 46 26.07 -5.86 40.66
C PRO D 46 25.21 -6.69 39.70
N VAL D 47 25.52 -6.72 38.40
CA VAL D 47 24.69 -7.46 37.44
C VAL D 47 24.88 -8.96 37.55
N ALA D 48 26.12 -9.39 37.78
CA ALA D 48 26.41 -10.82 37.96
C ALA D 48 25.63 -11.32 39.18
N CYS D 49 25.66 -10.54 40.26
CA CYS D 49 24.88 -10.83 41.46
C CYS D 49 23.38 -10.93 41.15
N LYS D 50 22.85 -9.96 40.39
CA LYS D 50 21.43 -9.94 40.03
C LYS D 50 21.01 -11.13 39.16
N LYS D 51 21.82 -11.45 38.15
CA LYS D 51 21.54 -12.63 37.33
C LYS D 51 21.53 -13.95 38.13
N LEU D 52 22.42 -14.06 39.12
CA LEU D 52 22.46 -15.26 39.96
C LEU D 52 21.17 -15.37 40.80
N LEU D 53 20.68 -14.23 41.28
CA LEU D 53 19.44 -14.20 42.04
C LEU D 53 18.22 -14.48 41.17
N GLU D 54 18.25 -13.97 39.93
CA GLU D 54 17.08 -14.03 39.09
C GLU D 54 17.07 -15.18 38.09
N GLU D 55 18.23 -15.61 37.61
CA GLU D 55 18.30 -16.57 36.51
C GLU D 55 18.92 -17.91 36.92
N GLU D 56 19.52 -17.94 38.11
CA GLU D 56 20.12 -19.18 38.60
C GLU D 56 19.46 -19.63 39.90
N GLY D 57 18.39 -18.92 40.28
CA GLY D 57 17.59 -19.24 41.44
C GLY D 57 18.28 -19.29 42.78
N CYS D 58 19.25 -18.40 43.00
CA CYS D 58 19.90 -18.28 44.30
C CYS D 58 19.00 -17.57 45.28
N ASP D 59 18.96 -18.08 46.51
CA ASP D 59 18.20 -17.44 47.58
C ASP D 59 18.94 -16.19 48.10
N ILE D 60 20.26 -16.23 48.02
CA ILE D 60 21.10 -15.15 48.53
C ILE D 60 22.43 -15.15 47.77
N VAL D 61 23.11 -14.01 47.79
CA VAL D 61 24.43 -13.91 47.16
C VAL D 61 25.47 -13.25 48.08
N MET D 62 26.70 -13.72 47.99
CA MET D 62 27.84 -13.03 48.59
C MET D 62 28.59 -12.35 47.48
N ALA D 63 28.76 -11.04 47.62
CA ALA D 63 29.51 -10.26 46.64
C ALA D 63 30.88 -9.93 47.23
N LEU D 64 31.93 -10.53 46.67
CA LEU D 64 33.28 -10.39 47.22
C LEU D 64 34.16 -9.53 46.34
N GLY D 65 34.73 -8.48 46.95
CA GLY D 65 35.63 -7.58 46.25
C GLY D 65 36.67 -6.92 47.13
N MET D 66 37.68 -6.35 46.50
CA MET D 66 38.75 -5.67 47.23
C MET D 66 39.09 -4.37 46.54
N PRO D 67 38.52 -3.27 47.02
CA PRO D 67 38.88 -1.95 46.52
C PRO D 67 40.38 -1.66 46.73
N GLY D 68 41.00 -0.99 45.76
CA GLY D 68 42.38 -0.56 45.86
C GLY D 68 42.52 0.59 46.84
N LYS D 69 43.66 1.28 46.76
CA LYS D 69 44.05 2.29 47.76
C LYS D 69 43.72 3.74 47.38
N ALA D 70 43.78 4.04 46.09
CA ALA D 70 43.55 5.39 45.57
C ALA D 70 42.12 5.89 45.81
N GLU D 71 41.96 7.21 45.87
CA GLU D 71 40.66 7.86 46.05
C GLU D 71 39.74 7.65 44.85
N LYS D 72 40.23 6.90 43.86
CA LYS D 72 39.47 6.58 42.66
C LYS D 72 38.88 5.17 42.74
N ASP D 73 39.58 4.28 43.44
CA ASP D 73 39.07 2.95 43.77
C ASP D 73 38.00 3.08 44.86
N LYS D 74 38.16 4.10 45.70
CA LYS D 74 37.16 4.47 46.69
C LYS D 74 35.81 4.82 46.04
N VAL D 75 35.87 5.53 44.91
CA VAL D 75 34.68 5.94 44.18
C VAL D 75 34.06 4.73 43.46
N CYS D 76 34.93 3.93 42.82
CA CYS D 76 34.51 2.64 42.22
C CYS D 76 33.73 1.74 43.20
N ALA D 77 34.23 1.58 44.43
CA ALA D 77 33.54 0.76 45.45
C ALA D 77 32.20 1.34 45.91
N HIS D 78 32.14 2.66 46.07
CA HIS D 78 30.90 3.36 46.39
C HIS D 78 29.87 3.12 45.29
N GLU D 79 30.31 3.29 44.04
CA GLU D 79 29.51 3.00 42.86
C GLU D 79 29.05 1.56 42.92
N ALA D 80 29.98 0.63 43.16
CA ALA D 80 29.67 -0.80 43.23
C ALA D 80 28.73 -1.15 44.39
N SER D 81 28.82 -0.41 45.50
CA SER D 81 27.96 -0.67 46.66
C SER D 81 26.49 -0.30 46.46
N LEU D 82 26.26 0.86 45.85
CA LEU D 82 24.91 1.28 45.47
C LEU D 82 24.28 0.28 44.49
N GLY D 83 25.04 -0.09 43.47
CA GLY D 83 24.67 -1.15 42.54
C GLY D 83 24.20 -2.39 43.27
N LEU D 84 25.00 -2.85 44.23
CA LEU D 84 24.60 -3.99 45.05
C LEU D 84 23.28 -3.75 45.76
N MET D 85 23.11 -2.57 46.33
CA MET D 85 21.86 -2.25 47.03
C MET D 85 20.66 -2.24 46.09
N LEU D 86 20.87 -1.70 44.89
CA LEU D 86 19.81 -1.59 43.89
C LEU D 86 19.41 -2.96 43.35
N ALA D 87 20.39 -3.84 43.17
CA ALA D 87 20.15 -5.21 42.76
C ALA D 87 19.33 -5.97 43.82
N GLN D 88 19.63 -5.74 45.09
CA GLN D 88 18.84 -6.28 46.19
C GLN D 88 17.40 -5.75 46.18
N LEU D 89 17.21 -4.46 45.97
CA LEU D 89 15.85 -3.91 46.01
C LEU D 89 14.98 -4.33 44.81
N MET D 90 15.62 -4.60 43.67
CA MET D 90 14.90 -5.04 42.47
C MET D 90 14.40 -6.48 42.61
N THR D 91 15.24 -7.33 43.22
CA THR D 91 14.91 -8.74 43.44
C THR D 91 14.39 -9.22 44.82
N ASN D 92 14.26 -8.34 45.82
CA ASN D 92 13.76 -8.78 47.13
C ASN D 92 14.56 -9.97 47.72
N LYS D 93 15.87 -9.82 47.68
CA LYS D 93 16.86 -10.81 48.09
C LYS D 93 18.15 -10.17 48.53
N HIS D 94 18.73 -10.71 49.60
CA HIS D 94 19.95 -10.16 50.18
C HIS D 94 21.15 -10.44 49.28
N ILE D 95 22.01 -9.44 49.19
CA ILE D 95 23.36 -9.63 48.73
C ILE D 95 24.22 -9.17 49.89
N ILE D 96 25.00 -10.08 50.44
CA ILE D 96 25.94 -9.72 51.49
C ILE D 96 27.23 -9.19 50.86
N GLU D 97 27.48 -7.89 51.01
CA GLU D 97 28.67 -7.27 50.45
C GLU D 97 29.92 -7.57 51.28
N VAL D 98 30.88 -8.28 50.67
CA VAL D 98 32.16 -8.53 51.35
C VAL D 98 33.32 -7.79 50.64
N PHE D 99 33.47 -6.52 50.98
CA PHE D 99 34.54 -5.68 50.45
C PHE D 99 35.65 -5.53 51.46
N VAL D 100 36.87 -5.89 51.06
CA VAL D 100 38.03 -5.65 51.90
C VAL D 100 38.94 -4.64 51.21
N HIS D 101 38.88 -3.37 51.61
CA HIS D 101 39.78 -2.34 51.07
C HIS D 101 41.23 -2.69 51.39
N GLU D 102 42.13 -2.39 50.47
CA GLU D 102 43.55 -2.66 50.68
C GLU D 102 44.15 -1.77 51.78
N ASP D 103 43.51 -0.63 52.07
CA ASP D 103 44.00 0.31 53.10
C ASP D 103 43.83 -0.20 54.54
N GLU D 104 43.09 -1.27 54.71
CA GLU D 104 42.74 -1.77 56.04
C GLU D 104 43.82 -2.66 56.65
N ALA D 105 44.69 -3.22 55.81
CA ALA D 105 45.80 -4.06 56.25
C ALA D 105 47.14 -3.29 56.11
N LYS D 106 48.13 -3.69 56.94
CA LYS D 106 49.41 -2.99 57.05
C LYS D 106 50.52 -3.64 56.21
N ASP D 107 50.22 -4.82 55.68
CA ASP D 107 51.10 -5.58 54.76
C ASP D 107 50.22 -6.62 54.07
N ASP D 108 50.82 -7.50 53.26
CA ASP D 108 50.03 -8.48 52.51
C ASP D 108 49.57 -9.66 53.37
N ALA D 109 50.39 -10.03 54.34
CA ALA D 109 50.07 -11.11 55.27
C ALA D 109 48.81 -10.80 56.05
N GLU D 110 48.69 -9.55 56.51
CA GLU D 110 47.49 -9.08 57.21
C GLU D 110 46.27 -9.09 56.30
N LEU D 111 46.46 -8.66 55.06
CA LEU D 111 45.39 -8.55 54.07
C LEU D 111 44.81 -9.89 53.64
N LYS D 112 45.69 -10.89 53.51
CA LYS D 112 45.26 -12.26 53.28
C LYS D 112 44.44 -12.74 54.48
N ILE D 113 44.97 -12.49 55.68
CA ILE D 113 44.29 -12.82 56.93
C ILE D 113 42.92 -12.14 57.07
N LEU D 114 42.92 -10.81 56.92
CA LEU D 114 41.71 -9.99 57.06
C LEU D 114 40.62 -10.37 56.09
N ALA D 115 40.98 -10.54 54.81
CA ALA D 115 40.01 -10.87 53.77
C ALA D 115 39.38 -12.24 53.99
N ALA D 116 40.19 -13.21 54.37
CA ALA D 116 39.73 -14.58 54.64
C ALA D 116 38.79 -14.63 55.84
N ARG D 117 39.12 -13.86 56.88
CA ARG D 117 38.33 -13.83 58.11
C ARG D 117 36.97 -13.16 57.89
N ARG D 118 36.99 -11.96 57.31
CA ARG D 118 35.77 -11.23 56.93
C ARG D 118 34.83 -12.11 56.07
N ALA D 119 35.40 -12.84 55.11
CA ALA D 119 34.67 -13.75 54.23
C ALA D 119 33.97 -14.86 55.01
N ILE D 120 34.73 -15.49 55.90
CA ILE D 120 34.24 -16.57 56.74
C ILE D 120 33.09 -16.13 57.64
N GLU D 121 33.29 -14.99 58.28
CA GLU D 121 32.35 -14.40 59.21
C GLU D 121 31.04 -14.08 58.55
N HIS D 122 31.13 -13.53 57.36
CA HIS D 122 29.99 -13.16 56.54
C HIS D 122 29.30 -14.42 56.02
N ALA D 123 30.09 -15.46 55.76
CA ALA D 123 29.58 -16.77 55.37
C ALA D 123 28.72 -17.35 56.49
N LEU D 124 29.15 -17.14 57.73
CA LEU D 124 28.37 -17.52 58.90
C LEU D 124 27.09 -16.68 58.99
N ASN D 125 27.18 -15.39 58.66
CA ASN D 125 26.00 -14.53 58.62
C ASN D 125 24.94 -14.98 57.62
N VAL D 126 25.40 -15.48 56.47
CA VAL D 126 24.52 -16.06 55.47
C VAL D 126 23.77 -17.27 56.02
N TYR D 127 24.51 -18.17 56.68
CA TYR D 127 23.94 -19.35 57.30
C TYR D 127 22.75 -18.99 58.18
N TYR D 128 22.95 -18.03 59.07
CA TYR D 128 21.91 -17.57 59.97
C TYR D 128 20.73 -16.94 59.24
N LEU D 129 21.03 -16.11 58.23
CA LEU D 129 19.96 -15.46 57.45
C LEU D 129 19.10 -16.49 56.74
N LEU D 130 19.73 -17.55 56.27
CA LEU D 130 19.06 -18.64 55.57
C LEU D 130 18.30 -19.59 56.49
N PHE D 131 18.87 -19.86 57.67
CA PHE D 131 18.41 -20.98 58.49
C PHE D 131 18.02 -20.64 59.91
N LYS D 132 18.64 -19.62 60.47
CA LYS D 132 18.51 -19.28 61.89
C LYS D 132 18.44 -17.76 62.11
N PRO D 133 17.42 -17.11 61.61
CA PRO D 133 17.27 -15.69 61.81
C PRO D 133 17.19 -15.30 63.27
N GLU D 134 16.53 -16.11 64.09
CA GLU D 134 16.37 -15.73 65.48
C GLU D 134 17.68 -15.49 66.19
N TYR D 135 18.70 -16.24 65.79
CA TYR D 135 19.99 -16.04 66.40
C TYR D 135 20.41 -14.64 66.06
N LEU D 136 20.16 -14.22 64.83
CA LEU D 136 20.57 -12.89 64.43
C LEU D 136 19.84 -11.90 65.27
N THR D 137 18.58 -12.16 65.52
CA THR D 137 17.78 -11.25 66.30
C THR D 137 18.36 -11.06 67.68
N ARG D 138 18.82 -12.12 68.33
CA ARG D 138 19.38 -11.94 69.66
C ARG D 138 20.63 -11.04 69.74
N MET D 139 21.55 -11.30 68.83
CA MET D 139 22.83 -10.63 68.74
C MET D 139 22.71 -9.14 68.47
N ALA D 140 21.54 -8.70 68.01
CA ALA D 140 21.37 -7.29 67.74
C ALA D 140 21.69 -6.52 69.01
N GLY D 141 22.52 -5.50 68.84
CA GLY D 141 22.96 -4.65 69.93
C GLY D 141 24.19 -5.26 70.57
N LYS D 142 24.50 -6.49 70.19
CA LYS D 142 25.67 -7.21 70.71
C LYS D 142 27.00 -6.60 70.28
N GLY D 143 27.08 -6.20 69.01
CA GLY D 143 28.29 -5.62 68.46
C GLY D 143 29.27 -6.68 67.98
N THR E 2 8.51 13.64 10.23
CA THR E 2 9.19 12.36 10.24
C THR E 2 9.99 12.17 11.53
N LYS E 3 10.45 13.29 12.08
CA LYS E 3 11.24 13.29 13.31
C LYS E 3 10.64 14.33 14.26
N LYS E 4 10.90 14.20 15.55
CA LYS E 4 10.31 15.14 16.48
C LYS E 4 11.27 15.39 17.62
N VAL E 5 11.35 16.62 18.07
CA VAL E 5 12.26 17.05 19.13
C VAL E 5 11.53 17.89 20.18
N GLY E 6 11.80 17.61 21.45
CA GLY E 6 11.27 18.40 22.55
C GLY E 6 12.39 19.30 23.08
N ILE E 7 12.04 20.53 23.42
CA ILE E 7 12.99 21.46 24.03
C ILE E 7 12.43 21.99 25.33
N VAL E 8 13.13 21.70 26.42
CA VAL E 8 12.73 22.13 27.75
C VAL E 8 13.75 23.10 28.35
N ASP E 9 13.25 24.28 28.71
CA ASP E 9 14.12 25.32 29.25
C ASP E 9 13.46 25.86 30.51
N THR E 10 14.04 26.92 31.06
CA THR E 10 13.58 27.45 32.34
C THR E 10 13.40 28.97 32.31
N THR E 11 12.71 29.50 33.33
CA THR E 11 12.62 30.93 33.58
C THR E 11 13.81 31.42 34.43
N PHE E 12 14.39 30.49 35.21
CA PHE E 12 15.56 30.75 36.04
C PHE E 12 16.77 31.21 35.22
N ALA E 13 17.03 30.52 34.11
CA ALA E 13 18.16 30.83 33.24
C ALA E 13 18.15 32.32 32.85
N ARG E 14 19.35 32.85 32.64
CA ARG E 14 19.51 34.27 32.39
C ARG E 14 19.76 34.56 30.90
N VAL E 15 19.87 33.49 30.11
CA VAL E 15 19.96 33.63 28.65
C VAL E 15 18.95 32.70 27.99
N ASP E 16 18.22 33.22 27.01
CA ASP E 16 17.30 32.40 26.23
C ASP E 16 18.11 31.49 25.32
N MET E 17 18.14 30.21 25.65
CA MET E 17 18.92 29.21 24.91
C MET E 17 18.10 28.52 23.82
N ALA E 18 16.78 28.50 24.00
CA ALA E 18 15.86 27.75 23.12
C ALA E 18 15.74 28.28 21.68
N SER E 19 15.73 29.60 21.52
CA SER E 19 15.50 30.19 20.19
C SER E 19 16.57 29.80 19.17
N ALA E 20 17.83 29.84 19.62
CA ALA E 20 18.98 29.50 18.79
C ALA E 20 19.07 28.02 18.44
N ALA E 21 18.63 27.18 19.36
CA ALA E 21 18.60 25.73 19.15
C ALA E 21 17.51 25.39 18.14
N ILE E 22 16.34 26.03 18.32
CA ILE E 22 15.19 25.92 17.42
C ILE E 22 15.57 26.35 16.00
N LEU E 23 16.23 27.51 15.89
CA LEU E 23 16.68 28.05 14.60
C LEU E 23 17.67 27.11 13.90
N THR E 24 18.63 26.60 14.66
CA THR E 24 19.58 25.62 14.16
C THR E 24 18.96 24.38 13.52
N LEU E 25 18.04 23.76 14.25
CA LEU E 25 17.40 22.52 13.78
C LEU E 25 16.48 22.67 12.55
N LYS E 26 15.75 23.79 12.52
CA LYS E 26 14.87 24.14 11.40
C LYS E 26 15.75 24.40 10.17
N MET E 27 16.89 25.03 10.39
CA MET E 27 17.92 25.27 9.36
C MET E 27 18.49 23.96 8.77
N GLU E 28 18.81 23.00 9.65
CA GLU E 28 19.34 21.71 9.20
C GLU E 28 18.26 20.77 8.62
N SER E 29 17.08 20.76 9.22
CA SER E 29 16.05 19.92 8.68
C SER E 29 15.00 20.92 8.39
N PRO E 30 14.48 20.94 7.17
CA PRO E 30 13.41 21.91 6.90
C PRO E 30 12.13 21.52 7.64
N ASN E 31 11.74 20.26 7.55
CA ASN E 31 10.48 19.76 8.11
C ASN E 31 10.35 19.24 9.55
N ILE E 32 11.40 19.29 10.36
CA ILE E 32 11.31 18.76 11.72
C ILE E 32 10.29 19.45 12.65
N LYS E 33 9.57 18.62 13.41
CA LYS E 33 8.58 19.04 14.40
C LYS E 33 9.26 19.47 15.69
N ILE E 34 8.80 20.57 16.28
CA ILE E 34 9.36 21.06 17.55
C ILE E 34 8.26 21.31 18.58
N ILE E 35 8.54 20.93 19.81
CA ILE E 35 7.65 21.16 20.93
C ILE E 35 8.47 21.72 22.09
N ARG E 36 7.95 22.75 22.74
CA ARG E 36 8.61 23.49 23.80
C ARG E 36 7.79 23.44 25.08
N LYS E 37 8.48 23.24 26.20
CA LYS E 37 7.92 23.43 27.52
C LYS E 37 8.97 24.17 28.31
N THR E 38 8.51 25.15 29.09
CA THR E 38 9.35 25.92 30.00
C THR E 38 8.91 25.60 31.41
N VAL E 39 9.89 25.32 32.26
CA VAL E 39 9.65 25.06 33.67
C VAL E 39 10.35 26.17 34.46
N PRO E 40 10.03 26.33 35.74
CA PRO E 40 10.70 27.37 36.57
C PRO E 40 12.21 27.16 36.72
N GLY E 41 12.60 25.96 37.17
CA GLY E 41 13.98 25.71 37.54
C GLY E 41 14.57 24.48 36.89
N ILE E 42 15.83 24.24 37.23
CA ILE E 42 16.59 23.14 36.67
C ILE E 42 16.18 21.78 37.24
N LYS E 43 15.69 21.77 38.47
CA LYS E 43 15.18 20.58 39.12
C LYS E 43 13.80 20.16 38.59
N ASP E 44 13.17 21.04 37.82
CA ASP E 44 11.88 20.74 37.22
C ASP E 44 12.05 20.16 35.80
N LEU E 45 13.29 20.15 35.33
CA LEU E 45 13.62 19.66 33.99
C LEU E 45 13.36 18.17 33.74
N PRO E 46 13.84 17.28 34.62
CA PRO E 46 13.70 15.82 34.41
C PRO E 46 12.29 15.31 34.06
N VAL E 47 11.26 15.69 34.79
CA VAL E 47 9.89 15.17 34.53
C VAL E 47 9.29 15.77 33.28
N ALA E 48 9.52 17.07 33.06
CA ALA E 48 9.03 17.74 31.85
C ALA E 48 9.64 17.06 30.63
N CYS E 49 10.94 16.79 30.69
CA CYS E 49 11.65 16.06 29.66
C CYS E 49 11.03 14.67 29.43
N LYS E 50 10.76 13.93 30.51
CA LYS E 50 10.19 12.59 30.42
C LYS E 50 8.77 12.58 29.83
N LYS E 51 7.93 13.52 30.27
CA LYS E 51 6.59 13.64 29.69
C LYS E 51 6.61 13.94 28.18
N LEU E 52 7.56 14.78 27.75
CA LEU E 52 7.69 15.09 26.33
C LEU E 52 8.08 13.85 25.52
N LEU E 53 8.96 13.02 26.08
CA LEU E 53 9.35 11.78 25.46
C LEU E 53 8.23 10.74 25.44
N GLU E 54 7.46 10.70 26.52
CA GLU E 54 6.46 9.65 26.69
C GLU E 54 5.05 10.03 26.26
N GLU E 55 4.67 11.30 26.42
CA GLU E 55 3.28 11.71 26.23
C GLU E 55 3.09 12.66 25.04
N GLU E 56 4.19 13.16 24.50
CA GLU E 56 4.11 14.07 23.35
C GLU E 56 4.84 13.47 22.15
N GLY E 57 5.31 12.22 22.31
CA GLY E 57 5.95 11.48 21.26
C GLY E 57 7.21 12.07 20.65
N CYS E 58 8.03 12.72 21.46
CA CYS E 58 9.31 13.23 21.00
C CYS E 58 10.32 12.10 20.86
N ASP E 59 11.09 12.13 19.78
CA ASP E 59 12.15 11.16 19.59
C ASP E 59 13.37 11.48 20.48
N ILE E 60 13.54 12.75 20.78
CA ILE E 60 14.68 13.22 21.54
C ILE E 60 14.31 14.53 22.24
N VAL E 61 15.04 14.87 23.30
CA VAL E 61 14.83 16.14 24.00
C VAL E 61 16.15 16.88 24.25
N MET E 62 16.08 18.21 24.18
CA MET E 62 17.17 19.06 24.65
C MET E 62 16.73 19.65 25.96
N ALA E 63 17.53 19.44 27.00
CA ALA E 63 17.26 20.00 28.32
C ALA E 63 18.18 21.18 28.57
N LEU E 64 17.63 22.37 28.58
CA LEU E 64 18.43 23.59 28.69
C LEU E 64 18.31 24.25 30.06
N GLY E 65 19.46 24.46 30.71
CA GLY E 65 19.50 25.10 32.01
C GLY E 65 20.79 25.85 32.28
N MET E 66 20.76 26.71 33.29
CA MET E 66 21.91 27.50 33.69
C MET E 66 22.05 27.48 35.20
N PRO E 67 22.89 26.59 35.71
CA PRO E 67 23.20 26.60 37.15
C PRO E 67 23.83 27.93 37.58
N GLY E 68 23.46 28.39 38.78
CA GLY E 68 24.05 29.59 39.36
C GLY E 68 25.47 29.34 39.81
N LYS E 69 25.98 30.22 40.66
CA LYS E 69 27.41 30.26 41.02
C LYS E 69 27.75 29.56 42.35
N ALA E 70 26.81 29.61 43.30
CA ALA E 70 27.01 29.03 44.63
C ALA E 70 27.16 27.50 44.62
N GLU E 71 27.84 26.98 45.64
CA GLU E 71 28.06 25.54 45.80
C GLU E 71 26.75 24.80 46.08
N LYS E 72 25.64 25.54 46.10
CA LYS E 72 24.32 24.97 46.31
C LYS E 72 23.57 24.81 45.00
N ASP E 73 23.84 25.70 44.04
CA ASP E 73 23.35 25.56 42.66
C ASP E 73 24.11 24.42 41.97
N LYS E 74 25.36 24.23 42.39
CA LYS E 74 26.18 23.11 41.95
C LYS E 74 25.54 21.77 42.31
N VAL E 75 24.96 21.69 43.50
CA VAL E 75 24.29 20.48 43.98
C VAL E 75 22.96 20.29 43.25
N CYS E 76 22.19 21.37 43.10
CA CYS E 76 20.97 21.38 42.29
C CYS E 76 21.19 20.83 40.87
N ALA E 77 22.25 21.27 40.18
CA ALA E 77 22.55 20.79 38.82
C ALA E 77 22.95 19.31 38.77
N HIS E 78 23.73 18.87 39.76
CA HIS E 78 24.11 17.46 39.90
C HIS E 78 22.85 16.61 40.08
N GLU E 79 21.97 17.06 40.98
CA GLU E 79 20.66 16.46 41.20
C GLU E 79 19.89 16.42 39.89
N ALA E 80 19.83 17.57 39.21
CA ALA E 80 19.12 17.67 37.92
C ALA E 80 19.73 16.80 36.83
N SER E 81 21.05 16.60 36.86
CA SER E 81 21.72 15.78 35.83
C SER E 81 21.44 14.28 35.94
N LEU E 82 21.46 13.78 37.18
CA LEU E 82 21.07 12.38 37.44
C LEU E 82 19.61 12.13 37.02
N GLY E 83 18.72 13.03 37.42
CA GLY E 83 17.34 13.02 36.98
C GLY E 83 17.24 12.88 35.46
N LEU E 84 17.98 13.71 34.74
CA LEU E 84 18.03 13.62 33.29
C LEU E 84 18.48 12.24 32.83
N MET E 85 19.51 11.70 33.45
CA MET E 85 20.01 10.37 33.07
C MET E 85 18.97 9.27 33.34
N LEU E 86 18.27 9.41 34.46
CA LEU E 86 17.27 8.43 34.87
C LEU E 86 16.05 8.46 33.95
N ALA E 87 15.66 9.67 33.53
CA ALA E 87 14.58 9.85 32.58
C ALA E 87 14.93 9.21 31.22
N GLN E 88 16.17 9.36 30.80
CA GLN E 88 16.68 8.68 29.60
C GLN E 88 16.64 7.14 29.73
N LEU E 89 17.06 6.61 30.87
CA LEU E 89 17.09 5.16 31.01
C LEU E 89 15.70 4.51 31.14
N MET E 90 14.73 5.28 31.65
CA MET E 90 13.35 4.79 31.79
C MET E 90 12.65 4.73 30.42
N THR E 91 12.92 5.72 29.57
CA THR E 91 12.32 5.81 28.23
C THR E 91 13.14 5.35 26.99
N ASN E 92 14.39 4.91 27.15
CA ASN E 92 15.17 4.47 25.98
C ASN E 92 15.24 5.54 24.87
N LYS E 93 15.55 6.76 25.28
CA LYS E 93 15.61 7.96 24.45
C LYS E 93 16.56 8.98 25.02
N HIS E 94 17.32 9.62 24.13
CA HIS E 94 18.33 10.60 24.51
C HIS E 94 17.69 11.88 25.02
N ILE E 95 18.28 12.41 26.07
CA ILE E 95 18.07 13.80 26.44
C ILE E 95 19.44 14.41 26.37
N ILE E 96 19.61 15.39 25.49
CA ILE E 96 20.88 16.13 25.42
C ILE E 96 20.88 17.25 26.47
N GLU E 97 21.70 17.10 27.50
CA GLU E 97 21.78 18.10 28.56
C GLU E 97 22.58 19.32 28.12
N VAL E 98 21.91 20.48 28.06
CA VAL E 98 22.61 21.74 27.79
C VAL E 98 22.62 22.69 28.99
N PHE E 99 23.58 22.44 29.89
CA PHE E 99 23.77 23.25 31.09
C PHE E 99 24.92 24.21 30.90
N VAL E 100 24.65 25.51 31.06
CA VAL E 100 25.71 26.51 31.06
C VAL E 100 25.82 27.13 32.45
N HIS E 101 26.79 26.68 33.26
CA HIS E 101 27.02 27.28 34.57
C HIS E 101 27.40 28.74 34.42
N GLU E 102 26.98 29.59 35.36
CA GLU E 102 27.30 31.00 35.32
C GLU E 102 28.79 31.26 35.57
N ASP E 103 29.48 30.30 36.22
CA ASP E 103 30.92 30.44 36.54
C ASP E 103 31.83 30.33 35.34
N GLU E 104 31.30 29.90 34.21
CA GLU E 104 32.10 29.64 33.01
C GLU E 104 32.39 30.88 32.17
N ALA E 105 31.58 31.92 32.35
CA ALA E 105 31.77 33.20 31.67
C ALA E 105 32.30 34.28 32.64
N LYS E 106 33.00 35.27 32.09
CA LYS E 106 33.70 36.30 32.87
C LYS E 106 32.89 37.60 33.01
N ASP E 107 31.79 37.69 32.27
CA ASP E 107 30.83 38.79 32.30
C ASP E 107 29.54 38.30 31.64
N ASP E 108 28.55 39.17 31.48
CA ASP E 108 27.27 38.74 30.92
C ASP E 108 27.31 38.58 29.40
N ALA E 109 28.11 39.41 28.74
CA ALA E 109 28.29 39.36 27.30
C ALA E 109 28.85 38.01 26.88
N GLU E 110 29.84 37.52 27.62
CA GLU E 110 30.41 36.19 27.38
C GLU E 110 29.39 35.07 27.61
N LEU E 111 28.59 35.21 28.67
CA LEU E 111 27.59 34.22 29.06
C LEU E 111 26.45 34.08 28.07
N LYS E 112 26.02 35.21 27.50
CA LYS E 112 25.06 35.21 26.41
C LYS E 112 25.67 34.48 25.22
N ILE E 113 26.91 34.84 24.88
CA ILE E 113 27.66 34.21 23.80
C ILE E 113 27.84 32.69 24.01
N LEU E 114 28.38 32.32 25.17
CA LEU E 114 28.66 30.93 25.51
C LEU E 114 27.42 30.05 25.49
N ALA E 115 26.34 30.53 26.11
CA ALA E 115 25.09 29.76 26.20
C ALA E 115 24.46 29.52 24.84
N ALA E 116 24.46 30.56 24.00
CA ALA E 116 23.92 30.49 22.64
C ALA E 116 24.72 29.53 21.76
N ARG E 117 26.03 29.56 21.90
CA ARG E 117 26.93 28.72 21.10
C ARG E 117 26.81 27.23 21.49
N ARG E 118 26.91 26.95 22.79
CA ARG E 118 26.71 25.61 23.33
C ARG E 118 25.35 25.01 22.87
N ALA E 119 24.30 25.83 22.91
CA ALA E 119 22.95 25.44 22.48
C ALA E 119 22.92 25.04 21.01
N ILE E 120 23.52 25.88 20.18
CA ILE E 120 23.60 25.63 18.75
C ILE E 120 24.40 24.39 18.39
N GLU E 121 25.54 24.21 19.05
CA GLU E 121 26.41 23.06 18.79
C GLU E 121 25.69 21.76 19.13
N HIS E 122 24.98 21.79 20.24
CA HIS E 122 24.24 20.65 20.74
C HIS E 122 23.03 20.38 19.86
N ALA E 123 22.46 21.45 19.31
CA ALA E 123 21.37 21.36 18.33
C ALA E 123 21.85 20.63 17.09
N LEU E 124 23.09 20.91 16.68
CA LEU E 124 23.73 20.20 15.58
C LEU E 124 23.96 18.72 15.95
N ASN E 125 24.34 18.47 17.21
CA ASN E 125 24.50 17.09 17.68
C ASN E 125 23.21 16.27 17.63
N VAL E 126 22.09 16.92 17.93
CA VAL E 126 20.78 16.31 17.81
C VAL E 126 20.49 15.90 16.38
N TYR E 127 20.75 16.83 15.44
CA TYR E 127 20.56 16.57 14.01
C TYR E 127 21.24 15.27 13.60
N TYR E 128 22.53 15.15 13.94
CA TYR E 128 23.32 13.95 13.63
C TYR E 128 22.77 12.70 14.29
N LEU E 129 22.38 12.81 15.57
CA LEU E 129 21.83 11.66 16.30
C LEU E 129 20.53 11.16 15.65
N LEU E 130 19.73 12.11 15.16
CA LEU E 130 18.46 11.81 14.50
C LEU E 130 18.62 11.30 13.07
N PHE E 131 19.59 11.85 12.34
CA PHE E 131 19.64 11.68 10.89
C PHE E 131 20.91 11.11 10.33
N LYS E 132 22.02 11.39 10.99
CA LYS E 132 23.35 11.06 10.48
C LYS E 132 24.29 10.56 11.61
N PRO E 133 23.97 9.41 12.18
CA PRO E 133 24.83 8.84 13.21
C PRO E 133 26.23 8.56 12.66
N GLU E 134 26.34 8.17 11.38
CA GLU E 134 27.63 7.82 10.83
C GLU E 134 28.68 8.92 10.92
N TYR E 135 28.28 10.17 10.80
CA TYR E 135 29.23 11.25 10.90
C TYR E 135 29.83 11.20 12.29
N LEU E 136 28.96 10.96 13.26
CA LEU E 136 29.42 10.92 14.62
C LEU E 136 30.39 9.80 14.79
N THR E 137 30.08 8.66 14.18
CA THR E 137 30.95 7.52 14.32
C THR E 137 32.30 7.89 13.74
N ARG E 138 32.32 8.58 12.63
CA ARG E 138 33.59 8.95 12.03
C ARG E 138 34.42 9.83 12.93
N MET E 139 33.80 10.82 13.57
CA MET E 139 34.52 11.74 14.43
C MET E 139 34.94 11.15 15.76
N ALA E 140 35.00 9.83 15.85
CA ALA E 140 35.41 9.21 17.09
C ALA E 140 36.84 9.61 17.39
N GLY E 141 37.11 9.97 18.64
CA GLY E 141 38.45 10.37 19.04
C GLY E 141 38.75 11.80 18.64
N LYS E 142 37.75 12.47 18.07
CA LYS E 142 37.89 13.86 17.63
C LYS E 142 37.99 14.80 18.82
N GLY E 143 38.75 15.89 18.65
CA GLY E 143 38.91 16.86 19.70
C GLY E 143 37.60 17.53 20.08
N THR F 2 16.69 -2.95 -5.83
CA THR F 2 17.97 -2.53 -6.41
C THR F 2 18.27 -3.29 -7.69
N LYS F 3 19.46 -3.08 -8.24
CA LYS F 3 19.88 -3.74 -9.47
C LYS F 3 21.08 -4.61 -9.17
N LYS F 4 21.05 -5.85 -9.63
CA LYS F 4 22.15 -6.77 -9.36
C LYS F 4 22.94 -7.21 -10.59
N VAL F 5 24.26 -7.11 -10.49
CA VAL F 5 25.23 -7.49 -11.51
C VAL F 5 26.14 -8.62 -11.02
N GLY F 6 26.33 -9.62 -11.88
CA GLY F 6 27.26 -10.70 -11.60
C GLY F 6 28.53 -10.48 -12.41
N ILE F 7 29.68 -10.75 -11.79
CA ILE F 7 30.97 -10.66 -12.50
C ILE F 7 31.71 -11.96 -12.37
N VAL F 8 31.97 -12.58 -13.53
CA VAL F 8 32.68 -13.87 -13.58
C VAL F 8 34.01 -13.71 -14.30
N ASP F 9 35.06 -14.10 -13.60
CA ASP F 9 36.41 -13.98 -14.16
C ASP F 9 37.13 -15.29 -13.92
N THR F 10 38.42 -15.31 -14.24
CA THR F 10 39.18 -16.56 -14.19
C THR F 10 40.53 -16.39 -13.46
N THR F 11 41.15 -17.53 -13.12
CA THR F 11 42.52 -17.57 -12.61
C THR F 11 43.52 -17.63 -13.77
N PHE F 12 43.07 -18.15 -14.91
CA PHE F 12 43.87 -18.24 -16.14
C PHE F 12 44.35 -16.87 -16.63
N ALA F 13 43.43 -15.89 -16.64
CA ALA F 13 43.74 -14.54 -17.10
C ALA F 13 44.98 -13.99 -16.38
N ARG F 14 45.71 -13.12 -17.08
CA ARG F 14 46.96 -12.62 -16.57
C ARG F 14 46.83 -11.18 -16.06
N VAL F 15 45.64 -10.61 -16.21
CA VAL F 15 45.33 -9.30 -15.63
C VAL F 15 44.01 -9.37 -14.86
N ASP F 16 43.99 -8.82 -13.67
CA ASP F 16 42.77 -8.74 -12.88
C ASP F 16 41.87 -7.69 -13.53
N MET F 17 40.80 -8.16 -14.15
CA MET F 17 39.86 -7.29 -14.87
C MET F 17 38.67 -6.88 -14.00
N ALA F 18 38.37 -7.69 -12.98
CA ALA F 18 37.18 -7.49 -12.13
C ALA F 18 37.19 -6.25 -11.25
N SER F 19 38.34 -5.92 -10.67
CA SER F 19 38.41 -4.81 -9.71
C SER F 19 38.00 -3.47 -10.32
N ALA F 20 38.50 -3.22 -11.53
CA ALA F 20 38.24 -1.98 -12.27
C ALA F 20 36.79 -1.86 -12.74
N ALA F 21 36.19 -3.00 -13.08
CA ALA F 21 34.81 -3.04 -13.52
C ALA F 21 33.90 -2.78 -12.32
N ILE F 22 34.23 -3.42 -11.20
CA ILE F 22 33.55 -3.24 -9.90
C ILE F 22 33.60 -1.77 -9.46
N LEU F 23 34.79 -1.16 -9.53
CA LEU F 23 35.01 0.23 -9.16
C LEU F 23 34.18 1.18 -10.05
N THR F 24 34.20 0.93 -11.36
CA THR F 24 33.39 1.69 -12.30
C THR F 24 31.90 1.75 -11.99
N LEU F 25 31.31 0.59 -11.76
CA LEU F 25 29.87 0.49 -11.50
C LEU F 25 29.38 1.09 -10.17
N LYS F 26 30.22 0.92 -9.13
CA LYS F 26 29.96 1.48 -7.80
C LYS F 26 30.04 3.01 -7.91
N MET F 27 30.99 3.49 -8.71
CA MET F 27 31.16 4.91 -9.05
C MET F 27 29.92 5.49 -9.78
N GLU F 28 29.48 4.78 -10.81
CA GLU F 28 28.34 5.21 -11.60
C GLU F 28 27.06 5.21 -10.81
N SER F 29 26.80 4.11 -10.10
CA SER F 29 25.62 3.99 -9.25
C SER F 29 26.03 3.50 -7.87
N PRO F 30 25.75 4.27 -6.82
CA PRO F 30 26.14 3.86 -5.45
C PRO F 30 25.36 2.66 -4.90
N ASN F 31 24.09 2.57 -5.28
CA ASN F 31 23.16 1.52 -4.85
C ASN F 31 23.36 0.07 -5.31
N ILE F 32 23.90 -0.11 -6.51
CA ILE F 32 24.04 -1.44 -7.08
C ILE F 32 24.80 -2.53 -6.31
N LYS F 33 24.18 -3.71 -6.32
CA LYS F 33 24.61 -4.98 -5.74
C LYS F 33 25.59 -5.68 -6.69
N ILE F 34 26.65 -6.26 -6.14
CA ILE F 34 27.65 -6.97 -6.94
C ILE F 34 27.92 -8.38 -6.37
N ILE F 35 28.03 -9.34 -7.25
CA ILE F 35 28.35 -10.71 -6.90
C ILE F 35 29.44 -11.20 -7.85
N ARG F 36 30.45 -11.87 -7.29
CA ARG F 36 31.62 -12.32 -8.01
C ARG F 36 31.77 -13.83 -7.88
N LYS F 37 32.11 -14.48 -8.99
CA LYS F 37 32.55 -15.86 -9.01
C LYS F 37 33.74 -15.91 -9.94
N THR F 38 34.76 -16.64 -9.51
CA THR F 38 35.97 -16.89 -10.29
C THR F 38 36.00 -18.37 -10.64
N VAL F 39 36.27 -18.65 -11.90
CA VAL F 39 36.41 -20.01 -12.38
C VAL F 39 37.84 -20.17 -12.88
N PRO F 40 38.31 -21.39 -13.09
CA PRO F 40 39.68 -21.61 -13.59
C PRO F 40 39.94 -21.03 -14.98
N GLY F 41 39.09 -21.39 -15.95
CA GLY F 41 39.32 -21.07 -17.34
C GLY F 41 38.14 -20.41 -18.02
N ILE F 42 38.36 -20.10 -19.29
CA ILE F 42 37.37 -19.41 -20.10
C ILE F 42 36.19 -20.31 -20.50
N LYS F 43 36.45 -21.61 -20.62
CA LYS F 43 35.42 -22.59 -20.92
C LYS F 43 34.52 -22.88 -19.71
N ASP F 44 34.94 -22.41 -18.53
CA ASP F 44 34.13 -22.58 -17.33
C ASP F 44 33.21 -21.38 -17.10
N LEU F 45 33.37 -20.36 -17.94
CA LEU F 45 32.59 -19.12 -17.83
C LEU F 45 31.08 -19.27 -18.08
N PRO F 46 30.66 -19.91 -19.18
CA PRO F 46 29.23 -20.02 -19.51
C PRO F 46 28.28 -20.50 -18.39
N VAL F 47 28.60 -21.59 -17.69
CA VAL F 47 27.69 -22.11 -16.66
C VAL F 47 27.69 -21.25 -15.41
N ALA F 48 28.87 -20.75 -15.02
CA ALA F 48 28.97 -19.87 -13.87
C ALA F 48 28.13 -18.62 -14.12
N CYS F 49 28.25 -18.07 -15.32
CA CYS F 49 27.44 -16.94 -15.75
C CYS F 49 25.93 -17.26 -15.66
N LYS F 50 25.53 -18.43 -16.16
CA LYS F 50 24.13 -18.85 -16.15
C LYS F 50 23.56 -19.06 -14.75
N LYS F 51 24.34 -19.71 -13.87
CA LYS F 51 23.94 -19.85 -12.48
C LYS F 51 23.75 -18.50 -11.76
N LEU F 52 24.61 -17.53 -12.05
CA LEU F 52 24.50 -16.21 -11.45
C LEU F 52 23.21 -15.52 -11.90
N LEU F 53 22.85 -15.70 -13.17
CA LEU F 53 21.61 -15.14 -13.70
C LEU F 53 20.38 -15.85 -13.15
N GLU F 54 20.48 -17.16 -12.98
CA GLU F 54 19.31 -17.94 -12.61
C GLU F 54 19.16 -18.23 -11.13
N GLU F 55 20.27 -18.36 -10.41
CA GLU F 55 20.23 -18.83 -9.02
C GLU F 55 20.68 -17.76 -8.01
N GLU F 56 21.27 -16.69 -8.50
CA GLU F 56 21.70 -15.60 -7.64
C GLU F 56 20.98 -14.31 -7.96
N GLY F 57 20.01 -14.40 -8.87
CA GLY F 57 19.16 -13.29 -9.25
C GLY F 57 19.84 -12.05 -9.81
N CYS F 58 20.90 -12.24 -10.59
CA CYS F 58 21.55 -11.14 -11.27
C CYS F 58 20.74 -10.69 -12.47
N ASP F 59 20.63 -9.38 -12.65
CA ASP F 59 19.95 -8.82 -13.82
C ASP F 59 20.83 -8.94 -15.07
N ILE F 60 22.14 -8.91 -14.86
CA ILE F 60 23.10 -8.93 -15.96
C ILE F 60 24.42 -9.51 -15.45
N VAL F 61 25.25 -10.01 -16.35
CA VAL F 61 26.56 -10.52 -16.00
C VAL F 61 27.66 -9.97 -16.93
N MET F 62 28.83 -9.73 -16.34
CA MET F 62 30.04 -9.47 -17.11
C MET F 62 30.87 -10.72 -17.07
N ALA F 63 31.21 -11.24 -18.25
CA ALA F 63 32.06 -12.42 -18.36
C ALA F 63 33.45 -11.99 -18.80
N LEU F 64 34.42 -12.10 -17.89
CA LEU F 64 35.77 -11.61 -18.15
C LEU F 64 36.77 -12.73 -18.36
N GLY F 65 37.46 -12.69 -19.50
CA GLY F 65 38.46 -13.68 -19.83
C GLY F 65 39.57 -13.16 -20.74
N MET F 66 40.65 -13.92 -20.81
CA MET F 66 41.79 -13.56 -21.64
C MET F 66 42.29 -14.78 -22.38
N PRO F 67 41.85 -14.94 -23.63
CA PRO F 67 42.38 -16.01 -24.48
C PRO F 67 43.90 -15.87 -24.68
N GLY F 68 44.60 -17.00 -24.71
CA GLY F 68 46.03 -17.03 -24.98
C GLY F 68 46.31 -16.74 -26.45
N LYS F 69 47.51 -17.08 -26.89
CA LYS F 69 48.02 -16.69 -28.22
C LYS F 69 47.88 -17.75 -29.31
N ALA F 70 47.98 -19.02 -28.91
CA ALA F 70 47.92 -20.15 -29.84
C ALA F 70 46.56 -20.28 -30.53
N GLU F 71 46.58 -20.91 -31.72
CA GLU F 71 45.37 -21.16 -32.50
C GLU F 71 44.42 -22.15 -31.81
N LYS F 72 44.83 -22.61 -30.63
CA LYS F 72 44.04 -23.54 -29.83
C LYS F 72 43.28 -22.81 -28.71
N ASP F 73 43.86 -21.72 -28.21
CA ASP F 73 43.20 -20.80 -27.29
C ASP F 73 42.13 -20.01 -28.06
N LYS F 74 42.41 -19.77 -29.34
CA LYS F 74 41.46 -19.17 -30.26
C LYS F 74 40.17 -19.98 -30.38
N VAL F 75 40.32 -21.31 -30.43
CA VAL F 75 39.20 -22.23 -30.52
C VAL F 75 38.45 -22.30 -29.19
N CYS F 76 39.20 -22.40 -28.09
CA CYS F 76 38.64 -22.30 -26.72
C CYS F 76 37.75 -21.06 -26.52
N ALA F 77 38.21 -19.88 -26.95
CA ALA F 77 37.43 -18.65 -26.82
C ALA F 77 36.16 -18.62 -27.69
N HIS F 78 36.26 -19.15 -28.91
CA HIS F 78 35.11 -19.29 -29.81
C HIS F 78 34.07 -20.20 -29.16
N GLU F 79 34.54 -21.33 -28.63
CA GLU F 79 33.72 -22.26 -27.87
C GLU F 79 33.09 -21.53 -26.70
N ALA F 80 33.90 -20.80 -25.93
CA ALA F 80 33.41 -20.05 -24.77
C ALA F 80 32.42 -18.95 -25.15
N SER F 81 32.59 -18.34 -26.32
CA SER F 81 31.69 -17.26 -26.77
C SER F 81 30.29 -17.72 -27.14
N LEU F 82 30.21 -18.84 -27.86
CA LEU F 82 28.92 -19.47 -28.17
C LEU F 82 28.19 -19.87 -26.88
N GLY F 83 28.90 -20.52 -25.97
CA GLY F 83 28.40 -20.83 -24.63
C GLY F 83 27.77 -19.61 -23.98
N LEU F 84 28.50 -18.49 -23.99
CA LEU F 84 27.98 -17.24 -23.45
C LEU F 84 26.69 -16.84 -24.16
N MET F 85 26.65 -16.93 -25.48
CA MET F 85 25.45 -16.57 -26.22
C MET F 85 24.26 -17.49 -25.89
N LEU F 86 24.55 -18.77 -25.72
CA LEU F 86 23.53 -19.76 -25.43
C LEU F 86 22.96 -19.58 -24.03
N ALA F 87 23.83 -19.23 -23.08
CA ALA F 87 23.42 -18.92 -21.71
C ALA F 87 22.50 -17.69 -21.68
N GLN F 88 22.82 -16.68 -22.48
CA GLN F 88 21.96 -15.51 -22.66
C GLN F 88 20.59 -15.87 -23.25
N LEU F 89 20.56 -16.71 -24.27
CA LEU F 89 19.29 -17.04 -24.90
C LEU F 89 18.38 -17.94 -24.04
N MET F 90 18.98 -18.75 -23.17
CA MET F 90 18.23 -19.62 -22.27
C MET F 90 17.57 -18.82 -21.14
N THR F 91 18.28 -17.81 -20.65
CA THR F 91 17.80 -16.93 -19.56
C THR F 91 17.21 -15.54 -19.89
N ASN F 92 17.15 -15.11 -21.15
CA ASN F 92 16.59 -13.79 -21.46
C ASN F 92 17.24 -12.66 -20.66
N LYS F 93 18.57 -12.67 -20.65
CA LYS F 93 19.42 -11.76 -19.90
C LYS F 93 20.79 -11.61 -20.55
N HIS F 94 21.28 -10.37 -20.56
CA HIS F 94 22.56 -10.05 -21.19
C HIS F 94 23.71 -10.61 -20.39
N ILE F 95 24.69 -11.13 -21.11
CA ILE F 95 26.01 -11.35 -20.57
C ILE F 95 26.91 -10.51 -21.46
N ILE F 96 27.58 -9.52 -20.87
CA ILE F 96 28.55 -8.73 -21.61
C ILE F 96 29.89 -9.45 -21.62
N GLU F 97 30.30 -9.95 -22.78
CA GLU F 97 31.57 -10.66 -22.92
C GLU F 97 32.76 -9.71 -22.95
N VAL F 98 33.63 -9.82 -21.94
CA VAL F 98 34.86 -9.03 -21.93
C VAL F 98 36.11 -9.92 -22.09
N PHE F 99 36.42 -10.25 -23.34
CA PHE F 99 37.58 -11.06 -23.69
C PHE F 99 38.70 -10.18 -24.20
N VAL F 100 39.86 -10.26 -23.56
CA VAL F 100 41.05 -9.58 -24.07
C VAL F 100 42.08 -10.61 -24.50
N HIS F 101 42.17 -10.90 -25.81
CA HIS F 101 43.19 -11.81 -26.33
C HIS F 101 44.59 -11.26 -26.03
N GLU F 102 45.53 -12.15 -25.74
CA GLU F 102 46.90 -11.74 -25.47
C GLU F 102 47.60 -11.19 -26.72
N ASP F 103 47.10 -11.54 -27.91
CA ASP F 103 47.68 -11.08 -29.19
C ASP F 103 47.46 -9.61 -29.48
N GLU F 104 46.57 -8.97 -28.73
CA GLU F 104 46.17 -7.59 -29.00
C GLU F 104 47.12 -6.55 -28.43
N ALA F 105 47.92 -6.93 -27.43
CA ALA F 105 48.92 -6.07 -26.83
C ALA F 105 50.34 -6.47 -27.27
N LYS F 106 51.27 -5.50 -27.25
CA LYS F 106 52.63 -5.67 -27.77
C LYS F 106 53.65 -6.00 -26.68
N ASP F 107 53.22 -5.89 -25.41
CA ASP F 107 53.99 -6.24 -24.22
C ASP F 107 53.00 -6.38 -23.07
N ASP F 108 53.49 -6.62 -21.86
CA ASP F 108 52.59 -6.83 -20.71
C ASP F 108 51.98 -5.53 -20.17
N ALA F 109 52.74 -4.45 -20.25
CA ALA F 109 52.30 -3.13 -19.82
C ALA F 109 51.08 -2.70 -20.62
N GLU F 110 51.11 -2.92 -21.93
CA GLU F 110 49.97 -2.64 -22.81
C GLU F 110 48.76 -3.50 -22.47
N LEU F 111 49.02 -4.78 -22.21
CA LEU F 111 47.96 -5.75 -21.90
C LEU F 111 47.23 -5.51 -20.60
N LYS F 112 47.98 -5.07 -19.58
CA LYS F 112 47.39 -4.61 -18.33
C LYS F 112 46.50 -3.40 -18.61
N ILE F 113 47.05 -2.43 -19.36
CA ILE F 113 46.33 -1.24 -19.78
C ILE F 113 45.06 -1.56 -20.58
N LEU F 114 45.22 -2.33 -21.65
CA LEU F 114 44.12 -2.70 -22.54
C LEU F 114 43.00 -3.43 -21.84
N ALA F 115 43.35 -4.43 -21.02
CA ALA F 115 42.34 -5.24 -20.32
C ALA F 115 41.55 -4.42 -19.31
N ALA F 116 42.23 -3.55 -18.59
CA ALA F 116 41.62 -2.66 -17.59
C ALA F 116 40.67 -1.67 -18.25
N ARG F 117 41.08 -1.12 -19.39
CA ARG F 117 40.28 -0.13 -20.11
C ARG F 117 39.02 -0.74 -20.73
N ARG F 118 39.19 -1.84 -21.45
CA ARG F 118 38.07 -2.61 -22.02
C ARG F 118 37.04 -2.98 -20.93
N ALA F 119 37.53 -3.41 -19.76
CA ALA F 119 36.68 -3.77 -18.62
C ALA F 119 35.86 -2.60 -18.13
N ILE F 120 36.52 -1.47 -17.96
CA ILE F 120 35.90 -0.24 -17.49
C ILE F 120 34.80 0.26 -18.44
N GLU F 121 35.12 0.29 -19.73
CA GLU F 121 34.17 0.77 -20.71
C GLU F 121 32.95 -0.11 -20.74
N HIS F 122 33.18 -1.42 -20.73
CA HIS F 122 32.10 -2.37 -20.76
C HIS F 122 31.26 -2.25 -19.49
N ALA F 123 31.93 -1.91 -18.38
CA ALA F 123 31.26 -1.64 -17.12
C ALA F 123 30.33 -0.44 -17.26
N LEU F 124 30.77 0.57 -18.01
CA LEU F 124 29.95 1.71 -18.36
C LEU F 124 28.78 1.29 -19.26
N ASN F 125 29.02 0.37 -20.19
CA ASN F 125 27.96 -0.17 -21.03
C ASN F 125 26.86 -0.89 -20.25
N VAL F 126 27.26 -1.60 -19.21
CA VAL F 126 26.32 -2.25 -18.30
C VAL F 126 25.43 -1.22 -17.61
N TYR F 127 26.06 -0.16 -17.10
CA TYR F 127 25.33 0.93 -16.45
C TYR F 127 24.18 1.43 -17.32
N TYR F 128 24.51 1.76 -18.57
CA TYR F 128 23.52 2.23 -19.54
C TYR F 128 22.44 1.20 -19.83
N LEU F 129 22.83 -0.06 -20.00
CA LEU F 129 21.86 -1.13 -20.27
C LEU F 129 20.88 -1.30 -19.12
N LEU F 130 21.38 -1.14 -17.91
CA LEU F 130 20.60 -1.25 -16.68
C LEU F 130 19.71 -0.03 -16.42
N PHE F 131 20.23 1.16 -16.71
CA PHE F 131 19.63 2.40 -16.20
C PHE F 131 19.28 3.43 -17.25
N LYS F 132 20.03 3.45 -18.34
CA LYS F 132 19.91 4.50 -19.35
C LYS F 132 20.03 3.94 -20.79
N PRO F 133 19.08 3.10 -21.18
CA PRO F 133 19.07 2.54 -22.53
C PRO F 133 18.94 3.64 -23.62
N GLU F 134 18.26 4.76 -23.33
CA GLU F 134 18.10 5.81 -24.31
C GLU F 134 19.42 6.41 -24.73
N TYR F 135 20.35 6.51 -23.78
CA TYR F 135 21.64 7.05 -24.13
C TYR F 135 22.23 6.10 -25.13
N LEU F 136 22.01 4.81 -24.93
CA LEU F 136 22.56 3.84 -25.84
C LEU F 136 21.99 4.00 -27.21
N THR F 137 20.71 4.28 -27.27
CA THR F 137 20.02 4.45 -28.53
C THR F 137 20.68 5.61 -29.27
N ARG F 138 21.06 6.66 -28.57
CA ARG F 138 21.67 7.78 -29.27
C ARG F 138 23.00 7.51 -30.03
N MET F 139 23.84 6.68 -29.43
CA MET F 139 25.15 6.35 -29.96
C MET F 139 25.11 5.51 -31.23
N ALA F 140 23.91 5.09 -31.64
CA ALA F 140 23.81 4.27 -32.84
C ALA F 140 24.55 4.96 -33.99
N GLY F 141 25.35 4.16 -34.66
CA GLY F 141 26.22 4.54 -35.76
C GLY F 141 27.48 5.18 -35.22
N LYS F 142 27.58 5.24 -33.89
CA LYS F 142 28.74 5.82 -33.23
C LYS F 142 29.97 4.91 -33.32
N GLY F 143 31.16 5.51 -33.33
CA GLY F 143 32.38 4.74 -33.41
C GLY F 143 32.56 3.85 -32.19
N THR G 2 27.48 -34.48 1.73
CA THR G 2 28.80 -34.52 1.11
C THR G 2 28.75 -34.01 -0.32
N LYS G 3 29.89 -34.09 -1.02
CA LYS G 3 30.00 -33.63 -2.39
C LYS G 3 30.28 -34.82 -3.29
N LYS G 4 29.55 -34.93 -4.39
CA LYS G 4 29.73 -36.05 -5.31
C LYS G 4 30.31 -35.63 -6.65
N VAL G 5 31.38 -36.30 -7.05
CA VAL G 5 32.08 -36.05 -8.30
C VAL G 5 31.97 -37.25 -9.24
N GLY G 6 31.68 -36.96 -10.52
CA GLY G 6 31.65 -37.98 -11.55
C GLY G 6 32.91 -37.86 -12.39
N ILE G 7 33.49 -39.00 -12.76
CA ILE G 7 34.66 -39.01 -13.65
C ILE G 7 34.38 -39.90 -14.84
N VAL G 8 34.41 -39.28 -16.03
CA VAL G 8 34.17 -39.98 -17.28
C VAL G 8 35.41 -39.98 -18.16
N ASP G 9 35.83 -41.19 -18.52
CA ASP G 9 37.03 -41.34 -19.34
C ASP G 9 36.72 -42.29 -20.47
N THR G 10 37.74 -42.67 -21.24
CA THR G 10 37.53 -43.47 -22.43
C THR G 10 38.50 -44.66 -22.51
N THR G 11 38.20 -45.60 -23.41
CA THR G 11 39.11 -46.68 -23.77
C THR G 11 40.07 -46.24 -24.89
N PHE G 12 39.62 -45.25 -25.68
CA PHE G 12 40.42 -44.67 -26.77
C PHE G 12 41.73 -44.05 -26.26
N ALA G 13 41.65 -43.28 -25.17
CA ALA G 13 42.81 -42.63 -24.59
C ALA G 13 43.95 -43.62 -24.37
N ARG G 14 45.17 -43.13 -24.46
CA ARG G 14 46.35 -43.98 -24.37
C ARG G 14 47.04 -43.86 -23.02
N VAL G 15 46.52 -42.99 -22.16
CA VAL G 15 46.99 -42.89 -20.78
C VAL G 15 45.79 -42.91 -19.83
N ASP G 16 45.89 -43.71 -18.78
CA ASP G 16 44.85 -43.74 -17.74
C ASP G 16 44.96 -42.44 -16.95
N MET G 17 43.98 -41.55 -17.14
CA MET G 17 43.95 -40.25 -16.49
C MET G 17 43.14 -40.25 -15.19
N ALA G 18 42.20 -41.20 -15.09
CA ALA G 18 41.26 -41.25 -13.96
C ALA G 18 41.86 -41.58 -12.59
N SER G 19 42.83 -42.50 -12.55
CA SER G 19 43.38 -42.97 -11.29
C SER G 19 44.03 -41.84 -10.48
N ALA G 20 44.80 -41.00 -11.17
CA ALA G 20 45.51 -39.88 -10.58
C ALA G 20 44.59 -38.75 -10.11
N ALA G 21 43.48 -38.56 -10.83
CA ALA G 21 42.50 -37.56 -10.48
C ALA G 21 41.74 -38.02 -9.25
N ILE G 22 41.37 -39.31 -9.24
CA ILE G 22 40.72 -39.98 -8.10
C ILE G 22 41.59 -39.89 -6.84
N LEU G 23 42.88 -40.20 -6.98
CA LEU G 23 43.83 -40.15 -5.88
C LEU G 23 43.97 -38.73 -5.32
N THR G 24 44.09 -37.75 -6.22
CA THR G 24 44.14 -36.35 -5.82
C THR G 24 42.99 -35.87 -4.96
N LEU G 25 41.77 -36.15 -5.39
CA LEU G 25 40.57 -35.70 -4.69
C LEU G 25 40.31 -36.36 -3.31
N LYS G 26 40.63 -37.66 -3.24
CA LYS G 26 40.53 -38.44 -2.01
C LYS G 26 41.56 -37.90 -1.02
N MET G 27 42.74 -37.54 -1.53
CA MET G 27 43.81 -36.89 -0.78
C MET G 27 43.38 -35.52 -0.20
N GLU G 28 42.73 -34.69 -1.03
CA GLU G 28 42.25 -33.39 -0.58
C GLU G 28 40.99 -33.45 0.30
N SER G 29 40.08 -34.38 -0.02
CA SER G 29 38.82 -34.57 0.73
C SER G 29 38.54 -36.06 0.87
N PRO G 30 39.06 -36.67 1.93
CA PRO G 30 39.02 -38.14 2.13
C PRO G 30 37.65 -38.82 2.03
N ASN G 31 36.59 -38.11 2.40
CA ASN G 31 35.24 -38.69 2.41
C ASN G 31 34.45 -38.40 1.13
N ILE G 32 35.07 -37.74 0.15
CA ILE G 32 34.40 -37.41 -1.11
C ILE G 32 33.84 -38.67 -1.80
N LYS G 33 32.63 -38.56 -2.33
CA LYS G 33 32.04 -39.66 -3.11
C LYS G 33 32.53 -39.58 -4.57
N ILE G 34 32.87 -40.72 -5.15
CA ILE G 34 33.34 -40.77 -6.53
C ILE G 34 32.56 -41.82 -7.34
N ILE G 35 32.22 -41.46 -8.57
CA ILE G 35 31.53 -42.36 -9.49
C ILE G 35 32.24 -42.25 -10.84
N ARG G 36 32.49 -43.40 -11.46
CA ARG G 36 33.22 -43.53 -12.70
C ARG G 36 32.37 -44.19 -13.76
N LYS G 37 32.45 -43.66 -14.97
CA LYS G 37 31.93 -44.31 -16.17
C LYS G 37 32.98 -44.13 -17.24
N THR G 38 33.21 -45.20 -17.98
CA THR G 38 34.11 -45.22 -19.11
C THR G 38 33.30 -45.43 -20.38
N VAL G 39 33.57 -44.62 -21.37
CA VAL G 39 32.92 -44.73 -22.67
C VAL G 39 34.01 -45.07 -23.69
N PRO G 40 33.64 -45.52 -24.89
CA PRO G 40 34.65 -45.83 -25.92
C PRO G 40 35.47 -44.62 -26.39
N GLY G 41 34.79 -43.55 -26.79
CA GLY G 41 35.45 -42.42 -27.41
C GLY G 41 35.10 -41.09 -26.79
N ILE G 42 35.70 -40.06 -27.37
CA ILE G 42 35.55 -38.70 -26.86
C ILE G 42 34.18 -38.10 -27.19
N LYS G 43 33.59 -38.55 -28.30
CA LYS G 43 32.25 -38.13 -28.71
C LYS G 43 31.16 -38.78 -27.85
N ASP G 44 31.52 -39.78 -27.06
CA ASP G 44 30.57 -40.44 -26.17
C ASP G 44 30.58 -39.79 -24.78
N LEU G 45 31.50 -38.86 -24.58
CA LEU G 45 31.66 -38.17 -23.29
C LEU G 45 30.47 -37.29 -22.86
N PRO G 46 29.98 -36.41 -23.74
CA PRO G 46 28.88 -35.49 -23.36
C PRO G 46 27.65 -36.10 -22.67
N VAL G 47 27.07 -37.17 -23.20
CA VAL G 47 25.86 -37.75 -22.61
C VAL G 47 26.15 -38.50 -21.32
N ALA G 48 27.27 -39.21 -21.28
CA ALA G 48 27.67 -39.93 -20.07
C ALA G 48 27.86 -38.91 -18.94
N CYS G 49 28.53 -37.80 -19.25
CA CYS G 49 28.71 -36.70 -18.32
C CYS G 49 27.35 -36.16 -17.83
N LYS G 50 26.42 -35.93 -18.77
CA LYS G 50 25.09 -35.40 -18.43
C LYS G 50 24.26 -36.36 -17.56
N LYS G 51 24.28 -37.64 -17.89
CA LYS G 51 23.60 -38.63 -17.06
C LYS G 51 24.15 -38.70 -15.63
N LEU G 52 25.47 -38.56 -15.48
CA LEU G 52 26.09 -38.57 -14.15
C LEU G 52 25.63 -37.36 -13.33
N LEU G 53 25.50 -36.21 -13.99
CA LEU G 53 25.02 -35.00 -13.35
C LEU G 53 23.54 -35.09 -13.00
N GLU G 54 22.75 -35.71 -13.88
CA GLU G 54 21.31 -35.70 -13.73
C GLU G 54 20.73 -36.94 -13.06
N GLU G 55 21.34 -38.09 -13.24
CA GLU G 55 20.75 -39.36 -12.81
C GLU G 55 21.56 -40.05 -11.70
N GLU G 56 22.77 -39.58 -11.46
CA GLU G 56 23.60 -40.16 -10.42
C GLU G 56 23.92 -39.12 -9.34
N GLY G 57 23.32 -37.94 -9.47
CA GLY G 57 23.44 -36.87 -8.51
C GLY G 57 24.82 -36.32 -8.24
N CYS G 58 25.67 -36.27 -9.27
CA CYS G 58 26.99 -35.67 -9.14
C CYS G 58 26.88 -34.15 -9.11
N ASP G 59 27.65 -33.53 -8.22
CA ASP G 59 27.71 -32.07 -8.17
C ASP G 59 28.55 -31.50 -9.31
N ILE G 60 29.52 -32.29 -9.76
CA ILE G 60 30.46 -31.86 -10.80
C ILE G 60 30.98 -33.10 -11.51
N VAL G 61 31.49 -32.91 -12.74
CA VAL G 61 32.10 -34.01 -13.49
C VAL G 61 33.45 -33.60 -14.09
N MET G 62 34.38 -34.55 -14.13
CA MET G 62 35.60 -34.42 -14.89
C MET G 62 35.44 -35.26 -16.14
N ALA G 63 35.61 -34.62 -17.30
CA ALA G 63 35.53 -35.32 -18.57
C ALA G 63 36.95 -35.49 -19.13
N LEU G 64 37.43 -36.73 -19.14
CA LEU G 64 38.80 -37.00 -19.53
C LEU G 64 38.91 -37.67 -20.89
N GLY G 65 39.69 -37.06 -21.78
CA GLY G 65 39.89 -37.58 -23.13
C GLY G 65 41.22 -37.20 -23.74
N MET G 66 41.59 -37.91 -24.80
CA MET G 66 42.84 -37.66 -25.49
C MET G 66 42.61 -37.69 -26.99
N PRO G 67 42.42 -36.52 -27.59
CA PRO G 67 42.31 -36.42 -29.05
C PRO G 67 43.60 -36.94 -29.72
N GLY G 68 43.43 -37.62 -30.86
CA GLY G 68 44.54 -38.08 -31.67
C GLY G 68 45.22 -36.93 -32.38
N LYS G 69 46.01 -37.26 -33.40
CA LYS G 69 46.90 -36.30 -34.05
C LYS G 69 46.35 -35.68 -35.35
N ALA G 70 45.56 -36.45 -36.08
CA ALA G 70 44.99 -36.04 -37.37
C ALA G 70 44.01 -34.86 -37.24
N GLU G 71 43.87 -34.10 -38.32
CA GLU G 71 42.95 -32.96 -38.40
C GLU G 71 41.49 -33.40 -38.31
N LYS G 72 41.28 -34.71 -38.17
CA LYS G 72 39.95 -35.28 -38.05
C LYS G 72 39.61 -35.60 -36.58
N ASP G 73 40.63 -35.93 -35.80
CA ASP G 73 40.50 -36.06 -34.35
C ASP G 73 40.35 -34.67 -33.73
N LYS G 74 40.95 -33.68 -34.37
CA LYS G 74 40.80 -32.28 -34.01
C LYS G 74 39.34 -31.83 -34.10
N VAL G 75 38.64 -32.30 -35.13
CA VAL G 75 37.23 -31.98 -35.34
C VAL G 75 36.36 -32.73 -34.33
N CYS G 76 36.65 -34.02 -34.13
CA CYS G 76 36.02 -34.83 -33.08
C CYS G 76 36.07 -34.16 -31.70
N ALA G 77 37.24 -33.66 -31.30
CA ALA G 77 37.40 -32.99 -29.99
C ALA G 77 36.61 -31.67 -29.88
N HIS G 78 36.60 -30.90 -30.96
CA HIS G 78 35.83 -29.67 -31.04
C HIS G 78 34.35 -29.99 -30.88
N GLU G 79 33.89 -31.00 -31.60
CA GLU G 79 32.53 -31.53 -31.49
C GLU G 79 32.28 -31.95 -30.04
N ALA G 80 33.20 -32.73 -29.48
CA ALA G 80 33.06 -33.20 -28.10
C ALA G 80 33.08 -32.06 -27.08
N SER G 81 33.82 -30.99 -27.35
CA SER G 81 33.91 -29.85 -26.43
C SER G 81 32.63 -29.02 -26.33
N LEU G 82 32.01 -28.75 -27.48
CA LEU G 82 30.70 -28.09 -27.53
C LEU G 82 29.64 -28.91 -26.78
N GLY G 83 29.60 -30.21 -27.07
CA GLY G 83 28.78 -31.16 -26.34
C GLY G 83 28.92 -31.00 -24.84
N LEU G 84 30.17 -30.98 -24.38
CA LEU G 84 30.44 -30.77 -22.96
C LEU G 84 29.86 -29.45 -22.48
N MET G 85 30.03 -28.38 -23.24
CA MET G 85 29.50 -27.08 -22.86
C MET G 85 27.97 -27.08 -22.80
N LEU G 86 27.35 -27.77 -23.76
CA LEU G 86 25.90 -27.84 -23.84
C LEU G 86 25.30 -28.65 -22.70
N ALA G 87 25.99 -29.73 -22.32
CA ALA G 87 25.61 -30.55 -21.19
C ALA G 87 25.67 -29.74 -19.88
N GLN G 88 26.70 -28.92 -19.73
CA GLN G 88 26.81 -27.98 -18.62
C GLN G 88 25.66 -26.96 -18.59
N LEU G 89 25.32 -26.38 -19.72
CA LEU G 89 24.28 -25.36 -19.73
C LEU G 89 22.86 -25.92 -19.50
N MET G 90 22.65 -27.18 -19.88
CA MET G 90 21.36 -27.84 -19.67
C MET G 90 21.12 -28.18 -18.19
N THR G 91 22.21 -28.61 -17.53
CA THR G 91 22.17 -28.97 -16.10
C THR G 91 22.65 -27.97 -15.03
N ASN G 92 23.13 -26.78 -15.40
CA ASN G 92 23.59 -25.82 -14.37
C ASN G 92 24.63 -26.42 -13.42
N LYS G 93 25.62 -27.07 -14.00
CA LYS G 93 26.69 -27.79 -13.32
C LYS G 93 27.94 -27.86 -14.17
N HIS G 94 29.09 -27.71 -13.52
CA HIS G 94 30.37 -27.70 -14.20
C HIS G 94 30.75 -29.09 -14.68
N ILE G 95 31.31 -29.13 -15.88
CA ILE G 95 32.06 -30.28 -16.32
C ILE G 95 33.44 -29.71 -16.61
N ILE G 96 34.44 -30.19 -15.87
CA ILE G 96 35.82 -29.79 -16.15
C ILE G 96 36.40 -30.67 -17.26
N GLU G 97 36.61 -30.06 -18.44
CA GLU G 97 37.17 -30.79 -19.58
C GLU G 97 38.66 -31.03 -19.45
N VAL G 98 39.05 -32.31 -19.36
CA VAL G 98 40.48 -32.65 -19.34
C VAL G 98 40.89 -33.41 -20.62
N PHE G 99 41.17 -32.63 -21.67
CA PHE G 99 41.61 -33.17 -22.95
C PHE G 99 43.11 -33.00 -23.11
N VAL G 100 43.82 -34.11 -23.33
CA VAL G 100 45.23 -34.04 -23.65
C VAL G 100 45.46 -34.52 -25.08
N HIS G 101 45.61 -33.59 -26.03
CA HIS G 101 45.91 -33.95 -27.42
C HIS G 101 47.26 -34.67 -27.49
N GLU G 102 47.36 -35.65 -28.39
CA GLU G 102 48.60 -36.40 -28.55
C GLU G 102 49.72 -35.53 -29.14
N ASP G 103 49.35 -34.43 -29.81
CA ASP G 103 50.33 -33.52 -30.45
C ASP G 103 51.14 -32.69 -29.46
N GLU G 104 50.72 -32.68 -28.20
CA GLU G 104 51.32 -31.83 -27.18
C GLU G 104 52.58 -32.41 -26.55
N ALA G 105 52.74 -33.73 -26.65
CA ALA G 105 53.93 -34.42 -26.15
C ALA G 105 54.84 -34.88 -27.31
N LYS G 106 56.13 -35.02 -27.01
CA LYS G 106 57.17 -35.30 -28.02
C LYS G 106 57.53 -36.79 -28.12
N ASP G 107 57.01 -37.58 -27.16
CA ASP G 107 57.15 -39.03 -27.11
C ASP G 107 56.08 -39.54 -26.14
N ASP G 108 56.07 -40.85 -25.87
CA ASP G 108 55.03 -41.42 -25.00
C ASP G 108 55.27 -41.15 -23.52
N ALA G 109 56.54 -41.09 -23.13
CA ALA G 109 56.93 -40.81 -21.75
C ALA G 109 56.43 -39.43 -21.33
N GLU G 110 56.57 -38.45 -22.22
CA GLU G 110 56.06 -37.10 -21.99
C GLU G 110 54.54 -37.08 -21.88
N LEU G 111 53.88 -37.83 -22.76
CA LEU G 111 52.42 -37.89 -22.82
C LEU G 111 51.77 -38.51 -21.61
N LYS G 112 52.41 -39.56 -21.08
CA LYS G 112 52.01 -40.16 -19.82
C LYS G 112 52.15 -39.11 -18.71
N ILE G 113 53.30 -38.45 -18.68
CA ILE G 113 53.59 -37.38 -17.72
C ILE G 113 52.58 -36.22 -17.82
N LEU G 114 52.43 -35.67 -19.03
CA LEU G 114 51.55 -34.53 -19.28
C LEU G 114 50.10 -34.81 -18.93
N ALA G 115 49.58 -35.97 -19.35
CA ALA G 115 48.18 -36.32 -19.10
C ALA G 115 47.89 -36.49 -17.61
N ALA G 116 48.81 -37.14 -16.90
CA ALA G 116 48.69 -37.36 -15.46
C ALA G 116 48.73 -36.06 -14.68
N ARG G 117 49.60 -35.14 -15.10
CA ARG G 117 49.77 -33.86 -14.43
C ARG G 117 48.54 -32.95 -14.64
N ARG G 118 48.14 -32.78 -15.89
CA ARG G 118 46.92 -32.04 -16.24
C ARG G 118 45.69 -32.55 -15.47
N ALA G 119 45.57 -33.88 -15.35
CA ALA G 119 44.47 -34.53 -14.61
C ALA G 119 44.49 -34.15 -13.14
N ILE G 120 45.66 -34.24 -12.53
CA ILE G 120 45.86 -33.93 -11.13
C ILE G 120 45.53 -32.47 -10.81
N GLU G 121 46.01 -31.57 -11.64
CA GLU G 121 45.84 -30.12 -11.40
C GLU G 121 44.38 -29.70 -11.59
N HIS G 122 43.71 -30.36 -12.51
CA HIS G 122 42.30 -30.13 -12.74
C HIS G 122 41.49 -30.74 -11.60
N ALA G 123 41.99 -31.84 -11.04
CA ALA G 123 41.40 -32.47 -9.86
C ALA G 123 41.47 -31.51 -8.67
N LEU G 124 42.58 -30.79 -8.57
CA LEU G 124 42.74 -29.74 -7.57
C LEU G 124 41.76 -28.58 -7.84
N ASN G 125 41.56 -28.25 -9.11
CA ASN G 125 40.59 -27.22 -9.48
C ASN G 125 39.16 -27.56 -9.07
N VAL G 126 38.81 -28.84 -9.20
CA VAL G 126 37.51 -29.34 -8.75
C VAL G 126 37.34 -29.14 -7.24
N TYR G 127 38.37 -29.47 -6.47
CA TYR G 127 38.24 -29.33 -5.05
C TYR G 127 37.96 -27.88 -4.71
N TYR G 128 38.67 -26.97 -5.36
CA TYR G 128 38.47 -25.56 -5.07
C TYR G 128 37.05 -25.11 -5.42
N LEU G 129 36.57 -25.57 -6.55
CA LEU G 129 35.23 -25.23 -7.04
C LEU G 129 34.14 -25.75 -6.09
N LEU G 130 34.39 -26.93 -5.54
CA LEU G 130 33.48 -27.59 -4.60
C LEU G 130 33.52 -27.00 -3.20
N PHE G 131 34.72 -26.62 -2.74
CA PHE G 131 34.93 -26.35 -1.32
C PHE G 131 35.51 -24.99 -0.99
N LYS G 132 36.30 -24.44 -1.90
CA LYS G 132 37.07 -23.22 -1.65
C LYS G 132 37.09 -22.30 -2.88
N PRO G 133 35.96 -21.75 -3.24
CA PRO G 133 35.89 -20.82 -4.35
C PRO G 133 36.79 -19.60 -4.14
N GLU G 134 36.88 -19.11 -2.91
CA GLU G 134 37.66 -17.90 -2.64
C GLU G 134 39.10 -17.97 -3.08
N TYR G 135 39.70 -19.14 -2.92
CA TYR G 135 41.06 -19.31 -3.33
C TYR G 135 41.09 -19.05 -4.81
N LEU G 136 40.08 -19.54 -5.51
CA LEU G 136 40.02 -19.36 -6.95
C LEU G 136 39.90 -17.91 -7.29
N THR G 137 39.10 -17.21 -6.54
CA THR G 137 38.90 -15.81 -6.79
C THR G 137 40.23 -15.10 -6.69
N ARG G 138 41.06 -15.46 -5.73
CA ARG G 138 42.35 -14.78 -5.63
C ARG G 138 43.32 -14.96 -6.81
N MET G 139 43.36 -16.17 -7.36
CA MET G 139 44.25 -16.55 -8.43
C MET G 139 43.92 -15.90 -9.77
N ALA G 140 42.91 -15.05 -9.80
CA ALA G 140 42.51 -14.41 -11.05
C ALA G 140 43.70 -13.66 -11.65
N GLY G 141 44.47 -12.97 -10.83
CA GLY G 141 45.62 -12.24 -11.32
C GLY G 141 46.67 -13.08 -12.02
N LYS G 142 47.32 -13.95 -11.26
CA LYS G 142 48.36 -14.82 -11.80
C LYS G 142 47.73 -15.86 -12.70
N GLY G 143 48.53 -16.83 -13.13
CA GLY G 143 48.05 -17.89 -14.00
C GLY G 143 49.07 -18.98 -14.19
N THR H 2 -4.05 -38.34 -46.46
CA THR H 2 -4.07 -38.35 -45.01
C THR H 2 -2.78 -37.78 -44.44
N LYS H 3 -1.88 -37.37 -45.34
CA LYS H 3 -0.59 -36.80 -44.97
C LYS H 3 -0.52 -35.39 -45.51
N LYS H 4 -0.06 -34.44 -44.71
CA LYS H 4 0.05 -33.03 -45.12
C LYS H 4 1.54 -32.67 -45.17
N VAL H 5 1.99 -32.05 -46.26
CA VAL H 5 3.40 -31.69 -46.37
C VAL H 5 3.64 -30.18 -46.51
N GLY H 6 4.77 -29.69 -46.02
CA GLY H 6 5.02 -28.26 -46.14
C GLY H 6 6.18 -28.05 -47.09
N ILE H 7 6.08 -27.03 -47.93
CA ILE H 7 7.19 -26.66 -48.83
C ILE H 7 7.54 -25.21 -48.64
N VAL H 8 8.79 -24.97 -48.22
CA VAL H 8 9.30 -23.63 -47.97
C VAL H 8 10.42 -23.29 -48.94
N ASP H 9 10.23 -22.20 -49.67
CA ASP H 9 11.20 -21.77 -50.66
C ASP H 9 11.46 -20.29 -50.46
N THR H 10 12.23 -19.70 -51.37
CA THR H 10 12.65 -18.32 -51.22
C THR H 10 12.45 -17.49 -52.50
N THR H 11 12.53 -16.17 -52.36
CA THR H 11 12.57 -15.24 -53.49
C THR H 11 14.02 -15.06 -54.00
N PHE H 12 14.97 -15.28 -53.09
CA PHE H 12 16.41 -15.21 -53.40
C PHE H 12 16.82 -16.20 -54.51
N ALA H 13 16.35 -17.44 -54.39
CA ALA H 13 16.68 -18.49 -55.35
C ALA H 13 16.38 -18.03 -56.78
N ARG H 14 17.16 -18.56 -57.72
CA ARG H 14 17.07 -18.12 -59.10
C ARG H 14 16.34 -19.14 -59.97
N VAL H 15 15.95 -20.27 -59.37
CA VAL H 15 15.11 -21.25 -60.05
C VAL H 15 13.93 -21.62 -59.14
N ASP H 16 12.73 -21.65 -59.72
CA ASP H 16 11.55 -22.08 -58.99
C ASP H 16 11.65 -23.59 -58.79
N MET H 17 11.90 -24.02 -57.55
CA MET H 17 12.10 -25.43 -57.21
C MET H 17 10.80 -26.08 -56.73
N ALA H 18 9.88 -25.26 -56.22
CA ALA H 18 8.64 -25.75 -55.59
C ALA H 18 7.63 -26.41 -56.53
N SER H 19 7.47 -25.87 -57.74
CA SER H 19 6.45 -26.37 -58.66
C SER H 19 6.65 -27.84 -59.04
N ALA H 20 7.90 -28.18 -59.33
CA ALA H 20 8.30 -29.54 -59.72
C ALA H 20 8.20 -30.56 -58.58
N ALA H 21 8.45 -30.09 -57.35
CA ALA H 21 8.36 -30.93 -56.18
C ALA H 21 6.89 -31.21 -55.88
N ILE H 22 6.07 -30.15 -55.98
CA ILE H 22 4.60 -30.21 -55.85
C ILE H 22 3.99 -31.18 -56.86
N LEU H 23 4.40 -31.05 -58.12
CA LEU H 23 3.92 -31.91 -59.21
C LEU H 23 4.29 -33.38 -58.97
N THR H 24 5.54 -33.62 -58.56
CA THR H 24 5.99 -34.95 -58.21
C THR H 24 5.15 -35.68 -57.17
N LEU H 25 4.91 -35.01 -56.05
CA LEU H 25 4.16 -35.60 -54.93
C LEU H 25 2.66 -35.87 -55.20
N LYS H 26 2.05 -34.96 -55.95
CA LYS H 26 0.65 -35.06 -56.37
C LYS H 26 0.54 -36.26 -57.33
N MET H 27 1.55 -36.40 -58.19
CA MET H 27 1.69 -37.54 -59.11
C MET H 27 1.82 -38.88 -58.36
N GLU H 28 2.65 -38.93 -57.32
CA GLU H 28 2.82 -40.15 -56.53
C GLU H 28 1.65 -40.43 -55.56
N SER H 29 1.07 -39.39 -54.99
CA SER H 29 -0.07 -39.60 -54.11
C SER H 29 -1.22 -38.72 -54.56
N PRO H 30 -2.37 -39.32 -54.82
CA PRO H 30 -3.54 -38.58 -55.31
C PRO H 30 -4.18 -37.60 -54.32
N ASN H 31 -4.22 -37.96 -53.04
CA ASN H 31 -4.82 -37.12 -52.01
C ASN H 31 -3.95 -36.34 -51.04
N ILE H 32 -2.64 -36.32 -51.26
CA ILE H 32 -1.77 -35.60 -50.34
C ILE H 32 -2.03 -34.09 -50.29
N LYS H 33 -2.04 -33.55 -49.08
CA LYS H 33 -2.21 -32.13 -48.77
C LYS H 33 -0.89 -31.39 -48.89
N ILE H 34 -0.91 -30.20 -49.47
CA ILE H 34 0.30 -29.39 -49.64
C ILE H 34 0.10 -27.96 -49.13
N ILE H 35 1.10 -27.45 -48.43
CA ILE H 35 1.09 -26.09 -47.93
C ILE H 35 2.45 -25.46 -48.27
N ARG H 36 2.40 -24.23 -48.76
CA ARG H 36 3.57 -23.49 -49.24
C ARG H 36 3.72 -22.20 -48.46
N LYS H 37 4.97 -21.89 -48.11
CA LYS H 37 5.36 -20.58 -47.60
C LYS H 37 6.65 -20.23 -48.30
N THR H 38 6.75 -18.98 -48.73
CA THR H 38 7.94 -18.43 -49.34
C THR H 38 8.50 -17.37 -48.41
N VAL H 39 9.80 -17.44 -48.19
CA VAL H 39 10.50 -16.47 -47.36
C VAL H 39 11.51 -15.76 -48.27
N PRO H 40 12.06 -14.63 -47.85
CA PRO H 40 13.05 -13.92 -48.66
C PRO H 40 14.35 -14.70 -48.92
N GLY H 41 14.98 -15.19 -47.86
CA GLY H 41 16.28 -15.79 -47.95
C GLY H 41 16.38 -17.16 -47.31
N ILE H 42 17.58 -17.72 -47.38
CA ILE H 42 17.86 -19.05 -46.90
C ILE H 42 17.93 -19.10 -45.35
N LYS H 43 18.33 -17.99 -44.74
CA LYS H 43 18.38 -17.86 -43.29
C LYS H 43 16.99 -17.70 -42.68
N ASP H 44 15.98 -17.45 -43.51
CA ASP H 44 14.60 -17.34 -43.04
C ASP H 44 13.87 -18.68 -43.11
N LEU H 45 14.55 -19.68 -43.67
CA LEU H 45 13.97 -21.01 -43.85
C LEU H 45 13.67 -21.78 -42.54
N PRO H 46 14.62 -21.86 -41.61
CA PRO H 46 14.42 -22.64 -40.38
C PRO H 46 13.13 -22.39 -39.58
N VAL H 47 12.76 -21.14 -39.32
CA VAL H 47 11.56 -20.85 -38.51
C VAL H 47 10.28 -21.10 -39.30
N ALA H 48 10.28 -20.74 -40.58
CA ALA H 48 9.13 -20.97 -41.43
C ALA H 48 8.85 -22.48 -41.48
N CYS H 49 9.92 -23.26 -41.66
CA CYS H 49 9.85 -24.71 -41.63
C CYS H 49 9.26 -25.22 -40.30
N LYS H 50 9.77 -24.69 -39.18
CA LYS H 50 9.30 -25.09 -37.85
C LYS H 50 7.83 -24.76 -37.59
N LYS H 51 7.42 -23.54 -37.96
CA LYS H 51 6.01 -23.16 -37.86
C LYS H 51 5.07 -24.07 -38.67
N LEU H 52 5.51 -24.48 -39.86
CA LEU H 52 4.71 -25.36 -40.71
C LEU H 52 4.55 -26.74 -40.03
N LEU H 53 5.61 -27.21 -39.39
CA LEU H 53 5.56 -28.48 -38.67
C LEU H 53 4.72 -28.39 -37.41
N GLU H 54 4.80 -27.25 -36.72
CA GLU H 54 4.15 -27.12 -35.42
C GLU H 54 2.78 -26.47 -35.44
N GLU H 55 2.53 -25.55 -36.37
CA GLU H 55 1.32 -24.73 -36.33
C GLU H 55 0.40 -24.99 -37.53
N GLU H 56 0.90 -25.69 -38.53
CA GLU H 56 0.09 -26.01 -39.71
C GLU H 56 -0.07 -27.51 -39.87
N GLY H 57 0.42 -28.25 -38.88
CA GLY H 57 0.30 -29.70 -38.82
C GLY H 57 0.88 -30.50 -39.97
N CYS H 58 1.99 -30.06 -40.51
CA CYS H 58 2.69 -30.81 -41.55
C CYS H 58 3.42 -32.00 -40.95
N ASP H 59 3.35 -33.14 -41.62
CA ASP H 59 4.09 -34.33 -41.19
C ASP H 59 5.57 -34.20 -41.55
N ILE H 60 5.86 -33.46 -42.61
CA ILE H 60 7.22 -33.31 -43.12
C ILE H 60 7.32 -32.00 -43.88
N VAL H 61 8.54 -31.49 -44.03
CA VAL H 61 8.77 -30.27 -44.81
C VAL H 61 9.94 -30.43 -45.80
N MET H 62 9.79 -29.80 -46.96
CA MET H 62 10.91 -29.64 -47.89
C MET H 62 11.36 -28.21 -47.78
N ALA H 63 12.65 -28.03 -47.48
CA ALA H 63 13.24 -26.71 -47.39
C ALA H 63 14.08 -26.45 -48.64
N LEU H 64 13.62 -25.55 -49.49
CA LEU H 64 14.27 -25.32 -50.78
C LEU H 64 15.01 -23.99 -50.83
N GLY H 65 16.30 -24.05 -51.15
CA GLY H 65 17.13 -22.86 -51.25
C GLY H 65 18.28 -23.00 -52.23
N MET H 66 18.86 -21.85 -52.59
CA MET H 66 19.98 -21.82 -53.51
C MET H 66 21.03 -20.86 -53.01
N PRO H 67 22.04 -21.39 -52.32
CA PRO H 67 23.18 -20.56 -51.90
C PRO H 67 23.90 -19.94 -53.12
N GLY H 68 24.35 -18.70 -52.96
CA GLY H 68 25.14 -18.03 -53.98
C GLY H 68 26.53 -18.60 -54.07
N LYS H 69 27.43 -17.85 -54.70
CA LYS H 69 28.76 -18.34 -55.07
C LYS H 69 29.89 -17.96 -54.09
N ALA H 70 29.75 -16.78 -53.48
CA ALA H 70 30.75 -16.24 -52.56
C ALA H 70 30.93 -17.08 -51.28
N GLU H 71 32.11 -16.99 -50.68
CA GLU H 71 32.43 -17.70 -49.44
C GLU H 71 31.61 -17.18 -48.25
N LYS H 72 30.73 -16.21 -48.53
CA LYS H 72 29.85 -15.63 -47.52
C LYS H 72 28.44 -16.23 -47.61
N ASP H 73 28.03 -16.59 -48.82
CA ASP H 73 26.80 -17.35 -49.04
C ASP H 73 26.99 -18.79 -48.56
N LYS H 74 28.23 -19.26 -48.65
CA LYS H 74 28.63 -20.55 -48.10
C LYS H 74 28.40 -20.62 -46.58
N VAL H 75 28.69 -19.52 -45.89
CA VAL H 75 28.52 -19.43 -44.45
C VAL H 75 27.02 -19.32 -44.10
N CYS H 76 26.31 -18.47 -44.84
CA CYS H 76 24.84 -18.38 -44.76
C CYS H 76 24.14 -19.74 -44.86
N ALA H 77 24.52 -20.56 -45.84
CA ALA H 77 23.92 -21.90 -46.02
C ALA H 77 24.24 -22.87 -44.88
N HIS H 78 25.48 -22.83 -44.40
CA HIS H 78 25.92 -23.61 -43.24
C HIS H 78 25.07 -23.23 -42.02
N GLU H 79 24.95 -21.93 -41.80
CA GLU H 79 24.08 -21.38 -40.76
C GLU H 79 22.66 -21.88 -40.96
N ALA H 80 22.15 -21.76 -42.18
CA ALA H 80 20.79 -22.21 -42.50
C ALA H 80 20.61 -23.72 -42.33
N SER H 81 21.65 -24.50 -42.59
CA SER H 81 21.56 -25.97 -42.46
C SER H 81 21.47 -26.47 -41.03
N LEU H 82 22.27 -25.88 -40.14
CA LEU H 82 22.18 -26.17 -38.70
C LEU H 82 20.79 -25.82 -38.16
N GLY H 83 20.31 -24.62 -38.50
CA GLY H 83 18.96 -24.19 -38.21
C GLY H 83 17.94 -25.25 -38.60
N LEU H 84 18.04 -25.74 -39.83
CA LEU H 84 17.16 -26.81 -40.29
C LEU H 84 17.27 -28.04 -39.40
N MET H 85 18.49 -28.43 -39.04
CA MET H 85 18.68 -29.61 -38.19
C MET H 85 18.08 -29.40 -36.79
N LEU H 86 18.23 -28.19 -36.27
CA LEU H 86 17.74 -27.85 -34.94
C LEU H 86 16.21 -27.81 -34.90
N ALA H 87 15.61 -27.31 -35.98
CA ALA H 87 14.16 -27.30 -36.13
C ALA H 87 13.60 -28.73 -36.17
N GLN H 88 14.30 -29.62 -36.86
CA GLN H 88 13.96 -31.04 -36.88
C GLN H 88 14.07 -31.68 -35.49
N LEU H 89 15.12 -31.39 -34.74
CA LEU H 89 15.28 -32.01 -33.44
C LEU H 89 14.30 -31.50 -32.37
N MET H 90 13.85 -30.26 -32.53
CA MET H 90 12.88 -29.67 -31.61
C MET H 90 11.48 -30.27 -31.81
N THR H 91 11.13 -30.50 -33.07
CA THR H 91 9.82 -31.07 -33.45
C THR H 91 9.69 -32.58 -33.77
N ASN H 92 10.77 -33.36 -33.73
CA ASN H 92 10.65 -34.80 -34.04
C ASN H 92 9.97 -35.07 -35.39
N LYS H 93 10.45 -34.37 -36.40
CA LYS H 93 9.93 -34.37 -37.77
C LYS H 93 11.01 -34.00 -38.77
N HIS H 94 11.00 -34.70 -39.90
CA HIS H 94 12.00 -34.50 -40.94
C HIS H 94 11.77 -33.18 -41.67
N ILE H 95 12.88 -32.50 -41.95
CA ILE H 95 12.90 -31.46 -42.95
C ILE H 95 13.91 -31.94 -43.96
N ILE H 96 13.45 -32.17 -45.19
CA ILE H 96 14.37 -32.53 -46.28
C ILE H 96 14.99 -31.26 -46.86
N GLU H 97 16.28 -31.05 -46.63
CA GLU H 97 16.98 -29.88 -47.15
C GLU H 97 17.29 -30.01 -48.64
N VAL H 98 16.70 -29.13 -49.45
CA VAL H 98 17.02 -29.09 -50.88
C VAL H 98 17.75 -27.79 -51.26
N PHE H 99 19.07 -27.80 -51.04
CA PHE H 99 19.94 -26.68 -51.38
C PHE H 99 20.69 -26.95 -52.66
N VAL H 100 20.53 -26.06 -53.64
CA VAL H 100 21.33 -26.14 -54.86
C VAL H 100 22.27 -24.94 -54.93
N HIS H 101 23.54 -25.12 -54.57
CA HIS H 101 24.53 -24.04 -54.69
C HIS H 101 24.68 -23.64 -56.16
N GLU H 102 24.90 -22.34 -56.40
CA GLU H 102 25.08 -21.86 -57.76
C GLU H 102 26.40 -22.35 -58.37
N ASP H 103 27.37 -22.74 -57.53
CA ASP H 103 28.68 -23.22 -58.00
C ASP H 103 28.64 -24.60 -58.66
N GLU H 104 27.53 -25.30 -58.52
CA GLU H 104 27.42 -26.67 -58.99
C GLU H 104 27.09 -26.79 -60.47
N ALA H 105 26.52 -25.73 -61.05
CA ALA H 105 26.20 -25.69 -62.48
C ALA H 105 27.19 -24.77 -63.23
N LYS H 106 27.35 -25.04 -64.53
CA LYS H 106 28.36 -24.37 -65.37
C LYS H 106 27.78 -23.20 -66.18
N ASP H 107 26.44 -23.09 -66.17
CA ASP H 107 25.69 -22.01 -66.80
C ASP H 107 24.29 -22.02 -66.19
N ASP H 108 23.39 -21.17 -66.68
CA ASP H 108 22.05 -21.09 -66.10
C ASP H 108 21.14 -22.23 -66.51
N ALA H 109 21.32 -22.71 -67.75
CA ALA H 109 20.55 -23.82 -68.28
C ALA H 109 20.76 -25.08 -67.44
N GLU H 110 22.02 -25.32 -67.06
CA GLU H 110 22.36 -26.45 -66.18
C GLU H 110 21.74 -26.29 -64.79
N LEU H 111 21.78 -25.07 -64.27
CA LEU H 111 21.29 -24.75 -62.93
C LEU H 111 19.77 -24.90 -62.80
N LYS H 112 19.05 -24.50 -63.84
CA LYS H 112 17.62 -24.74 -63.92
C LYS H 112 17.36 -26.25 -63.93
N ILE H 113 18.12 -26.97 -64.76
CA ILE H 113 18.04 -28.43 -64.85
C ILE H 113 18.36 -29.12 -63.52
N LEU H 114 19.52 -28.78 -62.94
CA LEU H 114 20.00 -29.38 -61.70
C LEU H 114 19.05 -29.16 -60.54
N ALA H 115 18.58 -27.92 -60.37
CA ALA H 115 17.69 -27.57 -59.25
C ALA H 115 16.36 -28.29 -59.34
N ALA H 116 15.80 -28.36 -60.54
CA ALA H 116 14.52 -29.04 -60.81
C ALA H 116 14.62 -30.54 -60.55
N ARG H 117 15.74 -31.13 -60.96
CA ARG H 117 15.96 -32.57 -60.81
C ARG H 117 16.16 -32.96 -59.34
N ARG H 118 17.07 -32.27 -58.65
CA ARG H 118 17.29 -32.45 -57.22
C ARG H 118 15.97 -32.33 -56.42
N ALA H 119 15.14 -31.35 -56.77
CA ALA H 119 13.84 -31.11 -56.13
C ALA H 119 12.91 -32.30 -56.31
N ILE H 120 12.82 -32.77 -57.54
CA ILE H 120 11.97 -33.90 -57.91
C ILE H 120 12.36 -35.18 -57.17
N GLU H 121 13.66 -35.47 -57.18
CA GLU H 121 14.15 -36.68 -56.54
C GLU H 121 13.89 -36.65 -55.05
N HIS H 122 14.13 -35.51 -54.44
CA HIS H 122 13.91 -35.34 -53.03
C HIS H 122 12.42 -35.43 -52.71
N ALA H 123 11.59 -34.98 -53.66
CA ALA H 123 10.14 -35.11 -53.57
C ALA H 123 9.76 -36.59 -53.55
N LEU H 124 10.45 -37.39 -54.35
CA LEU H 124 10.30 -38.84 -54.34
C LEU H 124 10.75 -39.43 -52.99
N ASN H 125 11.84 -38.89 -52.43
CA ASN H 125 12.31 -39.32 -51.11
C ASN H 125 11.30 -39.07 -50.00
N VAL H 126 10.59 -37.95 -50.08
CA VAL H 126 9.52 -37.63 -49.16
C VAL H 126 8.41 -38.67 -49.24
N TYR H 127 7.99 -38.99 -50.47
CA TYR H 127 6.97 -40.01 -50.71
C TYR H 127 7.28 -41.29 -49.95
N TYR H 128 8.49 -41.80 -50.14
CA TYR H 128 8.96 -43.02 -49.47
C TYR H 128 8.98 -42.88 -47.95
N LEU H 129 9.47 -41.75 -47.46
CA LEU H 129 9.54 -41.51 -46.01
C LEU H 129 8.15 -41.51 -45.38
N LEU H 130 7.18 -40.95 -46.12
CA LEU H 130 5.79 -40.87 -45.69
C LEU H 130 5.04 -42.19 -45.80
N PHE H 131 5.31 -42.95 -46.86
CA PHE H 131 4.44 -44.05 -47.27
C PHE H 131 5.10 -45.40 -47.40
N LYS H 132 6.38 -45.40 -47.76
CA LYS H 132 7.11 -46.62 -48.11
C LYS H 132 8.55 -46.61 -47.56
N PRO H 133 8.69 -46.58 -46.24
CA PRO H 133 10.02 -46.63 -45.62
C PRO H 133 10.81 -47.90 -45.97
N GLU H 134 10.14 -49.03 -46.22
CA GLU H 134 10.85 -50.26 -46.54
C GLU H 134 11.63 -50.18 -47.84
N TYR H 135 11.08 -49.46 -48.80
CA TYR H 135 11.77 -49.32 -50.06
C TYR H 135 13.05 -48.61 -49.74
N LEU H 136 12.96 -47.65 -48.85
CA LEU H 136 14.13 -46.88 -48.49
C LEU H 136 15.17 -47.75 -47.83
N THR H 137 14.72 -48.66 -46.99
CA THR H 137 15.63 -49.55 -46.32
C THR H 137 16.39 -50.36 -47.34
N ARG H 138 15.73 -50.82 -48.39
CA ARG H 138 16.46 -51.62 -49.38
C ARG H 138 17.64 -50.95 -50.07
N MET H 139 17.44 -49.71 -50.48
CA MET H 139 18.49 -48.97 -51.17
C MET H 139 19.66 -48.68 -50.24
N ALA H 140 19.70 -49.35 -49.10
CA ALA H 140 20.81 -49.14 -48.18
C ALA H 140 22.09 -49.58 -48.85
N GLY H 141 23.12 -48.75 -48.78
CA GLY H 141 24.39 -49.07 -49.37
C GLY H 141 24.35 -48.82 -50.87
N LYS H 142 23.22 -48.31 -51.34
CA LYS H 142 23.05 -48.01 -52.77
C LYS H 142 23.89 -46.83 -53.19
N GLY H 143 24.36 -46.86 -54.44
CA GLY H 143 25.18 -45.78 -54.96
C GLY H 143 24.45 -44.46 -54.93
N THR I 2 15.61 -57.83 -23.20
CA THR I 2 15.03 -56.74 -22.43
C THR I 2 15.70 -55.42 -22.76
N LYS I 3 16.64 -55.46 -23.71
CA LYS I 3 17.37 -54.28 -24.12
C LYS I 3 17.07 -54.02 -25.59
N LYS I 4 16.73 -52.78 -25.93
CA LYS I 4 16.40 -52.45 -27.30
C LYS I 4 17.39 -51.50 -27.98
N VAL I 5 17.86 -51.89 -29.16
CA VAL I 5 18.79 -51.13 -29.97
C VAL I 5 18.16 -50.67 -31.28
N GLY I 6 18.36 -49.40 -31.63
CA GLY I 6 17.92 -48.87 -32.91
C GLY I 6 19.12 -48.76 -33.83
N ILE I 7 18.92 -49.09 -35.10
CA ILE I 7 19.97 -48.93 -36.11
C ILE I 7 19.45 -48.10 -37.26
N VAL I 8 20.10 -46.96 -37.48
CA VAL I 8 19.73 -46.02 -38.54
C VAL I 8 20.84 -45.91 -39.57
N ASP I 9 20.50 -46.20 -40.82
CA ASP I 9 21.46 -46.16 -41.90
C ASP I 9 20.86 -45.38 -43.06
N THR I 10 21.55 -45.37 -44.18
CA THR I 10 21.15 -44.56 -45.32
C THR I 10 21.16 -45.33 -46.64
N THR I 11 20.52 -44.75 -47.66
CA THR I 11 20.60 -45.24 -49.04
C THR I 11 21.82 -44.64 -49.75
N PHE I 12 22.27 -43.47 -49.28
CA PHE I 12 23.45 -42.78 -49.79
C PHE I 12 24.71 -43.62 -49.67
N ALA I 13 24.91 -44.23 -48.49
CA ALA I 13 26.09 -45.05 -48.23
C ALA I 13 26.28 -46.11 -49.33
N ARG I 14 27.54 -46.46 -49.57
CA ARG I 14 27.87 -47.37 -50.66
C ARG I 14 28.19 -48.77 -50.15
N VAL I 15 28.17 -48.94 -48.83
CA VAL I 15 28.31 -50.27 -48.22
C VAL I 15 27.21 -50.47 -47.20
N ASP I 16 26.56 -51.64 -47.24
CA ASP I 16 25.56 -51.99 -46.24
C ASP I 16 26.28 -52.28 -44.93
N MET I 17 26.12 -51.37 -43.97
CA MET I 17 26.80 -51.47 -42.67
C MET I 17 25.92 -52.14 -41.62
N ALA I 18 24.60 -52.08 -41.82
CA ALA I 18 23.62 -52.55 -40.83
C ALA I 18 23.59 -54.08 -40.59
N SER I 19 23.75 -54.86 -41.65
CA SER I 19 23.61 -56.31 -41.55
C SER I 19 24.65 -56.92 -40.60
N ALA I 20 25.89 -56.47 -40.72
CA ALA I 20 27.01 -56.93 -39.91
C ALA I 20 26.92 -56.52 -38.44
N ALA I 21 26.36 -55.34 -38.21
CA ALA I 21 26.16 -54.83 -36.87
C ALA I 21 25.04 -55.62 -36.18
N ILE I 22 23.97 -55.86 -36.93
CA ILE I 22 22.83 -56.69 -36.51
C ILE I 22 23.28 -58.10 -36.15
N LEU I 23 24.09 -58.71 -37.03
CA LEU I 23 24.61 -60.06 -36.82
C LEU I 23 25.50 -60.13 -35.57
N THR I 24 26.38 -59.14 -35.40
CA THR I 24 27.21 -59.04 -34.22
C THR I 24 26.45 -59.04 -32.89
N LEU I 25 25.45 -58.19 -32.80
CA LEU I 25 24.66 -58.03 -31.57
C LEU I 25 23.80 -59.24 -31.19
N LYS I 26 23.22 -59.88 -32.20
CA LYS I 26 22.40 -61.09 -32.04
C LYS I 26 23.32 -62.22 -31.58
N MET I 27 24.53 -62.25 -32.12
CA MET I 27 25.59 -63.19 -31.73
C MET I 27 26.01 -63.01 -30.25
N GLU I 28 26.21 -61.76 -29.82
CA GLU I 28 26.57 -61.48 -28.43
C GLU I 28 25.39 -61.61 -27.44
N SER I 29 24.21 -61.20 -27.85
CA SER I 29 23.04 -61.31 -26.98
C SER I 29 21.98 -62.14 -27.66
N PRO I 30 21.52 -63.22 -26.94
CA PRO I 30 20.50 -64.02 -27.63
C PRO I 30 19.15 -63.38 -27.90
N ASN I 31 18.62 -62.66 -26.92
CA ASN I 31 17.28 -62.07 -27.06
C ASN I 31 17.15 -60.59 -27.35
N ILE I 32 18.24 -59.90 -27.64
CA ILE I 32 18.15 -58.47 -27.87
C ILE I 32 17.23 -58.08 -29.02
N LYS I 33 16.43 -57.06 -28.78
CA LYS I 33 15.46 -56.49 -29.72
C LYS I 33 16.17 -55.50 -30.66
N ILE I 34 15.84 -55.56 -31.95
CA ILE I 34 16.44 -54.67 -32.94
C ILE I 34 15.37 -53.97 -33.79
N ILE I 35 15.57 -52.69 -34.03
CA ILE I 35 14.69 -51.88 -34.86
C ILE I 35 15.56 -51.09 -35.83
N ARG I 36 15.15 -51.07 -37.09
CA ARG I 36 15.89 -50.45 -38.20
C ARG I 36 15.03 -49.38 -38.85
N LYS I 37 15.67 -48.26 -39.16
CA LYS I 37 15.13 -47.22 -40.04
C LYS I 37 16.24 -46.81 -40.95
N THR I 38 15.89 -46.65 -42.24
CA THR I 38 16.80 -46.17 -43.26
C THR I 38 16.31 -44.81 -43.73
N VAL I 39 17.22 -43.86 -43.81
CA VAL I 39 16.92 -42.53 -44.30
C VAL I 39 17.75 -42.33 -45.57
N PRO I 40 17.43 -41.32 -46.37
CA PRO I 40 18.20 -41.05 -47.59
C PRO I 40 19.66 -40.70 -47.36
N GLY I 41 19.90 -39.69 -46.51
CA GLY I 41 21.23 -39.15 -46.33
C GLY I 41 21.67 -39.07 -44.88
N ILE I 42 22.89 -38.55 -44.72
CA ILE I 42 23.52 -38.46 -43.42
C ILE I 42 22.93 -37.34 -42.55
N LYS I 43 22.43 -36.29 -43.21
CA LYS I 43 21.76 -35.18 -42.53
C LYS I 43 20.36 -35.55 -42.05
N ASP I 44 19.85 -36.70 -42.51
CA ASP I 44 18.54 -37.17 -42.07
C ASP I 44 18.66 -38.11 -40.86
N LEU I 45 19.90 -38.42 -40.49
CA LEU I 45 20.19 -39.33 -39.39
C LEU I 45 19.75 -38.84 -37.99
N PRO I 46 20.11 -37.61 -37.60
CA PRO I 46 19.78 -37.10 -36.26
C PRO I 46 18.33 -37.26 -35.78
N VAL I 47 17.33 -36.89 -36.57
CA VAL I 47 15.93 -36.97 -36.13
C VAL I 47 15.43 -38.40 -36.09
N ALA I 48 15.82 -39.20 -37.08
CA ALA I 48 15.43 -40.60 -37.12
C ALA I 48 15.98 -41.30 -35.87
N CYS I 49 17.24 -41.02 -35.54
CA CYS I 49 17.87 -41.52 -34.33
C CYS I 49 17.09 -41.08 -33.08
N LYS I 50 16.72 -39.81 -33.00
CA LYS I 50 15.97 -39.27 -31.85
C LYS I 50 14.58 -39.88 -31.69
N LYS I 51 13.85 -40.03 -32.80
CA LYS I 51 12.55 -40.70 -32.76
C LYS I 51 12.65 -42.15 -32.28
N LEU I 52 13.69 -42.87 -32.68
CA LEU I 52 13.89 -44.25 -32.25
C LEU I 52 14.13 -44.32 -30.73
N LEU I 53 14.88 -43.35 -30.21
CA LEU I 53 15.14 -43.26 -28.78
C LEU I 53 13.89 -42.87 -28.00
N GLU I 54 13.10 -41.96 -28.57
CA GLU I 54 11.99 -41.40 -27.84
C GLU I 54 10.64 -42.05 -28.10
N GLU I 55 10.42 -42.56 -29.31
CA GLU I 55 9.09 -43.03 -29.71
C GLU I 55 9.04 -44.53 -29.96
N GLU I 56 10.20 -45.17 -30.03
CA GLU I 56 10.26 -46.60 -30.25
C GLU I 56 10.94 -47.32 -29.08
N GLY I 57 11.23 -46.54 -28.04
CA GLY I 57 11.80 -47.04 -26.80
C GLY I 57 13.13 -47.76 -26.89
N CYS I 58 14.01 -47.31 -27.78
CA CYS I 58 15.35 -47.86 -27.87
C CYS I 58 16.22 -47.36 -26.73
N ASP I 59 17.01 -48.26 -26.15
CA ASP I 59 17.95 -47.86 -25.10
C ASP I 59 19.17 -47.16 -25.69
N ILE I 60 19.50 -47.51 -26.93
CA ILE I 60 20.69 -46.96 -27.60
C ILE I 60 20.46 -47.04 -29.11
N VAL I 61 21.20 -46.21 -29.85
CA VAL I 61 21.13 -46.24 -31.30
C VAL I 61 22.54 -46.27 -31.95
N MET I 62 22.64 -46.99 -33.06
CA MET I 62 23.81 -46.90 -33.93
C MET I 62 23.42 -46.08 -35.13
N ALA I 63 24.17 -45.01 -35.37
CA ALA I 63 23.94 -44.16 -36.53
C ALA I 63 25.00 -44.44 -37.58
N LEU I 64 24.60 -45.05 -38.69
CA LEU I 64 25.56 -45.49 -39.70
C LEU I 64 25.48 -44.62 -40.95
N GLY I 65 26.63 -44.07 -41.35
CA GLY I 65 26.73 -43.26 -42.54
C GLY I 65 28.11 -43.28 -43.19
N MET I 66 28.15 -42.80 -44.43
CA MET I 66 29.39 -42.76 -45.19
C MET I 66 29.50 -41.44 -45.91
N PRO I 67 30.21 -40.48 -45.31
CA PRO I 67 30.50 -39.22 -45.99
C PRO I 67 31.28 -39.44 -47.30
N GLY I 68 30.95 -38.64 -48.32
CA GLY I 68 31.67 -38.66 -49.58
C GLY I 68 33.04 -38.05 -49.44
N LYS I 69 33.64 -37.70 -50.58
CA LYS I 69 35.05 -37.29 -50.64
C LYS I 69 35.28 -35.77 -50.65
N ALA I 70 34.34 -35.04 -51.25
CA ALA I 70 34.43 -33.58 -51.39
C ALA I 70 34.40 -32.84 -50.05
N GLU I 71 35.00 -31.64 -50.03
CA GLU I 71 35.03 -30.79 -48.85
C GLU I 71 33.63 -30.28 -48.46
N LYS I 72 32.62 -30.71 -49.22
CA LYS I 72 31.24 -30.35 -48.97
C LYS I 72 30.49 -31.48 -48.25
N ASP I 73 30.89 -32.72 -48.53
CA ASP I 73 30.41 -33.89 -47.78
C ASP I 73 31.05 -33.89 -46.39
N LYS I 74 32.26 -33.34 -46.30
CA LYS I 74 32.94 -33.11 -45.03
C LYS I 74 32.12 -32.20 -44.11
N VAL I 75 31.51 -31.16 -44.69
CA VAL I 75 30.70 -30.21 -43.94
C VAL I 75 29.37 -30.86 -43.55
N CYS I 76 28.74 -31.56 -44.49
CA CYS I 76 27.55 -32.38 -44.22
C CYS I 76 27.72 -33.32 -43.02
N ALA I 77 28.84 -34.06 -42.97
CA ALA I 77 29.11 -34.99 -41.84
C ALA I 77 29.32 -34.28 -40.50
N HIS I 78 30.02 -33.15 -40.52
CA HIS I 78 30.21 -32.32 -39.34
C HIS I 78 28.85 -31.84 -38.82
N GLU I 79 28.03 -31.35 -39.74
CA GLU I 79 26.65 -30.96 -39.45
C GLU I 79 25.91 -32.15 -38.85
N ALA I 80 26.00 -33.30 -39.51
CA ALA I 80 25.33 -34.52 -39.04
C ALA I 80 25.84 -35.00 -37.70
N SER I 81 27.13 -34.79 -37.41
CA SER I 81 27.71 -35.23 -36.12
C SER I 81 27.25 -34.42 -34.91
N LEU I 82 27.19 -33.09 -35.07
CA LEU I 82 26.62 -32.22 -34.03
C LEU I 82 25.15 -32.59 -33.75
N GLY I 83 24.37 -32.75 -34.82
CA GLY I 83 23.00 -33.24 -34.73
C GLY I 83 22.91 -34.48 -33.88
N LEU I 84 23.77 -35.46 -34.17
CA LEU I 84 23.83 -36.68 -33.37
C LEU I 84 24.11 -36.38 -31.90
N MET I 85 25.06 -35.49 -31.63
CA MET I 85 25.39 -35.14 -30.26
C MET I 85 24.23 -34.45 -29.55
N LEU I 86 23.53 -33.58 -30.27
CA LEU I 86 22.40 -32.84 -29.73
C LEU I 86 21.22 -33.75 -29.43
N ALA I 87 20.99 -34.72 -30.30
CA ALA I 87 19.95 -35.73 -30.10
C ALA I 87 20.25 -36.57 -28.84
N GLN I 88 21.50 -36.92 -28.63
CA GLN I 88 21.94 -37.59 -27.42
C GLN I 88 21.71 -36.74 -26.16
N LEU I 89 22.05 -35.46 -26.21
CA LEU I 89 21.89 -34.63 -25.03
C LEU I 89 20.43 -34.31 -24.66
N MET I 90 19.56 -34.31 -25.67
CA MET I 90 18.13 -34.06 -25.46
C MET I 90 17.44 -35.27 -24.80
N THR I 91 17.86 -36.47 -25.23
CA THR I 91 17.32 -37.73 -24.71
C THR I 91 18.08 -38.53 -23.62
N ASN I 92 19.25 -38.07 -23.18
CA ASN I 92 20.00 -38.83 -22.15
C ASN I 92 20.21 -40.30 -22.53
N LYS I 93 20.67 -40.51 -23.75
CA LYS I 93 20.89 -41.81 -24.37
C LYS I 93 21.96 -41.74 -25.44
N HIS I 94 22.80 -42.77 -25.48
CA HIS I 94 23.92 -42.83 -26.42
C HIS I 94 23.42 -43.05 -27.84
N ILE I 95 24.06 -42.36 -28.77
CA ILE I 95 24.01 -42.73 -30.16
C ILE I 95 25.46 -42.97 -30.53
N ILE I 96 25.77 -44.21 -30.92
CA ILE I 96 27.11 -44.52 -31.40
C ILE I 96 27.23 -44.15 -32.88
N GLU I 97 28.02 -43.14 -33.19
CA GLU I 97 28.15 -42.72 -34.56
C GLU I 97 29.14 -43.57 -35.35
N VAL I 98 28.64 -44.25 -36.37
CA VAL I 98 29.49 -45.06 -37.23
C VAL I 98 29.58 -44.47 -38.65
N PHE I 99 30.50 -43.49 -38.79
CA PHE I 99 30.76 -42.83 -40.06
C PHE I 99 32.02 -43.36 -40.69
N VAL I 100 31.91 -43.87 -41.92
CA VAL I 100 33.09 -44.27 -42.67
C VAL I 100 33.25 -43.36 -43.88
N HIS I 101 34.13 -42.37 -43.79
CA HIS I 101 34.42 -41.50 -44.94
C HIS I 101 34.99 -42.31 -46.09
N GLU I 102 34.65 -41.93 -47.33
CA GLU I 102 35.15 -42.63 -48.50
C GLU I 102 36.66 -42.41 -48.69
N ASP I 103 37.19 -41.33 -48.12
CA ASP I 103 38.63 -41.01 -48.25
C ASP I 103 39.56 -41.94 -47.47
N GLU I 104 38.99 -42.76 -46.60
CA GLU I 104 39.78 -43.61 -45.71
C GLU I 104 40.24 -44.92 -46.35
N ALA I 105 39.55 -45.33 -47.42
CA ALA I 105 39.91 -46.53 -48.17
C ALA I 105 40.56 -46.16 -49.52
N LYS I 106 41.38 -47.09 -50.04
CA LYS I 106 42.19 -46.84 -51.24
C LYS I 106 41.55 -47.41 -52.53
N ASP I 107 40.48 -48.19 -52.34
CA ASP I 107 39.66 -48.76 -53.41
C ASP I 107 38.34 -49.21 -52.79
N ASP I 108 37.46 -49.84 -53.57
CA ASP I 108 36.14 -50.22 -53.05
C ASP I 108 36.19 -51.46 -52.15
N ALA I 109 37.11 -52.37 -52.47
CA ALA I 109 37.31 -53.60 -51.70
C ALA I 109 37.70 -53.27 -50.27
N GLU I 110 38.60 -52.30 -50.11
CA GLU I 110 39.02 -51.82 -48.79
C GLU I 110 37.86 -51.15 -48.03
N LEU I 111 37.06 -50.36 -48.75
CA LEU I 111 35.95 -49.63 -48.18
C LEU I 111 34.80 -50.50 -47.68
N LYS I 112 34.54 -51.57 -48.42
CA LYS I 112 33.61 -52.60 -47.99
C LYS I 112 34.13 -53.25 -46.71
N ILE I 113 35.42 -53.62 -46.73
CA ILE I 113 36.11 -54.19 -45.58
C ILE I 113 36.10 -53.26 -44.36
N LEU I 114 36.56 -52.03 -44.56
CA LEU I 114 36.65 -51.04 -43.48
C LEU I 114 35.32 -50.72 -42.84
N ALA I 115 34.30 -50.49 -43.66
CA ALA I 115 32.96 -50.13 -43.16
C ALA I 115 32.33 -51.26 -42.35
N ALA I 116 32.48 -52.49 -42.83
CA ALA I 116 31.95 -53.68 -42.17
C ALA I 116 32.64 -53.93 -40.83
N ARG I 117 33.96 -53.72 -40.79
CA ARG I 117 34.76 -53.93 -39.59
C ARG I 117 34.44 -52.89 -38.50
N ARG I 118 34.49 -51.61 -38.88
CA ARG I 118 34.11 -50.50 -38.00
C ARG I 118 32.71 -50.71 -37.40
N ALA I 119 31.75 -51.16 -38.23
CA ALA I 119 30.38 -51.45 -37.81
C ALA I 119 30.32 -52.54 -36.74
N ILE I 120 31.03 -53.63 -37.01
CA ILE I 120 31.10 -54.77 -36.12
C ILE I 120 31.68 -54.41 -34.76
N GLU I 121 32.80 -53.70 -34.77
CA GLU I 121 33.43 -53.34 -33.52
C GLU I 121 32.54 -52.46 -32.71
N HIS I 122 31.97 -51.47 -33.36
CA HIS I 122 31.10 -50.54 -32.69
C HIS I 122 29.87 -51.27 -32.14
N ALA I 123 29.45 -52.31 -32.85
CA ALA I 123 28.38 -53.19 -32.40
C ALA I 123 28.79 -53.90 -31.11
N LEU I 124 30.05 -54.29 -31.02
CA LEU I 124 30.63 -54.85 -29.81
C LEU I 124 30.66 -53.79 -28.69
N ASN I 125 30.99 -52.55 -29.05
CA ASN I 125 30.97 -51.45 -28.08
C ASN I 125 29.59 -51.21 -27.47
N VAL I 126 28.55 -51.34 -28.29
CA VAL I 126 27.17 -51.24 -27.83
C VAL I 126 26.86 -52.33 -26.80
N TYR I 127 27.26 -53.57 -27.12
CA TYR I 127 27.07 -54.71 -26.22
C TYR I 127 27.59 -54.39 -24.82
N TYR I 128 28.82 -53.90 -24.77
CA TYR I 128 29.45 -53.54 -23.52
C TYR I 128 28.73 -52.42 -22.80
N LEU I 129 28.37 -51.39 -23.53
CA LEU I 129 27.66 -50.24 -22.96
C LEU I 129 26.33 -50.65 -22.34
N LEU I 130 25.67 -51.60 -22.99
CA LEU I 130 24.39 -52.13 -22.56
C LEU I 130 24.50 -53.12 -21.38
N PHE I 131 25.45 -54.04 -21.48
CA PHE I 131 25.59 -55.07 -20.45
C PHE I 131 26.92 -55.19 -19.73
N LYS I 132 28.01 -54.67 -20.31
CA LYS I 132 29.27 -54.80 -19.63
C LYS I 132 30.05 -53.52 -19.57
N PRO I 133 29.60 -52.57 -18.79
CA PRO I 133 30.33 -51.34 -18.68
C PRO I 133 31.69 -51.50 -17.99
N GLU I 134 31.73 -52.37 -16.99
CA GLU I 134 32.94 -52.55 -16.22
C GLU I 134 34.07 -52.95 -17.14
N TYR I 135 33.73 -53.77 -18.12
CA TYR I 135 34.71 -54.20 -19.05
C TYR I 135 35.23 -52.99 -19.78
N LEU I 136 34.36 -52.06 -20.13
CA LEU I 136 34.80 -50.90 -20.87
C LEU I 136 35.76 -50.11 -20.03
N THR I 137 35.45 -50.04 -18.76
CA THR I 137 36.25 -49.30 -17.81
C THR I 137 37.66 -49.85 -17.83
N ARG I 138 37.81 -51.16 -17.94
CA ARG I 138 39.18 -51.71 -17.96
C ARG I 138 40.11 -51.24 -19.10
N MET I 139 39.55 -51.12 -20.30
CA MET I 139 40.31 -50.68 -21.46
C MET I 139 40.39 -49.16 -21.48
N ALA I 140 41.06 -48.60 -20.47
CA ALA I 140 41.20 -47.16 -20.37
C ALA I 140 42.30 -46.64 -21.30
N GLY I 141 43.31 -47.48 -21.53
CA GLY I 141 44.42 -47.11 -22.40
C GLY I 141 44.52 -48.01 -23.61
N LYS I 142 44.63 -47.42 -24.79
CA LYS I 142 44.74 -48.17 -26.02
C LYS I 142 45.83 -47.60 -26.93
N THR J 2 -2.32 -3.07 -35.61
CA THR J 2 -2.58 -4.40 -35.08
C THR J 2 -1.37 -5.30 -35.25
N LYS J 3 -0.33 -4.77 -35.90
CA LYS J 3 0.89 -5.53 -36.14
C LYS J 3 2.06 -4.84 -35.48
N LYS J 4 2.91 -5.60 -34.79
CA LYS J 4 4.05 -5.01 -34.09
C LYS J 4 5.41 -5.50 -34.58
N VAL J 5 6.34 -4.56 -34.73
CA VAL J 5 7.71 -4.82 -35.17
C VAL J 5 8.72 -4.26 -34.17
N GLY J 6 9.74 -5.08 -33.86
CA GLY J 6 10.84 -4.64 -33.02
C GLY J 6 12.04 -4.36 -33.90
N ILE J 7 12.77 -3.30 -33.59
CA ILE J 7 14.02 -2.98 -34.29
C ILE J 7 15.16 -2.85 -33.31
N VAL J 8 16.16 -3.71 -33.46
CA VAL J 8 17.33 -3.72 -32.60
C VAL J 8 18.59 -3.37 -33.39
N ASP J 9 19.28 -2.33 -32.92
CA ASP J 9 20.47 -1.86 -33.59
C ASP J 9 21.55 -1.66 -32.53
N THR J 10 22.68 -1.10 -32.95
CA THR J 10 23.83 -0.99 -32.07
C THR J 10 24.45 0.41 -32.08
N THR J 11 25.32 0.69 -31.11
CA THR J 11 26.14 1.89 -31.08
C THR J 11 27.46 1.67 -31.85
N PHE J 12 27.86 0.39 -31.95
CA PHE J 12 29.04 -0.03 -32.70
C PHE J 12 28.96 0.35 -34.18
N ALA J 13 27.81 0.08 -34.80
CA ALA J 13 27.60 0.38 -36.22
C ALA J 13 27.96 1.84 -36.54
N ARG J 14 28.40 2.05 -37.77
CA ARG J 14 28.89 3.35 -38.17
C ARG J 14 27.87 4.09 -39.04
N VAL J 15 26.76 3.43 -39.34
CA VAL J 15 25.65 4.06 -40.05
C VAL J 15 24.36 3.78 -39.30
N ASP J 16 23.54 4.82 -39.10
CA ASP J 16 22.22 4.65 -38.49
C ASP J 16 21.32 3.96 -39.51
N MET J 17 21.00 2.69 -39.24
CA MET J 17 20.19 1.87 -40.15
C MET J 17 18.71 1.90 -39.79
N ALA J 18 18.43 2.18 -38.50
CA ALA J 18 17.06 2.12 -37.97
C ALA J 18 16.07 3.16 -38.51
N SER J 19 16.53 4.39 -38.71
CA SER J 19 15.63 5.47 -39.11
C SER J 19 14.95 5.21 -40.47
N ALA J 20 15.74 4.73 -41.42
CA ALA J 20 15.27 4.41 -42.77
C ALA J 20 14.32 3.21 -42.83
N ALA J 21 14.57 2.25 -41.95
CA ALA J 21 13.73 1.07 -41.86
C ALA J 21 12.38 1.44 -41.25
N ILE J 22 12.44 2.26 -40.19
CA ILE J 22 11.28 2.84 -39.50
C ILE J 22 10.42 3.65 -40.48
N LEU J 23 11.06 4.51 -41.26
CA LEU J 23 10.39 5.35 -42.25
C LEU J 23 9.70 4.51 -43.33
N THR J 24 10.41 3.50 -43.82
CA THR J 24 9.84 2.56 -44.78
C THR J 24 8.56 1.89 -44.35
N LEU J 25 8.57 1.32 -43.15
CA LEU J 25 7.42 0.58 -42.62
C LEU J 25 6.17 1.43 -42.32
N LYS J 26 6.42 2.63 -41.80
CA LYS J 26 5.36 3.61 -41.49
C LYS J 26 4.75 4.07 -42.82
N MET J 27 5.58 4.22 -43.84
CA MET J 27 5.17 4.53 -45.22
C MET J 27 4.28 3.43 -45.82
N GLU J 28 4.66 2.17 -45.66
CA GLU J 28 3.87 1.05 -46.17
C GLU J 28 2.62 0.74 -45.33
N SER J 29 2.73 0.89 -44.02
CA SER J 29 1.56 0.68 -43.19
C SER J 29 1.45 1.76 -42.13
N PRO J 30 0.29 2.41 -42.04
CA PRO J 30 0.08 3.46 -41.04
C PRO J 30 -0.52 3.03 -39.67
N ASN J 31 -0.79 1.75 -39.49
CA ASN J 31 -1.38 1.22 -38.24
C ASN J 31 -0.42 0.22 -37.57
N ILE J 32 0.85 0.41 -37.90
CA ILE J 32 1.94 -0.43 -37.44
C ILE J 32 2.75 0.22 -36.34
N LYS J 33 2.81 -0.53 -35.27
CA LYS J 33 3.50 -0.25 -33.99
C LYS J 33 4.98 -0.56 -34.13
N ILE J 34 5.84 0.32 -33.59
CA ILE J 34 7.28 0.13 -33.64
C ILE J 34 7.91 0.27 -32.25
N ILE J 35 8.85 -0.61 -31.95
CA ILE J 35 9.59 -0.58 -30.70
C ILE J 35 11.07 -0.76 -31.04
N ARG J 36 11.91 0.06 -30.41
CA ARG J 36 13.34 0.13 -30.66
C ARG J 36 14.12 -0.17 -29.38
N LYS J 37 15.18 -0.95 -29.52
CA LYS J 37 16.18 -1.13 -28.49
C LYS J 37 17.52 -1.08 -29.20
N THR J 38 18.46 -0.37 -28.57
CA THR J 38 19.82 -0.28 -29.04
C THR J 38 20.73 -0.96 -28.02
N VAL J 39 21.61 -1.81 -28.53
CA VAL J 39 22.58 -2.49 -27.70
C VAL J 39 23.97 -2.00 -28.13
N PRO J 40 25.00 -2.26 -27.34
CA PRO J 40 26.37 -1.84 -27.71
C PRO J 40 26.90 -2.51 -28.98
N GLY J 41 26.86 -3.84 -29.04
CA GLY J 41 27.49 -4.59 -30.09
C GLY J 41 26.57 -5.60 -30.76
N ILE J 42 27.16 -6.29 -31.73
CA ILE J 42 26.43 -7.26 -32.54
C ILE J 42 26.14 -8.56 -31.77
N LYS J 43 27.02 -8.90 -30.82
CA LYS J 43 26.85 -10.07 -29.96
C LYS J 43 25.77 -9.83 -28.89
N ASP J 44 25.34 -8.59 -28.73
CA ASP J 44 24.27 -8.27 -27.78
C ASP J 44 22.90 -8.30 -28.45
N LEU J 45 22.89 -8.48 -29.77
CA LEU J 45 21.67 -8.49 -30.55
C LEU J 45 20.69 -9.66 -30.26
N PRO J 46 21.17 -10.90 -30.23
CA PRO J 46 20.28 -12.06 -30.03
C PRO J 46 19.30 -11.99 -28.84
N VAL J 47 19.76 -11.64 -27.64
CA VAL J 47 18.86 -11.62 -26.48
C VAL J 47 17.91 -10.44 -26.50
N ALA J 48 18.39 -9.29 -26.95
CA ALA J 48 17.54 -8.11 -27.07
C ALA J 48 16.40 -8.42 -28.05
N CYS J 49 16.75 -9.03 -29.17
CA CYS J 49 15.79 -9.50 -30.16
C CYS J 49 14.77 -10.46 -29.54
N LYS J 50 15.25 -11.45 -28.77
CA LYS J 50 14.37 -12.44 -28.14
C LYS J 50 13.43 -11.83 -27.09
N LYS J 51 13.94 -10.93 -26.26
CA LYS J 51 13.09 -10.22 -25.30
C LYS J 51 11.98 -9.40 -25.98
N LEU J 52 12.30 -8.76 -27.11
CA LEU J 52 11.32 -7.98 -27.85
C LEU J 52 10.20 -8.89 -28.39
N LEU J 53 10.58 -10.07 -28.86
CA LEU J 53 9.61 -11.05 -29.34
C LEU J 53 8.77 -11.64 -28.21
N GLU J 54 9.40 -11.87 -27.06
CA GLU J 54 8.73 -12.57 -25.98
C GLU J 54 8.10 -11.68 -24.92
N GLU J 55 8.68 -10.52 -24.66
CA GLU J 55 8.27 -9.69 -23.52
C GLU J 55 7.65 -8.36 -23.95
N GLU J 56 7.79 -8.01 -25.21
CA GLU J 56 7.22 -6.77 -25.73
C GLU J 56 6.19 -7.04 -26.81
N GLY J 57 5.90 -8.32 -27.02
CA GLY J 57 4.90 -8.78 -27.97
C GLY J 57 5.07 -8.38 -29.42
N CYS J 58 6.29 -8.33 -29.89
CA CYS J 58 6.57 -8.07 -31.31
C CYS J 58 6.27 -9.30 -32.14
N ASP J 59 5.63 -9.08 -33.29
CA ASP J 59 5.37 -10.17 -34.23
C ASP J 59 6.63 -10.56 -34.99
N ILE J 60 7.52 -9.59 -35.17
CA ILE J 60 8.75 -9.80 -35.94
C ILE J 60 9.79 -8.79 -35.47
N VAL J 61 11.06 -9.09 -35.72
CA VAL J 61 12.16 -8.18 -35.38
C VAL J 61 13.13 -8.00 -36.54
N MET J 62 13.66 -6.78 -36.67
CA MET J 62 14.79 -6.50 -37.54
C MET J 62 16.00 -6.35 -36.68
N ALA J 63 17.02 -7.16 -36.95
CA ALA J 63 18.29 -7.08 -36.22
C ALA J 63 19.32 -6.40 -37.09
N LEU J 64 19.71 -5.19 -36.71
CA LEU J 64 20.61 -4.38 -37.54
C LEU J 64 22.00 -4.28 -36.93
N GLY J 65 23.01 -4.65 -37.73
CA GLY J 65 24.39 -4.59 -37.31
C GLY J 65 25.38 -4.40 -38.44
N MET J 66 26.60 -4.01 -38.08
CA MET J 66 27.66 -3.79 -39.05
C MET J 66 28.95 -4.40 -38.56
N PRO J 67 29.24 -5.62 -39.00
CA PRO J 67 30.53 -6.24 -38.70
C PRO J 67 31.70 -5.40 -39.23
N GLY J 68 32.79 -5.35 -38.46
CA GLY J 68 34.01 -4.68 -38.88
C GLY J 68 34.72 -5.47 -39.95
N LYS J 69 36.00 -5.15 -40.16
CA LYS J 69 36.77 -5.66 -41.30
C LYS J 69 37.66 -6.87 -40.99
N ALA J 70 38.17 -6.93 -39.76
CA ALA J 70 39.08 -7.98 -39.32
C ALA J 70 38.42 -9.36 -39.29
N GLU J 71 39.25 -10.40 -39.43
CA GLU J 71 38.79 -11.80 -39.40
C GLU J 71 38.26 -12.19 -38.02
N LYS J 72 38.27 -11.24 -37.10
CA LYS J 72 37.76 -11.44 -35.74
C LYS J 72 36.34 -10.88 -35.59
N ASP J 73 36.04 -9.81 -36.33
CA ASP J 73 34.69 -9.28 -36.45
C ASP J 73 33.84 -10.24 -37.29
N LYS J 74 34.49 -10.91 -38.22
CA LYS J 74 33.89 -11.97 -39.02
C LYS J 74 33.36 -13.11 -38.15
N VAL J 75 34.13 -13.47 -37.11
CA VAL J 75 33.77 -14.53 -36.19
C VAL J 75 32.64 -14.04 -35.26
N CYS J 76 32.77 -12.82 -34.75
CA CYS J 76 31.70 -12.16 -33.98
C CYS J 76 30.35 -12.18 -34.70
N ALA J 77 30.31 -11.82 -35.99
CA ALA J 77 29.07 -11.83 -36.77
C ALA J 77 28.47 -13.22 -36.99
N HIS J 78 29.34 -14.20 -37.24
CA HIS J 78 28.94 -15.60 -37.36
C HIS J 78 28.29 -16.07 -36.05
N GLU J 79 28.97 -15.76 -34.95
CA GLU J 79 28.46 -16.02 -33.60
C GLU J 79 27.10 -15.33 -33.45
N ALA J 80 27.04 -14.04 -33.80
CA ALA J 80 25.79 -13.28 -33.69
C ALA J 80 24.69 -13.80 -34.59
N SER J 81 25.04 -14.36 -35.76
CA SER J 81 24.03 -14.88 -36.69
C SER J 81 23.36 -16.17 -36.23
N LEU J 82 24.15 -17.10 -35.67
CA LEU J 82 23.61 -18.31 -35.06
C LEU J 82 22.67 -17.96 -33.90
N GLY J 83 23.12 -17.08 -33.02
CA GLY J 83 22.30 -16.52 -31.96
C GLY J 83 20.96 -16.05 -32.47
N LEU J 84 20.98 -15.25 -33.53
CA LEU J 84 19.74 -14.79 -34.15
C LEU J 84 18.88 -15.96 -34.60
N MET J 85 19.49 -16.97 -35.23
CA MET J 85 18.72 -18.14 -35.68
C MET J 85 18.12 -18.92 -34.51
N LEU J 86 18.88 -19.03 -33.43
CA LEU J 86 18.44 -19.77 -32.24
C LEU J 86 17.31 -19.05 -31.52
N ALA J 87 17.38 -17.72 -31.48
CA ALA J 87 16.33 -16.90 -30.92
C ALA J 87 15.02 -17.05 -31.71
N GLN J 88 15.14 -17.10 -33.03
CA GLN J 88 14.00 -17.39 -33.91
C GLN J 88 13.40 -18.78 -33.64
N LEU J 89 14.23 -19.80 -33.50
CA LEU J 89 13.69 -21.15 -33.31
C LEU J 89 13.06 -21.37 -31.93
N MET J 90 13.52 -20.63 -30.92
CA MET J 90 12.97 -20.72 -29.57
C MET J 90 11.57 -20.07 -29.48
N THR J 91 11.42 -18.95 -30.21
CA THR J 91 10.16 -18.19 -30.23
C THR J 91 9.19 -18.36 -31.43
N ASN J 92 9.51 -19.16 -32.44
CA ASN J 92 8.58 -19.33 -33.58
C ASN J 92 8.18 -17.98 -34.21
N LYS J 93 9.18 -17.15 -34.47
CA LYS J 93 9.06 -15.80 -34.99
C LYS J 93 10.30 -15.38 -35.73
N HIS J 94 10.09 -14.69 -36.85
CA HIS J 94 11.19 -14.25 -37.71
C HIS J 94 11.98 -13.13 -37.07
N ILE J 95 13.29 -13.21 -37.23
CA ILE J 95 14.16 -12.07 -37.04
C ILE J 95 14.83 -11.90 -38.38
N ILE J 96 14.60 -10.75 -39.01
CA ILE J 96 15.29 -10.43 -40.26
C ILE J 96 16.65 -9.83 -39.95
N GLU J 97 17.72 -10.59 -40.25
CA GLU J 97 19.08 -10.12 -40.01
C GLU J 97 19.53 -9.10 -41.04
N VAL J 98 19.80 -7.87 -40.59
CA VAL J 98 20.35 -6.84 -41.49
C VAL J 98 21.80 -6.48 -41.10
N PHE J 99 22.74 -7.29 -41.56
CA PHE J 99 24.16 -7.08 -41.33
C PHE J 99 24.82 -6.49 -42.56
N VAL J 100 25.45 -5.33 -42.39
CA VAL J 100 26.25 -4.74 -43.47
C VAL J 100 27.72 -4.75 -43.06
N HIS J 101 28.49 -5.71 -43.54
CA HIS J 101 29.95 -5.75 -43.28
C HIS J 101 30.61 -4.49 -43.86
N GLU J 102 31.62 -3.99 -43.17
CA GLU J 102 32.35 -2.81 -43.64
C GLU J 102 33.15 -3.11 -44.93
N ASP J 103 33.48 -4.38 -45.17
CA ASP J 103 34.26 -4.79 -46.34
C ASP J 103 33.51 -4.68 -47.67
N GLU J 104 32.21 -4.48 -47.59
CA GLU J 104 31.35 -4.49 -48.78
C GLU J 104 31.32 -3.17 -49.53
N ALA J 105 31.68 -2.08 -48.84
CA ALA J 105 31.75 -0.75 -49.43
C ALA J 105 33.22 -0.32 -49.63
N LYS J 106 33.44 0.58 -50.61
CA LYS J 106 34.78 0.99 -51.03
C LYS J 106 35.25 2.31 -50.38
N ASP J 107 34.31 2.98 -49.71
CA ASP J 107 34.54 4.21 -48.94
C ASP J 107 33.34 4.38 -48.01
N ASP J 108 33.29 5.49 -47.27
CA ASP J 108 32.22 5.69 -46.29
C ASP J 108 30.89 6.10 -46.94
N ALA J 109 30.99 6.86 -48.03
CA ALA J 109 29.82 7.31 -48.78
C ALA J 109 29.03 6.12 -49.29
N GLU J 110 29.74 5.12 -49.83
CA GLU J 110 29.13 3.88 -50.30
C GLU J 110 28.48 3.09 -49.17
N LEU J 111 29.16 3.04 -48.02
CA LEU J 111 28.70 2.30 -46.84
C LEU J 111 27.45 2.87 -46.20
N LYS J 112 27.36 4.20 -46.18
CA LYS J 112 26.16 4.88 -45.76
C LYS J 112 25.02 4.52 -46.72
N ILE J 113 25.31 4.61 -48.02
CA ILE J 113 24.37 4.25 -49.08
C ILE J 113 23.91 2.79 -48.98
N LEU J 114 24.87 1.87 -48.94
CA LEU J 114 24.60 0.43 -48.90
C LEU J 114 23.79 0.02 -47.70
N ALA J 115 24.17 0.50 -46.51
CA ALA J 115 23.50 0.14 -45.27
C ALA J 115 22.05 0.62 -45.23
N ALA J 116 21.83 1.85 -45.70
CA ALA J 116 20.50 2.46 -45.76
C ALA J 116 19.59 1.72 -46.73
N ARG J 117 20.15 1.32 -47.87
CA ARG J 117 19.39 0.62 -48.91
C ARG J 117 18.96 -0.79 -48.50
N ARG J 118 19.93 -1.54 -48.00
CA ARG J 118 19.67 -2.85 -47.43
C ARG J 118 18.51 -2.77 -46.44
N ALA J 119 18.68 -1.88 -45.50
CA ALA J 119 17.75 -1.69 -44.38
C ALA J 119 16.34 -1.47 -44.92
N ILE J 120 16.23 -0.57 -45.90
CA ILE J 120 14.96 -0.23 -46.52
C ILE J 120 14.32 -1.44 -47.20
N GLU J 121 15.10 -2.16 -47.99
CA GLU J 121 14.58 -3.30 -48.71
C GLU J 121 14.11 -4.37 -47.75
N HIS J 122 14.89 -4.62 -46.73
CA HIS J 122 14.55 -5.61 -45.73
C HIS J 122 13.30 -5.17 -44.98
N ALA J 123 13.15 -3.86 -44.80
CA ALA J 123 11.94 -3.28 -44.21
C ALA J 123 10.73 -3.58 -45.07
N LEU J 124 10.92 -3.53 -46.40
CA LEU J 124 9.89 -3.92 -47.35
C LEU J 124 9.60 -5.43 -47.24
N ASN J 125 10.65 -6.23 -47.03
CA ASN J 125 10.47 -7.67 -46.83
C ASN J 125 9.64 -8.01 -45.60
N VAL J 126 9.83 -7.24 -44.53
CA VAL J 126 9.02 -7.37 -43.33
C VAL J 126 7.55 -7.10 -43.61
N TYR J 127 7.28 -6.01 -44.34
CA TYR J 127 5.92 -5.65 -44.73
C TYR J 127 5.20 -6.82 -45.37
N TYR J 128 5.84 -7.42 -46.38
CA TYR J 128 5.30 -8.59 -47.09
C TYR J 128 5.09 -9.79 -46.17
N LEU J 129 6.08 -10.07 -45.31
CA LEU J 129 5.98 -11.19 -44.39
C LEU J 129 4.79 -11.03 -43.42
N LEU J 130 4.56 -9.79 -43.00
CA LEU J 130 3.48 -9.44 -42.10
C LEU J 130 2.11 -9.40 -42.76
N PHE J 131 2.06 -8.92 -44.01
CA PHE J 131 0.79 -8.52 -44.63
C PHE J 131 0.49 -9.18 -45.96
N LYS J 132 1.52 -9.50 -46.71
CA LYS J 132 1.38 -9.96 -48.09
C LYS J 132 2.28 -11.19 -48.35
N PRO J 133 1.99 -12.30 -47.67
CA PRO J 133 2.74 -13.54 -47.92
C PRO J 133 2.74 -13.90 -49.42
N GLU J 134 1.60 -13.82 -50.10
CA GLU J 134 1.53 -14.16 -51.52
C GLU J 134 2.44 -13.45 -52.51
N TYR J 135 2.68 -12.16 -52.25
CA TYR J 135 3.53 -11.38 -53.10
C TYR J 135 4.89 -12.05 -53.04
N LEU J 136 5.25 -12.53 -51.86
CA LEU J 136 6.51 -13.19 -51.66
C LEU J 136 6.59 -14.50 -52.40
N THR J 137 5.50 -15.23 -52.36
CA THR J 137 5.44 -16.51 -53.02
C THR J 137 5.73 -16.28 -54.49
N ARG J 138 5.16 -15.23 -55.05
CA ARG J 138 5.31 -14.91 -56.46
C ARG J 138 6.73 -14.55 -56.86
N MET J 139 7.53 -14.18 -55.88
CA MET J 139 8.91 -13.79 -56.15
C MET J 139 9.87 -14.97 -56.15
N ALA J 140 9.35 -16.17 -55.92
CA ALA J 140 10.20 -17.34 -55.89
C ALA J 140 10.90 -17.48 -57.23
N GLY J 141 12.21 -17.76 -57.18
CA GLY J 141 13.01 -17.92 -58.37
C GLY J 141 13.45 -16.57 -58.93
N LYS J 142 13.03 -15.50 -58.25
CA LYS J 142 13.37 -14.15 -58.65
C LYS J 142 14.84 -13.83 -58.37
N GLY J 143 15.43 -12.98 -59.21
CA GLY J 143 16.81 -12.60 -59.04
C GLY J 143 17.04 -11.90 -57.72
N THR K 2 -24.54 6.41 -36.46
CA THR K 2 -24.43 7.61 -37.29
C THR K 2 -24.39 8.86 -36.43
N LYS K 3 -24.35 10.02 -37.09
CA LYS K 3 -24.31 11.30 -36.39
C LYS K 3 -25.58 12.08 -36.68
N LYS K 4 -26.20 12.60 -35.64
CA LYS K 4 -27.45 13.34 -35.78
C LYS K 4 -27.31 14.84 -35.53
N VAL K 5 -27.66 15.61 -36.55
CA VAL K 5 -27.65 17.08 -36.50
C VAL K 5 -29.06 17.65 -36.48
N GLY K 6 -29.27 18.63 -35.60
CA GLY K 6 -30.54 19.34 -35.55
C GLY K 6 -30.36 20.71 -36.21
N ILE K 7 -31.35 21.14 -36.97
CA ILE K 7 -31.34 22.47 -37.57
C ILE K 7 -32.59 23.23 -37.18
N VAL K 8 -32.40 24.35 -36.50
CA VAL K 8 -33.49 25.19 -36.04
C VAL K 8 -33.44 26.56 -36.72
N ASP K 9 -34.54 26.90 -37.38
CA ASP K 9 -34.63 28.16 -38.10
C ASP K 9 -35.92 28.83 -37.73
N THR K 10 -36.23 29.93 -38.40
CA THR K 10 -37.40 30.74 -38.06
C THR K 10 -38.25 31.11 -39.27
N THR K 11 -39.47 31.58 -39.02
CA THR K 11 -40.34 32.18 -40.03
C THR K 11 -40.03 33.67 -40.19
N PHE K 12 -39.50 34.28 -39.13
CA PHE K 12 -39.09 35.69 -39.11
C PHE K 12 -38.02 36.00 -40.18
N ALA K 13 -37.01 35.14 -40.26
CA ALA K 13 -35.92 35.32 -41.22
C ALA K 13 -36.45 35.53 -42.64
N ARG K 14 -35.70 36.30 -43.42
CA ARG K 14 -36.15 36.68 -44.75
C ARG K 14 -35.43 35.87 -45.84
N VAL K 15 -34.51 35.01 -45.43
CA VAL K 15 -33.85 34.08 -46.35
C VAL K 15 -33.89 32.67 -45.75
N ASP K 16 -34.26 31.70 -46.57
CA ASP K 16 -34.24 30.30 -46.14
C ASP K 16 -32.78 29.86 -46.06
N MET K 17 -32.29 29.67 -44.83
CA MET K 17 -30.90 29.31 -44.57
C MET K 17 -30.72 27.80 -44.43
N ALA K 18 -31.79 27.11 -44.07
CA ALA K 18 -31.75 25.66 -43.77
C ALA K 18 -31.45 24.73 -44.95
N SER K 19 -32.02 25.04 -46.12
CA SER K 19 -31.91 24.15 -47.27
C SER K 19 -30.45 23.96 -47.71
N ALA K 20 -29.70 25.06 -47.75
CA ALA K 20 -28.30 25.07 -48.16
C ALA K 20 -27.37 24.38 -47.15
N ALA K 21 -27.72 24.49 -45.88
CA ALA K 21 -26.96 23.86 -44.82
C ALA K 21 -27.18 22.35 -44.87
N ILE K 22 -28.45 21.97 -45.06
CA ILE K 22 -28.89 20.57 -45.24
C ILE K 22 -28.17 19.93 -46.44
N LEU K 23 -28.16 20.65 -47.56
CA LEU K 23 -27.52 20.18 -48.80
C LEU K 23 -26.01 19.98 -48.61
N THR K 24 -25.37 20.95 -47.96
CA THR K 24 -23.96 20.85 -47.62
C THR K 24 -23.55 19.62 -46.84
N LEU K 25 -24.29 19.35 -45.77
CA LEU K 25 -23.98 18.23 -44.87
C LEU K 25 -24.21 16.83 -45.48
N LYS K 26 -25.28 16.72 -46.28
CA LYS K 26 -25.62 15.48 -46.99
C LYS K 26 -24.54 15.23 -48.06
N MET K 27 -24.07 16.31 -48.68
CA MET K 27 -22.95 16.29 -49.63
C MET K 27 -21.63 15.80 -48.99
N GLU K 28 -21.33 16.32 -47.81
CA GLU K 28 -20.16 15.94 -47.04
C GLU K 28 -20.24 14.53 -46.43
N SER K 29 -21.39 14.17 -45.87
CA SER K 29 -21.57 12.87 -45.27
C SER K 29 -22.77 12.24 -45.93
N PRO K 30 -22.54 10.98 -46.47
CA PRO K 30 -23.72 10.41 -47.16
C PRO K 30 -24.89 10.05 -46.27
N ASN K 31 -24.63 9.45 -45.13
CA ASN K 31 -25.71 8.99 -44.27
C ASN K 31 -26.10 9.80 -43.04
N ILE K 32 -25.58 11.00 -42.89
CA ILE K 32 -25.91 11.78 -41.70
C ILE K 32 -27.41 12.07 -41.56
N LYS K 33 -27.93 11.84 -40.36
CA LYS K 33 -29.32 12.07 -39.98
C LYS K 33 -29.56 13.56 -39.75
N ILE K 34 -30.70 14.05 -40.24
CA ILE K 34 -31.07 15.46 -40.06
C ILE K 34 -32.47 15.61 -39.50
N ILE K 35 -32.62 16.55 -38.57
CA ILE K 35 -33.91 16.86 -37.97
C ILE K 35 -34.05 18.38 -37.95
N ARG K 36 -35.23 18.85 -38.35
CA ARG K 36 -35.55 20.27 -38.50
C ARG K 36 -36.71 20.65 -37.61
N LYS K 37 -36.58 21.82 -36.97
CA LYS K 37 -37.68 22.48 -36.29
C LYS K 37 -37.58 23.95 -36.66
N THR K 38 -38.73 24.53 -36.95
CA THR K 38 -38.86 25.95 -37.24
C THR K 38 -39.67 26.60 -36.13
N VAL K 39 -39.17 27.71 -35.63
CA VAL K 39 -39.85 28.47 -34.61
C VAL K 39 -40.18 29.84 -35.22
N PRO K 40 -41.06 30.62 -34.60
CA PRO K 40 -41.41 31.95 -35.12
C PRO K 40 -40.24 32.93 -35.16
N GLY K 41 -39.57 33.11 -34.02
CA GLY K 41 -38.55 34.13 -33.88
C GLY K 41 -37.23 33.63 -33.34
N ILE K 42 -36.31 34.57 -33.21
CA ILE K 42 -34.96 34.28 -32.77
C ILE K 42 -34.88 33.97 -31.27
N LYS K 43 -35.79 34.56 -30.49
CA LYS K 43 -35.89 34.32 -29.06
C LYS K 43 -36.51 32.94 -28.75
N ASP K 44 -37.08 32.31 -29.77
CA ASP K 44 -37.64 30.96 -29.59
C ASP K 44 -36.62 29.87 -29.92
N LEU K 45 -35.46 30.30 -30.41
CA LEU K 45 -34.39 29.39 -30.80
C LEU K 45 -33.76 28.56 -29.66
N PRO K 46 -33.36 29.19 -28.56
CA PRO K 46 -32.70 28.47 -27.46
C PRO K 46 -33.36 27.18 -26.95
N VAL K 47 -34.66 27.18 -26.67
CA VAL K 47 -35.32 25.99 -26.12
C VAL K 47 -35.52 24.92 -27.18
N ALA K 48 -35.86 25.34 -28.39
CA ALA K 48 -36.03 24.39 -29.50
C ALA K 48 -34.70 23.67 -29.74
N CYS K 49 -33.62 24.43 -29.74
CA CYS K 49 -32.27 23.89 -29.84
C CYS K 49 -31.99 22.88 -28.71
N LYS K 50 -32.31 23.26 -27.48
CA LYS K 50 -32.07 22.40 -26.31
C LYS K 50 -32.89 21.09 -26.35
N LYS K 51 -34.16 21.19 -26.70
CA LYS K 51 -34.99 20.00 -26.86
C LYS K 51 -34.44 19.03 -27.93
N LEU K 52 -33.93 19.57 -29.03
CA LEU K 52 -33.36 18.74 -30.10
C LEU K 52 -32.12 18.00 -29.59
N LEU K 53 -31.31 18.68 -28.77
CA LEU K 53 -30.13 18.06 -28.18
C LEU K 53 -30.50 17.02 -27.13
N GLU K 54 -31.54 17.30 -26.35
CA GLU K 54 -31.87 16.45 -25.23
C GLU K 54 -32.94 15.40 -25.48
N GLU K 55 -33.89 15.70 -26.36
CA GLU K 55 -35.07 14.84 -26.53
C GLU K 55 -35.14 14.18 -27.90
N GLU K 56 -34.31 14.65 -28.83
CA GLU K 56 -34.28 14.07 -30.17
C GLU K 56 -32.92 13.47 -30.49
N GLY K 57 -32.04 13.46 -29.48
CA GLY K 57 -30.73 12.86 -29.56
C GLY K 57 -29.79 13.40 -30.61
N CYS K 58 -29.84 14.70 -30.88
CA CYS K 58 -28.90 15.33 -31.79
C CYS K 58 -27.54 15.49 -31.14
N ASP K 59 -26.49 15.19 -31.90
CA ASP K 59 -25.12 15.40 -31.42
C ASP K 59 -24.74 16.88 -31.44
N ILE K 60 -25.35 17.63 -32.35
CA ILE K 60 -25.03 19.04 -32.54
C ILE K 60 -26.25 19.73 -33.16
N VAL K 61 -26.32 21.05 -32.99
CA VAL K 61 -27.40 21.84 -33.61
C VAL K 61 -26.86 23.08 -34.33
N MET K 62 -27.51 23.41 -35.44
CA MET K 62 -27.30 24.71 -36.10
C MET K 62 -28.49 25.57 -35.77
N ALA K 63 -28.22 26.73 -35.19
CA ALA K 63 -29.29 27.69 -34.88
C ALA K 63 -29.25 28.83 -35.88
N LEU K 64 -30.25 28.89 -36.75
CA LEU K 64 -30.26 29.86 -37.84
C LEU K 64 -31.26 30.97 -37.61
N GLY K 65 -30.78 32.22 -37.66
CA GLY K 65 -31.63 33.39 -37.47
C GLY K 65 -31.12 34.63 -38.19
N MET K 66 -32.00 35.61 -38.32
CA MET K 66 -31.67 36.86 -38.98
C MET K 66 -32.22 38.02 -38.18
N PRO K 67 -31.38 38.62 -37.34
CA PRO K 67 -31.78 39.83 -36.62
C PRO K 67 -32.13 40.97 -37.59
N GLY K 68 -33.15 41.76 -37.25
CA GLY K 68 -33.53 42.92 -38.02
C GLY K 68 -32.53 44.04 -37.85
N LYS K 69 -32.93 45.26 -38.21
CA LYS K 69 -32.03 46.41 -38.32
C LYS K 69 -32.02 47.33 -37.09
N ALA K 70 -33.17 47.46 -36.43
CA ALA K 70 -33.34 48.34 -35.27
C ALA K 70 -32.48 47.92 -34.07
N GLU K 71 -32.17 48.90 -33.22
CA GLU K 71 -31.39 48.68 -32.00
C GLU K 71 -32.15 47.82 -30.98
N LYS K 72 -33.35 47.40 -31.36
CA LYS K 72 -34.19 46.54 -30.53
C LYS K 72 -34.11 45.07 -30.96
N ASP K 73 -33.90 44.85 -32.26
CA ASP K 73 -33.60 43.53 -32.80
C ASP K 73 -32.17 43.13 -32.40
N LYS K 74 -31.32 44.14 -32.26
CA LYS K 74 -29.96 43.96 -31.74
C LYS K 74 -29.96 43.39 -30.33
N VAL K 75 -30.90 43.85 -29.50
CA VAL K 75 -31.05 43.39 -28.13
C VAL K 75 -31.64 41.97 -28.11
N CYS K 76 -32.69 41.76 -28.93
CA CYS K 76 -33.26 40.43 -29.13
C CYS K 76 -32.20 39.36 -29.50
N ALA K 77 -31.32 39.68 -30.44
CA ALA K 77 -30.24 38.73 -30.84
C ALA K 77 -29.21 38.45 -29.74
N HIS K 78 -28.84 39.49 -29.00
CA HIS K 78 -27.96 39.37 -27.85
C HIS K 78 -28.60 38.43 -26.81
N GLU K 79 -29.86 38.68 -26.52
CA GLU K 79 -30.67 37.83 -25.65
C GLU K 79 -30.66 36.41 -26.19
N ALA K 80 -30.96 36.26 -27.48
CA ALA K 80 -30.98 34.93 -28.12
C ALA K 80 -29.62 34.24 -28.12
N SER K 81 -28.54 35.02 -28.21
CA SER K 81 -27.18 34.43 -28.22
C SER K 81 -26.74 33.85 -26.88
N LEU K 82 -27.02 34.57 -25.80
CA LEU K 82 -26.77 34.06 -24.44
C LEU K 82 -27.57 32.78 -24.18
N GLY K 83 -28.85 32.80 -24.53
CA GLY K 83 -29.71 31.63 -24.50
C GLY K 83 -29.05 30.45 -25.18
N LEU K 84 -28.56 30.66 -26.40
CA LEU K 84 -27.85 29.61 -27.12
C LEU K 84 -26.65 29.12 -26.34
N MET K 85 -25.87 30.02 -25.76
CA MET K 85 -24.69 29.63 -24.97
C MET K 85 -25.08 28.82 -23.73
N LEU K 86 -26.17 29.23 -23.09
CA LEU K 86 -26.66 28.58 -21.88
C LEU K 86 -27.19 27.17 -22.17
N ALA K 87 -27.88 27.03 -23.29
CA ALA K 87 -28.36 25.74 -23.76
C ALA K 87 -27.21 24.77 -24.04
N GLN K 88 -26.14 25.29 -24.64
CA GLN K 88 -24.90 24.53 -24.84
C GLN K 88 -24.27 24.09 -23.51
N LEU K 89 -24.19 24.99 -22.54
CA LEU K 89 -23.54 24.64 -21.28
C LEU K 89 -24.35 23.65 -20.41
N MET K 90 -25.67 23.67 -20.56
CA MET K 90 -26.55 22.76 -19.82
C MET K 90 -26.45 21.33 -20.37
N THR K 91 -26.33 21.23 -21.71
CA THR K 91 -26.21 19.95 -22.40
C THR K 91 -24.81 19.46 -22.84
N ASN K 92 -23.75 20.24 -22.65
CA ASN K 92 -22.41 19.78 -23.08
C ASN K 92 -22.40 19.33 -24.54
N LYS K 93 -22.92 20.20 -25.40
CA LYS K 93 -23.11 19.96 -26.83
C LYS K 93 -23.11 21.28 -27.55
N HIS K 94 -22.46 21.32 -28.70
CA HIS K 94 -22.32 22.55 -29.49
C HIS K 94 -23.64 22.93 -30.13
N ILE K 95 -23.91 24.22 -30.12
CA ILE K 95 -24.89 24.81 -31.00
C ILE K 95 -24.10 25.82 -31.81
N ILE K 96 -24.05 25.62 -33.12
CA ILE K 96 -23.40 26.59 -34.01
C ILE K 96 -24.40 27.69 -34.35
N GLU K 97 -24.16 28.89 -33.82
CA GLU K 97 -25.04 30.04 -34.09
C GLU K 97 -24.83 30.62 -35.48
N VAL K 98 -25.85 30.55 -36.32
CA VAL K 98 -25.80 31.19 -37.63
C VAL K 98 -26.77 32.37 -37.74
N PHE K 99 -26.32 33.53 -37.25
CA PHE K 99 -27.09 34.76 -37.30
C PHE K 99 -26.60 35.65 -38.41
N VAL K 100 -27.48 36.02 -39.33
CA VAL K 100 -27.14 37.02 -40.35
C VAL K 100 -27.97 38.27 -40.12
N HIS K 101 -27.38 39.30 -39.51
CA HIS K 101 -28.07 40.59 -39.32
C HIS K 101 -28.40 41.20 -40.68
N GLU K 102 -29.54 41.87 -40.77
CA GLU K 102 -29.95 42.51 -42.02
C GLU K 102 -29.04 43.70 -42.37
N ASP K 103 -28.35 44.27 -41.37
CA ASP K 103 -27.47 45.43 -41.58
C ASP K 103 -26.19 45.10 -42.35
N GLU K 104 -25.90 43.82 -42.50
CA GLU K 104 -24.63 43.39 -43.09
C GLU K 104 -24.64 43.37 -44.61
N ALA K 105 -25.83 43.34 -45.22
CA ALA K 105 -25.99 43.38 -46.67
C ALA K 105 -26.53 44.76 -47.12
N LYS K 106 -26.22 45.13 -48.37
CA LYS K 106 -26.52 46.46 -48.92
C LYS K 106 -27.82 46.49 -49.74
N ASP K 107 -28.36 45.30 -50.01
CA ASP K 107 -29.64 45.11 -50.69
C ASP K 107 -30.09 43.66 -50.40
N ASP K 108 -31.20 43.23 -51.00
CA ASP K 108 -31.72 41.89 -50.72
C ASP K 108 -30.95 40.77 -51.42
N ALA K 109 -30.43 41.08 -52.61
CA ALA K 109 -29.64 40.14 -53.38
C ALA K 109 -28.39 39.73 -52.62
N GLU K 110 -27.73 40.72 -52.01
CA GLU K 110 -26.56 40.47 -51.17
C GLU K 110 -26.91 39.64 -49.94
N LEU K 111 -28.05 39.94 -49.32
CA LEU K 111 -28.50 39.27 -48.10
C LEU K 111 -28.87 37.81 -48.30
N LYS K 112 -29.49 37.52 -49.45
CA LYS K 112 -29.74 36.15 -49.85
C LYS K 112 -28.41 35.42 -50.02
N ILE K 113 -27.48 36.07 -50.74
CA ILE K 113 -26.13 35.56 -50.97
C ILE K 113 -25.37 35.32 -49.65
N LEU K 114 -25.29 36.37 -48.82
CA LEU K 114 -24.56 36.31 -47.55
C LEU K 114 -25.09 35.25 -46.60
N ALA K 115 -26.41 35.18 -46.44
CA ALA K 115 -27.03 34.22 -45.51
C ALA K 115 -26.79 32.78 -45.95
N ALA K 116 -26.92 32.54 -47.26
CA ALA K 116 -26.70 31.20 -47.84
C ALA K 116 -25.25 30.75 -47.68
N ARG K 117 -24.33 31.68 -47.90
CA ARG K 117 -22.90 31.38 -47.82
C ARG K 117 -22.45 31.09 -46.37
N ARG K 118 -22.81 31.99 -45.45
CA ARG K 118 -22.55 31.81 -44.01
C ARG K 118 -23.11 30.45 -43.52
N ALA K 119 -24.31 30.10 -43.96
CA ALA K 119 -24.97 28.82 -43.60
C ALA K 119 -24.15 27.63 -44.07
N ILE K 120 -23.70 27.70 -45.32
CA ILE K 120 -22.88 26.64 -45.91
C ILE K 120 -21.52 26.45 -45.25
N GLU K 121 -20.85 27.55 -44.88
CA GLU K 121 -19.55 27.44 -44.28
C GLU K 121 -19.70 26.84 -42.94
N HIS K 122 -20.71 27.29 -42.25
CA HIS K 122 -20.94 26.82 -40.90
C HIS K 122 -21.35 25.34 -40.93
N ALA K 123 -22.05 24.94 -41.99
CA ALA K 123 -22.41 23.55 -42.22
C ALA K 123 -21.15 22.71 -42.41
N LEU K 124 -20.15 23.27 -43.09
CA LEU K 124 -18.84 22.66 -43.24
C LEU K 124 -18.13 22.58 -41.87
N ASN K 125 -18.27 23.63 -41.06
CA ASN K 125 -17.71 23.62 -39.71
C ASN K 125 -18.27 22.51 -38.81
N VAL K 126 -19.57 22.25 -38.96
CA VAL K 126 -20.23 21.15 -38.28
C VAL K 126 -19.62 19.81 -38.67
N TYR K 127 -19.45 19.60 -39.99
CA TYR K 127 -18.83 18.39 -40.52
C TYR K 127 -17.53 18.08 -39.81
N TYR K 128 -16.63 19.08 -39.78
CA TYR K 128 -15.33 18.96 -39.12
C TYR K 128 -15.45 18.68 -37.63
N LEU K 129 -16.35 19.38 -36.95
CA LEU K 129 -16.55 19.19 -35.51
C LEU K 129 -17.01 17.76 -35.19
N LEU K 130 -17.85 17.22 -36.08
CA LEU K 130 -18.39 15.88 -35.96
C LEU K 130 -17.40 14.79 -36.34
N PHE K 131 -16.60 15.04 -37.38
CA PHE K 131 -15.85 13.97 -38.04
C PHE K 131 -14.36 14.18 -38.13
N LYS K 132 -13.91 15.44 -38.25
CA LYS K 132 -12.47 15.75 -38.37
C LYS K 132 -11.85 16.92 -37.56
N PRO K 133 -11.85 16.74 -36.24
CA PRO K 133 -11.30 17.74 -35.32
C PRO K 133 -9.81 17.98 -35.59
N GLU K 134 -9.13 17.00 -36.18
CA GLU K 134 -7.73 17.16 -36.48
C GLU K 134 -7.60 18.21 -37.55
N TYR K 135 -8.44 18.14 -38.57
CA TYR K 135 -8.37 19.12 -39.64
C TYR K 135 -8.64 20.43 -39.04
N LEU K 136 -9.59 20.45 -38.14
CA LEU K 136 -9.93 21.73 -37.54
C LEU K 136 -8.81 22.44 -36.84
N THR K 137 -8.01 21.70 -36.07
CA THR K 137 -6.90 22.22 -35.28
C THR K 137 -5.78 22.87 -36.08
N ARG K 138 -5.47 22.29 -37.22
CA ARG K 138 -4.40 22.79 -38.06
C ARG K 138 -4.64 24.23 -38.49
N MET K 139 -5.90 24.55 -38.79
CA MET K 139 -6.24 25.86 -39.24
C MET K 139 -6.30 26.74 -38.01
N ALA K 140 -5.57 26.37 -36.97
CA ALA K 140 -5.64 27.14 -35.76
C ALA K 140 -5.25 28.58 -35.96
N GLY K 141 -4.13 28.83 -36.60
CA GLY K 141 -3.71 30.19 -36.81
C GLY K 141 -4.47 31.06 -37.78
N LYS K 142 -4.75 30.49 -38.94
CA LYS K 142 -5.47 31.22 -39.99
C LYS K 142 -6.87 31.58 -39.54
N THR L 2 -56.44 18.40 -24.95
CA THR L 2 -55.34 17.57 -24.47
C THR L 2 -54.09 18.41 -24.21
N LYS L 3 -54.09 19.65 -24.68
CA LYS L 3 -52.96 20.54 -24.49
C LYS L 3 -53.32 21.76 -23.66
N LYS L 4 -52.48 22.08 -22.69
CA LYS L 4 -52.72 23.20 -21.80
C LYS L 4 -51.78 24.38 -21.98
N VAL L 5 -52.38 25.56 -22.16
CA VAL L 5 -51.68 26.83 -22.32
C VAL L 5 -51.86 27.70 -21.07
N GLY L 6 -50.76 28.31 -20.63
CA GLY L 6 -50.78 29.27 -19.54
C GLY L 6 -50.66 30.67 -20.12
N ILE L 7 -51.43 31.61 -19.57
CA ILE L 7 -51.32 33.02 -19.97
C ILE L 7 -51.07 33.88 -18.75
N VAL L 8 -49.92 34.57 -18.76
CA VAL L 8 -49.51 35.44 -17.67
C VAL L 8 -49.44 36.89 -18.14
N ASP L 9 -50.19 37.74 -17.46
CA ASP L 9 -50.24 39.14 -17.81
C ASP L 9 -50.06 39.96 -16.54
N THR L 10 -50.22 41.27 -16.66
CA THR L 10 -49.93 42.17 -15.54
C THR L 10 -51.06 43.18 -15.30
N THR L 11 -51.02 43.85 -14.15
CA THR L 11 -51.87 44.99 -13.84
C THR L 11 -51.23 46.30 -14.34
N PHE L 12 -49.90 46.29 -14.45
CA PHE L 12 -49.12 47.42 -14.97
C PHE L 12 -49.53 47.80 -16.39
N ALA L 13 -49.65 46.80 -17.27
CA ALA L 13 -50.02 47.02 -18.67
C ALA L 13 -51.28 47.88 -18.77
N ARG L 14 -51.35 48.64 -19.86
CA ARG L 14 -52.42 49.60 -20.04
C ARG L 14 -53.47 49.11 -21.04
N VAL L 15 -53.21 47.94 -21.63
CA VAL L 15 -54.19 47.27 -22.49
C VAL L 15 -54.35 45.82 -22.06
N ASP L 16 -55.58 45.36 -21.96
CA ASP L 16 -55.86 43.95 -21.66
C ASP L 16 -55.51 43.15 -22.90
N MET L 17 -54.42 42.39 -22.82
CA MET L 17 -53.92 41.58 -23.94
C MET L 17 -54.44 40.15 -23.90
N ALA L 18 -54.78 39.68 -22.69
CA ALA L 18 -55.17 38.28 -22.45
C ALA L 18 -56.47 37.83 -23.10
N SER L 19 -57.49 38.69 -23.10
CA SER L 19 -58.81 38.30 -23.58
C SER L 19 -58.80 37.90 -25.07
N ALA L 20 -58.11 38.69 -25.87
CA ALA L 20 -57.98 38.47 -27.32
C ALA L 20 -57.16 37.23 -27.68
N ALA L 21 -56.16 36.94 -26.85
CA ALA L 21 -55.32 35.77 -27.04
C ALA L 21 -56.12 34.52 -26.70
N ILE L 22 -56.85 34.59 -25.58
CA ILE L 22 -57.78 33.54 -25.11
C ILE L 22 -58.84 33.24 -26.18
N LEU L 23 -59.45 34.29 -26.72
CA LEU L 23 -60.48 34.16 -27.76
C LEU L 23 -59.92 33.50 -29.04
N THR L 24 -58.74 33.95 -29.45
CA THR L 24 -58.05 33.35 -30.59
C THR L 24 -57.83 31.86 -30.50
N LEU L 25 -57.29 31.41 -29.37
CA LEU L 25 -56.95 30.00 -29.17
C LEU L 25 -58.16 29.05 -29.06
N LYS L 26 -59.22 29.54 -28.40
CA LYS L 26 -60.49 28.81 -28.25
C LYS L 26 -61.14 28.69 -29.63
N MET L 27 -61.02 29.75 -30.43
CA MET L 27 -61.47 29.78 -31.83
C MET L 27 -60.72 28.75 -32.71
N GLU L 28 -59.40 28.67 -32.57
CA GLU L 28 -58.62 27.69 -33.34
C GLU L 28 -58.71 26.24 -32.81
N SER L 29 -58.80 26.11 -31.49
CA SER L 29 -58.96 24.79 -30.88
C SER L 29 -60.06 24.83 -29.82
N PRO L 30 -61.16 24.13 -30.05
CA PRO L 30 -62.27 24.14 -29.06
C PRO L 30 -61.93 23.42 -27.76
N ASN L 31 -61.18 22.33 -27.89
CA ASN L 31 -60.75 21.47 -26.79
C ASN L 31 -59.71 22.01 -25.79
N ILE L 32 -58.88 22.93 -26.24
CA ILE L 32 -57.81 23.45 -25.41
C ILE L 32 -58.17 24.09 -24.06
N LYS L 33 -57.34 23.72 -23.08
CA LYS L 33 -57.37 24.15 -21.68
C LYS L 33 -56.59 25.45 -21.51
N ILE L 34 -57.13 26.39 -20.74
CA ILE L 34 -56.47 27.67 -20.49
C ILE L 34 -56.39 27.97 -18.99
N ILE L 35 -55.24 28.49 -18.57
CA ILE L 35 -55.01 28.89 -17.20
C ILE L 35 -54.35 30.27 -17.23
N ARG L 36 -54.85 31.16 -16.37
CA ARG L 36 -54.44 32.56 -16.31
C ARG L 36 -53.89 32.87 -14.92
N LYS L 37 -52.79 33.63 -14.90
CA LYS L 37 -52.28 34.27 -13.69
C LYS L 37 -51.90 35.67 -14.09
N THR L 38 -52.25 36.62 -13.23
CA THR L 38 -51.89 38.02 -13.38
C THR L 38 -50.94 38.39 -12.27
N VAL L 39 -49.86 39.06 -12.63
CA VAL L 39 -48.87 39.53 -11.68
C VAL L 39 -48.88 41.07 -11.77
N PRO L 40 -48.29 41.76 -10.80
CA PRO L 40 -48.23 43.23 -10.84
C PRO L 40 -47.44 43.80 -12.02
N GLY L 41 -46.21 43.34 -12.19
CA GLY L 41 -45.30 43.92 -13.15
C GLY L 41 -44.65 42.92 -14.08
N ILE L 42 -43.82 43.45 -14.96
CA ILE L 42 -43.16 42.66 -15.98
C ILE L 42 -42.01 41.80 -15.41
N LYS L 43 -41.39 42.28 -14.33
CA LYS L 43 -40.34 41.56 -13.63
C LYS L 43 -40.90 40.39 -12.80
N ASP L 44 -42.23 40.35 -12.63
CA ASP L 44 -42.86 39.26 -11.90
C ASP L 44 -43.30 38.14 -12.85
N LEU L 45 -43.15 38.38 -14.15
CA LEU L 45 -43.55 37.44 -15.18
C LEU L 45 -42.77 36.10 -15.19
N PRO L 46 -41.44 36.14 -15.17
CA PRO L 46 -40.63 34.90 -15.26
C PRO L 46 -41.00 33.75 -14.31
N VAL L 47 -41.17 34.00 -13.01
CA VAL L 47 -41.47 32.92 -12.07
C VAL L 47 -42.90 32.42 -12.21
N ALA L 48 -43.84 33.33 -12.43
CA ALA L 48 -45.24 32.96 -12.62
C ALA L 48 -45.34 32.05 -13.85
N CYS L 49 -44.65 32.43 -14.93
CA CYS L 49 -44.54 31.62 -16.13
C CYS L 49 -43.97 30.22 -15.82
N LYS L 50 -42.87 30.18 -15.06
CA LYS L 50 -42.21 28.91 -14.71
C LYS L 50 -43.09 28.00 -13.85
N LYS L 51 -43.75 28.57 -12.84
CA LYS L 51 -44.70 27.80 -12.04
C LYS L 51 -45.85 27.19 -12.86
N LEU L 52 -46.35 27.95 -13.83
CA LEU L 52 -47.42 27.46 -14.70
C LEU L 52 -46.95 26.26 -15.54
N LEU L 53 -45.70 26.34 -16.01
CA LEU L 53 -45.10 25.25 -16.77
C LEU L 53 -44.82 24.03 -15.91
N GLU L 54 -44.39 24.27 -14.67
CA GLU L 54 -43.92 23.19 -13.82
C GLU L 54 -44.96 22.65 -12.84
N GLU L 55 -45.86 23.50 -12.37
CA GLU L 55 -46.77 23.11 -11.28
C GLU L 55 -48.24 23.07 -11.71
N GLU L 56 -48.53 23.61 -12.89
CA GLU L 56 -49.90 23.60 -13.39
C GLU L 56 -49.99 22.81 -14.69
N GLY L 57 -48.88 22.19 -15.07
CA GLY L 57 -48.79 21.33 -16.24
C GLY L 57 -49.14 21.94 -17.58
N CYS L 58 -48.78 23.20 -17.78
CA CYS L 58 -48.95 23.85 -19.07
C CYS L 58 -47.90 23.37 -20.06
N ASP L 59 -48.33 23.12 -21.29
CA ASP L 59 -47.40 22.75 -22.35
C ASP L 59 -46.61 23.96 -22.86
N ILE L 60 -47.23 25.13 -22.76
CA ILE L 60 -46.66 26.37 -23.27
C ILE L 60 -47.25 27.54 -22.50
N VAL L 61 -46.54 28.67 -22.51
CA VAL L 61 -47.04 29.89 -21.86
C VAL L 61 -46.91 31.12 -22.78
N MET L 62 -47.89 32.00 -22.68
CA MET L 62 -47.78 33.34 -23.27
C MET L 62 -47.51 34.30 -22.15
N ALA L 63 -46.41 35.05 -22.27
CA ALA L 63 -46.06 36.07 -21.28
C ALA L 63 -46.37 37.45 -21.86
N LEU L 64 -47.39 38.10 -21.30
CA LEU L 64 -47.86 39.37 -21.84
C LEU L 64 -47.49 40.54 -20.95
N GLY L 65 -46.80 41.54 -21.55
CA GLY L 65 -46.41 42.73 -20.82
C GLY L 65 -46.27 43.96 -21.71
N MET L 66 -46.23 45.12 -21.07
CA MET L 66 -46.10 46.38 -21.77
C MET L 66 -45.09 47.26 -21.06
N PRO L 67 -43.85 47.25 -21.55
CA PRO L 67 -42.83 48.16 -21.02
C PRO L 67 -43.25 49.63 -21.23
N GLY L 68 -42.93 50.47 -20.25
CA GLY L 68 -43.16 51.91 -20.33
C GLY L 68 -42.19 52.55 -21.29
N LYS L 69 -42.08 53.88 -21.20
CA LYS L 69 -41.34 54.69 -22.18
C LYS L 69 -39.91 55.05 -21.80
N ALA L 70 -39.68 55.22 -20.49
CA ALA L 70 -38.38 55.61 -19.96
C ALA L 70 -37.28 54.56 -20.20
N GLU L 71 -36.02 55.02 -20.24
CA GLU L 71 -34.86 54.16 -20.43
C GLU L 71 -34.65 53.22 -19.24
N LYS L 72 -35.54 53.30 -18.25
CA LYS L 72 -35.51 52.47 -17.07
C LYS L 72 -36.49 51.31 -17.16
N ASP L 73 -37.61 51.56 -17.86
CA ASP L 73 -38.56 50.50 -18.22
C ASP L 73 -37.96 49.60 -19.30
N LYS L 74 -37.11 50.21 -20.13
CA LYS L 74 -36.32 49.50 -21.12
C LYS L 74 -35.41 48.45 -20.48
N VAL L 75 -34.81 48.81 -19.34
CA VAL L 75 -33.91 47.91 -18.61
C VAL L 75 -34.72 46.82 -17.91
N CYS L 76 -35.84 47.21 -17.27
CA CYS L 76 -36.81 46.28 -16.69
C CYS L 76 -37.25 45.18 -17.69
N ALA L 77 -37.56 45.54 -18.91
CA ALA L 77 -37.93 44.53 -19.89
C ALA L 77 -36.80 43.56 -20.22
N HIS L 78 -35.60 44.10 -20.45
CA HIS L 78 -34.49 43.27 -20.84
C HIS L 78 -34.29 42.31 -19.72
N GLU L 79 -34.33 42.82 -18.52
CA GLU L 79 -34.24 41.96 -17.35
C GLU L 79 -35.34 40.91 -17.42
N ALA L 80 -36.57 41.34 -17.67
CA ALA L 80 -37.71 40.42 -17.76
C ALA L 80 -37.58 39.43 -18.92
N SER L 81 -36.96 39.84 -20.03
CA SER L 81 -36.80 38.97 -21.20
C SER L 81 -35.81 37.83 -20.99
N LEU L 82 -34.66 38.14 -20.37
CA LEU L 82 -33.69 37.10 -19.99
C LEU L 82 -34.32 36.09 -19.02
N GLY L 83 -35.00 36.59 -18.00
CA GLY L 83 -35.78 35.78 -17.09
C GLY L 83 -36.68 34.81 -17.83
N LEU L 84 -37.43 35.33 -18.81
CA LEU L 84 -38.28 34.47 -19.63
C LEU L 84 -37.46 33.40 -20.35
N MET L 85 -36.32 33.79 -20.92
CA MET L 85 -35.47 32.82 -21.62
C MET L 85 -34.92 31.74 -20.68
N LEU L 86 -34.56 32.15 -19.47
CA LEU L 86 -34.00 31.25 -18.47
C LEU L 86 -35.04 30.27 -17.95
N ALA L 87 -36.27 30.75 -17.78
CA ALA L 87 -37.39 29.92 -17.39
C ALA L 87 -37.69 28.85 -18.45
N GLN L 88 -37.62 29.24 -19.72
CA GLN L 88 -37.72 28.30 -20.83
C GLN L 88 -36.61 27.24 -20.82
N LEU L 89 -35.37 27.65 -20.60
CA LEU L 89 -34.27 26.69 -20.64
C LEU L 89 -34.26 25.71 -19.45
N MET L 90 -34.80 26.14 -18.31
CA MET L 90 -34.87 25.30 -17.12
C MET L 90 -35.96 24.21 -17.27
N THR L 91 -37.08 24.60 -17.90
CA THR L 91 -38.20 23.68 -18.14
C THR L 91 -38.38 23.01 -19.52
N ASN L 92 -37.52 23.28 -20.50
CA ASN L 92 -37.68 22.64 -21.83
C ASN L 92 -39.09 22.83 -22.42
N LYS L 93 -39.55 24.07 -22.37
CA LYS L 93 -40.88 24.52 -22.80
C LYS L 93 -40.87 25.97 -23.22
N HIS L 94 -41.61 26.25 -24.30
CA HIS L 94 -41.66 27.60 -24.86
C HIS L 94 -42.44 28.53 -23.97
N ILE L 95 -41.94 29.75 -23.86
CA ILE L 95 -42.72 30.87 -23.39
C ILE L 95 -42.69 31.85 -24.53
N ILE L 96 -43.86 32.15 -25.10
CA ILE L 96 -43.95 33.16 -26.15
C ILE L 96 -44.04 34.55 -25.50
N GLU L 97 -43.00 35.35 -25.64
CA GLU L 97 -42.97 36.68 -25.07
C GLU L 97 -43.81 37.67 -25.89
N VAL L 98 -44.87 38.20 -25.29
CA VAL L 98 -45.66 39.25 -25.95
C VAL L 98 -45.53 40.60 -25.23
N PHE L 99 -44.45 41.33 -25.56
CA PHE L 99 -44.18 42.65 -25.02
C PHE L 99 -44.54 43.72 -26.02
N VAL L 100 -45.42 44.64 -25.62
CA VAL L 100 -45.71 45.80 -26.45
C VAL L 100 -45.23 47.06 -25.74
N HIS L 101 -44.06 47.58 -26.14
CA HIS L 101 -43.55 48.83 -25.57
C HIS L 101 -44.50 49.97 -25.89
N GLU L 102 -44.65 50.91 -24.96
CA GLU L 102 -45.52 52.06 -25.16
C GLU L 102 -45.00 53.00 -26.26
N ASP L 103 -43.69 52.94 -26.53
CA ASP L 103 -43.05 53.81 -27.55
C ASP L 103 -43.42 53.45 -28.99
N GLU L 104 -44.04 52.29 -29.18
CA GLU L 104 -44.33 51.79 -30.51
C GLU L 104 -45.60 52.35 -31.14
N ALA L 105 -46.49 52.86 -30.30
CA ALA L 105 -47.73 53.50 -30.74
C ALA L 105 -47.66 55.04 -30.59
N LYS L 106 -48.43 55.75 -31.41
CA LYS L 106 -48.38 57.21 -31.50
C LYS L 106 -49.47 57.90 -30.67
N ASP L 107 -50.41 57.10 -30.15
CA ASP L 107 -51.48 57.53 -29.25
C ASP L 107 -52.04 56.27 -28.57
N ASP L 108 -53.09 56.42 -27.77
CA ASP L 108 -53.61 55.26 -27.04
C ASP L 108 -54.45 54.33 -27.91
N ALA L 109 -55.15 54.90 -28.88
CA ALA L 109 -55.97 54.15 -29.82
C ALA L 109 -55.11 53.17 -30.61
N GLU L 110 -53.94 53.62 -31.05
CA GLU L 110 -52.98 52.77 -31.75
C GLU L 110 -52.44 51.66 -30.84
N LEU L 111 -52.15 52.02 -29.60
CA LEU L 111 -51.58 51.08 -28.62
C LEU L 111 -52.53 49.96 -28.20
N LYS L 112 -53.81 50.30 -28.09
CA LYS L 112 -54.85 49.31 -27.87
C LYS L 112 -54.90 48.36 -29.08
N ILE L 113 -54.91 48.97 -30.27
CA ILE L 113 -54.89 48.23 -31.53
C ILE L 113 -53.66 47.31 -31.68
N LEU L 114 -52.47 47.90 -31.51
CA LEU L 114 -51.21 47.18 -31.64
C LEU L 114 -51.06 46.02 -30.67
N ALA L 115 -51.38 46.27 -29.40
CA ALA L 115 -51.24 45.24 -28.36
C ALA L 115 -52.19 44.06 -28.60
N ALA L 116 -53.42 44.36 -28.99
CA ALA L 116 -54.44 43.34 -29.27
C ALA L 116 -54.05 42.49 -30.48
N ARG L 117 -53.51 43.14 -31.51
CA ARG L 117 -53.11 42.46 -32.74
C ARG L 117 -51.89 41.54 -32.53
N ARG L 118 -50.84 42.09 -31.93
CA ARG L 118 -49.65 41.32 -31.55
C ARG L 118 -50.02 40.08 -30.71
N ALA L 119 -50.94 40.26 -29.75
CA ALA L 119 -51.42 39.18 -28.88
C ALA L 119 -52.09 38.07 -29.68
N ILE L 120 -53.00 38.47 -30.58
CA ILE L 120 -53.74 37.55 -31.43
C ILE L 120 -52.83 36.73 -32.33
N GLU L 121 -51.87 37.40 -32.97
CA GLU L 121 -50.98 36.74 -33.94
C GLU L 121 -50.02 35.79 -33.24
N HIS L 122 -49.63 36.14 -32.03
CA HIS L 122 -48.79 35.28 -31.21
C HIS L 122 -49.61 34.10 -30.71
N ALA L 123 -50.90 34.34 -30.45
CA ALA L 123 -51.83 33.29 -30.09
C ALA L 123 -51.96 32.27 -31.21
N LEU L 124 -51.97 32.76 -32.45
CA LEU L 124 -51.94 31.91 -33.63
C LEU L 124 -50.61 31.14 -33.72
N ASN L 125 -49.51 31.79 -33.36
CA ASN L 125 -48.21 31.12 -33.32
C ASN L 125 -48.14 29.96 -32.33
N VAL L 126 -48.80 30.14 -31.19
CA VAL L 126 -48.93 29.08 -30.19
C VAL L 126 -49.68 27.88 -30.76
N TYR L 127 -50.81 28.15 -31.44
CA TYR L 127 -51.60 27.10 -32.08
C TYR L 127 -50.73 26.21 -32.95
N TYR L 128 -49.96 26.83 -33.84
CA TYR L 128 -49.07 26.10 -34.74
C TYR L 128 -47.98 25.34 -33.99
N LEU L 129 -47.39 25.97 -32.99
CA LEU L 129 -46.34 25.30 -32.20
C LEU L 129 -46.87 24.06 -31.50
N LEU L 130 -48.11 24.14 -31.04
CA LEU L 130 -48.80 23.05 -30.36
C LEU L 130 -49.30 21.95 -31.29
N PHE L 131 -49.78 22.34 -32.47
CA PHE L 131 -50.58 21.44 -33.31
C PHE L 131 -50.08 21.26 -34.72
N LYS L 132 -49.44 22.28 -35.27
CA LYS L 132 -49.07 22.32 -36.69
C LYS L 132 -47.61 22.81 -36.84
N PRO L 133 -46.66 22.03 -36.32
CA PRO L 133 -45.25 22.37 -36.48
C PRO L 133 -44.87 22.65 -37.95
N GLU L 134 -45.25 21.76 -38.87
CA GLU L 134 -44.93 21.94 -40.27
C GLU L 134 -45.31 23.23 -40.99
N TYR L 135 -46.47 23.77 -40.63
CA TYR L 135 -46.88 25.01 -41.23
C TYR L 135 -45.85 26.03 -40.84
N LEU L 136 -45.38 25.95 -39.60
CA LEU L 136 -44.41 26.92 -39.14
C LEU L 136 -43.17 26.83 -39.96
N THR L 137 -42.77 25.62 -40.26
CA THR L 137 -41.59 25.39 -41.05
C THR L 137 -41.71 26.01 -42.43
N ARG L 138 -42.88 25.91 -43.05
CA ARG L 138 -43.02 26.47 -44.39
C ARG L 138 -42.75 27.98 -44.50
N MET L 139 -43.18 28.74 -43.53
CA MET L 139 -43.05 30.19 -43.44
C MET L 139 -41.66 30.57 -42.92
N ALA L 140 -40.75 29.61 -42.96
CA ALA L 140 -39.38 29.82 -42.50
C ALA L 140 -38.69 30.99 -43.20
N GLY L 141 -38.55 30.90 -44.52
CA GLY L 141 -37.89 31.93 -45.29
C GLY L 141 -38.48 33.33 -45.32
N LYS L 142 -39.80 33.44 -45.42
CA LYS L 142 -40.44 34.75 -45.50
C LYS L 142 -41.29 35.07 -44.28
N GLY L 143 -41.09 36.27 -43.74
CA GLY L 143 -41.82 36.73 -42.58
C GLY L 143 -43.32 36.62 -42.76
N THR M 2 -15.05 29.19 15.77
CA THR M 2 -15.92 28.16 15.23
C THR M 2 -16.51 28.59 13.90
N LYS M 3 -16.19 29.80 13.48
CA LYS M 3 -16.68 30.34 12.21
C LYS M 3 -15.52 30.62 11.28
N LYS M 4 -15.63 30.17 10.03
CA LYS M 4 -14.55 30.39 9.07
C LYS M 4 -14.88 31.29 7.89
N VAL M 5 -13.91 32.14 7.57
CA VAL M 5 -13.93 33.13 6.50
C VAL M 5 -12.85 32.85 5.46
N GLY M 6 -13.23 32.95 4.18
CA GLY M 6 -12.27 32.84 3.08
C GLY M 6 -11.99 34.23 2.55
N ILE M 7 -10.72 34.48 2.21
CA ILE M 7 -10.34 35.74 1.58
C ILE M 7 -9.60 35.48 0.29
N VAL M 8 -10.18 35.97 -0.81
CA VAL M 8 -9.62 35.80 -2.14
C VAL M 8 -9.21 37.14 -2.74
N ASP M 9 -7.94 37.23 -3.10
CA ASP M 9 -7.41 38.45 -3.66
C ASP M 9 -6.62 38.12 -4.90
N THR M 10 -5.95 39.11 -5.47
CA THR M 10 -5.26 38.93 -6.74
C THR M 10 -3.82 39.47 -6.72
N THR M 11 -3.05 39.09 -7.74
CA THR M 11 -1.72 39.66 -7.98
C THR M 11 -1.84 40.93 -8.85
N PHE M 12 -2.92 41.02 -9.62
CA PHE M 12 -3.23 42.17 -10.46
C PHE M 12 -3.36 43.47 -9.66
N ALA M 13 -4.10 43.39 -8.55
CA ALA M 13 -4.33 44.54 -7.69
C ALA M 13 -3.01 45.22 -7.31
N ARG M 14 -3.08 46.53 -7.09
CA ARG M 14 -1.89 47.32 -6.85
C ARG M 14 -1.75 47.69 -5.37
N VAL M 15 -2.74 47.30 -4.57
CA VAL M 15 -2.67 47.46 -3.11
C VAL M 15 -3.03 46.13 -2.45
N ASP M 16 -2.24 45.73 -1.46
CA ASP M 16 -2.54 44.54 -0.68
C ASP M 16 -3.73 44.87 0.23
N MET M 17 -4.88 44.29 -0.09
CA MET M 17 -6.12 44.55 0.65
C MET M 17 -6.38 43.50 1.73
N ALA M 18 -5.79 42.31 1.57
CA ALA M 18 -6.04 41.17 2.46
C ALA M 18 -5.51 41.31 3.89
N SER M 19 -4.33 41.90 4.06
CA SER M 19 -3.70 41.98 5.38
C SER M 19 -4.53 42.76 6.40
N ALA M 20 -5.08 43.90 5.95
CA ALA M 20 -5.89 44.78 6.77
C ALA M 20 -7.26 44.19 7.12
N ALA M 21 -7.81 43.39 6.20
CA ALA M 21 -9.08 42.73 6.42
C ALA M 21 -8.89 41.59 7.43
N ILE M 22 -7.79 40.84 7.26
CA ILE M 22 -7.36 39.78 8.17
C ILE M 22 -7.15 40.32 9.59
N LEU M 23 -6.43 41.44 9.69
CA LEU M 23 -6.15 42.10 10.97
C LEU M 23 -7.44 42.55 11.67
N THR M 24 -8.33 43.17 10.90
CA THR M 24 -9.63 43.58 11.40
C THR M 24 -10.45 42.48 12.06
N LEU M 25 -10.61 41.36 11.35
CA LEU M 25 -11.42 40.25 11.83
C LEU M 25 -10.86 39.48 13.06
N LYS M 26 -9.53 39.35 13.08
CA LYS M 26 -8.82 38.73 14.19
C LYS M 26 -8.98 39.63 15.42
N MET M 27 -8.93 40.94 15.19
CA MET M 27 -9.19 41.96 16.21
C MET M 27 -10.62 41.88 16.79
N GLU M 28 -11.61 41.73 15.92
CA GLU M 28 -13.01 41.61 16.37
C GLU M 28 -13.35 40.23 16.96
N SER M 29 -12.80 39.17 16.38
CA SER M 29 -13.06 37.84 16.90
C SER M 29 -11.72 37.24 17.18
N PRO M 30 -11.49 36.84 18.43
CA PRO M 30 -10.20 36.26 18.83
C PRO M 30 -9.85 34.93 18.15
N ASN M 31 -10.84 34.06 17.98
CA ASN M 31 -10.62 32.76 17.35
C ASN M 31 -11.20 32.44 15.98
N ILE M 32 -11.73 33.43 15.28
CA ILE M 32 -12.30 33.17 13.97
C ILE M 32 -11.20 32.67 13.04
N LYS M 33 -11.50 31.63 12.26
CA LYS M 33 -10.53 31.05 11.32
C LYS M 33 -10.36 31.82 10.02
N ILE M 34 -9.23 31.66 9.36
CA ILE M 34 -9.04 32.37 8.10
C ILE M 34 -8.31 31.51 7.06
N ILE M 35 -8.79 31.58 5.82
CA ILE M 35 -8.17 30.87 4.72
C ILE M 35 -8.05 31.85 3.55
N ARG M 36 -6.89 31.84 2.91
CA ARG M 36 -6.53 32.77 1.84
C ARG M 36 -6.20 32.00 0.57
N LYS M 37 -6.69 32.52 -0.55
CA LYS M 37 -6.27 32.10 -1.89
C LYS M 37 -6.10 33.37 -2.68
N THR M 38 -5.01 33.40 -3.46
CA THR M 38 -4.71 34.49 -4.38
C THR M 38 -4.79 33.95 -5.79
N VAL M 39 -5.48 34.69 -6.65
CA VAL M 39 -5.60 34.33 -8.04
C VAL M 39 -4.93 35.47 -8.84
N PRO M 40 -4.64 35.25 -10.12
CA PRO M 40 -4.03 36.30 -10.95
C PRO M 40 -4.89 37.55 -11.12
N GLY M 41 -6.13 37.36 -11.57
CA GLY M 41 -6.99 38.47 -11.95
C GLY M 41 -8.36 38.44 -11.29
N ILE M 42 -9.14 39.44 -11.64
CA ILE M 42 -10.46 39.63 -11.08
C ILE M 42 -11.49 38.63 -11.64
N LYS M 43 -11.27 38.19 -12.88
CA LYS M 43 -12.11 37.18 -13.53
C LYS M 43 -11.85 35.78 -12.98
N ASP M 44 -10.77 35.62 -12.21
CA ASP M 44 -10.46 34.33 -11.59
C ASP M 44 -11.05 34.23 -10.18
N LEU M 45 -11.63 35.34 -9.71
CA LEU M 45 -12.22 35.42 -8.36
C LEU M 45 -13.43 34.51 -8.12
N PRO M 46 -14.44 34.53 -9.00
CA PRO M 46 -15.66 33.74 -8.78
C PRO M 46 -15.49 32.26 -8.42
N VAL M 47 -14.68 31.49 -9.15
CA VAL M 47 -14.52 30.05 -8.88
C VAL M 47 -13.71 29.80 -7.62
N ALA M 48 -12.66 30.60 -7.41
CA ALA M 48 -11.85 30.47 -6.21
C ALA M 48 -12.73 30.71 -4.98
N CYS M 49 -13.55 31.75 -5.05
CA CYS M 49 -14.54 32.06 -4.02
C CYS M 49 -15.49 30.87 -3.78
N LYS M 50 -16.02 30.30 -4.87
CA LYS M 50 -16.95 29.17 -4.77
C LYS M 50 -16.32 27.91 -4.17
N LYS M 51 -15.11 27.58 -4.60
CA LYS M 51 -14.38 26.46 -4.02
C LYS M 51 -14.12 26.62 -2.50
N LEU M 52 -13.81 27.84 -2.08
CA LEU M 52 -13.59 28.12 -0.66
C LEU M 52 -14.88 27.90 0.14
N LEU M 53 -16.01 28.30 -0.42
CA LEU M 53 -17.31 28.09 0.21
C LEU M 53 -17.71 26.62 0.23
N GLU M 54 -17.40 25.91 -0.84
CA GLU M 54 -17.88 24.54 -0.99
C GLU M 54 -16.89 23.46 -0.56
N GLU M 55 -15.60 23.70 -0.72
CA GLU M 55 -14.60 22.65 -0.52
C GLU M 55 -13.67 22.92 0.67
N GLU M 56 -13.72 24.13 1.20
CA GLU M 56 -12.88 24.48 2.34
C GLU M 56 -13.74 24.88 3.54
N GLY M 57 -15.05 24.72 3.38
CA GLY M 57 -16.03 24.95 4.43
C GLY M 57 -16.07 26.35 5.02
N CYS M 58 -15.85 27.37 4.21
CA CYS M 58 -15.98 28.75 4.66
C CYS M 58 -17.45 29.14 4.79
N ASP M 59 -17.77 29.84 5.87
CA ASP M 59 -19.13 30.35 6.06
C ASP M 59 -19.40 31.57 5.17
N ILE M 60 -18.33 32.31 4.86
CA ILE M 60 -18.44 33.53 4.08
C ILE M 60 -17.11 33.79 3.40
N VAL M 61 -17.13 34.58 2.32
CA VAL M 61 -15.90 34.96 1.62
C VAL M 61 -15.85 36.48 1.35
N MET M 62 -14.63 37.02 1.43
CA MET M 62 -14.36 38.37 0.94
C MET M 62 -13.64 38.23 -0.37
N ALA M 63 -14.20 38.85 -1.41
CA ALA M 63 -13.57 38.84 -2.72
C ALA M 63 -12.95 40.21 -2.99
N LEU M 64 -11.63 40.26 -3.00
CA LEU M 64 -10.91 41.53 -3.12
C LEU M 64 -10.26 41.71 -4.48
N GLY M 65 -10.59 42.82 -5.13
CA GLY M 65 -10.04 43.14 -6.44
C GLY M 65 -9.97 44.64 -6.72
N MET M 66 -9.19 44.98 -7.74
CA MET M 66 -9.02 46.37 -8.15
C MET M 66 -9.08 46.48 -9.65
N PRO M 67 -10.25 46.81 -10.18
CA PRO M 67 -10.40 47.08 -11.61
C PRO M 67 -9.49 48.25 -12.05
N GLY M 68 -8.91 48.13 -13.25
CA GLY M 68 -8.11 49.19 -13.84
C GLY M 68 -8.99 50.33 -14.30
N LYS M 69 -8.43 51.18 -15.16
CA LYS M 69 -9.05 52.47 -15.52
C LYS M 69 -9.83 52.45 -16.85
N ALA M 70 -9.36 51.62 -17.79
CA ALA M 70 -9.95 51.53 -19.12
C ALA M 70 -11.38 50.98 -19.11
N GLU M 71 -12.16 51.34 -20.14
CA GLU M 71 -13.53 50.86 -20.29
C GLU M 71 -13.61 49.36 -20.56
N LYS M 72 -12.45 48.72 -20.58
CA LYS M 72 -12.34 47.27 -20.78
C LYS M 72 -12.14 46.54 -19.45
N ASP M 73 -11.48 47.19 -18.50
CA ASP M 73 -11.39 46.71 -17.13
C ASP M 73 -12.74 46.87 -16.43
N LYS M 74 -13.48 47.90 -16.85
CA LYS M 74 -14.85 48.12 -16.43
C LYS M 74 -15.76 46.93 -16.77
N VAL M 75 -15.56 46.36 -17.96
CA VAL M 75 -16.34 45.22 -18.43
C VAL M 75 -15.91 43.96 -17.69
N CYS M 76 -14.58 43.77 -17.55
CA CYS M 76 -14.02 42.69 -16.72
C CYS M 76 -14.62 42.65 -15.31
N ALA M 77 -14.70 43.80 -14.62
CA ALA M 77 -15.27 43.85 -13.26
C ALA M 77 -16.77 43.54 -13.21
N HIS M 78 -17.52 44.02 -14.20
CA HIS M 78 -18.95 43.72 -14.34
C HIS M 78 -19.12 42.20 -14.52
N GLU M 79 -18.33 41.63 -15.41
CA GLU M 79 -18.26 40.19 -15.62
C GLU M 79 -17.94 39.50 -14.30
N ALA M 80 -16.90 39.97 -13.62
CA ALA M 80 -16.49 39.38 -12.35
C ALA M 80 -17.54 39.53 -11.24
N SER M 81 -18.32 40.62 -11.28
CA SER M 81 -19.35 40.86 -10.26
C SER M 81 -20.56 39.92 -10.36
N LEU M 82 -21.03 39.70 -11.59
CA LEU M 82 -22.09 38.72 -11.86
C LEU M 82 -21.65 37.31 -11.42
N GLY M 83 -20.44 36.92 -11.82
CA GLY M 83 -19.81 35.69 -11.36
C GLY M 83 -19.90 35.54 -9.86
N LEU M 84 -19.49 36.60 -9.13
CA LEU M 84 -19.60 36.60 -7.68
C LEU M 84 -21.03 36.37 -7.23
N MET M 85 -21.99 37.05 -7.85
CA MET M 85 -23.39 36.89 -7.47
C MET M 85 -23.90 35.46 -7.74
N LEU M 86 -23.47 34.89 -8.85
CA LEU M 86 -23.88 33.55 -9.24
C LEU M 86 -23.30 32.49 -8.32
N ALA M 87 -22.05 32.70 -7.90
CA ALA M 87 -21.39 31.82 -6.94
C ALA M 87 -22.12 31.85 -5.59
N GLN M 88 -22.55 33.02 -5.17
CA GLN M 88 -23.39 33.18 -3.98
C GLN M 88 -24.73 32.45 -4.10
N LEU M 89 -25.41 32.56 -5.23
CA LEU M 89 -26.71 31.93 -5.37
C LEU M 89 -26.65 30.40 -5.49
N MET M 90 -25.53 29.88 -6.00
CA MET M 90 -25.34 28.44 -6.13
C MET M 90 -25.08 27.79 -4.76
N THR M 91 -24.31 28.48 -3.92
CA THR M 91 -23.97 28.01 -2.57
C THR M 91 -24.74 28.54 -1.33
N ASN M 92 -25.71 29.45 -1.49
CA ASN M 92 -26.46 29.95 -0.32
C ASN M 92 -25.54 30.50 0.77
N LYS M 93 -24.60 31.34 0.36
CA LYS M 93 -23.55 31.93 1.18
C LYS M 93 -23.08 33.25 0.61
N HIS M 94 -22.84 34.21 1.50
CA HIS M 94 -22.44 35.56 1.10
C HIS M 94 -21.00 35.56 0.59
N ILE M 95 -20.79 36.33 -0.47
CA ILE M 95 -19.47 36.77 -0.83
C ILE M 95 -19.54 38.27 -0.78
N ILE M 96 -18.75 38.87 0.10
CA ILE M 96 -18.67 40.33 0.16
C ILE M 96 -17.68 40.83 -0.89
N GLU M 97 -18.17 41.49 -1.93
CA GLU M 97 -17.32 42.03 -2.99
C GLU M 97 -16.59 43.29 -2.56
N VAL M 98 -15.26 43.22 -2.51
CA VAL M 98 -14.47 44.42 -2.22
C VAL M 98 -13.62 44.85 -3.45
N PHE M 99 -14.27 45.59 -4.35
CA PHE M 99 -13.63 46.11 -5.55
C PHE M 99 -13.30 47.58 -5.37
N VAL M 100 -12.03 47.92 -5.54
CA VAL M 100 -11.62 49.32 -5.54
C VAL M 100 -11.11 49.69 -6.93
N HIS M 101 -11.95 50.34 -7.74
CA HIS M 101 -11.52 50.81 -9.07
C HIS M 101 -10.40 51.83 -8.92
N GLU M 102 -9.44 51.81 -9.85
CA GLU M 102 -8.33 52.76 -9.82
C GLU M 102 -8.79 54.19 -10.09
N ASP M 103 -9.95 54.37 -10.74
CA ASP M 103 -10.49 55.70 -11.07
C ASP M 103 -10.99 56.49 -9.86
N GLU M 104 -11.13 55.82 -8.73
CA GLU M 104 -11.73 56.42 -7.54
C GLU M 104 -10.76 57.25 -6.71
N ALA M 105 -9.46 56.99 -6.88
CA ALA M 105 -8.41 57.75 -6.20
C ALA M 105 -7.70 58.71 -7.18
N LYS M 106 -7.13 59.79 -6.64
CA LYS M 106 -6.53 60.87 -7.42
C LYS M 106 -5.01 60.75 -7.57
N ASP M 107 -4.43 59.82 -6.81
CA ASP M 107 -3.00 59.46 -6.85
C ASP M 107 -2.87 58.10 -6.17
N ASP M 108 -1.64 57.60 -6.01
CA ASP M 108 -1.43 56.27 -5.44
C ASP M 108 -1.60 56.24 -3.93
N ALA M 109 -1.22 57.34 -3.27
CA ALA M 109 -1.34 57.49 -1.83
C ALA M 109 -2.80 57.37 -1.40
N GLU M 110 -3.69 58.03 -2.16
CA GLU M 110 -5.13 57.94 -1.92
C GLU M 110 -5.67 56.52 -2.14
N LEU M 111 -5.18 55.87 -3.19
CA LEU M 111 -5.61 54.52 -3.57
C LEU M 111 -5.21 53.44 -2.57
N LYS M 112 -4.02 53.59 -2.01
CA LYS M 112 -3.58 52.73 -0.92
C LYS M 112 -4.50 52.95 0.28
N ILE M 113 -4.75 54.22 0.61
CA ILE M 113 -5.66 54.61 1.69
C ILE M 113 -7.08 54.08 1.49
N LEU M 114 -7.66 54.38 0.32
CA LEU M 114 -9.03 53.99 -0.02
C LEU M 114 -9.25 52.49 0.01
N ALA M 115 -8.32 51.74 -0.60
CA ALA M 115 -8.45 50.28 -0.69
C ALA M 115 -8.37 49.62 0.69
N ALA M 116 -7.44 50.10 1.52
CA ALA M 116 -7.26 49.59 2.88
C ALA M 116 -8.48 49.87 3.76
N ARG M 117 -9.05 51.07 3.61
CA ARG M 117 -10.21 51.48 4.40
C ARG M 117 -11.47 50.70 4.02
N ARG M 118 -11.78 50.65 2.72
CA ARG M 118 -12.89 49.85 2.19
C ARG M 118 -12.80 48.38 2.65
N ALA M 119 -11.59 47.81 2.62
CA ALA M 119 -11.32 46.43 3.06
C ALA M 119 -11.66 46.24 4.53
N ILE M 120 -11.18 47.16 5.35
CA ILE M 120 -11.40 47.13 6.79
C ILE M 120 -12.88 47.21 7.16
N GLU M 121 -13.57 48.16 6.54
CA GLU M 121 -14.98 48.37 6.82
C GLU M 121 -15.79 47.16 6.44
N HIS M 122 -15.49 46.60 5.29
CA HIS M 122 -16.18 45.42 4.81
C HIS M 122 -15.86 44.23 5.70
N ALA M 123 -14.65 44.20 6.24
CA ALA M 123 -14.25 43.20 7.22
C ALA M 123 -15.11 43.31 8.48
N LEU M 124 -15.42 44.53 8.87
CA LEU M 124 -16.35 44.80 9.96
C LEU M 124 -17.77 44.33 9.60
N ASN M 125 -18.16 44.53 8.34
CA ASN M 125 -19.46 44.05 7.87
C ASN M 125 -19.61 42.54 7.93
N VAL M 126 -18.52 41.83 7.63
CA VAL M 126 -18.47 40.38 7.76
C VAL M 126 -18.69 39.95 9.22
N TYR M 127 -17.99 40.61 10.14
CA TYR M 127 -18.13 40.34 11.57
C TYR M 127 -19.60 40.35 11.98
N TYR M 128 -20.30 41.44 11.64
CA TYR M 128 -21.72 41.60 11.93
C TYR M 128 -22.58 40.53 11.28
N LEU M 129 -22.31 40.23 10.01
CA LEU M 129 -23.08 39.21 9.29
C LEU M 129 -22.94 37.83 9.94
N LEU M 130 -21.74 37.56 10.43
CA LEU M 130 -21.42 36.30 11.10
C LEU M 130 -21.95 36.21 12.53
N PHE M 131 -21.90 37.33 13.26
CA PHE M 131 -22.07 37.30 14.71
C PHE M 131 -23.16 38.19 15.26
N LYS M 132 -23.42 39.30 14.58
CA LYS M 132 -24.31 40.34 15.09
C LYS M 132 -25.20 40.94 13.97
N PRO M 133 -26.08 40.15 13.41
CA PRO M 133 -26.98 40.64 12.39
C PRO M 133 -27.86 41.76 12.92
N GLU M 134 -28.25 41.65 14.18
CA GLU M 134 -29.16 42.62 14.73
C GLU M 134 -28.68 44.05 14.62
N TYR M 135 -27.39 44.27 14.76
CA TYR M 135 -26.87 45.61 14.64
C TYR M 135 -27.16 46.08 13.25
N LEU M 136 -27.00 45.19 12.31
CA LEU M 136 -27.22 45.55 10.92
C LEU M 136 -28.66 45.94 10.72
N THR M 137 -29.56 45.18 11.31
CA THR M 137 -30.96 45.46 11.15
C THR M 137 -31.20 46.85 11.71
N ARG M 138 -30.58 47.14 12.83
CA ARG M 138 -30.77 48.42 13.46
C ARG M 138 -30.36 49.57 12.57
N MET M 139 -29.23 49.40 11.90
CA MET M 139 -28.61 50.39 11.02
C MET M 139 -29.27 50.60 9.67
N ALA M 140 -30.26 49.79 9.30
CA ALA M 140 -30.87 49.97 7.99
C ALA M 140 -31.35 51.41 7.89
N GLY M 141 -31.00 52.07 6.79
CA GLY M 141 -31.40 53.44 6.57
C GLY M 141 -30.38 54.44 7.07
N LYS M 142 -29.10 54.11 6.92
CA LYS M 142 -28.03 54.98 7.35
C LYS M 142 -26.95 55.10 6.27
N GLY M 143 -26.30 56.26 6.21
CA GLY M 143 -25.25 56.49 5.23
C GLY M 143 -24.32 55.31 5.08
N THR N 2 -51.67 29.72 8.40
CA THR N 2 -50.62 30.72 8.55
C THR N 2 -49.84 30.91 7.26
N LYS N 3 -49.31 32.11 7.07
CA LYS N 3 -48.55 32.43 5.87
C LYS N 3 -47.25 33.11 6.27
N LYS N 4 -46.24 33.02 5.41
CA LYS N 4 -44.93 33.62 5.71
C LYS N 4 -44.33 34.53 4.65
N VAL N 5 -43.89 35.71 5.09
CA VAL N 5 -43.22 36.69 4.27
C VAL N 5 -41.84 37.06 4.84
N GLY N 6 -40.85 37.13 3.96
CA GLY N 6 -39.51 37.57 4.34
C GLY N 6 -39.32 38.99 3.84
N ILE N 7 -38.68 39.82 4.66
CA ILE N 7 -38.34 41.19 4.25
C ILE N 7 -36.86 41.43 4.43
N VAL N 8 -36.19 41.73 3.32
CA VAL N 8 -34.76 41.98 3.31
C VAL N 8 -34.46 43.42 2.90
N ASP N 9 -33.75 44.12 3.77
CA ASP N 9 -33.42 45.50 3.52
C ASP N 9 -31.93 45.70 3.79
N THR N 10 -31.48 46.95 3.76
CA THR N 10 -30.06 47.24 3.86
C THR N 10 -29.76 48.36 4.87
N THR N 11 -28.49 48.49 5.24
CA THR N 11 -28.00 49.61 6.03
C THR N 11 -27.61 50.79 5.10
N PHE N 12 -27.28 50.46 3.85
CA PHE N 12 -26.94 51.44 2.82
C PHE N 12 -28.08 52.44 2.56
N ALA N 13 -29.30 51.91 2.43
CA ALA N 13 -30.48 52.73 2.16
C ALA N 13 -30.59 53.89 3.16
N ARG N 14 -31.16 54.99 2.71
CA ARG N 14 -31.22 56.19 3.51
C ARG N 14 -32.62 56.42 4.10
N VAL N 15 -33.55 55.54 3.75
CA VAL N 15 -34.90 55.55 4.35
C VAL N 15 -35.24 54.14 4.81
N ASP N 16 -35.77 54.03 6.03
CA ASP N 16 -36.24 52.75 6.54
C ASP N 16 -37.53 52.41 5.81
N MET N 17 -37.46 51.41 4.93
CA MET N 17 -38.59 50.99 4.10
C MET N 17 -39.37 49.83 4.73
N ALA N 18 -38.69 49.07 5.60
CA ALA N 18 -39.26 47.84 6.18
C ALA N 18 -40.43 48.04 7.15
N SER N 19 -40.36 49.08 7.98
CA SER N 19 -41.37 49.28 9.02
C SER N 19 -42.78 49.48 8.45
N ALA N 20 -42.87 50.29 7.40
CA ALA N 20 -44.11 50.61 6.72
C ALA N 20 -44.71 49.42 5.96
N ALA N 21 -43.84 48.58 5.41
CA ALA N 21 -44.25 47.39 4.70
C ALA N 21 -44.80 46.37 5.69
N ILE N 22 -44.07 46.22 6.81
CA ILE N 22 -44.47 45.37 7.95
C ILE N 22 -45.83 45.78 8.50
N LEU N 23 -46.00 47.08 8.73
CA LEU N 23 -47.25 47.64 9.25
C LEU N 23 -48.42 47.40 8.29
N THR N 24 -48.19 47.62 6.99
CA THR N 24 -49.18 47.34 5.97
C THR N 24 -49.73 45.92 5.97
N LEU N 25 -48.83 44.95 5.96
CA LEU N 25 -49.21 43.54 5.90
C LEU N 25 -49.93 42.97 7.15
N LYS N 26 -49.49 43.45 8.32
CA LYS N 26 -50.09 43.09 9.60
C LYS N 26 -51.50 43.69 9.63
N MET N 27 -51.65 44.90 9.10
CA MET N 27 -52.94 45.58 8.92
C MET N 27 -53.90 44.79 8.01
N GLU N 28 -53.40 44.30 6.87
CA GLU N 28 -54.22 43.53 5.95
C GLU N 28 -54.47 42.07 6.41
N SER N 29 -53.46 41.45 7.02
CA SER N 29 -53.59 40.08 7.48
C SER N 29 -53.50 40.08 8.99
N PRO N 30 -54.50 39.37 9.63
CA PRO N 30 -54.43 39.43 11.09
C PRO N 30 -53.21 38.77 11.72
N ASN N 31 -52.85 37.59 11.26
CA ASN N 31 -51.72 36.86 11.86
C ASN N 31 -50.57 36.44 10.96
N ILE N 32 -50.35 37.15 9.87
CA ILE N 32 -49.28 36.76 8.98
C ILE N 32 -47.91 36.80 9.67
N LYS N 33 -47.10 35.79 9.41
CA LYS N 33 -45.75 35.64 9.96
C LYS N 33 -44.76 36.52 9.19
N ILE N 34 -43.88 37.19 9.90
CA ILE N 34 -42.87 38.06 9.27
C ILE N 34 -41.47 37.74 9.78
N ILE N 35 -40.51 37.72 8.85
CA ILE N 35 -39.11 37.50 9.16
C ILE N 35 -38.30 38.56 8.41
N ARG N 36 -37.34 39.15 9.12
CA ARG N 36 -36.52 40.24 8.64
C ARG N 36 -35.05 39.86 8.66
N LYS N 37 -34.34 40.22 7.61
CA LYS N 37 -32.88 40.19 7.56
C LYS N 37 -32.45 41.49 6.91
N THR N 38 -31.41 42.09 7.48
CA THR N 38 -30.79 43.29 6.95
C THR N 38 -29.39 42.93 6.50
N VAL N 39 -29.04 43.37 5.30
CA VAL N 39 -27.71 43.16 4.76
C VAL N 39 -27.09 44.55 4.57
N PRO N 40 -25.79 44.64 4.35
CA PRO N 40 -25.13 45.94 4.14
C PRO N 40 -25.59 46.68 2.88
N GLY N 41 -25.54 46.00 1.74
CA GLY N 41 -25.79 46.63 0.46
C GLY N 41 -26.80 45.92 -0.40
N ILE N 42 -27.03 46.49 -1.57
CA ILE N 42 -28.01 46.00 -2.51
C ILE N 42 -27.56 44.71 -3.22
N LYS N 43 -26.25 44.56 -3.39
CA LYS N 43 -25.66 43.37 -3.98
C LYS N 43 -25.68 42.18 -3.02
N ASP N 44 -25.98 42.44 -1.75
CA ASP N 44 -26.08 41.36 -0.75
C ASP N 44 -27.51 40.85 -0.63
N LEU N 45 -28.43 41.52 -1.32
CA LEU N 45 -29.85 41.17 -1.29
C LEU N 45 -30.22 39.79 -1.86
N PRO N 46 -29.75 39.45 -3.07
CA PRO N 46 -30.13 38.18 -3.70
C PRO N 46 -29.98 36.90 -2.85
N VAL N 47 -28.85 36.67 -2.19
CA VAL N 47 -28.65 35.45 -1.42
C VAL N 47 -29.45 35.44 -0.13
N ALA N 48 -29.52 36.59 0.53
CA ALA N 48 -30.31 36.72 1.76
C ALA N 48 -31.77 36.40 1.44
N CYS N 49 -32.26 36.95 0.34
CA CYS N 49 -33.60 36.66 -0.17
C CYS N 49 -33.79 35.15 -0.43
N LYS N 50 -32.83 34.53 -1.11
CA LYS N 50 -32.90 33.10 -1.42
C LYS N 50 -32.88 32.21 -0.18
N LYS N 51 -32.00 32.51 0.78
CA LYS N 51 -31.98 31.77 2.05
C LYS N 51 -33.32 31.86 2.81
N LEU N 52 -33.95 33.04 2.79
CA LEU N 52 -35.23 33.22 3.46
C LEU N 52 -36.32 32.36 2.81
N LEU N 53 -36.27 32.26 1.48
CA LEU N 53 -37.21 31.43 0.74
C LEU N 53 -36.95 29.94 0.96
N GLU N 54 -35.67 29.56 1.04
CA GLU N 54 -35.32 28.16 1.08
C GLU N 54 -35.08 27.59 2.48
N GLU N 55 -34.59 28.41 3.41
CA GLU N 55 -34.16 27.91 4.71
C GLU N 55 -35.00 28.43 5.87
N GLU N 56 -35.84 29.42 5.60
CA GLU N 56 -36.70 29.98 6.64
C GLU N 56 -38.17 29.81 6.27
N GLY N 57 -38.41 29.09 5.18
CA GLY N 57 -39.74 28.76 4.70
C GLY N 57 -40.69 29.89 4.39
N CYS N 58 -40.16 30.99 3.86
CA CYS N 58 -40.99 32.10 3.42
C CYS N 58 -41.69 31.76 2.12
N ASP N 59 -42.97 32.13 2.03
CA ASP N 59 -43.72 31.95 0.79
C ASP N 59 -43.34 33.00 -0.25
N ILE N 60 -42.92 34.17 0.23
CA ILE N 60 -42.60 35.30 -0.64
C ILE N 60 -41.62 36.21 0.10
N VAL N 61 -40.88 37.01 -0.66
CA VAL N 61 -39.96 37.98 -0.07
C VAL N 61 -40.12 39.37 -0.70
N MET N 62 -39.95 40.39 0.14
CA MET N 62 -39.80 41.76 -0.34
C MET N 62 -38.34 42.13 -0.23
N ALA N 63 -37.74 42.53 -1.34
CA ALA N 63 -36.35 42.96 -1.36
C ALA N 63 -36.30 44.48 -1.46
N LEU N 64 -35.87 45.12 -0.38
CA LEU N 64 -35.89 46.58 -0.31
C LEU N 64 -34.50 47.18 -0.40
N GLY N 65 -34.32 48.10 -1.36
CA GLY N 65 -33.05 48.78 -1.55
C GLY N 65 -33.19 50.16 -2.16
N MET N 66 -32.11 50.93 -2.06
CA MET N 66 -32.08 52.28 -2.60
C MET N 66 -30.77 52.53 -3.31
N PRO N 67 -30.78 52.34 -4.63
CA PRO N 67 -29.59 52.69 -5.43
C PRO N 67 -29.24 54.17 -5.30
N GLY N 68 -27.93 54.46 -5.28
CA GLY N 68 -27.43 55.82 -5.24
C GLY N 68 -27.62 56.50 -6.58
N LYS N 69 -26.90 57.60 -6.78
CA LYS N 69 -27.13 58.50 -7.93
C LYS N 69 -26.17 58.27 -9.11
N ALA N 70 -24.94 57.87 -8.81
CA ALA N 70 -23.90 57.66 -9.82
C ALA N 70 -24.22 56.53 -10.80
N GLU N 71 -23.64 56.61 -11.99
CA GLU N 71 -23.81 55.59 -13.04
C GLU N 71 -23.17 54.26 -12.64
N LYS N 72 -22.61 54.21 -11.44
CA LYS N 72 -21.98 53.01 -10.90
C LYS N 72 -22.91 52.29 -9.92
N ASP N 73 -23.74 53.07 -9.22
CA ASP N 73 -24.82 52.52 -8.39
C ASP N 73 -25.93 51.99 -9.30
N LYS N 74 -26.07 52.60 -10.47
CA LYS N 74 -26.97 52.13 -11.52
C LYS N 74 -26.61 50.71 -11.97
N VAL N 75 -25.32 50.44 -12.08
CA VAL N 75 -24.82 49.14 -12.50
C VAL N 75 -25.00 48.12 -11.36
N CYS N 76 -24.65 48.52 -10.14
CA CYS N 76 -24.92 47.74 -8.93
C CYS N 76 -26.37 47.27 -8.82
N ALA N 77 -27.33 48.17 -9.04
CA ALA N 77 -28.77 47.81 -8.98
C ALA N 77 -29.22 46.85 -10.09
N HIS N 78 -28.70 47.05 -11.29
CA HIS N 78 -28.94 46.16 -12.42
C HIS N 78 -28.42 44.76 -12.08
N GLU N 79 -27.20 44.71 -11.57
CA GLU N 79 -26.58 43.47 -11.08
C GLU N 79 -27.48 42.86 -10.01
N ALA N 80 -27.88 43.68 -9.03
CA ALA N 80 -28.75 43.20 -7.94
C ALA N 80 -30.12 42.74 -8.44
N SER N 81 -30.65 43.35 -9.49
CA SER N 81 -31.97 42.97 -10.02
C SER N 81 -32.00 41.62 -10.72
N LEU N 82 -30.98 41.35 -11.54
CA LEU N 82 -30.81 40.03 -12.16
C LEU N 82 -30.67 38.93 -11.09
N GLY N 83 -29.81 39.17 -10.10
CA GLY N 83 -29.68 38.32 -8.94
C GLY N 83 -31.02 37.98 -8.33
N LEU N 84 -31.85 39.02 -8.09
CA LEU N 84 -33.19 38.81 -7.58
C LEU N 84 -34.01 37.91 -8.50
N MET N 85 -33.94 38.15 -9.80
CA MET N 85 -34.68 37.33 -10.76
C MET N 85 -34.21 35.87 -10.76
N LEU N 86 -32.91 35.69 -10.65
CA LEU N 86 -32.31 34.36 -10.65
C LEU N 86 -32.66 33.58 -9.39
N ALA N 87 -32.69 34.27 -8.25
CA ALA N 87 -33.11 33.69 -6.99
C ALA N 87 -34.57 33.22 -7.05
N GLN N 88 -35.42 34.03 -7.67
CA GLN N 88 -36.81 33.65 -7.94
C GLN N 88 -36.93 32.40 -8.83
N LEU N 89 -36.15 32.34 -9.91
CA LEU N 89 -36.27 31.21 -10.82
C LEU N 89 -35.71 29.89 -10.24
N MET N 90 -34.75 30.00 -9.33
CA MET N 90 -34.17 28.82 -8.68
C MET N 90 -35.14 28.21 -7.66
N THR N 91 -35.85 29.07 -6.94
CA THR N 91 -36.82 28.67 -5.92
C THR N 91 -38.34 28.64 -6.26
N ASN N 92 -38.76 29.03 -7.46
CA ASN N 92 -40.20 29.00 -7.78
C ASN N 92 -41.05 29.78 -6.77
N LYS N 93 -40.60 30.99 -6.47
CA LYS N 93 -41.18 31.90 -5.49
C LYS N 93 -40.87 33.35 -5.81
N HIS N 94 -41.87 34.21 -5.62
CA HIS N 94 -41.76 35.62 -5.94
C HIS N 94 -40.83 36.32 -4.96
N ILE N 95 -40.03 37.22 -5.50
CA ILE N 95 -39.38 38.25 -4.71
C ILE N 95 -39.87 39.54 -5.31
N ILE N 96 -40.59 40.33 -4.52
CA ILE N 96 -41.02 41.66 -4.97
C ILE N 96 -39.89 42.66 -4.75
N GLU N 97 -39.31 43.13 -5.85
CA GLU N 97 -38.21 44.11 -5.77
C GLU N 97 -38.71 45.51 -5.46
N VAL N 98 -38.32 46.05 -4.30
CA VAL N 98 -38.65 47.44 -3.97
C VAL N 98 -37.40 48.33 -3.93
N PHE N 99 -37.00 48.79 -5.11
CA PHE N 99 -35.85 49.68 -5.28
C PHE N 99 -36.31 51.11 -5.47
N VAL N 100 -35.85 52.00 -4.61
CA VAL N 100 -36.10 53.42 -4.79
C VAL N 100 -34.79 54.14 -5.08
N HIS N 101 -34.50 54.43 -6.36
CA HIS N 101 -33.30 55.19 -6.72
C HIS N 101 -33.36 56.58 -6.09
N GLU N 102 -32.21 57.11 -5.68
CA GLU N 102 -32.13 58.44 -5.10
C GLU N 102 -32.44 59.53 -6.12
N ASP N 103 -32.28 59.23 -7.42
CA ASP N 103 -32.52 60.21 -8.49
C ASP N 103 -33.99 60.54 -8.71
N GLU N 104 -34.89 59.76 -8.11
CA GLU N 104 -36.32 59.90 -8.35
C GLU N 104 -36.98 60.98 -7.51
N ALA N 105 -36.34 61.35 -6.41
CA ALA N 105 -36.82 62.41 -5.53
C ALA N 105 -35.97 63.70 -5.70
N LYS N 106 -36.59 64.85 -5.39
CA LYS N 106 -35.98 66.16 -5.63
C LYS N 106 -35.33 66.76 -4.38
N ASP N 107 -35.56 66.11 -3.23
CA ASP N 107 -34.96 66.44 -1.94
C ASP N 107 -35.16 65.22 -1.03
N ASP N 108 -34.77 65.33 0.25
CA ASP N 108 -34.85 64.18 1.14
C ASP N 108 -36.27 63.91 1.65
N ALA N 109 -37.05 64.97 1.81
CA ALA N 109 -38.44 64.88 2.25
C ALA N 109 -39.25 64.08 1.25
N GLU N 110 -39.04 64.33 -0.03
CA GLU N 110 -39.69 63.58 -1.11
C GLU N 110 -39.27 62.11 -1.11
N LEU N 111 -37.97 61.87 -0.90
CA LEU N 111 -37.40 60.52 -0.91
C LEU N 111 -37.88 59.63 0.23
N LYS N 112 -38.03 60.24 1.40
CA LYS N 112 -38.64 59.57 2.53
C LYS N 112 -40.09 59.20 2.18
N ILE N 113 -40.81 60.18 1.64
CA ILE N 113 -42.20 59.99 1.18
C ILE N 113 -42.32 58.90 0.11
N LEU N 114 -41.53 59.04 -0.97
CA LEU N 114 -41.56 58.11 -2.09
C LEU N 114 -41.24 56.69 -1.71
N ALA N 115 -40.18 56.50 -0.92
CA ALA N 115 -39.74 55.17 -0.51
C ALA N 115 -40.78 54.46 0.36
N ALA N 116 -41.36 55.21 1.30
CA ALA N 116 -42.40 54.70 2.20
C ALA N 116 -43.66 54.29 1.45
N ARG N 117 -44.04 55.11 0.47
CA ARG N 117 -45.25 54.87 -0.33
C ARG N 117 -45.09 53.64 -1.25
N ARG N 118 -44.00 53.62 -2.02
CA ARG N 118 -43.65 52.46 -2.86
C ARG N 118 -43.63 51.14 -2.05
N ALA N 119 -43.06 51.20 -0.84
CA ALA N 119 -42.99 50.04 0.07
C ALA N 119 -44.36 49.55 0.46
N ILE N 120 -45.21 50.49 0.87
CA ILE N 120 -46.58 50.20 1.28
C ILE N 120 -47.40 49.56 0.17
N GLU N 121 -47.33 50.16 -1.02
CA GLU N 121 -48.11 49.65 -2.13
C GLU N 121 -47.69 48.27 -2.48
N HIS N 122 -46.39 48.06 -2.54
CA HIS N 122 -45.84 46.76 -2.88
C HIS N 122 -46.22 45.75 -1.80
N ALA N 123 -46.31 46.21 -0.56
CA ALA N 123 -46.79 45.40 0.55
C ALA N 123 -48.22 44.96 0.31
N LEU N 124 -49.03 45.85 -0.24
CA LEU N 124 -50.39 45.55 -0.66
C LEU N 124 -50.39 44.53 -1.81
N ASN N 125 -49.43 44.68 -2.74
CA ASN N 125 -49.29 43.72 -3.83
C ASN N 125 -48.98 42.30 -3.37
N VAL N 126 -48.15 42.21 -2.33
CA VAL N 126 -47.85 40.93 -1.69
C VAL N 126 -49.11 40.29 -1.12
N TYR N 127 -49.91 41.08 -0.40
CA TYR N 127 -51.17 40.61 0.17
C TYR N 127 -52.02 39.92 -0.88
N TYR N 128 -52.22 40.58 -2.01
CA TYR N 128 -53.01 39.94 -3.04
C TYR N 128 -52.36 38.71 -3.58
N LEU N 129 -51.08 38.81 -3.91
CA LEU N 129 -50.39 37.64 -4.47
C LEU N 129 -50.55 36.41 -3.56
N LEU N 130 -50.53 36.66 -2.26
CA LEU N 130 -50.68 35.61 -1.25
C LEU N 130 -52.11 35.14 -1.06
N PHE N 131 -53.07 36.06 -1.15
CA PHE N 131 -54.43 35.80 -0.68
C PHE N 131 -55.53 36.04 -1.70
N LYS N 132 -55.31 36.97 -2.60
CA LYS N 132 -56.35 37.44 -3.52
C LYS N 132 -55.79 37.69 -4.93
N PRO N 133 -55.21 36.66 -5.56
CA PRO N 133 -54.51 36.85 -6.85
C PRO N 133 -55.44 37.09 -8.04
N GLU N 134 -56.72 36.84 -7.82
CA GLU N 134 -57.78 37.08 -8.79
C GLU N 134 -57.97 38.56 -9.04
N TYR N 135 -57.89 39.34 -7.97
CA TYR N 135 -58.11 40.77 -8.05
C TYR N 135 -57.11 41.38 -8.99
N LEU N 136 -55.89 40.89 -8.89
CA LEU N 136 -54.85 41.40 -9.74
C LEU N 136 -55.22 41.10 -11.15
N THR N 137 -55.74 39.91 -11.35
CA THR N 137 -56.11 39.48 -12.68
C THR N 137 -57.16 40.43 -13.22
N ARG N 138 -58.10 40.79 -12.37
CA ARG N 138 -59.15 41.68 -12.79
C ARG N 138 -58.60 43.02 -13.22
N MET N 139 -57.71 43.60 -12.43
CA MET N 139 -57.15 44.90 -12.76
C MET N 139 -56.14 44.79 -13.89
N ALA N 140 -56.17 43.69 -14.64
CA ALA N 140 -55.23 43.51 -15.73
C ALA N 140 -55.43 44.56 -16.81
N GLY N 141 -54.33 45.15 -17.26
CA GLY N 141 -54.36 46.17 -18.29
C GLY N 141 -54.72 47.53 -17.75
N LYS N 142 -54.96 47.59 -16.44
CA LYS N 142 -55.32 48.84 -15.78
C LYS N 142 -54.13 49.79 -15.64
N GLY N 143 -54.41 51.09 -15.68
CA GLY N 143 -53.37 52.09 -15.56
C GLY N 143 -52.45 51.84 -14.39
N THR O 2 1.04 14.18 -13.50
CA THR O 2 -0.10 13.84 -12.66
C THR O 2 -1.20 14.87 -12.80
N LYS O 3 -0.88 16.00 -13.43
CA LYS O 3 -1.85 17.07 -13.62
C LYS O 3 -2.13 17.32 -15.09
N LYS O 4 -3.41 17.43 -15.43
CA LYS O 4 -3.85 17.62 -16.80
C LYS O 4 -4.43 18.99 -17.12
N VAL O 5 -3.91 19.59 -18.19
CA VAL O 5 -4.33 20.88 -18.71
C VAL O 5 -4.98 20.74 -20.09
N GLY O 6 -6.11 21.42 -20.28
CA GLY O 6 -6.76 21.48 -21.58
C GLY O 6 -6.47 22.82 -22.20
N ILE O 7 -6.23 22.83 -23.51
CA ILE O 7 -6.04 24.07 -24.26
C ILE O 7 -7.00 24.13 -25.43
N VAL O 8 -7.87 25.15 -25.41
CA VAL O 8 -8.87 25.34 -26.45
C VAL O 8 -8.62 26.64 -27.20
N ASP O 9 -8.47 26.51 -28.51
CA ASP O 9 -8.19 27.67 -29.35
C ASP O 9 -9.13 27.62 -30.54
N THR O 10 -8.92 28.53 -31.49
CA THR O 10 -9.83 28.67 -32.62
C THR O 10 -9.11 28.73 -33.97
N THR O 11 -9.86 28.57 -35.05
CA THR O 11 -9.39 28.80 -36.41
C THR O 11 -9.56 30.28 -36.80
N PHE O 12 -10.51 30.95 -36.14
CA PHE O 12 -10.77 32.38 -36.33
C PHE O 12 -9.54 33.25 -36.01
N ALA O 13 -8.90 32.97 -34.87
CA ALA O 13 -7.73 33.71 -34.43
C ALA O 13 -6.68 33.80 -35.54
N ARG O 14 -5.93 34.90 -35.54
CA ARG O 14 -4.98 35.16 -36.59
C ARG O 14 -3.54 34.89 -36.15
N VAL O 15 -3.37 34.52 -34.88
CA VAL O 15 -2.07 34.08 -34.37
C VAL O 15 -2.25 32.76 -33.62
N ASP O 16 -1.36 31.81 -33.89
CA ASP O 16 -1.36 30.54 -33.17
C ASP O 16 -0.84 30.82 -31.76
N MET O 17 -1.75 30.74 -30.78
CA MET O 17 -1.41 31.03 -29.39
C MET O 17 -1.08 29.76 -28.60
N ALA O 18 -1.57 28.62 -29.07
CA ALA O 18 -1.43 27.33 -28.36
C ALA O 18 -0.01 26.78 -28.26
N SER O 19 0.77 26.90 -29.32
CA SER O 19 2.10 26.29 -29.36
C SER O 19 3.04 26.83 -28.27
N ALA O 20 3.01 28.14 -28.08
CA ALA O 20 3.83 28.84 -27.10
C ALA O 20 3.41 28.54 -25.65
N ALA O 21 2.11 28.36 -25.45
CA ALA O 21 1.58 28.04 -24.14
C ALA O 21 1.95 26.60 -23.77
N ILE O 22 1.81 25.71 -24.76
CA ILE O 22 2.22 24.29 -24.67
C ILE O 22 3.71 24.18 -24.33
N LEU O 23 4.54 24.92 -25.06
CA LEU O 23 5.99 24.93 -24.85
C LEU O 23 6.36 25.43 -23.44
N THR O 24 5.72 26.51 -23.03
CA THR O 24 5.90 27.03 -21.68
C THR O 24 5.68 26.05 -20.55
N LEU O 25 4.54 25.37 -20.58
CA LEU O 25 4.15 24.43 -19.54
C LEU O 25 4.99 23.13 -19.45
N LYS O 26 5.39 22.64 -20.62
CA LYS O 26 6.25 21.47 -20.75
C LYS O 26 7.63 21.84 -20.20
N MET O 27 8.06 23.07 -20.48
CA MET O 27 9.30 23.66 -19.93
C MET O 27 9.27 23.76 -18.39
N GLU O 28 8.16 24.28 -17.86
CA GLU O 28 7.92 24.40 -16.43
C GLU O 28 7.72 23.06 -15.69
N SER O 29 6.93 22.18 -16.30
CA SER O 29 6.65 20.86 -15.75
C SER O 29 7.11 19.85 -16.79
N PRO O 30 8.03 18.90 -16.35
CA PRO O 30 8.45 17.95 -17.40
C PRO O 30 7.38 17.02 -17.97
N ASN O 31 6.53 16.46 -17.12
CA ASN O 31 5.51 15.52 -17.57
C ASN O 31 4.02 15.92 -17.56
N ILE O 32 3.70 17.19 -17.34
CA ILE O 32 2.29 17.52 -17.31
C ILE O 32 1.63 17.20 -18.64
N LYS O 33 0.49 16.52 -18.54
CA LYS O 33 -0.37 16.04 -19.62
C LYS O 33 -1.06 17.22 -20.30
N ILE O 34 -1.13 17.20 -21.63
CA ILE O 34 -1.78 18.26 -22.40
C ILE O 34 -2.80 17.69 -23.38
N ILE O 35 -3.95 18.34 -23.48
CA ILE O 35 -5.00 17.98 -24.41
C ILE O 35 -5.46 19.27 -25.11
N ARG O 36 -5.62 19.18 -26.42
CA ARG O 36 -5.97 20.30 -27.29
C ARG O 36 -7.27 20.02 -28.02
N LYS O 37 -8.11 21.04 -28.10
CA LYS O 37 -9.27 21.06 -28.99
C LYS O 37 -9.30 22.43 -29.60
N THR O 38 -9.57 22.46 -30.90
CA THR O 38 -9.74 23.68 -31.67
C THR O 38 -11.18 23.78 -32.12
N VAL O 39 -11.77 24.95 -31.93
CA VAL O 39 -13.13 25.20 -32.36
C VAL O 39 -13.05 26.31 -33.41
N PRO O 40 -14.12 26.53 -34.17
CA PRO O 40 -14.12 27.61 -35.19
C PRO O 40 -13.97 29.02 -34.61
N GLY O 41 -14.83 29.37 -33.64
CA GLY O 41 -14.91 30.71 -33.14
C GLY O 41 -14.83 30.82 -31.64
N ILE O 42 -14.90 32.06 -31.17
CA ILE O 42 -14.78 32.38 -29.77
C ILE O 42 -16.03 31.99 -28.96
N LYS O 43 -17.19 32.01 -29.62
CA LYS O 43 -18.46 31.61 -29.02
C LYS O 43 -18.57 30.08 -28.88
N ASP O 44 -17.66 29.35 -29.53
CA ASP O 44 -17.63 27.90 -29.41
C ASP O 44 -16.71 27.44 -28.29
N LEU O 45 -16.00 28.39 -27.69
CA LEU O 45 -15.04 28.11 -26.62
C LEU O 45 -15.64 27.54 -25.32
N PRO O 46 -16.69 28.18 -24.77
CA PRO O 46 -17.26 27.73 -23.49
C PRO O 46 -17.59 26.24 -23.34
N VAL O 47 -18.28 25.62 -24.30
CA VAL O 47 -18.67 24.21 -24.18
C VAL O 47 -17.48 23.28 -24.36
N ALA O 48 -16.60 23.61 -25.31
CA ALA O 48 -15.40 22.82 -25.54
C ALA O 48 -14.55 22.80 -24.26
N CYS O 49 -14.41 23.97 -23.65
CA CYS O 49 -13.73 24.12 -22.37
C CYS O 49 -14.39 23.24 -21.29
N LYS O 50 -15.71 23.30 -21.19
CA LYS O 50 -16.45 22.53 -20.19
C LYS O 50 -16.34 21.02 -20.38
N LYS O 51 -16.45 20.55 -21.63
CA LYS O 51 -16.25 19.14 -21.92
C LYS O 51 -14.85 18.63 -21.55
N LEU O 52 -13.82 19.46 -21.78
CA LEU O 52 -12.45 19.10 -21.43
C LEU O 52 -12.30 18.95 -19.91
N LEU O 53 -12.96 19.84 -19.16
CA LEU O 53 -12.94 19.77 -17.70
C LEU O 53 -13.74 18.58 -17.18
N GLU O 54 -14.85 18.28 -17.83
CA GLU O 54 -15.76 17.26 -17.31
C GLU O 54 -15.58 15.87 -17.91
N GLU O 55 -15.18 15.79 -19.17
CA GLU O 55 -15.18 14.50 -19.88
C GLU O 55 -13.77 14.03 -20.27
N GLU O 56 -12.79 14.90 -20.14
CA GLU O 56 -11.42 14.56 -20.45
C GLU O 56 -10.52 14.68 -19.22
N GLY O 57 -11.14 14.97 -18.08
CA GLY O 57 -10.48 15.05 -16.80
C GLY O 57 -9.36 16.05 -16.66
N CYS O 58 -9.50 17.21 -17.29
CA CYS O 58 -8.53 18.29 -17.14
C CYS O 58 -8.72 18.98 -15.80
N ASP O 59 -7.61 19.29 -15.14
CA ASP O 59 -7.65 20.04 -13.88
C ASP O 59 -7.93 21.53 -14.14
N ILE O 60 -7.50 22.00 -15.30
CA ILE O 60 -7.61 23.41 -15.66
C ILE O 60 -7.64 23.53 -17.18
N VAL O 61 -8.16 24.64 -17.68
CA VAL O 61 -8.18 24.90 -19.12
C VAL O 61 -7.68 26.33 -19.44
N MET O 62 -6.98 26.45 -20.57
CA MET O 62 -6.67 27.75 -21.15
C MET O 62 -7.58 27.93 -22.34
N ALA O 63 -8.34 29.02 -22.32
CA ALA O 63 -9.23 29.35 -23.43
C ALA O 63 -8.62 30.48 -24.24
N LEU O 64 -8.19 30.16 -25.46
CA LEU O 64 -7.46 31.13 -26.28
C LEU O 64 -8.30 31.63 -27.45
N GLY O 65 -8.43 32.96 -27.54
CA GLY O 65 -9.19 33.58 -28.61
C GLY O 65 -8.72 34.99 -28.95
N MET O 66 -9.16 35.46 -30.11
CA MET O 66 -8.79 36.79 -30.58
C MET O 66 -10.00 37.48 -31.15
N PRO O 67 -10.66 38.31 -30.34
CA PRO O 67 -11.77 39.13 -30.83
C PRO O 67 -11.31 40.07 -31.95
N GLY O 68 -12.17 40.26 -32.96
CA GLY O 68 -11.92 41.20 -34.03
C GLY O 68 -12.05 42.63 -33.55
N LYS O 69 -12.19 43.55 -34.51
CA LYS O 69 -12.11 45.00 -34.23
C LYS O 69 -13.46 45.70 -34.07
N ALA O 70 -14.47 45.21 -34.79
CA ALA O 70 -15.80 45.80 -34.79
C ALA O 70 -16.51 45.70 -33.43
N GLU O 71 -17.45 46.62 -33.19
CA GLU O 71 -18.24 46.66 -31.96
C GLU O 71 -19.17 45.45 -31.84
N LYS O 72 -19.10 44.56 -32.84
CA LYS O 72 -19.90 43.34 -32.86
C LYS O 72 -19.08 42.12 -32.41
N ASP O 73 -17.77 42.16 -32.69
CA ASP O 73 -16.82 41.18 -32.17
C ASP O 73 -16.62 41.44 -30.67
N LYS O 74 -16.74 42.70 -30.28
CA LYS O 74 -16.72 43.11 -28.89
C LYS O 74 -17.85 42.45 -28.08
N VAL O 75 -19.02 42.36 -28.69
CA VAL O 75 -20.19 41.74 -28.06
C VAL O 75 -20.03 40.22 -28.01
N CYS O 76 -19.56 39.63 -29.13
CA CYS O 76 -19.19 38.21 -29.20
C CYS O 76 -18.24 37.80 -28.06
N ALA O 77 -17.17 38.57 -27.83
CA ALA O 77 -16.20 38.26 -26.76
C ALA O 77 -16.79 38.37 -25.34
N HIS O 78 -17.62 39.39 -25.12
CA HIS O 78 -18.34 39.56 -23.87
C HIS O 78 -19.24 38.34 -23.61
N GLU O 79 -19.98 37.96 -24.65
CA GLU O 79 -20.80 36.76 -24.63
C GLU O 79 -19.92 35.56 -24.30
N ALA O 80 -18.80 35.42 -25.01
CA ALA O 80 -17.88 34.29 -24.81
C ALA O 80 -17.24 34.30 -23.41
N SER O 81 -17.02 35.49 -22.84
CA SER O 81 -16.40 35.60 -21.50
C SER O 81 -17.31 35.15 -20.36
N LEU O 82 -18.59 35.55 -20.42
CA LEU O 82 -19.59 35.08 -19.47
C LEU O 82 -19.74 33.55 -19.53
N GLY O 83 -19.85 33.02 -20.75
CA GLY O 83 -19.84 31.59 -21.00
C GLY O 83 -18.68 30.91 -20.29
N LEU O 84 -17.48 31.45 -20.47
CA LEU O 84 -16.31 30.92 -19.78
C LEU O 84 -16.49 30.95 -18.27
N MET O 85 -17.01 32.05 -17.73
CA MET O 85 -17.23 32.15 -16.29
C MET O 85 -18.26 31.13 -15.78
N LEU O 86 -19.30 30.93 -16.58
CA LEU O 86 -20.39 30.01 -16.23
C LEU O 86 -19.92 28.56 -16.26
N ALA O 87 -19.08 28.23 -17.24
CA ALA O 87 -18.47 26.92 -17.34
C ALA O 87 -17.58 26.63 -16.13
N GLN O 88 -16.82 27.62 -15.69
CA GLN O 88 -16.03 27.53 -14.46
C GLN O 88 -16.91 27.31 -13.22
N LEU O 89 -18.01 28.04 -13.09
CA LEU O 89 -18.83 27.89 -11.90
C LEU O 89 -19.62 26.56 -11.84
N MET O 90 -19.92 25.99 -13.01
CA MET O 90 -20.62 24.72 -13.09
C MET O 90 -19.70 23.55 -12.69
N THR O 91 -18.45 23.63 -13.11
CA THR O 91 -17.44 22.62 -12.82
C THR O 91 -16.42 22.82 -11.66
N ASN O 92 -16.45 23.95 -10.95
CA ASN O 92 -15.49 24.15 -9.85
C ASN O 92 -14.03 23.95 -10.28
N LYS O 93 -13.69 24.59 -11.39
CA LYS O 93 -12.39 24.52 -12.06
C LYS O 93 -12.11 25.76 -12.87
N HIS O 94 -10.86 26.22 -12.81
CA HIS O 94 -10.44 27.44 -13.48
C HIS O 94 -10.40 27.24 -14.99
N ILE O 95 -10.85 28.26 -15.70
CA ILE O 95 -10.53 28.41 -17.09
C ILE O 95 -9.81 29.75 -17.17
N ILE O 96 -8.55 29.73 -17.59
CA ILE O 96 -7.81 30.97 -17.78
C ILE O 96 -8.12 31.53 -19.17
N GLU O 97 -8.81 32.66 -19.21
CA GLU O 97 -9.18 33.23 -20.49
C GLU O 97 -8.06 34.05 -21.12
N VAL O 98 -7.59 33.59 -22.27
CA VAL O 98 -6.54 34.32 -23.00
C VAL O 98 -7.09 34.94 -24.31
N PHE O 99 -7.71 36.11 -24.17
CA PHE O 99 -8.24 36.85 -25.30
C PHE O 99 -7.32 37.99 -25.68
N VAL O 100 -6.89 38.00 -26.94
CA VAL O 100 -6.12 39.13 -27.46
C VAL O 100 -6.94 39.84 -28.52
N HIS O 101 -7.59 40.95 -28.17
CA HIS O 101 -8.31 41.76 -29.15
C HIS O 101 -7.36 42.29 -30.22
N GLU O 102 -7.83 42.37 -31.46
CA GLU O 102 -7.01 42.87 -32.56
C GLU O 102 -6.72 44.38 -32.41
N ASP O 103 -7.56 45.10 -31.64
CA ASP O 103 -7.40 46.54 -31.43
C ASP O 103 -6.20 46.92 -30.56
N GLU O 104 -5.62 45.94 -29.89
CA GLU O 104 -4.54 46.18 -28.93
C GLU O 104 -3.16 46.33 -29.55
N ALA O 105 -3.00 45.81 -30.76
CA ALA O 105 -1.75 45.93 -31.52
C ALA O 105 -1.89 46.94 -32.67
N LYS O 106 -0.77 47.53 -33.08
CA LYS O 106 -0.72 48.63 -34.06
C LYS O 106 -0.42 48.15 -35.48
N ASP O 107 -0.03 46.88 -35.60
CA ASP O 107 0.23 46.19 -36.86
C ASP O 107 0.21 44.68 -36.57
N ASP O 108 0.52 43.86 -37.57
CA ASP O 108 0.45 42.41 -37.37
C ASP O 108 1.64 41.85 -36.59
N ALA O 109 2.80 42.46 -36.78
CA ALA O 109 4.02 42.07 -36.08
C ALA O 109 3.85 42.21 -34.58
N GLU O 110 3.24 43.32 -34.16
CA GLU O 110 2.93 43.54 -32.75
C GLU O 110 1.92 42.52 -32.20
N LEU O 111 0.91 42.21 -33.02
CA LEU O 111 -0.16 41.29 -32.64
C LEU O 111 0.30 39.86 -32.47
N LYS O 112 1.22 39.43 -33.34
CA LYS O 112 1.87 38.15 -33.20
C LYS O 112 2.66 38.13 -31.89
N ILE O 113 3.44 39.20 -31.67
CA ILE O 113 4.22 39.37 -30.44
C ILE O 113 3.34 39.38 -29.18
N LEU O 114 2.34 40.26 -29.17
CA LEU O 114 1.43 40.41 -28.03
C LEU O 114 0.70 39.15 -27.66
N ALA O 115 0.14 38.47 -28.66
CA ALA O 115 -0.64 37.24 -28.43
C ALA O 115 0.22 36.11 -27.87
N ALA O 116 1.43 35.96 -28.42
CA ALA O 116 2.39 34.95 -27.97
C ALA O 116 2.84 35.19 -26.54
N ARG O 117 3.09 36.46 -26.20
CA ARG O 117 3.56 36.84 -24.87
C ARG O 117 2.47 36.65 -23.81
N ARG O 118 1.28 37.19 -24.06
CA ARG O 118 0.12 36.99 -23.19
C ARG O 118 -0.15 35.49 -22.93
N ALA O 119 -0.04 34.67 -23.97
CA ALA O 119 -0.23 33.21 -23.87
C ALA O 119 0.79 32.58 -22.95
N ILE O 120 2.05 32.93 -23.14
CA ILE O 120 3.15 32.42 -22.34
C ILE O 120 3.01 32.76 -20.87
N GLU O 121 2.73 34.03 -20.58
CA GLU O 121 2.61 34.42 -19.20
C GLU O 121 1.47 33.71 -18.53
N HIS O 122 0.34 33.66 -19.21
CA HIS O 122 -0.83 32.99 -18.67
C HIS O 122 -0.52 31.51 -18.45
N ALA O 123 0.31 30.95 -19.32
CA ALA O 123 0.79 29.58 -19.18
C ALA O 123 1.60 29.43 -17.90
N LEU O 124 2.38 30.45 -17.59
CA LEU O 124 3.11 30.51 -16.32
C LEU O 124 2.13 30.63 -15.14
N ASN O 125 1.06 31.41 -15.32
CA ASN O 125 0.02 31.53 -14.29
C ASN O 125 -0.66 30.20 -13.97
N VAL O 126 -0.88 29.39 -15.01
CA VAL O 126 -1.42 28.05 -14.84
C VAL O 126 -0.50 27.18 -14.00
N TYR O 127 0.80 27.21 -14.32
CA TYR O 127 1.81 26.47 -13.57
C TYR O 127 1.69 26.73 -12.08
N TYR O 128 1.65 28.01 -11.71
CA TYR O 128 1.53 28.40 -10.32
C TYR O 128 0.22 27.95 -9.70
N LEU O 129 -0.87 28.12 -10.42
CA LEU O 129 -2.19 27.71 -9.91
C LEU O 129 -2.23 26.21 -9.62
N LEU O 130 -1.57 25.45 -10.48
CA LEU O 130 -1.49 23.99 -10.37
C LEU O 130 -0.52 23.52 -9.30
N PHE O 131 0.61 24.21 -9.15
CA PHE O 131 1.75 23.68 -8.39
C PHE O 131 2.26 24.55 -7.27
N LYS O 132 2.13 25.86 -7.43
CA LYS O 132 2.73 26.83 -6.53
C LYS O 132 1.80 28.03 -6.26
N PRO O 133 0.69 27.77 -5.61
CA PRO O 133 -0.25 28.82 -5.26
C PRO O 133 0.37 29.87 -4.36
N GLU O 134 1.23 29.45 -3.46
CA GLU O 134 1.83 30.40 -2.52
C GLU O 134 2.60 31.51 -3.22
N TYR O 135 3.25 31.16 -4.31
CA TYR O 135 3.99 32.15 -5.05
C TYR O 135 3.00 33.17 -5.51
N LEU O 136 1.83 32.71 -5.95
CA LEU O 136 0.81 33.62 -6.44
C LEU O 136 0.35 34.53 -5.35
N THR O 137 0.23 33.97 -4.15
CA THR O 137 -0.22 34.73 -3.02
C THR O 137 0.74 35.88 -2.77
N ARG O 138 2.03 35.65 -2.92
CA ARG O 138 2.95 36.76 -2.67
C ARG O 138 2.78 37.99 -3.56
N MET O 139 2.54 37.74 -4.83
CA MET O 139 2.40 38.79 -5.83
C MET O 139 1.21 39.70 -5.57
N ALA O 140 0.37 39.33 -4.61
CA ALA O 140 -0.79 40.16 -4.33
C ALA O 140 -0.33 41.59 -4.10
N GLY O 141 -1.05 42.52 -4.71
CA GLY O 141 -0.73 43.93 -4.60
C GLY O 141 0.16 44.37 -5.74
N LYS O 142 1.20 43.60 -6.01
CA LYS O 142 2.13 43.92 -7.09
C LYS O 142 1.39 44.17 -8.39
N SER P 2 15.24 45.63 1.67
CA SER P 2 16.02 46.62 0.93
C SER P 2 16.36 47.79 1.82
N THR P 3 16.10 47.66 3.11
CA THR P 3 16.43 48.74 4.02
C THR P 3 17.91 48.88 3.96
N ILE P 4 18.59 47.75 3.80
CA ILE P 4 20.05 47.73 3.76
C ILE P 4 20.53 48.56 2.59
N ASN P 5 19.84 48.45 1.46
CA ASN P 5 20.21 49.23 0.31
C ASN P 5 20.17 50.70 0.60
N ASN P 6 19.17 51.16 1.33
CA ASN P 6 19.13 52.59 1.53
C ASN P 6 20.26 53.09 2.43
N GLN P 7 20.57 52.33 3.46
CA GLN P 7 21.67 52.71 4.34
C GLN P 7 23.01 52.64 3.60
N LEU P 8 23.23 51.56 2.85
CA LEU P 8 24.46 51.49 2.04
C LEU P 8 24.59 52.64 1.06
N LYS P 9 23.51 52.99 0.37
CA LYS P 9 23.54 54.04 -0.64
C LYS P 9 23.94 55.37 0.00
N ALA P 10 23.46 55.59 1.22
CA ALA P 10 23.82 56.80 1.96
C ALA P 10 25.27 56.78 2.43
N LEU P 11 25.71 55.64 2.95
CA LEU P 11 27.07 55.56 3.50
C LEU P 11 28.18 55.63 2.46
N LYS P 12 27.96 54.91 1.36
CA LYS P 12 28.90 54.78 0.23
C LYS P 12 30.18 53.99 0.50
N VAL P 13 30.59 53.91 1.76
CA VAL P 13 31.78 53.18 2.14
C VAL P 13 31.50 52.44 3.44
N ILE P 14 31.80 51.16 3.44
CA ILE P 14 31.59 50.35 4.65
C ILE P 14 32.93 49.84 5.19
N PRO P 15 33.27 50.24 6.43
CA PRO P 15 34.48 49.70 7.03
C PRO P 15 34.38 48.20 7.21
N VAL P 16 35.36 47.50 6.68
CA VAL P 16 35.52 46.08 6.86
C VAL P 16 36.60 45.84 7.91
N ILE P 17 36.15 45.33 9.06
CA ILE P 17 36.96 45.27 10.28
C ILE P 17 37.43 43.87 10.65
N ALA P 18 38.74 43.72 10.82
CA ALA P 18 39.34 42.51 11.33
C ALA P 18 39.94 42.87 12.69
N ILE P 19 39.28 42.40 13.74
CA ILE P 19 39.60 42.80 15.10
C ILE P 19 40.34 41.65 15.79
N ASP P 20 41.34 41.97 16.61
CA ASP P 20 42.05 40.94 17.36
C ASP P 20 41.46 40.81 18.75
N ASN P 21 41.39 41.93 19.45
CA ASN P 21 40.79 42.01 20.76
C ASN P 21 39.43 42.65 20.63
N ALA P 22 38.40 41.91 21.04
CA ALA P 22 37.04 42.39 20.86
C ALA P 22 36.79 43.74 21.50
N GLU P 23 37.44 43.99 22.63
CA GLU P 23 37.29 45.24 23.36
C GLU P 23 37.63 46.46 22.48
N ASP P 24 38.53 46.25 21.54
CA ASP P 24 38.98 47.30 20.62
C ASP P 24 37.86 47.84 19.73
N ILE P 25 36.74 47.10 19.63
CA ILE P 25 35.63 47.56 18.81
C ILE P 25 34.95 48.79 19.40
N ILE P 26 35.14 49.01 20.71
CA ILE P 26 34.46 50.10 21.34
C ILE P 26 35.09 51.45 20.93
N PRO P 27 36.40 51.60 21.17
CA PRO P 27 36.97 52.87 20.71
C PRO P 27 36.89 53.01 19.17
N LEU P 28 37.06 51.90 18.45
CA LEU P 28 36.99 51.95 16.97
C LEU P 28 35.62 52.43 16.51
N GLY P 29 34.55 51.86 17.06
CA GLY P 29 33.21 52.27 16.71
C GLY P 29 32.91 53.72 17.07
N LYS P 30 33.47 54.18 18.18
CA LYS P 30 33.27 55.57 18.62
C LYS P 30 33.89 56.51 17.58
N VAL P 31 35.12 56.18 17.19
CA VAL P 31 35.81 56.99 16.18
C VAL P 31 35.10 56.96 14.84
N LEU P 32 34.70 55.77 14.39
CA LEU P 32 33.90 55.72 13.15
C LEU P 32 32.62 56.55 13.23
N ALA P 33 31.83 56.35 14.28
CA ALA P 33 30.55 57.04 14.34
C ALA P 33 30.69 58.56 14.46
N GLU P 34 31.60 59.03 15.30
CA GLU P 34 31.70 60.49 15.51
C GLU P 34 32.37 61.19 14.32
N ASN P 35 33.01 60.42 13.43
CA ASN P 35 33.59 61.01 12.25
C ASN P 35 32.75 60.84 11.00
N GLY P 36 31.50 60.42 11.20
CA GLY P 36 30.51 60.41 10.13
C GLY P 36 30.29 59.09 9.43
N LEU P 37 30.82 58.00 9.97
CA LEU P 37 30.70 56.69 9.29
C LEU P 37 30.15 55.61 10.21
N PRO P 38 28.85 55.67 10.49
CA PRO P 38 28.24 54.81 11.50
C PRO P 38 27.88 53.43 10.93
N ALA P 39 28.90 52.70 10.50
CA ALA P 39 28.73 51.38 9.89
C ALA P 39 29.96 50.54 10.10
N ALA P 40 29.78 49.22 10.10
CA ALA P 40 30.89 48.32 10.30
C ALA P 40 30.49 46.93 9.84
N GLU P 41 31.37 46.32 9.06
CA GLU P 41 31.23 44.90 8.75
C GLU P 41 32.33 44.18 9.50
N ILE P 42 31.96 43.39 10.52
CA ILE P 42 32.94 42.75 11.36
C ILE P 42 33.19 41.35 10.85
N THR P 43 34.41 41.11 10.38
CA THR P 43 34.75 39.81 9.79
C THR P 43 35.00 38.68 10.81
N PHE P 44 34.44 37.50 10.50
CA PHE P 44 34.61 36.31 11.33
C PHE P 44 35.96 35.61 11.11
N ARG P 45 37.03 36.37 11.30
CA ARG P 45 38.37 35.85 11.10
C ARG P 45 39.02 35.54 12.44
N SER P 46 38.28 35.84 13.51
CA SER P 46 38.73 35.60 14.86
C SER P 46 37.55 35.08 15.67
N SER P 47 37.84 34.34 16.73
CA SER P 47 36.80 33.79 17.57
C SER P 47 36.04 34.96 18.17
N ALA P 48 36.79 36.01 18.48
CA ALA P 48 36.26 37.21 19.10
C ALA P 48 35.22 38.01 18.31
N ALA P 49 35.34 38.11 17.00
CA ALA P 49 34.38 38.94 16.30
C ALA P 49 32.99 38.97 16.91
N VAL P 50 32.44 37.84 17.31
CA VAL P 50 31.09 37.92 17.83
C VAL P 50 31.02 38.80 19.03
N LYS P 51 31.83 38.53 20.01
CA LYS P 51 31.83 39.46 21.14
C LYS P 51 31.92 40.91 20.66
N ALA P 52 32.76 41.16 19.65
CA ALA P 52 32.84 42.49 19.05
C ALA P 52 31.50 43.01 18.54
N ILE P 53 30.74 42.19 17.82
CA ILE P 53 29.43 42.64 17.40
C ILE P 53 28.54 42.98 18.61
N MET P 54 28.58 42.14 19.62
CA MET P 54 27.73 42.35 20.82
C MET P 54 28.13 43.65 21.53
N LEU P 55 29.41 43.87 21.73
CA LEU P 55 29.91 45.10 22.36
C LEU P 55 29.59 46.34 21.54
N LEU P 56 29.86 46.27 20.22
CA LEU P 56 29.49 47.40 19.36
C LEU P 56 28.00 47.74 19.33
N ARG P 57 27.13 46.72 19.32
CA ARG P 57 25.70 46.99 19.27
C ARG P 57 25.26 47.67 20.60
N SER P 58 25.86 47.25 21.69
CA SER P 58 25.59 47.88 22.99
C SER P 58 26.08 49.32 23.03
N ALA P 59 27.27 49.55 22.49
CA ALA P 59 27.92 50.86 22.56
C ALA P 59 27.41 51.87 21.53
N GLN P 60 27.01 51.35 20.37
CA GLN P 60 26.58 52.19 19.26
C GLN P 60 25.31 51.59 18.69
N PRO P 61 24.19 51.77 19.39
CA PRO P 61 22.96 51.05 19.04
C PRO P 61 22.43 51.28 17.62
N GLU P 62 22.64 52.45 17.06
CA GLU P 62 22.10 52.79 15.75
C GLU P 62 23.10 52.50 14.62
N MET P 63 24.23 51.94 14.95
CA MET P 63 25.24 51.62 13.96
C MET P 63 24.72 50.56 13.03
N LEU P 64 25.04 50.65 11.74
CA LEU P 64 24.77 49.55 10.80
C LEU P 64 25.87 48.52 11.05
N ILE P 65 25.50 47.33 11.53
CA ILE P 65 26.48 46.30 11.84
C ILE P 65 26.16 45.03 11.05
N GLY P 66 27.10 44.65 10.19
CA GLY P 66 27.05 43.37 9.49
C GLY P 66 28.18 42.48 9.95
N ALA P 67 28.06 41.18 9.66
CA ALA P 67 29.13 40.27 9.97
C ALA P 67 29.63 39.77 8.63
N GLY P 68 30.94 39.66 8.50
CA GLY P 68 31.54 39.17 7.26
C GLY P 68 32.21 37.83 7.38
N THR P 69 32.66 37.31 6.24
CA THR P 69 33.31 36.00 6.18
C THR P 69 32.42 34.89 6.73
N ILE P 70 31.15 35.01 6.41
CA ILE P 70 30.15 34.06 6.91
C ILE P 70 30.06 32.91 5.90
N LEU P 71 30.54 31.74 6.30
CA LEU P 71 30.72 30.60 5.40
C LEU P 71 29.65 29.54 5.59
N ASN P 72 28.85 29.67 6.64
CA ASN P 72 27.81 28.67 6.90
C ASN P 72 26.70 29.23 7.76
N GLY P 73 25.61 28.47 7.91
CA GLY P 73 24.46 28.98 8.63
C GLY P 73 24.73 29.13 10.12
N VAL P 74 25.58 28.26 10.69
CA VAL P 74 25.94 28.34 12.12
C VAL P 74 26.56 29.70 12.43
N GLN P 75 27.49 30.13 11.58
CA GLN P 75 28.07 31.44 11.79
C GLN P 75 27.07 32.55 11.58
N ALA P 76 26.18 32.41 10.60
CA ALA P 76 25.12 33.39 10.38
C ALA P 76 24.23 33.53 11.61
N LEU P 77 23.89 32.39 12.23
CA LEU P 77 23.13 32.43 13.49
C LEU P 77 23.91 33.15 14.62
N ALA P 78 25.19 32.82 14.78
CA ALA P 78 26.01 33.45 15.80
C ALA P 78 25.97 34.95 15.60
N ALA P 79 26.07 35.37 14.35
CA ALA P 79 26.06 36.81 14.04
C ALA P 79 24.71 37.45 14.34
N LYS P 80 23.64 36.74 14.00
CA LYS P 80 22.31 37.25 14.25
C LYS P 80 22.09 37.43 15.77
N GLU P 81 22.48 36.42 16.54
CA GLU P 81 22.26 36.42 18.00
C GLU P 81 23.10 37.49 18.66
N ALA P 82 24.24 37.78 18.06
CA ALA P 82 25.13 38.83 18.58
C ALA P 82 24.59 40.24 18.30
N GLY P 83 23.70 40.37 17.33
CA GLY P 83 23.12 41.67 17.00
C GLY P 83 23.40 42.22 15.61
N ALA P 84 24.08 41.45 14.76
CA ALA P 84 24.23 41.89 13.37
C ALA P 84 22.88 41.86 12.66
N THR P 85 22.64 42.79 11.74
CA THR P 85 21.40 42.78 10.96
C THR P 85 21.54 42.25 9.53
N PHE P 86 22.75 41.92 9.13
CA PHE P 86 22.95 41.23 7.83
C PHE P 86 24.28 40.52 7.90
N VAL P 87 24.46 39.53 7.03
CA VAL P 87 25.72 38.86 6.90
C VAL P 87 26.23 38.98 5.46
N VAL P 88 27.53 38.79 5.30
CA VAL P 88 28.15 38.86 4.00
C VAL P 88 29.16 37.74 3.90
N SER P 89 29.39 37.25 2.69
CA SER P 89 30.34 36.17 2.52
C SER P 89 31.21 36.49 1.35
N PRO P 90 32.43 35.96 1.33
CA PRO P 90 33.37 36.24 0.24
C PRO P 90 32.85 35.76 -1.11
N GLY P 91 32.21 34.60 -1.11
CA GLY P 91 31.68 33.99 -2.35
C GLY P 91 30.22 33.62 -2.14
N PHE P 92 29.70 32.82 -3.06
CA PHE P 92 28.28 32.50 -3.08
C PHE P 92 28.13 31.00 -2.86
N ASN P 93 27.52 30.64 -1.72
CA ASN P 93 27.23 29.25 -1.41
C ASN P 93 25.72 29.17 -1.21
N PRO P 94 25.03 28.53 -2.15
CA PRO P 94 23.60 28.48 -2.03
C PRO P 94 23.16 27.79 -0.73
N ASN P 95 23.97 26.89 -0.17
CA ASN P 95 23.60 26.25 1.11
C ASN P 95 23.61 27.28 2.23
N THR P 96 24.57 28.20 2.17
CA THR P 96 24.58 29.26 3.18
C THR P 96 23.41 30.19 3.02
N VAL P 97 23.11 30.58 1.77
CA VAL P 97 21.98 31.44 1.49
C VAL P 97 20.65 30.85 2.00
N ARG P 98 20.36 29.60 1.73
CA ARG P 98 19.15 29.03 2.30
C ARG P 98 19.23 29.17 3.80
N ALA P 99 20.28 28.62 4.36
CA ALA P 99 20.34 28.58 5.82
C ALA P 99 19.97 29.94 6.38
N CYS P 100 20.45 31.01 5.75
CA CYS P 100 20.13 32.36 6.20
C CYS P 100 18.65 32.66 6.01
N GLN P 101 18.06 32.15 4.96
CA GLN P 101 16.65 32.34 4.74
C GLN P 101 15.86 31.66 5.85
N ILE P 102 16.32 30.50 6.26
CA ILE P 102 15.63 29.69 7.27
C ILE P 102 15.78 30.29 8.65
N ILE P 103 16.98 30.78 8.98
CA ILE P 103 17.17 31.33 10.32
C ILE P 103 16.66 32.77 10.41
N GLY P 104 16.47 33.39 9.24
CA GLY P 104 15.90 34.72 9.17
C GLY P 104 16.89 35.87 9.37
N ILE P 105 17.95 35.88 8.57
CA ILE P 105 18.84 37.05 8.48
C ILE P 105 19.27 37.41 7.06
N ASP P 106 19.47 38.69 6.80
CA ASP P 106 19.84 39.15 5.47
C ASP P 106 21.27 38.78 5.06
N ILE P 107 21.41 38.24 3.85
CA ILE P 107 22.74 37.87 3.36
C ILE P 107 23.03 38.65 2.08
N VAL P 108 24.23 39.22 2.02
CA VAL P 108 24.75 39.84 0.80
C VAL P 108 25.97 38.99 0.43
N PRO P 109 25.77 38.06 -0.51
CA PRO P 109 26.88 37.15 -0.86
C PRO P 109 27.82 37.74 -1.90
N GLY P 110 29.06 37.28 -1.90
CA GLY P 110 30.04 37.74 -2.92
C GLY P 110 29.95 36.98 -4.23
N VAL P 111 30.09 37.72 -5.31
CA VAL P 111 30.20 37.16 -6.66
C VAL P 111 31.33 37.85 -7.39
N ASN P 112 31.81 37.24 -8.47
CA ASN P 112 32.81 37.93 -9.28
C ASN P 112 32.73 37.57 -10.77
N ASN P 113 31.62 36.92 -11.20
CA ASN P 113 31.48 36.61 -12.63
C ASN P 113 30.01 36.44 -12.97
N PRO P 114 29.68 36.38 -14.26
CA PRO P 114 28.29 36.29 -14.71
C PRO P 114 27.54 35.07 -14.23
N SER P 115 28.20 33.92 -14.18
CA SER P 115 27.52 32.71 -13.76
C SER P 115 27.10 32.78 -12.31
N THR P 116 27.96 33.34 -11.47
CA THR P 116 27.62 33.39 -10.04
C THR P 116 26.51 34.42 -9.84
N VAL P 117 26.54 35.50 -10.62
CA VAL P 117 25.43 36.46 -10.55
C VAL P 117 24.10 35.77 -10.85
N GLU P 118 24.09 34.95 -11.91
CA GLU P 118 22.84 34.27 -12.30
C GLU P 118 22.38 33.30 -11.25
N ALA P 119 23.33 32.64 -10.60
CA ALA P 119 23.01 31.74 -9.49
C ALA P 119 22.33 32.50 -8.36
N ALA P 120 22.85 33.67 -8.05
CA ALA P 120 22.26 34.49 -6.97
C ALA P 120 20.88 34.98 -7.35
N LEU P 121 20.72 35.45 -8.59
CA LEU P 121 19.43 35.97 -9.05
C LEU P 121 18.38 34.90 -8.97
N GLU P 122 18.78 33.67 -9.24
CA GLU P 122 17.84 32.57 -9.25
C GLU P 122 17.30 32.26 -7.86
N MET P 123 18.10 32.58 -6.83
CA MET P 123 17.68 32.46 -5.43
C MET P 123 17.02 33.71 -4.86
N GLY P 124 16.74 34.68 -5.72
CA GLY P 124 15.99 35.88 -5.34
C GLY P 124 16.84 37.00 -4.76
N LEU P 125 18.16 36.90 -4.92
CA LEU P 125 19.02 37.93 -4.38
C LEU P 125 19.37 38.95 -5.46
N THR P 126 19.47 40.23 -5.08
CA THR P 126 19.83 41.26 -6.02
C THR P 126 20.99 42.15 -5.52
N THR P 127 21.11 42.32 -4.19
CA THR P 127 22.27 43.03 -3.61
C THR P 127 23.42 42.06 -3.33
N LEU P 128 24.53 42.27 -4.06
CA LEU P 128 25.62 41.32 -4.02
C LEU P 128 26.93 42.05 -3.78
N LYS P 129 27.84 41.39 -3.09
CA LYS P 129 29.17 41.91 -2.89
C LYS P 129 29.98 41.51 -4.12
N PHE P 130 30.81 42.41 -4.62
CA PHE P 130 31.64 42.05 -5.79
C PHE P 130 33.07 41.94 -5.26
N PHE P 131 33.58 40.71 -5.18
CA PHE P 131 34.81 40.43 -4.45
C PHE P 131 35.58 39.28 -5.11
N PRO P 132 36.92 39.38 -5.21
CA PRO P 132 37.73 40.58 -4.85
C PRO P 132 37.73 41.57 -5.99
N ALA P 133 37.43 42.83 -5.70
CA ALA P 133 37.03 43.74 -6.78
C ALA P 133 38.20 44.01 -7.75
N GLU P 134 39.32 44.46 -7.22
CA GLU P 134 40.44 44.79 -8.13
C GLU P 134 41.02 43.55 -8.79
N ALA P 135 41.20 42.50 -8.01
CA ALA P 135 41.85 41.28 -8.54
C ALA P 135 40.99 40.58 -9.61
N SER P 136 39.68 40.84 -9.60
CA SER P 136 38.77 40.21 -10.55
C SER P 136 38.58 41.02 -11.83
N GLY P 137 39.26 42.16 -11.91
CA GLY P 137 39.17 42.99 -13.12
C GLY P 137 38.65 44.38 -12.89
N GLY P 138 38.32 44.72 -11.64
CA GLY P 138 38.06 46.13 -11.32
C GLY P 138 36.84 46.70 -12.01
N ILE P 139 36.89 48.01 -12.28
CA ILE P 139 35.75 48.69 -12.84
C ILE P 139 35.32 48.11 -14.17
N SER P 140 36.26 47.64 -15.00
CA SER P 140 35.88 47.00 -16.25
C SER P 140 35.02 45.77 -16.02
N MET P 141 35.35 44.98 -15.01
CA MET P 141 34.49 43.87 -14.68
C MET P 141 33.14 44.33 -14.13
N VAL P 142 33.15 45.33 -13.24
CA VAL P 142 31.88 45.77 -12.70
C VAL P 142 30.91 46.19 -13.83
N LYS P 143 31.42 46.96 -14.79
CA LYS P 143 30.60 47.40 -15.90
C LYS P 143 30.05 46.25 -16.73
N SER P 144 30.86 45.20 -16.88
CA SER P 144 30.39 43.99 -17.57
C SER P 144 29.31 43.19 -16.87
N LEU P 145 29.23 43.24 -15.53
CA LEU P 145 28.15 42.58 -14.79
C LEU P 145 26.86 43.36 -14.67
N VAL P 146 26.97 44.65 -14.40
CA VAL P 146 25.78 45.40 -14.18
C VAL P 146 25.09 45.59 -15.52
N GLY P 147 25.86 45.55 -16.61
CA GLY P 147 25.34 45.74 -17.96
C GLY P 147 24.23 44.76 -18.31
N PRO P 148 24.51 43.46 -18.26
CA PRO P 148 23.46 42.48 -18.61
C PRO P 148 22.42 42.28 -17.53
N TYR P 149 22.74 42.66 -16.28
CA TYR P 149 21.88 42.32 -15.16
C TYR P 149 21.35 43.58 -14.49
N GLY P 150 20.28 44.13 -15.06
CA GLY P 150 19.79 45.44 -14.64
C GLY P 150 19.29 45.48 -13.21
N ASP P 151 18.99 44.31 -12.64
CA ASP P 151 18.40 44.24 -11.29
C ASP P 151 19.42 44.23 -10.16
N ILE P 152 20.67 43.92 -10.47
CA ILE P 152 21.63 43.80 -9.39
C ILE P 152 22.14 45.14 -8.86
N ARG P 153 22.53 45.13 -7.60
CA ARG P 153 23.17 46.29 -6.97
C ARG P 153 24.40 45.73 -6.27
N LEU P 154 25.54 46.41 -6.40
CA LEU P 154 26.81 45.79 -5.97
C LEU P 154 27.47 46.54 -4.83
N MET P 155 28.17 45.77 -4.01
CA MET P 155 29.09 46.33 -3.04
C MET P 155 30.51 45.82 -3.34
N PRO P 156 31.27 46.54 -4.17
CA PRO P 156 32.64 46.12 -4.49
C PRO P 156 33.53 46.20 -3.26
N THR P 157 34.32 45.15 -3.03
CA THR P 157 35.25 45.13 -1.92
C THR P 157 36.47 44.37 -2.39
N GLY P 158 37.65 44.77 -1.90
CA GLY P 158 38.90 44.11 -2.28
C GLY P 158 39.72 45.07 -3.11
N GLY P 159 40.72 45.67 -2.48
CA GLY P 159 41.62 46.57 -3.18
C GLY P 159 41.06 47.97 -3.37
N ILE P 160 39.97 48.28 -2.69
CA ILE P 160 39.37 49.61 -2.80
C ILE P 160 40.15 50.56 -1.91
N THR P 161 40.46 51.73 -2.45
CA THR P 161 41.23 52.75 -1.73
C THR P 161 40.65 54.11 -2.05
N PRO P 162 41.12 55.15 -1.34
CA PRO P 162 40.59 56.44 -1.73
C PRO P 162 40.93 56.83 -3.18
N SER P 163 42.00 56.26 -3.73
CA SER P 163 42.44 56.61 -5.08
C SER P 163 41.60 55.97 -6.17
N ASN P 164 40.87 54.90 -5.82
CA ASN P 164 40.01 54.28 -6.84
C ASN P 164 38.51 54.19 -6.54
N ILE P 165 38.09 54.56 -5.34
CA ILE P 165 36.70 54.40 -4.97
C ILE P 165 35.73 55.23 -5.82
N ASP P 166 36.14 56.43 -6.23
CA ASP P 166 35.25 57.29 -7.00
C ASP P 166 34.81 56.62 -8.28
N ASN P 167 35.72 55.90 -8.91
CA ASN P 167 35.42 55.25 -10.17
C ASN P 167 34.35 54.20 -9.98
N TYR P 168 34.41 53.47 -8.88
CA TYR P 168 33.36 52.50 -8.60
C TYR P 168 32.02 53.18 -8.27
N LEU P 169 32.07 54.20 -7.42
CA LEU P 169 30.82 54.86 -7.04
C LEU P 169 30.13 55.58 -8.21
N ALA P 170 30.89 55.90 -9.25
CA ALA P 170 30.32 56.54 -10.44
C ALA P 170 29.38 55.61 -11.21
N ILE P 171 29.48 54.30 -10.97
CA ILE P 171 28.55 53.33 -11.57
C ILE P 171 27.25 53.29 -10.79
N PRO P 172 26.11 53.61 -11.44
CA PRO P 172 24.84 53.75 -10.72
C PRO P 172 24.42 52.53 -9.89
N GLN P 173 24.71 51.33 -10.39
CA GLN P 173 24.31 50.13 -9.67
C GLN P 173 25.26 49.75 -8.53
N VAL P 174 26.34 50.51 -8.34
CA VAL P 174 27.17 50.32 -7.15
C VAL P 174 26.59 51.11 -6.00
N LEU P 175 26.27 50.43 -4.89
CA LEU P 175 25.65 51.09 -3.74
C LEU P 175 26.72 51.70 -2.83
N ALA P 176 27.74 50.90 -2.56
CA ALA P 176 28.80 51.31 -1.65
C ALA P 176 29.94 50.36 -1.85
N CYS P 177 31.12 50.76 -1.39
CA CYS P 177 32.27 49.88 -1.44
C CYS P 177 32.76 49.55 -0.05
N GLY P 178 33.26 48.33 0.12
CA GLY P 178 33.86 47.95 1.40
C GLY P 178 35.34 48.30 1.38
N GLY P 179 35.85 48.79 2.51
CA GLY P 179 37.23 49.20 2.57
C GLY P 179 37.82 48.89 3.92
N THR P 180 39.07 48.47 3.94
CA THR P 180 39.74 48.16 5.18
C THR P 180 40.70 49.27 5.59
N TRP P 181 41.02 50.19 4.67
CA TRP P 181 42.20 51.03 4.91
C TRP P 181 42.05 51.95 6.12
N MET P 182 40.83 52.42 6.38
CA MET P 182 40.60 53.36 7.47
C MET P 182 40.50 52.63 8.81
N VAL P 183 40.38 51.30 8.78
CA VAL P 183 40.32 50.52 10.02
C VAL P 183 41.38 49.42 10.05
N ASP P 184 42.47 49.64 9.33
CA ASP P 184 43.51 48.62 9.21
C ASP P 184 43.95 48.12 10.59
N LYS P 185 44.15 46.81 10.69
CA LYS P 185 44.45 46.19 11.98
C LYS P 185 45.70 46.82 12.58
N LYS P 186 46.70 47.09 11.75
CA LYS P 186 47.90 47.80 12.21
C LYS P 186 47.58 49.09 12.98
N LEU P 187 46.68 49.91 12.45
CA LEU P 187 46.29 51.17 13.11
C LEU P 187 45.59 50.89 14.43
N VAL P 188 44.71 49.89 14.44
CA VAL P 188 43.96 49.57 15.65
C VAL P 188 44.92 49.00 16.72
N THR P 189 45.73 48.04 16.32
CA THR P 189 46.72 47.43 17.20
C THR P 189 47.63 48.47 17.85
N ASN P 190 47.94 49.53 17.11
CA ASN P 190 48.87 50.57 17.56
C ASN P 190 48.17 51.74 18.23
N GLY P 191 46.86 51.64 18.36
CA GLY P 191 46.07 52.72 18.94
C GLY P 191 46.22 54.04 18.22
N GLU P 192 46.34 54.00 16.88
CA GLU P 192 46.42 55.22 16.09
C GLU P 192 45.05 55.86 15.85
N TRP P 193 44.36 56.20 16.95
CA TRP P 193 42.99 56.70 16.84
C TRP P 193 42.88 58.02 16.07
N ASP P 194 43.84 58.89 16.22
CA ASP P 194 43.67 60.10 15.47
C ASP P 194 43.70 59.80 13.98
N GLU P 195 44.64 58.97 13.55
CA GLU P 195 44.74 58.70 12.12
C GLU P 195 43.46 58.07 11.64
N ILE P 196 43.01 57.05 12.33
CA ILE P 196 41.72 56.45 11.94
C ILE P 196 40.66 57.55 11.79
N ALA P 197 40.64 58.49 12.73
CA ALA P 197 39.68 59.57 12.62
C ALA P 197 39.90 60.41 11.38
N ARG P 198 41.17 60.71 11.08
CA ARG P 198 41.51 61.46 9.88
C ARG P 198 41.10 60.74 8.58
N LEU P 199 41.44 59.46 8.49
CA LEU P 199 41.06 58.66 7.31
C LEU P 199 39.55 58.59 7.15
N THR P 200 38.85 58.44 8.28
CA THR P 200 37.39 58.38 8.22
C THR P 200 36.79 59.74 7.77
N ARG P 201 37.22 60.85 8.38
CA ARG P 201 36.70 62.14 7.95
C ARG P 201 37.00 62.40 6.48
N GLU P 202 38.19 62.01 6.06
CA GLU P 202 38.62 62.29 4.70
C GLU P 202 37.75 61.53 3.70
N ILE P 203 37.49 60.25 3.96
CA ILE P 203 36.67 59.49 3.01
C ILE P 203 35.20 59.94 3.00
N VAL P 204 34.67 60.30 4.16
CA VAL P 204 33.29 60.79 4.24
C VAL P 204 33.14 62.08 3.42
N GLU P 205 34.11 62.98 3.55
CA GLU P 205 34.09 64.20 2.78
C GLU P 205 34.26 63.91 1.29
N GLN P 206 35.11 62.95 0.96
CA GLN P 206 35.31 62.60 -0.42
C GLN P 206 34.04 62.06 -1.12
N VAL P 207 33.34 61.13 -0.47
CA VAL P 207 32.22 60.45 -1.15
C VAL P 207 30.89 61.16 -1.00
N ASN P 208 30.76 61.94 0.06
CA ASN P 208 29.54 62.66 0.36
C ASN P 208 29.89 64.13 0.51
N PRO P 209 30.36 64.75 -0.58
CA PRO P 209 30.82 66.14 -0.51
C PRO P 209 29.66 67.11 -0.30
N SER Q 2 26.07 21.57 -35.63
CA SER Q 2 27.26 22.34 -35.93
C SER Q 2 26.98 23.36 -37.00
N THR Q 3 25.74 23.43 -37.45
CA THR Q 3 25.38 24.38 -38.47
C THR Q 3 25.66 25.73 -37.87
N ILE Q 4 25.38 25.85 -36.60
CA ILE Q 4 25.61 27.11 -35.92
C ILE Q 4 27.06 27.46 -35.98
N ASN Q 5 27.92 26.48 -35.79
CA ASN Q 5 29.33 26.75 -35.82
C ASN Q 5 29.80 27.12 -37.20
N ASN Q 6 29.42 26.36 -38.20
CA ASN Q 6 29.96 26.65 -39.51
C ASN Q 6 29.73 28.08 -39.95
N GLN Q 7 28.56 28.62 -39.63
CA GLN Q 7 28.27 30.00 -39.95
C GLN Q 7 29.16 30.95 -39.16
N LEU Q 8 29.30 30.70 -37.85
CA LEU Q 8 30.22 31.52 -37.05
C LEU Q 8 31.65 31.49 -37.58
N LYS Q 9 32.14 30.30 -37.94
CA LYS Q 9 33.53 30.15 -38.40
C LYS Q 9 33.74 30.99 -39.66
N ALA Q 10 32.73 31.03 -40.51
CA ALA Q 10 32.80 31.83 -41.72
C ALA Q 10 32.73 33.33 -41.43
N LEU Q 11 31.84 33.72 -40.53
CA LEU Q 11 31.65 35.16 -40.26
C LEU Q 11 32.82 35.80 -39.52
N LYS Q 12 33.32 35.08 -38.51
CA LYS Q 12 34.42 35.51 -37.63
C LYS Q 12 34.09 36.64 -36.65
N VAL Q 13 33.09 37.46 -36.98
CA VAL Q 13 32.68 38.56 -36.12
C VAL Q 13 31.17 38.63 -36.13
N ILE Q 14 30.60 38.69 -34.94
CA ILE Q 14 29.14 38.79 -34.83
C ILE Q 14 28.74 40.12 -34.19
N PRO Q 15 27.99 40.96 -34.94
CA PRO Q 15 27.50 42.18 -34.33
C PRO Q 15 26.58 41.89 -33.17
N VAL Q 16 26.88 42.47 -32.03
CA VAL Q 16 26.07 42.44 -30.86
C VAL Q 16 25.32 43.76 -30.74
N ILE Q 17 24.00 43.67 -30.93
CA ILE Q 17 23.14 44.84 -31.12
C ILE Q 17 22.24 45.17 -29.94
N ALA Q 18 22.34 46.40 -29.46
CA ALA Q 18 21.44 46.92 -28.45
C ALA Q 18 20.62 48.02 -29.13
N ILE Q 19 19.37 47.72 -29.39
CA ILE Q 19 18.51 48.57 -30.18
C ILE Q 19 17.54 49.29 -29.24
N ASP Q 20 17.22 50.56 -29.54
CA ASP Q 20 16.26 51.30 -28.75
C ASP Q 20 14.90 51.24 -29.40
N ASN Q 21 14.87 51.62 -30.68
CA ASN Q 21 13.66 51.56 -31.48
C ASN Q 21 13.77 50.38 -32.41
N ALA Q 22 12.83 49.45 -32.30
CA ALA Q 22 12.91 48.23 -33.07
C ALA Q 22 12.99 48.46 -34.57
N GLU Q 23 12.32 49.51 -35.04
CA GLU Q 23 12.30 49.87 -36.45
C GLU Q 23 13.72 50.07 -37.01
N ASP Q 24 14.62 50.52 -36.14
CA ASP Q 24 16.01 50.78 -36.49
C ASP Q 24 16.76 49.53 -36.94
N ILE Q 25 16.22 48.35 -36.65
CA ILE Q 25 16.86 47.11 -37.07
C ILE Q 25 16.84 46.92 -38.57
N ILE Q 26 15.90 47.58 -39.24
CA ILE Q 26 15.76 47.40 -40.66
C ILE Q 26 16.91 48.06 -41.42
N PRO Q 27 17.10 49.38 -41.23
CA PRO Q 27 18.26 49.96 -41.93
C PRO Q 27 19.59 49.36 -41.43
N LEU Q 28 19.68 49.05 -40.14
CA LEU Q 28 20.92 48.45 -39.57
C LEU Q 28 21.24 47.12 -40.23
N GLY Q 29 20.23 46.24 -40.33
CA GLY Q 29 20.41 44.96 -40.98
C GLY Q 29 20.77 45.07 -42.45
N LYS Q 30 20.20 46.07 -43.13
CA LYS Q 30 20.49 46.29 -44.54
C LYS Q 30 21.96 46.65 -44.70
N VAL Q 31 22.42 47.58 -43.87
CA VAL Q 31 23.83 47.98 -43.90
C VAL Q 31 24.77 46.84 -43.54
N LEU Q 32 24.45 46.10 -42.48
CA LEU Q 32 25.27 44.92 -42.18
C LEU Q 32 25.33 43.92 -43.34
N ALA Q 33 24.17 43.54 -43.86
CA ALA Q 33 24.16 42.51 -44.89
C ALA Q 33 24.85 42.95 -46.19
N GLU Q 34 24.60 44.17 -46.64
CA GLU Q 34 25.17 44.59 -47.93
C GLU Q 34 26.68 44.90 -47.80
N ASN Q 35 27.17 45.03 -46.57
CA ASN Q 35 28.60 45.23 -46.39
C ASN Q 35 29.37 43.98 -46.00
N GLY Q 36 28.69 42.84 -46.14
CA GLY Q 36 29.34 41.54 -46.01
C GLY Q 36 29.22 40.85 -44.67
N LEU Q 37 28.35 41.35 -43.79
CA LEU Q 37 28.23 40.76 -42.45
C LEU Q 37 26.79 40.40 -42.09
N PRO Q 38 26.28 39.32 -42.69
CA PRO Q 38 24.88 38.97 -42.58
C PRO Q 38 24.58 38.20 -41.29
N ALA Q 39 24.80 38.86 -40.15
CA ALA Q 39 24.62 38.23 -38.83
C ALA Q 39 24.30 39.31 -37.80
N ALA Q 40 23.60 38.90 -36.74
CA ALA Q 40 23.23 39.83 -35.71
C ALA Q 40 22.84 39.06 -34.47
N GLU Q 41 23.38 39.46 -33.33
CA GLU Q 41 22.91 38.98 -32.05
C GLU Q 41 22.16 40.14 -31.39
N ILE Q 42 20.85 40.03 -31.27
CA ILE Q 42 20.05 41.10 -30.76
C ILE Q 42 19.85 40.91 -29.27
N THR Q 43 20.39 41.82 -28.47
CA THR Q 43 20.30 41.69 -27.00
C THR Q 43 18.95 42.07 -26.40
N PHE Q 44 18.49 41.25 -25.45
CA PHE Q 44 17.23 41.49 -24.73
C PHE Q 44 17.38 42.53 -23.61
N ARG Q 45 17.78 43.71 -24.05
CA ARG Q 45 17.87 44.89 -23.26
C ARG Q 45 16.46 45.34 -22.97
N SER Q 46 15.63 45.27 -24.00
CA SER Q 46 14.24 45.72 -23.97
C SER Q 46 13.25 44.90 -24.78
N SER Q 47 11.98 45.17 -24.55
CA SER Q 47 10.92 44.48 -25.26
C SER Q 47 11.12 44.77 -26.74
N ALA Q 48 11.83 45.84 -27.05
CA ALA Q 48 12.06 46.18 -28.42
C ALA Q 48 12.84 45.08 -29.07
N ALA Q 49 13.53 44.27 -28.30
CA ALA Q 49 14.35 43.24 -28.95
C ALA Q 49 13.52 42.20 -29.72
N VAL Q 50 12.37 41.83 -29.15
CA VAL Q 50 11.54 40.80 -29.77
C VAL Q 50 11.02 41.27 -31.13
N LYS Q 51 10.46 42.47 -31.16
CA LYS Q 51 9.99 43.05 -32.40
C LYS Q 51 11.14 43.20 -33.41
N ALA Q 52 12.30 43.65 -32.92
CA ALA Q 52 13.48 43.75 -33.79
C ALA Q 52 13.86 42.43 -34.44
N ILE Q 53 13.87 41.32 -33.70
CA ILE Q 53 14.14 40.06 -34.33
C ILE Q 53 13.10 39.74 -35.41
N MET Q 54 11.85 40.00 -35.12
CA MET Q 54 10.76 39.69 -36.07
C MET Q 54 10.90 40.53 -37.34
N LEU Q 55 11.14 41.81 -37.19
CA LEU Q 55 11.35 42.72 -38.34
C LEU Q 55 12.58 42.34 -39.14
N LEU Q 56 13.71 42.10 -38.45
CA LEU Q 56 14.91 41.66 -39.16
C LEU Q 56 14.75 40.35 -39.94
N ARG Q 57 14.05 39.36 -39.35
CA ARG Q 57 13.89 38.08 -40.03
C ARG Q 57 13.02 38.27 -41.29
N SER Q 58 12.04 39.15 -41.20
CA SER Q 58 11.21 39.46 -42.37
C SER Q 58 12.02 40.19 -43.44
N ALA Q 59 12.86 41.13 -43.01
CA ALA Q 59 13.60 41.98 -43.95
C ALA Q 59 14.84 41.32 -44.53
N GLN Q 60 15.46 40.44 -43.75
CA GLN Q 60 16.71 39.80 -44.14
C GLN Q 60 16.59 38.32 -43.81
N PRO Q 61 15.83 37.57 -44.62
CA PRO Q 61 15.48 36.20 -44.25
C PRO Q 61 16.65 35.24 -44.04
N GLU Q 62 17.76 35.44 -44.74
CA GLU Q 62 18.90 34.53 -44.65
C GLU Q 62 19.93 35.00 -43.60
N MET Q 63 19.63 36.04 -42.90
CA MET Q 63 20.53 36.55 -41.88
C MET Q 63 20.66 35.55 -40.76
N LEU Q 64 21.85 35.40 -40.19
CA LEU Q 64 22.01 34.63 -38.95
C LEU Q 64 21.55 35.54 -37.83
N ILE Q 65 20.47 35.16 -37.14
CA ILE Q 65 19.92 35.99 -36.08
C ILE Q 65 19.88 35.18 -34.78
N GLY Q 66 20.61 35.67 -33.79
CA GLY Q 66 20.55 35.15 -32.42
C GLY Q 66 19.99 36.19 -31.49
N ALA Q 67 19.55 35.76 -30.31
CA ALA Q 67 19.07 36.68 -29.32
C ALA Q 67 20.06 36.57 -28.18
N GLY Q 68 20.42 37.70 -27.60
CA GLY Q 68 21.36 37.72 -26.47
C GLY Q 68 20.74 38.14 -25.16
N THR Q 69 21.52 38.05 -24.10
CA THR Q 69 21.08 38.39 -22.75
C THR Q 69 19.85 37.58 -22.33
N ILE Q 70 19.88 36.32 -22.71
CA ILE Q 70 18.76 35.42 -22.44
C ILE Q 70 19.01 34.77 -21.07
N LEU Q 71 18.20 35.15 -20.10
CA LEU Q 71 18.43 34.79 -18.69
C LEU Q 71 17.49 33.69 -18.22
N ASN Q 72 16.49 33.36 -19.04
CA ASN Q 72 15.53 32.33 -18.64
C ASN Q 72 14.83 31.71 -19.83
N GLY Q 73 14.08 30.63 -19.61
CA GLY Q 73 13.46 29.93 -20.72
C GLY Q 73 12.35 30.75 -21.37
N VAL Q 74 11.65 31.59 -20.61
CA VAL Q 74 10.58 32.44 -21.15
C VAL Q 74 11.15 33.35 -22.24
N GLN Q 75 12.28 33.98 -21.93
CA GLN Q 75 12.90 34.81 -22.94
C GLN Q 75 13.40 34.02 -24.13
N ALA Q 76 13.94 32.83 -23.89
CA ALA Q 76 14.37 31.95 -24.97
C ALA Q 76 13.20 31.60 -25.90
N LEU Q 77 12.03 31.31 -25.30
CA LEU Q 77 10.82 31.08 -26.11
C LEU Q 77 10.42 32.33 -26.93
N ALA Q 78 10.43 33.50 -26.31
CA ALA Q 78 10.09 34.74 -26.99
C ALA Q 78 10.99 34.89 -28.20
N ALA Q 79 12.27 34.61 -28.00
CA ALA Q 79 13.24 34.74 -29.09
C ALA Q 79 13.00 33.71 -30.19
N LYS Q 80 12.67 32.49 -29.81
CA LYS Q 80 12.42 31.45 -30.77
C LYS Q 80 11.19 31.83 -31.64
N GLU Q 81 10.13 32.29 -30.97
CA GLU Q 81 8.86 32.60 -31.66
C GLU Q 81 9.04 33.81 -32.56
N ALA Q 82 9.95 34.69 -32.18
CA ALA Q 82 10.25 35.88 -33.00
C ALA Q 82 11.06 35.53 -34.26
N GLY Q 83 11.73 34.38 -34.25
CA GLY Q 83 12.52 33.95 -35.41
C GLY Q 83 14.02 33.82 -35.20
N ALA Q 84 14.50 34.00 -33.98
CA ALA Q 84 15.92 33.71 -33.72
C ALA Q 84 16.18 32.20 -33.83
N THR Q 85 17.36 31.82 -34.31
CA THR Q 85 17.72 30.40 -34.40
C THR Q 85 18.67 29.92 -33.31
N PHE Q 86 19.12 30.83 -32.44
CA PHE Q 86 19.91 30.42 -31.26
C PHE Q 86 19.80 31.54 -30.25
N VAL Q 87 20.09 31.22 -29.00
CA VAL Q 87 20.14 32.21 -27.96
C VAL Q 87 21.52 32.17 -27.29
N VAL Q 88 21.87 33.32 -26.72
CA VAL Q 88 23.13 33.48 -26.00
C VAL Q 88 22.85 34.07 -24.64
N SER Q 89 23.58 33.60 -23.62
CA SER Q 89 23.46 34.15 -22.26
C SER Q 89 24.83 34.65 -21.82
N PRO Q 90 24.86 35.68 -20.97
CA PRO Q 90 26.17 36.25 -20.57
C PRO Q 90 26.94 35.27 -19.68
N GLY Q 91 26.20 34.52 -18.87
CA GLY Q 91 26.81 33.47 -18.02
C GLY Q 91 26.12 32.15 -18.27
N PHE Q 92 26.35 31.19 -17.38
CA PHE Q 92 25.88 29.82 -17.56
C PHE Q 92 24.91 29.52 -16.43
N ASN Q 93 23.64 29.30 -16.81
CA ASN Q 93 22.61 28.90 -15.85
C ASN Q 93 22.06 27.58 -16.36
N PRO Q 94 22.36 26.49 -15.64
CA PRO Q 94 21.90 25.22 -16.13
C PRO Q 94 20.38 25.16 -16.22
N ASN Q 95 19.64 25.94 -15.43
CA ASN Q 95 18.16 25.96 -15.54
C ASN Q 95 17.76 26.55 -16.89
N THR Q 96 18.48 27.57 -17.32
CA THR Q 96 18.18 28.13 -18.64
C THR Q 96 18.51 27.16 -19.75
N VAL Q 97 19.67 26.50 -19.65
CA VAL Q 97 20.07 25.53 -20.63
C VAL Q 97 19.03 24.38 -20.71
N ARG Q 98 18.61 23.89 -19.54
CA ARG Q 98 17.57 22.85 -19.50
C ARG Q 98 16.30 23.32 -20.23
N ALA Q 99 15.86 24.53 -19.93
CA ALA Q 99 14.65 25.08 -20.55
C ALA Q 99 14.78 25.18 -22.07
N CYS Q 100 15.95 25.58 -22.54
CA CYS Q 100 16.18 25.69 -23.98
C CYS Q 100 16.13 24.32 -24.64
N GLN Q 101 16.62 23.31 -23.97
CA GLN Q 101 16.56 21.97 -24.49
C GLN Q 101 15.12 21.53 -24.64
N ILE Q 102 14.30 21.89 -23.68
CA ILE Q 102 12.90 21.48 -23.63
C ILE Q 102 12.09 22.23 -24.68
N ILE Q 103 12.33 23.53 -24.84
CA ILE Q 103 11.54 24.28 -25.80
C ILE Q 103 12.07 24.10 -27.22
N GLY Q 104 13.30 23.62 -27.32
CA GLY Q 104 13.89 23.30 -28.62
C GLY Q 104 14.53 24.47 -29.34
N ILE Q 105 15.46 25.16 -28.66
CA ILE Q 105 16.32 26.15 -29.34
C ILE Q 105 17.75 26.02 -28.80
N ASP Q 106 18.71 26.19 -29.70
CA ASP Q 106 20.12 26.08 -29.32
C ASP Q 106 20.57 27.24 -28.47
N ILE Q 107 21.37 26.95 -27.46
CA ILE Q 107 21.91 28.02 -26.61
C ILE Q 107 23.43 27.96 -26.65
N VAL Q 108 24.04 29.14 -26.71
CA VAL Q 108 25.50 29.30 -26.56
C VAL Q 108 25.66 30.13 -25.28
N PRO Q 109 25.93 29.44 -24.16
CA PRO Q 109 26.02 30.17 -22.89
C PRO Q 109 27.42 30.76 -22.65
N GLY Q 110 27.48 31.82 -21.85
CA GLY Q 110 28.77 32.42 -21.49
C GLY Q 110 29.47 31.72 -20.33
N VAL Q 111 30.78 31.60 -20.47
CA VAL Q 111 31.64 31.11 -19.39
C VAL Q 111 32.86 32.02 -19.30
N ASN Q 112 33.57 31.96 -18.17
CA ASN Q 112 34.82 32.69 -18.09
C ASN Q 112 35.87 32.02 -17.20
N ASN Q 113 35.63 30.74 -16.83
CA ASN Q 113 36.66 30.03 -16.02
C ASN Q 113 36.50 28.53 -16.21
N PRO Q 114 37.46 27.75 -15.72
CA PRO Q 114 37.48 26.30 -15.92
C PRO Q 114 36.28 25.56 -15.33
N SER Q 115 35.83 25.99 -14.16
CA SER Q 115 34.72 25.31 -13.53
C SER Q 115 33.43 25.46 -14.34
N THR Q 116 33.22 26.66 -14.88
CA THR Q 116 31.98 26.87 -15.62
C THR Q 116 32.07 26.10 -16.94
N VAL Q 117 33.26 26.04 -17.53
CA VAL Q 117 33.42 25.21 -18.74
C VAL Q 117 33.03 23.77 -18.45
N GLU Q 118 33.49 23.23 -17.32
CA GLU Q 118 33.20 21.83 -17.00
C GLU Q 118 31.72 21.62 -16.76
N ALA Q 119 31.07 22.61 -16.15
CA ALA Q 119 29.62 22.56 -15.96
C ALA Q 119 28.90 22.47 -17.30
N ALA Q 120 29.35 23.27 -18.26
CA ALA Q 120 28.72 23.27 -19.60
C ALA Q 120 28.96 21.94 -20.30
N LEU Q 121 30.19 21.44 -20.24
CA LEU Q 121 30.54 20.18 -20.91
C LEU Q 121 29.69 19.06 -20.38
N GLU Q 122 29.40 19.12 -19.08
CA GLU Q 122 28.63 18.05 -18.47
C GLU Q 122 27.19 18.01 -18.96
N MET Q 123 26.68 19.16 -19.40
CA MET Q 123 25.36 19.25 -20.01
C MET Q 123 25.36 19.08 -21.53
N GLY Q 124 26.49 18.70 -22.09
CA GLY Q 124 26.61 18.36 -23.50
C GLY Q 124 26.86 19.54 -24.42
N LEU Q 125 27.26 20.67 -23.84
CA LEU Q 125 27.52 21.84 -24.65
C LEU Q 125 29.02 21.94 -24.95
N THR Q 126 29.37 22.40 -26.17
CA THR Q 126 30.76 22.57 -26.52
C THR Q 126 31.04 23.97 -27.11
N THR Q 127 30.05 24.59 -27.77
CA THR Q 127 30.19 25.99 -28.22
C THR Q 127 29.75 26.96 -27.15
N LEU Q 128 30.71 27.76 -26.66
CA LEU Q 128 30.46 28.60 -25.52
C LEU Q 128 30.93 30.02 -25.82
N LYS Q 129 30.23 30.98 -25.24
CA LYS Q 129 30.63 32.36 -25.32
C LYS Q 129 31.65 32.59 -24.21
N PHE Q 130 32.72 33.33 -24.49
CA PHE Q 130 33.71 33.62 -23.42
C PHE Q 130 33.54 35.09 -23.09
N PHE Q 131 32.96 35.37 -21.91
CA PHE Q 131 32.50 36.71 -21.57
C PHE Q 131 32.66 36.97 -20.07
N PRO Q 132 33.11 38.19 -19.68
CA PRO Q 132 33.58 39.26 -20.59
C PRO Q 132 35.05 39.02 -20.94
N ALA Q 133 35.36 39.07 -22.23
CA ALA Q 133 36.63 38.48 -22.68
C ALA Q 133 37.84 39.25 -22.13
N GLU Q 134 37.89 40.56 -22.35
CA GLU Q 134 39.06 41.31 -21.89
C GLU Q 134 39.14 41.38 -20.38
N ALA Q 135 37.99 41.65 -19.76
CA ALA Q 135 37.98 41.84 -18.29
C ALA Q 135 38.31 40.53 -17.53
N SER Q 136 38.13 39.38 -18.18
CA SER Q 136 38.41 38.09 -17.55
C SER Q 136 39.84 37.60 -17.75
N GLY Q 137 40.64 38.40 -18.47
CA GLY Q 137 42.03 38.03 -18.69
C GLY Q 137 42.42 37.88 -20.15
N GLY Q 138 41.47 38.09 -21.06
CA GLY Q 138 41.85 38.21 -22.47
C GLY Q 138 42.43 36.95 -23.08
N ILE Q 139 43.32 37.13 -24.05
CA ILE Q 139 43.86 35.99 -24.77
C ILE Q 139 44.58 35.01 -23.86
N SER Q 140 45.25 35.49 -22.81
CA SER Q 140 45.89 34.60 -21.87
C SER Q 140 44.88 33.65 -21.21
N MET Q 141 43.72 34.19 -20.84
CA MET Q 141 42.69 33.34 -20.32
C MET Q 141 42.15 32.37 -21.39
N VAL Q 142 41.90 32.87 -22.60
CA VAL Q 142 41.38 31.98 -23.61
C VAL Q 142 42.31 30.78 -23.82
N LYS Q 143 43.60 31.03 -23.90
CA LYS Q 143 44.57 29.95 -24.09
C LYS Q 143 44.55 28.94 -22.94
N SER Q 144 44.34 29.44 -21.72
CA SER Q 144 44.21 28.55 -20.56
C SER Q 144 42.97 27.66 -20.54
N LEU Q 145 41.86 28.10 -21.16
CA LEU Q 145 40.66 27.26 -21.26
C LEU Q 145 40.65 26.26 -22.39
N VAL Q 146 41.10 26.68 -23.57
CA VAL Q 146 41.01 25.80 -24.68
C VAL Q 146 42.06 24.71 -24.51
N GLY Q 147 43.13 25.03 -23.78
CA GLY Q 147 44.23 24.09 -23.54
C GLY Q 147 43.77 22.78 -22.93
N PRO Q 148 43.14 22.83 -21.74
CA PRO Q 148 42.70 21.57 -21.12
C PRO Q 148 41.46 20.98 -21.74
N TYR Q 149 40.68 21.78 -22.48
CA TYR Q 149 39.37 21.34 -22.94
C TYR Q 149 39.34 21.31 -24.47
N GLY Q 150 39.83 20.22 -25.04
CA GLY Q 150 40.03 20.16 -26.49
C GLY Q 150 38.74 20.22 -27.28
N ASP Q 151 37.61 19.96 -26.63
CA ASP Q 151 36.31 19.87 -27.32
C ASP Q 151 35.60 21.22 -27.45
N ILE Q 152 36.00 22.20 -26.64
CA ILE Q 152 35.25 23.45 -26.68
C ILE Q 152 35.60 24.34 -27.87
N ARG Q 153 34.63 25.16 -28.26
CA ARG Q 153 34.84 26.17 -29.31
C ARG Q 153 34.26 27.46 -28.72
N LEU Q 154 34.97 28.57 -28.88
CA LEU Q 154 34.60 29.77 -28.11
C LEU Q 154 34.18 30.93 -28.99
N MET Q 155 33.27 31.73 -28.46
CA MET Q 155 32.96 33.02 -29.04
C MET Q 155 33.27 34.13 -28.01
N PRO Q 156 34.52 34.64 -28.02
CA PRO Q 156 34.88 35.71 -27.10
C PRO Q 156 34.11 36.98 -27.38
N THR Q 157 33.58 37.61 -26.33
CA THR Q 157 32.85 38.85 -26.47
C THR Q 157 33.15 39.67 -25.24
N GLY Q 158 33.22 41.00 -25.39
CA GLY Q 158 33.48 41.89 -24.26
C GLY Q 158 34.85 42.50 -24.46
N GLY Q 159 34.85 43.76 -24.90
CA GLY Q 159 36.11 44.48 -25.09
C GLY Q 159 36.83 44.15 -26.37
N ILE Q 160 36.16 43.45 -27.28
CA ILE Q 160 36.79 43.09 -28.56
C ILE Q 160 36.70 44.30 -29.48
N THR Q 161 37.81 44.58 -30.14
CA THR Q 161 37.90 45.74 -31.05
C THR Q 161 38.71 45.33 -32.27
N PRO Q 162 38.75 46.20 -33.29
CA PRO Q 162 39.60 45.80 -34.40
C PRO Q 162 41.08 45.67 -34.01
N SER Q 163 41.51 46.34 -32.95
CA SER Q 163 42.91 46.31 -32.53
C SER Q 163 43.29 45.03 -31.81
N ASN Q 164 42.30 44.31 -31.30
CA ASN Q 164 42.65 43.05 -30.62
C ASN Q 164 42.00 41.76 -31.15
N ILE Q 165 41.08 41.89 -32.12
CA ILE Q 165 40.37 40.70 -32.58
C ILE Q 165 41.28 39.66 -33.26
N ASP Q 166 42.31 40.11 -33.96
CA ASP Q 166 43.17 39.16 -34.66
C ASP Q 166 43.81 38.17 -33.70
N ASN Q 167 44.19 38.65 -32.53
CA ASN Q 167 44.84 37.81 -31.54
C ASN Q 167 43.91 36.72 -31.09
N TYR Q 168 42.64 37.03 -30.91
CA TYR Q 168 41.67 36.01 -30.56
C TYR Q 168 41.42 35.02 -31.70
N LEU Q 169 41.24 35.54 -32.91
CA LEU Q 169 40.97 34.67 -34.03
C LEU Q 169 42.15 33.73 -34.38
N ALA Q 170 43.35 34.11 -33.97
CA ALA Q 170 44.52 33.28 -34.21
C ALA Q 170 44.47 31.97 -33.40
N ILE Q 171 43.65 31.91 -32.36
CA ILE Q 171 43.45 30.67 -31.59
C ILE Q 171 42.47 29.75 -32.30
N PRO Q 172 42.91 28.54 -32.68
CA PRO Q 172 42.08 27.66 -33.51
C PRO Q 172 40.69 27.36 -32.96
N GLN Q 173 40.56 27.23 -31.65
CA GLN Q 173 39.28 26.92 -31.05
C GLN Q 173 38.37 28.12 -30.90
N VAL Q 174 38.83 29.32 -31.26
CA VAL Q 174 37.93 30.48 -31.32
C VAL Q 174 37.22 30.50 -32.68
N LEU Q 175 35.90 30.49 -32.66
CA LEU Q 175 35.11 30.44 -33.92
C LEU Q 175 34.91 31.86 -34.45
N ALA Q 176 34.53 32.75 -33.55
CA ALA Q 176 34.22 34.12 -33.93
C ALA Q 176 34.18 34.94 -32.67
N CYS Q 177 34.26 36.25 -32.82
CA CYS Q 177 34.14 37.13 -31.68
C CYS Q 177 32.92 38.02 -31.80
N GLY Q 178 32.29 38.33 -30.69
CA GLY Q 178 31.17 39.27 -30.70
C GLY Q 178 31.70 40.68 -30.51
N GLY Q 179 31.13 41.64 -31.23
CA GLY Q 179 31.61 43.00 -31.16
C GLY Q 179 30.46 43.98 -31.26
N THR Q 180 30.53 45.05 -30.50
CA THR Q 180 29.49 46.06 -30.54
C THR Q 180 29.93 47.29 -31.33
N TRP Q 181 31.22 47.41 -31.62
CA TRP Q 181 31.73 48.72 -32.05
C TRP Q 181 31.14 49.17 -33.39
N MET Q 182 30.88 48.22 -34.29
CA MET Q 182 30.39 48.59 -35.62
C MET Q 182 28.88 48.85 -35.60
N VAL Q 183 28.21 48.50 -34.50
CA VAL Q 183 26.77 48.75 -34.37
C VAL Q 183 26.44 49.54 -33.11
N ASP Q 184 27.41 50.32 -32.63
CA ASP Q 184 27.24 51.04 -31.38
C ASP Q 184 25.93 51.86 -31.38
N LYS Q 185 25.24 51.86 -30.25
CA LYS Q 185 23.93 52.49 -30.17
C LYS Q 185 24.03 53.96 -30.55
N LYS Q 186 25.11 54.62 -30.10
CA LYS Q 186 25.34 56.00 -30.49
C LYS Q 186 25.28 56.22 -32.01
N LEU Q 187 25.92 55.34 -32.79
CA LEU Q 187 25.92 55.44 -34.25
C LEU Q 187 24.50 55.23 -34.79
N VAL Q 188 23.79 54.26 -34.24
CA VAL Q 188 22.44 53.95 -34.71
C VAL Q 188 21.50 55.12 -34.37
N THR Q 189 21.53 55.54 -33.11
CA THR Q 189 20.73 56.67 -32.65
C THR Q 189 20.92 57.91 -33.50
N ASN Q 190 22.13 58.11 -34.00
CA ASN Q 190 22.49 59.32 -34.76
C ASN Q 190 22.36 59.11 -36.26
N GLY Q 191 21.89 57.94 -36.65
CA GLY Q 191 21.77 57.63 -38.07
C GLY Q 191 23.07 57.73 -38.84
N GLU Q 192 24.18 57.35 -38.21
CA GLU Q 192 25.49 57.35 -38.88
C GLU Q 192 25.68 56.14 -39.78
N TRP Q 193 24.77 55.95 -40.75
CA TRP Q 193 24.81 54.74 -41.57
C TRP Q 193 26.07 54.60 -42.41
N ASP Q 194 26.61 55.71 -42.85
CA ASP Q 194 27.84 55.67 -43.63
C ASP Q 194 29.00 55.13 -42.79
N GLU Q 195 29.05 55.51 -41.52
CA GLU Q 195 30.13 55.10 -40.63
C GLU Q 195 29.96 53.61 -40.25
N ILE Q 196 28.73 53.20 -39.99
CA ILE Q 196 28.47 51.77 -39.74
C ILE Q 196 28.90 50.94 -40.95
N ALA Q 197 28.59 51.44 -42.13
CA ALA Q 197 29.00 50.65 -43.25
C ALA Q 197 30.50 50.52 -43.29
N ARG Q 198 31.22 51.64 -43.14
CA ARG Q 198 32.68 51.61 -43.22
C ARG Q 198 33.27 50.70 -42.17
N LEU Q 199 32.78 50.80 -40.93
CA LEU Q 199 33.28 49.88 -39.89
C LEU Q 199 33.02 48.43 -40.26
N THR Q 200 31.85 48.17 -40.83
CA THR Q 200 31.52 46.80 -41.24
C THR Q 200 32.44 46.33 -42.39
N ARG Q 201 32.60 47.17 -43.39
CA ARG Q 201 33.47 46.78 -44.47
C ARG Q 201 34.87 46.59 -43.91
N GLU Q 202 35.33 47.50 -43.09
CA GLU Q 202 36.70 47.36 -42.59
C GLU Q 202 36.96 46.09 -41.86
N ILE Q 203 36.04 45.68 -41.03
CA ILE Q 203 36.27 44.46 -40.24
C ILE Q 203 36.15 43.18 -41.09
N VAL Q 204 35.24 43.18 -42.07
CA VAL Q 204 35.10 42.04 -42.96
C VAL Q 204 36.39 41.83 -43.76
N GLU Q 205 36.94 42.93 -44.24
CA GLU Q 205 38.20 42.85 -44.97
C GLU Q 205 39.31 42.37 -44.05
N GLN Q 206 39.34 42.90 -42.83
CA GLN Q 206 40.37 42.51 -41.89
C GLN Q 206 40.37 41.00 -41.56
N VAL Q 207 39.21 40.43 -41.26
CA VAL Q 207 39.17 39.05 -40.77
C VAL Q 207 39.08 38.01 -41.87
N ASN Q 208 38.56 38.41 -43.02
CA ASN Q 208 38.39 37.53 -44.15
C ASN Q 208 39.08 38.16 -45.35
N PRO Q 209 40.41 38.31 -45.27
CA PRO Q 209 41.16 39.00 -46.32
C PRO Q 209 41.20 38.18 -47.61
N SER R 2 47.60 14.05 3.59
CA SER R 2 48.61 14.57 4.52
C SER R 2 50.01 14.26 3.99
N THR R 3 50.17 13.06 3.40
CA THR R 3 51.42 12.68 2.77
C THR R 3 51.71 13.55 1.54
N ILE R 4 50.70 13.72 0.70
CA ILE R 4 50.85 14.52 -0.51
C ILE R 4 51.19 15.97 -0.17
N ASN R 5 50.47 16.55 0.80
CA ASN R 5 50.77 17.92 1.25
C ASN R 5 52.22 18.07 1.66
N ASN R 6 52.71 17.09 2.42
CA ASN R 6 54.10 17.16 2.87
C ASN R 6 55.10 17.05 1.74
N GLN R 7 54.81 16.19 0.78
CA GLN R 7 55.68 16.04 -0.37
C GLN R 7 55.69 17.32 -1.21
N LEU R 8 54.50 17.86 -1.49
CA LEU R 8 54.44 19.15 -2.21
C LEU R 8 55.21 20.27 -1.52
N LYS R 9 55.05 20.38 -0.20
CA LYS R 9 55.70 21.45 0.56
C LYS R 9 57.21 21.34 0.43
N ALA R 10 57.71 20.12 0.41
CA ALA R 10 59.14 19.88 0.23
C ALA R 10 59.59 20.19 -1.19
N LEU R 11 58.82 19.76 -2.18
CA LEU R 11 59.24 19.94 -3.58
C LEU R 11 59.20 21.39 -4.06
N LYS R 12 58.13 22.08 -3.67
CA LYS R 12 57.85 23.48 -4.04
C LYS R 12 57.50 23.74 -5.51
N VAL R 13 57.93 22.85 -6.39
CA VAL R 13 57.64 22.98 -7.82
C VAL R 13 57.33 21.60 -8.37
N ILE R 14 56.22 21.51 -9.08
CA ILE R 14 55.83 20.23 -9.68
C ILE R 14 55.84 20.32 -11.20
N PRO R 15 56.69 19.52 -11.87
CA PRO R 15 56.66 19.50 -13.32
C PRO R 15 55.31 19.01 -13.83
N VAL R 16 54.71 19.82 -14.69
CA VAL R 16 53.52 19.49 -15.39
C VAL R 16 53.88 19.08 -16.81
N ILE R 17 53.69 17.79 -17.09
CA ILE R 17 54.21 17.13 -18.29
C ILE R 17 53.15 16.79 -19.34
N ALA R 18 53.38 17.27 -20.56
CA ALA R 18 52.56 16.90 -21.70
C ALA R 18 53.46 16.10 -22.62
N ILE R 19 53.24 14.80 -22.67
CA ILE R 19 54.12 13.87 -23.36
C ILE R 19 53.45 13.45 -24.66
N ASP R 20 54.23 13.29 -25.72
CA ASP R 20 53.69 12.81 -27.00
C ASP R 20 53.91 11.32 -27.13
N ASN R 21 55.15 10.91 -26.95
CA ASN R 21 55.51 9.50 -26.96
C ASN R 21 55.74 9.06 -25.53
N ALA R 22 54.98 8.07 -25.10
CA ALA R 22 55.05 7.64 -23.71
C ALA R 22 56.44 7.22 -23.28
N GLU R 23 57.19 6.62 -24.22
CA GLU R 23 58.55 6.17 -23.96
C GLU R 23 59.46 7.30 -23.44
N ASP R 24 59.15 8.52 -23.89
CA ASP R 24 59.92 9.71 -23.52
C ASP R 24 59.87 10.01 -22.02
N ILE R 25 58.91 9.41 -21.31
CA ILE R 25 58.82 9.64 -19.86
C ILE R 25 59.99 9.04 -19.11
N ILE R 26 60.66 8.06 -19.72
CA ILE R 26 61.73 7.39 -19.02
C ILE R 26 62.96 8.29 -18.92
N PRO R 27 63.48 8.76 -20.06
CA PRO R 27 64.63 9.67 -19.91
C PRO R 27 64.23 10.97 -19.17
N LEU R 28 63.01 11.46 -19.40
CA LEU R 28 62.54 12.70 -18.71
C LEU R 28 62.53 12.51 -17.20
N GLY R 29 61.95 11.40 -16.73
CA GLY R 29 61.91 11.11 -15.32
C GLY R 29 63.29 10.93 -14.69
N LYS R 30 64.21 10.34 -15.47
CA LYS R 30 65.58 10.13 -14.99
C LYS R 30 66.24 11.49 -14.76
N VAL R 31 66.09 12.37 -15.74
CA VAL R 31 66.66 13.71 -15.63
C VAL R 31 66.02 14.50 -14.50
N LEU R 32 64.70 14.47 -14.38
CA LEU R 32 64.07 15.12 -13.23
C LEU R 32 64.57 14.58 -11.89
N ALA R 33 64.55 13.27 -11.73
CA ALA R 33 64.93 12.70 -10.43
C ALA R 33 66.39 12.95 -10.06
N GLU R 34 67.30 12.76 -11.01
CA GLU R 34 68.72 12.92 -10.67
C GLU R 34 69.14 14.39 -10.50
N ASN R 35 68.27 15.31 -10.94
CA ASN R 35 68.56 16.72 -10.73
C ASN R 35 67.81 17.33 -9.56
N GLY R 36 67.22 16.46 -8.76
CA GLY R 36 66.64 16.89 -7.49
C GLY R 36 65.13 17.13 -7.47
N LEU R 37 64.43 16.74 -8.54
CA LEU R 37 62.98 17.01 -8.61
C LEU R 37 62.16 15.74 -8.90
N PRO R 38 62.02 14.89 -7.90
CA PRO R 38 61.43 13.57 -8.10
C PRO R 38 59.90 13.63 -8.04
N ALA R 39 59.32 14.36 -9.00
CA ALA R 39 57.86 14.55 -9.05
C ALA R 39 57.43 14.81 -10.49
N ALA R 40 56.18 14.49 -10.79
CA ALA R 40 55.67 14.69 -12.13
C ALA R 40 54.15 14.65 -12.09
N GLU R 41 53.53 15.61 -12.71
CA GLU R 41 52.09 15.55 -12.97
C GLU R 41 51.92 15.32 -14.45
N ILE R 42 51.45 14.13 -14.83
CA ILE R 42 51.35 13.78 -16.23
C ILE R 42 49.96 14.09 -16.72
N THR R 43 49.86 15.03 -17.65
CA THR R 43 48.54 15.45 -18.15
C THR R 43 47.90 14.51 -19.17
N PHE R 44 46.59 14.28 -18.99
CA PHE R 44 45.81 13.42 -19.89
C PHE R 44 45.39 14.15 -21.18
N ARG R 45 46.40 14.63 -21.89
CA ARG R 45 46.22 15.30 -23.16
C ARG R 45 45.73 14.23 -24.12
N SER R 46 46.35 13.06 -23.97
CA SER R 46 46.07 11.89 -24.80
C SER R 46 46.01 10.62 -23.98
N SER R 47 45.40 9.59 -24.54
CA SER R 47 45.27 8.29 -23.90
C SER R 47 46.66 7.71 -23.70
N ALA R 48 47.62 8.23 -24.45
CA ALA R 48 49.01 7.79 -24.40
C ALA R 48 49.67 7.97 -23.03
N ALA R 49 49.25 8.98 -22.28
CA ALA R 49 49.87 9.22 -20.98
C ALA R 49 49.71 8.03 -20.03
N VAL R 50 48.53 7.44 -19.97
CA VAL R 50 48.35 6.28 -19.11
C VAL R 50 49.61 5.39 -19.13
N LYS R 51 50.08 5.08 -20.33
CA LYS R 51 51.30 4.31 -20.48
C LYS R 51 52.49 5.03 -19.84
N ALA R 52 52.58 6.34 -20.03
CA ALA R 52 53.62 7.14 -19.41
C ALA R 52 53.63 7.01 -17.89
N ILE R 53 52.47 7.09 -17.23
CA ILE R 53 52.45 6.90 -15.80
C ILE R 53 52.98 5.49 -15.42
N MET R 54 52.55 4.49 -16.17
CA MET R 54 52.94 3.10 -15.88
C MET R 54 54.46 2.92 -16.04
N LEU R 55 55.00 3.41 -17.12
CA LEU R 55 56.46 3.37 -17.36
C LEU R 55 57.24 4.14 -16.33
N LEU R 56 56.81 5.37 -16.04
CA LEU R 56 57.48 6.14 -14.99
C LEU R 56 57.46 5.48 -13.60
N ARG R 57 56.32 4.88 -13.21
CA ARG R 57 56.23 4.27 -11.90
C ARG R 57 57.20 3.06 -11.83
N SER R 58 57.31 2.33 -12.93
CA SER R 58 58.24 1.20 -13.02
C SER R 58 59.69 1.68 -12.94
N ALA R 59 59.99 2.78 -13.65
CA ALA R 59 61.37 3.27 -13.76
C ALA R 59 61.82 4.09 -12.57
N GLN R 60 60.88 4.79 -11.93
CA GLN R 60 61.21 5.67 -10.81
C GLN R 60 60.18 5.42 -9.72
N PRO R 61 60.31 4.30 -8.99
CA PRO R 61 59.26 3.87 -8.07
C PRO R 61 58.90 4.85 -6.97
N GLU R 62 59.85 5.65 -6.50
CA GLU R 62 59.61 6.57 -5.38
C GLU R 62 59.21 7.98 -5.84
N MET R 63 59.08 8.18 -7.12
CA MET R 63 58.70 9.48 -7.65
C MET R 63 57.29 9.79 -7.24
N LEU R 64 56.99 11.06 -6.94
CA LEU R 64 55.59 11.49 -6.75
C LEU R 64 54.98 11.63 -8.12
N ILE R 65 53.97 10.81 -8.44
CA ILE R 65 53.33 10.85 -9.75
C ILE R 65 51.83 11.12 -9.59
N GLY R 66 51.42 12.24 -10.18
CA GLY R 66 49.99 12.59 -10.29
C GLY R 66 49.58 12.58 -11.74
N ALA R 67 48.27 12.53 -11.99
CA ALA R 67 47.76 12.62 -13.33
C ALA R 67 46.99 13.91 -13.38
N GLY R 68 47.14 14.65 -14.46
CA GLY R 68 46.42 15.92 -14.62
C GLY R 68 45.37 15.89 -15.72
N THR R 69 44.62 16.99 -15.81
CA THR R 69 43.54 17.11 -16.78
C THR R 69 42.51 16.00 -16.66
N ILE R 70 42.23 15.69 -15.42
CA ILE R 70 41.29 14.59 -15.11
C ILE R 70 39.88 15.19 -15.01
N LEU R 71 39.06 14.86 -16.00
CA LEU R 71 37.75 15.52 -16.18
C LEU R 71 36.60 14.63 -15.73
N ASN R 72 36.89 13.37 -15.44
CA ASN R 72 35.83 12.44 -15.03
C ASN R 72 36.37 11.27 -14.24
N GLY R 73 35.49 10.47 -13.65
CA GLY R 73 35.94 9.38 -12.80
C GLY R 73 36.62 8.27 -13.60
N VAL R 74 36.20 8.05 -14.85
CA VAL R 74 36.82 7.02 -15.70
C VAL R 74 38.31 7.33 -15.88
N GLN R 75 38.63 8.57 -16.16
CA GLN R 75 40.04 8.92 -16.28
C GLN R 75 40.76 8.82 -14.96
N ALA R 76 40.11 9.20 -13.86
CA ALA R 76 40.70 9.04 -12.54
C ALA R 76 41.04 7.57 -12.24
N LEU R 77 40.12 6.67 -12.61
CA LEU R 77 40.39 5.23 -12.48
C LEU R 77 41.60 4.79 -13.34
N ALA R 78 41.64 5.22 -14.60
CA ALA R 78 42.73 4.88 -15.50
C ALA R 78 44.04 5.30 -14.85
N ALA R 79 44.03 6.49 -14.27
CA ALA R 79 45.25 7.01 -13.63
C ALA R 79 45.63 6.21 -12.39
N LYS R 80 44.64 5.84 -11.60
CA LYS R 80 44.89 5.08 -10.40
C LYS R 80 45.51 3.71 -10.78
N GLU R 81 44.92 3.05 -11.78
CA GLU R 81 45.35 1.70 -12.19
C GLU R 81 46.73 1.75 -12.80
N ALA R 82 47.06 2.88 -13.41
CA ALA R 82 48.39 3.07 -14.00
C ALA R 82 49.47 3.30 -12.94
N GLY R 83 49.08 3.71 -11.74
CA GLY R 83 50.03 3.94 -10.66
C GLY R 83 50.13 5.37 -10.14
N ALA R 84 49.31 6.28 -10.64
CA ALA R 84 49.30 7.63 -10.03
C ALA R 84 48.73 7.56 -8.61
N THR R 85 49.22 8.39 -7.70
CA THR R 85 48.69 8.45 -6.35
C THR R 85 47.76 9.63 -6.06
N PHE R 86 47.58 10.50 -7.04
CA PHE R 86 46.58 11.58 -6.91
C PHE R 86 46.25 12.04 -8.31
N VAL R 87 45.10 12.70 -8.45
CA VAL R 87 44.72 13.30 -9.70
C VAL R 87 44.47 14.80 -9.48
N VAL R 88 44.62 15.52 -10.58
CA VAL R 88 44.40 16.96 -10.61
C VAL R 88 43.47 17.30 -11.76
N SER R 89 42.56 18.26 -11.53
CA SER R 89 41.64 18.74 -12.57
C SER R 89 41.84 20.24 -12.74
N PRO R 90 41.63 20.75 -13.96
CA PRO R 90 41.88 22.20 -14.19
C PRO R 90 40.83 23.04 -13.46
N GLY R 91 39.62 22.53 -13.37
CA GLY R 91 38.54 23.20 -12.62
C GLY R 91 37.94 22.24 -11.60
N PHE R 92 36.78 22.62 -11.07
CA PHE R 92 36.17 21.88 -9.97
C PHE R 92 34.84 21.34 -10.48
N ASN R 93 34.75 20.01 -10.56
CA ASN R 93 33.50 19.33 -10.92
C ASN R 93 33.15 18.42 -9.77
N PRO R 94 32.10 18.76 -9.02
CA PRO R 94 31.79 17.93 -7.89
C PRO R 94 31.47 16.48 -8.29
N ASN R 95 31.02 16.24 -9.52
CA ASN R 95 30.77 14.85 -9.95
C ASN R 95 32.08 14.10 -10.06
N THR R 96 33.12 14.79 -10.53
CA THR R 96 34.43 14.14 -10.57
C THR R 96 34.97 13.86 -9.19
N VAL R 97 34.84 14.84 -8.30
CA VAL R 97 35.29 14.69 -6.93
C VAL R 97 34.61 13.49 -6.23
N ARG R 98 33.29 13.41 -6.37
CA ARG R 98 32.54 12.29 -5.80
C ARG R 98 33.04 10.94 -6.37
N ALA R 99 33.26 10.90 -7.68
CA ALA R 99 33.72 9.67 -8.33
C ALA R 99 35.08 9.26 -7.77
N CYS R 100 35.95 10.24 -7.54
CA CYS R 100 37.27 9.95 -6.98
C CYS R 100 37.16 9.43 -5.56
N GLN R 101 36.22 9.94 -4.80
CA GLN R 101 36.00 9.47 -3.47
C GLN R 101 35.57 8.01 -3.49
N ILE R 102 34.73 7.67 -4.45
CA ILE R 102 34.16 6.33 -4.56
C ILE R 102 35.21 5.34 -5.06
N ILE R 103 36.03 5.74 -6.02
CA ILE R 103 37.03 4.79 -6.54
C ILE R 103 38.26 4.74 -5.64
N GLY R 104 38.41 5.74 -4.79
CA GLY R 104 39.48 5.77 -3.80
C GLY R 104 40.81 6.31 -4.32
N ILE R 105 40.78 7.51 -4.88
CA ILE R 105 42.04 8.23 -5.18
C ILE R 105 41.87 9.70 -4.82
N ASP R 106 42.92 10.31 -4.28
CA ASP R 106 42.84 11.71 -3.89
C ASP R 106 42.82 12.61 -5.10
N ILE R 107 42.04 13.68 -5.00
CA ILE R 107 41.98 14.66 -6.08
C ILE R 107 42.34 16.03 -5.52
N VAL R 108 43.11 16.78 -6.31
CA VAL R 108 43.40 18.19 -6.04
C VAL R 108 42.76 18.96 -7.20
N PRO R 109 41.56 19.48 -6.98
CA PRO R 109 40.85 20.15 -8.09
C PRO R 109 41.27 21.61 -8.24
N GLY R 110 41.12 22.15 -9.45
CA GLY R 110 41.42 23.57 -9.69
C GLY R 110 40.28 24.50 -9.34
N VAL R 111 40.64 25.64 -8.76
CA VAL R 111 39.70 26.72 -8.50
C VAL R 111 40.36 28.03 -8.90
N ASN R 112 39.54 29.08 -9.08
CA ASN R 112 40.13 30.39 -9.34
C ASN R 112 39.30 31.54 -8.79
N ASN R 113 38.31 31.25 -7.92
CA ASN R 113 37.52 32.33 -7.31
C ASN R 113 36.93 31.87 -5.99
N PRO R 114 36.38 32.78 -5.19
CA PRO R 114 35.84 32.47 -3.86
C PRO R 114 34.71 31.45 -3.85
N SER R 115 33.82 31.55 -4.86
CA SER R 115 32.68 30.63 -4.89
C SER R 115 33.13 29.19 -5.11
N THR R 116 34.11 29.01 -5.98
CA THR R 116 34.56 27.64 -6.25
C THR R 116 35.32 27.11 -5.05
N VAL R 117 36.07 27.99 -4.37
CA VAL R 117 36.73 27.55 -3.13
C VAL R 117 35.68 27.03 -2.13
N GLU R 118 34.59 27.78 -1.97
CA GLU R 118 33.57 27.37 -1.00
C GLU R 118 32.92 26.07 -1.39
N ALA R 119 32.73 25.87 -2.69
CA ALA R 119 32.19 24.60 -3.19
C ALA R 119 33.11 23.44 -2.81
N ALA R 120 34.42 23.65 -2.95
CA ALA R 120 35.38 22.60 -2.62
C ALA R 120 35.40 22.33 -1.13
N LEU R 121 35.39 23.39 -0.33
CA LEU R 121 35.44 23.24 1.13
C LEU R 121 34.24 22.46 1.61
N GLU R 122 33.10 22.67 0.95
CA GLU R 122 31.89 22.00 1.37
C GLU R 122 31.95 20.50 1.13
N MET R 123 32.75 20.07 0.16
CA MET R 123 33.00 18.65 -0.10
C MET R 123 34.20 18.07 0.66
N GLY R 124 34.74 18.85 1.58
CA GLY R 124 35.79 18.39 2.47
C GLY R 124 37.20 18.51 1.91
N LEU R 125 37.35 19.27 0.84
CA LEU R 125 38.67 19.43 0.24
C LEU R 125 39.33 20.71 0.76
N THR R 126 40.65 20.67 0.96
CA THR R 126 41.37 21.85 1.41
C THR R 126 42.61 22.15 0.54
N THR R 127 43.22 21.11 -0.05
CA THR R 127 44.32 21.32 -1.02
C THR R 127 43.78 21.47 -2.43
N LEU R 128 43.99 22.67 -2.99
CA LEU R 128 43.36 23.00 -4.26
C LEU R 128 44.42 23.57 -5.20
N LYS R 129 44.23 23.31 -6.49
CA LYS R 129 45.07 23.88 -7.51
C LYS R 129 44.48 25.26 -7.83
N PHE R 130 45.33 26.26 -8.00
CA PHE R 130 44.80 27.60 -8.35
C PHE R 130 45.20 27.83 -9.81
N PHE R 131 44.20 27.78 -10.70
CA PHE R 131 44.46 27.71 -12.14
C PHE R 131 43.35 28.44 -12.92
N PRO R 132 43.71 29.21 -13.97
CA PRO R 132 45.12 29.51 -14.37
C PRO R 132 45.64 30.68 -13.55
N ALA R 133 46.83 30.51 -12.98
CA ALA R 133 47.22 31.41 -11.88
C ALA R 133 47.42 32.85 -12.37
N GLU R 134 48.26 33.04 -13.38
CA GLU R 134 48.51 34.42 -13.84
C GLU R 134 47.28 35.04 -14.48
N ALA R 135 46.62 34.27 -15.33
CA ALA R 135 45.47 34.82 -16.09
C ALA R 135 44.28 35.17 -15.17
N SER R 136 44.23 34.57 -13.98
CA SER R 136 43.14 34.82 -13.03
C SER R 136 43.41 35.97 -12.07
N GLY R 137 44.59 36.57 -12.21
CA GLY R 137 44.93 37.72 -11.36
C GLY R 137 46.18 37.52 -10.52
N GLY R 138 46.81 36.35 -10.64
CA GLY R 138 48.16 36.23 -10.06
C GLY R 138 48.19 36.31 -8.54
N ILE R 139 49.31 36.81 -8.01
CA ILE R 139 49.49 36.85 -6.58
C ILE R 139 48.42 37.65 -5.87
N SER R 140 47.94 38.74 -6.50
CA SER R 140 46.86 39.51 -5.89
C SER R 140 45.61 38.66 -5.68
N MET R 141 45.28 37.81 -6.66
CA MET R 141 44.19 36.91 -6.46
C MET R 141 44.49 35.85 -5.38
N VAL R 142 45.70 35.28 -5.41
CA VAL R 142 46.00 34.29 -4.41
C VAL R 142 45.80 34.85 -2.98
N LYS R 143 46.30 36.06 -2.76
CA LYS R 143 46.17 36.68 -1.44
C LYS R 143 44.71 36.90 -1.05
N SER R 144 43.87 37.23 -2.04
CA SER R 144 42.44 37.37 -1.79
C SER R 144 41.69 36.09 -1.43
N LEU R 145 42.15 34.92 -1.90
CA LEU R 145 41.55 33.64 -1.53
C LEU R 145 42.03 33.04 -0.22
N VAL R 146 43.32 33.11 0.03
CA VAL R 146 43.82 32.48 1.20
C VAL R 146 43.39 33.31 2.41
N GLY R 147 43.18 34.61 2.18
CA GLY R 147 42.80 35.52 3.25
C GLY R 147 41.53 35.11 3.98
N PRO R 148 40.41 34.97 3.26
CA PRO R 148 39.17 34.56 3.94
C PRO R 148 39.10 33.10 4.31
N TYR R 149 39.93 32.25 3.66
CA TYR R 149 39.80 30.82 3.79
C TYR R 149 41.05 30.23 4.42
N GLY R 150 41.13 30.29 5.75
CA GLY R 150 42.37 29.93 6.45
C GLY R 150 42.76 28.47 6.30
N ASP R 151 41.82 27.62 5.90
CA ASP R 151 42.06 26.17 5.83
C ASP R 151 42.65 25.71 4.50
N ILE R 152 42.53 26.54 3.46
CA ILE R 152 42.99 26.06 2.16
C ILE R 152 44.50 26.11 1.99
N ARG R 153 45.00 25.23 1.14
CA ARG R 153 46.42 25.22 0.75
C ARG R 153 46.41 25.13 -0.76
N LEU R 154 47.25 25.92 -1.42
CA LEU R 154 47.10 26.07 -2.89
C LEU R 154 48.30 25.57 -3.66
N MET R 155 48.03 25.07 -4.86
CA MET R 155 49.07 24.79 -5.82
C MET R 155 48.81 25.65 -7.09
N PRO R 156 49.36 26.88 -7.13
CA PRO R 156 49.19 27.74 -8.29
C PRO R 156 49.86 27.14 -9.52
N THR R 157 49.15 27.14 -10.65
CA THR R 157 49.69 26.64 -11.90
C THR R 157 49.12 27.51 -12.99
N GLY R 158 49.92 27.75 -14.04
CA GLY R 158 49.45 28.55 -15.17
C GLY R 158 50.24 29.85 -15.18
N GLY R 159 51.22 29.91 -16.08
CA GLY R 159 52.03 31.12 -16.22
C GLY R 159 53.12 31.27 -15.20
N ILE R 160 53.39 30.21 -14.45
CA ILE R 160 54.45 30.24 -13.43
C ILE R 160 55.78 30.05 -14.13
N THR R 161 56.74 30.88 -13.74
CA THR R 161 58.09 30.84 -14.33
C THR R 161 59.11 31.08 -13.24
N PRO R 162 60.40 30.90 -13.56
CA PRO R 162 61.35 31.22 -12.50
C PRO R 162 61.29 32.68 -12.06
N SER R 163 60.83 33.57 -12.93
CA SER R 163 60.80 35.00 -12.62
C SER R 163 59.67 35.39 -11.70
N ASN R 164 58.65 34.54 -11.59
CA ASN R 164 57.55 34.87 -10.67
C ASN R 164 57.22 33.86 -9.56
N ILE R 165 57.88 32.70 -9.58
CA ILE R 165 57.53 31.68 -8.61
C ILE R 165 57.80 32.08 -7.15
N ASP R 166 58.86 32.85 -6.91
CA ASP R 166 59.20 33.21 -5.54
C ASP R 166 58.07 33.98 -4.89
N ASN R 167 57.39 34.83 -5.64
CA ASN R 167 56.31 35.62 -5.10
C ASN R 167 55.18 34.74 -4.65
N TYR R 168 54.88 33.70 -5.40
CA TYR R 168 53.86 32.76 -4.98
C TYR R 168 54.29 31.96 -3.75
N LEU R 169 55.51 31.44 -3.76
CA LEU R 169 55.97 30.63 -2.65
C LEU R 169 56.09 31.42 -1.33
N ALA R 170 56.22 32.73 -1.44
CA ALA R 170 56.29 33.59 -0.26
C ALA R 170 54.96 33.60 0.53
N ILE R 171 53.87 33.21 -0.11
CA ILE R 171 52.57 33.08 0.58
C ILE R 171 52.50 31.77 1.35
N PRO R 172 52.33 31.82 2.68
CA PRO R 172 52.39 30.61 3.51
C PRO R 172 51.47 29.48 3.09
N GLN R 173 50.27 29.81 2.64
CA GLN R 173 49.32 28.79 2.24
C GLN R 173 49.55 28.22 0.85
N VAL R 174 50.55 28.73 0.13
CA VAL R 174 50.94 28.09 -1.13
C VAL R 174 51.92 26.96 -0.83
N LEU R 175 51.59 25.74 -1.27
CA LEU R 175 52.44 24.57 -0.97
C LEU R 175 53.53 24.44 -2.03
N ALA R 176 53.11 24.57 -3.28
CA ALA R 176 54.01 24.39 -4.40
C ALA R 176 53.34 24.95 -5.62
N CYS R 177 54.12 25.20 -6.66
CA CYS R 177 53.54 25.65 -7.92
C CYS R 177 53.80 24.65 -9.01
N GLY R 178 52.86 24.53 -9.93
CA GLY R 178 53.07 23.66 -11.10
C GLY R 178 53.71 24.46 -12.21
N GLY R 179 54.64 23.85 -12.93
CA GLY R 179 55.35 24.56 -13.97
C GLY R 179 55.65 23.63 -15.13
N THR R 180 55.54 24.16 -16.34
CA THR R 180 55.81 23.38 -17.52
C THR R 180 57.18 23.72 -18.11
N TRP R 181 57.79 24.81 -17.69
CA TRP R 181 58.91 25.35 -18.47
C TRP R 181 60.11 24.41 -18.52
N MET R 182 60.35 23.69 -17.43
CA MET R 182 61.53 22.82 -17.36
C MET R 182 61.28 21.49 -18.08
N VAL R 183 60.03 21.21 -18.44
CA VAL R 183 59.70 19.98 -19.17
C VAL R 183 58.93 20.27 -20.45
N ASP R 184 59.14 21.47 -21.00
CA ASP R 184 58.40 21.88 -22.18
C ASP R 184 58.49 20.85 -23.31
N LYS R 185 57.36 20.61 -23.98
CA LYS R 185 57.28 19.55 -24.98
C LYS R 185 58.34 19.77 -26.06
N LYS R 186 58.53 21.02 -26.45
CA LYS R 186 59.59 21.34 -27.40
C LYS R 186 60.97 20.77 -27.00
N LEU R 187 61.35 20.92 -25.73
CA LEU R 187 62.63 20.41 -25.23
C LEU R 187 62.64 18.89 -25.29
N VAL R 188 61.54 18.26 -24.90
CA VAL R 188 61.48 16.81 -24.88
C VAL R 188 61.52 16.27 -26.32
N THR R 189 60.69 16.82 -27.18
CA THR R 189 60.65 16.45 -28.59
C THR R 189 62.01 16.54 -29.26
N ASN R 190 62.82 17.51 -28.84
CA ASN R 190 64.12 17.78 -29.45
C ASN R 190 65.25 17.09 -28.72
N GLY R 191 64.92 16.31 -27.70
CA GLY R 191 65.92 15.63 -26.90
C GLY R 191 66.93 16.56 -26.26
N GLU R 192 66.49 17.73 -25.83
CA GLU R 192 67.41 18.65 -25.19
C GLU R 192 67.48 18.28 -23.71
N TRP R 193 68.07 17.13 -23.41
CA TRP R 193 68.20 16.64 -22.04
C TRP R 193 69.14 17.48 -21.18
N ASP R 194 70.20 18.02 -21.77
CA ASP R 194 71.11 18.85 -21.00
C ASP R 194 70.39 20.13 -20.51
N GLU R 195 69.57 20.72 -21.37
CA GLU R 195 68.83 21.93 -21.03
C GLU R 195 67.80 21.64 -19.94
N ILE R 196 67.04 20.54 -20.09
CA ILE R 196 66.07 20.13 -19.06
C ILE R 196 66.81 19.95 -17.71
N ALA R 197 67.97 19.31 -17.75
CA ALA R 197 68.71 19.12 -16.53
C ALA R 197 69.13 20.44 -15.90
N ARG R 198 69.58 21.38 -16.75
CA ARG R 198 69.97 22.70 -16.28
C ARG R 198 68.78 23.48 -15.65
N LEU R 199 67.64 23.49 -16.35
CA LEU R 199 66.45 24.16 -15.82
C LEU R 199 65.99 23.53 -14.52
N THR R 200 66.07 22.21 -14.44
CA THR R 200 65.67 21.52 -13.21
C THR R 200 66.62 21.86 -12.04
N ARG R 201 67.95 21.76 -12.26
CA ARG R 201 68.87 22.10 -11.20
C ARG R 201 68.70 23.55 -10.76
N GLU R 202 68.47 24.43 -11.72
CA GLU R 202 68.38 25.84 -11.43
C GLU R 202 67.16 26.13 -10.55
N ILE R 203 66.01 25.53 -10.88
CA ILE R 203 64.82 25.80 -10.07
C ILE R 203 64.89 25.18 -8.67
N VAL R 204 65.49 23.99 -8.58
CA VAL R 204 65.67 23.34 -7.28
C VAL R 204 66.54 24.20 -6.37
N GLU R 205 67.63 24.74 -6.92
CA GLU R 205 68.50 25.61 -6.15
C GLU R 205 67.77 26.90 -5.79
N GLN R 206 66.98 27.42 -6.71
CA GLN R 206 66.25 28.63 -6.43
C GLN R 206 65.24 28.50 -5.27
N VAL R 207 64.43 27.44 -5.27
CA VAL R 207 63.35 27.34 -4.29
C VAL R 207 63.74 26.68 -2.98
N ASN R 208 64.78 25.85 -3.04
CA ASN R 208 65.27 25.14 -1.88
C ASN R 208 66.74 25.45 -1.72
N PRO R 209 67.06 26.72 -1.45
CA PRO R 209 68.46 27.16 -1.37
C PRO R 209 69.16 26.58 -0.14
N SER S 2 -32.96 62.78 22.17
CA SER S 2 -32.99 63.90 21.25
C SER S 2 -33.94 64.99 21.78
N THR S 3 -35.05 64.56 22.36
CA THR S 3 -35.99 65.48 22.99
C THR S 3 -35.35 66.15 24.22
N ILE S 4 -34.72 65.34 25.06
CA ILE S 4 -34.08 65.85 26.27
C ILE S 4 -32.97 66.84 25.91
N ASN S 5 -32.12 66.48 24.95
CA ASN S 5 -31.04 67.39 24.49
C ASN S 5 -31.60 68.74 24.07
N ASN S 6 -32.70 68.71 23.32
CA ASN S 6 -33.30 69.95 22.87
C ASN S 6 -33.86 70.79 24.01
N GLN S 7 -34.48 70.13 24.97
CA GLN S 7 -35.02 70.84 26.12
C GLN S 7 -33.89 71.44 26.96
N LEU S 8 -32.85 70.65 27.23
CA LEU S 8 -31.69 71.21 27.95
C LEU S 8 -31.08 72.41 27.25
N LYS S 9 -30.91 72.33 25.93
CA LYS S 9 -30.27 73.40 25.16
C LYS S 9 -31.07 74.69 25.29
N ALA S 10 -32.40 74.54 25.32
CA ALA S 10 -33.27 75.70 25.50
C ALA S 10 -33.21 76.25 26.92
N LEU S 11 -33.23 75.36 27.91
CA LEU S 11 -33.25 75.82 29.31
C LEU S 11 -31.96 76.48 29.77
N LYS S 12 -30.85 75.86 29.39
CA LYS S 12 -29.48 76.28 29.75
C LYS S 12 -29.09 76.09 31.22
N VAL S 13 -30.06 76.05 32.11
CA VAL S 13 -29.82 75.86 33.54
C VAL S 13 -30.88 74.94 34.09
N ILE S 14 -30.42 73.92 34.80
CA ILE S 14 -31.37 72.97 35.42
C ILE S 14 -31.29 73.03 36.93
N PRO S 15 -32.40 73.40 37.60
CA PRO S 15 -32.39 73.37 39.05
C PRO S 15 -32.19 71.95 39.56
N VAL S 16 -31.19 71.82 40.42
CA VAL S 16 -30.91 70.60 41.12
C VAL S 16 -31.44 70.73 42.55
N ILE S 17 -32.48 69.94 42.83
CA ILE S 17 -33.31 70.10 44.03
C ILE S 17 -33.10 69.01 45.08
N ALA S 18 -32.78 69.43 46.30
CA ALA S 18 -32.72 68.55 47.44
C ALA S 18 -33.84 68.97 48.37
N ILE S 19 -34.89 68.15 48.43
CA ILE S 19 -36.12 68.49 49.11
C ILE S 19 -36.17 67.71 50.43
N ASP S 20 -36.69 68.33 51.49
CA ASP S 20 -36.83 67.64 52.76
C ASP S 20 -38.25 67.11 52.89
N ASN S 21 -39.21 68.01 52.72
CA ASN S 21 -40.61 67.66 52.74
C ASN S 21 -41.12 67.66 51.31
N ALA S 22 -41.63 66.51 50.88
CA ALA S 22 -42.05 66.37 49.50
C ALA S 22 -43.07 67.40 49.07
N GLU S 23 -43.96 67.78 50.00
CA GLU S 23 -45.00 68.76 49.74
C GLU S 23 -44.44 70.09 49.22
N ASP S 24 -43.21 70.40 49.66
CA ASP S 24 -42.53 71.63 49.30
C ASP S 24 -42.25 71.74 47.80
N ILE S 25 -42.32 70.61 47.08
CA ILE S 25 -42.08 70.64 45.64
C ILE S 25 -43.17 71.38 44.89
N ILE S 26 -44.35 71.50 45.50
CA ILE S 26 -45.44 72.12 44.81
C ILE S 26 -45.24 73.64 44.69
N PRO S 27 -45.06 74.32 45.84
CA PRO S 27 -44.80 75.76 45.68
C PRO S 27 -43.47 76.02 44.92
N LEU S 28 -42.46 75.18 45.16
CA LEU S 28 -41.15 75.35 44.47
C LEU S 28 -41.32 75.25 42.96
N GLY S 29 -42.02 74.21 42.49
CA GLY S 29 -42.27 74.04 41.08
C GLY S 29 -43.08 75.16 40.46
N LYS S 30 -44.03 75.69 41.23
CA LYS S 30 -44.86 76.80 40.75
C LYS S 30 -43.98 78.03 40.51
N VAL S 31 -43.13 78.32 41.50
CA VAL S 31 -42.20 79.45 41.38
C VAL S 31 -41.22 79.26 40.24
N LEU S 32 -40.62 78.07 40.14
CA LEU S 32 -39.76 77.83 38.97
C LEU S 32 -40.47 78.01 37.64
N ALA S 33 -41.63 77.37 37.48
CA ALA S 33 -42.30 77.42 36.18
C ALA S 33 -42.78 78.84 35.81
N GLU S 34 -43.37 79.55 36.76
CA GLU S 34 -43.91 80.88 36.43
C GLU S 34 -42.80 81.93 36.24
N ASN S 35 -41.59 81.61 36.68
CA ASN S 35 -40.48 82.52 36.47
C ASN S 35 -39.59 82.15 35.31
N GLY S 36 -40.08 81.21 34.49
CA GLY S 36 -39.44 80.90 33.22
C GLY S 36 -38.51 79.70 33.20
N LEU S 37 -38.51 78.90 34.27
CA LEU S 37 -37.59 77.75 34.34
C LEU S 37 -38.32 76.43 34.65
N PRO S 38 -39.01 75.90 33.64
CA PRO S 38 -39.89 74.75 33.86
C PRO S 38 -39.12 73.43 33.80
N ALA S 39 -38.20 73.26 34.74
CA ALA S 39 -37.33 72.08 34.81
C ALA S 39 -36.89 71.82 36.23
N ALA S 40 -36.59 70.57 36.54
CA ALA S 40 -36.16 70.22 37.88
C ALA S 40 -35.49 68.86 37.84
N GLU S 41 -34.33 68.78 38.47
CA GLU S 41 -33.71 67.47 38.72
C GLU S 41 -33.84 67.22 40.22
N ILE S 42 -34.66 66.24 40.60
CA ILE S 42 -34.92 66.00 41.99
C ILE S 42 -33.99 64.91 42.49
N THR S 43 -33.11 65.28 43.41
CA THR S 43 -32.11 64.31 43.91
C THR S 43 -32.64 63.30 44.93
N PHE S 44 -32.21 62.04 44.76
CA PHE S 44 -32.60 60.95 45.66
C PHE S 44 -31.75 60.93 46.94
N ARG S 45 -31.80 62.05 47.64
CA ARG S 45 -31.12 62.18 48.91
C ARG S 45 -31.93 61.30 49.84
N SER S 46 -33.24 61.43 49.71
CA SER S 46 -34.19 60.73 50.55
C SER S 46 -35.33 60.10 49.78
N SER S 47 -35.94 59.12 50.40
CA SER S 47 -37.07 58.42 49.81
C SER S 47 -38.17 59.45 49.60
N ALA S 48 -38.06 60.58 50.28
CA ALA S 48 -39.05 61.63 50.17
C ALA S 48 -39.19 62.09 48.74
N ALA S 49 -38.10 62.11 47.98
CA ALA S 49 -38.20 62.60 46.62
C ALA S 49 -39.17 61.84 45.73
N VAL S 50 -39.16 60.51 45.76
CA VAL S 50 -40.10 59.81 44.91
C VAL S 50 -41.47 60.50 44.93
N LYS S 51 -41.96 60.77 46.13
CA LYS S 51 -43.22 61.48 46.27
C LYS S 51 -43.15 62.87 45.63
N ALA S 52 -42.03 63.56 45.83
CA ALA S 52 -41.84 64.86 45.18
C ALA S 52 -41.96 64.81 43.68
N ILE S 53 -41.33 63.82 43.02
CA ILE S 53 -41.50 63.70 41.59
C ILE S 53 -42.99 63.49 41.22
N MET S 54 -43.67 62.65 41.97
CA MET S 54 -45.08 62.34 41.68
C MET S 54 -45.95 63.59 41.84
N LEU S 55 -45.77 64.31 42.92
CA LEU S 55 -46.50 65.57 43.17
C LEU S 55 -46.20 66.63 42.13
N LEU S 56 -44.91 66.83 41.83
CA LEU S 56 -44.55 67.78 40.77
C LEU S 56 -45.12 67.45 39.39
N ARG S 57 -45.12 66.16 39.00
CA ARG S 57 -45.63 65.78 37.69
C ARG S 57 -47.14 66.05 37.64
N SER S 58 -47.83 65.82 38.74
CA SER S 58 -49.26 66.11 38.82
C SER S 58 -49.52 67.62 38.74
N ALA S 59 -48.70 68.40 39.45
CA ALA S 59 -48.91 69.84 39.55
C ALA S 59 -48.42 70.63 38.35
N GLN S 60 -47.36 70.14 37.71
CA GLN S 60 -46.73 70.82 36.59
C GLN S 60 -46.48 69.80 35.50
N PRO S 61 -47.54 69.40 34.78
CA PRO S 61 -47.41 68.26 33.87
C PRO S 61 -46.38 68.40 32.76
N GLU S 62 -46.12 69.61 32.29
CA GLU S 62 -45.21 69.82 31.17
C GLU S 62 -43.78 70.15 31.61
N MET S 63 -43.53 70.15 32.89
CA MET S 63 -42.20 70.44 33.40
C MET S 63 -41.26 69.33 33.00
N LEU S 64 -40.01 69.66 32.70
CA LEU S 64 -38.97 68.62 32.51
C LEU S 64 -38.55 68.15 33.90
N ILE S 65 -38.79 66.87 34.21
CA ILE S 65 -38.46 66.33 35.52
C ILE S 65 -37.51 65.15 35.37
N GLY S 66 -36.32 65.31 35.94
CA GLY S 66 -35.35 64.22 36.06
C GLY S 66 -35.15 63.85 37.51
N ALA S 67 -34.58 62.68 37.76
CA ALA S 67 -34.25 62.28 39.10
C ALA S 67 -32.74 62.21 39.14
N GLY S 68 -32.16 62.70 40.22
CA GLY S 68 -30.71 62.66 40.38
C GLY S 68 -30.23 61.73 41.47
N THR S 69 -28.90 61.58 41.55
CA THR S 69 -28.28 60.69 42.54
C THR S 69 -28.78 59.26 42.41
N ILE S 70 -28.93 58.85 41.18
CA ILE S 70 -29.45 57.51 40.88
C ILE S 70 -28.26 56.56 40.78
N LEU S 71 -28.15 55.67 41.77
CA LEU S 71 -26.96 54.84 41.94
C LEU S 71 -27.20 53.40 41.50
N ASN S 72 -28.45 53.06 41.22
CA ASN S 72 -28.75 51.68 40.81
C ASN S 72 -30.06 51.61 40.03
N GLY S 73 -30.35 50.44 39.44
CA GLY S 73 -31.51 50.33 38.59
C GLY S 73 -32.81 50.39 39.39
N VAL S 74 -32.81 49.93 40.65
CA VAL S 74 -34.00 50.00 41.51
C VAL S 74 -34.45 51.45 41.67
N GLN S 75 -33.49 52.33 41.96
CA GLN S 75 -33.84 53.73 42.07
C GLN S 75 -34.29 54.31 40.75
N ALA S 76 -33.64 53.92 39.64
CA ALA S 76 -34.07 54.35 38.32
C ALA S 76 -35.53 53.96 38.04
N LEU S 77 -35.89 52.72 38.41
CA LEU S 77 -37.28 52.28 38.28
C LEU S 77 -38.24 53.14 39.15
N ALA S 78 -37.87 53.39 40.41
CA ALA S 78 -38.70 54.19 41.30
C ALA S 78 -38.93 55.53 40.65
N ALA S 79 -37.88 56.09 40.07
CA ALA S 79 -38.00 57.41 39.43
C ALA S 79 -38.90 57.36 38.19
N LYS S 80 -38.76 56.31 37.40
CA LYS S 80 -39.55 56.17 36.20
C LYS S 80 -41.05 56.07 36.59
N GLU S 81 -41.34 55.24 37.59
CA GLU S 81 -42.73 54.97 38.01
C GLU S 81 -43.34 56.22 38.61
N ALA S 82 -42.50 57.05 39.22
CA ALA S 82 -42.96 58.31 39.82
C ALA S 82 -43.27 59.37 38.75
N GLY S 83 -42.72 59.21 37.55
CA GLY S 83 -42.97 60.16 36.46
C GLY S 83 -41.77 60.93 35.93
N ALA S 84 -40.57 60.64 36.43
CA ALA S 84 -39.38 61.26 35.82
C ALA S 84 -39.18 60.72 34.39
N THR S 85 -38.68 61.55 33.49
CA THR S 85 -38.39 61.09 32.13
C THR S 85 -36.92 60.84 31.84
N PHE S 86 -36.04 61.10 32.81
CA PHE S 86 -34.63 60.72 32.68
C PHE S 86 -34.06 60.66 34.08
N VAL S 87 -32.93 59.95 34.22
CA VAL S 87 -32.23 59.90 35.46
C VAL S 87 -30.79 60.39 35.25
N VAL S 88 -30.22 60.87 36.34
CA VAL S 88 -28.84 61.36 36.36
C VAL S 88 -28.10 60.70 37.52
N SER S 89 -26.83 60.35 37.28
CA SER S 89 -25.98 59.78 38.33
C SER S 89 -24.74 60.65 38.48
N PRO S 90 -24.18 60.72 39.71
CA PRO S 90 -23.03 61.62 39.92
C PRO S 90 -21.79 61.11 39.19
N GLY S 91 -21.66 59.78 39.10
CA GLY S 91 -20.56 59.15 38.35
C GLY S 91 -21.13 58.17 37.34
N PHE S 92 -20.26 57.32 36.81
CA PHE S 92 -20.62 56.43 35.71
C PHE S 92 -20.46 55.01 36.22
N ASN S 93 -21.60 54.29 36.30
CA ASN S 93 -21.60 52.88 36.68
C ASN S 93 -22.25 52.14 35.52
N PRO S 94 -21.45 51.37 34.77
CA PRO S 94 -22.04 50.69 33.64
C PRO S 94 -23.16 49.74 34.06
N ASN S 95 -23.15 49.22 35.29
CA ASN S 95 -24.26 48.34 35.74
C ASN S 95 -25.54 49.14 35.83
N THR S 96 -25.43 50.38 36.29
CA THR S 96 -26.62 51.24 36.35
C THR S 96 -27.12 51.58 34.97
N VAL S 97 -26.20 51.93 34.07
CA VAL S 97 -26.55 52.25 32.70
C VAL S 97 -27.24 51.04 32.03
N ARG S 98 -26.67 49.86 32.22
CA ARG S 98 -27.29 48.63 31.68
C ARG S 98 -28.72 48.48 32.20
N ALA S 99 -28.90 48.63 33.51
CA ALA S 99 -30.23 48.49 34.12
C ALA S 99 -31.23 49.50 33.56
N CYS S 100 -30.79 50.73 33.33
CA CYS S 100 -31.67 51.75 32.77
C CYS S 100 -32.07 51.40 31.34
N GLN S 101 -31.17 50.81 30.60
CA GLN S 101 -31.49 50.39 29.26
C GLN S 101 -32.58 49.33 29.29
N ILE S 102 -32.48 48.43 30.25
CA ILE S 102 -33.39 47.30 30.38
C ILE S 102 -34.76 47.76 30.86
N ILE S 103 -34.80 48.67 31.83
CA ILE S 103 -36.09 49.09 32.35
C ILE S 103 -36.73 50.15 31.45
N GLY S 104 -35.91 50.76 30.60
CA GLY S 104 -36.39 51.71 29.60
C GLY S 104 -36.56 53.13 30.12
N ILE S 105 -35.49 53.70 30.68
CA ILE S 105 -35.44 55.14 30.97
C ILE S 105 -34.06 55.68 30.61
N ASP S 106 -34.03 56.89 30.07
CA ASP S 106 -32.76 57.48 29.66
C ASP S 106 -31.95 57.89 30.88
N ILE S 107 -30.64 57.72 30.76
CA ILE S 107 -29.75 58.12 31.84
C ILE S 107 -28.70 59.09 31.28
N VAL S 108 -28.40 60.13 32.06
CA VAL S 108 -27.29 61.05 31.79
C VAL S 108 -26.33 60.85 32.94
N PRO S 109 -25.29 60.03 32.73
CA PRO S 109 -24.37 59.74 33.83
C PRO S 109 -23.27 60.79 33.98
N GLY S 110 -22.73 60.93 35.18
CA GLY S 110 -21.62 61.86 35.42
C GLY S 110 -20.26 61.28 35.07
N VAL S 111 -19.44 62.14 34.48
CA VAL S 111 -18.03 61.83 34.22
C VAL S 111 -17.18 63.02 34.62
N ASN S 112 -15.88 62.80 34.79
CA ASN S 112 -15.01 63.94 35.04
C ASN S 112 -13.59 63.75 34.48
N ASN S 113 -13.40 62.74 33.62
CA ASN S 113 -12.05 62.56 32.99
C ASN S 113 -12.19 61.81 31.68
N PRO S 114 -11.13 61.74 30.89
CA PRO S 114 -11.16 61.12 29.56
C PRO S 114 -11.51 59.65 29.56
N SER S 115 -11.00 58.91 30.57
CA SER S 115 -11.28 57.48 30.59
C SER S 115 -12.76 57.20 30.82
N THR S 116 -13.38 57.98 31.69
CA THR S 116 -14.80 57.72 31.97
C THR S 116 -15.62 58.14 30.76
N VAL S 117 -15.21 59.21 30.09
CA VAL S 117 -15.91 59.59 28.84
C VAL S 117 -15.87 58.42 27.86
N GLU S 118 -14.71 57.81 27.69
CA GLU S 118 -14.58 56.70 26.72
C GLU S 118 -15.43 55.52 27.11
N ALA S 119 -15.50 55.26 28.41
CA ALA S 119 -16.37 54.20 28.92
C ALA S 119 -17.82 54.45 28.54
N ALA S 120 -18.26 55.70 28.69
CA ALA S 120 -19.65 56.06 28.36
C ALA S 120 -19.90 55.94 26.87
N LEU S 121 -18.95 56.43 26.06
CA LEU S 121 -19.10 56.39 24.61
C LEU S 121 -19.23 54.97 24.14
N GLU S 122 -18.52 54.08 24.79
CA GLU S 122 -18.53 52.68 24.38
C GLU S 122 -19.88 52.02 24.62
N MET S 123 -20.63 52.54 25.59
CA MET S 123 -22.00 52.08 25.86
C MET S 123 -23.08 52.86 25.10
N GLY S 124 -22.66 53.70 24.17
CA GLY S 124 -23.56 54.41 23.28
C GLY S 124 -24.12 55.71 23.84
N LEU S 125 -23.51 56.21 24.91
CA LEU S 125 -24.00 57.44 25.50
C LEU S 125 -23.18 58.62 24.98
N THR S 126 -23.84 59.77 24.78
CA THR S 126 -23.15 60.96 24.33
C THR S 126 -23.47 62.20 25.19
N THR S 127 -24.67 62.25 25.79
CA THR S 127 -25.00 63.33 26.75
C THR S 127 -24.62 62.92 28.16
N LEU S 128 -23.64 63.67 28.73
CA LEU S 128 -23.06 63.27 29.99
C LEU S 128 -23.05 64.48 30.93
N LYS S 129 -23.18 64.20 32.21
CA LYS S 129 -23.07 65.21 33.23
C LYS S 129 -21.58 65.34 33.54
N PHE S 130 -21.09 66.56 33.72
CA PHE S 130 -19.66 66.74 34.06
C PHE S 130 -19.64 67.19 35.52
N PHE S 131 -19.22 66.30 36.42
CA PHE S 131 -19.39 66.49 37.85
C PHE S 131 -18.22 65.87 38.62
N PRO S 132 -17.72 66.56 39.66
CA PRO S 132 -18.11 67.93 40.07
C PRO S 132 -17.33 68.95 39.24
N ALA S 133 -18.04 69.91 38.68
CA ALA S 133 -17.44 70.68 37.57
C ALA S 133 -16.26 71.54 38.06
N GLU S 134 -16.48 72.36 39.07
CA GLU S 134 -15.39 73.24 39.51
C GLU S 134 -14.27 72.46 40.16
N ALA S 135 -14.62 71.50 41.01
CA ALA S 135 -13.59 70.76 41.77
C ALA S 135 -12.73 69.87 40.84
N SER S 136 -13.24 69.54 39.65
CA SER S 136 -12.50 68.69 38.71
C SER S 136 -11.63 69.48 37.75
N GLY S 137 -11.64 70.81 37.87
CA GLY S 137 -10.81 71.64 37.02
C GLY S 137 -11.57 72.64 36.18
N GLY S 138 -12.90 72.66 36.30
CA GLY S 138 -13.66 73.78 35.72
C GLY S 138 -13.60 73.84 34.21
N ILE S 139 -13.69 75.06 33.68
CA ILE S 139 -13.74 75.23 32.24
C ILE S 139 -12.52 74.67 31.54
N SER S 140 -11.34 74.76 32.14
CA SER S 140 -10.15 74.17 31.55
C SER S 140 -10.32 72.66 31.34
N MET S 141 -10.90 71.98 32.32
CA MET S 141 -11.18 70.58 32.12
C MET S 141 -12.25 70.35 31.06
N VAL S 142 -13.34 71.15 31.08
CA VAL S 142 -14.36 70.94 30.08
C VAL S 142 -13.77 71.03 28.66
N LYS S 143 -12.95 72.04 28.43
CA LYS S 143 -12.34 72.22 27.11
C LYS S 143 -11.45 71.03 26.72
N SER S 144 -10.77 70.45 27.70
CA SER S 144 -9.97 69.25 27.45
C SER S 144 -10.74 67.99 27.11
N LEU S 145 -11.98 67.85 27.58
CA LEU S 145 -12.84 66.70 27.22
C LEU S 145 -13.58 66.84 25.91
N VAL S 146 -14.14 68.01 25.66
CA VAL S 146 -14.94 68.14 24.48
C VAL S 146 -14.00 68.17 23.27
N GLY S 147 -12.76 68.59 23.50
CA GLY S 147 -11.77 68.69 22.43
C GLY S 147 -11.55 67.36 21.70
N PRO S 148 -11.14 66.32 22.42
CA PRO S 148 -10.91 65.03 21.74
C PRO S 148 -12.17 64.28 21.39
N TYR S 149 -13.30 64.61 22.04
CA TYR S 149 -14.51 63.82 21.90
C TYR S 149 -15.63 64.64 21.28
N GLY S 150 -15.62 64.73 19.96
CA GLY S 150 -16.51 65.66 19.24
C GLY S 150 -17.98 65.31 19.41
N ASP S 151 -18.28 64.08 19.81
CA ASP S 151 -19.67 63.61 19.89
C ASP S 151 -20.35 63.92 21.22
N ILE S 152 -19.58 64.20 22.25
CA ILE S 152 -20.21 64.38 23.56
C ILE S 152 -20.87 65.74 23.72
N ARG S 153 -21.88 65.77 24.58
CA ARG S 153 -22.56 67.01 24.96
C ARG S 153 -22.63 66.96 26.48
N LEU S 154 -22.33 68.08 27.15
CA LEU S 154 -22.11 68.02 28.60
C LEU S 154 -23.13 68.85 29.37
N MET S 155 -23.43 68.37 30.57
CA MET S 155 -24.16 69.16 31.54
C MET S 155 -23.27 69.34 32.80
N PRO S 156 -22.46 70.41 32.84
CA PRO S 156 -21.62 70.66 34.00
C PRO S 156 -22.46 70.98 35.23
N THR S 157 -22.12 70.36 36.35
CA THR S 157 -22.81 70.60 37.60
C THR S 157 -21.77 70.52 38.69
N GLY S 158 -21.94 71.33 39.75
CA GLY S 158 -21.01 71.30 40.88
C GLY S 158 -20.23 72.61 40.88
N GLY S 159 -20.65 73.51 41.77
CA GLY S 159 -19.96 74.79 41.91
C GLY S 159 -20.34 75.81 40.88
N ILE S 160 -21.41 75.56 40.14
CA ILE S 160 -21.88 76.49 39.12
C ILE S 160 -22.67 77.59 39.81
N THR S 161 -22.40 78.83 39.42
CA THR S 161 -23.07 79.98 40.02
C THR S 161 -23.35 81.00 38.91
N PRO S 162 -24.13 82.06 39.24
CA PRO S 162 -24.29 83.04 38.18
C PRO S 162 -22.98 83.67 37.73
N SER S 163 -21.97 83.70 38.60
CA SER S 163 -20.70 84.34 38.29
C SER S 163 -19.82 83.52 37.35
N ASN S 164 -20.09 82.22 37.26
CA ASN S 164 -19.28 81.41 36.34
C ASN S 164 -20.03 80.65 35.24
N ILE S 165 -21.35 80.67 35.25
CA ILE S 165 -22.09 79.87 34.30
C ILE S 165 -21.88 80.30 32.83
N ASP S 166 -21.70 81.60 32.59
CA ASP S 166 -21.54 82.06 31.22
C ASP S 166 -20.33 81.43 30.55
N ASN S 167 -19.27 81.24 31.30
CA ASN S 167 -18.06 80.67 30.77
C ASN S 167 -18.29 79.25 30.33
N TYR S 168 -19.08 78.50 31.07
CA TYR S 168 -19.40 77.15 30.65
C TYR S 168 -20.33 77.14 29.44
N LEU S 169 -21.36 77.98 29.45
CA LEU S 169 -22.29 77.99 28.34
C LEU S 169 -21.65 78.47 27.01
N ALA S 170 -20.56 79.21 27.12
CA ALA S 170 -19.85 79.67 25.92
C ALA S 170 -19.21 78.50 25.14
N ILE S 171 -19.04 77.36 25.78
CA ILE S 171 -18.54 76.15 25.09
C ILE S 171 -19.66 75.46 24.34
N PRO S 172 -19.54 75.33 23.00
CA PRO S 172 -20.64 74.82 22.19
C PRO S 172 -21.20 73.46 22.61
N GLN S 173 -20.33 72.57 23.06
CA GLN S 173 -20.79 71.24 23.45
C GLN S 173 -21.40 71.18 24.84
N VAL S 174 -21.42 72.30 25.56
CA VAL S 174 -22.17 72.36 26.82
C VAL S 174 -23.63 72.68 26.54
N LEU S 175 -24.53 71.82 26.98
CA LEU S 175 -25.97 72.01 26.68
C LEU S 175 -26.59 72.92 27.75
N ALA S 176 -26.28 72.61 29.00
CA ALA S 176 -26.87 73.33 30.11
C ALA S 176 -26.05 73.00 31.33
N CYS S 177 -26.19 73.81 32.37
CA CYS S 177 -25.52 73.52 33.62
C CYS S 177 -26.52 73.28 34.73
N GLY S 178 -26.18 72.39 35.64
CA GLY S 178 -27.04 72.16 36.82
C GLY S 178 -26.63 73.12 37.92
N GLY S 179 -27.61 73.65 38.65
CA GLY S 179 -27.32 74.61 39.69
C GLY S 179 -28.26 74.43 40.85
N THR S 180 -27.74 74.60 42.06
CA THR S 180 -28.57 74.47 43.24
C THR S 180 -28.91 75.83 43.82
N TRP S 181 -28.24 76.89 43.40
CA TRP S 181 -28.28 78.13 44.18
C TRP S 181 -29.68 78.75 44.23
N MET S 182 -30.44 78.61 43.14
CA MET S 182 -31.76 79.24 43.08
C MET S 182 -32.81 78.39 43.80
N VAL S 183 -32.46 77.15 44.15
CA VAL S 183 -33.39 76.29 44.90
C VAL S 183 -32.77 75.76 46.18
N ASP S 184 -31.81 76.50 46.72
CA ASP S 184 -31.09 76.05 47.91
C ASP S 184 -32.04 75.64 49.04
N LYS S 185 -31.72 74.54 49.70
CA LYS S 185 -32.61 73.96 50.71
C LYS S 185 -32.92 75.01 51.78
N LYS S 186 -31.90 75.78 52.17
CA LYS S 186 -32.12 76.86 53.12
C LYS S 186 -33.27 77.80 52.72
N LEU S 187 -33.31 78.21 51.45
CA LEU S 187 -34.37 79.09 50.95
C LEU S 187 -35.72 78.39 51.02
N VAL S 188 -35.75 77.11 50.63
CA VAL S 188 -37.01 76.37 50.62
C VAL S 188 -37.50 76.16 52.07
N THR S 189 -36.60 75.69 52.92
CA THR S 189 -36.92 75.48 54.33
C THR S 189 -37.48 76.73 55.00
N ASN S 190 -37.00 77.90 54.58
CA ASN S 190 -37.39 79.17 55.18
C ASN S 190 -38.53 79.84 54.46
N GLY S 191 -39.06 79.17 53.44
CA GLY S 191 -40.14 79.74 52.64
C GLY S 191 -39.80 81.07 52.00
N GLU S 192 -38.55 81.22 51.57
CA GLU S 192 -38.13 82.44 50.87
C GLU S 192 -38.54 82.46 49.41
N TRP S 193 -39.85 82.33 49.15
CA TRP S 193 -40.34 82.21 47.77
C TRP S 193 -40.05 83.42 46.91
N ASP S 194 -40.09 84.62 47.49
CA ASP S 194 -39.77 85.81 46.72
C ASP S 194 -38.31 85.78 46.23
N GLU S 195 -37.41 85.29 47.07
CA GLU S 195 -35.99 85.27 46.72
C GLU S 195 -35.73 84.18 45.66
N ILE S 196 -36.37 83.03 45.82
CA ILE S 196 -36.28 81.98 44.78
C ILE S 196 -36.79 82.53 43.43
N ALA S 197 -37.90 83.25 43.48
CA ALA S 197 -38.41 83.82 42.25
C ALA S 197 -37.44 84.80 41.62
N ARG S 198 -36.84 85.65 42.45
CA ARG S 198 -35.85 86.61 41.98
C ARG S 198 -34.61 85.93 41.35
N LEU S 199 -34.06 84.94 42.05
CA LEU S 199 -32.90 84.20 41.53
C LEU S 199 -33.25 83.49 40.22
N THR S 200 -34.45 82.94 40.15
CA THR S 200 -34.87 82.27 38.92
C THR S 200 -35.03 83.26 37.76
N ARG S 201 -35.74 84.38 37.97
CA ARG S 201 -35.88 85.36 36.91
C ARG S 201 -34.52 85.88 36.46
N GLU S 202 -33.64 86.10 37.42
CA GLU S 202 -32.36 86.69 37.13
C GLU S 202 -31.53 85.75 36.25
N ILE S 203 -31.51 84.46 36.59
CA ILE S 203 -30.70 83.53 35.77
C ILE S 203 -31.30 83.29 34.38
N VAL S 204 -32.63 83.26 34.28
CA VAL S 204 -33.29 83.10 32.98
C VAL S 204 -32.94 84.28 32.07
N GLU S 205 -32.99 85.49 32.62
CA GLU S 205 -32.63 86.67 31.85
C GLU S 205 -31.15 86.64 31.48
N GLN S 206 -30.31 86.19 32.40
CA GLN S 206 -28.90 86.11 32.12
C GLN S 206 -28.55 85.15 30.95
N VAL S 207 -29.10 83.95 30.96
CA VAL S 207 -28.68 82.94 29.99
C VAL S 207 -29.46 82.98 28.67
N ASN S 208 -30.67 83.51 28.74
CA ASN S 208 -31.53 83.59 27.58
C ASN S 208 -31.95 85.03 27.41
N PRO S 209 -30.99 85.92 27.14
CA PRO S 209 -31.27 87.36 27.06
C PRO S 209 -32.11 87.70 25.83
N SER T 2 10.72 49.89 25.43
CA SER T 2 12.07 50.44 25.48
C SER T 2 12.44 51.15 24.18
N THR T 3 12.02 50.56 23.06
CA THR T 3 12.30 51.13 21.74
C THR T 3 11.64 52.48 21.58
N ILE T 4 10.41 52.61 22.07
CA ILE T 4 9.67 53.85 21.97
C ILE T 4 10.26 54.92 22.88
N ASN T 5 10.44 54.59 24.15
CA ASN T 5 10.99 55.49 25.10
C ASN T 5 12.29 56.15 24.76
N ASN T 6 13.21 55.41 24.18
CA ASN T 6 14.48 56.06 23.97
C ASN T 6 14.39 57.29 23.08
N GLN T 7 13.56 57.21 22.05
CA GLN T 7 13.37 58.35 21.17
C GLN T 7 12.68 59.49 21.92
N LEU T 8 11.62 59.18 22.66
CA LEU T 8 10.97 60.22 23.48
C LEU T 8 11.93 60.88 24.47
N LYS T 9 12.76 60.10 25.15
CA LYS T 9 13.68 60.62 26.15
C LYS T 9 14.65 61.61 25.51
N ALA T 10 15.06 61.30 24.29
CA ALA T 10 15.96 62.18 23.55
C ALA T 10 15.24 63.45 23.09
N LEU T 11 14.03 63.31 22.57
CA LEU T 11 13.31 64.46 22.02
C LEU T 11 12.86 65.46 23.07
N LYS T 12 12.32 64.93 24.17
CA LYS T 12 11.77 65.69 25.32
C LYS T 12 10.46 66.43 25.04
N VAL T 13 10.19 66.76 23.79
CA VAL T 13 8.98 67.46 23.42
C VAL T 13 8.46 66.87 22.12
N ILE T 14 7.18 66.52 22.12
CA ILE T 14 6.57 65.96 20.92
C ILE T 14 5.49 66.88 20.38
N PRO T 15 5.66 67.39 19.14
CA PRO T 15 4.61 68.19 18.55
C PRO T 15 3.33 67.38 18.37
N VAL T 16 2.25 67.91 18.91
CA VAL T 16 0.93 67.38 18.72
C VAL T 16 0.20 68.22 17.69
N ILE T 17 -0.04 67.58 16.54
CA ILE T 17 -0.48 68.26 15.31
C ILE T 17 -1.95 68.01 14.95
N ALA T 18 -2.69 69.11 14.80
CA ALA T 18 -4.04 69.05 14.28
C ALA T 18 -4.01 69.75 12.94
N ILE T 19 -4.12 68.95 11.88
CA ILE T 19 -3.93 69.43 10.52
C ILE T 19 -5.30 69.53 9.85
N ASP T 20 -5.50 70.56 9.02
CA ASP T 20 -6.75 70.70 8.27
C ASP T 20 -6.60 70.12 6.88
N ASN T 21 -5.56 70.60 6.19
CA ASN T 21 -5.23 70.10 4.87
C ASN T 21 -4.03 69.21 4.99
N ALA T 22 -4.17 67.96 4.59
CA ALA T 22 -3.10 66.99 4.76
C ALA T 22 -1.80 67.41 4.11
N GLU T 23 -1.90 68.10 2.97
CA GLU T 23 -0.74 68.57 2.24
C GLU T 23 0.18 69.45 3.11
N ASP T 24 -0.42 70.14 4.08
CA ASP T 24 0.28 71.03 4.99
C ASP T 24 1.29 70.31 5.87
N ILE T 25 1.18 68.98 5.97
CA ILE T 25 2.13 68.21 6.77
C ILE T 25 3.52 68.20 6.18
N ILE T 26 3.62 68.47 4.88
CA ILE T 26 4.91 68.40 4.23
C ILE T 26 5.79 69.59 4.64
N PRO T 27 5.30 70.82 4.41
CA PRO T 27 6.15 71.92 4.87
C PRO T 27 6.31 71.92 6.40
N LEU T 28 5.27 71.54 7.13
CA LEU T 28 5.34 71.49 8.61
C LEU T 28 6.42 70.51 9.08
N GLY T 29 6.43 69.31 8.51
CA GLY T 29 7.43 68.32 8.85
C GLY T 29 8.84 68.75 8.49
N LYS T 30 8.97 69.46 7.37
CA LYS T 30 10.29 69.95 6.94
C LYS T 30 10.82 70.94 7.97
N VAL T 31 9.96 71.87 8.37
CA VAL T 31 10.35 72.86 9.38
C VAL T 31 10.66 72.21 10.72
N LEU T 32 9.80 71.29 11.18
CA LEU T 32 10.16 70.56 12.40
C LEU T 32 11.49 69.84 12.32
N ALA T 33 11.69 69.04 11.26
CA ALA T 33 12.91 68.25 11.19
C ALA T 33 14.17 69.10 11.07
N GLU T 34 14.14 70.12 10.22
CA GLU T 34 15.37 70.91 10.03
C GLU T 34 15.67 71.82 11.21
N ASN T 35 14.70 72.01 12.10
CA ASN T 35 14.95 72.80 13.30
C ASN T 35 15.22 71.97 14.54
N GLY T 36 15.44 70.69 14.32
CA GLY T 36 15.91 69.81 15.39
C GLY T 36 14.86 68.97 16.10
N LEU T 37 13.63 68.94 15.57
CA LEU T 37 12.55 68.20 16.25
C LEU T 37 11.85 67.20 15.32
N PRO T 38 12.53 66.09 15.04
CA PRO T 38 12.05 65.15 14.04
C PRO T 38 11.03 64.18 14.61
N ALA T 39 9.89 64.73 15.03
CA ALA T 39 8.81 63.93 15.66
C ALA T 39 7.48 64.62 15.44
N ALA T 40 6.40 63.83 15.46
CA ALA T 40 5.09 64.38 15.26
C ALA T 40 4.06 63.38 15.73
N GLU T 41 3.11 63.85 16.51
CA GLU T 41 1.93 63.05 16.83
C GLU T 41 0.77 63.68 16.08
N ILE T 42 0.25 62.98 15.07
CA ILE T 42 -0.78 63.53 14.24
C ILE T 42 -2.13 63.10 14.76
N THR T 43 -2.93 64.05 15.22
CA THR T 43 -4.24 63.72 15.82
C THR T 43 -5.34 63.40 14.81
N PHE T 44 -6.12 62.36 15.12
CA PHE T 44 -7.25 61.93 14.28
C PHE T 44 -8.51 62.78 14.52
N ARG T 45 -8.31 64.08 14.35
CA ARG T 45 -9.39 65.02 14.44
C ARG T 45 -10.23 64.83 13.20
N SER T 46 -9.52 64.69 12.08
CA SER T 46 -10.12 64.54 10.77
C SER T 46 -9.53 63.39 9.97
N SER T 47 -10.30 62.89 9.02
CA SER T 47 -9.89 61.76 8.23
C SER T 47 -8.60 62.09 7.54
N ALA T 48 -8.36 63.38 7.33
CA ALA T 48 -7.16 63.77 6.65
C ALA T 48 -5.97 63.22 7.40
N ALA T 49 -6.07 63.19 8.71
CA ALA T 49 -4.92 62.71 9.48
C ALA T 49 -4.21 61.51 8.84
N VAL T 50 -5.00 60.61 8.24
CA VAL T 50 -4.43 59.39 7.67
C VAL T 50 -3.50 59.74 6.50
N LYS T 51 -4.01 60.56 5.59
CA LYS T 51 -3.21 61.02 4.46
C LYS T 51 -1.97 61.79 4.94
N ALA T 52 -2.14 62.64 5.95
CA ALA T 52 -1.01 63.34 6.55
C ALA T 52 0.08 62.42 7.05
N ILE T 53 -0.26 61.35 7.76
CA ILE T 53 0.74 60.41 8.19
C ILE T 53 1.47 59.80 6.97
N MET T 54 0.72 59.44 5.95
CA MET T 54 1.29 58.79 4.76
C MET T 54 2.25 59.76 4.04
N LEU T 55 1.83 60.99 3.84
CA LEU T 55 2.68 62.03 3.22
C LEU T 55 3.91 62.32 4.04
N LEU T 56 3.74 62.52 5.35
CA LEU T 56 4.89 62.74 6.21
C LEU T 56 5.92 61.60 6.22
N ARG T 57 5.44 60.34 6.24
CA ARG T 57 6.35 59.21 6.27
C ARG T 57 7.15 59.15 4.95
N SER T 58 6.49 59.47 3.85
CA SER T 58 7.17 59.53 2.55
C SER T 58 8.20 60.65 2.52
N ALA T 59 7.83 61.82 3.06
CA ALA T 59 8.68 63.01 2.98
C ALA T 59 9.81 63.04 4.01
N GLN T 60 9.55 62.44 5.18
CA GLN T 60 10.50 62.46 6.27
C GLN T 60 10.58 61.05 6.84
N PRO T 61 11.27 60.15 6.13
CA PRO T 61 11.22 58.72 6.49
C PRO T 61 11.68 58.36 7.90
N GLU T 62 12.63 59.12 8.46
CA GLU T 62 13.19 58.80 9.76
C GLU T 62 12.46 59.54 10.89
N MET T 63 11.42 60.26 10.58
CA MET T 63 10.67 60.99 11.57
C MET T 63 9.99 60.03 12.50
N LEU T 64 9.92 60.35 13.79
CA LEU T 64 9.08 59.59 14.73
C LEU T 64 7.66 60.06 14.50
N ILE T 65 6.78 59.18 14.02
CA ILE T 65 5.41 59.55 13.72
C ILE T 65 4.45 58.66 14.51
N GLY T 66 3.67 59.30 15.37
CA GLY T 66 2.57 58.64 16.08
C GLY T 66 1.24 59.21 15.62
N ALA T 67 0.16 58.50 15.91
CA ALA T 67 -1.16 59.00 15.62
C ALA T 67 -1.82 59.20 16.96
N GLY T 68 -2.53 60.30 17.09
CA GLY T 68 -3.24 60.59 18.34
C GLY T 68 -4.75 60.54 18.22
N THR T 69 -5.42 60.68 19.37
CA THR T 69 -6.88 60.63 19.43
C THR T 69 -7.43 59.33 18.88
N ILE T 70 -6.72 58.27 19.20
CA ILE T 70 -7.08 56.93 18.70
C ILE T 70 -8.04 56.29 19.71
N LEU T 71 -9.31 56.17 19.31
CA LEU T 71 -10.39 55.79 20.23
C LEU T 71 -10.81 54.34 20.04
N ASN T 72 -10.32 53.70 18.98
CA ASN T 72 -10.71 52.32 18.72
C ASN T 72 -9.68 51.60 17.85
N GLY T 73 -9.83 50.28 17.69
CA GLY T 73 -8.84 49.51 16.97
C GLY T 73 -8.86 49.82 15.48
N VAL T 74 -10.02 50.17 14.92
CA VAL T 74 -10.13 50.52 13.49
C VAL T 74 -9.22 51.72 13.18
N GLN T 75 -9.29 52.73 14.03
CA GLN T 75 -8.42 53.87 13.82
C GLN T 75 -6.96 53.52 14.02
N ALA T 76 -6.66 52.67 15.00
CA ALA T 76 -5.30 52.20 15.21
C ALA T 76 -4.75 51.49 13.96
N LEU T 77 -5.59 50.64 13.35
CA LEU T 77 -5.20 50.00 12.09
C LEU T 77 -4.95 51.03 10.97
N ALA T 78 -5.85 52.00 10.81
CA ALA T 78 -5.70 53.03 9.78
C ALA T 78 -4.35 53.70 9.98
N ALA T 79 -4.02 53.99 11.24
CA ALA T 79 -2.75 54.66 11.54
C ALA T 79 -1.55 53.78 11.24
N LYS T 80 -1.65 52.50 11.57
CA LYS T 80 -0.58 51.58 11.31
C LYS T 80 -0.33 51.47 9.80
N GLU T 81 -1.40 51.34 9.02
CA GLU T 81 -1.30 51.14 7.56
C GLU T 81 -0.77 52.39 6.91
N ALA T 82 -1.06 53.54 7.51
CA ALA T 82 -0.55 54.83 6.99
C ALA T 82 0.94 55.02 7.26
N GLY T 83 1.49 54.29 8.23
CA GLY T 83 2.91 54.39 8.55
C GLY T 83 3.26 54.91 9.94
N ALA T 84 2.27 55.14 10.80
CA ALA T 84 2.59 55.48 12.20
C ALA T 84 3.21 54.27 12.89
N THR T 85 4.15 54.50 13.81
CA THR T 85 4.74 53.41 14.58
C THR T 85 4.22 53.27 16.01
N PHE T 86 3.33 54.17 16.42
CA PHE T 86 2.64 54.03 17.72
C PHE T 86 1.38 54.86 17.65
N VAL T 87 0.44 54.54 18.53
CA VAL T 87 -0.76 55.33 18.68
C VAL T 87 -0.88 55.83 20.11
N VAL T 88 -1.60 56.92 20.23
CA VAL T 88 -1.87 57.55 21.52
C VAL T 88 -3.36 57.80 21.66
N SER T 89 -3.91 57.58 22.87
CA SER T 89 -5.32 57.86 23.15
C SER T 89 -5.40 58.86 24.29
N PRO T 90 -6.46 59.69 24.32
CA PRO T 90 -6.53 60.72 25.37
C PRO T 90 -6.80 60.09 26.73
N GLY T 91 -7.55 58.99 26.73
CA GLY T 91 -7.82 58.23 27.96
C GLY T 91 -7.45 56.76 27.76
N PHE T 92 -7.91 55.92 28.67
CA PHE T 92 -7.51 54.52 28.70
C PHE T 92 -8.76 53.68 28.47
N ASN T 93 -8.79 52.99 27.33
CA ASN T 93 -9.88 52.06 27.01
C ASN T 93 -9.23 50.70 26.82
N PRO T 94 -9.46 49.78 27.76
CA PRO T 94 -8.82 48.50 27.62
C PRO T 94 -9.23 47.78 26.32
N ASN T 95 -10.40 48.06 25.78
CA ASN T 95 -10.81 47.44 24.49
C ASN T 95 -9.90 47.94 23.37
N THR T 96 -9.56 49.22 23.43
CA THR T 96 -8.63 49.74 22.42
C THR T 96 -7.24 49.15 22.57
N VAL T 97 -6.77 49.07 23.81
CA VAL T 97 -5.47 48.49 24.09
C VAL T 97 -5.43 47.03 23.60
N ARG T 98 -6.47 46.26 23.92
CA ARG T 98 -6.56 44.88 23.44
C ARG T 98 -6.47 44.82 21.90
N ALA T 99 -7.23 45.67 21.23
CA ALA T 99 -7.22 45.70 19.76
C ALA T 99 -5.86 46.02 19.20
N CYS T 100 -5.15 46.95 19.83
CA CYS T 100 -3.80 47.31 19.38
C CYS T 100 -2.84 46.15 19.55
N GLN T 101 -2.99 45.39 20.61
CA GLN T 101 -2.15 44.24 20.82
C GLN T 101 -2.38 43.22 19.70
N ILE T 102 -3.62 43.07 19.30
CA ILE T 102 -4.01 42.08 18.29
C ILE T 102 -3.56 42.51 16.91
N ILE T 103 -3.70 43.80 16.59
CA ILE T 103 -3.31 44.23 15.24
C ILE T 103 -1.81 44.47 15.14
N GLY T 104 -1.17 44.59 16.30
CA GLY T 104 0.29 44.71 16.37
C GLY T 104 0.81 46.13 16.18
N ILE T 105 0.32 47.07 16.98
CA ILE T 105 0.94 48.41 17.06
C ILE T 105 0.96 48.86 18.53
N ASP T 106 2.04 49.52 18.90
CA ASP T 106 2.17 49.98 20.29
C ASP T 106 1.24 51.12 20.57
N ILE T 107 0.70 51.13 21.78
CA ILE T 107 -0.18 52.21 22.21
C ILE T 107 0.37 52.85 23.48
N VAL T 108 0.30 54.17 23.55
CA VAL T 108 0.59 54.93 24.76
C VAL T 108 -0.72 55.59 25.14
N PRO T 109 -1.45 54.97 26.08
CA PRO T 109 -2.76 55.51 26.44
C PRO T 109 -2.69 56.62 27.48
N GLY T 110 -3.69 57.50 27.50
CA GLY T 110 -3.75 58.56 28.51
C GLY T 110 -4.36 58.12 29.83
N VAL T 111 -3.77 58.60 30.91
CA VAL T 111 -4.31 58.42 32.26
C VAL T 111 -4.24 59.75 32.99
N ASN T 112 -5.01 59.87 34.07
CA ASN T 112 -4.86 61.08 34.90
C ASN T 112 -5.13 60.83 36.37
N ASN T 113 -5.18 59.56 36.80
CA ASN T 113 -5.37 59.26 38.24
C ASN T 113 -4.82 57.89 38.58
N PRO T 114 -4.72 57.57 39.86
CA PRO T 114 -4.12 56.31 40.32
C PRO T 114 -4.84 55.06 39.84
N SER T 115 -6.17 55.10 39.78
CA SER T 115 -6.91 53.92 39.37
C SER T 115 -6.66 53.60 37.91
N THR T 116 -6.58 54.63 37.07
CA THR T 116 -6.38 54.34 35.64
C THR T 116 -4.95 53.86 35.43
N VAL T 117 -4.01 54.41 36.20
CA VAL T 117 -2.63 53.88 36.12
C VAL T 117 -2.62 52.39 36.43
N GLU T 118 -3.32 51.99 37.48
CA GLU T 118 -3.31 50.57 37.87
C GLU T 118 -3.96 49.71 36.82
N ALA T 119 -5.00 50.21 36.18
CA ALA T 119 -5.65 49.51 35.07
C ALA T 119 -4.65 49.27 33.94
N ALA T 120 -3.86 50.29 33.62
CA ALA T 120 -2.87 50.16 32.54
C ALA T 120 -1.79 49.18 32.91
N LEU T 121 -1.29 49.27 34.15
CA LEU T 121 -0.21 48.38 34.61
C LEU T 121 -0.66 46.95 34.52
N GLU T 122 -1.94 46.71 34.80
CA GLU T 122 -2.44 45.36 34.82
C GLU T 122 -2.47 44.75 33.41
N MET T 123 -2.56 45.60 32.39
CA MET T 123 -2.48 45.17 31.00
C MET T 123 -1.07 45.19 30.41
N GLY T 124 -0.09 45.41 31.27
CA GLY T 124 1.32 45.33 30.89
C GLY T 124 1.90 46.60 30.30
N LEU T 125 1.18 47.71 30.47
CA LEU T 125 1.67 48.97 29.92
C LEU T 125 2.42 49.75 31.00
N THR T 126 3.49 50.45 30.62
CA THR T 126 4.23 51.27 31.57
C THR T 126 4.46 52.70 31.06
N THR T 127 4.54 52.90 29.73
CA THR T 127 4.61 54.26 29.16
C THR T 127 3.22 54.79 28.89
N LEU T 128 2.88 55.88 29.61
CA LEU T 128 1.51 56.38 29.59
C LEU T 128 1.54 57.88 29.35
N LYS T 129 0.51 58.37 28.67
CA LYS T 129 0.33 59.78 28.46
C LYS T 129 -0.39 60.30 29.70
N PHE T 130 0.00 61.46 30.20
CA PHE T 130 -0.70 62.03 31.39
C PHE T 130 -1.48 63.23 30.85
N PHE T 131 -2.81 63.10 30.78
CA PHE T 131 -3.64 64.04 30.06
C PHE T 131 -5.02 64.17 30.73
N PRO T 132 -5.56 65.40 30.83
CA PRO T 132 -4.90 66.68 30.46
C PRO T 132 -4.02 67.14 31.61
N ALA T 133 -2.77 67.47 31.32
CA ALA T 133 -1.78 67.55 32.39
C ALA T 133 -2.08 68.72 33.36
N GLU T 134 -2.24 69.93 32.84
CA GLU T 134 -2.47 71.06 33.75
C GLU T 134 -3.84 70.97 34.41
N ALA T 135 -4.84 70.64 33.63
CA ALA T 135 -6.22 70.64 34.17
C ALA T 135 -6.43 69.53 35.23
N SER T 136 -5.58 68.50 35.23
CA SER T 136 -5.69 67.40 36.18
C SER T 136 -4.89 67.62 37.46
N GLY T 137 -4.20 68.76 37.54
CA GLY T 137 -3.43 69.08 38.74
C GLY T 137 -1.95 69.29 38.50
N GLY T 138 -1.50 69.15 37.25
CA GLY T 138 -0.15 69.60 36.92
C GLY T 138 0.95 68.80 37.61
N ILE T 139 2.07 69.46 37.86
CA ILE T 139 3.22 68.77 38.43
C ILE T 139 2.92 68.11 39.76
N SER T 140 2.06 68.72 40.59
CA SER T 140 1.68 68.10 41.84
C SER T 140 1.01 66.73 41.62
N MET T 141 0.14 66.65 40.61
CA MET T 141 -0.41 65.38 40.28
C MET T 141 0.63 64.40 39.72
N VAL T 142 1.50 64.88 38.82
CA VAL T 142 2.50 63.98 38.29
C VAL T 142 3.32 63.34 39.41
N LYS T 143 3.76 64.15 40.36
CA LYS T 143 4.56 63.64 41.47
C LYS T 143 3.79 62.60 42.29
N SER T 144 2.49 62.80 42.45
CA SER T 144 1.66 61.82 43.15
C SER T 144 1.47 60.48 42.44
N LEU T 145 1.53 60.44 41.11
CA LEU T 145 1.47 59.18 40.37
C LEU T 145 2.76 58.42 40.23
N VAL T 146 3.85 59.13 39.97
CA VAL T 146 5.08 58.45 39.73
C VAL T 146 5.58 57.92 41.07
N GLY T 147 5.19 58.59 42.16
CA GLY T 147 5.62 58.21 43.50
C GLY T 147 5.27 56.76 43.86
N PRO T 148 3.99 56.40 43.81
CA PRO T 148 3.63 55.01 44.15
C PRO T 148 3.95 54.00 43.07
N TYR T 149 4.12 54.46 41.83
CA TYR T 149 4.23 53.55 40.70
C TYR T 149 5.59 53.69 40.03
N GLY T 150 6.59 53.01 40.59
CA GLY T 150 7.97 53.20 40.17
C GLY T 150 8.23 52.78 38.73
N ASP T 151 7.35 51.97 38.17
CA ASP T 151 7.57 51.42 36.82
C ASP T 151 7.06 52.31 35.69
N ILE T 152 6.19 53.25 36.01
CA ILE T 152 5.61 54.04 34.93
C ILE T 152 6.55 55.13 34.41
N ARG T 153 6.35 55.48 33.14
CA ARG T 153 7.07 56.59 32.51
C ARG T 153 5.99 57.41 31.82
N LEU T 154 6.05 58.73 31.94
CA LEU T 154 4.90 59.55 31.53
C LEU T 154 5.23 60.50 30.39
N MET T 155 4.22 60.75 29.58
CA MET T 155 4.27 61.82 28.61
C MET T 155 3.13 62.83 28.91
N PRO T 156 3.41 63.84 29.75
CA PRO T 156 2.39 64.84 30.08
C PRO T 156 2.04 65.66 28.85
N THR T 157 0.73 65.86 28.62
CA THR T 157 0.26 66.66 27.51
C THR T 157 -0.98 67.38 27.99
N GLY T 158 -1.19 68.62 27.50
CA GLY T 158 -2.37 69.39 27.89
C GLY T 158 -1.90 70.57 28.73
N GLY T 159 -1.86 71.73 28.09
CA GLY T 159 -1.49 72.94 28.80
C GLY T 159 0.01 73.13 28.98
N ILE T 160 0.79 72.32 28.29
CA ILE T 160 2.25 72.43 28.40
C ILE T 160 2.71 73.57 27.51
N THR T 161 3.60 74.39 28.04
CA THR T 161 4.11 75.57 27.32
C THR T 161 5.60 75.70 27.63
N PRO T 162 6.29 76.61 26.93
CA PRO T 162 7.67 76.76 27.31
C PRO T 162 7.85 77.24 28.75
N SER T 163 6.85 77.91 29.32
CA SER T 163 6.95 78.45 30.67
C SER T 163 6.80 77.40 31.75
N ASN T 164 6.21 76.26 31.41
CA ASN T 164 6.07 75.21 32.42
C ASN T 164 6.71 73.84 32.13
N ILE T 165 7.22 73.66 30.91
CA ILE T 165 7.74 72.35 30.54
C ILE T 165 8.95 71.90 31.39
N ASP T 166 9.80 72.83 31.79
CA ASP T 166 10.99 72.45 32.55
C ASP T 166 10.62 71.75 33.84
N ASN T 167 9.56 72.19 34.48
CA ASN T 167 9.13 71.62 35.73
C ASN T 167 8.71 70.18 35.54
N TYR T 168 8.04 69.89 34.45
CA TYR T 168 7.69 68.51 34.16
C TYR T 168 8.91 67.65 33.82
N LEU T 169 9.80 68.17 32.97
CA LEU T 169 10.96 67.40 32.59
C LEU T 169 11.93 67.13 33.76
N ALA T 170 11.86 67.96 34.79
CA ALA T 170 12.69 67.76 35.97
C ALA T 170 12.31 66.48 36.75
N ILE T 171 11.13 65.94 36.51
CA ILE T 171 10.72 64.66 37.12
C ILE T 171 11.30 63.50 36.33
N PRO T 172 12.13 62.65 36.97
CA PRO T 172 12.84 61.60 36.25
C PRO T 172 11.97 60.65 35.41
N GLN T 173 10.79 60.33 35.92
CA GLN T 173 9.91 59.42 35.21
C GLN T 173 9.13 60.07 34.07
N VAL T 174 9.27 61.38 33.89
CA VAL T 174 8.70 62.02 32.71
C VAL T 174 9.67 61.89 31.53
N LEU T 175 9.22 61.30 30.44
CA LEU T 175 10.09 61.06 29.27
C LEU T 175 10.11 62.29 28.38
N ALA T 176 8.92 62.81 28.11
CA ALA T 176 8.78 63.94 27.20
C ALA T 176 7.40 64.49 27.41
N CYS T 177 7.18 65.72 26.94
CA CYS T 177 5.87 66.31 27.00
C CYS T 177 5.32 66.58 25.62
N GLY T 178 4.02 66.45 25.46
CA GLY T 178 3.39 66.80 24.17
C GLY T 178 3.00 68.27 24.20
N GLY T 179 3.18 68.94 23.08
CA GLY T 179 2.88 70.36 23.02
C GLY T 179 2.33 70.73 21.67
N THR T 180 1.35 71.64 21.66
CA THR T 180 0.76 72.08 20.42
C THR T 180 1.27 73.46 20.01
N TRP T 181 1.94 74.17 20.92
CA TRP T 181 2.11 75.61 20.69
C TRP T 181 2.99 75.91 19.48
N MET T 182 3.98 75.06 19.23
CA MET T 182 4.92 75.32 18.12
C MET T 182 4.32 74.88 16.79
N VAL T 183 3.21 74.15 16.82
CA VAL T 183 2.54 73.72 15.57
C VAL T 183 1.06 74.14 15.56
N ASP T 184 0.74 75.20 16.28
CA ASP T 184 -0.64 75.62 16.41
C ASP T 184 -1.32 75.78 15.03
N LYS T 185 -2.56 75.33 14.93
CA LYS T 185 -3.25 75.30 13.65
C LYS T 185 -3.30 76.70 13.04
N LYS T 186 -3.52 77.70 13.89
CA LYS T 186 -3.47 79.09 13.43
C LYS T 186 -2.21 79.43 12.66
N LEU T 187 -1.04 79.03 13.18
CA LEU T 187 0.25 79.28 12.52
C LEU T 187 0.33 78.54 11.20
N VAL T 188 -0.13 77.29 11.19
CA VAL T 188 -0.07 76.48 9.97
C VAL T 188 -1.03 77.06 8.91
N THR T 189 -2.26 77.30 9.31
CA THR T 189 -3.27 77.91 8.44
C THR T 189 -2.79 79.20 7.79
N ASN T 190 -1.99 79.98 8.53
CA ASN T 190 -1.54 81.28 8.07
C ASN T 190 -0.17 81.23 7.41
N GLY T 191 0.36 80.02 7.26
CA GLY T 191 1.69 79.85 6.67
C GLY T 191 2.79 80.60 7.39
N GLU T 192 2.69 80.69 8.73
CA GLU T 192 3.73 81.34 9.53
C GLU T 192 4.94 80.44 9.75
N TRP T 193 5.57 79.99 8.66
CA TRP T 193 6.67 79.03 8.76
C TRP T 193 7.88 79.56 9.52
N ASP T 194 8.17 80.85 9.38
CA ASP T 194 9.30 81.41 10.11
C ASP T 194 9.05 81.35 11.63
N GLU T 195 7.81 81.58 12.04
CA GLU T 195 7.49 81.58 13.48
C GLU T 195 7.51 80.14 14.03
N ILE T 196 6.98 79.20 13.26
CA ILE T 196 7.07 77.78 13.66
C ILE T 196 8.55 77.38 13.79
N ALA T 197 9.38 77.80 12.85
CA ALA T 197 10.78 77.48 12.94
C ALA T 197 11.43 78.07 14.19
N ARG T 198 11.09 79.33 14.49
CA ARG T 198 11.59 79.98 15.69
C ARG T 198 11.15 79.27 16.99
N LEU T 199 9.87 78.96 17.09
CA LEU T 199 9.35 78.24 18.27
C LEU T 199 10.01 76.88 18.42
N THR T 200 10.21 76.20 17.29
CA THR T 200 10.86 74.88 17.34
C THR T 200 12.33 75.00 17.78
N ARG T 201 13.10 75.92 17.17
CA ARG T 201 14.48 76.06 17.60
C ARG T 201 14.58 76.45 19.07
N GLU T 202 13.67 77.32 19.49
CA GLU T 202 13.72 77.82 20.84
C GLU T 202 13.48 76.70 21.85
N ILE T 203 12.47 75.85 21.59
CA ILE T 203 12.20 74.77 22.54
C ILE T 203 13.29 73.69 22.55
N VAL T 204 13.86 73.39 21.38
CA VAL T 204 14.95 72.42 21.30
C VAL T 204 16.14 72.90 22.11
N GLU T 205 16.48 74.18 21.98
CA GLU T 205 17.57 74.75 22.75
C GLU T 205 17.24 74.75 24.24
N GLN T 206 15.99 75.04 24.56
CA GLN T 206 15.59 75.05 25.96
C GLN T 206 15.72 73.66 26.65
N VAL T 207 15.23 72.61 26.01
CA VAL T 207 15.18 71.30 26.68
C VAL T 207 16.44 70.46 26.52
N ASN T 208 17.18 70.74 25.45
CA ASN T 208 18.39 70.00 25.16
C ASN T 208 19.51 71.01 24.99
N PRO T 209 19.84 71.72 26.08
CA PRO T 209 20.85 72.78 26.01
C PRO T 209 22.25 72.23 25.80
N SER U 2 -15.14 47.56 61.19
CA SER U 2 -15.79 48.36 62.23
C SER U 2 -14.77 48.75 63.29
N THR U 3 -13.90 47.82 63.64
CA THR U 3 -12.88 48.14 64.59
C THR U 3 -11.99 49.17 63.92
N ILE U 4 -11.71 48.95 62.64
CA ILE U 4 -10.85 49.85 61.89
C ILE U 4 -11.40 51.26 61.72
N ASN U 5 -12.68 51.40 61.39
CA ASN U 5 -13.22 52.72 61.20
C ASN U 5 -13.10 53.47 62.51
N ASN U 6 -13.45 52.81 63.59
CA ASN U 6 -13.39 53.43 64.89
C ASN U 6 -11.98 53.83 65.26
N GLN U 7 -11.03 52.96 64.97
CA GLN U 7 -9.65 53.26 65.30
C GLN U 7 -9.20 54.49 64.53
N LEU U 8 -9.56 54.54 63.26
CA LEU U 8 -9.16 55.67 62.44
C LEU U 8 -9.76 56.93 62.98
N LYS U 9 -11.02 56.84 63.39
CA LYS U 9 -11.73 57.98 63.91
C LYS U 9 -11.06 58.51 65.16
N ALA U 10 -10.64 57.61 66.04
CA ALA U 10 -9.99 58.06 67.27
C ALA U 10 -8.65 58.77 67.06
N LEU U 11 -7.86 58.23 66.16
CA LEU U 11 -6.51 58.73 65.86
C LEU U 11 -6.49 60.06 65.12
N LYS U 12 -7.37 60.17 64.13
CA LYS U 12 -7.52 61.34 63.23
C LYS U 12 -6.38 61.57 62.25
N VAL U 13 -5.20 61.07 62.56
CA VAL U 13 -4.04 61.23 61.69
C VAL U 13 -3.27 59.93 61.69
N ILE U 14 -2.96 59.45 60.50
CA ILE U 14 -2.19 58.19 60.39
C ILE U 14 -0.84 58.47 59.73
N PRO U 15 0.26 58.20 60.46
CA PRO U 15 1.57 58.34 59.84
C PRO U 15 1.73 57.37 58.67
N VAL U 16 2.08 57.93 57.53
CA VAL U 16 2.43 57.19 56.35
C VAL U 16 3.94 57.14 56.23
N ILE U 17 4.49 55.95 56.40
CA ILE U 17 5.92 55.72 56.58
C ILE U 17 6.62 55.08 55.39
N ALA U 18 7.66 55.74 54.90
CA ALA U 18 8.52 55.19 53.88
C ALA U 18 9.88 54.98 54.54
N ILE U 19 10.21 53.73 54.79
CA ILE U 19 11.38 53.37 55.58
C ILE U 19 12.45 52.85 54.64
N ASP U 20 13.72 53.16 54.91
CA ASP U 20 14.83 52.66 54.10
C ASP U 20 15.42 51.43 54.76
N ASN U 21 15.78 51.58 56.03
CA ASN U 21 16.29 50.50 56.82
C ASN U 21 15.22 50.04 57.77
N ALA U 22 14.84 48.76 57.66
CA ALA U 22 13.72 48.26 58.45
C ALA U 22 13.92 48.45 59.94
N GLU U 23 15.16 48.35 60.40
CA GLU U 23 15.51 48.50 61.81
C GLU U 23 15.03 49.85 62.37
N ASP U 24 14.98 50.86 61.50
CA ASP U 24 14.58 52.21 61.85
C ASP U 24 13.12 52.29 62.33
N ILE U 25 12.33 51.26 62.05
CA ILE U 25 10.93 51.26 62.47
C ILE U 25 10.80 51.14 63.98
N ILE U 26 11.84 50.62 64.64
CA ILE U 26 11.75 50.41 66.07
C ILE U 26 11.81 51.75 66.83
N PRO U 27 12.88 52.53 66.61
CA PRO U 27 12.86 53.83 67.31
C PRO U 27 11.70 54.72 66.82
N LEU U 28 11.38 54.65 65.53
CA LEU U 28 10.26 55.46 64.98
C LEU U 28 8.94 55.12 65.66
N GLY U 29 8.64 53.83 65.76
CA GLY U 29 7.42 53.38 66.42
C GLY U 29 7.36 53.76 67.90
N LYS U 30 8.53 53.73 68.56
CA LYS U 30 8.60 54.08 69.98
C LYS U 30 8.23 55.56 70.14
N VAL U 31 8.82 56.39 69.29
CA VAL U 31 8.54 57.83 69.33
C VAL U 31 7.08 58.12 68.99
N LEU U 32 6.57 57.49 67.93
CA LEU U 32 5.12 57.67 67.65
C LEU U 32 4.24 57.26 68.82
N ALA U 33 4.44 56.05 69.35
CA ALA U 33 3.56 55.55 70.39
C ALA U 33 3.63 56.39 71.69
N GLU U 34 4.83 56.72 72.11
CA GLU U 34 4.95 57.45 73.40
C GLU U 34 4.52 58.92 73.28
N ASN U 35 4.38 59.41 72.05
CA ASN U 35 3.89 60.77 71.86
C ASN U 35 2.43 60.85 71.50
N GLY U 36 1.73 59.71 71.65
CA GLY U 36 0.29 59.70 71.53
C GLY U 36 -0.29 59.26 70.20
N LEU U 37 0.56 58.72 69.31
CA LEU U 37 0.07 58.35 67.97
C LEU U 37 0.42 56.89 67.61
N PRO U 38 -0.30 55.95 68.22
CA PRO U 38 0.06 54.53 68.11
C PRO U 38 -0.50 53.91 66.83
N ALA U 39 -0.04 54.42 65.69
CA ALA U 39 -0.51 53.95 64.38
C ALA U 39 0.56 54.17 63.32
N ALA U 40 0.52 53.36 62.28
CA ALA U 40 1.50 53.48 61.22
C ALA U 40 1.00 52.77 59.99
N GLU U 41 1.08 53.43 58.85
CA GLU U 41 0.86 52.78 57.57
C GLU U 41 2.21 52.66 56.90
N ILE U 42 2.74 51.44 56.78
CA ILE U 42 4.06 51.25 56.25
C ILE U 42 3.97 50.96 54.77
N THR U 43 4.51 51.87 53.96
CA THR U 43 4.42 51.74 52.49
C THR U 43 5.39 50.72 51.88
N PHE U 44 4.86 49.93 50.94
CA PHE U 44 5.66 48.92 50.21
C PHE U 44 6.48 49.54 49.07
N ARG U 45 7.41 50.43 49.44
CA ARG U 45 8.32 51.09 48.50
C ARG U 45 9.58 50.25 48.24
N SER U 46 9.80 49.26 49.09
CA SER U 46 10.91 48.33 48.94
C SER U 46 10.65 47.07 49.77
N SER U 47 11.46 46.04 49.53
CA SER U 47 11.33 44.81 50.33
C SER U 47 11.40 45.04 51.83
N ALA U 48 12.10 46.09 52.25
CA ALA U 48 12.26 46.38 53.70
C ALA U 48 10.94 46.62 54.45
N ALA U 49 9.88 46.97 53.73
CA ALA U 49 8.60 47.20 54.39
C ALA U 49 8.07 45.99 55.16
N VAL U 50 8.28 44.79 54.60
CA VAL U 50 7.76 43.57 55.23
C VAL U 50 8.43 43.34 56.58
N LYS U 51 9.76 43.41 56.59
CA LYS U 51 10.51 43.27 57.84
C LYS U 51 10.12 44.36 58.84
N ALA U 52 9.96 45.59 58.36
CA ALA U 52 9.51 46.69 59.22
C ALA U 52 8.18 46.40 59.90
N ILE U 53 7.18 45.89 59.16
CA ILE U 53 5.94 45.54 59.79
C ILE U 53 6.16 44.47 60.90
N MET U 54 6.97 43.48 60.59
CA MET U 54 7.23 42.38 61.54
C MET U 54 7.91 42.90 62.81
N LEU U 55 8.93 43.71 62.64
CA LEU U 55 9.65 44.33 63.78
C LEU U 55 8.75 45.25 64.59
N LEU U 56 8.00 46.12 63.91
CA LEU U 56 7.06 46.97 64.62
C LEU U 56 5.97 46.22 65.41
N ARG U 57 5.43 45.14 64.85
CA ARG U 57 4.38 44.40 65.53
C ARG U 57 4.97 43.73 66.80
N SER U 58 6.21 43.27 66.69
CA SER U 58 6.90 42.68 67.84
C SER U 58 7.17 43.74 68.91
N ALA U 59 7.59 44.92 68.48
CA ALA U 59 8.02 45.99 69.41
C ALA U 59 6.85 46.77 70.00
N GLN U 60 5.78 46.91 69.22
CA GLN U 60 4.64 47.70 69.64
C GLN U 60 3.38 46.90 69.32
N PRO U 61 3.08 45.89 70.13
CA PRO U 61 2.03 44.94 69.78
C PRO U 61 0.63 45.52 69.58
N GLU U 62 0.30 46.60 70.28
CA GLU U 62 -1.05 47.17 70.21
C GLU U 62 -1.13 48.30 69.17
N MET U 63 -0.07 48.53 68.44
CA MET U 63 -0.05 49.56 67.43
C MET U 63 -1.00 49.20 66.32
N LEU U 64 -1.71 50.18 65.76
CA LEU U 64 -2.48 49.96 64.53
C LEU U 64 -1.47 49.98 63.40
N ILE U 65 -1.31 48.85 62.70
CA ILE U 65 -0.33 48.75 61.62
C ILE U 65 -1.04 48.33 60.34
N GLY U 66 -0.96 49.20 59.35
CA GLY U 66 -1.42 48.90 57.99
C GLY U 66 -0.25 48.88 57.04
N ALA U 67 -0.43 48.29 55.86
CA ALA U 67 0.59 48.30 54.85
C ALA U 67 0.02 49.13 53.72
N GLY U 68 0.85 49.98 53.14
CA GLY U 68 0.40 50.81 52.02
C GLY U 68 1.06 50.45 50.69
N THR U 69 0.59 51.11 49.62
CA THR U 69 1.09 50.87 48.28
C THR U 69 0.93 49.41 47.86
N ILE U 70 -0.18 48.86 48.26
CA ILE U 70 -0.46 47.43 47.99
C ILE U 70 -1.17 47.34 46.64
N LEU U 71 -0.46 46.79 45.65
CA LEU U 71 -0.90 46.84 44.26
C LEU U 71 -1.44 45.48 43.79
N ASN U 72 -1.25 44.45 44.61
CA ASN U 72 -1.72 43.12 44.21
C ASN U 72 -1.93 42.22 45.41
N GLY U 73 -2.54 41.05 45.20
CA GLY U 73 -2.85 40.18 46.33
C GLY U 73 -1.60 39.58 46.95
N VAL U 74 -0.54 39.34 46.17
CA VAL U 74 0.72 38.81 46.70
C VAL U 74 1.27 39.73 47.78
N GLN U 75 1.29 41.03 47.48
CA GLN U 75 1.76 41.97 48.48
C GLN U 75 0.83 42.03 49.68
N ALA U 76 -0.48 41.96 49.45
CA ALA U 76 -1.44 41.92 50.55
C ALA U 76 -1.20 40.73 51.47
N LEU U 77 -0.91 39.57 50.88
CA LEU U 77 -0.54 38.39 51.68
C LEU U 77 0.76 38.62 52.48
N ALA U 78 1.79 39.17 51.85
CA ALA U 78 3.06 39.44 52.51
C ALA U 78 2.77 40.33 53.72
N ALA U 79 1.92 41.32 53.53
CA ALA U 79 1.59 42.24 54.63
C ALA U 79 0.82 41.56 55.75
N LYS U 80 -0.12 40.69 55.38
CA LYS U 80 -0.90 39.98 56.35
C LYS U 80 0.02 39.07 57.20
N GLU U 81 0.92 38.35 56.53
CA GLU U 81 1.80 37.38 57.21
C GLU U 81 2.79 38.10 58.09
N ALA U 82 3.13 39.33 57.71
CA ALA U 82 4.05 40.14 58.51
C ALA U 82 3.39 40.70 59.78
N GLY U 83 2.06 40.76 59.79
CA GLY U 83 1.32 41.26 60.95
C GLY U 83 0.50 42.51 60.75
N ALA U 84 0.41 43.03 59.52
CA ALA U 84 -0.50 44.14 59.28
C ALA U 84 -1.96 43.67 59.41
N THR U 85 -2.84 44.53 59.91
CA THR U 85 -4.26 44.18 60.01
C THR U 85 -5.15 44.81 58.92
N PHE U 86 -4.56 45.62 58.05
CA PHE U 86 -5.30 46.13 56.88
C PHE U 86 -4.28 46.55 55.85
N VAL U 87 -4.72 46.65 54.60
CA VAL U 87 -3.88 47.16 53.55
C VAL U 87 -4.56 48.36 52.90
N VAL U 88 -3.73 49.20 52.30
CA VAL U 88 -4.17 50.39 51.60
C VAL U 88 -3.53 50.42 50.22
N SER U 89 -4.30 50.84 49.21
CA SER U 89 -3.78 51.00 47.84
C SER U 89 -3.98 52.43 47.41
N PRO U 90 -3.10 52.95 46.53
CA PRO U 90 -3.22 54.36 46.14
C PRO U 90 -4.45 54.58 45.26
N GLY U 91 -4.79 53.58 44.46
CA GLY U 91 -6.00 53.63 43.63
C GLY U 91 -6.85 52.38 43.89
N PHE U 92 -7.81 52.15 43.01
CA PHE U 92 -8.79 51.10 43.21
C PHE U 92 -8.62 50.09 42.08
N ASN U 93 -8.22 48.88 42.45
CA ASN U 93 -8.10 47.77 41.50
C ASN U 93 -9.00 46.66 42.01
N PRO U 94 -10.11 46.42 41.31
CA PRO U 94 -11.02 45.42 41.82
C PRO U 94 -10.35 44.04 41.90
N ASN U 95 -9.33 43.76 41.09
CA ASN U 95 -8.63 42.46 41.20
C ASN U 95 -7.91 42.38 42.53
N THR U 96 -7.32 43.49 42.96
CA THR U 96 -6.68 43.50 44.28
C THR U 96 -7.67 43.34 45.40
N VAL U 97 -8.79 44.05 45.31
CA VAL U 97 -9.84 43.95 46.30
C VAL U 97 -10.37 42.51 46.42
N ARG U 98 -10.64 41.89 45.28
CA ARG U 98 -11.08 40.48 45.28
C ARG U 98 -10.04 39.57 45.96
N ALA U 99 -8.77 39.77 45.62
CA ALA U 99 -7.69 38.95 46.20
C ALA U 99 -7.65 39.12 47.71
N CYS U 100 -7.84 40.35 48.20
CA CYS U 100 -7.83 40.60 49.64
C CYS U 100 -9.01 39.92 50.32
N GLN U 101 -10.15 39.88 49.65
CA GLN U 101 -11.30 39.21 50.19
C GLN U 101 -11.01 37.72 50.34
N ILE U 102 -10.32 37.16 49.37
CA ILE U 102 -10.02 35.73 49.33
C ILE U 102 -8.97 35.37 50.36
N ILE U 103 -7.94 36.19 50.50
CA ILE U 103 -6.88 35.85 51.45
C ILE U 103 -7.27 36.23 52.88
N GLY U 104 -8.28 37.10 52.99
CA GLY U 104 -8.82 37.47 54.29
C GLY U 104 -8.07 38.59 55.00
N ILE U 105 -7.90 39.72 54.33
CA ILE U 105 -7.43 40.95 55.00
C ILE U 105 -8.22 42.15 54.46
N ASP U 106 -8.52 43.07 55.36
CA ASP U 106 -9.29 44.25 54.95
C ASP U 106 -8.45 45.18 54.11
N ILE U 107 -9.11 45.78 53.12
CA ILE U 107 -8.42 46.75 52.27
C ILE U 107 -9.19 48.07 52.31
N VAL U 108 -8.43 49.17 52.36
CA VAL U 108 -8.97 50.53 52.21
C VAL U 108 -8.34 51.06 50.92
N PRO U 109 -9.07 50.97 49.81
CA PRO U 109 -8.50 51.39 48.53
C PRO U 109 -8.63 52.89 48.29
N GLY U 110 -7.72 53.44 47.48
CA GLY U 110 -7.80 54.87 47.12
C GLY U 110 -8.76 55.16 45.97
N VAL U 111 -9.48 56.26 46.11
CA VAL U 111 -10.32 56.79 45.04
C VAL U 111 -10.10 58.29 44.94
N ASN U 112 -10.50 58.89 43.82
CA ASN U 112 -10.44 60.34 43.74
C ASN U 112 -11.53 60.94 42.86
N ASN U 113 -12.55 60.15 42.50
CA ASN U 113 -13.67 60.70 41.70
C ASN U 113 -14.92 59.88 41.91
N PRO U 114 -16.07 60.35 41.44
CA PRO U 114 -17.36 59.69 41.65
C PRO U 114 -17.46 58.29 41.07
N SER U 115 -16.87 58.09 39.89
CA SER U 115 -16.96 56.78 39.25
C SER U 115 -16.22 55.73 40.06
N THR U 116 -15.05 56.10 40.58
CA THR U 116 -14.29 55.09 41.33
C THR U 116 -14.99 54.82 42.65
N VAL U 117 -15.58 55.85 43.25
CA VAL U 117 -16.38 55.61 44.47
C VAL U 117 -17.46 54.58 44.19
N GLU U 118 -18.18 54.75 43.08
CA GLU U 118 -19.28 53.82 42.77
C GLU U 118 -18.78 52.42 42.53
N ALA U 119 -17.61 52.30 41.90
CA ALA U 119 -16.98 51.00 41.70
C ALA U 119 -16.71 50.32 43.04
N ALA U 120 -16.20 51.08 44.00
CA ALA U 120 -15.90 50.53 45.33
C ALA U 120 -17.16 50.13 46.05
N LEU U 121 -18.18 50.99 45.99
CA LEU U 121 -19.45 50.71 46.69
C LEU U 121 -20.06 49.44 46.16
N GLU U 122 -19.88 49.20 44.86
CA GLU U 122 -20.48 48.02 44.26
C GLU U 122 -19.83 46.73 44.75
N MET U 123 -18.57 46.82 45.17
CA MET U 123 -17.86 45.69 45.78
C MET U 123 -17.99 45.61 47.30
N GLY U 124 -18.86 46.43 47.86
CA GLY U 124 -19.20 46.38 49.28
C GLY U 124 -18.26 47.17 50.18
N LEU U 125 -17.46 48.05 49.59
CA LEU U 125 -16.53 48.82 50.39
C LEU U 125 -17.15 50.20 50.70
N THR U 126 -16.88 50.72 51.90
CA THR U 126 -17.38 52.03 52.27
C THR U 126 -16.27 52.93 52.85
N THR U 127 -15.25 52.35 53.48
CA THR U 127 -14.08 53.13 53.93
C THR U 127 -13.01 53.19 52.84
N LEU U 128 -12.77 54.42 52.36
CA LEU U 128 -11.92 54.58 51.19
C LEU U 128 -10.88 55.67 51.47
N LYS U 129 -9.71 55.51 50.88
CA LYS U 129 -8.68 56.50 50.95
C LYS U 129 -8.97 57.50 49.85
N PHE U 130 -8.81 58.79 50.12
CA PHE U 130 -9.03 59.80 49.05
C PHE U 130 -7.64 60.33 48.70
N PHE U 131 -7.15 59.96 47.53
CA PHE U 131 -5.76 60.18 47.16
C PHE U 131 -5.61 60.44 45.65
N PRO U 132 -4.76 61.40 45.26
CA PRO U 132 -4.02 62.33 46.15
C PRO U 132 -4.91 63.51 46.52
N ALA U 133 -5.00 63.81 47.81
CA ALA U 133 -6.11 64.65 48.27
C ALA U 133 -6.01 66.08 47.71
N GLU U 134 -4.87 66.74 47.93
CA GLU U 134 -4.76 68.13 47.46
C GLU U 134 -4.75 68.22 45.94
N ALA U 135 -3.98 67.34 45.31
CA ALA U 135 -3.82 67.42 43.84
C ALA U 135 -5.15 67.09 43.10
N SER U 136 -6.07 66.40 43.77
CA SER U 136 -7.35 66.04 43.15
C SER U 136 -8.44 67.07 43.37
N GLY U 137 -8.11 68.15 44.08
CA GLY U 137 -9.08 69.21 44.31
C GLY U 137 -9.38 69.49 45.77
N GLY U 138 -8.74 68.74 46.67
CA GLY U 138 -8.79 69.14 48.08
C GLY U 138 -10.17 69.06 48.70
N ILE U 139 -10.42 69.93 49.68
CA ILE U 139 -11.67 69.88 50.40
C ILE U 139 -12.87 70.05 49.52
N SER U 140 -12.78 70.88 48.46
CA SER U 140 -13.88 71.02 47.54
C SER U 140 -14.25 69.69 46.87
N MET U 141 -13.23 68.90 46.51
CA MET U 141 -13.52 67.60 45.99
C MET U 141 -14.11 66.67 47.07
N VAL U 142 -13.53 66.68 48.28
CA VAL U 142 -14.07 65.82 49.29
C VAL U 142 -15.56 66.07 49.52
N LYS U 143 -15.94 67.35 49.60
CA LYS U 143 -17.35 67.69 49.81
C LYS U 143 -18.23 67.19 48.66
N SER U 144 -17.71 67.24 47.44
CA SER U 144 -18.45 66.70 46.28
C SER U 144 -18.65 65.19 46.27
N LEU U 145 -17.76 64.41 46.88
CA LEU U 145 -17.94 62.97 46.99
C LEU U 145 -18.80 62.49 48.14
N VAL U 146 -18.62 63.09 49.30
CA VAL U 146 -19.34 62.60 50.43
C VAL U 146 -20.79 63.02 50.28
N GLY U 147 -21.03 64.10 49.54
CA GLY U 147 -22.36 64.64 49.33
C GLY U 147 -23.32 63.62 48.72
N PRO U 148 -23.00 63.09 47.54
CA PRO U 148 -23.91 62.11 46.92
C PRO U 148 -23.85 60.73 47.54
N TYR U 149 -22.77 60.42 48.26
CA TYR U 149 -22.54 59.06 48.73
C TYR U 149 -22.52 59.02 50.26
N GLY U 150 -23.71 58.95 50.85
CA GLY U 150 -23.85 59.09 52.31
C GLY U 150 -23.17 57.98 53.09
N ASP U 151 -22.89 56.86 52.44
CA ASP U 151 -22.34 55.68 53.12
C ASP U 151 -20.82 55.68 53.23
N ILE U 152 -20.15 56.48 52.42
CA ILE U 152 -18.69 56.41 52.42
C ILE U 152 -18.07 57.14 53.62
N ARG U 153 -16.89 56.67 53.99
CA ARG U 153 -16.08 57.33 55.02
C ARG U 153 -14.68 57.42 54.43
N LEU U 154 -14.02 58.56 54.57
CA LEU U 154 -12.80 58.80 53.79
C LEU U 154 -11.57 58.97 54.66
N MET U 155 -10.43 58.55 54.11
CA MET U 155 -9.14 58.87 54.67
C MET U 155 -8.33 59.67 53.64
N PRO U 156 -8.45 61.00 53.65
CA PRO U 156 -7.69 61.82 52.70
C PRO U 156 -6.20 61.73 52.98
N THR U 157 -5.41 61.55 51.92
CA THR U 157 -3.96 61.49 52.04
C THR U 157 -3.40 62.14 50.80
N GLY U 158 -2.25 62.82 50.94
CA GLY U 158 -1.61 63.47 49.80
C GLY U 158 -1.70 64.97 50.00
N GLY U 159 -0.59 65.56 50.43
CA GLY U 159 -0.53 67.00 50.61
C GLY U 159 -1.14 67.50 51.88
N ILE U 160 -1.44 66.58 52.80
CA ILE U 160 -2.03 66.96 54.09
C ILE U 160 -0.91 67.46 55.01
N THR U 161 -1.18 68.57 55.67
CA THR U 161 -0.18 69.19 56.56
C THR U 161 -0.91 69.73 57.78
N PRO U 162 -0.15 70.16 58.80
CA PRO U 162 -0.89 70.73 59.90
C PRO U 162 -1.70 71.96 59.53
N SER U 163 -1.31 72.66 58.46
CA SER U 163 -2.01 73.89 58.04
C SER U 163 -3.32 73.64 57.35
N ASN U 164 -3.51 72.41 56.83
CA ASN U 164 -4.80 72.12 56.18
C ASN U 164 -5.61 70.95 56.73
N ILE U 165 -5.07 70.20 57.67
CA ILE U 165 -5.78 69.03 58.15
C ILE U 165 -7.11 69.33 58.84
N ASP U 166 -7.19 70.46 59.55
CA ASP U 166 -8.42 70.77 60.26
C ASP U 166 -9.60 70.89 59.31
N ASN U 167 -9.37 71.44 58.14
CA ASN U 167 -10.44 71.61 57.17
C ASN U 167 -10.97 70.28 56.72
N TYR U 168 -10.10 69.30 56.54
CA TYR U 168 -10.56 67.98 56.19
C TYR U 168 -11.30 67.30 57.34
N LEU U 169 -10.74 67.38 58.55
CA LEU U 169 -11.38 66.72 59.68
C LEU U 169 -12.75 67.33 60.05
N ALA U 170 -12.97 68.57 59.64
CA ALA U 170 -14.26 69.22 59.88
C ALA U 170 -15.41 68.57 59.08
N ILE U 171 -15.08 67.81 58.05
CA ILE U 171 -16.09 67.05 57.29
C ILE U 171 -16.43 65.75 58.01
N PRO U 172 -17.71 65.58 58.40
CA PRO U 172 -18.10 64.44 59.23
C PRO U 172 -17.71 63.06 58.69
N GLN U 173 -17.79 62.88 57.38
CA GLN U 173 -17.46 61.60 56.78
C GLN U 173 -15.96 61.36 56.61
N VAL U 174 -15.13 62.33 56.96
CA VAL U 174 -13.69 62.08 57.01
C VAL U 174 -13.32 61.47 58.36
N LEU U 175 -12.70 60.30 58.33
CA LEU U 175 -12.36 59.58 59.59
C LEU U 175 -11.02 60.07 60.11
N ALA U 176 -10.06 60.14 59.20
CA ALA U 176 -8.70 60.50 59.56
C ALA U 176 -7.98 60.85 58.29
N CYS U 177 -6.85 61.54 58.42
CA CYS U 177 -6.03 61.83 57.26
C CYS U 177 -4.67 61.18 57.38
N GLY U 178 -4.12 60.76 56.26
CA GLY U 178 -2.75 60.22 56.27
C GLY U 178 -1.77 61.34 56.05
N GLY U 179 -0.65 61.28 56.76
CA GLY U 179 0.34 62.35 56.67
C GLY U 179 1.74 61.79 56.76
N THR U 180 2.65 62.35 55.99
CA THR U 180 4.02 61.90 56.01
C THR U 180 4.91 62.88 56.79
N TRP U 181 4.42 64.07 57.09
CA TRP U 181 5.35 65.13 57.50
C TRP U 181 6.04 64.83 58.83
N MET U 182 5.33 64.16 59.74
CA MET U 182 5.90 63.89 61.06
C MET U 182 6.83 62.68 61.04
N VAL U 183 6.82 61.92 59.94
CA VAL U 183 7.72 60.77 59.80
C VAL U 183 8.55 60.85 58.52
N ASP U 184 8.78 62.07 58.04
CA ASP U 184 9.49 62.24 56.79
C ASP U 184 10.83 61.49 56.77
N LYS U 185 11.13 60.86 55.64
CA LYS U 185 12.30 59.99 55.54
C LYS U 185 13.55 60.78 55.90
N LYS U 186 13.62 62.02 55.46
CA LYS U 186 14.74 62.89 55.83
C LYS U 186 14.99 62.94 57.35
N LEU U 187 13.93 63.09 58.14
CA LEU U 187 14.04 63.14 59.61
C LEU U 187 14.51 61.79 60.13
N VAL U 188 13.97 60.71 59.59
CA VAL U 188 14.35 59.38 60.07
C VAL U 188 15.81 59.09 59.71
N THR U 189 16.15 59.31 58.45
CA THR U 189 17.52 59.13 57.97
C THR U 189 18.55 59.88 58.81
N ASN U 190 18.16 61.06 59.31
CA ASN U 190 19.06 61.93 60.05
C ASN U 190 18.96 61.73 61.55
N GLY U 191 18.15 60.76 61.96
CA GLY U 191 17.95 60.50 63.39
C GLY U 191 17.44 61.70 64.15
N GLU U 192 16.58 62.51 63.53
CA GLU U 192 15.98 63.67 64.21
C GLU U 192 14.82 63.27 65.12
N TRP U 193 15.08 62.39 66.07
CA TRP U 193 14.02 61.85 66.94
C TRP U 193 13.31 62.90 67.76
N ASP U 194 14.04 63.91 68.23
CA ASP U 194 13.40 64.97 69.00
C ASP U 194 12.39 65.74 68.15
N GLU U 195 12.72 65.96 66.88
CA GLU U 195 11.83 66.72 66.00
C GLU U 195 10.59 65.88 65.64
N ILE U 196 10.80 64.60 65.37
CA ILE U 196 9.65 63.69 65.13
C ILE U 196 8.74 63.68 66.37
N ALA U 197 9.33 63.63 67.56
CA ALA U 197 8.52 63.65 68.75
C ALA U 197 7.71 64.93 68.88
N ARG U 198 8.37 66.06 68.58
CA ARG U 198 7.70 67.36 68.62
C ARG U 198 6.54 67.45 67.61
N LEU U 199 6.80 67.05 66.37
CA LEU U 199 5.74 67.07 65.34
C LEU U 199 4.59 66.16 65.73
N THR U 200 4.91 64.99 66.29
CA THR U 200 3.85 64.07 66.71
C THR U 200 3.03 64.66 67.87
N ARG U 201 3.68 65.17 68.92
CA ARG U 201 2.92 65.76 70.02
C ARG U 201 2.06 66.92 69.53
N GLU U 202 2.62 67.72 68.63
CA GLU U 202 1.94 68.90 68.17
C GLU U 202 0.66 68.53 67.40
N ILE U 203 0.75 67.53 66.52
CA ILE U 203 -0.45 67.15 65.76
C ILE U 203 -1.51 66.47 66.63
N VAL U 204 -1.07 65.66 67.59
CA VAL U 204 -2.00 65.01 68.50
C VAL U 204 -2.79 66.06 69.30
N GLU U 205 -2.08 67.06 69.80
CA GLU U 205 -2.73 68.14 70.53
C GLU U 205 -3.66 68.93 69.61
N GLN U 206 -3.22 69.15 68.37
CA GLN U 206 -4.06 69.88 67.44
C GLN U 206 -5.41 69.17 67.13
N VAL U 207 -5.37 67.89 66.83
CA VAL U 207 -6.58 67.20 66.36
C VAL U 207 -7.45 66.64 67.47
N ASN U 208 -6.83 66.38 68.61
CA ASN U 208 -7.52 65.82 69.75
C ASN U 208 -7.27 66.71 70.94
N PRO U 209 -7.76 67.96 70.87
CA PRO U 209 -7.49 68.94 71.92
C PRO U 209 -8.21 68.61 73.21
N SER V 2 56.30 -7.40 0.12
CA SER V 2 57.14 -7.10 -1.03
C SER V 2 57.95 -5.82 -0.75
N THR V 3 57.29 -4.85 -0.12
CA THR V 3 57.96 -3.62 0.29
C THR V 3 59.03 -3.90 1.35
N ILE V 4 58.67 -4.69 2.35
CA ILE V 4 59.59 -5.03 3.44
C ILE V 4 60.80 -5.79 2.90
N ASN V 5 60.55 -6.80 2.04
CA ASN V 5 61.66 -7.55 1.41
C ASN V 5 62.63 -6.63 0.71
N ASN V 6 62.09 -5.67 -0.03
CA ASN V 6 62.96 -4.74 -0.76
C ASN V 6 63.76 -3.85 0.16
N GLN V 7 63.14 -3.39 1.23
CA GLN V 7 63.85 -2.56 2.20
C GLN V 7 64.95 -3.36 2.90
N LEU V 8 64.61 -4.58 3.35
CA LEU V 8 65.65 -5.44 3.95
C LEU V 8 66.83 -5.70 3.01
N LYS V 9 66.55 -5.99 1.74
CA LYS V 9 67.58 -6.32 0.78
C LYS V 9 68.54 -5.13 0.62
N ALA V 10 67.98 -3.93 0.65
CA ALA V 10 68.78 -2.72 0.56
C ALA V 10 69.60 -2.49 1.83
N LEU V 11 68.98 -2.67 2.99
CA LEU V 11 69.66 -2.38 4.25
C LEU V 11 70.79 -3.34 4.59
N LYS V 12 70.51 -4.63 4.37
CA LYS V 12 71.42 -5.75 4.65
C LYS V 12 71.66 -6.06 6.14
N VAL V 13 71.49 -5.07 6.99
CA VAL V 13 71.68 -5.25 8.42
C VAL V 13 70.59 -4.50 9.15
N ILE V 14 69.93 -5.18 10.08
CA ILE V 14 68.88 -4.54 10.86
C ILE V 14 69.26 -4.47 12.33
N PRO V 15 69.37 -3.26 12.88
CA PRO V 15 69.63 -3.15 14.31
C PRO V 15 68.50 -3.75 15.13
N VAL V 16 68.87 -4.66 16.00
CA VAL V 16 67.97 -5.24 16.96
C VAL V 16 68.21 -4.59 18.31
N ILE V 17 67.20 -3.83 18.74
CA ILE V 17 67.31 -2.89 19.88
C ILE V 17 66.58 -3.34 21.12
N ALA V 18 67.32 -3.40 22.24
CA ALA V 18 66.75 -3.66 23.54
C ALA V 18 66.95 -2.38 24.34
N ILE V 19 65.87 -1.64 24.55
CA ILE V 19 65.92 -0.32 25.13
C ILE V 19 65.44 -0.41 26.58
N ASP V 20 66.05 0.36 27.48
CA ASP V 20 65.61 0.39 28.87
C ASP V 20 64.69 1.58 29.09
N ASN V 21 65.17 2.75 28.71
CA ASN V 21 64.39 3.97 28.78
C ASN V 21 63.94 4.33 27.40
N ALA V 22 62.63 4.40 27.20
CA ALA V 22 62.09 4.64 25.87
C ALA V 22 62.61 5.90 25.22
N GLU V 23 62.85 6.93 26.04
CA GLU V 23 63.36 8.21 25.56
C GLU V 23 64.68 8.05 24.77
N ASP V 24 65.45 7.04 25.15
CA ASP V 24 66.74 6.75 24.53
C ASP V 24 66.63 6.39 23.06
N ILE V 25 65.42 6.04 22.59
CA ILE V 25 65.23 5.69 21.19
C ILE V 25 65.41 6.89 20.28
N ILE V 26 65.26 8.10 20.83
CA ILE V 26 65.34 9.27 20.01
C ILE V 26 66.79 9.55 19.57
N PRO V 27 67.70 9.70 20.54
CA PRO V 27 69.08 9.89 20.08
C PRO V 27 69.61 8.67 19.31
N LEU V 28 69.21 7.46 19.74
CA LEU V 28 69.66 6.22 19.04
C LEU V 28 69.21 6.22 17.59
N GLY V 29 67.94 6.51 17.34
CA GLY V 29 67.40 6.57 16.00
C GLY V 29 68.05 7.64 15.14
N LYS V 30 68.39 8.78 15.77
CA LYS V 30 69.04 9.87 15.05
C LYS V 30 70.42 9.40 14.56
N VAL V 31 71.16 8.78 15.47
CA VAL V 31 72.48 8.26 15.12
C VAL V 31 72.40 7.17 14.06
N LEU V 32 71.48 6.22 14.23
CA LEU V 32 71.31 5.23 13.16
C LEU V 32 70.98 5.85 11.80
N ALA V 33 69.97 6.72 11.78
CA ALA V 33 69.54 7.26 10.49
C ALA V 33 70.63 8.13 9.81
N GLU V 34 71.28 9.00 10.58
CA GLU V 34 72.25 9.91 9.94
C GLU V 34 73.55 9.18 9.56
N ASN V 35 73.74 7.97 10.08
CA ASN V 35 74.91 7.18 9.69
C ASN V 35 74.63 6.13 8.65
N GLY V 36 73.44 6.22 8.05
CA GLY V 36 73.11 5.41 6.89
C GLY V 36 72.29 4.15 7.14
N LEU V 37 71.76 4.00 8.36
CA LEU V 37 71.02 2.76 8.70
C LEU V 37 69.63 3.06 9.26
N PRO V 38 68.71 3.45 8.39
CA PRO V 38 67.41 3.93 8.83
C PRO V 38 66.43 2.78 9.08
N ALA V 39 66.77 1.94 10.04
CA ALA V 39 65.96 0.76 10.37
C ALA V 39 66.16 0.38 11.83
N ALA V 40 65.17 -0.28 12.40
CA ALA V 40 65.25 -0.69 13.78
C ALA V 40 64.21 -1.75 14.06
N GLU V 41 64.63 -2.82 14.71
CA GLU V 41 63.69 -3.80 15.25
C GLU V 41 63.71 -3.63 16.76
N ILE V 42 62.62 -3.14 17.33
CA ILE V 42 62.58 -2.85 18.74
C ILE V 42 61.99 -4.03 19.47
N THR V 43 62.79 -4.67 20.31
CA THR V 43 62.34 -5.89 21.01
C THR V 43 61.44 -5.61 22.23
N PHE V 44 60.37 -6.42 22.33
CA PHE V 44 59.42 -6.34 23.45
C PHE V 44 59.93 -7.03 24.72
N ARG V 45 61.07 -6.57 25.21
CA ARG V 45 61.61 -7.13 26.44
C ARG V 45 61.26 -6.13 27.52
N SER V 46 61.52 -4.87 27.21
CA SER V 46 61.24 -3.75 28.10
C SER V 46 59.79 -3.30 28.02
N SER V 47 59.30 -2.78 29.14
CA SER V 47 57.94 -2.27 29.26
C SER V 47 57.73 -1.09 28.32
N ALA V 48 58.79 -0.30 28.14
CA ALA V 48 58.76 0.91 27.33
C ALA V 48 58.95 0.73 25.83
N ALA V 49 59.05 -0.50 25.34
CA ALA V 49 59.26 -0.70 23.92
C ALA V 49 58.12 -0.09 23.10
N VAL V 50 56.88 -0.27 23.55
CA VAL V 50 55.75 0.32 22.85
C VAL V 50 55.93 1.83 22.69
N LYS V 51 56.27 2.49 23.81
CA LYS V 51 56.53 3.91 23.77
C LYS V 51 57.71 4.23 22.85
N ALA V 52 58.77 3.42 22.91
CA ALA V 52 59.90 3.59 22.00
C ALA V 52 59.51 3.56 20.54
N ILE V 53 58.67 2.60 20.11
CA ILE V 53 58.22 2.61 18.74
C ILE V 53 57.47 3.91 18.40
N MET V 54 56.62 4.35 19.31
CA MET V 54 55.81 5.55 19.07
C MET V 54 56.71 6.79 18.94
N LEU V 55 57.64 6.94 19.85
CA LEU V 55 58.61 8.05 19.80
C LEU V 55 59.48 8.01 18.56
N LEU V 56 60.03 6.83 18.24
CA LEU V 56 60.81 6.71 17.02
C LEU V 56 60.04 7.02 15.73
N ARG V 57 58.78 6.58 15.63
CA ARG V 57 58.02 6.83 14.43
C ARG V 57 57.75 8.35 14.29
N SER V 58 57.53 9.01 15.41
CA SER V 58 57.34 10.46 15.41
C SER V 58 58.62 11.18 15.01
N ALA V 59 59.75 10.71 15.53
CA ALA V 59 61.05 11.38 15.32
C ALA V 59 61.69 11.06 13.98
N GLN V 60 61.45 9.85 13.48
CA GLN V 60 62.08 9.38 12.25
C GLN V 60 60.99 8.73 11.41
N PRO V 61 60.13 9.53 10.78
CA PRO V 61 58.94 8.98 10.14
C PRO V 61 59.19 7.95 9.04
N GLU V 62 60.30 8.06 8.31
CA GLU V 62 60.57 7.16 7.19
C GLU V 62 61.41 5.95 7.61
N MET V 63 61.69 5.82 8.88
CA MET V 63 62.47 4.72 9.38
C MET V 63 61.71 3.43 9.19
N LEU V 64 62.40 2.34 8.84
CA LEU V 64 61.78 1.01 8.86
C LEU V 64 61.75 0.58 10.32
N ILE V 65 60.56 0.42 10.90
CA ILE V 65 60.44 0.04 12.29
C ILE V 65 59.62 -1.24 12.42
N GLY V 66 60.28 -2.26 12.96
CA GLY V 66 59.62 -3.51 13.32
C GLY V 66 59.64 -3.69 14.82
N ALA V 67 58.79 -4.59 15.33
CA ALA V 67 58.80 -4.90 16.73
C ALA V 67 59.23 -6.35 16.82
N GLY V 68 60.09 -6.65 17.78
CA GLY V 68 60.57 -8.03 17.95
C GLY V 68 60.08 -8.68 19.24
N THR V 69 60.39 -9.96 19.37
CA THR V 69 59.98 -10.76 20.53
C THR V 69 58.47 -10.76 20.70
N ILE V 70 57.79 -10.85 19.58
CA ILE V 70 56.33 -10.81 19.57
C ILE V 70 55.81 -12.25 19.71
N LEU V 71 55.23 -12.55 20.86
CA LEU V 71 54.89 -13.92 21.23
C LEU V 71 53.40 -14.19 21.10
N ASN V 72 52.61 -13.14 20.88
CA ASN V 72 51.16 -13.33 20.78
C ASN V 72 50.51 -12.19 20.00
N GLY V 73 49.22 -12.34 19.69
CA GLY V 73 48.56 -11.33 18.87
C GLY V 73 48.37 -10.02 19.61
N VAL V 74 48.18 -10.06 20.94
CA VAL V 74 48.02 -8.85 21.75
C VAL V 74 49.25 -7.95 21.58
N GLN V 75 50.43 -8.56 21.69
CA GLN V 75 51.63 -7.77 21.49
C GLN V 75 51.75 -7.27 20.07
N ALA V 76 51.38 -8.09 19.08
CA ALA V 76 51.39 -7.67 17.69
C ALA V 76 50.48 -6.44 17.48
N LEU V 77 49.30 -6.46 18.09
CA LEU V 77 48.41 -5.30 18.04
C LEU V 77 49.06 -4.05 18.70
N ALA V 78 49.65 -4.21 19.88
CA ALA V 78 50.31 -3.10 20.56
C ALA V 78 51.34 -2.50 19.63
N ALA V 79 52.09 -3.36 18.96
CA ALA V 79 53.14 -2.88 18.05
C ALA V 79 52.55 -2.17 16.83
N LYS V 80 51.47 -2.70 16.29
CA LYS V 80 50.84 -2.10 15.14
C LYS V 80 50.32 -0.68 15.52
N GLU V 81 49.67 -0.58 16.68
CA GLU V 81 49.05 0.69 17.12
C GLU V 81 50.12 1.70 17.42
N ALA V 82 51.28 1.23 17.86
CA ALA V 82 52.41 2.11 18.15
C ALA V 82 53.08 2.66 16.88
N GLY V 83 52.87 1.99 15.75
CA GLY V 83 53.44 2.43 14.48
C GLY V 83 54.45 1.49 13.83
N ALA V 84 54.66 0.30 14.38
CA ALA V 84 55.50 -0.67 13.67
C ALA V 84 54.79 -1.16 12.41
N THR V 85 55.54 -1.43 11.35
CA THR V 85 54.95 -1.96 10.12
C THR V 85 55.14 -3.47 9.92
N PHE V 86 55.86 -4.12 10.83
CA PHE V 86 55.96 -5.60 10.80
C PHE V 86 56.36 -6.04 12.20
N VAL V 87 56.11 -7.31 12.49
CA VAL V 87 56.54 -7.89 13.72
C VAL V 87 57.42 -9.11 13.43
N VAL V 88 58.27 -9.41 14.41
CA VAL V 88 59.18 -10.54 14.34
C VAL V 88 59.04 -11.36 15.62
N SER V 89 59.09 -12.70 15.48
CA SER V 89 59.05 -13.59 16.64
C SER V 89 60.31 -14.46 16.63
N PRO V 90 60.78 -14.87 17.81
CA PRO V 90 62.04 -15.65 17.85
C PRO V 90 61.82 -17.04 17.26
N GLY V 91 60.63 -17.59 17.46
CA GLY V 91 60.26 -18.88 16.89
C GLY V 91 58.96 -18.75 16.10
N PHE V 92 58.36 -19.89 15.78
CA PHE V 92 57.20 -19.94 14.90
C PHE V 92 56.04 -20.49 15.71
N ASN V 93 55.03 -19.63 15.92
CA ASN V 93 53.79 -20.05 16.60
C ASN V 93 52.67 -19.77 15.61
N PRO V 94 52.08 -20.83 15.07
CA PRO V 94 51.03 -20.60 14.10
C PRO V 94 49.86 -19.81 14.69
N ASN V 95 49.63 -19.87 15.99
CA ASN V 95 48.54 -19.07 16.61
C ASN V 95 48.88 -17.58 16.51
N THR V 96 50.16 -17.26 16.70
CA THR V 96 50.56 -15.86 16.55
C THR V 96 50.44 -15.39 15.12
N VAL V 97 50.89 -16.23 14.18
CA VAL V 97 50.79 -15.92 12.78
C VAL V 97 49.33 -15.67 12.35
N ARG V 98 48.44 -16.57 12.76
CA ARG V 98 47.01 -16.40 12.47
C ARG V 98 46.48 -15.06 13.03
N ALA V 99 46.85 -14.76 14.27
CA ALA V 99 46.40 -13.52 14.92
C ALA V 99 46.89 -12.31 14.14
N CYS V 100 48.13 -12.35 13.65
CA CYS V 100 48.67 -11.24 12.87
C CYS V 100 47.92 -11.08 11.55
N GLN V 101 47.53 -12.18 10.96
CA GLN V 101 46.76 -12.13 9.73
C GLN V 101 45.43 -11.45 9.99
N ILE V 102 44.83 -11.75 11.12
CA ILE V 102 43.51 -11.23 11.47
C ILE V 102 43.57 -9.75 11.83
N ILE V 103 44.60 -9.35 12.58
CA ILE V 103 44.67 -7.94 12.97
C ILE V 103 45.26 -7.08 11.85
N GLY V 104 45.91 -7.73 10.90
CA GLY V 104 46.44 -7.05 9.72
C GLY V 104 47.80 -6.41 9.90
N ILE V 105 48.78 -7.19 10.35
CA ILE V 105 50.18 -6.75 10.32
C ILE V 105 51.07 -7.91 9.87
N ASP V 106 52.09 -7.60 9.09
CA ASP V 106 52.97 -8.64 8.58
C ASP V 106 53.86 -9.18 9.68
N ILE V 107 54.11 -10.48 9.64
CA ILE V 107 54.99 -11.11 10.61
C ILE V 107 56.11 -11.83 9.87
N VAL V 108 57.33 -11.71 10.41
CA VAL V 108 58.48 -12.49 9.96
C VAL V 108 58.85 -13.37 11.16
N PRO V 109 58.40 -14.63 11.14
CA PRO V 109 58.64 -15.50 12.28
C PRO V 109 60.01 -16.19 12.22
N GLY V 110 60.55 -16.56 13.38
CA GLY V 110 61.83 -17.28 13.42
C GLY V 110 61.67 -18.78 13.22
N VAL V 111 62.61 -19.33 12.47
CA VAL V 111 62.74 -20.78 12.30
C VAL V 111 64.20 -21.17 12.46
N ASN V 112 64.46 -22.45 12.70
CA ASN V 112 65.85 -22.91 12.71
C ASN V 112 66.03 -24.33 12.22
N ASN V 113 64.99 -24.93 11.59
CA ASN V 113 65.14 -26.29 11.05
C ASN V 113 64.14 -26.52 9.92
N PRO V 114 64.28 -27.60 9.19
CA PRO V 114 63.43 -27.89 8.03
C PRO V 114 61.95 -28.02 8.34
N SER V 115 61.62 -28.65 9.48
CA SER V 115 60.22 -28.85 9.80
C SER V 115 59.52 -27.52 10.07
N THR V 116 60.22 -26.62 10.74
CA THR V 116 59.56 -25.33 11.05
C THR V 116 59.44 -24.52 9.77
N VAL V 117 60.43 -24.63 8.89
CA VAL V 117 60.29 -23.96 7.58
C VAL V 117 59.03 -24.45 6.87
N GLU V 118 58.82 -25.76 6.85
CA GLU V 118 57.65 -26.31 6.14
C GLU V 118 56.36 -25.86 6.78
N ALA V 119 56.35 -25.76 8.10
CA ALA V 119 55.18 -25.22 8.81
C ALA V 119 54.87 -23.81 8.36
N ALA V 120 55.90 -22.99 8.23
CA ALA V 120 55.71 -21.60 7.81
C ALA V 120 55.22 -21.52 6.38
N LEU V 121 55.82 -22.33 5.50
CA LEU V 121 55.45 -22.31 4.08
C LEU V 121 54.00 -22.70 3.93
N GLU V 122 53.54 -23.59 4.78
CA GLU V 122 52.18 -24.06 4.67
C GLU V 122 51.16 -22.97 5.03
N MET V 123 51.58 -22.02 5.86
CA MET V 123 50.77 -20.85 6.20
C MET V 123 50.98 -19.65 5.27
N GLY V 124 51.71 -19.86 4.19
CA GLY V 124 51.89 -18.85 3.16
C GLY V 124 53.02 -17.87 3.42
N LEU V 125 53.89 -18.18 4.35
CA LEU V 125 54.99 -17.28 4.66
C LEU V 125 56.25 -17.72 3.91
N THR V 126 57.04 -16.76 3.45
CA THR V 126 58.29 -17.07 2.76
C THR V 126 59.49 -16.31 3.33
N THR V 127 59.27 -15.10 3.89
CA THR V 127 60.33 -14.37 4.59
C THR V 127 60.38 -14.73 6.06
N LEU V 128 61.50 -15.36 6.46
CA LEU V 128 61.58 -15.94 7.79
C LEU V 128 62.89 -15.49 8.45
N LYS V 129 62.84 -15.33 9.76
CA LYS V 129 64.01 -15.03 10.54
C LYS V 129 64.68 -16.37 10.83
N PHE V 130 66.01 -16.43 10.75
CA PHE V 130 66.70 -17.70 11.06
C PHE V 130 67.42 -17.44 12.39
N PHE V 131 66.92 -18.06 13.47
CA PHE V 131 67.32 -17.71 14.82
C PHE V 131 67.28 -18.95 15.73
N PRO V 132 68.30 -19.11 16.62
CA PRO V 132 69.52 -18.27 16.70
C PRO V 132 70.55 -18.75 15.69
N ALA V 133 71.08 -17.82 14.91
CA ALA V 133 71.77 -18.24 13.68
C ALA V 133 73.05 -19.04 13.98
N GLU V 134 73.95 -18.48 14.78
CA GLU V 134 75.19 -19.20 15.04
C GLU V 134 74.97 -20.46 15.86
N ALA V 135 74.14 -20.34 16.89
CA ALA V 135 73.95 -21.49 17.81
C ALA V 135 73.23 -22.67 17.11
N SER V 136 72.52 -22.40 16.01
CA SER V 136 71.79 -23.43 15.29
C SER V 136 72.61 -24.10 14.20
N GLY V 137 73.85 -23.65 14.03
CA GLY V 137 74.74 -24.24 13.03
C GLY V 137 75.24 -23.28 11.98
N GLY V 138 74.84 -22.01 12.08
CA GLY V 138 75.51 -20.99 11.26
C GLY V 138 75.28 -21.16 9.77
N ILE V 139 76.28 -20.72 8.98
CA ILE V 139 76.12 -20.73 7.55
C ILE V 139 75.87 -22.12 6.99
N SER V 140 76.47 -23.16 7.59
CA SER V 140 76.19 -24.52 7.14
C SER V 140 74.70 -24.86 7.27
N MET V 141 74.07 -24.44 8.37
CA MET V 141 72.66 -24.64 8.48
C MET V 141 71.88 -23.80 7.46
N VAL V 142 72.26 -22.52 7.30
CA VAL V 142 71.54 -21.71 6.35
C VAL V 142 71.53 -22.36 4.96
N LYS V 143 72.68 -22.83 4.52
CA LYS V 143 72.78 -23.46 3.21
C LYS V 143 71.90 -24.71 3.09
N SER V 144 71.79 -25.45 4.20
CA SER V 144 70.90 -26.62 4.22
C SER V 144 69.40 -26.31 4.14
N LEU V 145 68.96 -25.15 4.61
CA LEU V 145 67.56 -24.73 4.50
C LEU V 145 67.17 -24.10 3.18
N VAL V 146 68.02 -23.22 2.67
CA VAL V 146 67.64 -22.53 1.49
C VAL V 146 67.72 -23.50 0.31
N GLY V 147 68.58 -24.52 0.46
CA GLY V 147 68.77 -25.51 -0.60
C GLY V 147 67.48 -26.20 -1.01
N PRO V 148 66.79 -26.87 -0.08
CA PRO V 148 65.55 -27.55 -0.46
C PRO V 148 64.37 -26.63 -0.66
N TYR V 149 64.43 -25.40 -0.12
CA TYR V 149 63.27 -24.53 -0.09
C TYR V 149 63.55 -23.26 -0.90
N GLY V 150 63.37 -23.35 -2.21
CA GLY V 150 63.78 -22.28 -3.11
C GLY V 150 63.02 -20.98 -2.90
N ASP V 151 61.86 -21.06 -2.25
CA ASP V 151 60.98 -19.88 -2.09
C ASP V 151 61.31 -19.04 -0.87
N ILE V 152 62.03 -19.60 0.09
CA ILE V 152 62.25 -18.83 1.31
C ILE V 152 63.32 -17.75 1.17
N ARG V 153 63.19 -16.71 1.99
CA ARG V 153 64.19 -15.65 2.08
C ARG V 153 64.42 -15.47 3.57
N LEU V 154 65.68 -15.34 3.98
CA LEU V 154 65.99 -15.43 5.42
C LEU V 154 66.57 -14.14 5.98
N MET V 155 66.27 -13.91 7.26
CA MET V 155 66.96 -12.89 8.02
C MET V 155 67.67 -13.56 9.22
N PRO V 156 68.92 -13.98 9.03
CA PRO V 156 69.66 -14.60 10.12
C PRO V 156 69.93 -13.61 11.24
N THR V 157 69.69 -14.02 12.49
CA THR V 157 69.94 -13.19 13.64
C THR V 157 70.42 -14.11 14.74
N GLY V 158 71.33 -13.61 15.60
CA GLY V 158 71.84 -14.39 16.71
C GLY V 158 73.30 -14.71 16.44
N GLY V 159 74.17 -13.96 17.11
CA GLY V 159 75.60 -14.19 16.99
C GLY V 159 76.23 -13.58 15.75
N ILE V 160 75.48 -12.73 15.06
CA ILE V 160 76.00 -12.07 13.86
C ILE V 160 76.87 -10.91 14.28
N THR V 161 78.03 -10.80 13.65
CA THR V 161 79.00 -9.75 13.96
C THR V 161 79.63 -9.26 12.67
N PRO V 162 80.41 -8.17 12.73
CA PRO V 162 81.04 -7.79 11.49
C PRO V 162 81.98 -8.86 10.94
N SER V 163 82.50 -9.74 11.79
CA SER V 163 83.45 -10.76 11.36
C SER V 163 82.81 -11.92 10.64
N ASN V 164 81.49 -12.09 10.83
CA ASN V 164 80.83 -13.19 10.12
C ASN V 164 79.65 -12.83 9.20
N ILE V 165 79.24 -11.57 9.19
CA ILE V 165 78.07 -11.21 8.41
C ILE V 165 78.24 -11.39 6.90
N ASP V 166 79.46 -11.17 6.38
CA ASP V 166 79.67 -11.29 4.94
C ASP V 166 79.34 -12.69 4.45
N ASN V 167 79.67 -13.69 5.24
CA ASN V 167 79.43 -15.06 4.86
C ASN V 167 77.95 -15.33 4.72
N TYR V 168 77.15 -14.77 5.61
CA TYR V 168 75.72 -14.91 5.50
C TYR V 168 75.16 -14.15 4.29
N LEU V 169 75.59 -12.91 4.11
CA LEU V 169 75.09 -12.12 3.00
C LEU V 169 75.47 -12.68 1.61
N ALA V 170 76.53 -13.47 1.58
CA ALA V 170 76.95 -14.09 0.32
C ALA V 170 75.93 -15.14 -0.18
N ILE V 171 75.05 -15.61 0.70
CA ILE V 171 73.97 -16.53 0.29
C ILE V 171 72.81 -15.74 -0.31
N PRO V 172 72.47 -16.01 -1.59
CA PRO V 172 71.47 -15.21 -2.29
C PRO V 172 70.11 -15.08 -1.59
N GLN V 173 69.66 -16.14 -0.95
CA GLN V 173 68.38 -16.10 -0.28
C GLN V 173 68.40 -15.43 1.09
N VAL V 174 69.57 -14.99 1.55
CA VAL V 174 69.63 -14.16 2.75
C VAL V 174 69.38 -12.70 2.38
N LEU V 175 68.38 -12.08 2.97
CA LEU V 175 68.02 -10.68 2.63
C LEU V 175 68.87 -9.72 3.46
N ALA V 176 68.94 -10.01 4.76
CA ALA V 176 69.63 -9.13 5.68
C ALA V 176 69.84 -9.91 6.95
N CYS V 177 70.75 -9.42 7.79
CA CYS V 177 70.96 -10.04 9.09
C CYS V 177 70.62 -9.09 10.20
N GLY V 178 70.09 -9.61 11.29
CA GLY V 178 69.84 -8.77 12.47
C GLY V 178 71.07 -8.76 13.36
N GLY V 179 71.38 -7.60 13.92
CA GLY V 179 72.57 -7.48 14.73
C GLY V 179 72.33 -6.55 15.90
N THR V 180 72.89 -6.88 17.05
CA THR V 180 72.73 -6.05 18.21
C THR V 180 74.00 -5.24 18.50
N TRP V 181 75.11 -5.58 17.85
CA TRP V 181 76.40 -5.07 18.36
C TRP V 181 76.52 -3.55 18.24
N MET V 182 75.93 -2.97 17.20
CA MET V 182 76.07 -1.53 16.98
C MET V 182 75.08 -0.74 17.85
N VAL V 183 74.13 -1.44 18.48
CA VAL V 183 73.17 -0.78 19.37
C VAL V 183 73.14 -1.43 20.75
N ASP V 184 74.25 -2.04 21.14
CA ASP V 184 74.30 -2.77 22.40
C ASP V 184 73.84 -1.90 23.57
N LYS V 185 73.06 -2.50 24.47
CA LYS V 185 72.45 -1.75 25.55
C LYS V 185 73.51 -1.05 26.38
N LYS V 186 74.64 -1.73 26.60
CA LYS V 186 75.75 -1.09 27.29
C LYS V 186 76.17 0.25 26.69
N LEU V 187 76.27 0.33 25.36
CA LEU V 187 76.64 1.57 24.67
C LEU V 187 75.56 2.62 24.86
N VAL V 188 74.30 2.21 24.75
CA VAL V 188 73.19 3.16 24.89
C VAL V 188 73.13 3.68 26.33
N THR V 189 73.15 2.76 27.29
CA THR V 189 73.14 3.09 28.71
C THR V 189 74.24 4.08 29.08
N ASN V 190 75.39 3.97 28.42
CA ASN V 190 76.56 4.79 28.73
C ASN V 190 76.66 6.02 27.85
N GLY V 191 75.66 6.23 27.00
CA GLY V 191 75.67 7.36 26.08
C GLY V 191 76.88 7.40 25.18
N GLU V 192 77.35 6.23 24.74
CA GLU V 192 78.48 6.16 23.81
C GLU V 192 78.06 6.44 22.36
N TRP V 193 77.46 7.61 22.12
CA TRP V 193 76.92 7.91 20.80
C TRP V 193 77.97 7.95 19.70
N ASP V 194 79.17 8.41 20.01
CA ASP V 194 80.21 8.43 18.99
C ASP V 194 80.58 7.00 18.55
N GLU V 195 80.59 6.07 19.49
CA GLU V 195 80.97 4.69 19.17
C GLU V 195 79.83 4.02 18.37
N ILE V 196 78.60 4.26 18.77
CA ILE V 196 77.45 3.75 17.98
C ILE V 196 77.51 4.29 16.54
N ALA V 197 77.83 5.58 16.41
CA ALA V 197 77.94 6.15 15.09
C ALA V 197 79.05 5.48 14.26
N ARG V 198 80.19 5.26 14.91
CA ARG V 198 81.31 4.58 14.26
C ARG V 198 80.95 3.15 13.81
N LEU V 199 80.36 2.37 14.72
CA LEU V 199 79.96 1.00 14.37
C LEU V 199 78.94 0.99 13.25
N THR V 200 78.01 1.94 13.29
CA THR V 200 77.00 2.02 12.23
C THR V 200 77.64 2.39 10.87
N ARG V 201 78.48 3.43 10.83
CA ARG V 201 79.12 3.78 9.57
C ARG V 201 79.97 2.63 9.04
N GLU V 202 80.65 1.94 9.95
CA GLU V 202 81.55 0.90 9.55
C GLU V 202 80.78 -0.26 8.91
N ILE V 203 79.67 -0.66 9.51
CA ILE V 203 78.91 -1.78 8.93
C ILE V 203 78.22 -1.41 7.62
N VAL V 204 77.74 -0.18 7.51
CA VAL V 204 77.11 0.29 6.27
C VAL V 204 78.13 0.26 5.12
N GLU V 205 79.34 0.73 5.40
CA GLU V 205 80.39 0.70 4.40
C GLU V 205 80.77 -0.73 4.06
N GLN V 206 80.82 -1.59 5.08
CA GLN V 206 81.16 -2.98 4.83
C GLN V 206 80.16 -3.71 3.91
N VAL V 207 78.86 -3.57 4.17
CA VAL V 207 77.87 -4.37 3.44
C VAL V 207 77.39 -3.74 2.14
N ASN V 208 77.50 -2.42 2.08
CA ASN V 208 77.06 -1.68 0.91
C ASN V 208 78.22 -0.83 0.43
N PRO V 209 79.30 -1.48 -0.01
CA PRO V 209 80.52 -0.77 -0.40
C PRO V 209 80.32 0.02 -1.69
N SER W 2 59.28 -52.54 5.05
CA SER W 2 60.17 -53.64 5.45
C SER W 2 61.13 -53.96 4.32
N THR W 3 60.62 -53.92 3.09
CA THR W 3 61.45 -54.12 1.90
C THR W 3 62.47 -52.99 1.74
N ILE W 4 61.99 -51.76 1.88
CA ILE W 4 62.86 -50.58 1.75
C ILE W 4 63.95 -50.59 2.81
N ASN W 5 63.58 -50.87 4.07
CA ASN W 5 64.56 -50.97 5.15
C ASN W 5 65.67 -51.97 4.83
N ASN W 6 65.26 -53.12 4.30
CA ASN W 6 66.25 -54.13 3.96
C ASN W 6 67.17 -53.71 2.83
N GLN W 7 66.61 -53.05 1.83
CA GLN W 7 67.42 -52.56 0.72
C GLN W 7 68.40 -51.49 1.20
N LEU W 8 67.90 -50.53 1.98
CA LEU W 8 68.81 -49.52 2.54
C LEU W 8 69.94 -50.12 3.36
N LYS W 9 69.62 -51.10 4.22
CA LYS W 9 70.62 -51.70 5.09
C LYS W 9 71.72 -52.35 4.26
N ALA W 10 71.33 -52.96 3.14
CA ALA W 10 72.29 -53.57 2.24
C ALA W 10 73.12 -52.52 1.50
N LEU W 11 72.48 -51.47 1.01
CA LEU W 11 73.19 -50.46 0.22
C LEU W 11 74.18 -49.62 1.02
N LYS W 12 73.73 -49.20 2.21
CA LYS W 12 74.47 -48.34 3.15
C LYS W 12 74.67 -46.89 2.70
N VAL W 13 74.62 -46.63 1.40
CA VAL W 13 74.79 -45.29 0.88
C VAL W 13 73.80 -45.10 -0.26
N ILE W 14 73.05 -44.01 -0.20
CA ILE W 14 72.09 -43.71 -1.27
C ILE W 14 72.48 -42.44 -2.01
N PRO W 15 72.75 -42.55 -3.32
CA PRO W 15 73.02 -41.34 -4.08
C PRO W 15 71.81 -40.42 -4.10
N VAL W 16 72.04 -39.19 -3.70
CA VAL W 16 71.08 -38.12 -3.77
C VAL W 16 71.39 -37.25 -4.99
N ILE W 17 70.49 -37.32 -5.97
CA ILE W 17 70.72 -36.79 -7.31
C ILE W 17 69.93 -35.52 -7.63
N ALA W 18 70.65 -34.48 -8.03
CA ALA W 18 70.05 -33.27 -8.53
C ALA W 18 70.43 -33.18 -10.00
N ILE W 19 69.45 -33.43 -10.86
CA ILE W 19 69.68 -33.57 -12.29
C ILE W 19 69.17 -32.30 -12.98
N ASP W 20 69.88 -31.85 -14.02
CA ASP W 20 69.45 -30.69 -14.78
C ASP W 20 68.69 -31.14 -16.01
N ASN W 21 69.34 -32.01 -16.79
CA ASN W 21 68.72 -32.59 -17.96
C ASN W 21 68.32 -34.01 -17.63
N ALA W 22 67.04 -34.31 -17.76
CA ALA W 22 66.54 -35.62 -17.37
C ALA W 22 67.23 -36.76 -18.08
N GLU W 23 67.61 -36.54 -19.33
CA GLU W 23 68.29 -37.54 -20.14
C GLU W 23 69.57 -38.06 -19.48
N ASP W 24 70.19 -37.18 -18.70
CA ASP W 24 71.44 -37.48 -17.98
C ASP W 24 71.29 -38.60 -16.96
N ILE W 25 70.05 -38.91 -16.58
CA ILE W 25 69.82 -39.98 -15.60
C ILE W 25 70.16 -41.35 -16.16
N ILE W 26 70.17 -41.47 -17.50
CA ILE W 26 70.41 -42.76 -18.09
C ILE W 26 71.89 -43.17 -17.95
N PRO W 27 72.81 -42.34 -18.45
CA PRO W 27 74.20 -42.73 -18.23
C PRO W 27 74.57 -42.77 -16.73
N LEU W 28 74.00 -41.83 -15.95
CA LEU W 28 74.29 -41.80 -14.49
C LEU W 28 73.84 -43.09 -13.82
N GLY W 29 72.62 -43.54 -14.11
CA GLY W 29 72.12 -44.78 -13.55
C GLY W 29 72.90 -46.00 -13.98
N LYS W 30 73.39 -45.99 -15.22
CA LYS W 30 74.19 -47.10 -15.73
C LYS W 30 75.49 -47.20 -14.94
N VAL W 31 76.12 -46.05 -14.76
CA VAL W 31 77.38 -46.00 -13.98
C VAL W 31 77.15 -46.41 -12.53
N LEU W 32 76.12 -45.85 -11.90
CA LEU W 32 75.81 -46.32 -10.53
C LEU W 32 75.56 -47.82 -10.44
N ALA W 33 74.69 -48.34 -11.30
CA ALA W 33 74.34 -49.76 -11.18
C ALA W 33 75.54 -50.69 -11.47
N GLU W 34 76.30 -50.40 -12.51
CA GLU W 34 77.39 -51.32 -12.87
C GLU W 34 78.58 -51.21 -11.91
N ASN W 35 78.60 -50.16 -11.10
CA ASN W 35 79.67 -50.04 -10.09
C ASN W 35 79.24 -50.45 -8.71
N GLY W 36 78.08 -51.10 -8.64
CA GLY W 36 77.65 -51.73 -7.39
C GLY W 36 76.67 -50.95 -6.52
N LEU W 37 76.11 -49.86 -7.05
CA LEU W 37 75.22 -49.01 -6.23
C LEU W 37 73.87 -48.76 -6.93
N PRO W 38 73.02 -49.78 -6.95
CA PRO W 38 71.79 -49.72 -7.74
C PRO W 38 70.67 -49.02 -6.98
N ALA W 39 70.88 -47.74 -6.69
CA ALA W 39 69.93 -46.92 -5.93
C ALA W 39 70.06 -45.46 -6.29
N ALA W 40 68.99 -44.71 -6.12
CA ALA W 40 69.01 -43.30 -6.46
C ALA W 40 67.83 -42.61 -5.79
N GLU W 41 68.10 -41.51 -5.13
CA GLU W 41 67.04 -40.63 -4.67
C GLU W 41 67.07 -39.39 -5.55
N ILE W 42 66.05 -39.21 -6.39
CA ILE W 42 66.05 -38.13 -7.33
C ILE W 42 65.30 -36.96 -6.75
N THR W 43 66.01 -35.86 -6.51
CA THR W 43 65.39 -34.68 -5.87
C THR W 43 64.52 -33.83 -6.80
N PHE W 44 63.36 -33.41 -6.29
CA PHE W 44 62.43 -32.55 -7.02
C PHE W 44 62.84 -31.08 -6.99
N ARG W 45 64.07 -30.87 -7.42
CA ARG W 45 64.66 -29.55 -7.56
C ARG W 45 64.00 -28.90 -8.75
N SER W 46 63.82 -29.71 -9.79
CA SER W 46 63.25 -29.30 -11.05
C SER W 46 62.13 -30.20 -11.52
N SER W 47 61.30 -29.67 -12.41
CA SER W 47 60.18 -30.42 -12.93
C SER W 47 60.70 -31.65 -13.64
N ALA W 48 61.92 -31.55 -14.14
CA ALA W 48 62.50 -32.66 -14.87
C ALA W 48 62.57 -33.90 -14.00
N ALA W 49 62.86 -33.72 -12.71
CA ALA W 49 62.95 -34.90 -11.84
C ALA W 49 61.95 -36.01 -12.20
N VAL W 50 60.74 -35.61 -12.60
CA VAL W 50 59.69 -36.59 -12.89
C VAL W 50 60.08 -37.44 -14.10
N LYS W 51 60.50 -36.78 -15.17
CA LYS W 51 60.95 -37.48 -16.35
C LYS W 51 62.16 -38.35 -16.04
N ALA W 52 63.10 -37.84 -15.24
CA ALA W 52 64.25 -38.63 -14.81
C ALA W 52 63.87 -39.92 -14.10
N ILE W 53 62.91 -39.87 -13.17
CA ILE W 53 62.47 -41.10 -12.55
C ILE W 53 61.90 -42.08 -13.59
N MET W 54 61.10 -41.57 -14.51
CA MET W 54 60.47 -42.42 -15.53
C MET W 54 61.53 -43.06 -16.43
N LEU W 55 62.48 -42.29 -16.89
CA LEU W 55 63.59 -42.81 -17.72
C LEU W 55 64.44 -43.80 -16.97
N LEU W 56 64.83 -43.47 -15.74
CA LEU W 56 65.60 -44.42 -14.94
C LEU W 56 64.88 -45.75 -14.66
N ARG W 57 63.58 -45.70 -14.38
CA ARG W 57 62.85 -46.92 -14.08
C ARG W 57 62.79 -47.81 -15.35
N SER W 58 62.65 -47.17 -16.50
CA SER W 58 62.67 -47.89 -17.78
C SER W 58 64.04 -48.52 -18.04
N ALA W 59 65.10 -47.75 -17.77
CA ALA W 59 66.46 -48.16 -18.09
C ALA W 59 67.07 -49.12 -17.08
N GLN W 60 66.67 -48.98 -15.83
CA GLN W 60 67.23 -49.78 -14.74
C GLN W 60 66.07 -50.27 -13.88
N PRO W 61 65.33 -51.27 -14.37
CA PRO W 61 64.08 -51.65 -13.71
C PRO W 61 64.18 -52.08 -12.25
N GLU W 62 65.31 -52.68 -11.86
CA GLU W 62 65.45 -53.21 -10.51
C GLU W 62 66.12 -52.19 -9.57
N MET W 63 66.38 -51.00 -10.06
CA MET W 63 67.01 -49.98 -9.25
C MET W 63 66.08 -49.56 -8.14
N LEU W 64 66.62 -49.28 -6.96
CA LEU W 64 65.82 -48.66 -5.88
C LEU W 64 65.74 -47.19 -6.23
N ILE W 65 64.52 -46.69 -6.52
CA ILE W 65 64.34 -45.30 -6.91
C ILE W 65 63.37 -44.62 -5.95
N GLY W 66 63.87 -43.60 -5.26
CA GLY W 66 63.04 -42.72 -4.44
C GLY W 66 63.04 -41.33 -5.02
N ALA W 67 62.06 -40.51 -4.60
CA ALA W 67 62.02 -39.13 -5.00
C ALA W 67 62.27 -38.33 -3.76
N GLY W 68 63.06 -37.29 -3.87
CA GLY W 68 63.36 -36.43 -2.73
C GLY W 68 62.78 -35.03 -2.84
N THR W 69 62.92 -34.26 -1.76
CA THR W 69 62.40 -32.90 -1.70
C THR W 69 60.90 -32.85 -1.96
N ILE W 70 60.21 -33.83 -1.41
CA ILE W 70 58.78 -33.96 -1.61
C ILE W 70 58.08 -33.18 -0.49
N LEU W 71 57.46 -32.07 -0.87
CA LEU W 71 56.92 -31.10 0.09
C LEU W 71 55.40 -31.18 0.21
N ASN W 72 54.77 -31.94 -0.67
CA ASN W 72 53.31 -32.04 -0.63
C ASN W 72 52.81 -33.32 -1.30
N GLY W 73 51.52 -33.61 -1.16
CA GLY W 73 51.00 -34.86 -1.70
C GLY W 73 50.98 -34.86 -3.22
N VAL W 74 50.80 -33.70 -3.86
CA VAL W 74 50.80 -33.61 -5.33
C VAL W 74 52.14 -34.10 -5.88
N GLN W 75 53.22 -33.64 -5.28
CA GLN W 75 54.52 -34.10 -5.72
C GLN W 75 54.72 -35.58 -5.43
N ALA W 76 54.24 -36.06 -4.28
CA ALA W 76 54.31 -37.48 -3.96
C ALA W 76 53.59 -38.33 -5.01
N LEU W 77 52.40 -37.86 -5.44
CA LEU W 77 51.68 -38.53 -6.53
C LEU W 77 52.48 -38.54 -7.85
N ALA W 78 53.05 -37.38 -8.22
CA ALA W 78 53.85 -37.28 -9.44
C ALA W 78 54.95 -38.31 -9.38
N ALA W 79 55.58 -38.43 -8.22
CA ALA W 79 56.69 -39.38 -8.06
C ALA W 79 56.22 -40.83 -8.14
N LYS W 80 55.07 -41.11 -7.54
CA LYS W 80 54.52 -42.45 -7.57
C LYS W 80 54.21 -42.85 -9.03
N GLU W 81 53.56 -41.93 -9.77
CA GLU W 81 53.12 -42.22 -11.15
C GLU W 81 54.32 -42.37 -12.05
N ALA W 82 55.40 -41.68 -11.72
CA ALA W 82 56.65 -41.78 -12.50
C ALA W 82 57.38 -43.10 -12.27
N GLY W 83 57.09 -43.77 -11.15
CA GLY W 83 57.73 -45.06 -10.84
C GLY W 83 58.59 -45.10 -9.60
N ALA W 84 58.65 -44.02 -8.82
CA ALA W 84 59.35 -44.10 -7.54
C ALA W 84 58.59 -45.01 -6.58
N THR W 85 59.30 -45.74 -5.73
CA THR W 85 58.64 -46.59 -4.73
C THR W 85 58.63 -46.02 -3.31
N PHE W 86 59.26 -44.87 -3.12
CA PHE W 86 59.15 -44.16 -1.82
C PHE W 86 59.48 -42.70 -2.08
N VAL W 87 59.06 -41.84 -1.16
CA VAL W 87 59.41 -40.45 -1.21
C VAL W 87 60.12 -40.05 0.08
N VAL W 88 60.91 -39.00 -0.05
CA VAL W 88 61.65 -38.43 1.07
C VAL W 88 61.41 -36.94 1.13
N SER W 89 61.27 -36.39 2.35
CA SER W 89 61.12 -34.95 2.55
C SER W 89 62.24 -34.46 3.45
N PRO W 90 62.65 -33.19 3.27
CA PRO W 90 63.79 -32.70 4.08
C PRO W 90 63.39 -32.53 5.54
N GLY W 91 62.12 -32.18 5.78
CA GLY W 91 61.59 -32.06 7.13
C GLY W 91 60.32 -32.91 7.26
N PHE W 92 59.58 -32.68 8.33
CA PHE W 92 58.43 -33.50 8.66
C PHE W 92 57.20 -32.61 8.61
N ASN W 93 56.31 -32.91 7.65
CA ASN W 93 55.03 -32.21 7.54
C ASN W 93 53.95 -33.28 7.65
N PRO W 94 53.22 -33.28 8.77
CA PRO W 94 52.22 -34.31 8.92
C PRO W 94 51.18 -34.27 7.81
N ASN W 95 50.93 -33.11 7.19
CA ASN W 95 49.96 -33.05 6.07
C ASN W 95 50.49 -33.83 4.89
N THR W 96 51.80 -33.73 4.66
CA THR W 96 52.39 -34.52 3.57
C THR W 96 52.34 -36.01 3.87
N VAL W 97 52.67 -36.38 5.10
CA VAL W 97 52.63 -37.77 5.51
C VAL W 97 51.19 -38.31 5.36
N ARG W 98 50.22 -37.53 5.82
CA ARG W 98 48.80 -37.92 5.66
C ARG W 98 48.48 -38.18 4.17
N ALA W 99 48.85 -37.24 3.31
CA ALA W 99 48.60 -37.38 1.86
C ALA W 99 49.24 -38.62 1.27
N CYS W 100 50.46 -38.93 1.69
CA CYS W 100 51.16 -40.11 1.18
C CYS W 100 50.44 -41.39 1.62
N GLN W 101 49.91 -41.39 2.81
CA GLN W 101 49.16 -42.54 3.27
C GLN W 101 47.93 -42.75 2.41
N ILE W 102 47.28 -41.66 2.04
CA ILE W 102 46.04 -41.70 1.27
C ILE W 102 46.31 -42.11 -0.17
N ILE W 103 47.38 -41.58 -0.77
CA ILE W 103 47.63 -41.92 -2.17
C ILE W 103 48.34 -43.26 -2.29
N GLY W 104 48.91 -43.74 -1.19
CA GLY W 104 49.53 -45.06 -1.13
C GLY W 104 50.96 -45.11 -1.62
N ILE W 105 51.82 -44.28 -1.05
CA ILE W 105 53.28 -44.42 -1.25
C ILE W 105 54.00 -44.17 0.08
N ASP W 106 55.05 -44.94 0.31
CA ASP W 106 55.79 -44.80 1.56
C ASP W 106 56.59 -43.53 1.57
N ILE W 107 56.66 -42.91 2.75
CA ILE W 107 57.44 -41.70 2.91
C ILE W 107 58.47 -41.91 4.03
N VAL W 108 59.69 -41.41 3.80
CA VAL W 108 60.72 -41.34 4.83
C VAL W 108 60.96 -39.85 5.05
N PRO W 109 60.34 -39.29 6.09
CA PRO W 109 60.47 -37.84 6.30
C PRO W 109 61.73 -37.47 7.08
N GLY W 110 62.21 -36.24 6.89
CA GLY W 110 63.37 -35.76 7.64
C GLY W 110 63.02 -35.21 9.02
N VAL W 111 63.89 -35.52 9.98
CA VAL W 111 63.81 -34.96 11.32
C VAL W 111 65.20 -34.53 11.74
N ASN W 112 65.29 -33.68 12.77
CA ASN W 112 66.60 -33.35 13.31
C ASN W 112 66.58 -33.06 14.81
N ASN W 113 65.48 -33.40 15.50
CA ASN W 113 65.44 -33.19 16.96
C ASN W 113 64.43 -34.12 17.60
N PRO W 114 64.42 -34.24 18.92
CA PRO W 114 63.55 -35.16 19.64
C PRO W 114 62.06 -34.94 19.44
N SER W 115 61.65 -33.65 19.37
CA SER W 115 60.23 -33.36 19.21
C SER W 115 59.72 -33.83 17.86
N THR W 116 60.53 -33.64 16.82
CA THR W 116 60.05 -34.05 15.48
C THR W 116 60.04 -35.56 15.42
N VAL W 117 61.01 -36.21 16.05
CA VAL W 117 60.97 -37.69 16.10
C VAL W 117 59.67 -38.16 16.73
N GLU W 118 59.27 -37.55 17.84
CA GLU W 118 58.05 -37.98 18.53
C GLU W 118 56.83 -37.73 17.69
N ALA W 119 56.82 -36.64 16.94
CA ALA W 119 55.73 -36.35 16.00
C ALA W 119 55.62 -37.45 14.96
N ALA W 120 56.76 -37.90 14.44
CA ALA W 120 56.75 -38.96 13.42
C ALA W 120 56.29 -40.28 14.01
N LEU W 121 56.77 -40.61 15.20
CA LEU W 121 56.41 -41.88 15.85
C LEU W 121 54.93 -41.93 16.09
N GLU W 122 54.35 -40.78 16.39
CA GLU W 122 52.93 -40.74 16.68
C GLU W 122 52.07 -41.03 15.46
N MET W 123 52.62 -40.74 14.28
CA MET W 123 51.96 -41.08 13.01
C MET W 123 52.34 -42.45 12.45
N GLY W 124 53.05 -43.24 13.25
CA GLY W 124 53.36 -44.62 12.91
C GLY W 124 54.61 -44.80 12.07
N LEU W 125 55.43 -43.76 11.98
CA LEU W 125 56.64 -43.86 11.18
C LEU W 125 57.83 -44.21 12.08
N THR W 126 58.75 -45.03 11.56
CA THR W 126 59.94 -45.38 12.32
C THR W 126 61.23 -45.17 11.50
N THR W 127 61.18 -45.30 10.17
CA THR W 127 62.33 -44.97 9.32
C THR W 127 62.31 -43.51 8.91
N LEU W 128 63.34 -42.77 9.39
CA LEU W 128 63.34 -41.33 9.23
C LEU W 128 64.68 -40.89 8.67
N LYS W 129 64.65 -39.82 7.89
CA LYS W 129 65.85 -39.22 7.38
C LYS W 129 66.33 -38.25 8.46
N PHE W 130 67.63 -38.21 8.71
CA PHE W 130 68.16 -37.26 9.72
C PHE W 130 68.90 -36.18 8.94
N PHE W 131 68.32 -34.99 8.88
CA PHE W 131 68.76 -33.95 7.96
C PHE W 131 68.55 -32.56 8.56
N PRO W 132 69.52 -31.64 8.39
CA PRO W 132 70.85 -31.88 7.77
C PRO W 132 71.80 -32.47 8.80
N ALA W 133 72.47 -33.55 8.44
CA ALA W 133 73.10 -34.38 9.48
C ALA W 133 74.25 -33.63 10.17
N GLU W 134 75.21 -33.13 9.40
CA GLU W 134 76.36 -32.47 10.04
C GLU W 134 75.96 -31.16 10.69
N ALA W 135 75.15 -30.37 9.99
CA ALA W 135 74.80 -29.04 10.50
C ALA W 135 73.93 -29.12 11.78
N SER W 136 73.27 -30.25 12.00
CA SER W 136 72.41 -30.42 13.18
C SER W 136 73.13 -31.00 14.38
N GLY W 137 74.43 -31.27 14.22
CA GLY W 137 75.22 -31.79 15.33
C GLY W 137 75.86 -33.14 15.07
N GLY W 138 75.63 -33.70 13.88
CA GLY W 138 76.44 -34.87 13.49
C GLY W 138 76.20 -36.09 14.34
N ILE W 139 77.24 -36.92 14.46
CA ILE W 139 77.10 -38.18 15.18
C ILE W 139 76.66 -38.00 16.61
N SER W 140 77.10 -36.93 17.28
CA SER W 140 76.66 -36.67 18.64
C SER W 140 75.13 -36.50 18.71
N MET W 141 74.57 -35.79 17.72
CA MET W 141 73.13 -35.70 17.68
C MET W 141 72.48 -37.05 17.35
N VAL W 142 73.02 -37.79 16.39
CA VAL W 142 72.43 -39.07 16.07
C VAL W 142 72.33 -39.96 17.31
N LYS W 143 73.42 -40.03 18.06
CA LYS W 143 73.44 -40.85 19.27
C LYS W 143 72.40 -40.40 20.30
N SER W 144 72.18 -39.10 20.39
CA SER W 144 71.13 -38.56 21.28
C SER W 144 69.70 -38.89 20.88
N LEU W 145 69.42 -39.08 19.59
CA LEU W 145 68.08 -39.48 19.13
C LEU W 145 67.79 -40.96 19.19
N VAL W 146 68.75 -41.77 18.78
CA VAL W 146 68.48 -43.17 18.72
C VAL W 146 68.44 -43.71 20.15
N GLY W 147 69.14 -43.03 21.06
CA GLY W 147 69.20 -43.44 22.46
C GLY W 147 67.84 -43.56 23.11
N PRO W 148 67.05 -42.47 23.13
CA PRO W 148 65.73 -42.55 23.78
C PRO W 148 64.69 -43.27 22.94
N TYR W 149 64.91 -43.38 21.63
CA TYR W 149 63.88 -43.87 20.72
C TYR W 149 64.33 -45.18 20.06
N GLY W 150 64.15 -46.28 20.76
CA GLY W 150 64.71 -47.56 20.33
C GLY W 150 64.12 -48.07 19.02
N ASP W 151 62.96 -47.54 18.64
CA ASP W 151 62.25 -48.04 17.45
C ASP W 151 62.68 -47.37 16.14
N ILE W 152 63.32 -46.21 16.23
CA ILE W 152 63.64 -45.50 15.00
C ILE W 152 64.85 -46.08 14.26
N ARG W 153 64.85 -45.88 12.94
CA ARG W 153 65.98 -46.25 12.10
C ARG W 153 66.24 -45.03 11.24
N LEU W 154 67.49 -44.65 11.07
CA LEU W 154 67.78 -43.33 10.48
C LEU W 154 68.53 -43.43 9.16
N MET W 155 68.27 -42.45 8.29
CA MET W 155 69.07 -42.25 7.11
C MET W 155 69.68 -40.83 7.18
N PRO W 156 70.88 -40.69 7.78
CA PRO W 156 71.52 -39.38 7.87
C PRO W 156 71.91 -38.88 6.48
N THR W 157 71.61 -37.60 6.21
CA THR W 157 71.97 -36.99 4.94
C THR W 157 72.31 -35.56 5.24
N GLY W 158 73.28 -34.99 4.50
CA GLY W 158 73.68 -33.61 4.69
C GLY W 158 75.07 -33.59 5.26
N GLY W 159 76.04 -33.30 4.38
CA GLY W 159 77.43 -33.20 4.81
C GLY W 159 78.13 -34.53 4.97
N ILE W 160 77.51 -35.60 4.48
CA ILE W 160 78.11 -36.93 4.57
C ILE W 160 79.14 -37.06 3.46
N THR W 161 80.30 -37.59 3.82
CA THR W 161 81.41 -37.75 2.86
C THR W 161 82.09 -39.08 3.15
N PRO W 162 83.02 -39.50 2.27
CA PRO W 162 83.70 -40.72 2.64
C PRO W 162 84.49 -40.62 3.94
N SER W 163 84.89 -39.40 4.32
CA SER W 163 85.69 -39.21 5.52
C SER W 163 84.90 -39.32 6.82
N ASN W 164 83.57 -39.16 6.72
CA ASN W 164 82.77 -39.29 7.93
C ASN W 164 81.66 -40.36 7.95
N ILE W 165 81.42 -41.00 6.81
CA ILE W 165 80.32 -41.94 6.75
C ILE W 165 80.48 -43.15 7.68
N ASP W 166 81.70 -43.62 7.88
CA ASP W 166 81.90 -44.80 8.72
C ASP W 166 81.39 -44.57 10.14
N ASN W 167 81.57 -43.38 10.64
CA ASN W 167 81.15 -43.05 11.99
C ASN W 167 79.65 -43.14 12.11
N TYR W 168 78.93 -42.70 11.10
CA TYR W 168 77.49 -42.84 11.11
C TYR W 168 77.04 -44.30 10.99
N LEU W 169 77.64 -45.02 10.05
CA LEU W 169 77.25 -46.41 9.86
C LEU W 169 77.57 -47.32 11.08
N ALA W 170 78.51 -46.88 11.89
CA ALA W 170 78.84 -47.64 13.11
C ALA W 170 77.70 -47.64 14.14
N ILE W 171 76.76 -46.72 14.01
CA ILE W 171 75.56 -46.69 14.87
C ILE W 171 74.53 -47.69 14.36
N PRO W 172 74.15 -48.68 15.19
CA PRO W 172 73.28 -49.76 14.72
C PRO W 172 71.95 -49.31 14.10
N GLN W 173 71.35 -48.26 14.65
CA GLN W 173 70.07 -47.78 14.14
C GLN W 173 70.19 -46.93 12.89
N VAL W 174 71.41 -46.66 12.42
CA VAL W 174 71.57 -46.02 11.11
C VAL W 174 71.53 -47.07 10.02
N LEU W 175 70.61 -46.93 9.07
CA LEU W 175 70.45 -47.93 7.99
C LEU W 175 71.41 -47.62 6.86
N ALA W 176 71.44 -46.35 6.47
CA ALA W 176 72.24 -45.92 5.34
C ALA W 176 72.33 -44.43 5.40
N CYS W 177 73.30 -43.87 4.68
CA CYS W 177 73.40 -42.43 4.59
C CYS W 177 73.20 -41.95 3.18
N GLY W 178 72.60 -40.77 3.03
CA GLY W 178 72.47 -40.18 1.70
C GLY W 178 73.68 -39.33 1.39
N GLY W 179 74.14 -39.38 0.15
CA GLY W 179 75.34 -38.65 -0.21
C GLY W 179 75.22 -38.10 -1.62
N THR W 180 75.73 -36.90 -1.83
CA THR W 180 75.68 -36.30 -3.15
C THR W 180 77.05 -36.37 -3.83
N TRP W 181 78.10 -36.69 -3.11
CA TRP W 181 79.45 -36.41 -3.64
C TRP W 181 79.77 -37.23 -4.88
N MET W 182 79.26 -38.47 -4.94
CA MET W 182 79.60 -39.36 -6.05
C MET W 182 78.71 -39.05 -7.27
N VAL W 183 77.67 -38.24 -7.09
CA VAL W 183 76.81 -37.85 -8.22
C VAL W 183 76.69 -36.33 -8.33
N ASP W 184 77.72 -35.61 -7.87
CA ASP W 184 77.66 -34.16 -7.86
C ASP W 184 77.31 -33.60 -9.24
N LYS W 185 76.46 -32.58 -9.25
CA LYS W 185 75.94 -32.04 -10.51
C LYS W 185 77.09 -31.59 -11.40
N LYS W 186 78.11 -30.99 -10.80
CA LYS W 186 79.30 -30.62 -11.55
C LYS W 186 79.89 -31.78 -12.37
N LEU W 187 80.01 -32.96 -11.76
CA LEU W 187 80.55 -34.15 -12.44
C LEU W 187 79.62 -34.57 -13.57
N VAL W 188 78.32 -34.54 -13.32
CA VAL W 188 77.35 -34.97 -14.33
C VAL W 188 77.36 -33.97 -15.50
N THR W 189 77.24 -32.69 -15.17
CA THR W 189 77.27 -31.62 -16.16
C THR W 189 78.50 -31.71 -17.07
N ASN W 190 79.62 -32.15 -16.51
CA ASN W 190 80.89 -32.19 -17.24
C ASN W 190 81.16 -33.55 -17.85
N GLY W 191 80.20 -34.45 -17.72
CA GLY W 191 80.37 -35.81 -18.26
C GLY W 191 81.58 -36.53 -17.70
N GLU W 192 81.89 -36.31 -16.42
CA GLU W 192 83.01 -37.01 -15.77
C GLU W 192 82.63 -38.43 -15.34
N TRP W 193 82.20 -39.25 -16.30
CA TRP W 193 81.70 -40.60 -15.98
C TRP W 193 82.75 -41.50 -15.35
N ASP W 194 84.01 -41.36 -15.76
CA ASP W 194 85.05 -42.17 -15.15
C ASP W 194 85.22 -41.85 -13.66
N GLU W 195 85.09 -40.57 -13.31
CA GLU W 195 85.28 -40.14 -11.92
C GLU W 195 84.07 -40.59 -11.08
N ILE W 196 82.87 -40.45 -11.62
CA ILE W 196 81.68 -40.97 -10.93
C ILE W 196 81.82 -42.48 -10.68
N ALA W 197 82.31 -43.20 -11.69
CA ALA W 197 82.49 -44.62 -11.52
C ALA W 197 83.50 -44.94 -10.42
N ARG W 198 84.60 -44.18 -10.40
CA ARG W 198 85.63 -44.34 -9.37
C ARG W 198 85.09 -44.05 -7.95
N LEU W 199 84.39 -42.93 -7.80
CA LEU W 199 83.81 -42.58 -6.50
C LEU W 199 82.79 -43.63 -6.05
N THR W 200 82.00 -44.13 -6.99
CA THR W 200 81.01 -45.17 -6.65
C THR W 200 81.70 -46.47 -6.22
N ARG W 201 82.68 -46.96 -7.01
CA ARG W 201 83.37 -48.17 -6.62
C ARG W 201 84.05 -48.02 -5.27
N GLU W 202 84.64 -46.85 -5.05
CA GLU W 202 85.39 -46.62 -3.84
C GLU W 202 84.48 -46.66 -2.61
N ILE W 203 83.31 -46.02 -2.70
CA ILE W 203 82.42 -46.03 -1.53
C ILE W 203 81.79 -47.41 -1.29
N VAL W 204 81.47 -48.14 -2.35
CA VAL W 204 80.92 -49.48 -2.21
C VAL W 204 81.93 -50.39 -1.50
N GLU W 205 83.19 -50.30 -1.91
CA GLU W 205 84.24 -51.09 -1.27
C GLU W 205 84.42 -50.64 0.18
N GLN W 206 84.35 -49.34 0.43
CA GLN W 206 84.50 -48.85 1.78
C GLN W 206 83.41 -49.37 2.76
N VAL W 207 82.15 -49.31 2.35
CA VAL W 207 81.06 -49.61 3.29
C VAL W 207 80.67 -51.09 3.33
N ASN W 208 80.95 -51.78 2.24
CA ASN W 208 80.63 -53.19 2.12
C ASN W 208 81.90 -53.94 1.76
N PRO W 209 82.88 -53.93 2.68
CA PRO W 209 84.19 -54.53 2.39
C PRO W 209 84.10 -56.06 2.32
N SER X 2 55.91 -25.49 41.16
CA SER X 2 57.05 -24.70 41.61
C SER X 2 57.86 -25.49 42.63
N THR X 3 57.20 -26.46 43.26
CA THR X 3 57.87 -27.27 44.26
C THR X 3 59.00 -27.98 43.55
N ILE X 4 58.74 -28.37 42.31
CA ILE X 4 59.73 -29.05 41.52
C ILE X 4 60.93 -28.14 41.32
N ASN X 5 60.66 -26.87 41.04
CA ASN X 5 61.74 -25.94 40.80
C ASN X 5 62.57 -25.82 42.06
N ASN X 6 61.89 -25.73 43.20
CA ASN X 6 62.59 -25.60 44.46
C ASN X 6 63.46 -26.81 44.75
N GLN X 7 62.97 -28.00 44.46
CA GLN X 7 63.75 -29.20 44.72
C GLN X 7 64.97 -29.24 43.81
N LEU X 8 64.76 -28.86 42.57
CA LEU X 8 65.80 -28.80 41.53
C LEU X 8 66.83 -27.71 41.78
N LYS X 9 66.37 -26.51 42.15
CA LYS X 9 67.27 -25.38 42.36
C LYS X 9 68.28 -25.69 43.46
N ALA X 10 67.80 -26.40 44.49
CA ALA X 10 68.68 -26.81 45.58
C ALA X 10 69.66 -27.91 45.15
N LEU X 11 69.16 -28.89 44.41
CA LEU X 11 70.02 -30.03 44.02
C LEU X 11 71.11 -29.68 43.02
N LYS X 12 70.72 -28.88 42.02
CA LYS X 12 71.57 -28.44 40.90
C LYS X 12 71.97 -29.52 39.89
N VAL X 13 71.97 -30.78 40.31
CA VAL X 13 72.32 -31.89 39.44
C VAL X 13 71.37 -33.03 39.73
N ILE X 14 70.78 -33.58 38.67
CA ILE X 14 69.88 -34.71 38.82
C ILE X 14 70.43 -35.96 38.15
N PRO X 15 70.70 -37.02 38.93
CA PRO X 15 71.14 -38.26 38.31
C PRO X 15 70.08 -38.81 37.38
N VAL X 16 70.48 -39.06 36.15
CA VAL X 16 69.67 -39.71 35.15
C VAL X 16 70.11 -41.16 35.05
N ILE X 17 69.22 -42.05 35.49
CA ILE X 17 69.52 -43.47 35.72
C ILE X 17 68.93 -44.43 34.71
N ALA X 18 69.78 -45.23 34.10
CA ALA X 18 69.36 -46.31 33.22
C ALA X 18 69.75 -47.59 33.92
N ILE X 19 68.74 -48.29 34.45
CA ILE X 19 68.96 -49.44 35.31
C ILE X 19 68.65 -50.72 34.50
N ASP X 20 69.41 -51.78 34.71
CA ASP X 20 69.16 -53.05 34.04
C ASP X 20 68.35 -53.95 34.96
N ASN X 21 68.86 -54.14 36.17
CA ASN X 21 68.18 -54.92 37.18
C ASN X 21 67.60 -53.97 38.19
N ALA X 22 66.28 -54.02 38.35
CA ALA X 22 65.60 -53.08 39.22
C ALA X 22 66.13 -53.08 40.65
N GLU X 23 66.53 -54.26 41.12
CA GLU X 23 67.08 -54.41 42.47
C GLU X 23 68.27 -53.48 42.73
N ASP X 24 69.00 -53.19 41.66
CA ASP X 24 70.19 -52.33 41.72
C ASP X 24 69.88 -50.90 42.15
N ILE X 25 68.60 -50.51 42.08
CA ILE X 25 68.23 -49.16 42.48
C ILE X 25 68.37 -48.95 43.99
N ILE X 26 68.37 -50.04 44.74
CA ILE X 26 68.43 -49.91 46.17
C ILE X 26 69.83 -49.47 46.63
N PRO X 27 70.86 -50.25 46.27
CA PRO X 27 72.19 -49.76 46.68
C PRO X 27 72.53 -48.42 46.00
N LEU X 28 72.11 -48.24 44.75
CA LEU X 28 72.39 -46.97 44.03
C LEU X 28 71.76 -45.78 44.75
N GLY X 29 70.49 -45.91 45.13
CA GLY X 29 69.81 -44.85 45.85
C GLY X 29 70.43 -44.55 47.21
N LYS X 30 70.91 -45.60 47.88
CA LYS X 30 71.55 -45.44 49.18
C LYS X 30 72.82 -44.60 49.03
N VAL X 31 73.61 -44.97 48.03
CA VAL X 31 74.85 -44.23 47.76
C VAL X 31 74.57 -42.80 47.35
N LEU X 32 73.62 -42.59 46.44
CA LEU X 32 73.24 -41.20 46.12
C LEU X 32 72.79 -40.40 47.33
N ALA X 33 71.85 -40.94 48.10
CA ALA X 33 71.32 -40.17 49.23
C ALA X 33 72.36 -39.89 50.32
N GLU X 34 73.16 -40.88 50.67
CA GLU X 34 74.11 -40.65 51.77
C GLU X 34 75.30 -39.78 51.34
N ASN X 35 75.47 -39.59 50.03
CA ASN X 35 76.52 -38.71 49.56
C ASN X 35 76.05 -37.33 49.18
N GLY X 36 74.80 -37.03 49.56
CA GLY X 36 74.28 -35.67 49.43
C GLY X 36 73.43 -35.38 48.22
N LEU X 37 73.03 -36.42 47.46
CA LEU X 37 72.25 -36.19 46.23
C LEU X 37 70.96 -37.01 46.21
N PRO X 38 69.97 -36.60 46.98
CA PRO X 38 68.77 -37.40 47.18
C PRO X 38 67.76 -37.17 46.06
N ALA X 39 68.15 -37.54 44.84
CA ALA X 39 67.30 -37.33 43.65
C ALA X 39 67.65 -38.37 42.60
N ALA X 40 66.69 -38.67 41.73
CA ALA X 40 66.91 -39.64 40.69
C ALA X 40 65.83 -39.49 39.64
N GLU X 41 66.26 -39.45 38.39
CA GLU X 41 65.32 -39.56 37.26
C GLU X 41 65.54 -40.93 36.65
N ILE X 42 64.56 -41.82 36.79
CA ILE X 42 64.71 -43.17 36.33
C ILE X 42 64.13 -43.29 34.94
N THR X 43 64.98 -43.58 33.96
CA THR X 43 64.53 -43.65 32.56
C THR X 43 63.81 -44.94 32.18
N PHE X 44 62.71 -44.77 31.43
CA PHE X 44 61.91 -45.90 30.95
C PHE X 44 62.52 -46.58 29.71
N ARG X 45 63.71 -47.14 29.89
CA ARG X 45 64.45 -47.86 28.84
C ARG X 45 64.04 -49.34 28.78
N SER X 46 63.36 -49.80 29.82
CA SER X 46 62.84 -51.16 29.89
C SER X 46 61.76 -51.26 30.95
N SER X 47 61.02 -52.36 30.95
CA SER X 47 60.01 -52.58 31.99
C SER X 47 60.54 -52.45 33.41
N ALA X 48 61.83 -52.74 33.60
CA ALA X 48 62.42 -52.68 34.96
C ALA X 48 62.37 -51.30 35.63
N ALA X 49 62.19 -50.24 34.84
CA ALA X 49 62.11 -48.90 35.42
C ALA X 49 60.97 -48.74 36.44
N VAL X 50 59.83 -49.36 36.14
CA VAL X 50 58.66 -49.22 37.01
C VAL X 50 58.93 -49.82 38.39
N LYS X 51 59.44 -51.04 38.40
CA LYS X 51 59.80 -51.69 39.65
C LYS X 51 60.87 -50.89 40.40
N ALA X 52 61.87 -50.39 39.65
CA ALA X 52 62.89 -49.54 40.26
C ALA X 52 62.33 -48.33 40.96
N ILE X 53 61.37 -47.61 40.35
CA ILE X 53 60.78 -46.50 41.04
C ILE X 53 60.07 -46.95 42.34
N MET X 54 59.37 -48.08 42.26
CA MET X 54 58.62 -48.58 43.42
C MET X 54 59.58 -48.96 44.55
N LEU X 55 60.64 -49.68 44.23
CA LEU X 55 61.66 -50.06 45.22
C LEU X 55 62.37 -48.86 45.81
N LEU X 56 62.80 -47.92 44.94
CA LEU X 56 63.41 -46.70 45.46
C LEU X 56 62.53 -45.87 46.37
N ARG X 57 61.23 -45.74 46.04
CA ARG X 57 60.34 -44.93 46.87
C ARG X 57 60.17 -45.60 48.24
N SER X 58 60.12 -46.93 48.25
CA SER X 58 60.04 -47.68 49.52
C SER X 58 61.31 -47.51 50.33
N ALA X 59 62.47 -47.56 49.66
CA ALA X 59 63.76 -47.54 50.35
C ALA X 59 64.22 -46.15 50.75
N GLN X 60 63.85 -45.15 49.95
CA GLN X 60 64.28 -43.78 50.16
C GLN X 60 63.06 -42.88 50.02
N PRO X 61 62.19 -42.86 51.03
CA PRO X 61 60.89 -42.20 50.88
C PRO X 61 60.93 -40.72 50.54
N GLU X 62 61.95 -39.99 50.99
CA GLU X 62 62.03 -38.55 50.79
C GLU X 62 62.83 -38.20 49.52
N MET X 63 63.24 -39.18 48.78
CA MET X 63 64.01 -38.94 47.58
C MET X 63 63.14 -38.24 46.55
N LEU X 64 63.70 -37.31 45.79
CA LEU X 64 63.00 -36.74 44.63
C LEU X 64 63.12 -37.78 43.53
N ILE X 65 61.99 -38.37 43.10
CA ILE X 65 62.02 -39.40 42.07
C ILE X 65 61.14 -38.97 40.90
N GLY X 66 61.78 -38.84 39.75
CA GLY X 66 61.07 -38.62 38.47
C GLY X 66 61.26 -39.81 37.56
N ALA X 67 60.43 -39.91 36.54
CA ALA X 67 60.57 -40.95 35.56
C ALA X 67 60.92 -40.24 34.26
N GLY X 68 61.86 -40.79 33.53
CA GLY X 68 62.26 -40.20 32.25
C GLY X 68 61.89 -41.04 31.04
N THR X 69 62.13 -40.47 29.86
CA THR X 69 61.81 -41.13 28.60
C THR X 69 60.32 -41.49 28.50
N ILE X 70 59.52 -40.58 28.99
CA ILE X 70 58.07 -40.80 29.04
C ILE X 70 57.47 -40.27 27.72
N LEU X 71 57.02 -41.19 26.88
CA LEU X 71 56.62 -40.87 25.50
C LEU X 71 55.11 -40.83 25.33
N ASN X 72 54.38 -41.27 26.35
CA ASN X 72 52.92 -41.29 26.24
C ASN X 72 52.26 -41.29 27.61
N GLY X 73 50.93 -41.12 27.65
CA GLY X 73 50.24 -41.00 28.92
C GLY X 73 50.24 -42.32 29.68
N VAL X 74 50.22 -43.46 28.98
CA VAL X 74 50.24 -44.79 29.63
C VAL X 74 51.50 -44.93 30.48
N GLN X 75 52.64 -44.54 29.91
CA GLN X 75 53.85 -44.60 30.69
C GLN X 75 53.84 -43.61 31.84
N ALA X 76 53.30 -42.42 31.62
CA ALA X 76 53.17 -41.43 32.69
C ALA X 76 52.33 -41.98 33.85
N LEU X 77 51.23 -42.67 33.52
CA LEU X 77 50.42 -43.33 34.55
C LEU X 77 51.23 -44.42 35.31
N ALA X 78 51.95 -45.26 34.57
CA ALA X 78 52.76 -46.32 35.19
C ALA X 78 53.70 -45.68 36.18
N ALA X 79 54.31 -44.57 35.77
CA ALA X 79 55.27 -43.88 36.64
C ALA X 79 54.60 -43.27 37.87
N LYS X 80 53.42 -42.70 37.68
CA LYS X 80 52.69 -42.10 38.79
C LYS X 80 52.33 -43.20 39.82
N GLU X 81 51.83 -44.33 39.32
CA GLU X 81 51.36 -45.42 40.20
C GLU X 81 52.53 -46.04 40.92
N ALA X 82 53.70 -46.02 40.29
CA ALA X 82 54.92 -46.55 40.92
C ALA X 82 55.45 -45.65 42.02
N GLY X 83 55.07 -44.36 42.01
CA GLY X 83 55.51 -43.42 43.02
C GLY X 83 56.36 -42.26 42.56
N ALA X 84 56.57 -42.12 41.25
CA ALA X 84 57.24 -40.91 40.77
C ALA X 84 56.36 -39.68 40.97
N THR X 85 56.95 -38.54 41.27
CA THR X 85 56.18 -37.29 41.42
C THR X 85 56.25 -36.34 40.22
N PHE X 86 57.01 -36.70 39.20
CA PHE X 86 57.00 -35.93 37.94
C PHE X 86 57.54 -36.85 36.86
N VAL X 87 57.24 -36.51 35.61
CA VAL X 87 57.78 -37.21 34.48
C VAL X 87 58.53 -36.23 33.59
N VAL X 88 59.46 -36.80 32.84
CA VAL X 88 60.28 -36.05 31.88
C VAL X 88 60.24 -36.76 30.54
N SER X 89 60.18 -35.97 29.45
CA SER X 89 60.22 -36.53 28.09
C SER X 89 61.40 -35.91 27.36
N PRO X 90 61.99 -36.65 26.40
CA PRO X 90 63.18 -36.11 25.71
C PRO X 90 62.81 -34.95 24.79
N GLY X 91 61.60 -35.02 24.23
CA GLY X 91 61.08 -33.92 23.39
C GLY X 91 59.71 -33.50 23.90
N PHE X 92 59.01 -32.74 23.09
CA PHE X 92 57.74 -32.14 23.48
C PHE X 92 56.64 -32.70 22.59
N ASN X 93 55.73 -33.46 23.23
CA ASN X 93 54.57 -34.00 22.53
C ASN X 93 53.35 -33.45 23.27
N PRO X 94 52.62 -32.54 22.63
CA PRO X 94 51.49 -31.98 23.31
C PRO X 94 50.45 -33.04 23.70
N ASN X 95 50.38 -34.16 22.98
CA ASN X 95 49.43 -35.23 23.37
C ASN X 95 49.85 -35.84 24.69
N THR X 96 51.16 -35.98 24.88
CA THR X 96 51.64 -36.49 26.17
C THR X 96 51.39 -35.51 27.29
N VAL X 97 51.66 -34.23 27.04
CA VAL X 97 51.42 -33.19 28.02
C VAL X 97 49.93 -33.16 28.46
N ARG X 98 49.03 -33.18 27.49
CA ARG X 98 47.59 -33.21 27.80
C ARG X 98 47.23 -34.45 28.65
N ALA X 99 47.77 -35.60 28.29
CA ALA X 99 47.49 -36.84 29.02
C ALA X 99 47.96 -36.71 30.46
N CYS X 100 49.13 -36.09 30.66
CA CYS X 100 49.65 -35.90 32.02
C CYS X 100 48.76 -34.95 32.82
N GLN X 101 48.22 -33.95 32.16
CA GLN X 101 47.32 -33.04 32.82
C GLN X 101 46.07 -33.78 33.29
N ILE X 102 45.60 -34.69 32.46
CA ILE X 102 44.36 -35.43 32.73
C ILE X 102 44.58 -36.46 33.83
N ILE X 103 45.72 -37.16 33.80
CA ILE X 103 45.93 -38.19 34.81
C ILE X 103 46.44 -37.57 36.12
N GLY X 104 46.92 -36.34 36.05
CA GLY X 104 47.35 -35.60 37.22
C GLY X 104 48.77 -35.90 37.69
N ILE X 105 49.74 -35.74 36.79
CA ILE X 105 51.16 -35.75 37.18
C ILE X 105 51.90 -34.66 36.40
N ASP X 106 52.84 -34.01 37.07
CA ASP X 106 53.58 -32.93 36.41
C ASP X 106 54.54 -33.48 35.41
N ILE X 107 54.70 -32.76 34.30
CA ILE X 107 55.64 -33.16 33.27
C ILE X 107 56.62 -32.01 33.02
N VAL X 108 57.89 -32.37 32.85
CA VAL X 108 58.93 -31.44 32.40
C VAL X 108 59.38 -31.96 31.05
N PRO X 109 58.84 -31.38 29.97
CA PRO X 109 59.16 -31.90 28.64
C PRO X 109 60.46 -31.31 28.08
N GLY X 110 61.11 -32.04 27.17
CA GLY X 110 62.33 -31.54 26.51
C GLY X 110 62.05 -30.65 25.33
N VAL X 111 62.86 -29.60 25.22
CA VAL X 111 62.85 -28.72 24.06
C VAL X 111 64.29 -28.45 23.64
N ASN X 112 64.49 -27.98 22.42
CA ASN X 112 65.83 -27.57 22.03
C ASN X 112 65.86 -26.42 21.03
N ASN X 113 64.71 -25.73 20.84
CA ASN X 113 64.70 -24.56 19.93
C ASN X 113 63.56 -23.63 20.29
N PRO X 114 63.53 -22.44 19.70
CA PRO X 114 62.54 -21.42 20.03
C PRO X 114 61.10 -21.83 19.77
N SER X 115 60.87 -22.53 18.67
CA SER X 115 59.51 -22.92 18.34
C SER X 115 58.93 -23.89 19.35
N THR X 116 59.76 -24.83 19.80
CA THR X 116 59.24 -25.82 20.75
C THR X 116 59.01 -25.15 22.10
N VAL X 117 59.89 -24.20 22.45
CA VAL X 117 59.64 -23.44 23.68
C VAL X 117 58.27 -22.75 23.62
N GLU X 118 57.97 -22.12 22.50
CA GLU X 118 56.69 -21.41 22.37
C GLU X 118 55.51 -22.34 22.44
N ALA X 119 55.67 -23.53 21.88
CA ALA X 119 54.64 -24.56 21.96
C ALA X 119 54.38 -24.93 23.41
N ALA X 120 55.44 -25.09 24.19
CA ALA X 120 55.29 -25.44 25.61
C ALA X 120 54.65 -24.32 26.39
N LEU X 121 55.08 -23.09 26.15
CA LEU X 121 54.54 -21.92 26.86
C LEU X 121 53.06 -21.81 26.61
N GLU X 122 52.64 -22.15 25.40
CA GLU X 122 51.24 -22.02 25.05
C GLU X 122 50.36 -23.00 25.81
N MET X 123 50.94 -24.13 26.22
CA MET X 123 50.26 -25.11 27.07
C MET X 123 50.44 -24.89 28.56
N GLY X 124 51.02 -23.76 28.93
CA GLY X 124 51.14 -23.35 30.32
C GLY X 124 52.36 -23.90 31.05
N LEU X 125 53.31 -24.43 30.29
CA LEU X 125 54.50 -24.99 30.93
C LEU X 125 55.63 -23.95 30.92
N THR X 126 56.43 -23.94 31.99
CA THR X 126 57.56 -23.01 32.06
C THR X 126 58.86 -23.72 32.44
N THR X 127 58.80 -24.82 33.21
CA THR X 127 59.99 -25.64 33.49
C THR X 127 60.18 -26.71 32.42
N LEU X 128 61.29 -26.59 31.68
CA LEU X 128 61.50 -27.43 30.52
C LEU X 128 62.90 -28.03 30.58
N LYS X 129 63.01 -29.24 30.04
CA LYS X 129 64.29 -29.89 29.91
C LYS X 129 64.90 -29.38 28.62
N PHE X 130 66.20 -29.09 28.61
CA PHE X 130 66.84 -28.64 27.35
C PHE X 130 67.72 -29.81 26.90
N PHE X 131 67.32 -30.49 25.84
CA PHE X 131 67.91 -31.77 25.46
C PHE X 131 67.90 -31.93 23.93
N PRO X 132 68.99 -32.46 23.34
CA PRO X 132 70.27 -32.79 24.02
C PRO X 132 71.13 -31.54 24.12
N ALA X 133 71.64 -31.27 25.32
CA ALA X 133 72.14 -29.90 25.58
C ALA X 133 73.38 -29.60 24.73
N GLU X 134 74.41 -30.43 24.81
CA GLU X 134 75.63 -30.12 24.06
C GLU X 134 75.42 -30.23 22.56
N ALA X 135 74.73 -31.29 22.14
CA ALA X 135 74.57 -31.53 20.69
C ALA X 135 73.69 -30.44 20.01
N SER X 136 72.87 -29.74 20.80
CA SER X 136 71.99 -28.70 20.27
C SER X 136 72.63 -27.32 20.25
N GLY X 137 73.87 -27.23 20.72
CA GLY X 137 74.58 -25.96 20.71
C GLY X 137 75.02 -25.46 22.07
N GLY X 138 74.72 -26.23 23.12
CA GLY X 138 75.36 -25.94 24.41
C GLY X 138 74.95 -24.62 25.02
N ILE X 139 75.86 -24.03 25.79
CA ILE X 139 75.54 -22.81 26.49
C ILE X 139 75.12 -21.68 25.58
N SER X 140 75.72 -21.60 24.37
CA SER X 140 75.29 -20.57 23.42
C SER X 140 73.81 -20.72 23.07
N MET X 141 73.36 -21.95 22.88
CA MET X 141 71.95 -22.14 22.65
C MET X 141 71.11 -21.81 23.90
N VAL X 142 71.56 -22.25 25.07
CA VAL X 142 70.78 -21.94 26.25
C VAL X 142 70.56 -20.43 26.40
N LYS X 143 71.62 -19.66 26.20
CA LYS X 143 71.52 -18.21 26.31
C LYS X 143 70.54 -17.61 25.30
N SER X 144 70.52 -18.19 24.11
CA SER X 144 69.54 -17.76 23.09
C SER X 144 68.09 -18.06 23.38
N LEU X 145 67.79 -19.10 24.15
CA LEU X 145 66.41 -19.40 24.57
C LEU X 145 65.91 -18.64 25.79
N VAL X 146 66.75 -18.53 26.79
CA VAL X 146 66.29 -17.91 27.99
C VAL X 146 66.16 -16.41 27.73
N GLY X 147 66.94 -15.90 26.79
CA GLY X 147 66.96 -14.48 26.45
C GLY X 147 65.58 -13.95 26.07
N PRO X 148 64.96 -14.52 25.02
CA PRO X 148 63.63 -14.04 24.62
C PRO X 148 62.50 -14.48 25.52
N TYR X 149 62.72 -15.54 26.31
CA TYR X 149 61.63 -16.17 27.06
C TYR X 149 61.89 -16.08 28.55
N GLY X 150 61.56 -14.93 29.13
CA GLY X 150 61.92 -14.63 30.52
C GLY X 150 61.28 -15.56 31.52
N ASP X 151 60.21 -16.24 31.13
CA ASP X 151 59.45 -17.08 32.06
C ASP X 151 59.97 -18.51 32.19
N ILE X 152 60.76 -18.95 31.22
CA ILE X 152 61.19 -20.35 31.27
C ILE X 152 62.30 -20.61 32.28
N ARG X 153 62.33 -21.85 32.76
CA ARG X 153 63.42 -22.32 33.63
C ARG X 153 63.84 -23.66 33.05
N LEU X 154 65.14 -23.90 32.95
CA LEU X 154 65.61 -25.04 32.15
C LEU X 154 66.34 -26.08 32.97
N MET X 155 66.22 -27.32 32.55
CA MET X 155 67.06 -28.39 33.03
C MET X 155 67.87 -28.99 31.86
N PRO X 156 69.06 -28.44 31.59
CA PRO X 156 69.88 -28.97 30.50
C PRO X 156 70.35 -30.39 30.80
N THR X 157 70.23 -31.27 29.81
CA THR X 157 70.68 -32.64 29.95
C THR X 157 71.21 -33.07 28.61
N GLY X 158 72.25 -33.92 28.62
CA GLY X 158 72.84 -34.41 27.37
C GLY X 158 74.23 -33.82 27.24
N GLY X 159 75.22 -34.65 27.55
CA GLY X 159 76.61 -34.22 27.41
C GLY X 159 77.12 -33.39 28.56
N ILE X 160 76.36 -33.32 29.64
CA ILE X 160 76.77 -32.54 30.82
C ILE X 160 77.78 -33.37 31.61
N THR X 161 78.84 -32.71 32.02
CA THR X 161 79.92 -33.38 32.77
C THR X 161 80.42 -32.42 33.85
N PRO X 162 81.27 -32.91 34.76
CA PRO X 162 81.78 -31.95 35.71
C PRO X 162 82.57 -30.81 35.06
N SER X 163 83.14 -31.03 33.87
CA SER X 163 83.95 -30.03 33.21
C SER X 163 83.14 -28.92 32.56
N ASN X 164 81.85 -29.18 32.33
CA ASN X 164 81.02 -28.12 31.73
C ASN X 164 79.78 -27.67 32.51
N ILE X 165 79.47 -28.36 33.60
CA ILE X 165 78.23 -28.03 34.30
C ILE X 165 78.21 -26.61 34.90
N ASP X 166 79.36 -26.11 35.35
CA ASP X 166 79.39 -24.79 35.97
C ASP X 166 78.91 -23.72 35.01
N ASN X 167 79.27 -23.85 33.75
CA ASN X 167 78.89 -22.87 32.76
C ASN X 167 77.39 -22.84 32.59
N TYR X 168 76.75 -23.98 32.63
CA TYR X 168 75.30 -24.00 32.57
C TYR X 168 74.65 -23.43 33.83
N LEU X 169 75.14 -23.84 34.99
CA LEU X 169 74.56 -23.36 36.23
C LEU X 169 74.73 -21.83 36.44
N ALA X 170 75.72 -21.26 35.77
CA ALA X 170 75.95 -19.82 35.87
C ALA X 170 74.80 -19.01 35.22
N ILE X 171 74.01 -19.65 34.37
CA ILE X 171 72.82 -18.99 33.78
C ILE X 171 71.66 -19.03 34.75
N PRO X 172 71.15 -17.85 35.17
CA PRO X 172 70.14 -17.79 36.21
C PRO X 172 68.88 -18.64 35.98
N GLN X 173 68.44 -18.72 34.74
CA GLN X 173 67.24 -19.49 34.43
C GLN X 173 67.48 -20.99 34.34
N VAL X 174 68.73 -21.44 34.48
CA VAL X 174 68.98 -22.88 34.59
C VAL X 174 68.80 -23.31 36.04
N LEU X 175 67.92 -24.28 36.27
CA LEU X 175 67.62 -24.73 37.65
C LEU X 175 68.63 -25.80 38.07
N ALA X 176 68.82 -26.76 37.18
CA ALA X 176 69.68 -27.89 37.47
C ALA X 176 69.99 -28.56 36.16
N CYS X 177 71.02 -29.39 36.16
CA CYS X 177 71.34 -30.16 34.97
C CYS X 177 71.21 -31.64 35.24
N GLY X 178 70.79 -32.39 34.23
CA GLY X 178 70.73 -33.85 34.36
C GLY X 178 72.06 -34.45 33.93
N GLY X 179 72.52 -35.47 34.65
CA GLY X 179 73.81 -36.06 34.34
C GLY X 179 73.77 -37.55 34.56
N THR X 180 74.44 -38.29 33.70
CA THR X 180 74.49 -39.73 33.83
C THR X 180 75.82 -40.19 34.40
N TRP X 181 76.83 -39.32 34.43
CA TRP X 181 78.20 -39.82 34.61
C TRP X 181 78.41 -40.47 35.98
N MET X 182 77.74 -39.94 37.01
CA MET X 182 77.94 -40.46 38.37
C MET X 182 77.12 -41.73 38.60
N VAL X 183 76.21 -42.05 37.69
CA VAL X 183 75.41 -43.28 37.81
C VAL X 183 75.51 -44.13 36.56
N ASP X 184 76.61 -44.01 35.83
CA ASP X 184 76.77 -44.72 34.57
C ASP X 184 76.50 -46.22 34.73
N LYS X 185 75.80 -46.80 33.76
CA LYS X 185 75.37 -48.19 33.86
C LYS X 185 76.58 -49.10 34.06
N LYS X 186 77.67 -48.80 33.36
CA LYS X 186 78.91 -49.55 33.56
C LYS X 186 79.34 -49.64 35.03
N LEU X 187 79.29 -48.52 35.75
CA LEU X 187 79.65 -48.49 37.18
C LEU X 187 78.68 -49.33 37.99
N VAL X 188 77.39 -49.22 37.69
CA VAL X 188 76.37 -49.96 38.44
C VAL X 188 76.52 -51.46 38.16
N THR X 189 76.60 -51.82 36.89
CA THR X 189 76.78 -53.20 36.47
C THR X 189 77.99 -53.86 37.14
N ASN X 190 79.04 -53.08 37.38
CA ASN X 190 80.29 -53.59 37.93
C ASN X 190 80.37 -53.44 39.43
N GLY X 191 79.29 -52.95 40.03
CA GLY X 191 79.26 -52.73 41.48
C GLY X 191 80.36 -51.80 41.97
N GLU X 192 80.69 -50.78 41.18
CA GLU X 192 81.69 -49.79 41.59
C GLU X 192 81.12 -48.75 42.55
N TRP X 193 80.58 -49.21 43.68
CA TRP X 193 79.90 -48.30 44.62
C TRP X 193 80.81 -47.23 45.19
N ASP X 194 82.08 -47.57 45.45
CA ASP X 194 82.98 -46.56 45.97
C ASP X 194 83.19 -45.41 44.96
N GLU X 195 83.26 -45.76 43.68
CA GLU X 195 83.49 -44.74 42.65
C GLU X 195 82.23 -43.88 42.47
N ILE X 196 81.06 -44.51 42.47
CA ILE X 196 79.80 -43.74 42.43
C ILE X 196 79.73 -42.78 43.61
N ALA X 197 80.11 -43.26 44.80
CA ALA X 197 80.10 -42.39 45.95
C ALA X 197 81.05 -41.21 45.80
N ARG X 198 82.24 -41.48 45.27
CA ARG X 198 83.23 -40.44 45.02
C ARG X 198 82.74 -39.39 44.00
N LEU X 199 82.20 -39.86 42.88
CA LEU X 199 81.66 -38.94 41.86
C LEU X 199 80.51 -38.11 42.41
N THR X 200 79.66 -38.76 43.22
CA THR X 200 78.54 -38.02 43.82
C THR X 200 79.04 -36.95 44.82
N ARG X 201 79.94 -37.32 45.75
CA ARG X 201 80.45 -36.34 46.68
C ARG X 201 81.13 -35.19 45.96
N GLU X 202 81.88 -35.53 44.90
CA GLU X 202 82.65 -34.55 44.20
C GLU X 202 81.73 -33.52 43.52
N ILE X 203 80.67 -34.00 42.86
CA ILE X 203 79.78 -33.04 42.19
C ILE X 203 78.96 -32.20 43.17
N VAL X 204 78.55 -32.79 44.30
CA VAL X 204 77.81 -32.04 45.31
C VAL X 204 78.69 -30.91 45.87
N GLU X 205 79.95 -31.21 46.14
CA GLU X 205 80.87 -30.19 46.62
C GLU X 205 81.11 -29.13 45.54
N GLN X 206 81.21 -29.57 44.29
CA GLN X 206 81.43 -28.63 43.22
C GLN X 206 80.27 -27.61 43.05
N VAL X 207 79.03 -28.08 43.03
CA VAL X 207 77.91 -27.20 42.71
C VAL X 207 77.32 -26.47 43.90
N ASN X 208 77.51 -27.05 45.08
CA ASN X 208 76.99 -26.49 46.31
C ASN X 208 78.14 -26.34 47.28
N PRO X 209 79.12 -25.48 46.94
CA PRO X 209 80.32 -25.33 47.75
C PRO X 209 80.02 -24.66 49.10
N SER Y 2 4.60 -11.81 -73.16
CA SER Y 2 5.92 -11.99 -73.74
C SER Y 2 5.80 -12.47 -75.18
N THR Y 3 4.82 -13.34 -75.42
CA THR Y 3 4.52 -13.82 -76.77
C THR Y 3 3.99 -12.68 -77.65
N ILE Y 4 3.05 -11.91 -77.10
CA ILE Y 4 2.47 -10.79 -77.83
C ILE Y 4 3.53 -9.75 -78.18
N ASN Y 5 4.37 -9.38 -77.20
CA ASN Y 5 5.47 -8.44 -77.43
C ASN Y 5 6.35 -8.88 -78.59
N ASN Y 6 6.68 -10.17 -78.60
CA ASN Y 6 7.53 -10.68 -79.66
C ASN Y 6 6.86 -10.64 -81.02
N GLN Y 7 5.58 -10.96 -81.06
CA GLN Y 7 4.84 -10.91 -82.32
C GLN Y 7 4.73 -9.46 -82.82
N LEU Y 8 4.38 -8.54 -81.93
CA LEU Y 8 4.35 -7.12 -82.33
C LEU Y 8 5.69 -6.62 -82.87
N LYS Y 9 6.78 -6.97 -82.19
CA LYS Y 9 8.10 -6.51 -82.58
C LYS Y 9 8.44 -6.99 -83.99
N ALA Y 10 8.01 -8.21 -84.30
CA ALA Y 10 8.23 -8.76 -85.63
C ALA Y 10 7.34 -8.08 -86.68
N LEU Y 11 6.07 -7.87 -86.34
CA LEU Y 11 5.13 -7.30 -87.32
C LEU Y 11 5.40 -5.84 -87.67
N LYS Y 12 5.68 -5.07 -86.62
CA LYS Y 12 5.92 -3.60 -86.69
C LYS Y 12 4.71 -2.74 -87.02
N VAL Y 13 3.71 -3.31 -87.66
CA VAL Y 13 2.50 -2.58 -88.02
C VAL Y 13 1.31 -3.49 -87.80
N ILE Y 14 0.33 -2.98 -87.08
CA ILE Y 14 -0.89 -3.76 -86.83
C ILE Y 14 -2.10 -3.12 -87.48
N PRO Y 15 -2.74 -3.82 -88.44
CA PRO Y 15 -3.96 -3.29 -89.01
C PRO Y 15 -5.05 -3.13 -87.96
N VAL Y 16 -5.57 -1.92 -87.87
CA VAL Y 16 -6.70 -1.60 -87.04
C VAL Y 16 -7.95 -1.53 -87.92
N ILE Y 17 -8.83 -2.51 -87.71
CA ILE Y 17 -9.96 -2.80 -88.60
C ILE Y 17 -11.32 -2.39 -88.05
N ALA Y 18 -12.04 -1.57 -88.81
CA ALA Y 18 -13.41 -1.24 -88.51
C ALA Y 18 -14.25 -1.85 -89.61
N ILE Y 19 -14.97 -2.92 -89.28
CA ILE Y 19 -15.68 -3.73 -90.25
C ILE Y 19 -17.17 -3.42 -90.14
N ASP Y 20 -17.87 -3.39 -91.27
CA ASP Y 20 -19.31 -3.17 -91.26
C ASP Y 20 -20.04 -4.50 -91.32
N ASN Y 21 -19.67 -5.30 -92.33
CA ASN Y 21 -20.21 -6.63 -92.48
C ASN Y 21 -19.17 -7.62 -92.05
N ALA Y 22 -19.50 -8.44 -91.06
CA ALA Y 22 -18.52 -9.35 -90.49
C ALA Y 22 -17.92 -10.28 -91.53
N GLU Y 23 -18.73 -10.68 -92.51
CA GLU Y 23 -18.28 -11.58 -93.58
C GLU Y 23 -17.04 -11.03 -94.31
N ASP Y 24 -16.95 -9.71 -94.37
CA ASP Y 24 -15.86 -9.01 -95.04
C ASP Y 24 -14.50 -9.29 -94.42
N ILE Y 25 -14.47 -9.81 -93.18
CA ILE Y 25 -13.21 -10.12 -92.52
C ILE Y 25 -12.49 -11.28 -93.19
N ILE Y 26 -13.23 -12.11 -93.93
CA ILE Y 26 -12.61 -13.28 -94.53
C ILE Y 26 -11.71 -12.87 -95.70
N PRO Y 27 -12.28 -12.17 -96.70
CA PRO Y 27 -11.36 -11.76 -97.77
C PRO Y 27 -10.28 -10.79 -97.26
N LEU Y 28 -10.64 -9.92 -96.32
CA LEU Y 28 -9.66 -8.96 -95.75
C LEU Y 28 -8.49 -9.68 -95.09
N GLY Y 29 -8.80 -10.66 -94.24
CA GLY Y 29 -7.78 -11.45 -93.59
C GLY Y 29 -6.90 -12.24 -94.54
N LYS Y 30 -7.52 -12.73 -95.63
CA LYS Y 30 -6.78 -13.49 -96.64
C LYS Y 30 -5.75 -12.57 -97.29
N VAL Y 31 -6.20 -11.38 -97.67
CA VAL Y 31 -5.31 -10.40 -98.30
C VAL Y 31 -4.20 -9.96 -97.34
N LEU Y 32 -4.56 -9.64 -96.10
CA LEU Y 32 -3.51 -9.33 -95.12
C LEU Y 32 -2.49 -10.45 -94.97
N ALA Y 33 -2.96 -11.67 -94.72
CA ALA Y 33 -2.03 -12.76 -94.44
C ALA Y 33 -1.13 -13.09 -95.65
N GLU Y 34 -1.72 -13.16 -96.84
CA GLU Y 34 -0.91 -13.57 -98.00
C GLU Y 34 0.05 -12.45 -98.47
N ASN Y 35 -0.17 -11.24 -97.98
CA ASN Y 35 0.74 -10.16 -98.32
C ASN Y 35 1.74 -9.83 -97.23
N GLY Y 36 1.82 -10.74 -96.26
CA GLY Y 36 2.88 -10.67 -95.25
C GLY Y 36 2.52 -10.03 -93.92
N LEU Y 37 1.24 -9.77 -93.68
CA LEU Y 37 0.83 -9.07 -92.44
C LEU Y 37 -0.26 -9.84 -91.68
N PRO Y 38 0.13 -10.94 -91.04
CA PRO Y 38 -0.84 -11.84 -90.43
C PRO Y 38 -1.25 -11.37 -89.03
N ALA Y 39 -1.90 -10.21 -89.00
CA ALA Y 39 -2.33 -9.60 -87.73
C ALA Y 39 -3.52 -8.69 -87.97
N ALA Y 40 -4.32 -8.51 -86.93
CA ALA Y 40 -5.50 -7.68 -87.05
C ALA Y 40 -5.99 -7.30 -85.67
N GLU Y 41 -6.26 -6.02 -85.48
CA GLU Y 41 -6.97 -5.56 -84.29
C GLU Y 41 -8.36 -5.16 -84.73
N ILE Y 42 -9.37 -5.93 -84.32
CA ILE Y 42 -10.71 -5.69 -84.77
C ILE Y 42 -11.44 -4.83 -83.76
N THR Y 43 -11.80 -3.62 -84.17
CA THR Y 43 -12.44 -2.68 -83.24
C THR Y 43 -13.93 -2.94 -82.97
N PHE Y 44 -14.31 -2.83 -81.69
CA PHE Y 44 -15.70 -3.02 -81.25
C PHE Y 44 -16.56 -1.77 -81.51
N ARG Y 45 -16.71 -1.41 -82.78
CA ARG Y 45 -17.53 -0.27 -83.22
C ARG Y 45 -18.99 -0.67 -83.43
N SER Y 46 -19.23 -1.97 -83.48
CA SER Y 46 -20.58 -2.53 -83.60
C SER Y 46 -20.60 -3.99 -83.19
N SER Y 47 -21.79 -4.55 -83.00
CA SER Y 47 -21.89 -5.98 -82.68
C SER Y 47 -21.17 -6.89 -83.67
N ALA Y 48 -21.04 -6.45 -84.91
CA ALA Y 48 -20.38 -7.29 -85.95
C ALA Y 48 -18.92 -7.65 -85.66
N ALA Y 49 -18.27 -6.89 -84.78
CA ALA Y 49 -16.88 -7.20 -84.45
C ALA Y 49 -16.68 -8.61 -83.86
N VAL Y 50 -17.64 -9.05 -83.04
CA VAL Y 50 -17.51 -10.34 -82.38
C VAL Y 50 -17.53 -11.47 -83.40
N LYS Y 51 -18.51 -11.43 -84.29
CA LYS Y 51 -18.60 -12.41 -85.36
C LYS Y 51 -17.35 -12.37 -86.26
N ALA Y 52 -16.88 -11.16 -86.58
CA ALA Y 52 -15.66 -11.01 -87.35
C ALA Y 52 -14.46 -11.69 -86.71
N ILE Y 53 -14.26 -11.52 -85.40
CA ILE Y 53 -13.17 -12.23 -84.77
C ILE Y 53 -13.33 -13.75 -84.91
N MET Y 54 -14.56 -14.23 -84.72
CA MET Y 54 -14.82 -15.68 -84.78
C MET Y 54 -14.55 -16.22 -86.20
N LEU Y 55 -15.04 -15.53 -87.20
CA LEU Y 55 -14.79 -15.91 -88.61
C LEU Y 55 -13.33 -15.84 -88.97
N LEU Y 56 -12.66 -14.74 -88.61
CA LEU Y 56 -11.22 -14.66 -88.86
C LEU Y 56 -10.38 -15.74 -88.19
N ARG Y 57 -10.70 -16.10 -86.94
CA ARG Y 57 -9.93 -17.11 -86.23
C ARG Y 57 -10.11 -18.47 -86.92
N SER Y 58 -11.33 -18.73 -87.40
CA SER Y 58 -11.61 -19.96 -88.14
C SER Y 58 -10.86 -19.98 -89.46
N ALA Y 59 -10.84 -18.85 -90.17
CA ALA Y 59 -10.26 -18.77 -91.51
C ALA Y 59 -8.75 -18.64 -91.52
N GLN Y 60 -8.21 -17.99 -90.50
CA GLN Y 60 -6.78 -17.72 -90.42
C GLN Y 60 -6.32 -18.05 -89.01
N PRO Y 61 -6.19 -19.35 -88.70
CA PRO Y 61 -5.96 -19.77 -87.31
C PRO Y 61 -4.72 -19.20 -86.64
N GLU Y 62 -3.66 -18.96 -87.40
CA GLU Y 62 -2.40 -18.51 -86.82
C GLU Y 62 -2.29 -16.97 -86.81
N MET Y 63 -3.32 -16.29 -87.22
CA MET Y 63 -3.31 -14.85 -87.26
C MET Y 63 -3.24 -14.31 -85.84
N LEU Y 64 -2.50 -13.21 -85.64
CA LEU Y 64 -2.56 -12.49 -84.36
C LEU Y 64 -3.84 -11.67 -84.40
N ILE Y 65 -4.78 -11.97 -83.52
CA ILE Y 65 -6.07 -11.27 -83.50
C ILE Y 65 -6.29 -10.65 -82.12
N GLY Y 66 -6.39 -9.33 -82.12
CA GLY Y 66 -6.79 -8.58 -80.93
C GLY Y 66 -8.12 -7.91 -81.16
N ALA Y 67 -8.77 -7.48 -80.08
CA ALA Y 67 -10.01 -6.76 -80.19
C ALA Y 67 -9.70 -5.37 -79.67
N GLY Y 68 -10.21 -4.36 -80.34
CA GLY Y 68 -9.99 -2.98 -79.91
C GLY Y 68 -11.25 -2.28 -79.43
N THR Y 69 -11.06 -1.07 -78.91
CA THR Y 69 -12.16 -0.27 -78.37
C THR Y 69 -12.90 -1.00 -77.24
N ILE Y 70 -12.11 -1.67 -76.44
CA ILE Y 70 -12.67 -2.48 -75.34
C ILE Y 70 -12.77 -1.58 -74.10
N LEU Y 71 -14.00 -1.26 -73.72
CA LEU Y 71 -14.27 -0.23 -72.71
C LEU Y 71 -14.68 -0.84 -71.37
N ASN Y 72 -14.92 -2.15 -71.37
CA ASN Y 72 -15.35 -2.81 -70.12
C ASN Y 72 -15.06 -4.29 -70.15
N GLY Y 73 -15.22 -4.97 -69.00
CA GLY Y 73 -14.88 -6.37 -68.92
C GLY Y 73 -15.82 -7.25 -69.74
N VAL Y 74 -17.10 -6.85 -69.87
CA VAL Y 74 -18.08 -7.62 -70.66
C VAL Y 74 -17.59 -7.72 -72.10
N GLN Y 75 -17.16 -6.60 -72.66
CA GLN Y 75 -16.64 -6.65 -74.02
C GLN Y 75 -15.37 -7.46 -74.11
N ALA Y 76 -14.48 -7.35 -73.10
CA ALA Y 76 -13.28 -8.16 -73.07
C ALA Y 76 -13.59 -9.66 -73.07
N LEU Y 77 -14.61 -10.05 -72.30
CA LEU Y 77 -15.08 -11.45 -72.32
C LEU Y 77 -15.60 -11.85 -73.71
N ALA Y 78 -16.43 -11.02 -74.32
CA ALA Y 78 -16.98 -11.30 -75.64
C ALA Y 78 -15.83 -11.55 -76.60
N ALA Y 79 -14.80 -10.71 -76.49
CA ALA Y 79 -13.65 -10.85 -77.38
C ALA Y 79 -12.86 -12.13 -77.12
N LYS Y 80 -12.70 -12.47 -75.84
CA LYS Y 80 -11.98 -13.66 -75.48
C LYS Y 80 -12.72 -14.90 -76.03
N GLU Y 81 -14.04 -14.93 -75.84
CA GLU Y 81 -14.87 -16.09 -76.23
C GLU Y 81 -14.89 -16.22 -77.74
N ALA Y 82 -14.78 -15.09 -78.43
CA ALA Y 82 -14.75 -15.09 -79.90
C ALA Y 82 -13.42 -15.60 -80.46
N GLY Y 83 -12.37 -15.57 -79.64
CA GLY Y 83 -11.05 -16.05 -80.08
C GLY Y 83 -9.93 -15.02 -80.13
N ALA Y 84 -10.19 -13.79 -79.70
CA ALA Y 84 -9.08 -12.84 -79.60
C ALA Y 84 -8.12 -13.26 -78.48
N THR Y 85 -6.83 -13.01 -78.65
CA THR Y 85 -5.85 -13.33 -77.61
C THR Y 85 -5.37 -12.12 -76.80
N PHE Y 86 -5.83 -10.93 -77.14
CA PHE Y 86 -5.55 -9.73 -76.32
C PHE Y 86 -6.61 -8.70 -76.66
N VAL Y 87 -6.79 -7.74 -75.75
CA VAL Y 87 -7.67 -6.63 -76.00
C VAL Y 87 -6.89 -5.33 -75.87
N VAL Y 88 -7.42 -4.32 -76.55
CA VAL Y 88 -6.84 -2.97 -76.54
C VAL Y 88 -7.94 -1.98 -76.22
N SER Y 89 -7.61 -0.95 -75.41
CA SER Y 89 -8.55 0.12 -75.09
C SER Y 89 -7.94 1.45 -75.51
N PRO Y 90 -8.77 2.43 -75.88
CA PRO Y 90 -8.22 3.70 -76.38
C PRO Y 90 -7.56 4.48 -75.24
N GLY Y 91 -8.11 4.34 -74.03
CA GLY Y 91 -7.54 4.97 -72.84
C GLY Y 91 -7.33 3.92 -71.77
N PHE Y 92 -7.09 4.38 -70.54
CA PHE Y 92 -6.72 3.50 -69.44
C PHE Y 92 -7.81 3.61 -68.39
N ASN Y 93 -8.52 2.48 -68.18
CA ASN Y 93 -9.54 2.39 -67.13
C ASN Y 93 -9.11 1.24 -66.24
N PRO Y 94 -8.69 1.57 -65.01
CA PRO Y 94 -8.22 0.51 -64.15
C PRO Y 94 -9.32 -0.52 -63.87
N ASN Y 95 -10.60 -0.14 -63.93
CA ASN Y 95 -11.68 -1.13 -63.73
C ASN Y 95 -11.68 -2.13 -64.87
N THR Y 96 -11.42 -1.65 -66.08
CA THR Y 96 -11.34 -2.58 -67.20
C THR Y 96 -10.13 -3.50 -67.08
N VAL Y 97 -8.99 -2.94 -66.71
CA VAL Y 97 -7.79 -3.71 -66.52
C VAL Y 97 -7.97 -4.84 -65.49
N ARG Y 98 -8.53 -4.49 -64.33
CA ARG Y 98 -8.81 -5.50 -63.30
C ARG Y 98 -9.76 -6.59 -63.82
N ALA Y 99 -10.79 -6.20 -64.56
CA ALA Y 99 -11.76 -7.16 -65.10
C ALA Y 99 -11.05 -8.11 -66.04
N CYS Y 100 -10.12 -7.59 -66.85
CA CYS Y 100 -9.37 -8.44 -67.77
C CYS Y 100 -8.46 -9.41 -67.01
N GLN Y 101 -7.91 -8.96 -65.91
CA GLN Y 101 -7.09 -9.82 -65.10
C GLN Y 101 -7.93 -10.97 -64.54
N ILE Y 102 -9.14 -10.66 -64.15
CA ILE Y 102 -10.04 -11.64 -63.53
C ILE Y 102 -10.55 -12.63 -64.56
N ILE Y 103 -10.91 -12.15 -65.75
CA ILE Y 103 -11.46 -13.08 -66.75
C ILE Y 103 -10.34 -13.81 -67.48
N GLY Y 104 -9.12 -13.30 -67.37
CA GLY Y 104 -7.95 -13.96 -67.93
C GLY Y 104 -7.70 -13.68 -69.41
N ILE Y 105 -7.62 -12.41 -69.77
CA ILE Y 105 -7.13 -12.02 -71.10
C ILE Y 105 -6.20 -10.80 -70.97
N ASP Y 106 -5.15 -10.78 -71.78
CA ASP Y 106 -4.20 -9.68 -71.70
C ASP Y 106 -4.81 -8.43 -72.29
N ILE Y 107 -4.47 -7.29 -71.68
CA ILE Y 107 -4.93 -6.01 -72.19
C ILE Y 107 -3.73 -5.11 -72.45
N VAL Y 108 -3.78 -4.38 -73.56
CA VAL Y 108 -2.82 -3.32 -73.87
C VAL Y 108 -3.64 -2.03 -73.87
N PRO Y 109 -3.60 -1.30 -72.76
CA PRO Y 109 -4.43 -0.09 -72.66
C PRO Y 109 -3.76 1.14 -73.28
N GLY Y 110 -4.56 2.10 -73.72
CA GLY Y 110 -4.01 3.36 -74.26
C GLY Y 110 -3.66 4.37 -73.19
N VAL Y 111 -2.55 5.05 -73.41
CA VAL Y 111 -2.13 6.18 -72.58
C VAL Y 111 -1.66 7.31 -73.50
N ASN Y 112 -1.58 8.51 -72.96
CA ASN Y 112 -1.01 9.60 -73.76
C ASN Y 112 -0.29 10.65 -72.92
N ASN Y 113 -0.02 10.35 -71.62
CA ASN Y 113 0.73 11.31 -70.79
C ASN Y 113 1.42 10.57 -69.65
N PRO Y 114 2.30 11.24 -68.93
CA PRO Y 114 3.10 10.62 -67.86
C PRO Y 114 2.27 10.05 -66.71
N SER Y 115 1.20 10.77 -66.33
CA SER Y 115 0.39 10.30 -65.22
C SER Y 115 -0.31 8.99 -65.55
N THR Y 116 -0.80 8.87 -66.77
CA THR Y 116 -1.52 7.64 -67.12
C THR Y 116 -0.51 6.50 -67.24
N VAL Y 117 0.68 6.80 -67.74
CA VAL Y 117 1.73 5.76 -67.76
C VAL Y 117 1.98 5.24 -66.35
N GLU Y 118 2.11 6.14 -65.38
CA GLU Y 118 2.39 5.71 -64.00
C GLU Y 118 1.26 4.90 -63.43
N ALA Y 119 0.03 5.27 -63.77
CA ALA Y 119 -1.14 4.50 -63.35
C ALA Y 119 -1.06 3.07 -63.88
N ALA Y 120 -0.67 2.92 -65.13
CA ALA Y 120 -0.56 1.60 -65.75
C ALA Y 120 0.55 0.79 -65.11
N LEU Y 121 1.70 1.43 -64.89
CA LEU Y 121 2.86 0.75 -64.30
C LEU Y 121 2.51 0.22 -62.94
N GLU Y 122 1.69 0.98 -62.22
CA GLU Y 122 1.35 0.59 -60.87
C GLU Y 122 0.48 -0.67 -60.83
N MET Y 123 -0.26 -0.90 -61.91
CA MET Y 123 -1.05 -2.13 -62.08
C MET Y 123 -0.31 -3.27 -62.77
N GLY Y 124 0.99 -3.09 -62.97
CA GLY Y 124 1.85 -4.14 -63.50
C GLY Y 124 1.90 -4.23 -65.01
N LEU Y 125 1.41 -3.19 -65.68
CA LEU Y 125 1.42 -3.22 -67.14
C LEU Y 125 2.65 -2.48 -67.67
N THR Y 126 3.22 -2.97 -68.77
CA THR Y 126 4.37 -2.31 -69.37
C THR Y 126 4.18 -2.09 -70.88
N THR Y 127 3.41 -2.95 -71.56
CA THR Y 127 3.07 -2.72 -72.98
C THR Y 127 1.80 -1.91 -73.10
N LEU Y 128 1.95 -0.70 -73.67
CA LEU Y 128 0.84 0.24 -73.67
C LEU Y 128 0.67 0.80 -75.08
N LYS Y 129 -0.57 1.11 -75.41
CA LYS Y 129 -0.88 1.76 -76.66
C LYS Y 129 -0.70 3.24 -76.43
N PHE Y 130 -0.12 3.97 -77.38
CA PHE Y 130 0.04 5.43 -77.22
C PHE Y 130 -0.94 6.05 -78.21
N PHE Y 131 -2.02 6.64 -77.68
CA PHE Y 131 -3.15 7.04 -78.51
C PHE Y 131 -3.82 8.30 -77.92
N PRO Y 132 -4.22 9.26 -78.78
CA PRO Y 132 -3.96 9.28 -80.24
C PRO Y 132 -2.57 9.84 -80.52
N ALA Y 133 -1.79 9.14 -81.32
CA ALA Y 133 -0.35 9.40 -81.33
C ALA Y 133 -0.03 10.79 -81.88
N GLU Y 134 -0.51 11.11 -83.08
CA GLU Y 134 -0.17 12.41 -83.65
C GLU Y 134 -0.81 13.56 -82.90
N ALA Y 135 -2.08 13.38 -82.57
CA ALA Y 135 -2.83 14.49 -81.91
C ALA Y 135 -2.29 14.79 -80.49
N SER Y 136 -1.59 13.82 -79.88
CA SER Y 136 -1.05 14.02 -78.54
C SER Y 136 0.35 14.59 -78.52
N GLY Y 137 0.91 14.83 -79.70
CA GLY Y 137 2.25 15.42 -79.80
C GLY Y 137 3.25 14.57 -80.54
N GLY Y 138 2.83 13.40 -81.03
CA GLY Y 138 3.68 12.67 -81.98
C GLY Y 138 4.98 12.17 -81.39
N ILE Y 139 6.01 12.09 -82.23
CA ILE Y 139 7.27 11.52 -81.80
C ILE Y 139 7.88 12.28 -80.65
N SER Y 140 7.71 13.62 -80.59
CA SER Y 140 8.21 14.38 -79.46
C SER Y 140 7.59 13.91 -78.14
N MET Y 141 6.29 13.62 -78.16
CA MET Y 141 5.68 13.08 -76.98
C MET Y 141 6.19 11.66 -76.68
N VAL Y 142 6.29 10.81 -77.71
CA VAL Y 142 6.77 9.48 -77.44
C VAL Y 142 8.14 9.50 -76.74
N LYS Y 143 9.04 10.32 -77.24
CA LYS Y 143 10.37 10.43 -76.65
C LYS Y 143 10.32 10.89 -75.19
N SER Y 144 9.39 11.78 -74.90
CA SER Y 144 9.20 12.24 -73.50
C SER Y 144 8.65 11.19 -72.53
N LEU Y 145 7.89 10.21 -73.01
CA LEU Y 145 7.41 9.11 -72.16
C LEU Y 145 8.37 7.97 -71.97
N VAL Y 146 9.03 7.55 -73.04
CA VAL Y 146 9.86 6.41 -72.92
C VAL Y 146 11.12 6.81 -72.13
N GLY Y 147 11.46 8.09 -72.19
CA GLY Y 147 12.64 8.62 -71.52
C GLY Y 147 12.64 8.33 -70.02
N PRO Y 148 11.61 8.81 -69.29
CA PRO Y 148 11.59 8.57 -67.84
C PRO Y 148 11.20 7.15 -67.45
N TYR Y 149 10.55 6.42 -68.37
CA TYR Y 149 9.96 5.14 -68.02
C TYR Y 149 10.61 4.02 -68.83
N GLY Y 150 11.76 3.55 -68.35
CA GLY Y 150 12.58 2.62 -69.12
C GLY Y 150 11.90 1.28 -69.37
N ASP Y 151 10.88 0.96 -68.58
CA ASP Y 151 10.24 -0.37 -68.66
C ASP Y 151 9.11 -0.44 -69.70
N ILE Y 152 8.59 0.70 -70.12
CA ILE Y 152 7.44 0.65 -71.01
C ILE Y 152 7.82 0.31 -72.45
N ARG Y 153 6.87 -0.29 -73.16
CA ARG Y 153 7.01 -0.56 -74.59
C ARG Y 153 5.70 -0.07 -75.21
N LEU Y 154 5.79 0.63 -76.34
CA LEU Y 154 4.60 1.35 -76.82
C LEU Y 154 4.11 0.85 -78.17
N MET Y 155 2.81 0.94 -78.37
CA MET Y 155 2.22 0.76 -79.68
C MET Y 155 1.49 2.07 -80.07
N PRO Y 156 2.19 3.00 -80.74
CA PRO Y 156 1.56 4.25 -81.16
C PRO Y 156 0.49 3.99 -82.20
N THR Y 157 -0.67 4.62 -82.04
CA THR Y 157 -1.76 4.49 -82.99
C THR Y 157 -2.45 5.83 -83.04
N GLY Y 158 -2.96 6.21 -84.22
CA GLY Y 158 -3.67 7.47 -84.38
C GLY Y 158 -2.81 8.39 -85.24
N GLY Y 159 -3.22 8.49 -86.51
CA GLY Y 159 -2.52 9.38 -87.44
C GLY Y 159 -1.25 8.81 -88.01
N ILE Y 160 -1.03 7.51 -87.81
CA ILE Y 160 0.17 6.86 -88.34
C ILE Y 160 -0.06 6.56 -89.82
N THR Y 161 0.94 6.87 -90.62
CA THR Y 161 0.86 6.66 -92.07
C THR Y 161 2.22 6.17 -92.56
N PRO Y 162 2.28 5.75 -93.84
CA PRO Y 162 3.61 5.36 -94.28
C PRO Y 162 4.63 6.50 -94.23
N SER Y 163 4.17 7.75 -94.28
CA SER Y 163 5.07 8.89 -94.30
C SER Y 163 5.66 9.22 -92.93
N ASN Y 164 5.02 8.72 -91.87
CA ASN Y 164 5.58 8.99 -90.54
C ASN Y 164 5.93 7.78 -89.67
N ILE Y 165 5.59 6.57 -90.11
CA ILE Y 165 5.80 5.41 -89.27
C ILE Y 165 7.29 5.14 -88.97
N ASP Y 166 8.18 5.42 -89.90
CA ASP Y 166 9.59 5.12 -89.69
C ASP Y 166 10.13 5.89 -88.48
N ASN Y 167 9.67 7.10 -88.29
CA ASN Y 167 10.13 7.92 -87.19
C ASN Y 167 9.74 7.31 -85.87
N TYR Y 168 8.54 6.76 -85.80
CA TYR Y 168 8.13 6.07 -84.58
C TYR Y 168 8.91 4.77 -84.37
N LEU Y 169 9.06 3.97 -85.41
CA LEU Y 169 9.76 2.71 -85.26
C LEU Y 169 11.25 2.87 -84.91
N ALA Y 170 11.81 4.03 -85.23
CA ALA Y 170 13.20 4.31 -84.89
C ALA Y 170 13.43 4.42 -83.38
N ILE Y 171 12.37 4.62 -82.61
CA ILE Y 171 12.47 4.64 -81.13
C ILE Y 171 12.46 3.22 -80.60
N PRO Y 172 13.53 2.81 -79.88
CA PRO Y 172 13.68 1.42 -79.48
C PRO Y 172 12.51 0.84 -78.67
N GLN Y 173 11.92 1.65 -77.81
CA GLN Y 173 10.81 1.18 -77.00
C GLN Y 173 9.47 1.12 -77.73
N VAL Y 174 9.43 1.56 -78.98
CA VAL Y 174 8.23 1.35 -79.79
C VAL Y 174 8.27 -0.04 -80.42
N LEU Y 175 7.25 -0.85 -80.15
CA LEU Y 175 7.21 -2.24 -80.66
C LEU Y 175 6.64 -2.26 -82.07
N ALA Y 176 5.53 -1.56 -82.23
CA ALA Y 176 4.80 -1.56 -83.49
C ALA Y 176 3.84 -0.42 -83.46
N CYS Y 177 3.35 -0.03 -84.62
CA CYS Y 177 2.33 1.00 -84.69
C CYS Y 177 1.04 0.46 -85.26
N GLY Y 178 -0.08 0.97 -84.77
CA GLY Y 178 -1.37 0.58 -85.35
C GLY Y 178 -1.72 1.53 -86.48
N GLY Y 179 -2.29 0.98 -87.55
CA GLY Y 179 -2.61 1.79 -88.72
C GLY Y 179 -3.89 1.33 -89.35
N THR Y 180 -4.68 2.28 -89.82
CA THR Y 180 -5.93 1.95 -90.47
C THR Y 180 -5.83 2.07 -91.98
N TRP Y 181 -4.77 2.70 -92.49
CA TRP Y 181 -4.81 3.15 -93.89
C TRP Y 181 -4.89 1.99 -94.88
N MET Y 182 -4.25 0.87 -94.55
CA MET Y 182 -4.22 -0.25 -95.49
C MET Y 182 -5.50 -1.09 -95.40
N VAL Y 183 -6.32 -0.84 -94.39
CA VAL Y 183 -7.60 -1.55 -94.25
C VAL Y 183 -8.77 -0.58 -94.14
N ASP Y 184 -8.63 0.61 -94.69
CA ASP Y 184 -9.64 1.65 -94.56
C ASP Y 184 -11.03 1.12 -94.99
N LYS Y 185 -12.05 1.49 -94.22
CA LYS Y 185 -13.39 0.95 -94.45
C LYS Y 185 -13.84 1.25 -95.87
N LYS Y 186 -13.52 2.44 -96.37
CA LYS Y 186 -13.82 2.76 -97.76
C LYS Y 186 -13.31 1.72 -98.76
N LEU Y 187 -12.07 1.27 -98.59
CA LEU Y 187 -11.48 0.26 -99.48
C LEU Y 187 -12.22 -1.06 -99.33
N VAL Y 188 -12.54 -1.43 -98.10
CA VAL Y 188 -13.22 -2.71 -97.86
C VAL Y 188 -14.64 -2.66 -98.44
N THR Y 189 -15.36 -1.60 -98.10
CA THR Y 189 -16.72 -1.39 -98.62
C THR Y 189 -16.78 -1.45 -100.14
N ASN Y 190 -15.73 -0.99 -100.81
CA ASN Y 190 -15.69 -0.91 -102.26
C ASN Y 190 -15.03 -2.12 -102.90
N GLY Y 191 -14.66 -3.09 -102.07
CA GLY Y 191 -13.99 -4.29 -102.57
C GLY Y 191 -12.71 -3.99 -103.32
N GLU Y 192 -11.96 -2.98 -102.87
CA GLU Y 192 -10.66 -2.66 -103.49
C GLU Y 192 -9.55 -3.59 -103.03
N TRP Y 193 -9.72 -4.89 -103.23
CA TRP Y 193 -8.77 -5.87 -102.71
C TRP Y 193 -7.37 -5.72 -103.29
N ASP Y 194 -7.27 -5.35 -104.57
CA ASP Y 194 -5.96 -5.16 -105.15
C ASP Y 194 -5.19 -4.01 -104.46
N GLU Y 195 -5.91 -2.96 -104.11
CA GLU Y 195 -5.27 -1.79 -103.49
C GLU Y 195 -4.87 -2.13 -102.04
N ILE Y 196 -5.74 -2.84 -101.32
CA ILE Y 196 -5.38 -3.31 -99.97
C ILE Y 196 -4.12 -4.19 -100.04
N ALA Y 197 -4.07 -5.08 -101.03
CA ALA Y 197 -2.90 -5.91 -101.17
C ALA Y 197 -1.64 -5.09 -101.43
N ARG Y 198 -1.76 -4.10 -102.31
CA ARG Y 198 -0.64 -3.21 -102.62
C ARG Y 198 -0.15 -2.42 -101.37
N LEU Y 199 -1.10 -1.82 -100.65
CA LEU Y 199 -0.73 -1.08 -99.43
C LEU Y 199 -0.09 -1.99 -98.40
N THR Y 200 -0.61 -3.21 -98.28
CA THR Y 200 -0.02 -4.16 -97.32
C THR Y 200 1.39 -4.57 -97.74
N ARG Y 201 1.59 -4.96 -99.01
CA ARG Y 201 2.92 -5.33 -99.44
C ARG Y 201 3.90 -4.18 -99.26
N GLU Y 202 3.44 -2.97 -99.57
CA GLU Y 202 4.30 -1.81 -99.54
C GLU Y 202 4.76 -1.54 -98.11
N ILE Y 203 3.84 -1.60 -97.14
CA ILE Y 203 4.26 -1.32 -95.76
C ILE Y 203 5.15 -2.42 -95.17
N VAL Y 204 4.88 -3.68 -95.53
CA VAL Y 204 5.70 -4.79 -95.06
C VAL Y 204 7.14 -4.62 -95.57
N GLU Y 205 7.28 -4.27 -96.84
CA GLU Y 205 8.60 -4.03 -97.40
C GLU Y 205 9.26 -2.83 -96.75
N GLN Y 206 8.48 -1.78 -96.49
CA GLN Y 206 9.03 -0.62 -95.85
C GLN Y 206 9.60 -0.88 -94.43
N VAL Y 207 8.86 -1.58 -93.60
CA VAL Y 207 9.27 -1.72 -92.19
C VAL Y 207 10.18 -2.91 -91.93
N ASN Y 208 10.09 -3.91 -92.80
CA ASN Y 208 10.88 -5.12 -92.65
C ASN Y 208 11.62 -5.33 -93.96
N PRO Y 209 12.54 -4.40 -94.29
CA PRO Y 209 13.25 -4.46 -95.57
C PRO Y 209 14.24 -5.62 -95.62
N SER Z 2 7.78 26.60 -49.04
CA SER Z 2 7.90 28.05 -49.14
C SER Z 2 9.36 28.43 -49.43
N THR Z 3 10.28 27.71 -48.80
CA THR Z 3 11.71 27.91 -49.04
C THR Z 3 12.08 27.52 -50.47
N ILE Z 4 11.59 26.35 -50.90
CA ILE Z 4 11.87 25.84 -52.24
C ILE Z 4 11.30 26.79 -53.31
N ASN Z 5 10.05 27.23 -53.12
CA ASN Z 5 9.44 28.19 -54.05
C ASN Z 5 10.30 29.44 -54.21
N ASN Z 6 10.79 29.95 -53.09
CA ASN Z 6 11.62 31.14 -53.15
C ASN Z 6 12.93 30.93 -53.86
N GLN Z 7 13.55 29.78 -53.62
CA GLN Z 7 14.79 29.45 -54.29
C GLN Z 7 14.57 29.28 -55.79
N LEU Z 8 13.54 28.54 -56.17
CA LEU Z 8 13.21 28.41 -57.61
C LEU Z 8 12.97 29.77 -58.28
N LYS Z 9 12.21 30.64 -57.63
CA LYS Z 9 11.87 31.94 -58.20
C LYS Z 9 13.14 32.75 -58.47
N ALA Z 10 14.10 32.63 -57.56
CA ALA Z 10 15.37 33.31 -57.72
C ALA Z 10 16.22 32.69 -58.84
N LEU Z 11 16.27 31.36 -58.89
CA LEU Z 11 17.12 30.69 -59.87
C LEU Z 11 16.64 30.82 -61.31
N LYS Z 12 15.32 30.65 -61.48
CA LYS Z 12 14.62 30.70 -62.78
C LYS Z 12 14.89 29.52 -63.71
N VAL Z 13 16.03 28.86 -63.55
CA VAL Z 13 16.38 27.72 -64.38
C VAL Z 13 17.02 26.67 -63.50
N ILE Z 14 16.54 25.44 -63.61
CA ILE Z 14 17.10 24.35 -62.81
C ILE Z 14 17.75 23.30 -63.73
N PRO Z 15 19.06 23.09 -63.58
CA PRO Z 15 19.70 22.04 -64.36
C PRO Z 15 19.12 20.68 -64.00
N VAL Z 16 18.67 19.97 -65.02
CA VAL Z 16 18.23 18.61 -64.91
C VAL Z 16 19.33 17.69 -65.42
N ILE Z 17 19.91 16.94 -64.48
CA ILE Z 17 21.15 16.19 -64.69
C ILE Z 17 20.96 14.68 -64.79
N ALA Z 18 21.45 14.11 -65.88
CA ALA Z 18 21.51 12.67 -66.05
C ALA Z 18 22.99 12.31 -66.08
N ILE Z 19 23.44 11.70 -64.99
CA ILE Z 19 24.85 11.44 -64.77
C ILE Z 19 25.13 9.96 -65.02
N ASP Z 20 26.27 9.63 -65.61
CA ASP Z 20 26.65 8.24 -65.81
C ASP Z 20 27.55 7.78 -64.69
N ASN Z 21 28.63 8.53 -64.48
CA ASN Z 21 29.55 8.28 -63.41
C ASN Z 21 29.31 9.29 -62.31
N ALA Z 22 28.99 8.79 -61.12
CA ALA Z 22 28.63 9.68 -60.03
C ALA Z 22 29.71 10.70 -59.71
N GLU Z 23 30.96 10.30 -59.87
CA GLU Z 23 32.10 11.16 -59.59
C GLU Z 23 32.04 12.47 -60.40
N ASP Z 24 31.43 12.38 -61.58
CA ASP Z 24 31.30 13.51 -62.51
C ASP Z 24 30.46 14.65 -61.93
N ILE Z 25 29.69 14.36 -60.87
CA ILE Z 25 28.86 15.41 -60.25
C ILE Z 25 29.70 16.46 -59.56
N ILE Z 26 30.94 16.12 -59.21
CA ILE Z 26 31.76 17.05 -58.47
C ILE Z 26 32.24 18.19 -59.39
N PRO Z 27 32.92 17.85 -60.48
CA PRO Z 27 33.30 18.97 -61.35
C PRO Z 27 32.07 19.70 -61.94
N LEU Z 28 31.01 18.94 -62.25
CA LEU Z 28 29.77 19.55 -62.79
C LEU Z 28 29.18 20.56 -61.82
N GLY Z 29 29.04 20.16 -60.54
CA GLY Z 29 28.52 21.05 -59.53
C GLY Z 29 29.38 22.28 -59.30
N LYS Z 30 30.70 22.10 -59.40
CA LYS Z 30 31.63 23.22 -59.22
C LYS Z 30 31.40 24.24 -60.32
N VAL Z 31 31.31 23.75 -61.55
CA VAL Z 31 31.07 24.63 -62.70
C VAL Z 31 29.71 25.31 -62.60
N LEU Z 32 28.66 24.55 -62.28
CA LEU Z 32 27.36 25.21 -62.07
C LEU Z 32 27.40 26.29 -60.99
N ALA Z 33 27.93 25.95 -59.81
CA ALA Z 33 27.90 26.91 -58.71
C ALA Z 33 28.74 28.17 -58.99
N GLU Z 34 29.95 27.98 -59.52
CA GLU Z 34 30.81 29.16 -59.70
C GLU Z 34 30.36 30.03 -60.90
N ASN Z 35 29.47 29.49 -61.73
CA ASN Z 35 28.93 30.30 -62.83
C ASN Z 35 27.56 30.87 -62.55
N GLY Z 36 27.14 30.78 -61.29
CA GLY Z 36 25.94 31.46 -60.84
C GLY Z 36 24.67 30.63 -60.76
N LEU Z 37 24.79 29.31 -60.89
CA LEU Z 37 23.59 28.45 -60.89
C LEU Z 37 23.69 27.31 -59.87
N PRO Z 38 23.54 27.64 -58.60
CA PRO Z 38 23.78 26.70 -57.53
C PRO Z 38 22.56 25.80 -57.26
N ALA Z 39 22.21 25.01 -58.27
CA ALA Z 39 21.02 24.13 -58.20
C ALA Z 39 21.21 22.94 -59.12
N ALA Z 40 20.53 21.84 -58.79
CA ALA Z 40 20.65 20.65 -59.59
C ALA Z 40 19.50 19.72 -59.26
N GLU Z 41 18.85 19.22 -60.28
CA GLU Z 41 17.89 18.12 -60.11
C GLU Z 41 18.54 16.89 -60.70
N ILE Z 42 18.90 15.93 -59.85
CA ILE Z 42 19.60 14.75 -60.30
C ILE Z 42 18.62 13.65 -60.57
N THR Z 43 18.52 13.24 -61.83
CA THR Z 43 17.53 12.22 -62.22
C THR Z 43 17.94 10.78 -61.88
N PHE Z 44 16.98 9.99 -61.40
CA PHE Z 44 17.30 8.61 -61.06
C PHE Z 44 17.26 7.79 -62.34
N ARG Z 45 17.95 8.30 -63.36
CA ARG Z 45 18.04 7.61 -64.64
C ARG Z 45 18.83 6.34 -64.41
N SER Z 46 19.84 6.46 -63.54
CA SER Z 46 20.72 5.37 -63.20
C SER Z 46 20.90 5.25 -61.69
N SER Z 47 21.35 4.08 -61.25
CA SER Z 47 21.57 3.79 -59.84
C SER Z 47 22.63 4.71 -59.27
N ALA Z 48 23.50 5.20 -60.16
CA ALA Z 48 24.61 6.07 -59.79
C ALA Z 48 24.18 7.40 -59.16
N ALA Z 49 22.95 7.84 -59.43
CA ALA Z 49 22.50 9.11 -58.91
C ALA Z 49 22.50 9.24 -57.38
N VAL Z 50 22.07 8.22 -56.64
CA VAL Z 50 22.09 8.34 -55.19
C VAL Z 50 23.46 8.79 -54.71
N LYS Z 51 24.51 8.14 -55.19
CA LYS Z 51 25.87 8.52 -54.85
C LYS Z 51 26.16 9.96 -55.31
N ALA Z 52 25.70 10.31 -56.51
CA ALA Z 52 25.85 11.68 -57.01
C ALA Z 52 25.25 12.71 -56.08
N ILE Z 53 24.03 12.49 -55.57
CA ILE Z 53 23.46 13.43 -54.64
C ILE Z 53 24.35 13.54 -53.37
N MET Z 54 24.82 12.42 -52.88
CA MET Z 54 25.64 12.40 -51.66
C MET Z 54 26.95 13.16 -51.88
N LEU Z 55 27.62 12.89 -52.97
CA LEU Z 55 28.87 13.61 -53.32
C LEU Z 55 28.65 15.09 -53.53
N LEU Z 56 27.61 15.45 -54.30
CA LEU Z 56 27.30 16.86 -54.48
C LEU Z 56 26.97 17.62 -53.19
N ARG Z 57 26.21 16.99 -52.27
CA ARG Z 57 25.84 17.65 -51.03
C ARG Z 57 27.11 17.89 -50.18
N SER Z 58 28.02 16.93 -50.21
CA SER Z 58 29.30 17.07 -49.51
C SER Z 58 30.15 18.18 -50.13
N ALA Z 59 30.18 18.24 -51.45
CA ALA Z 59 31.05 19.17 -52.17
C ALA Z 59 30.49 20.59 -52.26
N GLN Z 60 29.16 20.69 -52.32
CA GLN Z 60 28.50 21.97 -52.50
C GLN Z 60 27.35 22.03 -51.50
N PRO Z 61 27.65 22.26 -50.22
CA PRO Z 61 26.64 22.11 -49.18
C PRO Z 61 25.41 23.00 -49.31
N GLU Z 62 25.56 24.19 -49.88
CA GLU Z 62 24.45 25.13 -49.98
C GLU Z 62 23.69 25.01 -51.31
N MET Z 63 24.06 24.05 -52.12
CA MET Z 63 23.42 23.85 -53.40
C MET Z 63 21.99 23.41 -53.18
N LEU Z 64 21.06 23.89 -54.02
CA LEU Z 64 19.69 23.34 -54.02
C LEU Z 64 19.77 22.02 -54.78
N ILE Z 65 19.51 20.91 -54.11
CA ILE Z 65 19.60 19.59 -54.73
C ILE Z 65 18.26 18.87 -54.60
N GLY Z 66 17.67 18.58 -55.75
CA GLY Z 66 16.48 17.73 -55.83
C GLY Z 66 16.81 16.44 -56.55
N ALA Z 67 15.94 15.45 -56.40
CA ALA Z 67 16.11 14.21 -57.13
C ALA Z 67 14.94 14.12 -58.07
N GLY Z 68 15.19 13.69 -59.29
CA GLY Z 68 14.13 13.56 -60.28
C GLY Z 68 13.83 12.13 -60.67
N THR Z 69 12.78 11.97 -61.48
CA THR Z 69 12.33 10.65 -61.93
C THR Z 69 12.00 9.73 -60.75
N ILE Z 70 11.39 10.32 -59.77
CA ILE Z 70 11.05 9.59 -58.53
C ILE Z 70 9.65 8.99 -58.72
N LEU Z 71 9.60 7.67 -58.84
CA LEU Z 71 8.39 6.96 -59.24
C LEU Z 71 7.71 6.27 -58.06
N ASN Z 72 8.40 6.22 -56.92
CA ASN Z 72 7.83 5.54 -55.75
C ASN Z 72 8.44 6.05 -54.46
N GLY Z 73 7.88 5.65 -53.31
CA GLY Z 73 8.34 6.17 -52.04
C GLY Z 73 9.73 5.65 -51.69
N VAL Z 74 10.09 4.43 -52.13
CA VAL Z 74 11.42 3.86 -51.86
C VAL Z 74 12.49 4.77 -52.47
N GLN Z 75 12.28 5.18 -53.70
CA GLN Z 75 13.24 6.09 -54.31
C GLN Z 75 13.26 7.43 -53.64
N ALA Z 76 12.09 7.94 -53.22
CA ALA Z 76 12.02 9.19 -52.48
C ALA Z 76 12.84 9.11 -51.18
N LEU Z 77 12.72 7.99 -50.47
CA LEU Z 77 13.54 7.77 -49.28
C LEU Z 77 15.05 7.75 -49.60
N ALA Z 78 15.44 7.02 -50.65
CA ALA Z 78 16.85 6.94 -51.06
C ALA Z 78 17.35 8.36 -51.28
N ALA Z 79 16.54 9.17 -51.95
CA ALA Z 79 16.95 10.55 -52.24
C ALA Z 79 17.05 11.40 -50.99
N LYS Z 80 16.12 11.22 -50.07
CA LYS Z 80 16.12 11.97 -48.83
C LYS Z 80 17.40 11.62 -48.02
N GLU Z 81 17.70 10.32 -47.93
CA GLU Z 81 18.84 9.85 -47.12
C GLU Z 81 20.14 10.29 -47.75
N ALA Z 82 20.15 10.43 -49.07
CA ALA Z 82 21.34 10.90 -49.79
C ALA Z 82 21.59 12.40 -49.59
N GLY Z 83 20.56 13.15 -49.21
CA GLY Z 83 20.70 14.58 -48.97
C GLY Z 83 19.88 15.49 -49.88
N ALA Z 84 19.04 14.94 -50.75
CA ALA Z 84 18.14 15.81 -51.52
C ALA Z 84 17.10 16.45 -50.58
N THR Z 85 16.69 17.68 -50.86
CA THR Z 85 15.65 18.33 -50.06
C THR Z 85 14.27 18.35 -50.70
N PHE Z 86 14.16 17.85 -51.93
CA PHE Z 86 12.83 17.67 -52.56
C PHE Z 86 12.98 16.63 -53.65
N VAL Z 87 11.86 16.04 -54.04
CA VAL Z 87 11.85 15.13 -55.15
C VAL Z 87 10.86 15.63 -56.21
N VAL Z 88 11.13 15.17 -57.43
CA VAL Z 88 10.31 15.51 -58.59
C VAL Z 88 9.95 14.23 -59.32
N SER Z 89 8.70 14.15 -59.81
CA SER Z 89 8.25 13.01 -60.62
C SER Z 89 7.77 13.52 -61.96
N PRO Z 90 7.91 12.69 -63.02
CA PRO Z 90 7.53 13.17 -64.36
C PRO Z 90 6.01 13.33 -64.46
N GLY Z 91 5.28 12.46 -63.78
CA GLY Z 91 3.82 12.56 -63.73
C GLY Z 91 3.35 12.58 -62.28
N PHE Z 92 2.05 12.37 -62.09
CA PHE Z 92 1.44 12.52 -60.77
C PHE Z 92 0.90 11.16 -60.37
N ASN Z 93 1.48 10.60 -59.30
CA ASN Z 93 1.01 9.34 -58.72
C ASN Z 93 0.66 9.64 -57.28
N PRO Z 94 -0.63 9.64 -56.96
CA PRO Z 94 -1.00 9.97 -55.61
C PRO Z 94 -0.38 9.00 -54.60
N ASN Z 95 -0.08 7.76 -54.98
CA ASN Z 95 0.58 6.82 -54.03
C ASN Z 95 1.97 7.31 -53.71
N THR Z 96 2.65 7.86 -54.72
CA THR Z 96 3.99 8.42 -54.45
C THR Z 96 3.91 9.64 -53.57
N VAL Z 97 2.96 10.53 -53.87
CA VAL Z 97 2.76 11.73 -53.07
C VAL Z 97 2.45 11.34 -51.60
N ARG Z 98 1.55 10.39 -51.43
CA ARG Z 98 1.23 9.91 -50.07
C ARG Z 98 2.50 9.42 -49.35
N ALA Z 99 3.30 8.60 -50.03
CA ALA Z 99 4.53 8.07 -49.44
C ALA Z 99 5.50 9.17 -49.05
N CYS Z 100 5.61 10.20 -49.88
CA CYS Z 100 6.51 11.32 -49.58
C CYS Z 100 6.03 12.09 -48.36
N GLN Z 101 4.74 12.20 -48.20
CA GLN Z 101 4.19 12.86 -47.04
C GLN Z 101 4.55 12.08 -45.78
N ILE Z 102 4.50 10.78 -45.87
CA ILE Z 102 4.74 9.89 -44.73
C ILE Z 102 6.23 9.87 -44.38
N ILE Z 103 7.10 9.82 -45.39
CA ILE Z 103 8.53 9.74 -45.07
C ILE Z 103 9.10 11.12 -44.77
N GLY Z 104 8.36 12.17 -45.14
CA GLY Z 104 8.73 13.53 -44.82
C GLY Z 104 9.72 14.17 -45.79
N ILE Z 105 9.40 14.16 -47.07
CA ILE Z 105 10.16 14.98 -48.05
C ILE Z 105 9.17 15.61 -49.03
N ASP Z 106 9.46 16.85 -49.42
CA ASP Z 106 8.57 17.55 -50.33
C ASP Z 106 8.67 16.98 -51.73
N ILE Z 107 7.53 16.94 -52.41
CA ILE Z 107 7.51 16.45 -53.79
C ILE Z 107 6.89 17.54 -54.68
N VAL Z 108 7.49 17.71 -55.86
CA VAL Z 108 6.93 18.56 -56.92
C VAL Z 108 6.60 17.59 -58.06
N PRO Z 109 5.34 17.17 -58.15
CA PRO Z 109 4.98 16.18 -59.17
C PRO Z 109 4.69 16.81 -60.53
N GLY Z 110 4.86 16.05 -61.61
CA GLY Z 110 4.54 16.55 -62.96
C GLY Z 110 3.08 16.40 -63.32
N VAL Z 111 2.57 17.41 -64.00
CA VAL Z 111 1.22 17.39 -64.56
C VAL Z 111 1.30 17.93 -65.98
N ASN Z 112 0.27 17.66 -66.79
CA ASN Z 112 0.22 18.28 -68.11
C ASN Z 112 -1.20 18.55 -68.59
N ASN Z 113 -2.20 18.46 -67.70
CA ASN Z 113 -3.58 18.77 -68.13
C ASN Z 113 -4.41 19.18 -66.91
N PRO Z 114 -5.61 19.71 -67.13
CA PRO Z 114 -6.46 20.22 -66.05
C PRO Z 114 -6.87 19.19 -65.00
N SER Z 115 -7.14 17.94 -65.47
CA SER Z 115 -7.56 16.92 -64.52
C SER Z 115 -6.46 16.56 -63.55
N THR Z 116 -5.23 16.49 -64.06
CA THR Z 116 -4.14 16.09 -63.16
C THR Z 116 -3.84 17.26 -62.22
N VAL Z 117 -3.97 18.49 -62.69
CA VAL Z 117 -3.83 19.63 -61.78
C VAL Z 117 -4.83 19.52 -60.64
N GLU Z 118 -6.08 19.21 -60.95
CA GLU Z 118 -7.11 19.12 -59.89
C GLU Z 118 -6.83 18.01 -58.93
N ALA Z 119 -6.31 16.91 -59.44
CA ALA Z 119 -5.89 15.79 -58.57
C ALA Z 119 -4.82 16.24 -57.59
N ALA Z 120 -3.85 17.01 -58.08
CA ALA Z 120 -2.77 17.50 -57.20
C ALA Z 120 -3.30 18.47 -56.18
N LEU Z 121 -4.16 19.39 -56.60
CA LEU Z 121 -4.71 20.41 -55.70
C LEU Z 121 -5.47 19.74 -54.58
N GLU Z 122 -6.14 18.64 -54.91
CA GLU Z 122 -6.94 17.97 -53.91
C GLU Z 122 -6.09 17.33 -52.82
N MET Z 123 -4.85 16.99 -53.14
CA MET Z 123 -3.88 16.49 -52.18
C MET Z 123 -3.04 17.56 -51.50
N GLY Z 124 -3.39 18.82 -51.73
CA GLY Z 124 -2.77 19.94 -51.05
C GLY Z 124 -1.49 20.46 -51.71
N LEU Z 125 -1.26 20.05 -52.96
CA LEU Z 125 -0.07 20.50 -53.64
C LEU Z 125 -0.38 21.70 -54.53
N THR Z 126 0.55 22.64 -54.63
CA THR Z 126 0.35 23.81 -55.47
C THR Z 126 1.55 24.05 -56.41
N THR Z 127 2.77 23.67 -56.00
CA THR Z 127 3.94 23.74 -56.90
C THR Z 127 4.09 22.46 -57.69
N LEU Z 128 3.94 22.59 -59.02
CA LEU Z 128 3.88 21.41 -59.87
C LEU Z 128 4.83 21.58 -61.04
N LYS Z 129 5.38 20.46 -61.50
CA LYS Z 129 6.20 20.46 -62.68
C LYS Z 129 5.25 20.33 -63.87
N PHE Z 130 5.51 21.06 -64.94
CA PHE Z 130 4.64 20.94 -66.13
C PHE Z 130 5.50 20.22 -67.19
N PHE Z 131 5.15 18.96 -67.45
CA PHE Z 131 6.02 18.08 -68.22
C PHE Z 131 5.17 17.09 -69.05
N PRO Z 132 5.57 16.83 -70.31
CA PRO Z 132 6.68 17.51 -71.04
C PRO Z 132 6.18 18.81 -71.64
N ALA Z 133 6.90 19.89 -71.40
CA ALA Z 133 6.30 21.21 -71.61
C ALA Z 133 6.00 21.48 -73.10
N GLU Z 134 6.99 21.33 -73.96
CA GLU Z 134 6.75 21.64 -75.38
C GLU Z 134 5.81 20.63 -76.01
N ALA Z 135 6.04 19.35 -75.72
CA ALA Z 135 5.24 18.30 -76.38
C ALA Z 135 3.75 18.33 -75.94
N SER Z 136 3.47 18.94 -74.80
CA SER Z 136 2.10 19.02 -74.29
C SER Z 136 1.34 20.25 -74.76
N GLY Z 137 2.02 21.09 -75.54
CA GLY Z 137 1.38 22.29 -76.07
C GLY Z 137 2.04 23.59 -75.68
N GLY Z 138 3.13 23.51 -74.91
CA GLY Z 138 3.95 24.71 -74.72
C GLY Z 138 3.26 25.83 -73.97
N ILE Z 139 3.65 27.07 -74.29
CA ILE Z 139 3.14 28.21 -73.57
C ILE Z 139 1.62 28.32 -73.66
N SER Z 140 1.02 27.94 -74.80
CA SER Z 140 -0.42 27.97 -74.91
C SER Z 140 -1.08 27.05 -73.86
N MET Z 141 -0.50 25.87 -73.65
CA MET Z 141 -1.00 25.03 -72.60
C MET Z 141 -0.76 25.63 -71.21
N VAL Z 142 0.44 26.16 -70.97
CA VAL Z 142 0.69 26.73 -69.67
C VAL Z 142 -0.36 27.81 -69.32
N LYS Z 143 -0.65 28.68 -70.27
CA LYS Z 143 -1.62 29.74 -70.04
C LYS Z 143 -3.01 29.19 -69.74
N SER Z 144 -3.37 28.09 -70.39
CA SER Z 144 -4.65 27.43 -70.11
C SER Z 144 -4.77 26.78 -68.74
N LEU Z 145 -3.66 26.34 -68.12
CA LEU Z 145 -3.69 25.80 -66.76
C LEU Z 145 -3.64 26.82 -65.64
N VAL Z 146 -2.78 27.83 -65.80
CA VAL Z 146 -2.63 28.75 -64.73
C VAL Z 146 -3.88 29.62 -64.68
N GLY Z 147 -4.56 29.78 -65.82
CA GLY Z 147 -5.75 30.60 -65.93
C GLY Z 147 -6.85 30.19 -64.95
N PRO Z 148 -7.31 28.94 -65.03
CA PRO Z 148 -8.38 28.52 -64.10
C PRO Z 148 -7.91 28.25 -62.69
N TYR Z 149 -6.61 28.02 -62.51
CA TYR Z 149 -6.09 27.55 -61.23
C TYR Z 149 -5.13 28.57 -60.63
N GLY Z 150 -5.69 29.58 -59.97
CA GLY Z 150 -4.90 30.73 -59.52
C GLY Z 150 -3.85 30.36 -58.49
N ASP Z 151 -4.00 29.22 -57.84
CA ASP Z 151 -3.11 28.83 -56.73
C ASP Z 151 -1.84 28.10 -57.19
N ILE Z 152 -1.86 27.56 -58.40
CA ILE Z 152 -0.70 26.76 -58.80
C ILE Z 152 0.51 27.60 -59.21
N ARG Z 153 1.68 27.01 -59.05
CA ARG Z 153 2.93 27.61 -59.51
C ARG Z 153 3.65 26.50 -60.27
N LEU Z 154 4.22 26.80 -61.42
CA LEU Z 154 4.68 25.73 -62.32
C LEU Z 154 6.18 25.75 -62.55
N MET Z 155 6.74 24.57 -62.74
CA MET Z 155 8.09 24.43 -63.23
C MET Z 155 8.06 23.67 -64.57
N PRO Z 156 7.93 24.39 -65.70
CA PRO Z 156 7.90 23.74 -67.00
C PRO Z 156 9.25 23.08 -67.31
N THR Z 157 9.20 21.85 -67.79
CA THR Z 157 10.42 21.13 -68.16
C THR Z 157 10.07 20.29 -69.36
N GLY Z 158 11.03 20.11 -70.29
CA GLY Z 158 10.80 19.30 -71.48
C GLY Z 158 10.81 20.22 -72.68
N GLY Z 159 11.93 20.21 -73.40
CA GLY Z 159 12.04 21.01 -74.62
C GLY Z 159 12.35 22.46 -74.37
N ILE Z 160 12.71 22.81 -73.15
CA ILE Z 160 13.05 24.20 -72.82
C ILE Z 160 14.47 24.47 -73.27
N THR Z 161 14.64 25.61 -73.92
CA THR Z 161 15.96 26.01 -74.45
C THR Z 161 16.14 27.50 -74.23
N PRO Z 162 17.36 28.02 -74.49
CA PRO Z 162 17.46 29.45 -74.34
C PRO Z 162 16.54 30.22 -75.29
N SER Z 163 16.16 29.62 -76.41
CA SER Z 163 15.33 30.30 -77.40
C SER Z 163 13.87 30.40 -77.02
N ASN Z 164 13.44 29.55 -76.07
CA ASN Z 164 12.04 29.63 -75.65
C ASN Z 164 11.77 29.88 -74.16
N ILE Z 165 12.81 29.88 -73.34
CA ILE Z 165 12.59 30.01 -71.91
C ILE Z 165 11.97 31.34 -71.49
N ASP Z 166 12.31 32.43 -72.18
CA ASP Z 166 11.79 33.73 -71.79
C ASP Z 166 10.26 33.76 -71.86
N ASN Z 167 9.69 33.10 -72.84
CA ASN Z 167 8.26 33.08 -73.00
C ASN Z 167 7.60 32.40 -71.84
N TYR Z 168 8.19 31.33 -71.34
CA TYR Z 168 7.66 30.68 -70.16
C TYR Z 168 7.82 31.54 -68.90
N LEU Z 169 9.00 32.12 -68.70
CA LEU Z 169 9.22 32.91 -67.52
C LEU Z 169 8.36 34.20 -67.47
N ALA Z 170 7.90 34.64 -68.63
CA ALA Z 170 7.02 35.81 -68.68
C ALA Z 170 5.66 35.56 -68.04
N ILE Z 171 5.29 34.29 -67.86
CA ILE Z 171 4.04 33.94 -67.15
C ILE Z 171 4.27 33.99 -65.64
N PRO Z 172 3.52 34.84 -64.93
CA PRO Z 172 3.77 35.07 -63.51
C PRO Z 172 3.77 33.81 -62.62
N GLN Z 173 2.89 32.86 -62.93
CA GLN Z 173 2.82 31.65 -62.13
C GLN Z 173 3.88 30.62 -62.47
N VAL Z 174 4.74 30.89 -63.46
CA VAL Z 174 5.89 30.04 -63.70
C VAL Z 174 7.04 30.47 -62.79
N LEU Z 175 7.54 29.55 -61.97
CA LEU Z 175 8.61 29.89 -61.00
C LEU Z 175 9.97 29.76 -61.68
N ALA Z 176 10.15 28.66 -62.39
CA ALA Z 176 11.43 28.37 -63.01
C ALA Z 176 11.19 27.28 -64.01
N CYS Z 177 12.14 27.10 -64.93
CA CYS Z 177 12.05 26.01 -65.88
C CYS Z 177 13.20 25.06 -65.71
N GLY Z 178 12.94 23.78 -65.93
CA GLY Z 178 14.02 22.78 -65.90
C GLY Z 178 14.65 22.66 -67.28
N GLY Z 179 15.96 22.52 -67.34
CA GLY Z 179 16.64 22.46 -68.62
C GLY Z 179 17.80 21.50 -68.55
N THR Z 180 18.01 20.77 -69.62
CA THR Z 180 19.12 19.83 -69.67
C THR Z 180 20.26 20.36 -70.51
N TRP Z 181 20.04 21.42 -71.29
CA TRP Z 181 20.99 21.73 -72.36
C TRP Z 181 22.36 22.13 -71.84
N MET Z 182 22.40 22.80 -70.69
CA MET Z 182 23.67 23.30 -70.16
C MET Z 182 24.42 22.18 -69.42
N VAL Z 183 23.75 21.06 -69.16
CA VAL Z 183 24.41 19.92 -68.49
C VAL Z 183 24.26 18.63 -69.29
N ASP Z 184 24.11 18.78 -70.60
CA ASP Z 184 23.86 17.61 -71.45
C ASP Z 184 24.92 16.52 -71.24
N LYS Z 185 24.47 15.27 -71.20
CA LYS Z 185 25.34 14.16 -70.86
C LYS Z 185 26.54 14.12 -71.82
N LYS Z 186 26.28 14.39 -73.10
CA LYS Z 186 27.36 14.48 -74.08
C LYS Z 186 28.50 15.41 -73.65
N LEU Z 187 28.15 16.60 -73.14
CA LEU Z 187 29.15 17.58 -72.68
C LEU Z 187 29.90 17.04 -71.48
N VAL Z 188 29.17 16.42 -70.55
CA VAL Z 188 29.79 15.90 -69.33
C VAL Z 188 30.72 14.72 -69.69
N THR Z 189 30.20 13.78 -70.45
CA THR Z 189 30.97 12.63 -70.92
C THR Z 189 32.27 13.04 -71.60
N ASN Z 190 32.24 14.16 -72.31
CA ASN Z 190 33.39 14.62 -73.09
C ASN Z 190 34.25 15.61 -72.34
N GLY Z 191 33.91 15.86 -71.08
CA GLY Z 191 34.64 16.82 -70.27
C GLY Z 191 34.69 18.22 -70.87
N GLU Z 192 33.61 18.64 -71.52
CA GLU Z 192 33.52 19.99 -72.09
C GLU Z 192 33.20 21.04 -71.02
N TRP Z 193 34.03 21.13 -69.98
CA TRP Z 193 33.74 22.02 -68.87
C TRP Z 193 33.68 23.50 -69.25
N ASP Z 194 34.51 23.92 -70.20
CA ASP Z 194 34.46 25.30 -70.63
C ASP Z 194 33.11 25.64 -71.28
N GLU Z 195 32.57 24.69 -72.04
CA GLU Z 195 31.30 24.93 -72.74
C GLU Z 195 30.13 24.92 -71.73
N ILE Z 196 30.17 24.00 -70.78
CA ILE Z 196 29.16 24.01 -69.71
C ILE Z 196 29.20 25.34 -68.95
N ALA Z 197 30.41 25.81 -68.66
CA ALA Z 197 30.52 27.09 -67.98
C ALA Z 197 29.94 28.23 -68.80
N ARG Z 198 30.23 28.24 -70.10
CA ARG Z 198 29.69 29.24 -71.00
C ARG Z 198 28.14 29.21 -71.08
N LEU Z 199 27.58 28.02 -71.26
CA LEU Z 199 26.12 27.88 -71.31
C LEU Z 199 25.49 28.31 -70.00
N THR Z 200 26.13 27.96 -68.88
CA THR Z 200 25.60 28.37 -67.58
C THR Z 200 25.65 29.89 -67.40
N ARG Z 201 26.80 30.53 -67.68
CA ARG Z 201 26.88 31.97 -67.55
C ARG Z 201 25.86 32.67 -68.45
N GLU Z 202 25.72 32.13 -69.66
CA GLU Z 202 24.86 32.75 -70.63
C GLU Z 202 23.40 32.73 -70.17
N ILE Z 203 22.95 31.58 -69.66
CA ILE Z 203 21.55 31.50 -69.22
C ILE Z 203 21.28 32.34 -67.96
N VAL Z 204 22.24 32.38 -67.05
CA VAL Z 204 22.10 33.19 -65.83
C VAL Z 204 21.96 34.66 -66.20
N GLU Z 205 22.79 35.12 -67.13
CA GLU Z 205 22.70 36.49 -67.59
C GLU Z 205 21.39 36.74 -68.31
N GLN Z 206 20.95 35.77 -69.10
CA GLN Z 206 19.70 35.93 -69.81
C GLN Z 206 18.46 36.08 -68.88
N VAL Z 207 18.35 35.23 -67.86
CA VAL Z 207 17.13 35.21 -67.05
C VAL Z 207 17.16 36.17 -65.87
N ASN Z 208 18.36 36.50 -65.42
CA ASN Z 208 18.54 37.38 -64.29
C ASN Z 208 19.46 38.51 -64.72
N PRO Z 209 19.00 39.33 -65.68
CA PRO Z 209 19.83 40.39 -66.24
C PRO Z 209 20.08 41.51 -65.23
N SER AA 2 -30.96 16.55 -70.78
CA SER AA 2 -31.58 16.47 -72.09
C SER AA 2 -32.02 17.86 -72.55
N THR AA 3 -32.52 18.66 -71.60
CA THR AA 3 -32.88 20.04 -71.87
C THR AA 3 -31.65 20.88 -72.21
N ILE AA 4 -30.59 20.65 -71.45
CA ILE AA 4 -29.32 21.33 -71.65
C ILE AA 4 -28.70 21.04 -73.01
N ASN AA 5 -28.71 19.78 -73.42
CA ASN AA 5 -28.11 19.44 -74.69
C ASN AA 5 -28.84 20.13 -75.81
N ASN AA 6 -30.16 20.10 -75.75
CA ASN AA 6 -30.95 20.73 -76.79
C ASN AA 6 -30.68 22.21 -76.82
N GLN AA 7 -30.58 22.81 -75.65
CA GLN AA 7 -30.34 24.24 -75.58
C GLN AA 7 -29.01 24.56 -76.23
N LEU AA 8 -28.00 23.77 -75.92
CA LEU AA 8 -26.67 23.99 -76.48
C LEU AA 8 -26.64 23.76 -77.98
N LYS AA 9 -27.28 22.71 -78.42
CA LYS AA 9 -27.29 22.36 -79.84
C LYS AA 9 -27.89 23.51 -80.66
N ALA AA 10 -28.89 24.16 -80.09
CA ALA AA 10 -29.50 25.30 -80.75
C ALA AA 10 -28.58 26.53 -80.73
N LEU AA 11 -27.95 26.79 -79.59
CA LEU AA 11 -27.12 28.00 -79.47
C LEU AA 11 -25.83 27.95 -80.29
N LYS AA 12 -25.18 26.79 -80.26
CA LYS AA 12 -23.89 26.51 -80.93
C LYS AA 12 -22.67 27.23 -80.34
N VAL AA 13 -22.88 28.35 -79.67
CA VAL AA 13 -21.79 29.11 -79.07
C VAL AA 13 -22.24 29.60 -77.72
N ILE AA 14 -21.43 29.36 -76.71
CA ILE AA 14 -21.75 29.83 -75.36
C ILE AA 14 -20.75 30.86 -74.88
N PRO AA 15 -21.21 32.09 -74.60
CA PRO AA 15 -20.30 33.08 -74.05
C PRO AA 15 -19.78 32.64 -72.70
N VAL AA 16 -18.46 32.63 -72.58
CA VAL AA 16 -17.77 32.38 -71.35
C VAL AA 16 -17.30 33.71 -70.77
N ILE AA 17 -17.92 34.08 -69.65
CA ILE AA 17 -17.82 35.43 -69.07
C ILE AA 17 -16.98 35.52 -67.81
N ALA AA 18 -15.99 36.39 -67.84
CA ALA AA 18 -15.19 36.71 -66.66
C ALA AA 18 -15.50 38.16 -66.34
N ILE AA 19 -16.26 38.36 -65.27
CA ILE AA 19 -16.81 39.66 -64.91
C ILE AA 19 -16.01 40.21 -63.73
N ASP AA 20 -15.76 41.51 -63.71
CA ASP AA 20 -15.07 42.14 -62.60
C ASP AA 20 -16.09 42.73 -61.63
N ASN AA 21 -16.97 43.57 -62.18
CA ASN AA 21 -18.04 44.15 -61.41
C ASN AA 21 -19.32 43.44 -61.77
N ALA AA 22 -19.97 42.85 -60.76
CA ALA AA 22 -21.15 42.04 -61.01
C ALA AA 22 -22.25 42.80 -61.73
N GLU AA 23 -22.36 44.10 -61.44
CA GLU AA 23 -23.38 44.96 -62.05
C GLU AA 23 -23.29 44.95 -63.58
N ASP AA 24 -22.07 44.74 -64.08
CA ASP AA 24 -21.79 44.73 -65.52
C ASP AA 24 -22.51 43.59 -66.24
N ILE AA 25 -22.99 42.59 -65.49
CA ILE AA 25 -23.70 41.47 -66.11
C ILE AA 25 -25.04 41.89 -66.69
N ILE AA 26 -25.58 43.00 -66.20
CA ILE AA 26 -26.89 43.41 -66.64
C ILE AA 26 -26.83 43.97 -68.08
N PRO AA 27 -26.00 44.99 -68.30
CA PRO AA 27 -25.95 45.44 -69.70
C PRO AA 27 -25.38 44.35 -70.64
N LEU AA 28 -24.43 43.56 -70.14
CA LEU AA 28 -23.84 42.47 -70.97
C LEU AA 28 -24.90 41.46 -71.38
N GLY AA 29 -25.71 41.01 -70.41
CA GLY AA 29 -26.79 40.08 -70.70
C GLY AA 29 -27.84 40.63 -71.64
N LYS AA 30 -28.11 41.93 -71.52
CA LYS AA 30 -29.08 42.59 -72.40
C LYS AA 30 -28.58 42.54 -73.83
N VAL AA 31 -27.32 42.91 -74.00
CA VAL AA 31 -26.70 42.88 -75.33
C VAL AA 31 -26.64 41.48 -75.91
N LEU AA 32 -26.20 40.51 -75.09
CA LEU AA 32 -26.24 39.12 -75.59
C LEU AA 32 -27.63 38.67 -76.01
N ALA AA 33 -28.62 38.86 -75.13
CA ALA AA 33 -29.96 38.36 -75.43
C ALA AA 33 -30.59 39.04 -76.66
N GLU AA 34 -30.48 40.37 -76.73
CA GLU AA 34 -31.16 41.07 -77.84
C GLU AA 34 -30.44 40.86 -79.18
N ASN AA 35 -29.21 40.35 -79.13
CA ASN AA 35 -28.49 40.07 -80.38
C ASN AA 35 -28.51 38.60 -80.76
N GLY AA 36 -29.37 37.84 -80.08
CA GLY AA 36 -29.65 36.47 -80.48
C GLY AA 36 -28.91 35.38 -79.74
N LEU AA 37 -28.23 35.73 -78.64
CA LEU AA 37 -27.42 34.73 -77.92
C LEU AA 37 -27.77 34.69 -76.42
N PRO AA 38 -28.92 34.10 -76.09
CA PRO AA 38 -29.44 34.16 -74.74
C PRO AA 38 -28.83 33.07 -73.85
N ALA AA 39 -27.52 33.15 -73.66
CA ALA AA 39 -26.77 32.15 -72.87
C ALA AA 39 -25.53 32.78 -72.27
N ALA AA 40 -25.06 32.23 -71.17
CA ALA AA 40 -23.89 32.75 -70.52
C ALA AA 40 -23.34 31.70 -69.56
N GLU AA 41 -22.05 31.48 -69.62
CA GLU AA 41 -21.37 30.69 -68.60
C GLU AA 41 -20.53 31.66 -67.79
N ILE AA 42 -20.91 31.89 -66.53
CA ILE AA 42 -20.24 32.88 -65.72
C ILE AA 42 -19.17 32.20 -64.90
N THR AA 43 -17.92 32.53 -65.16
CA THR AA 43 -16.79 31.88 -64.46
C THR AA 43 -16.55 32.37 -63.03
N PHE AA 44 -16.29 31.42 -62.13
CA PHE AA 44 -15.99 31.71 -60.73
C PHE AA 44 -14.53 32.15 -60.51
N ARG AA 45 -14.14 33.21 -61.21
CA ARG AA 45 -12.80 33.74 -61.08
C ARG AA 45 -12.95 34.91 -60.14
N SER AA 46 -13.94 35.74 -60.47
CA SER AA 46 -14.28 36.91 -59.70
C SER AA 46 -15.21 36.59 -58.52
N SER AA 47 -15.07 37.35 -57.45
CA SER AA 47 -15.89 37.19 -56.26
C SER AA 47 -17.34 37.49 -56.62
N ALA AA 48 -17.50 38.45 -57.53
CA ALA AA 48 -18.80 38.93 -57.99
C ALA AA 48 -19.61 37.95 -58.84
N ALA AA 49 -19.01 36.84 -59.24
CA ALA AA 49 -19.73 35.90 -60.10
C ALA AA 49 -21.04 35.40 -59.49
N VAL AA 50 -21.04 35.07 -58.19
CA VAL AA 50 -22.29 34.63 -57.59
C VAL AA 50 -23.37 35.72 -57.73
N LYS AA 51 -23.02 36.94 -57.38
CA LYS AA 51 -23.93 38.06 -57.53
C LYS AA 51 -24.32 38.25 -59.00
N ALA AA 52 -23.34 38.13 -59.90
CA ALA AA 52 -23.62 38.22 -61.33
C ALA AA 52 -24.65 37.21 -61.80
N ILE AA 53 -24.56 35.94 -61.38
CA ILE AA 53 -25.57 34.99 -61.74
C ILE AA 53 -26.95 35.42 -61.22
N MET AA 54 -27.00 35.89 -59.99
CA MET AA 54 -28.27 36.29 -59.36
C MET AA 54 -28.89 37.48 -60.11
N LEU AA 55 -28.09 38.48 -60.41
CA LEU AA 55 -28.54 39.66 -61.18
C LEU AA 55 -28.99 39.28 -62.58
N LEU AA 56 -28.17 38.49 -63.28
CA LEU AA 56 -28.57 38.04 -64.61
C LEU AA 56 -29.87 37.22 -64.64
N ARG AA 57 -30.07 36.33 -63.66
CA ARG AA 57 -31.27 35.51 -63.65
C ARG AA 57 -32.51 36.40 -63.41
N SER AA 58 -32.35 37.42 -62.58
CA SER AA 58 -33.43 38.38 -62.34
C SER AA 58 -33.72 39.20 -63.60
N ALA AA 59 -32.66 39.62 -64.29
CA ALA AA 59 -32.80 40.52 -65.45
C ALA AA 59 -33.19 39.81 -66.74
N GLN AA 60 -32.75 38.56 -66.87
CA GLN AA 60 -32.97 37.79 -68.10
C GLN AA 60 -33.42 36.40 -67.68
N PRO AA 61 -34.69 36.26 -67.24
CA PRO AA 61 -35.13 35.02 -66.63
C PRO AA 61 -35.01 33.77 -67.49
N GLU AA 62 -35.15 33.89 -68.80
CA GLU AA 62 -35.13 32.74 -69.70
C GLU AA 62 -33.76 32.42 -70.31
N MET AA 63 -32.76 33.18 -69.96
CA MET AA 63 -31.43 32.96 -70.49
C MET AA 63 -30.89 31.66 -69.93
N LEU AA 64 -30.12 30.92 -70.71
CA LEU AA 64 -29.38 29.76 -70.16
C LEU AA 64 -28.18 30.26 -69.39
N ILE AA 65 -28.13 29.97 -68.08
CA ILE AA 65 -27.04 30.45 -67.24
C ILE AA 65 -26.36 29.26 -66.57
N GLY AA 66 -25.08 29.09 -66.88
CA GLY AA 66 -24.21 28.14 -66.20
C GLY AA 66 -23.14 28.85 -65.41
N ALA AA 67 -22.51 28.15 -64.49
CA ALA AA 67 -21.41 28.71 -63.75
C ALA AA 67 -20.20 27.90 -64.16
N GLY AA 68 -19.08 28.58 -64.38
CA GLY AA 68 -17.85 27.89 -64.76
C GLY AA 68 -16.76 27.94 -63.70
N THR AA 69 -15.68 27.22 -63.96
CA THR AA 69 -14.55 27.13 -63.04
C THR AA 69 -14.97 26.61 -61.66
N ILE AA 70 -15.86 25.63 -61.72
CA ILE AA 70 -16.41 25.06 -60.49
C ILE AA 70 -15.51 23.89 -60.07
N LEU AA 71 -14.78 24.09 -58.98
CA LEU AA 71 -13.71 23.16 -58.57
C LEU AA 71 -14.14 22.28 -57.41
N ASN AA 72 -15.28 22.58 -56.80
CA ASN AA 72 -15.74 21.80 -55.64
C ASN AA 72 -17.24 21.91 -55.44
N GLY AA 73 -17.80 21.09 -54.55
CA GLY AA 73 -19.23 21.07 -54.38
C GLY AA 73 -19.75 22.35 -53.74
N VAL AA 74 -18.96 22.99 -52.88
CA VAL AA 74 -19.36 24.26 -52.23
C VAL AA 74 -19.64 25.31 -53.30
N GLN AA 75 -18.74 25.43 -54.26
CA GLN AA 75 -18.99 26.37 -55.33
C GLN AA 75 -20.18 25.98 -56.18
N ALA AA 76 -20.35 24.70 -56.45
CA ALA AA 76 -21.52 24.21 -57.17
C ALA AA 76 -22.82 24.59 -56.47
N LEU AA 77 -22.85 24.44 -55.14
CA LEU AA 77 -24.00 24.89 -54.35
C LEU AA 77 -24.23 26.41 -54.47
N ALA AA 78 -23.17 27.20 -54.34
CA ALA AA 78 -23.28 28.66 -54.45
C ALA AA 78 -23.91 28.99 -55.79
N ALA AA 79 -23.47 28.30 -56.83
CA ALA AA 79 -24.00 28.56 -58.17
C ALA AA 79 -25.46 28.15 -58.30
N LYS AA 80 -25.82 27.02 -57.71
CA LYS AA 80 -27.18 26.54 -57.77
C LYS AA 80 -28.10 27.56 -57.04
N GLU AA 81 -27.69 28.02 -55.86
CA GLU AA 81 -28.51 28.91 -55.03
C GLU AA 81 -28.65 30.26 -55.71
N ALA AA 82 -27.63 30.64 -56.48
CA ALA AA 82 -27.66 31.91 -57.22
C ALA AA 82 -28.60 31.86 -58.42
N GLY AA 83 -28.91 30.65 -58.91
CA GLY AA 83 -29.81 30.50 -60.05
C GLY AA 83 -29.22 29.88 -61.30
N ALA AA 84 -27.96 29.42 -61.25
CA ALA AA 84 -27.43 28.67 -62.40
C ALA AA 84 -28.15 27.32 -62.51
N THR AA 85 -28.34 26.84 -63.73
CA THR AA 85 -28.95 25.51 -63.93
C THR AA 85 -27.96 24.40 -64.29
N PHE AA 86 -26.69 24.75 -64.44
CA PHE AA 86 -25.65 23.71 -64.62
C PHE AA 86 -24.32 24.34 -64.22
N VAL AA 87 -23.35 23.50 -63.92
CA VAL AA 87 -22.02 23.95 -63.66
C VAL AA 87 -21.04 23.27 -64.63
N VAL AA 88 -19.93 23.96 -64.82
CA VAL AA 88 -18.85 23.48 -65.70
C VAL AA 88 -17.54 23.56 -64.94
N SER AA 89 -16.68 22.54 -65.12
CA SER AA 89 -15.35 22.54 -64.53
C SER AA 89 -14.30 22.42 -65.63
N PRO AA 90 -13.10 23.00 -65.42
CA PRO AA 90 -12.10 22.97 -66.50
C PRO AA 90 -11.56 21.56 -66.72
N GLY AA 91 -11.50 20.78 -65.63
CA GLY AA 91 -11.08 19.37 -65.71
C GLY AA 91 -12.12 18.50 -65.04
N PHE AA 92 -11.75 17.25 -64.79
CA PHE AA 92 -12.69 16.25 -64.28
C PHE AA 92 -12.20 15.82 -62.90
N ASN AA 93 -13.02 16.14 -61.89
CA ASN AA 93 -12.75 15.72 -60.51
C ASN AA 93 -13.96 14.90 -60.08
N PRO AA 94 -13.77 13.58 -59.94
CA PRO AA 94 -14.91 12.78 -59.58
C PRO AA 94 -15.51 13.19 -58.23
N ASN AA 95 -14.72 13.79 -57.33
CA ASN AA 95 -15.28 14.26 -56.04
C ASN AA 95 -16.26 15.41 -56.29
N THR AA 96 -15.90 16.27 -57.24
CA THR AA 96 -16.83 17.36 -57.58
C THR AA 96 -18.10 16.84 -58.23
N VAL AA 97 -17.94 15.89 -59.16
CA VAL AA 97 -19.08 15.29 -59.82
C VAL AA 97 -20.09 14.64 -58.85
N ARG AA 98 -19.58 13.83 -57.93
CA ARG AA 98 -20.45 13.23 -56.91
C ARG AA 98 -21.15 14.29 -56.03
N ALA AA 99 -20.41 15.33 -55.68
CA ALA AA 99 -20.96 16.41 -54.84
C ALA AA 99 -22.11 17.04 -55.59
N CYS AA 100 -21.95 17.24 -56.90
CA CYS AA 100 -23.01 17.83 -57.71
C CYS AA 100 -24.22 16.88 -57.80
N GLN AA 101 -23.96 15.60 -57.84
CA GLN AA 101 -25.04 14.64 -57.86
C GLN AA 101 -25.83 14.72 -56.57
N ILE AA 102 -25.13 14.89 -55.47
CA ILE AA 102 -25.73 14.91 -54.14
C ILE AA 102 -26.51 16.20 -53.92
N ILE AA 103 -25.96 17.34 -54.35
CA ILE AA 103 -26.66 18.60 -54.12
C ILE AA 103 -27.75 18.83 -55.17
N GLY AA 104 -27.67 18.09 -56.27
CA GLY AA 104 -28.69 18.13 -57.30
C GLY AA 104 -28.53 19.27 -58.31
N ILE AA 105 -27.37 19.35 -58.93
CA ILE AA 105 -27.19 20.24 -60.11
C ILE AA 105 -26.35 19.51 -61.16
N ASP AA 106 -26.70 19.71 -62.42
CA ASP AA 106 -25.97 19.04 -63.49
C ASP AA 106 -24.60 19.65 -63.67
N ILE AA 107 -23.64 18.79 -63.98
CA ILE AA 107 -22.28 19.25 -64.24
C ILE AA 107 -21.84 18.79 -65.62
N VAL AA 108 -21.16 19.67 -66.34
CA VAL AA 108 -20.48 19.34 -67.59
C VAL AA 108 -19.00 19.52 -67.31
N PRO AA 109 -18.30 18.43 -67.01
CA PRO AA 109 -16.89 18.55 -66.65
C PRO AA 109 -15.96 18.58 -67.87
N GLY AA 110 -14.79 19.19 -67.72
CA GLY AA 110 -13.81 19.23 -68.82
C GLY AA 110 -12.94 17.98 -68.88
N VAL AA 111 -12.68 17.54 -70.11
CA VAL AA 111 -11.75 16.47 -70.39
C VAL AA 111 -10.87 16.87 -71.55
N ASN AA 112 -9.73 16.19 -71.71
CA ASN AA 112 -8.93 16.45 -72.90
C ASN AA 112 -8.17 15.22 -73.40
N ASN AA 113 -8.52 14.02 -72.90
CA ASN AA 113 -7.85 12.80 -73.40
C ASN AA 113 -8.76 11.59 -73.19
N PRO AA 114 -8.41 10.46 -73.76
CA PRO AA 114 -9.25 9.25 -73.69
C PRO AA 114 -9.49 8.72 -72.28
N SER AA 115 -8.45 8.77 -71.44
CA SER AA 115 -8.61 8.24 -70.10
C SER AA 115 -9.61 9.05 -69.29
N THR AA 116 -9.57 10.36 -69.45
CA THR AA 116 -10.50 11.19 -68.67
C THR AA 116 -11.91 11.00 -69.21
N VAL AA 117 -12.03 10.83 -70.52
CA VAL AA 117 -13.37 10.52 -71.07
C VAL AA 117 -13.92 9.25 -70.44
N GLU AA 118 -13.10 8.21 -70.34
CA GLU AA 118 -13.58 6.94 -69.77
C GLU AA 118 -13.95 7.08 -68.32
N ALA AA 119 -13.20 7.90 -67.59
CA ALA AA 119 -13.53 8.19 -66.19
C ALA AA 119 -14.90 8.84 -66.09
N ALA AA 120 -15.19 9.77 -66.98
CA ALA AA 120 -16.49 10.46 -66.96
C ALA AA 120 -17.61 9.50 -67.33
N LEU AA 121 -17.39 8.69 -68.35
CA LEU AA 121 -18.42 7.74 -68.80
C LEU AA 121 -18.77 6.78 -67.70
N GLU AA 122 -17.77 6.42 -66.90
CA GLU AA 122 -18.00 5.46 -65.84
C GLU AA 122 -18.89 6.02 -64.73
N MET AA 123 -18.88 7.35 -64.58
CA MET AA 123 -19.78 8.05 -63.65
C MET AA 123 -21.11 8.47 -64.26
N GLY AA 124 -21.38 8.03 -65.47
CA GLY AA 124 -22.67 8.23 -66.11
C GLY AA 124 -22.79 9.55 -66.87
N LEU AA 125 -21.67 10.20 -67.11
CA LEU AA 125 -21.71 11.48 -67.81
C LEU AA 125 -21.43 11.26 -69.31
N THR AA 126 -22.11 12.03 -70.17
CA THR AA 126 -21.88 11.93 -71.60
C THR AA 126 -21.63 13.29 -72.24
N THR AA 127 -22.20 14.38 -71.70
CA THR AA 127 -21.89 15.73 -72.16
C THR AA 127 -20.70 16.32 -71.43
N LEU AA 128 -19.62 16.55 -72.19
CA LEU AA 128 -18.36 16.93 -71.57
C LEU AA 128 -17.79 18.16 -72.28
N LYS AA 129 -17.09 18.98 -71.51
CA LYS AA 129 -16.40 20.11 -72.06
C LYS AA 129 -15.05 19.60 -72.55
N PHE AA 130 -14.59 20.05 -73.71
CA PHE AA 130 -13.26 19.61 -74.20
C PHE AA 130 -12.36 20.84 -74.06
N PHE AA 131 -11.43 20.80 -73.10
CA PHE AA 131 -10.68 21.97 -72.69
C PHE AA 131 -9.27 21.58 -72.24
N PRO AA 132 -8.24 22.37 -72.62
CA PRO AA 132 -8.34 23.53 -73.55
C PRO AA 132 -8.27 23.05 -74.99
N ALA AA 133 -9.21 23.50 -75.81
CA ALA AA 133 -9.45 22.78 -77.07
C ALA AA 133 -8.25 22.90 -78.02
N GLU AA 134 -7.82 24.12 -78.31
CA GLU AA 134 -6.71 24.28 -79.26
C GLU AA 134 -5.40 23.75 -78.70
N ALA AA 135 -5.13 24.07 -77.45
CA ALA AA 135 -3.84 23.68 -76.85
C ALA AA 135 -3.71 22.14 -76.69
N SER AA 136 -4.84 21.43 -76.68
CA SER AA 136 -4.82 19.97 -76.52
C SER AA 136 -4.76 19.22 -77.84
N GLY AA 137 -4.73 19.96 -78.94
CA GLY AA 137 -4.64 19.34 -80.26
C GLY AA 137 -5.78 19.64 -81.20
N GLY AA 138 -6.74 20.45 -80.73
CA GLY AA 138 -7.73 20.99 -81.68
C GLY AA 138 -8.63 19.94 -82.31
N ILE AA 139 -9.08 20.22 -83.54
CA ILE AA 139 -10.01 19.34 -84.19
C ILE AA 139 -9.48 17.93 -84.35
N SER AA 140 -8.17 17.77 -84.58
CA SER AA 140 -7.61 16.43 -84.68
C SER AA 140 -7.81 15.65 -83.39
N MET AA 141 -7.64 16.30 -82.24
CA MET AA 141 -7.95 15.63 -81.00
C MET AA 141 -9.44 15.35 -80.85
N VAL AA 142 -10.29 16.33 -81.18
CA VAL AA 142 -11.71 16.08 -81.04
C VAL AA 142 -12.14 14.83 -81.82
N LYS AA 143 -11.67 14.73 -83.06
CA LYS AA 143 -12.01 13.57 -83.89
C LYS AA 143 -11.53 12.26 -83.28
N SER AA 144 -10.37 12.29 -82.64
CA SER AA 144 -9.87 11.10 -81.94
C SER AA 144 -10.65 10.66 -80.71
N LEU AA 145 -11.32 11.58 -80.02
CA LEU AA 145 -12.19 11.22 -78.88
C LEU AA 145 -13.59 10.78 -79.23
N VAL AA 146 -14.21 11.48 -80.17
CA VAL AA 146 -15.56 11.15 -80.45
C VAL AA 146 -15.59 9.83 -81.21
N GLY AA 147 -14.50 9.53 -81.91
CA GLY AA 147 -14.39 8.31 -82.70
C GLY AA 147 -14.63 7.04 -81.88
N PRO AA 148 -13.84 6.82 -80.83
CA PRO AA 148 -14.03 5.60 -80.04
C PRO AA 148 -15.23 5.66 -79.10
N TYR AA 149 -15.71 6.87 -78.79
CA TYR AA 149 -16.72 7.03 -77.75
C TYR AA 149 -18.00 7.60 -78.35
N GLY AA 150 -18.82 6.73 -78.92
CA GLY AA 150 -19.99 7.16 -79.68
C GLY AA 150 -21.03 7.89 -78.85
N ASP AA 151 -20.97 7.72 -77.54
CA ASP AA 151 -22.01 8.29 -76.65
C ASP AA 151 -21.72 9.73 -76.21
N ILE AA 152 -20.47 10.16 -76.33
CA ILE AA 152 -20.16 11.49 -75.81
C ILE AA 152 -20.62 12.63 -76.72
N ARG AA 153 -20.87 13.77 -76.10
CA ARG AA 153 -21.20 14.99 -76.83
C ARG AA 153 -20.31 16.07 -76.21
N LEU AA 154 -19.70 16.90 -77.03
CA LEU AA 154 -18.62 17.78 -76.52
C LEU AA 154 -18.95 19.25 -76.63
N MET AA 155 -18.42 20.01 -75.68
CA MET AA 155 -18.42 21.46 -75.78
C MET AA 155 -16.95 21.94 -75.77
N PRO AA 156 -16.32 22.05 -76.95
CA PRO AA 156 -14.94 22.53 -77.01
C PRO AA 156 -14.84 23.98 -76.57
N THR AA 157 -13.86 24.27 -75.72
CA THR AA 157 -13.62 25.63 -75.26
C THR AA 157 -12.13 25.79 -75.12
N GLY AA 158 -11.63 27.00 -75.40
CA GLY AA 158 -10.20 27.26 -75.26
C GLY AA 158 -9.63 27.50 -76.66
N GLY AA 159 -9.42 28.77 -76.97
CA GLY AA 159 -8.83 29.12 -78.26
C GLY AA 159 -9.81 29.12 -79.41
N ILE AA 160 -11.10 29.05 -79.11
CA ILE AA 160 -12.12 29.05 -80.16
C ILE AA 160 -12.35 30.49 -80.59
N THR AA 161 -12.41 30.67 -81.90
CA THR AA 161 -12.60 32.01 -82.48
C THR AA 161 -13.53 31.89 -83.68
N PRO AA 162 -13.97 33.03 -84.24
CA PRO AA 162 -14.79 32.87 -85.41
C PRO AA 162 -14.05 32.17 -86.57
N SER AA 163 -12.72 32.24 -86.60
CA SER AA 163 -11.95 31.67 -87.69
C SER AA 163 -11.81 30.15 -87.60
N ASN AA 164 -12.05 29.60 -86.41
CA ASN AA 164 -11.97 28.13 -86.30
C ASN AA 164 -13.22 27.39 -85.79
N ILE AA 165 -14.24 28.13 -85.37
CA ILE AA 165 -15.39 27.47 -84.80
C ILE AA 165 -16.16 26.56 -85.78
N ASP AA 166 -16.20 26.92 -87.05
CA ASP AA 166 -16.94 26.11 -88.01
C ASP AA 166 -16.39 24.70 -88.09
N ASN AA 167 -15.09 24.56 -87.99
CA ASN AA 167 -14.46 23.27 -88.08
C ASN AA 167 -14.88 22.39 -86.93
N TYR AA 168 -15.00 22.96 -85.74
CA TYR AA 168 -15.48 22.20 -84.61
C TYR AA 168 -16.96 21.83 -84.75
N LEU AA 169 -17.78 22.81 -85.15
CA LEU AA 169 -19.20 22.54 -85.26
C LEU AA 169 -19.55 21.51 -86.37
N ALA AA 170 -18.65 21.37 -87.33
CA ALA AA 170 -18.85 20.38 -88.40
C ALA AA 170 -18.79 18.94 -87.88
N ILE AA 171 -18.24 18.73 -86.69
CA ILE AA 171 -18.23 17.39 -86.06
C ILE AA 171 -19.57 17.14 -85.36
N PRO AA 172 -20.30 16.09 -85.78
CA PRO AA 172 -21.66 15.86 -85.28
C PRO AA 172 -21.79 15.78 -83.75
N GLN AA 173 -20.81 15.20 -83.09
CA GLN AA 173 -20.87 15.07 -81.64
C GLN AA 173 -20.48 16.34 -80.89
N VAL AA 174 -20.08 17.39 -81.60
CA VAL AA 174 -19.88 18.68 -80.94
C VAL AA 174 -21.22 19.41 -80.86
N LEU AA 175 -21.63 19.79 -79.65
CA LEU AA 175 -22.94 20.45 -79.46
C LEU AA 175 -22.79 21.95 -79.66
N ALA AA 176 -21.76 22.50 -79.03
CA ALA AA 176 -21.54 23.94 -79.07
C ALA AA 176 -20.14 24.18 -78.60
N CYS AA 177 -19.62 25.37 -78.88
CA CYS AA 177 -18.31 25.74 -78.39
C CYS AA 177 -18.40 26.92 -77.44
N GLY AA 178 -17.53 26.94 -76.44
CA GLY AA 178 -17.47 28.09 -75.54
C GLY AA 178 -16.48 29.11 -76.10
N GLY AA 179 -16.82 30.39 -75.99
CA GLY AA 179 -15.98 31.43 -76.54
C GLY AA 179 -15.99 32.65 -75.66
N THR AA 180 -14.83 33.29 -75.52
CA THR AA 180 -14.73 34.48 -74.71
C THR AA 180 -14.68 35.73 -75.57
N TRP AA 181 -14.45 35.59 -76.88
CA TRP AA 181 -14.03 36.77 -77.66
C TRP AA 181 -15.11 37.84 -77.72
N MET AA 182 -16.38 37.43 -77.76
CA MET AA 182 -17.47 38.39 -77.91
C MET AA 182 -17.82 39.04 -76.56
N VAL AA 183 -17.29 38.49 -75.47
CA VAL AA 183 -17.52 39.08 -74.14
C VAL AA 183 -16.22 39.38 -73.40
N ASP AA 184 -15.15 39.61 -74.17
CA ASP AA 184 -13.84 39.82 -73.58
C ASP AA 184 -13.88 40.91 -72.49
N LYS AA 185 -13.18 40.66 -71.39
CA LYS AA 185 -13.23 41.56 -70.24
C LYS AA 185 -12.83 42.96 -70.65
N LYS AA 186 -11.81 43.07 -71.51
CA LYS AA 186 -11.43 44.37 -72.05
C LYS AA 186 -12.60 45.17 -72.63
N LEU AA 187 -13.44 44.51 -73.45
CA LEU AA 187 -14.60 45.16 -74.06
C LEU AA 187 -15.60 45.58 -72.98
N VAL AA 188 -15.83 44.71 -72.00
CA VAL AA 188 -16.79 45.01 -70.95
C VAL AA 188 -16.27 46.17 -70.09
N THR AA 189 -15.03 46.05 -69.63
CA THR AA 189 -14.38 47.09 -68.85
C THR AA 189 -14.45 48.47 -69.51
N ASN AA 190 -14.37 48.49 -70.84
CA ASN AA 190 -14.34 49.73 -71.60
C ASN AA 190 -15.70 50.16 -72.09
N GLY AA 191 -16.72 49.42 -71.70
CA GLY AA 191 -18.09 49.73 -72.13
C GLY AA 191 -18.25 49.74 -73.64
N GLU AA 192 -17.55 48.85 -74.34
CA GLU AA 192 -17.68 48.74 -75.80
C GLU AA 192 -18.93 47.95 -76.21
N TRP AA 193 -20.10 48.41 -75.77
CA TRP AA 193 -21.34 47.66 -76.01
C TRP AA 193 -21.69 47.49 -77.48
N ASP AA 194 -21.38 48.50 -78.30
CA ASP AA 194 -21.66 48.38 -79.72
C ASP AA 194 -20.82 47.25 -80.35
N GLU AA 195 -19.57 47.12 -79.90
CA GLU AA 195 -18.68 46.10 -80.47
C GLU AA 195 -19.11 44.70 -79.99
N ILE AA 196 -19.48 44.58 -78.73
CA ILE AA 196 -20.02 43.31 -78.23
C ILE AA 196 -21.28 42.92 -79.02
N ALA AA 197 -22.13 43.90 -79.28
CA ALA AA 197 -23.32 43.60 -80.05
C ALA AA 197 -22.98 43.13 -81.47
N ARG AA 198 -22.02 43.79 -82.09
CA ARG AA 198 -21.56 43.40 -83.42
C ARG AA 198 -20.96 41.98 -83.46
N LEU AA 199 -20.07 41.68 -82.51
CA LEU AA 199 -19.48 40.34 -82.43
C LEU AA 199 -20.53 39.29 -82.19
N THR AA 200 -21.50 39.61 -81.33
CA THR AA 200 -22.58 38.64 -81.06
C THR AA 200 -23.45 38.41 -82.30
N ARG AA 201 -23.91 39.49 -82.98
CA ARG AA 201 -24.71 39.30 -84.16
C ARG AA 201 -23.94 38.52 -85.23
N GLU AA 202 -22.66 38.82 -85.36
CA GLU AA 202 -21.85 38.22 -86.39
C GLU AA 202 -21.73 36.71 -86.16
N ILE AA 203 -21.47 36.30 -84.92
CA ILE AA 203 -21.31 34.87 -84.67
C ILE AA 203 -22.65 34.10 -84.78
N VAL AA 204 -23.74 34.72 -84.36
CA VAL AA 204 -25.06 34.11 -84.47
C VAL AA 204 -25.39 33.86 -85.94
N GLU AA 205 -25.12 34.85 -86.78
CA GLU AA 205 -25.36 34.71 -88.21
C GLU AA 205 -24.43 33.64 -88.80
N GLN AA 206 -23.19 33.62 -88.34
CA GLN AA 206 -22.25 32.63 -88.84
C GLN AA 206 -22.68 31.16 -88.54
N VAL AA 207 -23.08 30.88 -87.31
CA VAL AA 207 -23.32 29.49 -86.92
C VAL AA 207 -24.75 29.02 -87.17
N ASN AA 208 -25.67 29.96 -87.23
CA ASN AA 208 -27.07 29.66 -87.44
C ASN AA 208 -27.54 30.48 -88.63
N PRO AA 209 -26.99 30.21 -89.81
CA PRO AA 209 -27.29 31.00 -91.00
C PRO AA 209 -28.72 30.76 -91.49
N SER BA 2 -98.12 -111.99 14.68
CA SER BA 2 -99.03 -112.63 13.72
C SER BA 2 -98.87 -114.16 13.81
N THR BA 3 -97.63 -114.61 13.99
CA THR BA 3 -97.35 -116.02 14.18
C THR BA 3 -97.95 -116.53 15.49
N ILE BA 4 -97.72 -115.77 16.56
CA ILE BA 4 -98.24 -116.14 17.88
C ILE BA 4 -99.76 -116.20 17.88
N ASN BA 5 -100.41 -115.18 17.30
CA ASN BA 5 -101.88 -115.17 17.20
C ASN BA 5 -102.39 -116.43 16.50
N ASN BA 6 -101.73 -116.81 15.41
CA ASN BA 6 -102.16 -117.99 14.69
C ASN BA 6 -101.98 -119.27 15.48
N GLN BA 7 -100.88 -119.36 16.21
CA GLN BA 7 -100.64 -120.53 17.05
C GLN BA 7 -101.66 -120.61 18.18
N LEU BA 8 -101.89 -119.48 18.86
CA LEU BA 8 -102.93 -119.46 19.90
C LEU BA 8 -104.31 -119.87 19.37
N LYS BA 9 -104.70 -119.35 18.21
CA LYS BA 9 -106.01 -119.62 17.65
C LYS BA 9 -106.17 -121.13 17.39
N ALA BA 10 -105.09 -121.75 16.95
CA ALA BA 10 -105.10 -123.18 16.72
C ALA BA 10 -105.15 -123.98 18.03
N LEU BA 11 -104.36 -123.57 19.01
CA LEU BA 11 -104.29 -124.33 20.27
C LEU BA 11 -105.56 -124.25 21.11
N LYS BA 12 -106.10 -123.03 21.20
CA LYS BA 12 -107.29 -122.70 22.00
C LYS BA 12 -107.13 -122.73 23.52
N VAL BA 13 -106.16 -123.50 24.00
CA VAL BA 13 -105.90 -123.60 25.43
C VAL BA 13 -104.39 -123.61 25.64
N ILE BA 14 -103.94 -122.76 26.54
CA ILE BA 14 -102.50 -122.71 26.84
C ILE BA 14 -102.23 -123.14 28.28
N PRO BA 15 -101.48 -124.23 28.48
CA PRO BA 15 -101.12 -124.59 29.83
C PRO BA 15 -100.28 -123.51 30.50
N VAL BA 16 -100.73 -123.09 31.66
CA VAL BA 16 -100.02 -122.16 32.51
C VAL BA 16 -99.36 -122.96 33.64
N ILE BA 17 -98.04 -123.00 33.58
CA ILE BA 17 -97.23 -123.92 34.41
C ILE BA 17 -96.47 -123.24 35.53
N ALA BA 18 -96.68 -123.73 36.75
CA ALA BA 18 -95.91 -123.30 37.90
C ALA BA 18 -95.11 -124.51 38.34
N ILE BA 19 -93.81 -124.48 38.07
CA ILE BA 19 -92.93 -125.62 38.26
C ILE BA 19 -92.09 -125.39 39.52
N ASP BA 20 -91.84 -126.45 40.28
CA ASP BA 20 -90.99 -126.35 41.47
C ASP BA 20 -89.58 -126.76 41.12
N ASN BA 21 -89.45 -127.96 40.55
CA ASN BA 21 -88.19 -128.47 40.10
C ASN BA 21 -88.14 -128.37 38.59
N ALA BA 22 -87.15 -127.63 38.09
CA ALA BA 22 -87.09 -127.38 36.65
C ALA BA 22 -87.05 -128.64 35.83
N GLU BA 23 -86.40 -129.68 36.35
CA GLU BA 23 -86.28 -130.96 35.67
C GLU BA 23 -87.66 -131.55 35.30
N ASP BA 24 -88.65 -131.23 36.10
CA ASP BA 24 -90.02 -131.70 35.93
C ASP BA 24 -90.65 -131.21 34.62
N ILE BA 25 -90.06 -130.18 34.01
CA ILE BA 25 -90.60 -129.67 32.75
C ILE BA 25 -90.43 -130.65 31.61
N ILE BA 26 -89.48 -131.57 31.75
CA ILE BA 26 -89.19 -132.49 30.66
C ILE BA 26 -90.32 -133.53 30.53
N PRO BA 27 -90.60 -134.27 31.60
CA PRO BA 27 -91.72 -135.21 31.45
C PRO BA 27 -93.05 -134.48 31.19
N LEU BA 28 -93.24 -133.31 31.83
CA LEU BA 28 -94.48 -132.53 31.63
C LEU BA 28 -94.65 -132.13 30.18
N GLY BA 29 -93.60 -131.58 29.57
CA GLY BA 29 -93.64 -131.19 28.17
C GLY BA 29 -93.88 -132.35 27.23
N LYS BA 30 -93.31 -133.51 27.58
CA LYS BA 30 -93.48 -134.71 26.76
C LYS BA 30 -94.96 -135.12 26.76
N VAL BA 31 -95.54 -135.14 27.95
CA VAL BA 31 -96.96 -135.47 28.09
C VAL BA 31 -97.86 -134.46 27.38
N LEU BA 32 -97.59 -133.17 27.59
CA LEU BA 32 -98.36 -132.18 26.83
C LEU BA 32 -98.26 -132.36 25.32
N ALA BA 33 -97.03 -132.45 24.80
CA ALA BA 33 -96.87 -132.52 23.35
C ALA BA 33 -97.47 -133.80 22.74
N GLU BA 34 -97.25 -134.94 23.36
CA GLU BA 34 -97.74 -136.19 22.75
C GLU BA 34 -99.26 -136.34 22.90
N ASN BA 35 -99.86 -135.53 23.77
CA ASN BA 35 -101.32 -135.57 23.89
C ASN BA 35 -102.03 -134.46 23.14
N GLY BA 36 -101.28 -133.78 22.29
CA GLY BA 36 -101.88 -132.82 21.36
C GLY BA 36 -101.82 -131.36 21.76
N LEU BA 37 -101.07 -131.03 22.80
CA LEU BA 37 -101.04 -129.63 23.29
C LEU BA 37 -99.61 -129.10 23.41
N PRO BA 38 -98.99 -128.79 22.26
CA PRO BA 38 -97.58 -128.44 22.24
C PRO BA 38 -97.35 -126.96 22.55
N ALA BA 39 -97.72 -126.58 23.78
CA ALA BA 39 -97.61 -125.17 24.22
C ALA BA 39 -97.45 -125.13 25.73
N ALA BA 40 -96.82 -124.06 26.22
CA ALA BA 40 -96.61 -123.91 27.64
C ALA BA 40 -96.29 -122.47 27.95
N GLU BA 41 -96.96 -121.92 28.94
CA GLU BA 41 -96.56 -120.63 29.50
C GLU BA 41 -95.96 -120.91 30.87
N ILE BA 42 -94.64 -120.71 31.00
CA ILE BA 42 -93.97 -121.05 32.22
C ILE BA 42 -93.88 -119.81 33.09
N THR BA 43 -94.55 -119.86 34.24
CA THR BA 43 -94.59 -118.68 35.13
C THR BA 43 -93.32 -118.46 35.97
N PHE BA 44 -92.90 -117.20 36.05
CA PHE BA 44 -91.73 -116.80 36.83
C PHE BA 44 -92.04 -116.66 38.34
N ARG BA 45 -92.43 -117.79 38.95
CA ARG BA 45 -92.74 -117.86 40.39
C ARG BA 45 -91.48 -118.14 41.22
N SER BA 46 -90.46 -118.61 40.54
CA SER BA 46 -89.21 -118.97 41.16
C SER BA 46 -88.19 -118.88 40.07
N SER BA 47 -86.92 -118.91 40.45
CA SER BA 47 -85.82 -118.87 39.52
C SER BA 47 -85.81 -120.12 38.67
N ALA BA 48 -86.47 -121.15 39.16
CA ALA BA 48 -86.47 -122.42 38.47
C ALA BA 48 -87.02 -122.31 37.07
N ALA BA 49 -87.91 -121.35 36.84
CA ALA BA 49 -88.50 -121.22 35.54
C ALA BA 49 -87.51 -120.99 34.42
N VAL BA 50 -86.51 -120.16 34.64
CA VAL BA 50 -85.57 -119.89 33.56
C VAL BA 50 -84.97 -121.19 33.04
N LYS BA 51 -84.48 -122.02 33.97
CA LYS BA 51 -83.94 -123.31 33.60
C LYS BA 51 -85.00 -124.20 32.93
N ALA BA 52 -86.22 -124.17 33.45
CA ALA BA 52 -87.33 -124.89 32.83
C ALA BA 52 -87.57 -124.50 31.38
N ILE BA 53 -87.57 -123.20 31.07
CA ILE BA 53 -87.71 -122.82 29.69
C ILE BA 53 -86.56 -123.37 28.83
N MET BA 54 -85.35 -123.30 29.34
CA MET BA 54 -84.17 -123.77 28.60
C MET BA 54 -84.25 -125.29 28.35
N LEU BA 55 -84.57 -126.05 29.37
CA LEU BA 55 -84.75 -127.50 29.25
C LEU BA 55 -85.87 -127.87 28.31
N LEU BA 56 -87.03 -127.23 28.47
CA LEU BA 56 -88.14 -127.47 27.54
C LEU BA 56 -87.83 -127.16 26.07
N ARG BA 57 -87.12 -126.06 25.81
CA ARG BA 57 -86.83 -125.68 24.44
C ARG BA 57 -85.87 -126.73 23.82
N SER BA 58 -84.95 -127.23 24.63
CA SER BA 58 -84.04 -128.28 24.18
C SER BA 58 -84.79 -129.58 23.90
N ALA BA 59 -85.72 -129.92 24.79
CA ALA BA 59 -86.43 -131.21 24.71
C ALA BA 59 -87.57 -131.21 23.70
N GLN BA 60 -88.21 -130.06 23.52
CA GLN BA 60 -89.37 -129.95 22.66
C GLN BA 60 -89.19 -128.69 21.80
N PRO BA 61 -88.32 -128.78 20.79
CA PRO BA 61 -87.92 -127.56 20.05
C PRO BA 61 -89.04 -126.79 19.38
N GLU BA 62 -90.10 -127.47 18.94
CA GLU BA 62 -91.18 -126.82 18.21
C GLU BA 62 -92.38 -126.40 19.06
N MET BA 63 -92.31 -126.64 20.35
CA MET BA 63 -93.40 -126.27 21.24
C MET BA 63 -93.47 -124.77 21.32
N LEU BA 64 -94.66 -124.20 21.45
CA LEU BA 64 -94.79 -122.76 21.76
C LEU BA 64 -94.49 -122.54 23.24
N ILE BA 65 -93.45 -121.76 23.54
CA ILE BA 65 -93.05 -121.51 24.92
C ILE BA 65 -93.07 -120.01 25.20
N GLY BA 66 -93.92 -119.63 26.13
CA GLY BA 66 -93.95 -118.27 26.68
C GLY BA 66 -93.53 -118.26 28.13
N ALA BA 67 -93.18 -117.10 28.64
CA ALA BA 67 -92.85 -116.97 30.04
C ALA BA 67 -93.94 -116.08 30.62
N GLY BA 68 -94.41 -116.44 31.80
CA GLY BA 68 -95.44 -115.64 32.46
C GLY BA 68 -94.97 -114.94 33.72
N THR BA 69 -95.85 -114.11 34.29
CA THR BA 69 -95.54 -113.34 35.48
C THR BA 69 -94.31 -112.44 35.30
N ILE BA 70 -94.24 -111.88 34.12
CA ILE BA 70 -93.09 -111.04 33.75
C ILE BA 70 -93.41 -109.60 34.16
N LEU BA 71 -92.71 -109.12 35.18
CA LEU BA 71 -93.04 -107.85 35.83
C LEU BA 71 -92.09 -106.73 35.44
N ASN BA 72 -91.01 -107.09 34.75
CA ASN BA 72 -90.02 -106.07 34.37
C ASN BA 72 -89.19 -106.52 33.18
N GLY BA 73 -88.39 -105.61 32.62
CA GLY BA 73 -87.64 -105.94 31.42
C GLY BA 73 -86.53 -106.94 31.70
N VAL BA 74 -85.94 -106.93 32.90
CA VAL BA 74 -84.88 -107.87 33.28
C VAL BA 74 -85.41 -109.30 33.16
N GLN BA 75 -86.60 -109.52 33.71
CA GLN BA 75 -87.17 -110.85 33.59
C GLN BA 75 -87.52 -111.21 32.15
N ALA BA 76 -88.02 -110.24 31.38
CA ALA BA 76 -88.28 -110.45 29.97
C ALA BA 76 -87.01 -110.88 29.21
N LEU BA 77 -85.89 -110.21 29.52
CA LEU BA 77 -84.60 -110.61 28.93
C LEU BA 77 -84.21 -112.05 29.34
N ALA BA 78 -84.34 -112.38 30.62
CA ALA BA 78 -84.01 -113.71 31.11
C ALA BA 78 -84.81 -114.73 30.32
N ALA BA 79 -86.09 -114.43 30.11
CA ALA BA 79 -86.95 -115.34 29.37
C ALA BA 79 -86.56 -115.47 27.91
N LYS BA 80 -86.20 -114.34 27.29
CA LYS BA 80 -85.80 -114.35 25.91
C LYS BA 80 -84.51 -115.21 25.75
N GLU BA 81 -83.55 -115.01 26.64
CA GLU BA 81 -82.25 -115.69 26.54
C GLU BA 81 -82.42 -117.17 26.80
N ALA BA 82 -83.42 -117.51 27.61
CA ALA BA 82 -83.71 -118.92 27.91
C ALA BA 82 -84.38 -119.64 26.73
N GLY BA 83 -84.97 -118.87 25.81
CA GLY BA 83 -85.63 -119.45 24.65
C GLY BA 83 -87.13 -119.25 24.53
N ALA BA 84 -87.73 -118.48 25.42
CA ALA BA 84 -89.15 -118.13 25.23
C ALA BA 84 -89.31 -117.21 24.03
N THR BA 85 -90.41 -117.33 23.29
CA THR BA 85 -90.67 -116.45 22.16
C THR BA 85 -91.70 -115.33 22.44
N PHE BA 86 -92.27 -115.32 23.64
CA PHE BA 86 -93.13 -114.20 24.04
C PHE BA 86 -93.18 -114.21 25.56
N VAL BA 87 -93.56 -113.08 26.13
CA VAL BA 87 -93.77 -112.97 27.55
C VAL BA 87 -95.20 -112.50 27.81
N VAL BA 88 -95.66 -112.85 29.01
CA VAL BA 88 -96.99 -112.48 29.48
C VAL BA 88 -96.87 -111.86 30.86
N SER BA 89 -97.66 -110.80 31.12
CA SER BA 89 -97.70 -110.17 32.44
C SER BA 89 -99.13 -110.22 32.96
N PRO BA 90 -99.30 -110.28 34.29
CA PRO BA 90 -100.67 -110.40 34.83
C PRO BA 90 -101.45 -109.11 34.64
N GLY BA 91 -100.75 -107.98 34.68
CA GLY BA 91 -101.36 -106.67 34.44
C GLY BA 91 -100.57 -105.94 33.36
N PHE BA 92 -100.83 -104.64 33.23
CA PHE BA 92 -100.26 -103.85 32.15
C PHE BA 92 -99.38 -102.78 32.79
N ASN BA 93 -98.07 -102.88 32.51
CA ASN BA 93 -97.10 -101.88 32.97
C ASN BA 93 -96.43 -101.35 31.72
N PRO BA 94 -96.73 -100.09 31.36
CA PRO BA 94 -96.14 -99.58 30.15
C PRO BA 94 -94.62 -99.57 30.19
N ASN BA 95 -94.01 -99.50 31.38
CA ASN BA 95 -92.53 -99.54 31.47
C ASN BA 95 -92.05 -100.93 31.04
N THR BA 96 -92.78 -101.96 31.44
CA THR BA 96 -92.40 -103.31 31.00
C THR BA 96 -92.57 -103.48 29.50
N VAL BA 97 -93.69 -102.98 28.97
CA VAL BA 97 -93.95 -103.06 27.54
C VAL BA 97 -92.84 -102.34 26.75
N ARG BA 98 -92.49 -101.14 27.19
CA ARG BA 98 -91.49 -100.33 26.53
C ARG BA 98 -90.16 -101.05 26.46
N ALA BA 99 -89.78 -101.71 27.53
CA ALA BA 99 -88.52 -102.44 27.51
C ALA BA 99 -88.64 -103.61 26.60
N CYS BA 100 -89.69 -104.41 26.74
CA CYS BA 100 -89.79 -105.55 25.83
C CYS BA 100 -89.60 -105.11 24.39
N GLN BA 101 -90.09 -103.94 24.05
CA GLN BA 101 -89.90 -103.42 22.72
C GLN BA 101 -88.43 -103.19 22.44
N ILE BA 102 -87.73 -102.71 23.43
CA ILE BA 102 -86.30 -102.36 23.31
C ILE BA 102 -85.45 -103.62 23.25
N ILE BA 103 -85.76 -104.62 24.08
CA ILE BA 103 -84.93 -105.82 24.07
C ILE BA 103 -85.32 -106.75 22.93
N GLY BA 104 -86.51 -106.54 22.37
CA GLY BA 104 -86.96 -107.29 21.21
C GLY BA 104 -87.60 -108.63 21.53
N ILE BA 105 -88.61 -108.63 22.39
CA ILE BA 105 -89.47 -109.81 22.57
C ILE BA 105 -90.93 -109.36 22.68
N ASP BA 106 -91.83 -110.15 22.10
CA ASP BA 106 -93.24 -109.79 22.13
C ASP BA 106 -93.81 -109.99 23.51
N ILE BA 107 -94.72 -109.08 23.89
CA ILE BA 107 -95.39 -109.20 25.18
C ILE BA 107 -96.90 -109.23 24.96
N VAL BA 108 -97.57 -110.09 25.71
CA VAL BA 108 -99.04 -110.11 25.78
C VAL BA 108 -99.37 -109.73 27.22
N PRO BA 109 -99.69 -108.46 27.45
CA PRO BA 109 -99.94 -108.01 28.82
C PRO BA 109 -101.38 -108.26 29.27
N GLY BA 110 -101.59 -108.39 30.57
CA GLY BA 110 -102.94 -108.57 31.13
C GLY BA 110 -103.69 -107.27 31.32
N VAL BA 111 -104.98 -107.31 31.00
CA VAL BA 111 -105.90 -106.21 31.28
C VAL BA 111 -107.18 -106.78 31.87
N ASN BA 112 -107.97 -105.93 32.51
CA ASN BA 112 -109.27 -106.40 32.97
C ASN BA 112 -110.35 -105.32 32.96
N ASN BA 113 -110.08 -104.17 32.30
CA ASN BA 113 -111.11 -103.12 32.21
C ASN BA 113 -110.86 -102.24 30.99
N PRO BA 114 -111.81 -101.38 30.62
CA PRO BA 114 -111.72 -100.55 29.43
C PRO BA 114 -110.54 -99.59 29.40
N SER BA 115 -110.22 -99.01 30.57
CA SER BA 115 -109.13 -98.04 30.61
C SER BA 115 -107.79 -98.71 30.32
N THR BA 116 -107.60 -99.91 30.86
CA THR BA 116 -106.31 -100.58 30.64
C THR BA 116 -106.24 -101.04 29.19
N VAL BA 117 -107.37 -101.46 28.62
CA VAL BA 117 -107.37 -101.80 27.18
C VAL BA 117 -106.92 -100.59 26.36
N GLU BA 118 -107.45 -99.41 26.67
CA GLU BA 118 -107.09 -98.22 25.89
C GLU BA 118 -105.64 -97.86 26.04
N ALA BA 119 -105.11 -98.07 27.24
CA ALA BA 119 -103.67 -97.85 27.49
C ALA BA 119 -102.84 -98.76 26.61
N ALA BA 120 -103.24 -100.03 26.50
CA ALA BA 120 -102.50 -100.99 25.67
C ALA BA 120 -102.59 -100.63 24.21
N LEU BA 121 -103.80 -100.27 23.75
CA LEU BA 121 -104.01 -99.92 22.33
C LEU BA 121 -103.14 -98.74 21.95
N GLU BA 122 -102.97 -97.83 22.89
CA GLU BA 122 -102.20 -96.64 22.60
C GLU BA 122 -100.72 -96.94 22.39
N MET BA 123 -100.24 -98.02 23.00
CA MET BA 123 -98.88 -98.50 22.79
C MET BA 123 -98.73 -99.51 21.65
N GLY BA 124 -99.78 -99.69 20.88
CA GLY BA 124 -99.75 -100.49 19.67
C GLY BA 124 -100.00 -101.98 19.90
N LEU BA 125 -100.51 -102.32 21.07
CA LEU BA 125 -100.77 -103.72 21.36
C LEU BA 125 -102.24 -104.05 21.07
N THR BA 126 -102.50 -105.26 20.58
CA THR BA 126 -103.87 -105.68 20.31
C THR BA 126 -104.18 -107.06 20.91
N THR BA 127 -103.18 -107.94 21.03
CA THR BA 127 -103.36 -109.23 21.74
C THR BA 127 -103.06 -109.08 23.22
N LEU BA 128 -104.13 -109.28 24.03
CA LEU BA 128 -104.02 -109.00 25.45
C LEU BA 128 -104.55 -110.19 26.24
N LYS BA 129 -103.97 -110.40 27.41
CA LYS BA 129 -104.44 -111.41 28.33
C LYS BA 129 -105.57 -110.76 29.13
N PHE BA 130 -106.65 -111.49 29.38
CA PHE BA 130 -107.74 -110.93 30.19
C PHE BA 130 -107.69 -111.67 31.53
N PHE BA 131 -107.26 -110.98 32.58
CA PHE BA 131 -106.89 -111.62 33.83
C PHE BA 131 -107.21 -110.70 35.02
N PRO BA 132 -107.76 -111.24 36.12
CA PRO BA 132 -108.23 -112.64 36.25
C PRO BA 132 -109.63 -112.78 35.69
N ALA BA 133 -109.82 -113.77 34.83
CA ALA BA 133 -111.02 -113.73 33.96
C ALA BA 133 -112.31 -113.88 34.77
N GLU BA 134 -112.41 -114.93 35.57
CA GLU BA 134 -113.68 -115.13 36.31
C GLU BA 134 -113.88 -114.06 37.37
N ALA BA 135 -112.82 -113.75 38.10
CA ALA BA 135 -112.96 -112.81 39.23
C ALA BA 135 -113.27 -111.36 38.74
N SER BA 136 -112.96 -111.06 37.48
CA SER BA 136 -113.22 -109.73 36.93
C SER BA 136 -114.58 -109.59 36.28
N GLY BA 137 -115.36 -110.68 36.30
CA GLY BA 137 -116.71 -110.63 35.74
C GLY BA 137 -116.96 -111.61 34.61
N GLY BA 138 -115.94 -112.40 34.25
CA GLY BA 138 -116.21 -113.54 33.36
C GLY BA 138 -116.64 -113.13 31.96
N ILE BA 139 -117.45 -114.00 31.35
CA ILE BA 139 -117.86 -113.77 29.97
C ILE BA 139 -118.59 -112.46 29.79
N SER BA 140 -119.39 -112.04 30.78
CA SER BA 140 -120.06 -110.74 30.68
C SER BA 140 -119.06 -109.60 30.54
N MET BA 141 -117.96 -109.66 31.30
CA MET BA 141 -116.94 -108.68 31.12
C MET BA 141 -116.24 -108.80 29.75
N VAL BA 142 -115.91 -110.03 29.33
CA VAL BA 142 -115.27 -110.15 28.06
C VAL BA 142 -116.09 -109.51 26.94
N LYS BA 143 -117.39 -109.78 26.94
CA LYS BA 143 -118.27 -109.22 25.91
C LYS BA 143 -118.29 -107.69 25.95
N SER BA 144 -118.21 -107.12 27.15
CA SER BA 144 -118.13 -105.66 27.29
C SER BA 144 -116.85 -105.01 26.78
N LEU BA 145 -115.72 -105.73 26.80
CA LEU BA 145 -114.47 -105.21 26.24
C LEU BA 145 -114.30 -105.37 24.74
N VAL BA 146 -114.67 -106.53 24.22
CA VAL BA 146 -114.42 -106.76 22.84
C VAL BA 146 -115.42 -105.93 22.04
N GLY BA 147 -116.56 -105.63 22.66
CA GLY BA 147 -117.62 -104.86 22.00
C GLY BA 147 -117.14 -103.50 21.50
N PRO BA 148 -116.62 -102.64 22.40
CA PRO BA 148 -116.16 -101.32 21.94
C PRO BA 148 -114.84 -101.34 21.22
N TYR BA 149 -114.05 -102.41 21.40
CA TYR BA 149 -112.68 -102.42 20.90
C TYR BA 149 -112.50 -103.52 19.86
N GLY BA 150 -112.88 -103.24 18.63
CA GLY BA 150 -112.94 -104.26 17.58
C GLY BA 150 -111.58 -104.85 17.24
N ASP BA 151 -110.51 -104.16 17.60
CA ASP BA 151 -109.15 -104.59 17.21
C ASP BA 151 -108.51 -105.58 18.19
N ILE BA 152 -109.04 -105.65 19.41
CA ILE BA 152 -108.37 -106.50 20.38
C ILE BA 152 -108.67 -107.98 20.20
N ARG BA 153 -107.72 -108.81 20.65
CA ARG BA 153 -107.90 -110.26 20.66
C ARG BA 153 -107.46 -110.69 22.06
N LEU BA 154 -108.21 -111.57 22.70
CA LEU BA 154 -107.98 -111.81 24.14
C LEU BA 154 -107.55 -113.22 24.44
N MET BA 155 -106.75 -113.35 25.49
CA MET BA 155 -106.46 -114.65 26.08
C MET BA 155 -106.94 -114.64 27.53
N PRO BA 156 -108.20 -115.03 27.79
CA PRO BA 156 -108.71 -115.07 29.15
C PRO BA 156 -107.99 -116.13 29.97
N THR BA 157 -107.59 -115.76 31.19
CA THR BA 157 -106.94 -116.68 32.10
C THR BA 157 -107.40 -116.33 33.49
N GLY BA 158 -107.53 -117.35 34.35
CA GLY BA 158 -107.95 -117.12 35.73
C GLY BA 158 -109.33 -117.71 35.91
N GLY BA 159 -109.37 -118.89 36.54
CA GLY BA 159 -110.64 -119.54 36.82
C GLY BA 159 -111.22 -120.28 35.64
N ILE BA 160 -110.45 -120.47 34.59
CA ILE BA 160 -110.92 -121.19 33.40
C ILE BA 160 -110.83 -122.68 33.69
N THR BA 161 -111.89 -123.40 33.33
CA THR BA 161 -111.97 -124.84 33.57
C THR BA 161 -112.64 -125.49 32.36
N PRO BA 162 -112.64 -126.83 32.31
CA PRO BA 162 -113.37 -127.39 31.19
C PRO BA 162 -114.85 -127.04 31.19
N SER BA 163 -115.42 -126.73 32.36
CA SER BA 163 -116.84 -126.44 32.47
C SER BA 163 -117.22 -125.06 31.97
N ASN BA 164 -116.24 -124.16 31.88
CA ASN BA 164 -116.56 -122.82 31.37
C ASN BA 164 -115.79 -122.34 30.13
N ILE BA 165 -114.80 -123.11 29.68
CA ILE BA 165 -113.99 -122.62 28.58
C ILE BA 165 -114.75 -122.45 27.26
N ASP BA 166 -115.75 -123.29 27.01
CA ASP BA 166 -116.49 -123.19 25.75
C ASP BA 166 -117.15 -121.84 25.61
N ASN BA 167 -117.66 -121.30 26.70
CA ASN BA 167 -118.34 -120.03 26.67
C ASN BA 167 -117.38 -118.93 26.27
N TYR BA 168 -116.17 -118.98 26.76
CA TYR BA 168 -115.17 -118.00 26.35
C TYR BA 168 -114.77 -118.17 24.88
N LEU BA 169 -114.51 -119.40 24.47
CA LEU BA 169 -114.08 -119.64 23.10
C LEU BA 169 -115.16 -119.30 22.05
N ALA BA 170 -116.41 -119.28 22.49
CA ALA BA 170 -117.51 -118.92 21.59
C ALA BA 170 -117.47 -117.44 21.18
N ILE BA 171 -116.73 -116.61 21.92
CA ILE BA 171 -116.53 -115.20 21.55
C ILE BA 171 -115.43 -115.08 20.49
N PRO BA 172 -115.77 -114.56 19.30
CA PRO BA 172 -114.82 -114.54 18.18
C PRO BA 172 -113.45 -113.91 18.48
N GLN BA 173 -113.44 -112.85 19.27
CA GLN BA 173 -112.19 -112.17 19.58
C GLN BA 173 -111.37 -112.85 20.67
N VAL BA 174 -111.88 -113.93 21.25
CA VAL BA 174 -111.05 -114.74 22.14
C VAL BA 174 -110.23 -115.73 21.34
N LEU BA 175 -108.91 -115.68 21.49
CA LEU BA 175 -108.02 -116.55 20.69
C LEU BA 175 -107.86 -117.90 21.39
N ALA BA 176 -107.61 -117.83 22.69
CA ALA BA 176 -107.34 -119.03 23.47
C ALA BA 176 -107.47 -118.65 24.92
N CYS BA 177 -107.62 -119.63 25.78
CA CYS BA 177 -107.64 -119.39 27.20
C CYS BA 177 -106.49 -120.06 27.90
N GLY BA 178 -105.97 -119.42 28.95
CA GLY BA 178 -104.91 -120.05 29.74
C GLY BA 178 -105.55 -120.87 30.85
N GLY BA 179 -104.96 -122.03 31.13
CA GLY BA 179 -105.54 -122.91 32.14
C GLY BA 179 -104.45 -123.61 32.91
N THR BA 180 -104.65 -123.79 34.20
CA THR BA 180 -103.67 -124.47 35.02
C THR BA 180 -104.11 -125.89 35.35
N TRP BA 181 -105.38 -126.22 35.10
CA TRP BA 181 -105.92 -127.43 35.73
C TRP BA 181 -105.24 -128.71 35.23
N MET BA 182 -104.85 -128.73 33.96
CA MET BA 182 -104.26 -129.95 33.38
C MET BA 182 -102.78 -130.06 33.75
N VAL BA 183 -102.20 -129.00 34.30
CA VAL BA 183 -100.79 -129.04 34.72
C VAL BA 183 -100.62 -128.63 36.18
N ASP BA 184 -101.68 -128.83 36.97
CA ASP BA 184 -101.66 -128.39 38.36
C ASP BA 184 -100.41 -128.92 39.11
N LYS BA 185 -99.82 -128.06 39.93
CA LYS BA 185 -98.57 -128.38 40.58
C LYS BA 185 -98.72 -129.66 41.40
N LYS BA 186 -99.87 -129.80 42.07
CA LYS BA 186 -100.15 -131.04 42.80
C LYS BA 186 -99.97 -132.30 41.95
N LEU BA 187 -100.48 -132.30 40.72
CA LEU BA 187 -100.35 -133.44 39.81
C LEU BA 187 -98.89 -133.67 39.44
N VAL BA 188 -98.18 -132.59 39.17
CA VAL BA 188 -96.77 -132.70 38.77
C VAL BA 188 -95.93 -133.20 39.95
N THR BA 189 -96.10 -132.57 41.10
CA THR BA 189 -95.42 -132.96 42.33
C THR BA 189 -95.60 -134.44 42.65
N ASN BA 190 -96.79 -134.97 42.34
CA ASN BA 190 -97.14 -136.35 42.68
C ASN BA 190 -96.87 -137.32 41.54
N GLY BA 191 -96.29 -136.81 40.47
CA GLY BA 191 -96.01 -137.64 39.29
C GLY BA 191 -97.25 -138.31 38.71
N GLU BA 192 -98.39 -137.62 38.74
CA GLU BA 192 -99.63 -138.14 38.16
C GLU BA 192 -99.67 -137.99 36.64
N TRP BA 193 -98.67 -138.55 35.96
CA TRP BA 193 -98.55 -138.35 34.51
C TRP BA 193 -99.73 -138.90 33.72
N ASP BA 194 -100.30 -140.01 34.16
CA ASP BA 194 -101.46 -140.55 33.46
C ASP BA 194 -102.65 -139.60 33.52
N GLU BA 195 -102.82 -138.94 34.66
CA GLU BA 195 -103.96 -138.02 34.84
C GLU BA 195 -103.73 -136.73 34.02
N ILE BA 196 -102.51 -136.23 34.02
CA ILE BA 196 -102.17 -135.08 33.17
C ILE BA 196 -102.44 -135.42 31.70
N ALA BA 197 -102.04 -136.62 31.29
CA ALA BA 197 -102.30 -137.02 29.92
C ALA BA 197 -103.79 -137.07 29.61
N ARG BA 198 -104.56 -137.62 30.53
CA ARG BA 198 -106.01 -137.70 30.38
C ARG BA 198 -106.67 -136.30 30.28
N LEU BA 199 -106.30 -135.40 31.20
CA LEU BA 199 -106.83 -134.04 31.17
C LEU BA 199 -106.45 -133.32 29.88
N THR BA 200 -105.22 -133.54 29.43
CA THR BA 200 -104.78 -132.91 28.18
C THR BA 200 -105.56 -133.46 26.97
N ARG BA 201 -105.66 -134.80 26.84
CA ARG BA 201 -106.42 -135.34 25.73
C ARG BA 201 -107.86 -134.87 25.75
N GLU BA 202 -108.43 -134.82 26.94
CA GLU BA 202 -109.82 -134.48 27.08
C GLU BA 202 -110.08 -133.03 26.63
N ILE BA 203 -109.22 -132.10 27.05
CA ILE BA 203 -109.44 -130.70 26.63
C ILE BA 203 -109.17 -130.47 25.14
N VAL BA 204 -108.18 -131.17 24.58
CA VAL BA 204 -107.89 -131.05 23.16
C VAL BA 204 -109.09 -131.53 22.34
N GLU BA 205 -109.67 -132.65 22.74
CA GLU BA 205 -110.86 -133.16 22.07
C GLU BA 205 -112.04 -132.21 22.24
N GLN BA 206 -112.17 -131.65 23.44
CA GLN BA 206 -113.26 -130.72 23.67
C GLN BA 206 -113.19 -129.45 22.78
N VAL BA 207 -112.03 -128.82 22.68
CA VAL BA 207 -111.96 -127.53 22.00
C VAL BA 207 -111.71 -127.63 20.51
N ASN BA 208 -111.12 -128.74 20.09
CA ASN BA 208 -110.79 -128.96 18.70
C ASN BA 208 -111.40 -130.29 18.30
N PRO BA 209 -112.75 -130.37 18.31
CA PRO BA 209 -113.43 -131.63 18.04
C PRO BA 209 -113.32 -132.03 16.57
N SER CA 2 -121.97 -77.63 33.08
CA SER CA 2 -122.98 -78.22 33.96
C SER CA 2 -124.30 -78.35 33.23
N THR CA 3 -124.39 -77.74 32.06
CA THR CA 3 -125.62 -77.82 31.29
C THR CA 3 -125.86 -79.27 30.95
N ILE CA 4 -124.78 -79.98 30.67
CA ILE CA 4 -124.91 -81.39 30.34
C ILE CA 4 -125.51 -82.14 31.52
N ASN CA 5 -125.03 -81.85 32.72
CA ASN CA 5 -125.55 -82.53 33.89
C ASN CA 5 -127.02 -82.23 34.04
N ASN CA 6 -127.37 -80.98 33.82
CA ASN CA 6 -128.75 -80.55 33.95
C ASN CA 6 -129.65 -81.27 32.96
N GLN CA 7 -129.19 -81.49 31.74
CA GLN CA 7 -130.01 -82.17 30.77
C GLN CA 7 -130.22 -83.61 31.26
N LEU CA 8 -129.13 -84.34 31.33
CA LEU CA 8 -129.10 -85.74 31.78
C LEU CA 8 -130.01 -86.00 32.99
N LYS CA 9 -129.96 -85.10 33.98
CA LYS CA 9 -130.73 -85.27 35.20
C LYS CA 9 -132.23 -85.31 34.88
N ALA CA 10 -132.64 -84.51 33.91
CA ALA CA 10 -134.03 -84.48 33.48
C ALA CA 10 -134.40 -85.74 32.70
N LEU CA 11 -133.52 -86.17 31.79
CA LEU CA 11 -133.83 -87.33 30.93
C LEU CA 11 -133.87 -88.65 31.68
N LYS CA 12 -132.88 -88.84 32.54
CA LYS CA 12 -132.68 -90.06 33.35
C LYS CA 12 -132.23 -91.31 32.58
N VAL CA 13 -132.53 -91.36 31.29
CA VAL CA 13 -132.14 -92.48 30.46
C VAL CA 13 -131.69 -91.95 29.12
N ILE CA 14 -130.52 -92.40 28.69
CA ILE CA 14 -130.00 -91.97 27.38
C ILE CA 14 -129.89 -93.14 26.42
N PRO CA 15 -130.62 -93.10 25.31
CA PRO CA 15 -130.48 -94.14 24.31
C PRO CA 15 -129.08 -94.19 23.75
N VAL CA 16 -128.47 -95.35 23.82
CA VAL CA 16 -127.19 -95.64 23.24
C VAL CA 16 -127.42 -96.40 21.94
N ILE CA 17 -127.11 -95.73 20.82
CA ILE CA 17 -127.49 -96.17 19.48
C ILE CA 17 -126.33 -96.69 18.64
N ALA CA 18 -126.49 -97.92 18.14
CA ALA CA 18 -125.56 -98.50 17.20
C ALA CA 18 -126.34 -98.65 15.89
N ILE CA 19 -126.02 -97.79 14.93
CA ILE CA 19 -126.77 -97.68 13.69
C ILE CA 19 -125.97 -98.35 12.57
N ASP CA 20 -126.65 -99.01 11.65
CA ASP CA 20 -125.99 -99.63 10.51
C ASP CA 20 -126.08 -98.70 9.31
N ASN CA 21 -127.30 -98.29 8.99
CA ASN CA 21 -127.55 -97.36 7.92
C ASN CA 21 -127.87 -96.01 8.54
N ALA CA 22 -127.06 -95.01 8.19
CA ALA CA 22 -127.22 -93.70 8.81
C ALA CA 22 -128.61 -93.12 8.64
N GLU CA 23 -129.23 -93.40 7.50
CA GLU CA 23 -130.57 -92.90 7.19
C GLU CA 23 -131.59 -93.30 8.27
N ASP CA 24 -131.35 -94.46 8.89
CA ASP CA 24 -132.21 -95.00 9.92
C ASP CA 24 -132.31 -94.12 11.16
N ILE CA 25 -131.37 -93.17 11.31
CA ILE CA 25 -131.41 -92.27 12.47
C ILE CA 25 -132.59 -91.32 12.41
N ILE CA 26 -133.13 -91.10 11.21
CA ILE CA 26 -134.19 -90.14 11.08
C ILE CA 26 -135.50 -90.69 11.67
N PRO CA 27 -135.96 -91.85 11.19
CA PRO CA 27 -137.18 -92.36 11.84
C PRO CA 27 -136.93 -92.70 13.33
N LEU CA 28 -135.74 -93.19 13.65
CA LEU CA 28 -135.42 -93.52 15.07
C LEU CA 28 -135.51 -92.29 15.95
N GLY CA 29 -134.90 -91.19 15.53
CA GLY CA 29 -134.95 -89.96 16.27
C GLY CA 29 -136.34 -89.38 16.41
N LYS CA 30 -137.16 -89.55 15.37
CA LYS CA 30 -138.54 -89.08 15.39
C LYS CA 30 -139.32 -89.84 16.48
N VAL CA 31 -139.16 -91.15 16.47
CA VAL CA 31 -139.82 -91.99 17.46
C VAL CA 31 -139.34 -91.68 18.88
N LEU CA 32 -138.02 -91.57 19.06
CA LEU CA 32 -137.53 -91.16 20.39
C LEU CA 32 -138.11 -89.82 20.85
N ALA CA 33 -138.00 -88.80 19.99
CA ALA CA 33 -138.43 -87.47 20.42
C ALA CA 33 -139.94 -87.39 20.70
N GLU CA 34 -140.75 -87.96 19.82
CA GLU CA 34 -142.21 -87.83 20.01
C GLU CA 34 -142.73 -88.70 21.15
N ASN CA 35 -141.91 -89.64 21.62
CA ASN CA 35 -142.31 -90.45 22.75
C ASN CA 35 -141.70 -90.01 24.08
N GLY CA 36 -141.10 -88.81 24.06
CA GLY CA 36 -140.66 -88.17 25.28
C GLY CA 36 -139.19 -88.31 25.63
N LEU CA 37 -138.38 -88.81 24.70
CA LEU CA 37 -136.96 -89.05 25.00
C LEU CA 37 -136.02 -88.40 23.97
N PRO CA 38 -135.90 -87.08 24.04
CA PRO CA 38 -135.19 -86.33 23.00
C PRO CA 38 -133.68 -86.32 23.24
N ALA CA 39 -133.09 -87.50 23.19
CA ALA CA 39 -131.65 -87.67 23.44
C ALA CA 39 -131.12 -88.89 22.72
N ALA CA 40 -129.83 -88.88 22.41
CA ALA CA 40 -129.23 -90.00 21.71
C ALA CA 40 -127.73 -89.92 21.86
N GLU CA 41 -127.14 -91.05 22.22
CA GLU CA 41 -125.68 -91.18 22.14
C GLU CA 41 -125.38 -92.11 20.99
N ILE CA 42 -124.79 -91.58 19.91
CA ILE CA 42 -124.56 -92.36 18.73
C ILE CA 42 -123.16 -92.92 18.76
N THR CA 43 -123.06 -94.23 18.84
CA THR CA 43 -121.74 -94.89 18.95
C THR CA 43 -120.95 -94.98 17.65
N PHE CA 44 -119.65 -94.69 17.74
CA PHE CA 44 -118.74 -94.76 16.59
C PHE CA 44 -118.29 -96.20 16.29
N ARG CA 45 -119.28 -97.03 16.06
CA ARG CA 45 -119.07 -98.41 15.70
C ARG CA 45 -118.51 -98.36 14.29
N SER CA 46 -119.14 -97.50 13.48
CA SER CA 46 -118.78 -97.34 12.07
C SER CA 46 -118.67 -95.87 11.69
N SER CA 47 -118.05 -95.63 10.54
CA SER CA 47 -117.86 -94.29 10.02
C SER CA 47 -119.22 -93.66 9.77
N ALA CA 48 -120.24 -94.50 9.60
CA ALA CA 48 -121.59 -94.00 9.35
C ALA CA 48 -122.04 -93.12 10.51
N ALA CA 49 -121.71 -93.52 11.73
CA ALA CA 49 -122.09 -92.72 12.88
C ALA CA 49 -122.01 -91.20 12.64
N VAL CA 50 -121.00 -90.78 11.87
CA VAL CA 50 -120.81 -89.35 11.63
C VAL CA 50 -121.99 -88.78 10.84
N LYS CA 51 -122.34 -89.45 9.75
CA LYS CA 51 -123.48 -89.03 8.95
C LYS CA 51 -124.77 -89.06 9.79
N ALA CA 52 -124.94 -90.11 10.60
CA ALA CA 52 -126.10 -90.18 11.50
C ALA CA 52 -126.21 -88.99 12.44
N ILE CA 53 -125.11 -88.56 13.05
CA ILE CA 53 -125.19 -87.37 13.87
C ILE CA 53 -125.63 -86.14 13.05
N MET CA 54 -125.08 -86.00 11.86
CA MET CA 54 -125.39 -84.85 11.00
C MET CA 54 -126.87 -84.86 10.60
N LEU CA 55 -127.37 -85.99 10.18
CA LEU CA 55 -128.79 -86.16 9.82
C LEU CA 55 -129.71 -85.92 10.99
N LEU CA 56 -129.40 -86.54 12.14
CA LEU CA 56 -130.20 -86.30 13.34
C LEU CA 56 -130.24 -84.84 13.81
N ARG CA 57 -129.10 -84.13 13.74
CA ARG CA 57 -129.06 -82.74 14.19
C ARG CA 57 -129.93 -81.88 13.25
N SER CA 58 -129.91 -82.20 11.96
CA SER CA 58 -130.75 -81.50 10.99
C SER CA 58 -132.22 -81.79 11.24
N ALA CA 59 -132.55 -83.05 11.53
CA ALA CA 59 -133.95 -83.48 11.66
C ALA CA 59 -134.55 -83.16 13.02
N GLN CA 60 -133.72 -83.16 14.06
CA GLN CA 60 -134.18 -82.95 15.42
C GLN CA 60 -133.23 -81.96 16.09
N PRO CA 61 -133.35 -80.67 15.74
CA PRO CA 61 -132.34 -79.70 16.16
C PRO CA 61 -132.13 -79.55 17.67
N GLU CA 62 -133.17 -79.76 18.46
CA GLU CA 62 -133.08 -79.56 19.91
C GLU CA 62 -132.74 -80.86 20.65
N MET CA 63 -132.49 -81.92 19.93
CA MET CA 63 -132.16 -83.19 20.53
C MET CA 63 -130.82 -83.08 21.22
N LEU CA 64 -130.67 -83.74 22.38
CA LEU CA 64 -129.35 -83.87 23.01
C LEU CA 64 -128.64 -84.98 22.24
N ILE CA 65 -127.55 -84.64 21.55
CA ILE CA 65 -126.82 -85.63 20.75
C ILE CA 65 -125.37 -85.69 21.22
N GLY CA 66 -124.98 -86.87 21.69
CA GLY CA 66 -123.58 -87.18 22.01
C GLY CA 66 -123.07 -88.24 21.07
N ALA CA 67 -121.74 -88.37 21.01
CA ALA CA 67 -121.14 -89.42 20.22
C ALA CA 67 -120.45 -90.33 21.22
N GLY CA 68 -120.58 -91.62 21.00
CA GLY CA 68 -119.94 -92.60 21.90
C GLY CA 68 -118.82 -93.38 21.25
N THR CA 69 -118.14 -94.18 22.08
CA THR CA 69 -117.00 -94.98 21.62
C THR CA 69 -115.90 -94.12 21.01
N ILE CA 70 -115.70 -92.98 21.64
CA ILE CA 70 -114.71 -92.02 21.14
C ILE CA 70 -113.36 -92.34 21.79
N LEU CA 71 -112.44 -92.83 20.98
CA LEU CA 71 -111.17 -93.41 21.47
C LEU CA 71 -110.00 -92.46 21.25
N ASN CA 72 -110.22 -91.39 20.49
CA ASN CA 72 -109.12 -90.46 20.21
C ASN CA 72 -109.64 -89.08 19.83
N GLY CA 73 -108.74 -88.10 19.73
CA GLY CA 73 -109.18 -86.74 19.47
C GLY CA 73 -109.71 -86.57 18.05
N VAL CA 74 -109.19 -87.34 17.08
CA VAL CA 74 -109.67 -87.28 15.69
C VAL CA 74 -111.16 -87.62 15.64
N GLN CA 75 -111.53 -88.68 16.33
CA GLN CA 75 -112.95 -89.02 16.35
C GLN CA 75 -113.77 -87.97 17.09
N ALA CA 76 -113.24 -87.42 18.18
CA ALA CA 76 -113.92 -86.34 18.90
C ALA CA 76 -114.16 -85.14 17.99
N LEU CA 77 -113.16 -84.78 17.18
CA LEU CA 77 -113.34 -83.72 16.19
C LEU CA 77 -114.43 -84.05 15.15
N ALA CA 78 -114.41 -85.27 14.62
CA ALA CA 78 -115.41 -85.70 13.64
C ALA CA 78 -116.78 -85.53 14.25
N ALA CA 79 -116.92 -85.92 15.51
CA ALA CA 79 -118.20 -85.81 16.19
C ALA CA 79 -118.63 -84.36 16.41
N LYS CA 80 -117.67 -83.50 16.77
CA LYS CA 80 -117.95 -82.12 17.00
C LYS CA 80 -118.44 -81.47 15.67
N GLU CA 81 -117.72 -81.76 14.58
CA GLU CA 81 -118.02 -81.14 13.28
C GLU CA 81 -119.36 -81.63 12.76
N ALA CA 82 -119.72 -82.85 13.13
CA ALA CA 82 -121.01 -83.42 12.73
C ALA CA 82 -122.19 -82.81 13.49
N GLY CA 83 -121.91 -82.21 14.65
CA GLY CA 83 -122.96 -81.58 15.45
C GLY CA 83 -123.22 -82.17 16.83
N ALA CA 84 -122.41 -83.15 17.26
CA ALA CA 84 -122.55 -83.61 18.64
C ALA CA 84 -122.09 -82.53 19.61
N THR CA 85 -122.71 -82.43 20.78
CA THR CA 85 -122.30 -81.46 21.79
C THR CA 85 -121.48 -82.04 22.94
N PHE CA 86 -121.29 -83.36 22.94
CA PHE CA 86 -120.38 -84.00 23.92
C PHE CA 86 -119.97 -85.34 23.36
N VAL CA 87 -118.87 -85.87 23.86
CA VAL CA 87 -118.44 -87.19 23.49
C VAL CA 87 -118.31 -88.06 24.76
N VAL CA 88 -118.43 -89.35 24.53
CA VAL CA 88 -118.32 -90.34 25.59
C VAL CA 88 -117.32 -91.41 25.16
N SER CA 89 -116.50 -91.89 26.11
CA SER CA 89 -115.55 -92.98 25.84
C SER CA 89 -115.85 -94.11 26.81
N PRO CA 90 -115.58 -95.37 26.38
CA PRO CA 90 -115.91 -96.51 27.26
C PRO CA 90 -115.00 -96.55 28.48
N GLY CA 91 -113.75 -96.12 28.30
CA GLY CA 91 -112.79 -96.03 29.41
C GLY CA 91 -112.21 -94.62 29.45
N PHE CA 92 -111.12 -94.48 30.21
CA PHE CA 92 -110.55 -93.17 30.48
C PHE CA 92 -109.14 -93.15 29.89
N ASN CA 93 -108.95 -92.31 28.87
CA ASN CA 93 -107.63 -92.12 28.27
C ASN CA 93 -107.32 -90.63 28.40
N PRO CA 94 -106.34 -90.32 29.27
CA PRO CA 94 -106.06 -88.92 29.47
C PRO CA 94 -105.61 -88.23 28.17
N ASN CA 95 -105.04 -88.96 27.22
CA ASN CA 95 -104.65 -88.33 25.93
C ASN CA 95 -105.90 -87.91 25.17
N THR CA 96 -106.94 -88.73 25.24
CA THR CA 96 -108.20 -88.33 24.60
C THR CA 96 -108.83 -87.13 25.28
N VAL CA 97 -108.84 -87.15 26.61
CA VAL CA 97 -109.38 -86.04 27.39
C VAL CA 97 -108.62 -84.74 27.06
N ARG CA 98 -107.31 -84.79 26.99
CA ARG CA 98 -106.62 -83.58 26.62
C ARG CA 98 -107.13 -83.16 25.27
N ALA CA 99 -106.98 -84.03 24.30
CA ALA CA 99 -107.35 -83.64 22.94
C ALA CA 99 -108.71 -82.97 22.88
N CYS CA 100 -109.67 -83.47 23.65
CA CYS CA 100 -111.01 -82.87 23.68
C CYS CA 100 -110.97 -81.46 24.26
N GLN CA 101 -110.12 -81.26 25.25
CA GLN CA 101 -109.97 -79.95 25.84
C GLN CA 101 -109.43 -78.98 24.79
N ILE CA 102 -108.50 -79.44 23.99
CA ILE CA 102 -107.83 -78.62 22.99
C ILE CA 102 -108.76 -78.31 21.83
N ILE CA 103 -109.54 -79.29 21.38
CA ILE CA 103 -110.41 -79.04 20.24
C ILE CA 103 -111.70 -78.35 20.67
N GLY CA 104 -111.99 -78.41 21.96
CA GLY CA 104 -113.13 -77.72 22.54
C GLY CA 104 -114.46 -78.46 22.43
N ILE CA 105 -114.48 -79.69 22.94
CA ILE CA 105 -115.76 -80.41 23.13
C ILE CA 105 -115.72 -81.15 24.47
N ASP CA 106 -116.85 -81.17 25.15
CA ASP CA 106 -116.91 -81.83 26.45
C ASP CA 106 -116.86 -83.33 26.29
N ILE CA 107 -116.17 -83.98 27.23
CA ILE CA 107 -116.10 -85.44 27.23
C ILE CA 107 -116.59 -85.97 28.56
N VAL CA 108 -117.36 -87.06 28.50
CA VAL CA 108 -117.77 -87.82 29.68
C VAL CA 108 -117.10 -89.18 29.52
N PRO CA 109 -115.96 -89.38 30.17
CA PRO CA 109 -115.22 -90.64 30.00
C PRO CA 109 -115.72 -91.75 30.91
N GLY CA 110 -115.52 -92.99 30.51
CA GLY CA 110 -115.91 -94.14 31.34
C GLY CA 110 -114.86 -94.51 32.38
N VAL CA 111 -115.36 -94.86 33.57
CA VAL CA 111 -114.53 -95.39 34.64
C VAL CA 111 -115.23 -96.60 35.24
N ASN CA 112 -114.50 -97.42 35.97
CA ASN CA 112 -115.15 -98.51 36.69
C ASN CA 112 -114.45 -98.89 38.00
N ASN CA 113 -113.51 -98.03 38.48
CA ASN CA 113 -112.86 -98.32 39.77
C ASN CA 113 -112.33 -97.03 40.39
N PRO CA 114 -111.90 -97.09 41.64
CA PRO CA 114 -111.45 -95.90 42.36
C PRO CA 114 -110.25 -95.19 41.76
N SER CA 115 -109.30 -95.96 41.23
CA SER CA 115 -108.11 -95.35 40.67
C SER CA 115 -108.44 -94.53 39.43
N THR CA 116 -109.33 -95.06 38.60
CA THR CA 116 -109.64 -94.33 37.36
C THR CA 116 -110.46 -93.10 37.72
N VAL CA 117 -111.32 -93.21 38.73
CA VAL CA 117 -112.04 -92.00 39.18
C VAL CA 117 -111.04 -90.91 39.59
N GLU CA 118 -110.02 -91.28 40.35
CA GLU CA 118 -109.04 -90.29 40.83
C GLU CA 118 -108.28 -89.69 39.68
N ALA CA 119 -107.98 -90.50 38.68
CA ALA CA 119 -107.32 -90.01 37.47
C ALA CA 119 -108.16 -88.94 36.79
N ALA CA 120 -109.46 -89.20 36.70
CA ALA CA 120 -110.38 -88.25 36.05
C ALA CA 120 -110.49 -86.97 36.85
N LEU CA 121 -110.63 -87.10 38.18
CA LEU CA 121 -110.77 -85.93 39.05
C LEU CA 121 -109.56 -85.05 38.93
N GLU CA 122 -108.40 -85.66 38.75
CA GLU CA 122 -107.18 -84.89 38.68
C GLU CA 122 -107.10 -84.04 37.42
N MET CA 123 -107.79 -84.48 36.37
CA MET CA 123 -107.92 -83.70 35.12
C MET CA 123 -109.12 -82.76 35.09
N GLY CA 124 -109.80 -82.62 36.22
CA GLY CA 124 -110.87 -81.65 36.37
C GLY CA 124 -112.23 -82.16 35.94
N LEU CA 125 -112.36 -83.47 35.75
CA LEU CA 125 -113.64 -84.02 35.33
C LEU CA 125 -114.43 -84.51 36.53
N THR CA 126 -115.75 -84.35 36.50
CA THR CA 126 -116.59 -84.84 37.59
C THR CA 126 -117.78 -85.67 37.09
N THR CA 127 -118.27 -85.41 35.87
CA THR CA 127 -119.30 -86.27 35.26
C THR CA 127 -118.67 -87.40 34.47
N LEU CA 128 -118.92 -88.64 34.93
CA LEU CA 128 -118.21 -89.78 34.39
C LEU CA 128 -119.23 -90.87 34.06
N LYS CA 129 -118.93 -91.64 33.02
CA LYS CA 129 -119.72 -92.78 32.66
C LYS CA 129 -119.22 -93.94 33.52
N PHE CA 130 -120.12 -94.76 34.04
CA PHE CA 130 -119.67 -95.92 34.84
C PHE CA 130 -119.96 -97.15 33.98
N PHE CA 131 -118.90 -97.77 33.44
CA PHE CA 131 -119.04 -98.78 32.40
C PHE CA 131 -117.93 -99.84 32.52
N PRO CA 132 -118.28 -101.13 32.34
CA PRO CA 132 -119.65 -101.64 32.14
C PRO CA 132 -120.33 -101.84 33.48
N ALA CA 133 -121.54 -101.31 33.62
CA ALA CA 133 -122.08 -101.11 34.97
C ALA CA 133 -122.34 -102.46 35.68
N GLU CA 134 -123.11 -103.34 35.04
CA GLU CA 134 -123.42 -104.61 35.72
C GLU CA 134 -122.20 -105.49 35.86
N ALA CA 135 -121.42 -105.59 34.79
CA ALA CA 135 -120.26 -106.52 34.81
C ALA CA 135 -119.17 -106.06 35.82
N SER CA 136 -119.17 -104.78 36.18
CA SER CA 136 -118.17 -104.25 37.12
C SER CA 136 -118.61 -104.33 38.58
N GLY CA 137 -119.82 -104.85 38.81
CA GLY CA 137 -120.30 -105.00 40.16
C GLY CA 137 -121.59 -104.27 40.47
N GLY CA 138 -122.14 -103.56 39.47
CA GLY CA 138 -123.50 -103.06 39.62
C GLY CA 138 -123.66 -102.01 40.71
N ILE CA 139 -124.85 -101.97 41.31
CA ILE CA 139 -125.14 -100.93 42.28
C ILE CA 139 -124.20 -100.96 43.46
N SER CA 140 -123.74 -102.15 43.89
CA SER CA 140 -122.77 -102.23 44.97
C SER CA 140 -121.49 -101.48 44.63
N MET CA 141 -121.02 -101.62 43.38
CA MET CA 141 -119.88 -100.85 42.96
C MET CA 141 -120.19 -99.35 42.90
N VAL CA 142 -121.34 -98.99 42.33
CA VAL CA 142 -121.65 -97.58 42.25
C VAL CA 142 -121.61 -96.92 43.64
N LYS CA 143 -122.22 -97.57 44.62
CA LYS CA 143 -122.22 -97.04 45.98
C LYS CA 143 -120.82 -96.89 46.56
N SER CA 144 -119.94 -97.82 46.22
CA SER CA 144 -118.53 -97.72 46.65
C SER CA 144 -117.72 -96.59 46.03
N LEU CA 145 -118.07 -96.15 44.81
CA LEU CA 145 -117.41 -94.99 44.19
C LEU CA 145 -117.94 -93.64 44.60
N VAL CA 146 -119.25 -93.51 44.67
CA VAL CA 146 -119.78 -92.22 44.94
C VAL CA 146 -119.51 -91.90 46.42
N GLY CA 147 -119.39 -92.94 47.24
CA GLY CA 147 -119.16 -92.79 48.67
C GLY CA 147 -117.92 -91.95 48.99
N PRO CA 148 -116.74 -92.38 48.51
CA PRO CA 148 -115.52 -91.60 48.81
C PRO CA 148 -115.38 -90.33 47.99
N TYR CA 149 -116.10 -90.23 46.87
CA TYR CA 149 -115.87 -89.15 45.92
C TYR CA 149 -117.13 -88.31 45.78
N GLY CA 150 -117.31 -87.37 46.70
CA GLY CA 150 -118.57 -86.63 46.79
C GLY CA 150 -118.84 -85.75 45.58
N ASP CA 151 -117.81 -85.46 44.79
CA ASP CA 151 -117.93 -84.54 43.66
C ASP CA 151 -118.39 -85.20 42.36
N ILE CA 152 -118.25 -86.52 42.27
CA ILE CA 152 -118.57 -87.15 41.00
C ILE CA 152 -120.07 -87.32 40.76
N ARG CA 153 -120.44 -87.35 39.49
CA ARG CA 153 -121.80 -87.63 39.07
C ARG CA 153 -121.68 -88.69 37.98
N LEU CA 154 -122.52 -89.72 38.02
CA LEU CA 154 -122.27 -90.89 37.16
C LEU CA 154 -123.36 -91.13 36.15
N MET CA 155 -122.96 -91.66 35.01
CA MET CA 155 -123.90 -92.19 34.04
C MET CA 155 -123.60 -93.70 33.84
N PRO CA 156 -124.25 -94.57 34.65
CA PRO CA 156 -124.03 -96.01 34.51
C PRO CA 156 -124.57 -96.51 33.17
N THR CA 157 -123.78 -97.32 32.49
CA THR CA 157 -124.19 -97.91 31.22
C THR CA 157 -123.61 -99.30 31.18
N GLY CA 158 -124.33 -100.24 30.55
CA GLY CA 158 -123.83 -101.61 30.43
C GLY CA 158 -124.71 -102.50 31.29
N GLY CA 159 -125.63 -103.21 30.62
CA GLY CA 159 -126.50 -104.14 31.32
C GLY CA 159 -127.68 -103.50 32.01
N ILE CA 160 -127.93 -102.23 31.72
CA ILE CA 160 -129.05 -101.52 32.31
C ILE CA 160 -130.32 -101.91 31.56
N THR CA 161 -131.37 -102.20 32.32
CA THR CA 161 -132.65 -102.61 31.75
C THR CA 161 -133.78 -101.97 32.55
N PRO CA 162 -135.02 -102.09 32.08
CA PRO CA 162 -136.06 -101.54 32.92
C PRO CA 162 -136.15 -102.21 34.28
N SER CA 163 -135.69 -103.46 34.40
CA SER CA 163 -135.78 -104.20 35.65
C SER CA 163 -134.76 -103.78 36.69
N ASN CA 164 -133.68 -103.11 36.24
CA ASN CA 164 -132.69 -102.65 37.22
C ASN CA 164 -132.39 -101.16 37.27
N ILE CA 165 -132.95 -100.38 36.34
CA ILE CA 165 -132.60 -98.98 36.29
C ILE CA 165 -133.02 -98.18 37.52
N ASP CA 166 -134.14 -98.54 38.14
CA ASP CA 166 -134.61 -97.78 39.30
C ASP CA 166 -133.59 -97.81 40.43
N ASN CA 167 -132.93 -98.93 40.61
CA ASN CA 167 -131.95 -99.08 41.66
C ASN CA 167 -130.80 -98.14 41.44
N TYR CA 168 -130.37 -97.98 40.21
CA TYR CA 168 -129.31 -97.02 39.92
C TYR CA 168 -129.78 -95.57 40.11
N LEU CA 169 -130.96 -95.25 39.60
CA LEU CA 169 -131.43 -93.88 39.71
C LEU CA 169 -131.71 -93.45 41.16
N ALA CA 170 -131.93 -94.43 42.04
CA ALA CA 170 -132.16 -94.13 43.46
C ALA CA 170 -130.90 -93.56 44.14
N ILE CA 171 -129.74 -93.75 43.52
CA ILE CA 171 -128.48 -93.15 44.05
C ILE CA 171 -128.38 -91.69 43.60
N PRO CA 172 -128.31 -90.76 44.57
CA PRO CA 172 -128.37 -89.33 44.23
C PRO CA 172 -127.32 -88.85 43.21
N GLN CA 173 -126.11 -89.40 43.29
CA GLN CA 173 -125.06 -88.99 42.38
C GLN CA 173 -125.15 -89.62 40.99
N VAL CA 174 -126.11 -90.51 40.77
CA VAL CA 174 -126.37 -91.00 39.42
C VAL CA 174 -127.28 -90.02 38.69
N LEU CA 175 -126.83 -89.52 37.54
CA LEU CA 175 -127.61 -88.51 36.79
C LEU CA 175 -128.60 -89.21 35.87
N ALA CA 176 -128.11 -90.21 35.16
CA ALA CA 176 -128.90 -90.91 34.18
C ALA CA 176 -128.18 -92.17 33.83
N CYS CA 177 -128.89 -93.13 33.24
CA CYS CA 177 -128.26 -94.34 32.78
C CYS CA 177 -128.35 -94.47 31.28
N GLY CA 178 -127.33 -95.04 30.67
CA GLY CA 178 -127.39 -95.32 29.23
C GLY CA 178 -128.00 -96.69 29.00
N GLY CA 179 -128.83 -96.79 27.96
CA GLY CA 179 -129.50 -98.06 27.70
C GLY CA 179 -129.63 -98.28 26.22
N THR CA 180 -129.48 -99.53 25.79
CA THR CA 180 -129.60 -99.86 24.39
C THR CA 180 -130.93 -100.53 24.09
N TRP CA 181 -131.66 -100.97 25.11
CA TRP CA 181 -132.75 -101.93 24.86
C TRP CA 181 -133.87 -101.33 24.02
N MET CA 182 -134.14 -100.04 24.20
CA MET CA 182 -135.25 -99.40 23.49
C MET CA 182 -134.85 -99.03 22.06
N VAL CA 183 -133.56 -99.09 21.74
CA VAL CA 183 -133.08 -98.79 20.39
C VAL CA 183 -132.24 -99.93 19.82
N ASP CA 184 -132.50 -101.14 20.29
CA ASP CA 184 -131.70 -102.29 19.87
C ASP CA 184 -131.62 -102.40 18.35
N LYS CA 185 -130.44 -102.72 17.84
CA LYS CA 185 -130.21 -102.74 16.41
C LYS CA 185 -131.18 -103.68 15.72
N LYS CA 186 -131.44 -104.82 16.36
CA LYS CA 186 -132.44 -105.75 15.83
C LYS CA 186 -133.80 -105.08 15.55
N LEU CA 187 -134.28 -104.27 16.48
CA LEU CA 187 -135.56 -103.56 16.30
C LEU CA 187 -135.47 -102.56 15.15
N VAL CA 188 -134.35 -101.84 15.08
CA VAL CA 188 -134.18 -100.83 14.03
C VAL CA 188 -134.08 -101.54 12.66
N THR CA 189 -133.22 -102.53 12.56
CA THR CA 189 -133.03 -103.31 11.35
C THR CA 189 -134.35 -103.88 10.82
N ASN CA 190 -135.25 -104.23 11.73
CA ASN CA 190 -136.52 -104.86 11.37
C ASN CA 190 -137.65 -103.87 11.24
N GLY CA 191 -137.34 -102.59 11.39
CA GLY CA 191 -138.36 -101.55 11.33
C GLY CA 191 -139.48 -101.72 12.33
N GLU CA 192 -139.15 -102.21 13.53
CA GLU CA 192 -140.14 -102.35 14.60
C GLU CA 192 -140.44 -101.03 15.31
N TRP CA 193 -140.87 -100.03 14.55
CA TRP CA 193 -141.07 -98.69 15.11
C TRP CA 193 -142.13 -98.63 16.21
N ASP CA 194 -143.18 -99.43 16.08
CA ASP CA 194 -144.19 -99.45 17.12
C ASP CA 194 -143.63 -99.96 18.45
N GLU CA 195 -142.78 -100.97 18.38
CA GLU CA 195 -142.19 -101.50 19.56
C GLU CA 195 -141.25 -100.47 20.18
N ILE CA 196 -140.47 -99.81 19.36
CA ILE CA 196 -139.54 -98.83 19.89
C ILE CA 196 -140.29 -97.76 20.59
N ALA CA 197 -141.37 -97.35 19.97
CA ALA CA 197 -142.18 -96.34 20.59
C ALA CA 197 -142.75 -96.78 21.94
N ARG CA 198 -143.21 -98.03 21.99
CA ARG CA 198 -143.72 -98.59 23.24
C ARG CA 198 -142.64 -98.65 24.35
N LEU CA 199 -141.46 -99.16 24.01
CA LEU CA 199 -140.36 -99.22 24.98
C LEU CA 199 -139.97 -97.84 25.46
N THR CA 200 -139.95 -96.87 24.53
CA THR CA 200 -139.60 -95.50 24.91
C THR CA 200 -140.66 -94.90 25.84
N ARG CA 201 -141.95 -94.99 25.48
CA ARG CA 201 -142.98 -94.45 26.35
C ARG CA 201 -142.94 -95.10 27.72
N GLU CA 202 -142.76 -96.40 27.73
CA GLU CA 202 -142.76 -97.06 29.01
C GLU CA 202 -141.62 -96.62 29.90
N ILE CA 203 -140.41 -96.53 29.37
CA ILE CA 203 -139.31 -96.11 30.24
C ILE CA 203 -139.45 -94.66 30.71
N VAL CA 204 -139.96 -93.78 29.85
CA VAL CA 204 -140.18 -92.39 30.23
C VAL CA 204 -141.19 -92.32 31.38
N GLU CA 205 -142.26 -93.10 31.29
CA GLU CA 205 -143.25 -93.13 32.35
C GLU CA 205 -142.66 -93.72 33.62
N GLN CA 206 -141.83 -94.76 33.46
CA GLN CA 206 -141.21 -95.37 34.61
C GLN CA 206 -140.29 -94.41 35.41
N VAL CA 207 -139.41 -93.70 34.72
CA VAL CA 207 -138.40 -92.90 35.42
C VAL CA 207 -138.85 -91.49 35.78
N ASN CA 208 -139.83 -90.99 35.04
CA ASN CA 208 -140.33 -89.65 35.24
C ASN CA 208 -141.84 -89.75 35.42
N PRO CA 209 -142.28 -90.43 36.49
CA PRO CA 209 -143.71 -90.67 36.71
C PRO CA 209 -144.46 -89.38 37.05
N SER DA 2 -92.79 -100.94 58.43
CA SER DA 2 -92.53 -102.20 59.10
C SER DA 2 -93.28 -102.25 60.43
N THR DA 3 -93.31 -101.11 61.12
CA THR DA 3 -94.07 -100.98 62.37
C THR DA 3 -95.57 -101.12 62.11
N ILE DA 4 -96.05 -100.40 61.09
CA ILE DA 4 -97.47 -100.43 60.74
C ILE DA 4 -97.90 -101.84 60.33
N ASN DA 5 -97.11 -102.50 59.48
CA ASN DA 5 -97.40 -103.88 59.08
C ASN DA 5 -97.56 -104.79 60.29
N ASN DA 6 -96.65 -104.65 61.25
CA ASN DA 6 -96.73 -105.48 62.44
C ASN DA 6 -97.94 -105.21 63.29
N GLN DA 7 -98.30 -103.94 63.41
CA GLN DA 7 -99.49 -103.58 64.17
C GLN DA 7 -100.76 -104.10 63.48
N LEU DA 8 -100.85 -103.89 62.17
CA LEU DA 8 -102.00 -104.46 61.43
C LEU DA 8 -102.12 -105.96 61.58
N LYS DA 9 -101.00 -106.69 61.47
CA LYS DA 9 -101.01 -108.14 61.54
C LYS DA 9 -101.55 -108.60 62.89
N ALA DA 10 -101.19 -107.86 63.94
CA ALA DA 10 -101.68 -108.17 65.27
C ALA DA 10 -103.17 -107.83 65.43
N LEU DA 11 -103.58 -106.68 64.91
CA LEU DA 11 -104.97 -106.25 65.09
C LEU DA 11 -105.99 -107.08 64.31
N LYS DA 12 -105.64 -107.37 63.06
CA LYS DA 12 -106.46 -108.12 62.09
C LYS DA 12 -107.70 -107.40 61.58
N VAL DA 13 -108.22 -106.44 62.34
CA VAL DA 13 -109.39 -105.69 61.94
C VAL DA 13 -109.17 -104.23 62.32
N ILE DA 14 -109.39 -103.35 61.36
CA ILE DA 14 -109.24 -101.92 61.63
C ILE DA 14 -110.57 -101.19 61.49
N PRO DA 15 -111.05 -100.58 62.59
CA PRO DA 15 -112.27 -99.80 62.48
C PRO DA 15 -112.09 -98.63 61.53
N VAL DA 16 -112.97 -98.54 60.56
CA VAL DA 16 -113.06 -97.45 59.65
C VAL DA 16 -114.21 -96.53 60.08
N ILE DA 17 -113.83 -95.34 60.53
CA ILE DA 17 -114.73 -94.42 61.24
C ILE DA 17 -115.14 -93.20 60.43
N ALA DA 18 -116.46 -93.01 60.31
CA ALA DA 18 -117.02 -91.82 59.72
C ALA DA 18 -117.75 -91.09 60.85
N ILE DA 19 -117.16 -89.99 61.29
CA ILE DA 19 -117.61 -89.29 62.48
C ILE DA 19 -118.34 -88.01 62.03
N ASP DA 20 -119.42 -87.64 62.73
CA ASP DA 20 -120.13 -86.42 62.41
C ASP DA 20 -119.65 -85.30 63.34
N ASN DA 21 -119.71 -85.58 64.62
CA ASN DA 21 -119.23 -84.66 65.64
C ASN DA 21 -117.91 -85.17 66.15
N ALA DA 22 -116.87 -84.34 66.01
CA ALA DA 22 -115.53 -84.78 66.37
C ALA DA 22 -115.42 -85.25 67.82
N GLU DA 23 -116.18 -84.60 68.70
CA GLU DA 23 -116.19 -84.94 70.12
C GLU DA 23 -116.51 -86.41 70.37
N ASP DA 24 -117.33 -86.98 69.47
CA ASP DA 24 -117.76 -88.37 69.55
C ASP DA 24 -116.60 -89.37 69.46
N ILE DA 25 -115.44 -88.91 68.97
CA ILE DA 25 -114.29 -89.80 68.87
C ILE DA 25 -113.75 -90.21 70.23
N ILE DA 26 -114.05 -89.41 71.25
CA ILE DA 26 -113.50 -89.70 72.56
C ILE DA 26 -114.19 -90.93 73.18
N PRO DA 27 -115.52 -90.88 73.32
CA PRO DA 27 -116.13 -92.10 73.86
C PRO DA 27 -115.93 -93.32 72.92
N LEU DA 28 -115.96 -93.08 71.61
CA LEU DA 28 -115.75 -94.18 70.63
C LEU DA 28 -114.39 -94.82 70.81
N GLY DA 29 -113.34 -94.02 70.89
CA GLY DA 29 -112.00 -94.51 71.10
C GLY DA 29 -111.82 -95.25 72.41
N LYS DA 30 -112.51 -94.77 73.46
CA LYS DA 30 -112.44 -95.41 74.76
C LYS DA 30 -113.02 -96.81 74.67
N VAL DA 31 -114.19 -96.90 74.04
CA VAL DA 31 -114.85 -98.21 73.87
C VAL DA 31 -114.02 -99.13 73.00
N LEU DA 32 -113.51 -98.65 71.87
CA LEU DA 32 -112.60 -99.49 71.07
C LEU DA 32 -111.39 -99.98 71.87
N ALA DA 33 -110.68 -99.07 72.52
CA ALA DA 33 -109.45 -99.47 73.20
C ALA DA 33 -109.70 -100.44 74.37
N GLU DA 34 -110.71 -100.16 75.18
CA GLU DA 34 -110.92 -101.02 76.36
C GLU DA 34 -111.54 -102.37 75.99
N ASN DA 35 -112.03 -102.50 74.76
CA ASN DA 35 -112.55 -103.78 74.31
C ASN DA 35 -111.59 -104.55 73.43
N GLY DA 36 -110.34 -104.09 73.40
CA GLY DA 36 -109.27 -104.84 72.77
C GLY DA 36 -108.90 -104.44 71.35
N LEU DA 37 -109.42 -103.30 70.87
CA LEU DA 37 -109.15 -102.89 69.48
C LEU DA 37 -108.61 -101.47 69.38
N PRO DA 38 -107.35 -101.29 69.75
CA PRO DA 38 -106.77 -99.96 69.89
C PRO DA 38 -106.28 -99.42 68.55
N ALA DA 39 -107.22 -99.24 67.61
CA ALA DA 39 -106.90 -98.77 66.26
C ALA DA 39 -108.10 -98.05 65.66
N ALA DA 40 -107.84 -97.15 64.73
CA ALA DA 40 -108.89 -96.40 64.10
C ALA DA 40 -108.37 -95.78 62.81
N GLU DA 41 -109.13 -95.94 61.75
CA GLU DA 41 -108.88 -95.18 60.53
C GLU DA 41 -109.99 -94.16 60.41
N ILE DA 42 -109.66 -92.88 60.57
CA ILE DA 42 -110.66 -91.84 60.59
C ILE DA 42 -110.78 -91.26 59.19
N THR DA 43 -111.94 -91.45 58.57
CA THR DA 43 -112.15 -90.98 57.19
C THR DA 43 -112.41 -89.48 57.04
N PHE DA 44 -111.76 -88.88 56.04
CA PHE DA 44 -111.91 -87.46 55.73
C PHE DA 44 -113.19 -87.17 54.94
N ARG DA 45 -114.31 -87.60 55.51
CA ARG DA 45 -115.63 -87.38 54.94
C ARG DA 45 -115.99 -85.92 55.09
N SER DA 46 -115.62 -85.39 56.27
CA SER DA 46 -115.92 -84.02 56.66
C SER DA 46 -114.76 -83.39 57.42
N SER DA 47 -114.88 -82.09 57.65
CA SER DA 47 -113.86 -81.32 58.36
C SER DA 47 -113.68 -81.83 59.78
N ALA DA 48 -114.68 -82.52 60.31
CA ALA DA 48 -114.60 -83.03 61.67
C ALA DA 48 -113.40 -83.97 61.87
N ALA DA 49 -113.13 -84.83 60.89
CA ALA DA 49 -111.99 -85.73 61.04
C ALA DA 49 -110.69 -85.14 61.54
N VAL DA 50 -110.26 -83.98 61.07
CA VAL DA 50 -108.98 -83.49 61.55
C VAL DA 50 -109.00 -83.32 63.07
N LYS DA 51 -110.04 -82.65 63.56
CA LYS DA 51 -110.20 -82.46 65.00
C LYS DA 51 -110.34 -83.82 65.70
N ALA DA 52 -111.09 -84.74 65.12
CA ALA DA 52 -111.22 -86.09 65.66
C ALA DA 52 -109.88 -86.79 65.82
N ILE DA 53 -108.99 -86.73 64.82
CA ILE DA 53 -107.69 -87.32 64.99
C ILE DA 53 -106.93 -86.67 66.16
N MET DA 54 -107.01 -85.35 66.25
CA MET DA 54 -106.28 -84.62 67.30
C MET DA 54 -106.81 -85.00 68.69
N LEU DA 55 -108.12 -85.02 68.85
CA LEU DA 55 -108.75 -85.43 70.12
C LEU DA 55 -108.43 -86.87 70.48
N LEU DA 56 -108.58 -87.79 69.51
CA LEU DA 56 -108.23 -89.17 69.77
C LEU DA 56 -106.76 -89.40 70.16
N ARG DA 57 -105.83 -88.70 69.51
CA ARG DA 57 -104.41 -88.88 69.82
C ARG DA 57 -104.14 -88.39 71.26
N SER DA 58 -104.80 -87.31 71.64
CA SER DA 58 -104.68 -86.79 73.01
C SER DA 58 -105.27 -87.78 74.02
N ALA DA 59 -106.42 -88.35 73.69
CA ALA DA 59 -107.16 -89.21 74.62
C ALA DA 59 -106.63 -90.64 74.70
N GLN DA 60 -106.10 -91.12 73.57
CA GLN DA 60 -105.63 -92.49 73.47
C GLN DA 60 -104.27 -92.46 72.78
N PRO DA 61 -103.23 -92.06 73.50
CA PRO DA 61 -101.93 -91.80 72.86
C PRO DA 61 -101.30 -92.98 72.12
N GLU DA 62 -101.53 -94.20 72.58
CA GLU DA 62 -100.90 -95.37 71.98
C GLU DA 62 -101.79 -96.01 70.90
N MET DA 63 -102.90 -95.39 70.59
CA MET DA 63 -103.80 -95.92 69.58
C MET DA 63 -103.13 -95.86 68.23
N LEU DA 64 -103.35 -96.86 67.38
CA LEU DA 64 -102.93 -96.77 65.97
C LEU DA 64 -103.97 -95.90 65.29
N ILE DA 65 -103.57 -94.73 64.80
CA ILE DA 65 -104.51 -93.81 64.15
C ILE DA 65 -104.04 -93.51 62.73
N GLY DA 66 -104.87 -93.88 61.77
CA GLY DA 66 -104.69 -93.52 60.37
C GLY DA 66 -105.79 -92.59 59.92
N ALA DA 67 -105.57 -91.90 58.80
CA ALA DA 67 -106.59 -91.07 58.24
C ALA DA 67 -106.95 -91.71 56.92
N GLY DA 68 -108.24 -91.76 56.61
CA GLY DA 68 -108.69 -92.34 55.34
C GLY DA 68 -109.29 -91.33 54.38
N THR DA 69 -109.60 -91.80 53.18
CA THR DA 69 -110.16 -90.96 52.13
C THR DA 69 -109.24 -89.78 51.80
N ILE DA 70 -107.97 -90.08 51.79
CA ILE DA 70 -106.96 -89.03 51.55
C ILE DA 70 -106.70 -88.98 50.05
N LEU DA 71 -107.15 -87.89 49.43
CA LEU DA 71 -107.18 -87.76 47.96
C LEU DA 71 -106.05 -86.88 47.43
N ASN DA 72 -105.36 -86.19 48.33
CA ASN DA 72 -104.29 -85.29 47.90
C ASN DA 72 -103.29 -85.03 49.01
N GLY DA 73 -102.17 -84.39 48.68
CA GLY DA 73 -101.12 -84.19 49.66
C GLY DA 73 -101.53 -83.21 50.76
N VAL DA 74 -102.37 -82.22 50.44
CA VAL DA 74 -102.86 -81.25 51.43
C VAL DA 74 -103.58 -81.97 52.55
N GLN DA 75 -104.46 -82.90 52.18
CA GLN DA 75 -105.14 -83.65 53.21
C GLN DA 75 -104.19 -84.55 53.98
N ALA DA 76 -103.22 -85.16 53.30
CA ALA DA 76 -102.21 -85.97 53.97
C ALA DA 76 -101.44 -85.15 55.01
N LEU DA 77 -101.08 -83.92 54.65
CA LEU DA 77 -100.43 -83.02 55.61
C LEU DA 77 -101.35 -82.71 56.82
N ALA DA 78 -102.62 -82.38 56.56
CA ALA DA 78 -103.57 -82.09 57.63
C ALA DA 78 -103.61 -83.27 58.58
N ALA DA 79 -103.62 -84.47 58.01
CA ALA DA 79 -103.68 -85.68 58.85
C ALA DA 79 -102.41 -85.88 59.65
N LYS DA 80 -101.26 -85.62 59.03
CA LYS DA 80 -99.99 -85.77 59.70
C LYS DA 80 -99.92 -84.79 60.89
N GLU DA 81 -100.31 -83.53 60.65
CA GLU DA 81 -100.22 -82.47 61.67
C GLU DA 81 -101.17 -82.74 62.80
N ALA DA 82 -102.28 -83.40 62.48
CA ALA DA 82 -103.28 -83.76 63.50
C ALA DA 82 -102.81 -84.93 64.39
N GLY DA 83 -101.84 -85.70 63.91
CA GLY DA 83 -101.31 -86.82 64.69
C GLY DA 83 -101.51 -88.21 64.11
N ALA DA 84 -102.07 -88.31 62.89
CA ALA DA 84 -102.13 -89.64 62.25
C ALA DA 84 -100.72 -90.10 61.89
N THR DA 85 -100.46 -91.40 61.96
CA THR DA 85 -99.16 -91.94 61.55
C THR DA 85 -99.14 -92.62 60.17
N PHE DA 86 -100.30 -92.69 59.52
CA PHE DA 86 -100.34 -93.16 58.13
C PHE DA 86 -101.62 -92.65 57.52
N VAL DA 87 -101.66 -92.61 56.19
CA VAL DA 87 -102.86 -92.27 55.48
C VAL DA 87 -103.25 -93.40 54.53
N VAL DA 88 -104.54 -93.43 54.23
CA VAL DA 88 -105.10 -94.42 53.32
C VAL DA 88 -105.94 -93.70 52.28
N SER DA 89 -105.87 -94.17 51.02
CA SER DA 89 -106.69 -93.62 49.94
C SER DA 89 -107.53 -94.75 49.35
N PRO DA 90 -108.73 -94.42 48.83
CA PRO DA 90 -109.61 -95.49 48.31
C PRO DA 90 -109.03 -96.09 47.03
N GLY DA 91 -108.35 -95.26 46.24
CA GLY DA 91 -107.68 -95.73 45.02
C GLY DA 91 -106.22 -95.30 45.05
N PHE DA 92 -105.57 -95.40 43.89
CA PHE DA 92 -104.13 -95.18 43.79
C PHE DA 92 -103.92 -93.98 42.89
N ASN DA 93 -103.39 -92.90 43.47
CA ASN DA 93 -103.03 -91.70 42.71
C ASN DA 93 -101.55 -91.48 42.94
N PRO DA 94 -100.74 -91.71 41.90
CA PRO DA 94 -99.32 -91.55 42.11
C PRO DA 94 -98.95 -90.13 42.54
N ASN DA 95 -99.74 -89.12 42.18
CA ASN DA 95 -99.45 -87.74 42.63
C ASN DA 95 -99.61 -87.65 44.15
N THR DA 96 -100.63 -88.33 44.67
CA THR DA 96 -100.79 -88.34 46.13
C THR DA 96 -99.67 -89.07 46.82
N VAL DA 97 -99.30 -90.23 46.27
CA VAL DA 97 -98.20 -91.01 46.82
C VAL DA 97 -96.88 -90.22 46.88
N ARG DA 98 -96.54 -89.56 45.77
CA ARG DA 98 -95.33 -88.70 45.75
C ARG DA 98 -95.41 -87.59 46.80
N ALA DA 99 -96.57 -86.96 46.92
CA ALA DA 99 -96.76 -85.87 47.88
C ALA DA 99 -96.52 -86.40 49.29
N CYS DA 100 -97.02 -87.61 49.57
CA CYS DA 100 -96.83 -88.20 50.90
C CYS DA 100 -95.35 -88.50 51.15
N GLN DA 101 -94.65 -88.91 50.12
CA GLN DA 101 -93.25 -89.17 50.25
C GLN DA 101 -92.51 -87.89 50.60
N ILE DA 102 -92.91 -86.81 49.99
CA ILE DA 102 -92.27 -85.50 50.16
C ILE DA 102 -92.58 -84.92 51.53
N ILE DA 103 -93.82 -85.03 51.98
CA ILE DA 103 -94.17 -84.44 53.28
C ILE DA 103 -93.77 -85.36 54.43
N GLY DA 104 -93.52 -86.63 54.11
CA GLY DA 104 -93.02 -87.59 55.08
C GLY DA 104 -94.10 -88.25 55.94
N ILE DA 105 -95.09 -88.86 55.28
CA ILE DA 105 -96.02 -89.75 55.99
C ILE DA 105 -96.30 -90.98 55.12
N ASP DA 106 -96.45 -92.12 55.78
CA ASP DA 106 -96.69 -93.37 55.07
C ASP DA 106 -98.09 -93.44 54.50
N ILE DA 107 -98.21 -93.95 53.28
CA ILE DA 107 -99.53 -94.09 52.67
C ILE DA 107 -99.75 -95.56 52.33
N VAL DA 108 -100.98 -96.03 52.57
CA VAL DA 108 -101.44 -97.34 52.13
C VAL DA 108 -102.56 -97.05 51.13
N PRO DA 109 -102.22 -97.09 49.84
CA PRO DA 109 -103.23 -96.73 48.82
C PRO DA 109 -104.12 -97.92 48.44
N GLY DA 110 -105.33 -97.63 47.98
CA GLY DA 110 -106.24 -98.69 47.52
C GLY DA 110 -105.98 -99.12 46.08
N VAL DA 111 -106.09 -100.43 45.86
CA VAL DA 111 -106.04 -101.00 44.53
C VAL DA 111 -107.15 -102.03 44.40
N ASN DA 112 -107.50 -102.41 43.18
CA ASN DA 112 -108.46 -103.49 43.01
C ASN DA 112 -108.22 -104.32 41.75
N ASN DA 113 -107.05 -104.16 41.11
CA ASN DA 113 -106.75 -105.00 39.92
C ASN DA 113 -105.26 -105.09 39.72
N PRO DA 114 -104.80 -105.97 38.83
CA PRO DA 114 -103.37 -106.22 38.60
C PRO DA 114 -102.58 -105.01 38.13
N SER DA 115 -103.19 -104.20 37.26
CA SER DA 115 -102.48 -103.05 36.73
C SER DA 115 -102.19 -102.04 37.83
N THR DA 116 -103.16 -101.83 38.71
CA THR DA 116 -102.94 -100.82 39.76
C THR DA 116 -101.93 -101.36 40.76
N VAL DA 117 -101.96 -102.67 41.01
CA VAL DA 117 -100.91 -103.26 41.87
C VAL DA 117 -99.53 -102.97 41.28
N GLU DA 118 -99.38 -103.19 39.99
CA GLU DA 118 -98.05 -102.98 39.36
C GLU DA 118 -97.63 -101.54 39.42
N ALA DA 119 -98.58 -100.63 39.28
CA ALA DA 119 -98.31 -99.20 39.42
C ALA DA 119 -97.77 -98.89 40.82
N ALA DA 120 -98.38 -99.48 41.83
CA ALA DA 120 -97.95 -99.25 43.22
C ALA DA 120 -96.57 -99.84 43.46
N LEU DA 121 -96.34 -101.06 42.97
CA LEU DA 121 -95.06 -101.73 43.17
C LEU DA 121 -93.94 -100.92 42.55
N GLU DA 122 -94.25 -100.27 41.44
CA GLU DA 122 -93.23 -99.51 40.74
C GLU DA 122 -92.81 -98.27 41.52
N MET DA 123 -93.70 -97.76 42.37
CA MET DA 123 -93.39 -96.65 43.28
C MET DA 123 -92.87 -97.09 44.64
N GLY DA 124 -92.58 -98.38 44.79
CA GLY DA 124 -91.95 -98.91 45.99
C GLY DA 124 -92.91 -99.27 47.11
N LEU DA 125 -94.19 -99.35 46.80
CA LEU DA 125 -95.17 -99.68 47.82
C LEU DA 125 -95.48 -101.18 47.78
N THR DA 126 -95.70 -101.78 48.94
CA THR DA 126 -96.05 -103.19 49.01
C THR DA 126 -97.29 -103.44 49.88
N THR DA 127 -97.54 -102.61 50.89
CA THR DA 127 -98.79 -102.69 51.67
C THR DA 127 -99.89 -101.85 51.05
N LEU DA 128 -100.94 -102.54 50.59
CA LEU DA 128 -101.97 -101.87 49.81
C LEU DA 128 -103.35 -102.23 50.38
N LYS DA 129 -104.27 -101.30 50.26
CA LYS DA 129 -105.64 -101.52 50.63
C LYS DA 129 -106.31 -102.16 49.42
N PHE DA 130 -107.16 -103.16 49.64
CA PHE DA 130 -107.86 -103.77 48.49
C PHE DA 130 -109.32 -103.34 48.63
N PHE DA 131 -109.75 -102.44 47.75
CA PHE DA 131 -111.02 -101.75 47.90
C PHE DA 131 -111.65 -101.45 46.54
N PRO DA 132 -112.99 -101.61 46.41
CA PRO DA 132 -113.90 -102.19 47.44
C PRO DA 132 -113.86 -103.70 47.37
N ALA DA 133 -113.66 -104.35 48.51
CA ALA DA 133 -113.23 -105.75 48.47
C ALA DA 133 -114.33 -106.66 47.89
N GLU DA 134 -115.53 -106.62 48.45
CA GLU DA 134 -116.58 -107.52 47.95
C GLU DA 134 -117.02 -107.15 46.55
N ALA DA 135 -117.20 -105.86 46.30
CA ALA DA 135 -117.73 -105.43 44.99
C ALA DA 135 -116.72 -105.70 43.85
N SER DA 136 -115.45 -105.85 44.17
CA SER DA 136 -114.42 -106.09 43.17
C SER DA 136 -114.17 -107.58 42.89
N GLY DA 137 -114.91 -108.44 43.58
CA GLY DA 137 -114.79 -109.87 43.37
C GLY DA 137 -114.37 -110.67 44.59
N GLY DA 138 -114.18 -109.98 45.73
CA GLY DA 138 -114.03 -110.72 46.98
C GLY DA 138 -112.79 -111.59 47.06
N ILE DA 139 -112.90 -112.68 47.82
CA ILE DA 139 -111.75 -113.53 48.04
C ILE DA 139 -111.17 -114.09 46.77
N SER DA 140 -112.01 -114.39 45.76
CA SER DA 140 -111.50 -114.85 44.48
C SER DA 140 -110.57 -113.82 43.84
N MET DA 141 -110.94 -112.54 43.92
CA MET DA 141 -110.04 -111.53 43.44
C MET DA 141 -108.78 -111.42 44.30
N VAL DA 142 -108.92 -111.46 45.62
CA VAL DA 142 -107.74 -111.35 46.44
C VAL DA 142 -106.71 -112.44 46.07
N LYS DA 143 -107.19 -113.68 45.92
CA LYS DA 143 -106.30 -114.77 45.57
C LYS DA 143 -105.61 -114.56 44.23
N SER DA 144 -106.33 -113.97 43.28
CA SER DA 144 -105.74 -113.63 41.97
C SER DA 144 -104.66 -112.55 41.99
N LEU DA 145 -104.69 -111.61 42.95
CA LEU DA 145 -103.65 -110.60 43.10
C LEU DA 145 -102.43 -111.03 43.88
N VAL DA 146 -102.64 -111.72 44.98
CA VAL DA 146 -101.53 -112.06 45.80
C VAL DA 146 -100.73 -113.15 45.09
N GLY DA 147 -101.41 -113.92 44.25
CA GLY DA 147 -100.78 -115.03 43.53
C GLY DA 147 -99.59 -114.58 42.69
N PRO DA 148 -99.79 -113.65 41.74
CA PRO DA 148 -98.66 -113.21 40.91
C PRO DA 148 -97.70 -112.27 41.61
N TYR DA 149 -98.15 -111.64 42.70
CA TYR DA 149 -97.37 -110.57 43.32
C TYR DA 149 -96.97 -110.95 44.75
N GLY DA 150 -95.90 -111.72 44.87
CA GLY DA 150 -95.53 -112.32 46.15
C GLY DA 150 -95.16 -111.29 47.21
N ASP DA 151 -94.85 -110.07 46.79
CA ASP DA 151 -94.35 -109.03 47.72
C ASP DA 151 -95.47 -108.23 48.37
N ILE DA 152 -96.66 -108.26 47.80
CA ILE DA 152 -97.71 -107.40 48.36
C ILE DA 152 -98.34 -107.96 49.63
N ARG DA 153 -98.85 -107.03 50.45
CA ARG DA 153 -99.60 -107.40 51.65
C ARG DA 153 -100.85 -106.53 51.59
N LEU DA 154 -102.02 -107.10 51.89
CA LEU DA 154 -103.27 -106.40 51.58
C LEU DA 154 -104.09 -106.09 52.83
N MET DA 155 -104.80 -104.98 52.76
CA MET DA 155 -105.83 -104.68 53.74
C MET DA 155 -107.19 -104.57 53.00
N PRO DA 156 -107.92 -105.68 52.88
CA PRO DA 156 -109.22 -105.65 52.22
C PRO DA 156 -110.22 -104.83 53.02
N THR DA 157 -110.95 -103.96 52.34
CA THR DA 157 -111.97 -103.15 52.99
C THR DA 157 -113.10 -102.99 52.00
N GLY DA 158 -114.35 -102.94 52.50
CA GLY DA 158 -115.50 -102.78 51.62
C GLY DA 158 -116.31 -104.06 51.66
N GLY DA 159 -117.40 -104.03 52.42
CA GLY DA 159 -118.29 -105.18 52.49
C GLY DA 159 -117.82 -106.27 53.43
N ILE DA 160 -116.80 -105.97 54.24
CA ILE DA 160 -116.29 -106.95 55.19
C ILE DA 160 -117.21 -106.97 56.40
N THR DA 161 -117.53 -108.18 56.84
CA THR DA 161 -118.43 -108.37 57.99
C THR DA 161 -117.91 -109.53 58.83
N PRO DA 162 -118.50 -109.74 60.01
CA PRO DA 162 -118.03 -110.91 60.73
C PRO DA 162 -118.27 -112.22 59.98
N SER DA 163 -119.25 -112.26 59.08
CA SER DA 163 -119.59 -113.48 58.37
C SER DA 163 -118.61 -113.81 57.25
N ASN DA 164 -117.85 -112.82 56.80
CA ASN DA 164 -116.87 -113.11 55.74
C ASN DA 164 -115.39 -112.80 56.03
N ILE DA 165 -115.12 -112.18 57.17
CA ILE DA 165 -113.75 -111.77 57.44
C ILE DA 165 -112.76 -112.95 57.57
N ASP DA 166 -113.22 -114.07 58.11
CA ASP DA 166 -112.31 -115.21 58.31
C ASP DA 166 -111.73 -115.68 56.99
N ASN DA 167 -112.52 -115.65 55.94
CA ASN DA 167 -112.08 -116.10 54.65
C ASN DA 167 -110.97 -115.22 54.12
N TYR DA 168 -111.07 -113.93 54.35
CA TYR DA 168 -110.00 -113.03 53.95
C TYR DA 168 -108.74 -113.23 54.80
N LEU DA 169 -108.91 -113.33 56.12
CA LEU DA 169 -107.76 -113.48 56.98
C LEU DA 169 -107.00 -114.82 56.77
N ALA DA 170 -107.71 -115.80 56.23
CA ALA DA 170 -107.07 -117.10 55.94
C ALA DA 170 -106.01 -117.00 54.83
N ILE DA 171 -106.05 -115.93 54.05
CA ILE DA 171 -105.00 -115.67 53.02
C ILE DA 171 -103.78 -115.05 53.66
N PRO DA 172 -102.61 -115.73 53.57
CA PRO DA 172 -101.42 -115.28 54.29
C PRO DA 172 -101.00 -113.83 54.03
N GLN DA 173 -101.16 -113.36 52.79
CA GLN DA 173 -100.75 -112.01 52.46
C GLN DA 173 -101.76 -110.95 52.86
N VAL DA 174 -102.91 -111.35 53.43
CA VAL DA 174 -103.82 -110.37 54.01
C VAL DA 174 -103.39 -110.06 55.44
N LEU DA 175 -103.14 -108.79 55.72
CA LEU DA 175 -102.65 -108.39 57.07
C LEU DA 175 -103.83 -108.18 58.01
N ALA DA 176 -104.82 -107.45 57.51
CA ALA DA 176 -105.97 -107.09 58.31
C ALA DA 176 -107.04 -106.60 57.37
N CYS DA 177 -108.27 -106.56 57.85
CA CYS DA 177 -109.35 -106.02 57.06
C CYS DA 177 -109.94 -104.79 57.71
N GLY DA 178 -110.37 -103.84 56.89
CA GLY DA 178 -111.06 -102.66 57.44
C GLY DA 178 -112.55 -102.94 57.53
N GLY DA 179 -113.18 -102.47 58.60
CA GLY DA 179 -114.59 -102.75 58.79
C GLY DA 179 -115.27 -101.55 59.42
N THR DA 180 -116.50 -101.28 59.00
CA THR DA 180 -117.24 -100.17 59.56
C THR DA 180 -118.30 -100.66 60.54
N TRP DA 181 -118.60 -101.96 60.55
CA TRP DA 181 -119.86 -102.39 61.18
C TRP DA 181 -119.86 -102.14 62.69
N MET DA 182 -118.70 -102.26 63.33
CA MET DA 182 -118.62 -102.11 64.79
C MET DA 182 -118.59 -100.64 65.18
N VAL DA 183 -118.39 -99.74 64.22
CA VAL DA 183 -118.39 -98.30 64.51
C VAL DA 183 -119.36 -97.54 63.61
N ASP DA 184 -120.41 -98.24 63.17
CA ASP DA 184 -121.36 -97.63 62.25
C ASP DA 184 -121.90 -96.30 62.77
N LYS DA 185 -122.02 -95.32 61.87
CA LYS DA 185 -122.39 -93.97 62.28
C LYS DA 185 -123.73 -93.99 63.01
N LYS DA 186 -124.66 -94.81 62.54
CA LYS DA 186 -125.93 -94.97 63.24
C LYS DA 186 -125.76 -95.30 64.72
N LEU DA 187 -124.87 -96.23 65.05
CA LEU DA 187 -124.62 -96.62 66.45
C LEU DA 187 -124.03 -95.45 67.23
N VAL DA 188 -123.08 -94.74 66.60
CA VAL DA 188 -122.42 -93.63 67.27
C VAL DA 188 -123.44 -92.48 67.50
N THR DA 189 -124.14 -92.11 66.44
CA THR DA 189 -125.18 -91.08 66.50
C THR DA 189 -126.20 -91.35 67.60
N ASN DA 190 -126.50 -92.62 67.83
CA ASN DA 190 -127.54 -93.01 68.79
C ASN DA 190 -126.97 -93.34 70.16
N GLY DA 191 -125.67 -93.15 70.32
CA GLY DA 191 -125.02 -93.44 71.58
C GLY DA 191 -125.18 -94.89 72.03
N GLU DA 192 -125.19 -95.82 71.07
CA GLU DA 192 -125.28 -97.25 71.40
C GLU DA 192 -123.94 -97.83 71.85
N TRP DA 193 -123.35 -97.26 72.90
CA TRP DA 193 -122.02 -97.66 73.34
C TRP DA 193 -121.93 -99.12 73.78
N ASP DA 194 -122.98 -99.63 74.40
CA ASP DA 194 -122.97 -101.03 74.81
C ASP DA 194 -122.88 -101.96 73.59
N GLU DA 195 -123.66 -101.65 72.58
CA GLU DA 195 -123.66 -102.44 71.40
C GLU DA 195 -122.32 -102.32 70.75
N ILE DA 196 -121.78 -101.13 70.76
CA ILE DA 196 -120.49 -100.94 70.12
C ILE DA 196 -119.48 -101.79 70.81
N ALA DA 197 -119.57 -101.83 72.12
CA ALA DA 197 -118.62 -102.62 72.85
C ALA DA 197 -118.77 -104.07 72.48
N ARG DA 198 -120.00 -104.55 72.41
CA ARG DA 198 -120.18 -105.97 72.15
C ARG DA 198 -119.59 -106.33 70.81
N LEU DA 199 -119.94 -105.58 69.80
CA LEU DA 199 -119.41 -105.88 68.46
C LEU DA 199 -117.89 -105.92 68.46
N THR DA 200 -117.30 -105.00 69.19
CA THR DA 200 -115.88 -105.03 69.25
C THR DA 200 -115.38 -106.25 69.95
N ARG DA 201 -116.00 -106.58 71.08
CA ARG DA 201 -115.54 -107.72 71.83
C ARG DA 201 -115.69 -108.95 70.99
N GLU DA 202 -116.80 -109.03 70.29
CA GLU DA 202 -117.05 -110.20 69.49
C GLU DA 202 -116.03 -110.40 68.39
N ILE DA 203 -115.67 -109.34 67.70
CA ILE DA 203 -114.72 -109.49 66.59
C ILE DA 203 -113.29 -109.77 67.05
N VAL DA 204 -112.89 -109.18 68.17
CA VAL DA 204 -111.55 -109.43 68.73
C VAL DA 204 -111.43 -110.91 69.11
N GLU DA 205 -112.46 -111.45 69.74
CA GLU DA 205 -112.44 -112.86 70.10
C GLU DA 205 -112.46 -113.74 68.85
N GLN DA 206 -113.22 -113.32 67.85
CA GLN DA 206 -113.28 -114.10 66.63
C GLN DA 206 -111.92 -114.20 65.90
N VAL DA 207 -111.22 -113.07 65.73
CA VAL DA 207 -110.01 -113.08 64.90
C VAL DA 207 -108.73 -113.43 65.66
N ASN DA 208 -108.76 -113.20 66.96
CA ASN DA 208 -107.61 -113.46 67.80
C ASN DA 208 -108.06 -114.36 68.94
N PRO DA 209 -108.48 -115.59 68.60
CA PRO DA 209 -109.03 -116.51 69.59
C PRO DA 209 -107.96 -117.00 70.57
#